data_5EC5
#
_entry.id   5EC5
#
_cell.length_a   192.994
_cell.length_b   192.994
_cell.length_c   493.202
_cell.angle_alpha   90.00
_cell.angle_beta   90.00
_cell.angle_gamma   90.00
#
_symmetry.space_group_name_H-M   'P 43 21 2'
#
loop_
_entity.id
_entity.type
_entity.pdbx_description
1 polymer Lysenin
2 non-polymer 'MERCURIBENZOIC ACID'
3 non-polymer 'MERCURY (II) ION'
4 water water
#
_entity_poly.entity_id   1
_entity_poly.type   'polypeptide(L)'
_entity_poly.pdbx_seq_one_letter_code
;GMSAKAAEGYEQIEVDVVAVWKEGYVYENRGSTSVDQKITITKGMKNVNSETRTVTATHSIGSTISTGDAFEIGSVEVSY
SHSHQKSQVSMTQTEVYSSKVIEHTITIPPTSKFTRWQLNADVGGAGIEYMYLIDEVTPIGGTQSIPQVITSRAKIIVGR
QIILGKTEIRIKHAERKEYMTVVSRKSWPAATLGHSKLFKFVLYEDWGGFRIKTLNTMYSGYEYAYSSDQGGIYFDQGTD
NPKQRWAINKSLPLRHGDVVTFMNKYFTRSGLCYDDGPATNVYCLDKREDKWILEVVG
;
_entity_poly.pdbx_strand_id   A,B,C,D,E,F,G,H,I,J,K,L,M,N,O,P,R,S
#
loop_
_chem_comp.id
_chem_comp.type
_chem_comp.name
_chem_comp.formula
HG non-polymer 'MERCURY (II) ION' 'Hg 2'
MBO non-polymer 'MERCURIBENZOIC ACID' 'C7 H5 Hg O2'
#
# COMPACT_ATOMS: atom_id res chain seq x y z
N GLY A 9 2.58 31.25 -42.06
CA GLY A 9 3.31 31.45 -40.77
C GLY A 9 4.80 31.17 -40.81
N TYR A 10 5.15 29.89 -40.92
CA TYR A 10 6.54 29.38 -40.74
C TYR A 10 6.86 28.26 -41.74
N GLU A 11 8.14 28.12 -42.13
CA GLU A 11 8.50 27.11 -43.14
C GLU A 11 8.98 25.76 -42.58
N GLN A 12 8.65 24.70 -43.32
CA GLN A 12 8.98 23.30 -42.98
C GLN A 12 9.67 22.63 -44.14
N ILE A 13 10.82 22.01 -43.88
CA ILE A 13 11.51 21.21 -44.90
C ILE A 13 11.47 19.75 -44.53
N GLU A 14 11.24 18.90 -45.52
CA GLU A 14 11.27 17.45 -45.34
C GLU A 14 12.68 16.97 -45.56
N VAL A 15 13.17 16.14 -44.64
CA VAL A 15 14.50 15.54 -44.72
C VAL A 15 14.44 14.07 -44.32
N ASP A 16 15.52 13.34 -44.60
CA ASP A 16 15.71 12.05 -43.95
C ASP A 16 16.75 12.07 -42.84
N VAL A 17 16.40 11.39 -41.73
CA VAL A 17 17.30 11.17 -40.61
C VAL A 17 17.88 9.78 -40.77
N VAL A 18 19.20 9.71 -40.67
CA VAL A 18 19.93 8.48 -40.80
C VAL A 18 20.56 8.16 -39.44
N ALA A 19 20.10 7.06 -38.84
CA ALA A 19 20.56 6.62 -37.52
C ALA A 19 21.49 5.44 -37.68
N VAL A 20 22.64 5.50 -37.01
CA VAL A 20 23.67 4.47 -37.11
C VAL A 20 23.83 3.78 -35.75
N TRP A 21 23.83 2.45 -35.76
CA TRP A 21 23.98 1.60 -34.56
C TRP A 21 25.26 1.91 -33.80
N LYS A 22 25.16 2.08 -32.48
CA LYS A 22 26.36 2.34 -31.68
C LYS A 22 26.60 1.42 -30.46
N GLU A 23 25.56 0.71 -30.03
CA GLU A 23 25.62 -0.16 -28.85
C GLU A 23 24.37 -1.03 -28.78
N GLY A 24 24.54 -2.26 -28.27
CA GLY A 24 23.43 -3.21 -28.15
C GLY A 24 23.51 -4.07 -26.90
N TYR A 25 22.41 -4.76 -26.59
CA TYR A 25 22.27 -5.57 -25.39
C TYR A 25 21.09 -6.51 -25.54
N VAL A 26 21.28 -7.78 -25.20
CA VAL A 26 20.24 -8.80 -25.35
C VAL A 26 20.20 -9.63 -24.08
N TYR A 27 18.98 -9.87 -23.59
CA TYR A 27 18.77 -10.55 -22.34
C TYR A 27 17.65 -11.56 -22.50
N GLU A 28 17.92 -12.80 -22.09
CA GLU A 28 16.93 -13.86 -22.13
C GLU A 28 16.58 -14.27 -20.72
N ASN A 29 15.28 -14.20 -20.42
CA ASN A 29 14.69 -14.77 -19.22
C ASN A 29 14.04 -16.09 -19.62
N ARG A 30 14.71 -17.17 -19.25
CA ARG A 30 14.34 -18.51 -19.69
C ARG A 30 13.50 -19.24 -18.67
N GLY A 31 13.54 -18.78 -17.41
CA GLY A 31 12.77 -19.36 -16.30
C GLY A 31 11.26 -19.22 -16.45
N SER A 32 10.50 -19.67 -15.45
CA SER A 32 9.05 -19.52 -15.48
C SER A 32 8.48 -18.48 -14.51
N THR A 33 9.35 -17.77 -13.79
CA THR A 33 8.93 -16.54 -13.11
C THR A 33 9.40 -15.38 -13.95
N SER A 34 8.76 -14.21 -13.78
CA SER A 34 9.18 -13.02 -14.51
C SER A 34 10.28 -12.26 -13.77
N VAL A 35 10.93 -11.34 -14.47
CA VAL A 35 12.06 -10.59 -13.92
C VAL A 35 11.87 -9.09 -14.19
N ASP A 36 12.31 -8.28 -13.22
CA ASP A 36 12.20 -6.82 -13.28
C ASP A 36 13.56 -6.23 -13.61
N GLN A 37 13.69 -5.74 -14.85
CA GLN A 37 14.91 -5.09 -15.33
C GLN A 37 14.86 -3.59 -15.20
N LYS A 38 15.97 -3.00 -14.73
CA LYS A 38 16.17 -1.56 -14.66
C LYS A 38 17.52 -1.16 -15.25
N ILE A 39 17.51 -0.50 -16.41
CA ILE A 39 18.74 0.02 -17.01
C ILE A 39 18.87 1.53 -16.72
N THR A 40 19.99 1.94 -16.12
CA THR A 40 20.33 3.37 -15.99
C THR A 40 21.51 3.73 -16.88
N ILE A 41 21.32 4.72 -17.75
CA ILE A 41 22.40 5.35 -18.52
C ILE A 41 22.69 6.77 -17.97
N THR A 42 23.96 7.02 -17.65
CA THR A 42 24.40 8.33 -17.13
C THR A 42 25.50 8.90 -18.01
N LYS A 43 25.40 10.19 -18.32
CA LYS A 43 26.46 10.96 -18.99
C LYS A 43 26.56 12.33 -18.28
N GLY A 44 27.77 12.86 -18.10
CA GLY A 44 27.96 14.10 -17.36
C GLY A 44 29.26 14.86 -17.56
N MET A 45 29.26 16.13 -17.16
CA MET A 45 30.35 17.10 -17.37
C MET A 45 30.71 17.85 -16.12
N LYS A 46 31.99 18.13 -15.94
CA LYS A 46 32.46 18.94 -14.83
C LYS A 46 33.61 19.83 -15.32
N ASN A 47 33.49 21.14 -15.14
CA ASN A 47 34.54 22.10 -15.53
C ASN A 47 35.05 22.88 -14.33
N VAL A 48 36.36 22.76 -14.04
CA VAL A 48 36.96 23.51 -12.94
C VAL A 48 37.98 24.52 -13.44
N ASN A 49 37.88 25.76 -12.94
CA ASN A 49 38.86 26.83 -13.19
C ASN A 49 39.36 27.47 -11.92
N SER A 50 40.68 27.57 -11.77
CA SER A 50 41.27 28.26 -10.61
C SER A 50 42.43 29.22 -10.92
N GLU A 51 42.56 30.23 -10.07
CA GLU A 51 43.61 31.22 -10.14
C GLU A 51 44.25 31.31 -8.78
N THR A 52 45.53 30.96 -8.70
CA THR A 52 46.27 31.03 -7.43
C THR A 52 47.41 32.08 -7.49
N ARG A 53 47.26 33.19 -6.74
CA ARG A 53 48.25 34.27 -6.61
C ARG A 53 49.06 34.18 -5.30
N THR A 54 50.38 34.02 -5.42
CA THR A 54 51.29 33.98 -4.25
C THR A 54 52.27 35.17 -4.23
N VAL A 55 52.45 35.79 -3.05
CA VAL A 55 53.51 36.80 -2.82
C VAL A 55 54.37 36.43 -1.60
N THR A 56 55.68 36.38 -1.78
CA THR A 56 56.62 36.11 -0.67
C THR A 56 57.71 37.18 -0.48
N ALA A 57 57.70 37.82 0.69
CA ALA A 57 58.78 38.69 1.18
C ALA A 57 59.71 37.94 2.17
N THR A 58 61.01 38.03 1.95
CA THR A 58 62.02 37.38 2.82
C THR A 58 63.15 38.36 3.20
N HIS A 59 63.42 38.47 4.51
CA HIS A 59 64.53 39.25 5.10
C HIS A 59 65.56 38.30 5.72
N SER A 60 66.84 38.52 5.43
CA SER A 60 67.94 37.72 6.02
C SER A 60 69.06 38.60 6.55
N ILE A 61 69.44 38.43 7.81
CA ILE A 61 70.66 39.06 8.35
C ILE A 61 71.63 37.93 8.74
N GLY A 62 72.83 37.95 8.15
CA GLY A 62 73.90 36.99 8.48
C GLY A 62 75.18 37.65 9.01
N SER A 63 76.13 36.84 9.52
CA SER A 63 77.44 37.30 10.02
C SER A 63 78.41 36.15 10.40
N THR A 64 79.70 36.39 10.21
CA THR A 64 80.78 35.46 10.64
C THR A 64 81.90 36.18 11.41
N ILE A 65 82.23 35.65 12.58
CA ILE A 65 83.42 36.08 13.32
C ILE A 65 84.43 34.94 13.09
N SER A 66 85.63 35.29 12.64
CA SER A 66 86.73 34.31 12.51
C SER A 66 88.13 34.81 12.92
N THR A 67 89.10 33.89 12.96
CA THR A 67 90.50 34.20 13.26
C THR A 67 91.41 33.59 12.16
N GLY A 68 92.63 33.20 12.48
CA GLY A 68 93.58 32.83 11.43
C GLY A 68 94.75 33.79 11.47
N ASP A 69 95.85 33.41 10.83
CA ASP A 69 97.22 33.79 11.25
C ASP A 69 97.45 34.20 12.75
N ALA A 70 96.48 33.89 13.62
CA ALA A 70 96.54 34.21 15.05
C ALA A 70 97.27 33.09 15.80
N PHE A 71 98.60 33.12 15.69
CA PHE A 71 99.59 32.07 16.04
C PHE A 71 99.05 30.62 16.03
N GLU A 72 99.43 29.79 17.01
CA GLU A 72 99.05 28.36 17.19
C GLU A 72 98.24 27.70 16.05
N ILE A 73 98.82 27.70 14.84
CA ILE A 73 98.11 27.65 13.53
C ILE A 73 96.83 26.82 13.43
N GLY A 74 95.79 27.49 12.93
CA GLY A 74 94.44 26.98 12.95
C GLY A 74 93.52 28.06 13.49
N SER A 75 92.24 27.97 13.14
CA SER A 75 91.28 28.99 13.56
C SER A 75 89.88 28.48 13.93
N VAL A 76 89.15 29.35 14.63
CA VAL A 76 87.76 29.13 15.00
C VAL A 76 86.93 30.16 14.24
N GLU A 77 85.83 29.68 13.66
CA GLU A 77 84.85 30.50 12.98
C GLU A 77 83.47 30.30 13.63
N VAL A 78 82.68 31.37 13.68
CA VAL A 78 81.34 31.35 14.28
C VAL A 78 80.41 32.18 13.38
N SER A 79 79.36 31.52 12.86
CA SER A 79 78.29 32.18 12.08
C SER A 79 76.88 32.22 12.74
N TYR A 80 76.11 33.24 12.41
CA TYR A 80 74.76 33.42 12.92
C TYR A 80 73.89 34.10 11.87
N SER A 81 72.72 33.53 11.61
CA SER A 81 71.76 34.11 10.68
C SER A 81 70.33 33.99 11.20
N HIS A 82 69.47 34.88 10.68
CA HIS A 82 68.08 34.98 11.07
C HIS A 82 67.30 35.38 9.81
N SER A 83 66.29 34.59 9.47
CA SER A 83 65.41 34.91 8.35
C SER A 83 63.96 34.94 8.78
N HIS A 84 63.24 35.95 8.29
CA HIS A 84 61.80 36.07 8.42
C HIS A 84 61.17 36.07 7.03
N GLN A 85 60.28 35.12 6.77
CA GLN A 85 59.56 35.02 5.51
C GLN A 85 58.06 35.16 5.73
N LYS A 86 57.45 35.99 4.89
CA LYS A 86 56.01 36.29 4.97
C LYS A 86 55.37 36.03 3.60
N SER A 87 54.24 35.33 3.61
CA SER A 87 53.69 34.72 2.41
C SER A 87 52.16 34.83 2.42
N GLN A 88 51.59 35.31 1.32
CA GLN A 88 50.13 35.41 1.15
C GLN A 88 49.67 34.75 -0.17
N VAL A 89 48.88 33.68 -0.07
CA VAL A 89 48.32 33.07 -1.28
C VAL A 89 46.80 33.25 -1.33
N SER A 90 46.33 33.72 -2.49
CA SER A 90 44.91 33.92 -2.72
C SER A 90 44.45 33.05 -3.87
N MET A 91 43.41 32.25 -3.62
CA MET A 91 42.87 31.34 -4.61
C MET A 91 41.38 31.56 -4.86
N THR A 92 41.04 31.61 -6.15
CA THR A 92 39.65 31.59 -6.63
C THR A 92 39.45 30.33 -7.47
N GLN A 93 38.44 29.53 -7.11
CA GLN A 93 38.07 28.36 -7.89
C GLN A 93 36.60 28.42 -8.25
N THR A 94 36.28 28.13 -9.50
CA THR A 94 34.88 27.98 -9.88
C THR A 94 34.61 26.67 -10.65
N GLU A 95 33.53 25.98 -10.24
CA GLU A 95 33.09 24.71 -10.83
C GLU A 95 31.77 24.89 -11.51
N VAL A 96 31.61 24.24 -12.66
CA VAL A 96 30.32 24.12 -13.33
C VAL A 96 30.15 22.66 -13.72
N TYR A 97 29.02 22.06 -13.34
CA TYR A 97 28.76 20.65 -13.64
C TYR A 97 27.34 20.38 -14.13
N SER A 98 27.20 19.37 -14.99
CA SER A 98 25.91 18.87 -15.40
C SER A 98 25.90 17.36 -15.62
N SER A 99 24.70 16.79 -15.70
CA SER A 99 24.47 15.36 -15.90
C SER A 99 23.05 15.11 -16.37
N LYS A 100 22.89 14.17 -17.29
CA LYS A 100 21.58 13.67 -17.70
C LYS A 100 21.63 12.19 -17.37
N VAL A 101 20.61 11.73 -16.65
CA VAL A 101 20.48 10.30 -16.37
C VAL A 101 19.10 9.79 -16.81
N ILE A 102 19.10 8.69 -17.57
CA ILE A 102 17.87 8.13 -18.13
C ILE A 102 17.73 6.71 -17.58
N GLU A 103 16.62 6.44 -16.89
CA GLU A 103 16.36 5.08 -16.41
C GLU A 103 15.06 4.49 -16.92
N HIS A 104 15.14 3.25 -17.38
CA HIS A 104 13.99 2.53 -17.85
C HIS A 104 13.77 1.28 -16.99
N THR A 105 12.54 1.13 -16.51
CA THR A 105 12.12 -0.09 -15.82
C THR A 105 11.09 -0.87 -16.62
N ILE A 106 11.36 -2.15 -16.88
CA ILE A 106 10.46 -3.09 -17.59
C ILE A 106 10.28 -4.40 -16.79
N THR A 107 9.12 -5.02 -16.87
CA THR A 107 8.95 -6.39 -16.37
C THR A 107 9.01 -7.37 -17.53
N ILE A 108 10.10 -8.14 -17.57
CA ILE A 108 10.30 -9.11 -18.62
C ILE A 108 9.55 -10.36 -18.17
N PRO A 109 8.51 -10.77 -18.94
CA PRO A 109 7.77 -12.00 -18.68
C PRO A 109 8.67 -13.22 -18.83
N PRO A 110 8.32 -14.36 -18.20
CA PRO A 110 9.09 -15.60 -18.41
C PRO A 110 9.04 -16.05 -19.85
N THR A 111 10.02 -16.78 -20.35
CA THR A 111 9.95 -17.24 -21.75
C THR A 111 10.24 -16.13 -22.80
N SER A 112 10.78 -15.00 -22.35
CA SER A 112 10.93 -13.84 -23.22
C SER A 112 12.33 -13.28 -23.29
N LYS A 113 12.63 -12.59 -24.38
CA LYS A 113 13.87 -11.84 -24.50
C LYS A 113 13.65 -10.35 -24.73
N PHE A 114 14.50 -9.57 -24.09
CA PHE A 114 14.53 -8.13 -24.19
C PHE A 114 15.79 -7.76 -24.96
N THR A 115 15.63 -6.84 -25.91
CA THR A 115 16.75 -6.37 -26.71
C THR A 115 16.72 -4.84 -26.74
N ARG A 116 17.90 -4.23 -26.55
CA ARG A 116 18.06 -2.79 -26.65
C ARG A 116 19.10 -2.44 -27.71
N TRP A 117 18.70 -1.58 -28.64
CA TRP A 117 19.62 -1.02 -29.61
C TRP A 117 19.70 0.47 -29.35
N GLN A 118 20.94 0.98 -29.34
CA GLN A 118 21.20 2.39 -29.16
C GLN A 118 21.86 2.94 -30.41
N LEU A 119 21.19 3.90 -31.04
CA LEU A 119 21.68 4.51 -32.28
C LEU A 119 21.95 6.00 -32.10
N ASN A 120 22.79 6.56 -32.96
CA ASN A 120 22.98 7.99 -33.03
C ASN A 120 22.32 8.43 -34.34
N ALA A 121 21.27 9.22 -34.21
CA ALA A 121 20.51 9.68 -35.36
C ALA A 121 21.00 11.04 -35.86
N ASP A 122 21.35 11.10 -37.14
CA ASP A 122 21.82 12.31 -37.82
C ASP A 122 20.70 12.85 -38.71
N VAL A 123 20.27 14.07 -38.42
CA VAL A 123 19.22 14.73 -39.20
C VAL A 123 19.88 15.44 -40.37
N GLY A 124 19.62 14.94 -41.57
CA GLY A 124 20.30 15.40 -42.78
C GLY A 124 20.08 16.87 -43.08
N GLY A 125 21.20 17.61 -43.25
CA GLY A 125 21.16 19.01 -43.63
C GLY A 125 20.92 19.99 -42.49
N ALA A 126 20.07 19.60 -41.53
CA ALA A 126 19.78 20.40 -40.33
C ALA A 126 20.99 20.61 -39.42
N GLY A 127 21.92 19.66 -39.40
CA GLY A 127 23.10 19.71 -38.55
C GLY A 127 22.78 19.61 -37.07
N ILE A 128 21.80 18.75 -36.76
CA ILE A 128 21.44 18.37 -35.40
C ILE A 128 21.36 16.84 -35.30
N GLU A 129 21.47 16.31 -34.09
CA GLU A 129 21.46 14.87 -33.87
C GLU A 129 20.88 14.53 -32.50
N TYR A 130 20.43 13.29 -32.35
CA TYR A 130 19.85 12.82 -31.10
C TYR A 130 20.09 11.33 -30.90
N MET A 131 20.04 10.91 -29.64
CA MET A 131 20.11 9.50 -29.31
C MET A 131 18.76 8.88 -29.59
N TYR A 132 18.80 7.69 -30.19
CA TYR A 132 17.62 6.94 -30.60
C TYR A 132 17.72 5.58 -29.95
N LEU A 133 16.74 5.26 -29.11
CA LEU A 133 16.73 4.02 -28.33
C LEU A 133 15.57 3.13 -28.72
N ILE A 134 15.87 1.89 -29.12
CA ILE A 134 14.84 0.92 -29.44
C ILE A 134 14.88 -0.23 -28.43
N ASP A 135 13.87 -0.29 -27.58
CA ASP A 135 13.65 -1.40 -26.67
C ASP A 135 12.55 -2.28 -27.21
N GLU A 136 12.73 -3.60 -27.10
CA GLU A 136 11.68 -4.55 -27.49
C GLU A 136 11.70 -5.84 -26.67
N VAL A 137 10.52 -6.29 -26.26
CA VAL A 137 10.36 -7.59 -25.62
C VAL A 137 9.58 -8.47 -26.58
N THR A 138 10.16 -9.62 -26.91
CA THR A 138 9.49 -10.67 -27.70
C THR A 138 9.64 -12.01 -26.97
N PRO A 139 8.86 -13.05 -27.39
CA PRO A 139 9.19 -14.39 -26.86
C PRO A 139 10.44 -14.96 -27.54
N ILE A 140 11.10 -15.91 -26.87
CA ILE A 140 12.32 -16.51 -27.44
C ILE A 140 11.93 -17.41 -28.62
N GLY A 141 12.70 -17.30 -29.70
CA GLY A 141 12.33 -17.90 -30.99
C GLY A 141 12.47 -16.85 -32.07
N GLY A 142 12.10 -17.22 -33.29
CA GLY A 142 12.38 -16.41 -34.50
C GLY A 142 13.89 -16.23 -34.71
N THR A 143 14.27 -15.42 -35.69
CA THR A 143 15.67 -14.97 -35.72
C THR A 143 15.77 -13.46 -35.55
N GLN A 144 16.82 -13.05 -34.84
CA GLN A 144 17.06 -11.67 -34.47
C GLN A 144 17.11 -10.72 -35.67
N SER A 145 16.50 -9.55 -35.53
CA SER A 145 16.66 -8.49 -36.51
C SER A 145 17.42 -7.31 -35.88
N ILE A 146 18.59 -7.01 -36.43
CA ILE A 146 19.46 -5.97 -35.86
C ILE A 146 19.54 -4.75 -36.78
N PRO A 147 19.15 -3.57 -36.26
CA PRO A 147 19.21 -2.34 -37.05
C PRO A 147 20.58 -1.66 -36.97
N GLN A 148 21.42 -1.87 -37.99
CA GLN A 148 22.76 -1.26 -37.99
C GLN A 148 22.70 0.21 -38.46
N VAL A 149 21.92 0.46 -39.52
CA VAL A 149 21.55 1.83 -39.93
C VAL A 149 20.12 1.89 -40.48
N ILE A 150 19.31 2.79 -39.91
CA ILE A 150 17.94 2.99 -40.37
C ILE A 150 17.78 4.42 -40.83
N THR A 151 17.17 4.55 -42.02
CA THR A 151 16.76 5.83 -42.57
C THR A 151 15.25 5.98 -42.46
N SER A 152 14.82 7.16 -42.07
CA SER A 152 13.43 7.50 -41.93
C SER A 152 13.25 8.95 -42.30
N ARG A 153 12.00 9.34 -42.57
CA ARG A 153 11.66 10.72 -42.94
C ARG A 153 11.27 11.55 -41.72
N ALA A 154 11.63 12.83 -41.78
CA ALA A 154 11.18 13.79 -40.78
C ALA A 154 10.82 15.11 -41.41
N LYS A 155 9.98 15.88 -40.74
CA LYS A 155 9.72 17.27 -41.11
C LYS A 155 10.36 18.21 -40.07
N ILE A 156 11.23 19.11 -40.52
CA ILE A 156 11.91 20.07 -39.64
C ILE A 156 11.28 21.46 -39.70
N ILE A 157 10.93 22.02 -38.56
CA ILE A 157 10.53 23.42 -38.51
C ILE A 157 11.80 24.25 -38.33
N VAL A 158 12.24 24.89 -39.42
CA VAL A 158 13.46 25.71 -39.43
C VAL A 158 13.21 27.18 -39.14
N GLY A 159 14.28 27.91 -38.80
CA GLY A 159 14.22 29.34 -38.50
C GLY A 159 14.20 30.19 -39.75
N ARG A 160 13.81 31.46 -39.60
CA ARG A 160 13.85 32.42 -40.71
C ARG A 160 15.23 32.43 -41.30
N GLN A 161 15.31 32.44 -42.64
CA GLN A 161 16.63 32.39 -43.26
C GLN A 161 17.33 33.73 -43.27
N ILE A 162 18.63 33.68 -43.06
CA ILE A 162 19.48 34.83 -43.21
C ILE A 162 19.68 34.98 -44.70
N ILE A 163 18.98 35.95 -45.29
CA ILE A 163 19.20 36.26 -46.69
C ILE A 163 20.44 37.13 -46.81
N LEU A 164 21.43 36.58 -47.52
CA LEU A 164 22.75 37.19 -47.69
C LEU A 164 22.66 38.59 -48.30
N GLY A 165 23.40 39.52 -47.71
CA GLY A 165 23.36 40.92 -48.07
C GLY A 165 22.15 41.70 -47.57
N LYS A 166 21.19 41.00 -46.95
CA LYS A 166 19.92 41.63 -46.65
C LYS A 166 19.61 41.66 -45.15
N THR A 167 19.51 40.49 -44.52
CA THR A 167 19.04 40.37 -43.13
C THR A 167 20.12 40.65 -42.09
N GLU A 168 19.77 41.53 -41.16
CA GLU A 168 20.66 41.97 -40.09
C GLU A 168 20.71 40.89 -39.00
N ILE A 169 21.93 40.44 -38.69
CA ILE A 169 22.15 39.39 -37.67
C ILE A 169 23.13 39.78 -36.56
N ARG A 170 22.94 39.18 -35.38
CA ARG A 170 23.95 39.20 -34.31
C ARG A 170 24.82 37.94 -34.39
N ILE A 171 26.05 38.03 -33.92
CA ILE A 171 26.92 36.86 -33.83
C ILE A 171 27.29 36.64 -32.39
N LYS A 172 26.94 35.47 -31.89
CA LYS A 172 27.18 35.04 -30.52
C LYS A 172 28.17 33.88 -30.46
N HIS A 173 29.13 33.98 -29.55
CA HIS A 173 30.04 32.88 -29.24
C HIS A 173 29.22 31.80 -28.56
N ALA A 174 29.23 30.59 -29.13
CA ALA A 174 28.43 29.47 -28.60
C ALA A 174 28.77 29.11 -27.16
N GLU A 175 30.05 28.83 -26.92
CA GLU A 175 30.48 28.39 -25.61
C GLU A 175 30.35 29.48 -24.55
N ARG A 176 30.78 30.69 -24.87
CA ARG A 176 30.83 31.77 -23.87
C ARG A 176 29.53 32.56 -23.69
N LYS A 177 28.59 32.40 -24.63
CA LYS A 177 27.33 33.15 -24.65
C LYS A 177 27.49 34.68 -24.53
N GLU A 178 28.53 35.21 -25.15
CA GLU A 178 28.72 36.65 -25.31
C GLU A 178 28.70 36.96 -26.80
N TYR A 179 28.46 38.22 -27.14
CA TYR A 179 28.31 38.62 -28.53
C TYR A 179 29.57 39.22 -29.14
N MET A 180 29.72 39.07 -30.46
CA MET A 180 30.76 39.79 -31.19
C MET A 180 30.39 41.26 -31.26
N THR A 181 31.30 42.10 -30.78
CA THR A 181 31.11 43.54 -30.73
C THR A 181 32.32 44.24 -31.37
N VAL A 182 32.17 45.53 -31.68
CA VAL A 182 33.21 46.32 -32.34
C VAL A 182 33.75 47.37 -31.38
N VAL A 183 35.07 47.33 -31.16
CA VAL A 183 35.75 48.35 -30.36
C VAL A 183 36.95 48.95 -31.11
N SER A 184 37.62 49.91 -30.49
CA SER A 184 38.80 50.54 -31.09
C SER A 184 40.11 50.11 -30.44
N ARG A 185 40.95 49.48 -31.25
CA ARG A 185 42.29 49.06 -30.86
C ARG A 185 43.21 49.60 -31.94
N LYS A 186 44.25 50.33 -31.51
CA LYS A 186 45.23 50.99 -32.39
C LYS A 186 44.53 51.93 -33.39
N SER A 187 43.50 52.64 -32.90
CA SER A 187 42.56 53.42 -33.73
C SER A 187 42.10 52.74 -35.04
N TRP A 188 41.88 51.43 -34.95
CA TRP A 188 41.22 50.63 -35.98
C TRP A 188 39.98 49.98 -35.36
N PRO A 189 38.92 49.71 -36.15
CA PRO A 189 37.87 48.95 -35.51
C PRO A 189 38.28 47.49 -35.44
N ALA A 190 38.18 46.93 -34.25
CA ALA A 190 38.55 45.55 -33.99
C ALA A 190 37.42 44.80 -33.29
N ALA A 191 37.39 43.49 -33.51
CA ALA A 191 36.42 42.58 -32.92
C ALA A 191 36.84 42.12 -31.53
N THR A 192 35.86 42.13 -30.62
CA THR A 192 35.98 41.66 -29.25
C THR A 192 34.63 41.09 -28.80
N LEU A 193 34.64 40.26 -27.76
CA LEU A 193 33.43 39.77 -27.13
C LEU A 193 32.90 40.72 -26.06
N GLY A 194 31.57 40.82 -25.99
CA GLY A 194 30.91 41.70 -25.02
C GLY A 194 29.46 41.32 -24.76
N HIS A 195 28.82 42.01 -23.81
CA HIS A 195 27.42 41.73 -23.49
C HIS A 195 26.37 42.42 -24.35
N SER A 196 26.74 43.50 -25.04
CA SER A 196 25.78 44.34 -25.76
C SER A 196 25.03 43.59 -26.88
N LYS A 197 23.72 43.79 -26.89
CA LYS A 197 22.86 43.15 -27.87
C LYS A 197 22.66 44.12 -29.07
N LEU A 198 23.51 45.15 -29.14
CA LEU A 198 23.35 46.24 -30.10
C LEU A 198 24.28 46.15 -31.31
N PHE A 199 25.15 45.16 -31.31
CA PHE A 199 26.12 45.03 -32.37
C PHE A 199 25.62 44.11 -33.47
N LYS A 200 25.19 44.73 -34.56
CA LYS A 200 24.58 44.05 -35.72
C LYS A 200 25.57 43.89 -36.89
N PHE A 201 25.34 42.87 -37.69
CA PHE A 201 26.18 42.49 -38.83
C PHE A 201 25.29 42.07 -39.99
N VAL A 202 25.87 42.06 -41.18
CA VAL A 202 25.22 41.43 -42.35
C VAL A 202 26.26 40.65 -43.16
N LEU A 203 25.83 39.51 -43.69
CA LEU A 203 26.73 38.55 -44.34
C LEU A 203 26.60 38.63 -45.85
N TYR A 204 27.75 38.61 -46.51
CA TYR A 204 27.83 38.68 -47.97
C TYR A 204 28.60 37.47 -48.47
N GLU A 205 28.23 36.99 -49.66
CA GLU A 205 29.03 36.01 -50.38
C GLU A 205 29.30 36.53 -51.80
N ASP A 206 30.55 36.39 -52.24
CA ASP A 206 30.91 36.57 -53.64
C ASP A 206 31.86 35.46 -54.11
N TRP A 207 32.58 35.72 -55.21
CA TRP A 207 33.49 34.74 -55.84
C TRP A 207 34.60 34.20 -54.92
N GLY A 208 35.11 35.07 -54.04
CA GLY A 208 36.23 34.72 -53.15
C GLY A 208 35.86 34.19 -51.77
N GLY A 209 34.56 34.18 -51.45
CA GLY A 209 34.10 33.70 -50.14
C GLY A 209 33.04 34.55 -49.46
N PHE A 210 32.94 34.42 -48.13
CA PHE A 210 31.95 35.13 -47.31
C PHE A 210 32.59 36.32 -46.62
N ARG A 211 31.82 37.41 -46.48
CA ARG A 211 32.30 38.57 -45.73
C ARG A 211 31.38 38.92 -44.57
N ILE A 212 32.00 39.27 -43.43
CA ILE A 212 31.28 39.75 -42.25
C ILE A 212 31.38 41.27 -42.28
N LYS A 213 30.23 41.95 -42.34
CA LYS A 213 30.22 43.41 -42.30
C LYS A 213 29.57 43.92 -41.05
N THR A 214 30.30 44.75 -40.29
CA THR A 214 29.69 45.44 -39.15
C THR A 214 28.85 46.62 -39.55
N LEU A 215 27.79 46.87 -38.76
CA LEU A 215 26.97 48.06 -38.92
C LEU A 215 27.23 49.01 -37.76
N ASN A 216 28.37 48.82 -37.11
CA ASN A 216 28.69 49.51 -35.87
C ASN A 216 30.14 49.98 -35.81
N THR A 217 30.73 50.26 -36.97
CA THR A 217 32.08 50.81 -37.00
C THR A 217 32.09 52.27 -36.54
N MET A 218 33.13 52.64 -35.80
CA MET A 218 33.31 54.04 -35.40
C MET A 218 34.12 54.85 -36.43
N TYR A 219 34.53 54.19 -37.52
CA TYR A 219 35.21 54.84 -38.63
C TYR A 219 34.61 54.40 -39.97
N SER A 220 33.80 55.26 -40.55
CA SER A 220 33.14 55.01 -41.86
C SER A 220 33.97 54.24 -42.87
N GLY A 221 33.35 53.23 -43.48
CA GLY A 221 33.99 52.49 -44.57
C GLY A 221 34.84 51.31 -44.14
N TYR A 222 35.28 51.33 -42.87
CA TYR A 222 36.07 50.26 -42.25
C TYR A 222 35.16 49.26 -41.55
N GLU A 223 34.64 48.32 -42.33
CA GLU A 223 33.43 47.59 -41.95
C GLU A 223 33.49 46.08 -42.16
N TYR A 224 34.50 45.62 -42.90
CA TYR A 224 34.63 44.19 -43.21
C TYR A 224 35.69 43.49 -42.37
N ALA A 225 35.30 42.39 -41.71
CA ALA A 225 36.18 41.66 -40.82
C ALA A 225 37.31 40.99 -41.58
N TYR A 226 38.54 41.27 -41.15
CA TYR A 226 39.77 40.68 -41.73
C TYR A 226 40.82 40.31 -40.66
N SER A 227 41.68 39.36 -41.02
CA SER A 227 42.76 38.91 -40.14
C SER A 227 44.06 39.69 -40.39
N SER A 228 44.55 40.34 -39.33
CA SER A 228 45.88 40.94 -39.33
C SER A 228 46.94 39.85 -39.43
N ASP A 229 48.18 40.26 -39.68
CA ASP A 229 49.29 39.31 -39.83
C ASP A 229 49.69 38.64 -38.51
N GLN A 230 49.24 39.23 -37.40
CA GLN A 230 49.41 38.68 -36.06
C GLN A 230 48.22 37.84 -35.56
N GLY A 231 47.11 37.86 -36.31
CA GLY A 231 45.93 37.02 -36.01
C GLY A 231 44.67 37.73 -35.55
N GLY A 232 44.84 38.94 -34.99
CA GLY A 232 43.74 39.78 -34.50
C GLY A 232 42.73 40.17 -35.56
N ILE A 233 41.48 40.34 -35.13
CA ILE A 233 40.39 40.64 -36.06
C ILE A 233 40.06 42.13 -36.03
N TYR A 234 40.19 42.76 -37.18
CA TYR A 234 39.89 44.16 -37.36
C TYR A 234 38.88 44.29 -38.49
N PHE A 235 38.41 45.52 -38.72
CA PHE A 235 37.48 45.81 -39.80
C PHE A 235 38.08 46.80 -40.80
N ASP A 236 38.04 46.45 -42.09
CA ASP A 236 38.73 47.15 -43.17
C ASP A 236 37.75 47.61 -44.26
N GLN A 237 38.25 48.44 -45.18
CA GLN A 237 37.55 48.76 -46.43
C GLN A 237 37.36 47.53 -47.30
N GLY A 238 36.22 47.48 -48.00
CA GLY A 238 35.88 46.39 -48.91
C GLY A 238 36.87 46.26 -50.06
N THR A 239 37.71 45.23 -49.98
CA THR A 239 38.69 44.95 -51.03
C THR A 239 38.49 43.56 -51.65
N ASP A 240 39.43 43.14 -52.47
CA ASP A 240 39.41 41.82 -53.08
C ASP A 240 40.18 40.81 -52.24
N ASN A 241 40.89 41.31 -51.22
CA ASN A 241 41.85 40.52 -50.45
C ASN A 241 41.20 39.29 -49.82
N PRO A 242 41.79 38.10 -50.03
CA PRO A 242 41.43 36.85 -49.33
C PRO A 242 41.33 36.98 -47.80
N LYS A 243 42.14 37.86 -47.21
CA LYS A 243 42.20 38.06 -45.76
C LYS A 243 40.91 38.60 -45.13
N GLN A 244 40.04 39.23 -45.92
CA GLN A 244 38.70 39.62 -45.46
C GLN A 244 37.55 38.73 -45.97
N ARG A 245 37.93 37.59 -46.56
CA ARG A 245 37.00 36.55 -46.98
C ARG A 245 37.07 35.34 -46.06
N TRP A 246 35.94 34.64 -45.94
CA TRP A 246 35.78 33.52 -45.00
C TRP A 246 35.02 32.35 -45.63
N ALA A 247 35.35 31.14 -45.20
CA ALA A 247 34.62 29.92 -45.57
C ALA A 247 33.73 29.43 -44.41
N ILE A 248 32.44 29.20 -44.69
CA ILE A 248 31.53 28.61 -43.67
C ILE A 248 31.55 27.06 -43.65
N ASN A 249 30.79 26.47 -42.75
CA ASN A 249 30.79 25.00 -42.51
C ASN A 249 29.61 24.23 -43.09
N LYS A 250 28.47 24.91 -43.24
CA LYS A 250 27.28 24.30 -43.81
C LYS A 250 26.99 24.79 -45.25
N SER A 251 26.03 24.15 -45.91
CA SER A 251 25.54 24.63 -47.19
C SER A 251 24.53 25.74 -46.92
N LEU A 252 24.41 26.67 -47.87
CA LEU A 252 23.32 27.64 -47.91
C LEU A 252 21.91 27.00 -47.95
N PRO A 253 20.89 27.66 -47.36
CA PRO A 253 20.92 28.96 -46.65
C PRO A 253 21.23 28.84 -45.16
N LEU A 254 21.73 29.94 -44.60
CA LEU A 254 21.87 30.10 -43.17
C LEU A 254 20.53 30.59 -42.62
N ARG A 255 20.20 30.12 -41.42
CA ARG A 255 18.92 30.36 -40.76
C ARG A 255 19.19 30.79 -39.34
N HIS A 256 18.22 31.47 -38.73
CA HIS A 256 18.30 31.86 -37.32
C HIS A 256 18.69 30.67 -36.44
N GLY A 257 19.63 30.90 -35.53
CA GLY A 257 20.10 29.86 -34.60
C GLY A 257 21.11 28.85 -35.13
N ASP A 258 21.59 29.03 -36.35
CA ASP A 258 22.56 28.11 -36.94
C ASP A 258 23.90 28.23 -36.23
N VAL A 259 24.44 27.06 -35.91
CA VAL A 259 25.81 26.90 -35.40
C VAL A 259 26.76 26.96 -36.59
N VAL A 260 27.60 28.00 -36.64
CA VAL A 260 28.52 28.20 -37.76
C VAL A 260 29.99 28.35 -37.37
N THR A 261 30.85 28.11 -38.36
CA THR A 261 32.29 28.18 -38.25
C THR A 261 32.79 29.18 -39.29
N PHE A 262 33.77 30.01 -38.93
CA PHE A 262 34.39 30.89 -39.93
C PHE A 262 35.87 30.60 -40.08
N MET A 263 36.27 30.06 -41.23
CA MET A 263 37.68 29.84 -41.56
C MET A 263 38.18 30.91 -42.54
N ASN A 264 39.35 31.49 -42.24
CA ASN A 264 39.96 32.46 -43.15
C ASN A 264 40.34 31.87 -44.50
N LYS A 265 39.93 32.57 -45.54
CA LYS A 265 40.18 32.14 -46.91
C LYS A 265 41.66 32.26 -47.31
N TYR A 266 42.37 33.22 -46.71
CA TYR A 266 43.83 33.39 -46.90
C TYR A 266 44.62 32.46 -45.99
N PHE A 267 44.60 32.70 -44.67
CA PHE A 267 45.25 31.80 -43.70
C PHE A 267 44.34 30.59 -43.47
N THR A 268 44.45 29.61 -44.36
CA THR A 268 43.48 28.53 -44.45
C THR A 268 43.44 27.61 -43.23
N ARG A 269 44.59 27.47 -42.57
CA ARG A 269 44.69 26.66 -41.35
C ARG A 269 43.98 27.28 -40.14
N SER A 270 43.59 28.56 -40.26
CA SER A 270 43.05 29.30 -39.12
C SER A 270 41.56 29.66 -39.21
N GLY A 271 40.92 29.71 -38.03
CA GLY A 271 39.51 30.02 -37.91
C GLY A 271 39.20 31.05 -36.84
N LEU A 272 38.03 31.66 -36.94
CA LEU A 272 37.58 32.70 -36.05
C LEU A 272 37.27 32.11 -34.69
N CYS A 273 37.93 32.64 -33.66
CA CYS A 273 37.90 32.06 -32.30
C CYS A 273 38.09 33.07 -31.16
N TYR A 274 37.91 32.60 -29.92
CA TYR A 274 38.19 33.37 -28.71
C TYR A 274 39.57 33.04 -28.14
N ASP A 275 40.26 34.07 -27.64
CA ASP A 275 41.52 33.95 -26.93
C ASP A 275 41.64 35.22 -26.12
N ASP A 276 42.13 35.11 -24.89
CA ASP A 276 42.42 36.31 -24.09
C ASP A 276 43.72 37.07 -24.50
N GLY A 277 43.62 37.86 -25.58
CA GLY A 277 44.75 38.64 -26.11
C GLY A 277 45.00 39.94 -25.36
N PRO A 278 45.98 40.76 -25.81
CA PRO A 278 46.39 42.02 -25.13
C PRO A 278 45.26 43.03 -24.83
N ALA A 279 44.29 43.18 -25.73
CA ALA A 279 43.29 44.24 -25.60
C ALA A 279 41.92 43.84 -26.11
N THR A 280 41.90 42.96 -27.09
CA THR A 280 40.67 42.40 -27.65
C THR A 280 40.83 40.90 -27.64
N ASN A 281 39.73 40.18 -27.81
CA ASN A 281 39.70 38.74 -27.59
C ASN A 281 39.02 37.87 -28.66
N VAL A 282 38.76 38.46 -29.82
CA VAL A 282 38.36 37.68 -31.01
C VAL A 282 39.55 37.61 -31.96
N TYR A 283 40.08 36.41 -32.14
CA TYR A 283 41.24 36.19 -33.00
C TYR A 283 40.99 35.22 -34.14
N CYS A 284 42.03 34.97 -34.92
CA CYS A 284 42.02 34.04 -36.03
C CYS A 284 43.37 33.35 -35.97
N LEU A 285 43.38 32.13 -35.41
CA LEU A 285 44.61 31.35 -35.10
C LEU A 285 44.57 29.91 -35.63
N ASP A 286 45.75 29.37 -35.95
CA ASP A 286 45.91 28.02 -36.53
C ASP A 286 45.34 26.92 -35.64
N LYS A 287 44.64 25.97 -36.27
CA LYS A 287 44.03 24.79 -35.64
C LYS A 287 42.82 25.09 -34.77
N ARG A 288 42.44 26.36 -34.67
CA ARG A 288 41.35 26.77 -33.81
C ARG A 288 40.17 27.23 -34.66
N GLU A 289 38.98 26.69 -34.37
CA GLU A 289 37.74 27.20 -34.96
C GLU A 289 36.57 27.09 -33.98
N ASP A 290 36.33 28.15 -33.22
CA ASP A 290 35.21 28.18 -32.29
C ASP A 290 33.86 28.20 -33.00
N LYS A 291 32.83 27.73 -32.30
CA LYS A 291 31.47 27.73 -32.81
C LYS A 291 30.77 29.03 -32.46
N TRP A 292 30.03 29.55 -33.43
CA TRP A 292 29.24 30.78 -33.31
C TRP A 292 27.78 30.55 -33.69
N ILE A 293 26.88 31.26 -33.00
CA ILE A 293 25.43 31.18 -33.24
C ILE A 293 24.98 32.44 -33.97
N LEU A 294 24.25 32.28 -35.07
CA LEU A 294 23.72 33.42 -35.82
C LEU A 294 22.27 33.73 -35.41
N GLU A 295 22.01 34.97 -35.01
CA GLU A 295 20.65 35.38 -34.58
C GLU A 295 20.09 36.52 -35.41
N VAL A 296 18.96 36.26 -36.07
CA VAL A 296 18.22 37.27 -36.82
C VAL A 296 17.65 38.30 -35.85
N VAL A 297 17.97 39.57 -36.03
CA VAL A 297 17.45 40.62 -35.15
C VAL A 297 15.95 40.89 -35.38
N GLY A 298 15.28 41.30 -34.30
CA GLY A 298 13.83 41.58 -34.24
C GLY A 298 12.98 41.51 -35.50
N TYR B 10 17.21 0.24 -48.48
CA TYR B 10 16.60 -0.65 -47.44
C TYR B 10 17.09 -2.10 -47.62
N GLU B 11 18.40 -2.27 -47.42
CA GLU B 11 19.10 -3.53 -47.69
C GLU B 11 19.24 -4.33 -46.40
N GLN B 12 19.01 -5.64 -46.45
CA GLN B 12 19.23 -6.51 -45.29
C GLN B 12 19.95 -7.83 -45.60
N ILE B 13 20.96 -8.15 -44.80
CA ILE B 13 21.80 -9.34 -45.00
C ILE B 13 21.71 -10.30 -43.82
N GLU B 14 21.58 -11.58 -44.13
CA GLU B 14 21.52 -12.62 -43.11
C GLU B 14 22.93 -13.10 -42.76
N VAL B 15 23.16 -13.38 -41.47
CA VAL B 15 24.49 -13.75 -40.96
C VAL B 15 24.40 -14.50 -39.63
N ASP B 16 25.50 -15.15 -39.22
CA ASP B 16 25.62 -15.79 -37.90
C ASP B 16 26.17 -14.80 -36.90
N VAL B 17 25.59 -14.84 -35.71
CA VAL B 17 26.20 -14.21 -34.56
C VAL B 17 26.76 -15.34 -33.70
N VAL B 18 28.03 -15.21 -33.34
CA VAL B 18 28.68 -16.18 -32.48
C VAL B 18 28.91 -15.52 -31.13
N ALA B 19 28.22 -16.04 -30.11
CA ALA B 19 28.39 -15.56 -28.74
C ALA B 19 29.26 -16.53 -27.94
N VAL B 20 30.16 -15.97 -27.13
CA VAL B 20 31.14 -16.76 -26.36
C VAL B 20 31.13 -16.42 -24.87
N TRP B 21 30.97 -17.46 -24.04
CA TRP B 21 30.98 -17.40 -22.58
C TRP B 21 32.06 -16.48 -22.04
N LYS B 22 31.71 -15.60 -21.10
CA LYS B 22 32.68 -14.74 -20.43
C LYS B 22 32.66 -14.85 -18.91
N GLU B 23 31.48 -15.14 -18.36
CA GLU B 23 31.26 -15.15 -16.91
C GLU B 23 29.98 -15.90 -16.60
N GLY B 24 29.98 -16.60 -15.45
CA GLY B 24 28.83 -17.39 -14.99
C GLY B 24 28.59 -17.34 -13.48
N TYR B 25 27.38 -17.73 -13.08
CA TYR B 25 26.94 -17.67 -11.68
C TYR B 25 25.74 -18.59 -11.43
N VAL B 26 25.82 -19.40 -10.38
CA VAL B 26 24.75 -20.35 -10.05
C VAL B 26 24.37 -20.22 -8.56
N TYR B 27 23.07 -20.12 -8.31
CA TYR B 27 22.51 -19.96 -6.98
C TYR B 27 21.46 -21.03 -6.73
N GLU B 28 21.59 -21.74 -5.62
CA GLU B 28 20.64 -22.76 -5.20
C GLU B 28 19.94 -22.32 -3.92
N ASN B 29 18.62 -22.37 -3.95
CA ASN B 29 17.79 -22.11 -2.77
C ASN B 29 17.16 -23.43 -2.36
N ARG B 30 17.77 -24.05 -1.35
CA ARG B 30 17.35 -25.36 -0.88
C ARG B 30 16.28 -25.32 0.21
N GLY B 31 16.13 -24.16 0.86
CA GLY B 31 15.08 -23.94 1.86
C GLY B 31 13.64 -24.10 1.34
N SER B 32 12.68 -24.05 2.26
CA SER B 32 11.28 -24.10 1.87
C SER B 32 10.57 -22.75 1.92
N THR B 33 11.33 -21.67 2.14
CA THR B 33 10.83 -20.31 1.89
C THR B 33 11.53 -19.75 0.66
N SER B 34 10.87 -18.87 -0.07
CA SER B 34 11.45 -18.34 -1.31
C SER B 34 12.38 -17.13 -1.06
N VAL B 35 13.20 -16.77 -2.04
CA VAL B 35 14.17 -15.66 -1.89
C VAL B 35 14.10 -14.63 -3.02
N ASP B 36 14.36 -13.39 -2.65
CA ASP B 36 14.36 -12.26 -3.57
C ASP B 36 15.79 -11.85 -3.88
N GLN B 37 16.17 -12.10 -5.12
CA GLN B 37 17.53 -11.87 -5.58
C GLN B 37 17.64 -10.67 -6.52
N LYS B 38 18.66 -9.84 -6.30
CA LYS B 38 18.95 -8.68 -7.13
C LYS B 38 20.43 -8.62 -7.57
N ILE B 39 20.68 -9.00 -8.83
CA ILE B 39 21.99 -8.81 -9.45
C ILE B 39 22.03 -7.41 -10.07
N THR B 40 23.14 -6.70 -9.82
CA THR B 40 23.29 -5.33 -10.28
C THR B 40 24.72 -5.07 -10.79
N ILE B 41 24.82 -4.92 -12.12
CA ILE B 41 26.12 -4.78 -12.77
C ILE B 41 26.35 -3.36 -13.33
N THR B 42 27.56 -2.83 -13.09
CA THR B 42 27.95 -1.44 -13.45
C THR B 42 29.23 -1.41 -14.29
N LYS B 43 29.22 -0.62 -15.37
CA LYS B 43 30.40 -0.30 -16.16
C LYS B 43 30.45 1.21 -16.34
N GLY B 44 31.63 1.80 -16.22
CA GLY B 44 31.75 3.23 -16.41
C GLY B 44 33.13 3.73 -16.78
N MET B 45 33.18 4.96 -17.28
CA MET B 45 34.44 5.64 -17.52
C MET B 45 34.38 7.11 -17.14
N LYS B 46 35.55 7.68 -16.83
CA LYS B 46 35.70 9.11 -16.60
C LYS B 46 37.00 9.56 -17.26
N ASN B 47 36.98 10.71 -17.91
CA ASN B 47 38.18 11.31 -18.51
C ASN B 47 38.43 12.66 -17.89
N VAL B 48 39.65 12.86 -17.37
CA VAL B 48 40.06 14.16 -16.79
C VAL B 48 41.21 14.77 -17.60
N ASN B 49 41.08 16.06 -17.93
CA ASN B 49 42.10 16.78 -18.70
C ASN B 49 42.40 18.13 -18.06
N SER B 50 43.65 18.37 -17.67
CA SER B 50 44.00 19.67 -17.11
C SER B 50 45.21 20.34 -17.76
N GLU B 51 45.23 21.66 -17.63
CA GLU B 51 46.30 22.52 -18.10
C GLU B 51 46.63 23.48 -16.97
N THR B 52 47.87 23.42 -16.49
CA THR B 52 48.32 24.35 -15.45
C THR B 52 49.53 25.24 -15.88
N ARG B 53 49.28 26.55 -15.96
CA ARG B 53 50.26 27.58 -16.34
C ARG B 53 50.73 28.36 -15.12
N THR B 54 52.01 28.27 -14.82
CA THR B 54 52.59 29.03 -13.70
C THR B 54 53.64 30.02 -14.20
N VAL B 55 53.67 31.20 -13.58
CA VAL B 55 54.61 32.27 -13.89
C VAL B 55 55.16 32.81 -12.56
N THR B 56 56.49 32.67 -12.32
CA THR B 56 57.17 33.25 -11.13
C THR B 56 58.21 34.30 -11.46
N ALA B 57 58.04 35.49 -10.87
CA ALA B 57 59.00 36.59 -10.92
C ALA B 57 59.64 36.80 -9.54
N THR B 58 60.97 36.82 -9.51
CA THR B 58 61.72 37.03 -8.27
C THR B 58 62.74 38.16 -8.40
N HIS B 59 62.73 39.08 -7.42
CA HIS B 59 63.75 40.12 -7.24
C HIS B 59 64.59 39.77 -6.00
N SER B 60 65.91 39.87 -6.10
CA SER B 60 66.81 39.72 -4.94
C SER B 60 67.81 40.87 -4.83
N ILE B 61 67.84 41.54 -3.67
CA ILE B 61 68.84 42.57 -3.38
C ILE B 61 69.68 42.12 -2.16
N GLY B 62 70.99 41.97 -2.38
CA GLY B 62 71.90 41.40 -1.37
C GLY B 62 73.13 42.25 -1.13
N SER B 63 73.81 42.05 0.00
CA SER B 63 75.04 42.81 0.34
C SER B 63 75.82 42.23 1.51
N THR B 64 77.14 42.41 1.48
CA THR B 64 78.04 42.02 2.59
C THR B 64 79.05 43.12 2.94
N ILE B 65 79.13 43.44 4.23
CA ILE B 65 80.13 44.35 4.77
C ILE B 65 81.16 43.53 5.55
N SER B 66 82.43 43.61 5.14
CA SER B 66 83.51 42.87 5.82
C SER B 66 84.78 43.71 6.08
N THR B 67 85.74 43.10 6.78
CA THR B 67 87.04 43.72 7.08
C THR B 67 88.17 42.72 6.75
N GLY B 68 89.30 43.22 6.28
CA GLY B 68 90.41 42.31 6.05
C GLY B 68 91.56 42.66 6.95
N ASP B 69 92.53 43.29 6.30
CA ASP B 69 93.81 43.73 6.85
C ASP B 69 93.64 44.63 8.06
N SER B 75 88.31 38.01 11.25
CA SER B 75 87.66 39.30 11.07
C SER B 75 86.13 39.24 11.25
N VAL B 76 85.45 40.36 10.95
CA VAL B 76 83.97 40.53 11.07
C VAL B 76 83.32 40.68 9.68
N GLU B 77 82.28 39.88 9.43
CA GLU B 77 81.47 39.98 8.22
C GLU B 77 79.99 40.13 8.61
N VAL B 78 79.26 40.97 7.86
CA VAL B 78 77.84 41.26 8.12
C VAL B 78 77.08 41.20 6.79
N SER B 79 76.05 40.34 6.75
CA SER B 79 75.25 40.08 5.54
C SER B 79 73.79 40.51 5.70
N TYR B 80 73.23 41.02 4.60
CA TYR B 80 71.81 41.34 4.52
C TYR B 80 71.31 41.12 3.09
N SER B 81 70.20 40.39 2.97
CA SER B 81 69.50 40.22 1.68
C SER B 81 67.98 40.32 1.85
N HIS B 82 67.32 40.75 0.77
CA HIS B 82 65.87 40.78 0.71
C HIS B 82 65.40 40.20 -0.62
N SER B 83 64.36 39.38 -0.59
CA SER B 83 63.71 38.89 -1.82
C SER B 83 62.20 39.08 -1.84
N HIS B 84 61.69 39.50 -3.00
CA HIS B 84 60.27 39.64 -3.29
C HIS B 84 59.92 38.70 -4.44
N GLN B 85 58.97 37.81 -4.20
CA GLN B 85 58.62 36.78 -5.17
C GLN B 85 57.11 36.77 -5.42
N LYS B 86 56.74 36.82 -6.71
CA LYS B 86 55.35 36.85 -7.14
C LYS B 86 55.08 35.66 -8.05
N SER B 87 54.03 34.90 -7.71
CA SER B 87 53.67 33.67 -8.43
C SER B 87 52.19 33.71 -8.88
N GLN B 88 51.92 33.25 -10.11
CA GLN B 88 50.57 33.25 -10.69
C GLN B 88 50.27 31.92 -11.35
N VAL B 89 49.36 31.15 -10.76
CA VAL B 89 49.02 29.80 -11.23
C VAL B 89 47.61 29.75 -11.82
N SER B 90 47.50 29.34 -13.08
CA SER B 90 46.22 29.29 -13.77
C SER B 90 45.89 27.88 -14.22
N MET B 91 44.77 27.36 -13.73
CA MET B 91 44.37 26.00 -14.06
C MET B 91 43.02 25.91 -14.75
N THR B 92 42.96 25.04 -15.77
CA THR B 92 41.71 24.63 -16.43
C THR B 92 41.59 23.10 -16.38
N GLN B 93 40.50 22.62 -15.78
CA GLN B 93 40.21 21.19 -15.73
C GLN B 93 38.91 20.84 -16.42
N THR B 94 38.96 19.75 -17.17
CA THR B 94 37.83 19.21 -17.93
C THR B 94 37.57 17.79 -17.49
N GLU B 95 36.34 17.54 -17.07
CA GLU B 95 35.89 16.21 -16.67
C GLU B 95 34.70 15.82 -17.54
N VAL B 96 34.72 14.59 -18.02
CA VAL B 96 33.62 14.00 -18.78
C VAL B 96 33.49 12.54 -18.31
N TYR B 97 32.28 12.10 -17.98
CA TYR B 97 32.05 10.72 -17.51
C TYR B 97 30.75 10.07 -17.97
N SER B 98 30.73 8.74 -17.94
CA SER B 98 29.52 7.98 -18.21
C SER B 98 29.42 6.69 -17.41
N SER B 99 28.18 6.21 -17.23
CA SER B 99 27.86 4.95 -16.54
C SER B 99 26.79 4.24 -17.32
N LYS B 100 26.82 2.92 -17.24
CA LYS B 100 25.67 2.09 -17.56
C LYS B 100 25.46 1.11 -16.38
N VAL B 101 24.27 1.14 -15.78
CA VAL B 101 23.89 0.19 -14.71
C VAL B 101 22.70 -0.67 -15.15
N ILE B 102 22.88 -1.99 -15.12
CA ILE B 102 21.81 -2.95 -15.38
C ILE B 102 21.49 -3.70 -14.07
N GLU B 103 20.21 -3.76 -13.74
CA GLU B 103 19.72 -4.25 -12.45
C GLU B 103 18.59 -5.25 -12.72
N HIS B 104 18.75 -6.47 -12.21
CA HIS B 104 17.68 -7.48 -12.31
C HIS B 104 17.21 -7.97 -10.95
N THR B 105 15.89 -7.97 -10.76
CA THR B 105 15.29 -8.53 -9.57
C THR B 105 14.39 -9.68 -9.94
N ILE B 106 14.60 -10.81 -9.26
CA ILE B 106 13.85 -12.04 -9.46
C ILE B 106 13.49 -12.65 -8.10
N THR B 107 12.37 -13.37 -8.04
CA THR B 107 12.04 -14.22 -6.89
C THR B 107 12.32 -15.70 -7.23
N ILE B 108 13.31 -16.28 -6.55
CA ILE B 108 13.60 -17.71 -6.69
C ILE B 108 12.69 -18.46 -5.72
N PRO B 109 11.82 -19.35 -6.26
CA PRO B 109 10.94 -20.18 -5.41
C PRO B 109 11.77 -21.23 -4.64
N PRO B 110 11.20 -21.90 -3.61
CA PRO B 110 11.99 -22.93 -2.88
C PRO B 110 12.32 -24.10 -3.78
N THR B 111 13.32 -24.91 -3.38
CA THR B 111 13.80 -26.05 -4.21
C THR B 111 14.18 -25.61 -5.63
N SER B 112 14.73 -24.40 -5.77
CA SER B 112 15.05 -23.88 -7.08
C SER B 112 16.49 -23.44 -7.25
N LYS B 113 16.99 -23.59 -8.47
CA LYS B 113 18.31 -23.17 -8.87
C LYS B 113 18.20 -22.05 -9.91
N PHE B 114 18.98 -20.98 -9.67
CA PHE B 114 19.10 -19.87 -10.61
C PHE B 114 20.48 -19.87 -11.24
N THR B 115 20.52 -19.72 -12.57
CA THR B 115 21.80 -19.65 -13.31
C THR B 115 21.84 -18.42 -14.23
N ARG B 116 22.98 -17.71 -14.17
CA ARG B 116 23.26 -16.59 -15.08
C ARG B 116 24.51 -16.89 -15.90
N TRP B 117 24.36 -16.85 -17.21
CA TRP B 117 25.48 -16.92 -18.14
C TRP B 117 25.59 -15.59 -18.88
N GLN B 118 26.80 -15.03 -18.85
CA GLN B 118 27.09 -13.85 -19.62
C GLN B 118 28.01 -14.23 -20.77
N LEU B 119 27.54 -13.95 -21.97
CA LEU B 119 28.32 -14.19 -23.18
C LEU B 119 28.54 -12.88 -23.95
N ASN B 120 29.38 -12.95 -24.98
CA ASN B 120 29.71 -11.81 -25.79
C ASN B 120 29.45 -12.20 -27.22
N ALA B 121 28.49 -11.52 -27.86
CA ALA B 121 28.07 -11.89 -29.20
C ALA B 121 28.78 -11.08 -30.25
N ASP B 122 29.37 -11.76 -31.21
CA ASP B 122 30.03 -11.13 -32.33
C ASP B 122 29.10 -11.35 -33.50
N VAL B 123 28.61 -10.26 -34.09
CA VAL B 123 27.83 -10.35 -35.34
C VAL B 123 28.82 -10.39 -36.51
N GLY B 124 28.76 -11.46 -37.30
CA GLY B 124 29.70 -11.67 -38.42
C GLY B 124 29.51 -10.68 -39.56
N GLY B 125 30.62 -10.26 -40.18
CA GLY B 125 30.58 -9.33 -41.31
C GLY B 125 30.33 -7.88 -40.92
N ALA B 126 29.25 -7.63 -40.19
CA ALA B 126 28.85 -6.29 -39.76
C ALA B 126 29.84 -5.58 -38.83
N GLY B 127 30.59 -6.34 -38.03
CA GLY B 127 31.60 -5.75 -37.15
C GLY B 127 31.03 -4.94 -35.98
N ILE B 128 30.00 -5.49 -35.36
CA ILE B 128 29.42 -4.96 -34.14
C ILE B 128 29.37 -6.08 -33.11
N GLU B 129 29.37 -5.69 -31.83
CA GLU B 129 29.19 -6.68 -30.77
C GLU B 129 28.23 -6.24 -29.68
N TYR B 130 27.58 -7.20 -29.04
CA TYR B 130 26.72 -6.91 -27.91
C TYR B 130 26.85 -7.91 -26.76
N MET B 131 26.50 -7.43 -25.56
CA MET B 131 26.46 -8.24 -24.37
C MET B 131 25.21 -9.12 -24.43
N TYR B 132 25.35 -10.37 -24.03
CA TYR B 132 24.27 -11.33 -24.12
C TYR B 132 24.13 -12.01 -22.77
N LEU B 133 22.97 -11.81 -22.14
CA LEU B 133 22.74 -12.35 -20.81
C LEU B 133 21.66 -13.40 -20.80
N ILE B 134 21.94 -14.56 -20.18
CA ILE B 134 20.96 -15.64 -20.09
C ILE B 134 20.70 -16.01 -18.63
N ASP B 135 19.49 -15.68 -18.15
CA ASP B 135 19.01 -16.06 -16.82
C ASP B 135 18.01 -17.20 -16.94
N GLU B 136 18.04 -18.12 -15.98
CA GLU B 136 17.08 -19.22 -15.90
C GLU B 136 16.87 -19.69 -14.46
N VAL B 137 15.61 -19.91 -14.09
CA VAL B 137 15.27 -20.58 -12.82
C VAL B 137 14.65 -21.93 -13.13
N THR B 138 15.21 -22.98 -12.55
CA THR B 138 14.70 -24.37 -12.69
C THR B 138 14.67 -25.08 -11.34
N PRO B 139 13.96 -26.24 -11.25
CA PRO B 139 14.09 -26.98 -10.01
C PRO B 139 15.44 -27.67 -9.96
N ILE B 140 15.95 -27.88 -8.74
CA ILE B 140 17.24 -28.54 -8.53
C ILE B 140 17.11 -29.98 -8.97
N GLY B 141 18.13 -30.48 -9.65
CA GLY B 141 18.09 -31.80 -10.26
C GLY B 141 18.42 -31.63 -11.72
N GLY B 142 18.30 -32.72 -12.49
CA GLY B 142 18.83 -32.80 -13.86
C GLY B 142 20.34 -32.58 -13.87
N THR B 143 20.93 -32.49 -15.06
CA THR B 143 22.32 -32.00 -15.16
C THR B 143 22.39 -30.72 -16.00
N GLN B 144 23.26 -29.80 -15.59
CA GLN B 144 23.36 -28.45 -16.14
C GLN B 144 23.70 -28.43 -17.63
N SER B 145 23.09 -27.51 -18.35
CA SER B 145 23.53 -27.21 -19.69
C SER B 145 24.22 -25.84 -19.70
N ILE B 146 25.52 -25.83 -20.02
CA ILE B 146 26.29 -24.58 -20.00
C ILE B 146 26.60 -24.21 -21.43
N PRO B 147 26.24 -22.99 -21.84
CA PRO B 147 26.65 -22.57 -23.18
C PRO B 147 28.05 -21.90 -23.21
N GLN B 148 29.05 -22.60 -23.77
CA GLN B 148 30.37 -21.99 -23.99
C GLN B 148 30.39 -21.10 -25.23
N VAL B 149 29.92 -21.63 -26.36
CA VAL B 149 29.63 -20.79 -27.52
C VAL B 149 28.31 -21.18 -28.20
N ILE B 150 27.49 -20.16 -28.49
CA ILE B 150 26.22 -20.31 -29.21
C ILE B 150 26.30 -19.57 -30.52
N THR B 151 25.96 -20.27 -31.61
CA THR B 151 25.74 -19.65 -32.92
C THR B 151 24.24 -19.54 -33.14
N SER B 152 23.80 -18.37 -33.60
CA SER B 152 22.42 -18.14 -33.97
C SER B 152 22.42 -17.29 -35.21
N ARG B 153 21.32 -17.30 -35.96
CA ARG B 153 21.19 -16.43 -37.12
C ARG B 153 20.53 -15.11 -36.78
N ALA B 154 20.84 -14.09 -37.58
CA ALA B 154 20.28 -12.77 -37.45
C ALA B 154 20.24 -12.07 -38.79
N LYS B 155 19.27 -11.17 -38.95
CA LYS B 155 19.12 -10.35 -40.14
C LYS B 155 19.58 -8.94 -39.76
N ILE B 156 20.53 -8.39 -40.51
CA ILE B 156 21.12 -7.08 -40.23
C ILE B 156 20.61 -6.08 -41.23
N ILE B 157 19.94 -5.03 -40.76
CA ILE B 157 19.57 -3.92 -41.65
C ILE B 157 20.75 -2.96 -41.73
N VAL B 158 21.32 -2.86 -42.94
CA VAL B 158 22.65 -2.24 -43.16
C VAL B 158 22.60 -0.94 -43.97
N GLY B 159 23.68 -0.16 -43.87
CA GLY B 159 23.76 1.15 -44.51
C GLY B 159 23.84 1.11 -46.02
N ARG B 160 23.43 2.23 -46.65
CA ARG B 160 23.69 2.47 -48.07
C ARG B 160 25.16 2.20 -48.36
N GLN B 161 25.41 1.52 -49.47
CA GLN B 161 26.75 1.05 -49.82
C GLN B 161 27.62 2.16 -50.40
N ILE B 162 28.89 2.21 -49.98
CA ILE B 162 29.90 3.07 -50.59
C ILE B 162 30.49 2.34 -51.80
N ILE B 163 30.02 2.73 -52.99
CA ILE B 163 30.56 2.29 -54.28
C ILE B 163 31.90 2.99 -54.46
N LEU B 164 32.96 2.20 -54.60
CA LEU B 164 34.31 2.72 -54.81
C LEU B 164 34.41 3.39 -56.18
N GLY B 165 35.07 4.54 -56.20
CA GLY B 165 35.16 5.34 -57.41
C GLY B 165 34.01 6.30 -57.66
N LYS B 166 32.87 6.07 -57.01
CA LYS B 166 31.66 6.85 -57.34
C LYS B 166 30.99 7.64 -56.20
N THR B 167 30.56 6.97 -55.13
CA THR B 167 29.81 7.66 -54.06
C THR B 167 30.69 8.56 -53.20
N GLU B 168 30.26 9.82 -53.10
CA GLU B 168 30.92 10.84 -52.32
C GLU B 168 30.64 10.61 -50.85
N ILE B 169 31.71 10.63 -50.05
CA ILE B 169 31.61 10.38 -48.63
C ILE B 169 32.34 11.45 -47.84
N ARG B 170 31.96 11.64 -46.58
CA ARG B 170 32.82 12.39 -45.66
C ARG B 170 33.47 11.47 -44.60
N ILE B 171 34.60 11.94 -44.05
CA ILE B 171 35.41 11.15 -43.12
C ILE B 171 35.50 11.84 -41.78
N LYS B 172 34.94 11.17 -40.76
CA LYS B 172 34.82 11.73 -39.41
C LYS B 172 35.76 10.99 -38.46
N HIS B 173 36.47 11.76 -37.64
CA HIS B 173 37.27 11.18 -36.55
C HIS B 173 36.28 10.70 -35.51
N ALA B 174 36.30 9.39 -35.25
CA ALA B 174 35.33 8.74 -34.34
C ALA B 174 35.33 9.35 -32.96
N GLU B 175 36.52 9.46 -32.36
CA GLU B 175 36.66 9.92 -31.00
C GLU B 175 36.42 11.42 -30.85
N ARG B 176 36.96 12.22 -31.77
CA ARG B 176 36.91 13.68 -31.67
C ARG B 176 35.67 14.29 -32.30
N LYS B 177 34.91 13.50 -33.07
CA LYS B 177 33.68 13.98 -33.73
C LYS B 177 33.90 15.22 -34.61
N GLU B 178 35.06 15.30 -35.25
CA GLU B 178 35.38 16.34 -36.24
C GLU B 178 35.69 15.67 -37.57
N TYR B 179 35.55 16.43 -38.66
CA TYR B 179 35.74 15.89 -40.00
C TYR B 179 37.15 16.15 -40.51
N MET B 180 37.62 15.26 -41.38
CA MET B 180 38.86 15.50 -42.09
C MET B 180 38.60 16.57 -43.15
N THR B 181 39.31 17.69 -43.02
CA THR B 181 39.23 18.77 -43.99
C THR B 181 40.59 18.96 -44.68
N VAL B 182 40.59 19.69 -45.78
CA VAL B 182 41.82 20.00 -46.50
C VAL B 182 42.13 21.48 -46.39
N VAL B 183 43.33 21.75 -45.86
CA VAL B 183 43.86 23.12 -45.79
C VAL B 183 45.19 23.22 -46.57
N SER B 184 45.81 24.40 -46.56
CA SER B 184 47.11 24.60 -47.21
C SER B 184 48.26 24.73 -46.20
N ARG B 185 49.18 23.78 -46.27
CA ARG B 185 50.40 23.77 -45.47
C ARG B 185 51.55 23.67 -46.43
N LYS B 186 52.52 24.56 -46.26
CA LYS B 186 53.74 24.65 -47.11
C LYS B 186 53.42 24.59 -48.61
N SER B 187 52.40 25.36 -49.00
CA SER B 187 51.87 25.42 -50.37
C SER B 187 51.46 24.08 -50.99
N TRP B 188 51.16 23.12 -50.11
CA TRP B 188 50.58 21.82 -50.49
C TRP B 188 49.19 21.62 -49.86
N PRO B 189 48.30 20.80 -50.50
CA PRO B 189 47.07 20.45 -49.81
C PRO B 189 47.39 19.49 -48.66
N ALA B 190 47.00 19.88 -47.44
CA ALA B 190 47.22 19.08 -46.25
C ALA B 190 45.92 18.75 -45.53
N ALA B 191 45.90 17.58 -44.90
CA ALA B 191 44.76 17.16 -44.10
C ALA B 191 44.82 17.74 -42.69
N THR B 192 43.70 18.30 -42.27
CA THR B 192 43.52 18.73 -40.89
C THR B 192 42.08 18.38 -40.42
N LEU B 193 41.88 18.31 -39.11
CA LEU B 193 40.55 18.14 -38.52
C LEU B 193 39.81 19.46 -38.37
N GLY B 194 38.49 19.41 -38.56
CA GLY B 194 37.65 20.60 -38.60
C GLY B 194 36.17 20.32 -38.52
N HIS B 195 35.38 21.39 -38.39
CA HIS B 195 33.92 21.29 -38.18
C HIS B 195 33.08 21.28 -39.46
N SER B 196 33.70 21.58 -40.59
CA SER B 196 32.99 21.71 -41.86
C SER B 196 32.40 20.41 -42.36
N LYS B 197 31.09 20.45 -42.65
CA LYS B 197 30.40 19.35 -43.34
C LYS B 197 30.54 19.48 -44.87
N LEU B 198 31.42 20.37 -45.30
CA LEU B 198 31.65 20.66 -46.72
C LEU B 198 32.74 19.84 -47.41
N PHE B 199 33.53 19.11 -46.64
CA PHE B 199 34.68 18.43 -47.23
C PHE B 199 34.36 16.99 -47.61
N LYS B 200 34.09 16.80 -48.91
CA LYS B 200 33.75 15.49 -49.48
C LYS B 200 35.00 14.77 -50.05
N PHE B 201 34.90 13.43 -50.09
CA PHE B 201 35.96 12.55 -50.54
C PHE B 201 35.37 11.42 -51.38
N VAL B 202 36.21 10.72 -52.14
CA VAL B 202 35.81 9.46 -52.77
C VAL B 202 36.97 8.47 -52.69
N LEU B 203 36.62 7.22 -52.41
CA LEU B 203 37.59 6.16 -52.20
C LEU B 203 37.77 5.30 -53.43
N TYR B 204 39.02 4.92 -53.64
CA TYR B 204 39.40 4.06 -54.76
C TYR B 204 40.16 2.84 -54.25
N GLU B 205 40.00 1.71 -54.95
CA GLU B 205 40.86 0.53 -54.77
C GLU B 205 41.36 0.03 -56.12
N ASP B 206 42.68 -0.22 -56.18
CA ASP B 206 43.33 -0.93 -57.28
C ASP B 206 44.23 -2.01 -56.65
N TRP B 207 45.13 -2.60 -57.46
CA TRP B 207 46.01 -3.65 -56.95
C TRP B 207 47.05 -3.18 -55.92
N GLY B 208 47.27 -1.87 -55.82
CA GLY B 208 48.18 -1.28 -54.84
C GLY B 208 47.60 -1.04 -53.44
N GLY B 209 46.27 -1.08 -53.34
CA GLY B 209 45.56 -0.79 -52.08
C GLY B 209 44.46 0.24 -52.26
N PHE B 210 44.17 0.98 -51.19
CA PHE B 210 43.07 1.93 -51.15
C PHE B 210 43.58 3.35 -51.17
N ARG B 211 42.83 4.25 -51.81
CA ARG B 211 43.22 5.65 -51.93
C ARG B 211 42.10 6.60 -51.52
N ILE B 212 42.47 7.63 -50.74
CA ILE B 212 41.56 8.70 -50.32
C ILE B 212 41.73 9.89 -51.27
N LYS B 213 40.69 10.22 -52.02
CA LYS B 213 40.72 11.38 -52.92
C LYS B 213 39.80 12.49 -52.46
N THR B 214 40.37 13.65 -52.16
CA THR B 214 39.56 14.84 -51.84
C THR B 214 39.00 15.53 -53.08
N LEU B 215 37.86 16.17 -52.91
CA LEU B 215 37.22 16.92 -53.98
C LEU B 215 37.26 18.40 -53.69
N ASN B 216 38.03 18.79 -52.68
CA ASN B 216 38.08 20.17 -52.20
C ASN B 216 39.51 20.65 -52.06
N THR B 217 40.35 20.27 -53.01
CA THR B 217 41.75 20.71 -53.05
C THR B 217 41.85 22.12 -53.64
N MET B 218 42.79 22.91 -53.14
CA MET B 218 43.01 24.27 -53.65
C MET B 218 44.11 24.34 -54.70
N TYR B 219 44.80 23.21 -54.91
CA TYR B 219 45.79 23.06 -55.99
C TYR B 219 45.40 21.88 -56.91
N SER B 220 44.87 22.20 -58.09
CA SER B 220 44.34 21.21 -59.05
C SER B 220 45.28 20.04 -59.29
N GLY B 221 44.73 18.82 -59.25
CA GLY B 221 45.50 17.60 -59.50
C GLY B 221 46.15 16.97 -58.28
N TYR B 222 46.34 17.77 -57.23
CA TYR B 222 46.91 17.35 -55.94
C TYR B 222 45.80 16.93 -54.98
N GLU B 223 45.37 15.67 -55.11
CA GLU B 223 44.08 15.20 -54.61
C GLU B 223 44.07 13.87 -53.82
N TYR B 224 45.15 13.09 -53.91
CA TYR B 224 45.20 11.79 -53.25
C TYR B 224 46.05 11.82 -51.97
N ALA B 225 45.50 11.26 -50.89
CA ALA B 225 46.11 11.34 -49.57
C ALA B 225 47.38 10.51 -49.52
N TYR B 226 48.45 11.11 -49.00
CA TYR B 226 49.72 10.42 -48.82
C TYR B 226 50.49 10.88 -47.58
N SER B 227 51.43 10.05 -47.14
CA SER B 227 52.24 10.37 -45.97
C SER B 227 53.59 10.93 -46.39
N SER B 228 53.93 12.09 -45.83
CA SER B 228 55.24 12.69 -45.97
C SER B 228 56.26 11.89 -45.17
N ASP B 229 57.55 12.14 -45.41
CA ASP B 229 58.63 11.45 -44.69
C ASP B 229 58.73 11.81 -43.20
N GLN B 230 57.98 12.84 -42.78
CA GLN B 230 57.88 13.22 -41.36
C GLN B 230 56.57 12.84 -40.66
N GLY B 231 55.59 12.36 -41.43
CA GLY B 231 54.35 11.84 -40.84
C GLY B 231 53.06 12.50 -41.28
N GLY B 232 53.12 13.81 -41.54
CA GLY B 232 51.97 14.63 -41.96
C GLY B 232 51.26 14.15 -43.23
N ILE B 233 49.97 14.43 -43.30
CA ILE B 233 49.16 13.99 -44.41
C ILE B 233 49.01 15.11 -45.43
N TYR B 234 49.45 14.82 -46.64
CA TYR B 234 49.30 15.72 -47.76
C TYR B 234 48.52 15.07 -48.89
N PHE B 235 48.22 15.86 -49.92
CA PHE B 235 47.51 15.37 -51.08
C PHE B 235 48.33 15.58 -52.36
N ASP B 236 48.61 14.47 -53.04
CA ASP B 236 49.48 14.41 -54.20
C ASP B 236 48.70 14.13 -55.49
N GLN B 237 49.38 14.29 -56.62
CA GLN B 237 48.94 13.72 -57.89
C GLN B 237 48.91 12.20 -57.78
N GLY B 238 47.99 11.59 -58.53
CA GLY B 238 47.88 10.13 -58.61
C GLY B 238 49.07 9.47 -59.28
N THR B 239 49.94 8.87 -58.46
CA THR B 239 51.09 8.11 -58.95
C THR B 239 50.90 6.61 -58.62
N ASP B 240 51.96 5.82 -58.78
CA ASP B 240 51.97 4.42 -58.36
C ASP B 240 52.49 4.26 -56.94
N ASN B 241 53.06 5.35 -56.40
CA ASN B 241 53.66 5.41 -55.07
C ASN B 241 52.80 4.72 -54.00
N PRO B 242 53.36 3.69 -53.33
CA PRO B 242 52.67 3.05 -52.19
C PRO B 242 52.37 3.99 -51.00
N LYS B 243 53.05 5.13 -50.94
CA LYS B 243 52.79 6.15 -49.91
C LYS B 243 51.40 6.82 -50.02
N GLN B 244 50.78 6.79 -51.19
CA GLN B 244 49.38 7.27 -51.37
C GLN B 244 48.33 6.16 -51.40
N ARG B 245 48.74 4.95 -50.98
CA ARG B 245 47.85 3.80 -50.83
C ARG B 245 47.72 3.38 -49.38
N TRP B 246 46.56 2.81 -49.05
CA TRP B 246 46.20 2.47 -47.67
C TRP B 246 45.51 1.11 -47.58
N ALA B 247 45.74 0.42 -46.46
CA ALA B 247 45.06 -0.83 -46.14
C ALA B 247 43.94 -0.56 -45.13
N ILE B 248 42.73 -1.06 -45.43
CA ILE B 248 41.58 -0.94 -44.51
C ILE B 248 41.49 -2.13 -43.52
N ASN B 249 40.57 -2.02 -42.56
CA ASN B 249 40.36 -3.03 -41.49
C ASN B 249 39.23 -4.02 -41.75
N LYS B 250 38.24 -3.59 -42.55
CA LYS B 250 37.03 -4.32 -42.83
C LYS B 250 37.14 -5.10 -44.16
N SER B 251 36.32 -6.12 -44.33
CA SER B 251 36.11 -6.70 -45.66
C SER B 251 35.10 -5.88 -46.46
N LEU B 252 35.26 -5.86 -47.79
CA LEU B 252 34.32 -5.14 -48.67
C LEU B 252 32.94 -5.80 -48.69
N PRO B 253 31.85 -5.02 -48.88
CA PRO B 253 31.77 -3.58 -49.18
C PRO B 253 31.85 -2.66 -47.94
N LEU B 254 32.21 -1.41 -48.19
CA LEU B 254 32.13 -0.35 -47.20
C LEU B 254 30.73 0.23 -47.27
N ARG B 255 30.21 0.60 -46.11
CA ARG B 255 28.83 1.10 -46.00
C ARG B 255 28.78 2.34 -45.12
N HIS B 256 27.81 3.21 -45.36
CA HIS B 256 27.55 4.35 -44.47
C HIS B 256 27.63 3.94 -43.00
N GLY B 257 28.28 4.77 -42.21
CA GLY B 257 28.43 4.51 -40.78
C GLY B 257 29.53 3.53 -40.37
N ASP B 258 30.22 2.94 -41.35
CA ASP B 258 31.31 1.99 -41.07
C ASP B 258 32.47 2.64 -40.34
N VAL B 259 32.90 1.96 -39.28
CA VAL B 259 34.09 2.34 -38.53
C VAL B 259 35.30 1.69 -39.20
N VAL B 260 36.23 2.53 -39.66
CA VAL B 260 37.41 2.08 -40.41
C VAL B 260 38.76 2.50 -39.84
N THR B 261 39.76 1.72 -40.22
CA THR B 261 41.15 2.02 -40.01
C THR B 261 41.84 2.31 -41.36
N PHE B 262 42.78 3.24 -41.37
CA PHE B 262 43.69 3.42 -42.54
C PHE B 262 45.16 3.22 -42.16
N MET B 263 45.73 2.08 -42.57
CA MET B 263 47.16 1.76 -42.40
C MET B 263 47.92 2.07 -43.69
N ASN B 264 49.10 2.68 -43.59
CA ASN B 264 49.87 3.04 -44.79
C ASN B 264 50.51 1.86 -45.50
N LYS B 265 50.33 1.81 -46.82
CA LYS B 265 50.84 0.71 -47.64
C LYS B 265 52.36 0.68 -47.71
N TYR B 266 52.98 1.87 -47.71
CA TYR B 266 54.43 2.00 -47.66
C TYR B 266 54.98 1.86 -46.23
N PHE B 267 54.67 2.83 -45.35
CA PHE B 267 55.07 2.78 -43.93
C PHE B 267 54.11 1.86 -43.16
N THR B 268 54.42 0.56 -43.14
CA THR B 268 53.46 -0.46 -42.70
C THR B 268 53.12 -0.44 -41.21
N ARG B 269 54.06 0.03 -40.37
CA ARG B 269 53.88 0.13 -38.92
C ARG B 269 52.96 1.32 -38.52
N SER B 270 52.74 2.26 -39.45
CA SER B 270 52.01 3.50 -39.16
C SER B 270 50.59 3.59 -39.77
N GLY B 271 49.72 4.31 -39.07
CA GLY B 271 48.32 4.49 -39.48
C GLY B 271 47.81 5.91 -39.34
N LEU B 272 46.66 6.16 -39.95
CA LEU B 272 46.06 7.48 -40.04
C LEU B 272 45.45 7.89 -38.72
N CYS B 273 45.92 9.02 -38.17
CA CYS B 273 45.58 9.40 -36.80
C CYS B 273 45.57 10.92 -36.55
N TYR B 274 45.07 11.31 -35.36
CA TYR B 274 45.18 12.66 -34.82
C TYR B 274 46.43 12.80 -33.95
N ASP B 275 47.13 13.93 -34.13
CA ASP B 275 48.18 14.40 -33.20
C ASP B 275 48.22 15.92 -33.35
N ASP B 276 48.44 16.64 -32.26
CA ASP B 276 48.54 18.11 -32.33
C ASP B 276 49.91 18.59 -32.87
N GLY B 277 49.98 18.76 -34.19
CA GLY B 277 51.23 19.13 -34.88
C GLY B 277 51.39 20.63 -35.02
N PRO B 278 52.50 21.08 -35.68
CA PRO B 278 52.86 22.52 -35.76
C PRO B 278 51.76 23.39 -36.37
N ALA B 279 51.11 22.91 -37.43
CA ALA B 279 50.07 23.69 -38.08
C ALA B 279 48.85 22.87 -38.51
N THR B 280 49.03 21.58 -38.69
CA THR B 280 47.91 20.68 -38.99
C THR B 280 47.88 19.55 -37.96
N ASN B 281 46.81 18.76 -37.94
CA ASN B 281 46.65 17.70 -36.93
C ASN B 281 46.23 16.29 -37.40
N VAL B 282 46.29 16.04 -38.71
CA VAL B 282 46.07 14.71 -39.26
C VAL B 282 47.40 14.09 -39.73
N TYR B 283 47.81 13.01 -39.07
CA TYR B 283 49.13 12.39 -39.29
C TYR B 283 49.07 10.90 -39.63
N CYS B 284 50.26 10.35 -39.88
CA CYS B 284 50.46 8.95 -40.16
C CYS B 284 51.69 8.56 -39.36
N LEU B 285 51.47 7.99 -38.18
CA LEU B 285 52.54 7.76 -37.20
C LEU B 285 52.61 6.33 -36.72
N ASP B 286 53.83 5.91 -36.39
CA ASP B 286 54.12 4.53 -35.95
C ASP B 286 53.33 4.15 -34.71
N LYS B 287 52.74 2.94 -34.75
CA LYS B 287 51.97 2.33 -33.65
C LYS B 287 50.58 2.94 -33.40
N ARG B 288 50.28 4.03 -34.09
CA ARG B 288 48.99 4.70 -33.99
C ARG B 288 48.04 4.35 -35.16
N GLU B 289 46.83 3.90 -34.84
CA GLU B 289 45.76 3.79 -35.85
C GLU B 289 44.40 4.23 -35.29
N ASP B 290 44.03 5.47 -35.60
CA ASP B 290 42.76 6.05 -35.12
C ASP B 290 41.58 5.53 -35.92
N LYS B 291 40.43 5.50 -35.24
CA LYS B 291 39.18 5.02 -35.79
C LYS B 291 38.49 6.15 -36.58
N TRP B 292 38.00 5.84 -37.78
CA TRP B 292 37.27 6.84 -38.59
C TRP B 292 35.88 6.36 -38.98
N ILE B 293 34.91 7.26 -38.96
CA ILE B 293 33.54 6.97 -39.38
C ILE B 293 33.32 7.55 -40.77
N LEU B 294 32.85 6.71 -41.68
CA LEU B 294 32.63 7.11 -43.06
C LEU B 294 31.16 7.37 -43.34
N GLU B 295 30.84 8.58 -43.79
CA GLU B 295 29.44 9.01 -43.99
C GLU B 295 29.12 9.33 -45.44
N VAL B 296 28.09 8.69 -45.98
CA VAL B 296 27.62 8.93 -47.34
C VAL B 296 26.84 10.25 -47.37
N VAL B 297 27.24 11.16 -48.25
CA VAL B 297 26.53 12.46 -48.36
C VAL B 297 25.17 12.29 -49.04
N GLY B 298 24.23 13.17 -48.65
CA GLY B 298 22.81 13.19 -49.08
C GLY B 298 22.34 12.32 -50.23
N GLY C 9 22.90 -29.12 -35.62
CA GLY C 9 24.27 -29.29 -36.19
C GLY C 9 25.35 -28.59 -35.36
N TYR C 10 25.39 -28.92 -34.06
CA TYR C 10 26.38 -28.41 -33.09
C TYR C 10 26.73 -29.49 -32.04
N GLU C 11 28.00 -29.58 -31.65
CA GLU C 11 28.43 -30.60 -30.66
C GLU C 11 28.36 -30.16 -29.17
N GLN C 12 27.98 -31.10 -28.32
CA GLN C 12 28.01 -30.95 -26.86
C GLN C 12 28.84 -32.07 -26.26
N ILE C 13 29.69 -31.72 -25.30
CA ILE C 13 30.51 -32.70 -24.58
C ILE C 13 30.07 -32.79 -23.11
N GLU C 14 29.96 -34.01 -22.61
CA GLU C 14 29.59 -34.28 -21.23
C GLU C 14 30.82 -34.26 -20.35
N VAL C 15 30.79 -33.45 -19.30
CA VAL C 15 31.93 -33.34 -18.39
C VAL C 15 31.45 -33.23 -16.95
N ASP C 16 32.37 -33.36 -15.99
CA ASP C 16 31.99 -33.00 -14.62
C ASP C 16 32.51 -31.66 -14.15
N VAL C 17 31.63 -30.97 -13.40
CA VAL C 17 31.97 -29.76 -12.66
C VAL C 17 32.33 -30.15 -11.25
N VAL C 18 33.45 -29.61 -10.79
CA VAL C 18 33.91 -29.89 -9.44
C VAL C 18 34.00 -28.56 -8.71
N ALA C 19 33.18 -28.42 -7.67
CA ALA C 19 33.11 -27.19 -6.87
C ALA C 19 33.78 -27.36 -5.50
N VAL C 20 34.56 -26.35 -5.08
CA VAL C 20 35.33 -26.41 -3.83
C VAL C 20 34.94 -25.24 -2.91
N TRP C 21 34.60 -25.58 -1.68
CA TRP C 21 34.26 -24.65 -0.59
C TRP C 21 35.24 -23.50 -0.47
N LYS C 22 34.71 -22.29 -0.30
CA LYS C 22 35.50 -21.09 -0.20
C LYS C 22 35.19 -20.29 1.06
N GLU C 23 33.90 -20.22 1.40
CA GLU C 23 33.41 -19.36 2.48
C GLU C 23 32.01 -19.81 2.90
N GLY C 24 31.67 -19.59 4.16
CA GLY C 24 30.39 -20.05 4.70
C GLY C 24 29.83 -19.18 5.79
N TYR C 25 28.53 -19.30 6.02
CA TYR C 25 27.86 -18.47 7.02
C TYR C 25 26.67 -19.23 7.63
N VAL C 26 26.55 -19.19 8.95
CA VAL C 26 25.43 -19.86 9.65
C VAL C 26 24.74 -18.93 10.65
N TYR C 27 23.43 -18.81 10.50
CA TYR C 27 22.63 -17.94 11.34
C TYR C 27 21.48 -18.75 11.95
N GLU C 28 21.28 -18.58 13.26
CA GLU C 28 20.18 -19.22 13.97
C GLU C 28 19.24 -18.16 14.51
N ASN C 29 17.94 -18.35 14.27
CA ASN C 29 16.90 -17.51 14.83
C ASN C 29 16.20 -18.34 15.90
N ARG C 30 16.58 -18.13 17.17
CA ARG C 30 16.08 -18.96 18.28
C ARG C 30 14.76 -18.49 18.86
N GLY C 31 14.46 -17.21 18.66
CA GLY C 31 13.23 -16.59 19.16
C GLY C 31 11.95 -17.08 18.48
N SER C 32 10.82 -16.48 18.84
CA SER C 32 9.55 -16.88 18.28
C SER C 32 8.88 -15.83 17.37
N THR C 33 9.62 -14.79 17.02
CA THR C 33 9.29 -13.94 15.86
C THR C 33 10.25 -14.28 14.74
N SER C 34 9.88 -13.99 13.50
CA SER C 34 10.77 -14.24 12.39
C SER C 34 11.65 -13.02 12.11
N VAL C 35 12.70 -13.21 11.31
CA VAL C 35 13.61 -12.12 10.94
C VAL C 35 13.73 -11.99 9.43
N ASP C 36 13.93 -10.75 8.97
CA ASP C 36 14.17 -10.48 7.56
C ASP C 36 15.65 -10.22 7.38
N GLN C 37 16.29 -11.16 6.68
CA GLN C 37 17.73 -11.15 6.46
C GLN C 37 18.05 -10.77 5.03
N LYS C 38 19.04 -9.90 4.89
CA LYS C 38 19.51 -9.46 3.59
C LYS C 38 21.05 -9.53 3.52
N ILE C 39 21.57 -10.50 2.77
CA ILE C 39 23.01 -10.60 2.48
C ILE C 39 23.27 -9.97 1.13
N THR C 40 24.33 -9.18 1.07
CA THR C 40 24.63 -8.35 -0.07
C THR C 40 26.17 -8.29 -0.28
N ILE C 41 26.61 -8.87 -1.40
CA ILE C 41 28.05 -9.04 -1.75
C ILE C 41 28.48 -8.26 -3.00
N THR C 42 29.67 -7.66 -2.93
CA THR C 42 30.14 -6.71 -3.93
C THR C 42 31.59 -7.04 -4.32
N LYS C 43 31.85 -7.00 -5.62
CA LYS C 43 33.17 -7.15 -6.22
C LYS C 43 33.29 -6.07 -7.28
N GLY C 44 34.41 -5.34 -7.29
CA GLY C 44 34.66 -4.36 -8.33
C GLY C 44 36.11 -4.02 -8.62
N MET C 45 36.34 -3.39 -9.78
CA MET C 45 37.67 -2.93 -10.20
C MET C 45 37.63 -1.47 -10.69
N LYS C 46 38.71 -0.73 -10.45
CA LYS C 46 39.00 0.57 -11.06
C LYS C 46 40.39 0.54 -11.67
N ASN C 47 40.51 0.89 -12.96
CA ASN C 47 41.82 1.12 -13.61
C ASN C 47 41.99 2.59 -13.96
N VAL C 48 43.09 3.20 -13.50
CA VAL C 48 43.40 4.59 -13.82
C VAL C 48 44.76 4.71 -14.51
N ASN C 49 44.82 5.52 -15.58
CA ASN C 49 46.09 5.87 -16.29
C ASN C 49 46.30 7.38 -16.41
N SER C 50 47.50 7.85 -16.05
CA SER C 50 47.91 9.26 -16.13
C SER C 50 49.11 9.48 -17.05
N GLU C 51 49.09 10.61 -17.74
CA GLU C 51 50.21 11.12 -18.51
C GLU C 51 50.31 12.58 -18.16
N THR C 52 51.35 12.93 -17.41
CA THR C 52 51.60 14.33 -17.06
C THR C 52 52.89 14.82 -17.69
N ARG C 53 52.77 15.91 -18.44
CA ARG C 53 53.85 16.46 -19.24
C ARG C 53 54.09 17.90 -18.80
N THR C 54 55.27 18.14 -18.23
CA THR C 54 55.67 19.47 -17.76
C THR C 54 56.82 20.02 -18.62
N VAL C 55 56.67 21.25 -19.06
CA VAL C 55 57.69 21.99 -19.82
C VAL C 55 57.94 23.27 -19.03
N THR C 56 59.18 23.43 -18.56
CA THR C 56 59.49 24.53 -17.64
C THR C 56 60.82 25.31 -17.95
N ALA C 57 60.68 26.61 -18.18
CA ALA C 57 61.78 27.47 -18.64
C ALA C 57 62.10 28.63 -17.70
N THR C 58 63.39 28.81 -17.44
CA THR C 58 63.87 29.80 -16.47
C THR C 58 64.96 30.71 -17.06
N HIS C 59 64.87 31.99 -16.73
CA HIS C 59 65.80 33.06 -17.17
C HIS C 59 66.33 33.78 -15.93
N SER C 60 67.65 33.88 -15.77
CA SER C 60 68.24 34.59 -14.64
C SER C 60 69.28 35.61 -15.07
N ILE C 61 69.13 36.84 -14.59
CA ILE C 61 70.15 37.89 -14.75
C ILE C 61 70.64 38.29 -13.36
N GLY C 62 71.95 38.18 -13.14
CA GLY C 62 72.57 38.59 -11.86
C GLY C 62 73.78 39.48 -12.03
N SER C 63 74.20 40.12 -10.95
CA SER C 63 75.43 40.92 -10.94
C SER C 63 75.97 41.23 -9.53
N THR C 64 77.27 41.51 -9.43
CA THR C 64 77.90 42.02 -8.21
C THR C 64 78.80 43.22 -8.45
N ILE C 65 78.60 44.27 -7.64
CA ILE C 65 79.53 45.37 -7.50
C ILE C 65 80.25 45.16 -6.16
N SER C 66 81.58 45.20 -6.18
CA SER C 66 82.41 45.14 -4.96
C SER C 66 83.66 46.02 -5.06
N THR C 67 84.45 46.03 -3.99
CA THR C 67 85.71 46.76 -3.96
C THR C 67 86.93 45.87 -3.65
N GLY C 68 87.94 45.93 -4.51
CA GLY C 68 89.21 45.24 -4.26
C GLY C 68 90.05 46.01 -3.27
N ASP C 69 91.35 46.10 -3.55
CA ASP C 69 92.34 46.72 -2.67
C ASP C 69 91.98 48.16 -2.28
N GLY C 74 87.70 47.70 5.55
CA GLY C 74 86.55 47.95 4.70
C GLY C 74 86.51 47.15 3.41
N SER C 75 85.38 46.47 3.18
CA SER C 75 85.04 45.83 1.90
C SER C 75 83.53 45.61 1.82
N VAL C 76 82.91 46.23 0.81
CA VAL C 76 81.48 46.17 0.54
C VAL C 76 81.20 45.40 -0.75
N GLU C 77 80.30 44.42 -0.70
CA GLU C 77 79.69 43.83 -1.89
C GLU C 77 78.23 44.24 -1.96
N VAL C 78 77.74 44.49 -3.17
CA VAL C 78 76.31 44.72 -3.45
C VAL C 78 75.88 43.78 -4.59
N SER C 79 74.83 42.98 -4.32
CA SER C 79 74.31 41.97 -5.25
C SER C 79 72.86 42.26 -5.69
N TYR C 80 72.59 42.11 -6.99
CA TYR C 80 71.22 42.12 -7.50
C TYR C 80 71.01 40.96 -8.48
N SER C 81 69.87 40.27 -8.35
CA SER C 81 69.44 39.26 -9.31
C SER C 81 67.93 39.24 -9.56
N HIS C 82 67.56 38.87 -10.79
CA HIS C 82 66.18 38.76 -11.22
C HIS C 82 65.97 37.42 -11.96
N SER C 83 64.88 36.71 -11.63
CA SER C 83 64.51 35.49 -12.38
C SER C 83 63.03 35.39 -12.76
N HIS C 84 62.79 34.89 -13.98
CA HIS C 84 61.47 34.74 -14.58
C HIS C 84 61.27 33.28 -14.97
N GLN C 85 60.31 32.63 -14.32
CA GLN C 85 60.03 31.21 -14.52
C GLN C 85 58.64 31.00 -15.14
N LYS C 86 58.60 30.25 -16.25
CA LYS C 86 57.35 29.92 -16.91
C LYS C 86 57.23 28.39 -16.97
N SER C 87 56.16 27.88 -16.35
CA SER C 87 55.90 26.44 -16.26
C SER C 87 54.56 26.06 -16.88
N GLN C 88 54.53 24.93 -17.59
CA GLN C 88 53.33 24.50 -18.32
C GLN C 88 53.09 23.00 -18.15
N VAL C 89 52.06 22.67 -17.40
CA VAL C 89 51.70 21.28 -17.05
C VAL C 89 50.46 20.81 -17.82
N SER C 90 50.59 19.73 -18.58
CA SER C 90 49.48 19.11 -19.31
C SER C 90 49.19 17.70 -18.82
N MET C 91 47.95 17.46 -18.40
CA MET C 91 47.62 16.20 -17.76
C MET C 91 46.43 15.48 -18.39
N THR C 92 46.56 14.17 -18.57
CA THR C 92 45.53 13.33 -19.18
C THR C 92 45.33 12.12 -18.30
N GLN C 93 44.10 11.96 -17.82
CA GLN C 93 43.70 10.88 -16.92
C GLN C 93 42.54 10.13 -17.51
N THR C 94 42.64 8.81 -17.54
CA THR C 94 41.49 8.01 -17.95
C THR C 94 41.20 6.88 -16.97
N GLU C 95 39.93 6.78 -16.60
CA GLU C 95 39.40 5.88 -15.58
C GLU C 95 38.43 4.90 -16.25
N VAL C 96 38.59 3.61 -15.98
CA VAL C 96 37.56 2.61 -16.32
C VAL C 96 37.24 1.79 -15.10
N TYR C 97 35.95 1.61 -14.81
CA TYR C 97 35.50 0.89 -13.62
C TYR C 97 34.34 -0.05 -13.85
N SER C 98 34.30 -1.13 -13.06
CA SER C 98 33.19 -2.09 -13.08
C SER C 98 32.94 -2.69 -11.71
N SER C 99 31.83 -3.43 -11.60
CA SER C 99 31.10 -3.57 -10.36
C SER C 99 30.06 -4.64 -10.52
N LYS C 100 30.06 -5.61 -9.62
CA LYS C 100 29.01 -6.64 -9.59
C LYS C 100 28.49 -6.76 -8.16
N VAL C 101 27.19 -6.52 -7.96
CA VAL C 101 26.56 -6.61 -6.63
C VAL C 101 25.45 -7.66 -6.66
N ILE C 102 25.52 -8.62 -5.73
CA ILE C 102 24.51 -9.67 -5.62
C ILE C 102 23.81 -9.54 -4.26
N GLU C 103 22.49 -9.41 -4.32
CA GLU C 103 21.65 -9.10 -3.16
C GLU C 103 20.54 -10.15 -2.94
N HIS C 104 20.53 -10.75 -1.75
CA HIS C 104 19.55 -11.78 -1.39
C HIS C 104 18.75 -11.46 -0.13
N THR C 105 17.43 -11.33 -0.29
CA THR C 105 16.53 -11.13 0.84
C THR C 105 15.70 -12.37 1.11
N ILE C 106 15.58 -12.71 2.40
CA ILE C 106 14.88 -13.91 2.83
C ILE C 106 14.19 -13.65 4.17
N THR C 107 13.08 -14.36 4.43
CA THR C 107 12.49 -14.42 5.77
C THR C 107 12.80 -15.76 6.45
N ILE C 108 13.71 -15.71 7.43
CA ILE C 108 13.94 -16.83 8.33
C ILE C 108 12.82 -16.89 9.38
N PRO C 109 12.02 -17.97 9.36
CA PRO C 109 10.97 -18.20 10.36
C PRO C 109 11.59 -18.52 11.73
N PRO C 110 10.82 -18.40 12.84
CA PRO C 110 11.36 -18.68 14.19
C PRO C 110 11.86 -20.12 14.34
N THR C 111 12.68 -20.36 15.35
CA THR C 111 13.35 -21.66 15.56
C THR C 111 13.88 -22.32 14.26
N SER C 112 14.52 -21.51 13.42
CA SER C 112 15.10 -21.98 12.16
C SER C 112 16.51 -21.45 12.01
N LYS C 113 17.32 -22.18 11.27
CA LYS C 113 18.65 -21.70 10.92
C LYS C 113 18.78 -21.57 9.41
N PHE C 114 19.59 -20.59 9.02
CA PHE C 114 19.89 -20.33 7.63
C PHE C 114 21.37 -20.62 7.48
N THR C 115 21.72 -21.27 6.37
CA THR C 115 23.12 -21.54 6.05
C THR C 115 23.42 -21.21 4.58
N ARG C 116 24.55 -20.55 4.38
CA ARG C 116 25.07 -20.15 3.08
C ARG C 116 26.47 -20.79 2.91
N TRP C 117 26.65 -21.53 1.81
CA TRP C 117 27.96 -22.04 1.41
C TRP C 117 28.31 -21.48 0.06
N GLN C 118 29.52 -20.94 -0.06
CA GLN C 118 30.00 -20.43 -1.32
C GLN C 118 31.20 -21.25 -1.77
N LEU C 119 31.10 -21.79 -2.96
CA LEU C 119 32.13 -22.63 -3.53
C LEU C 119 32.49 -22.07 -4.89
N ASN C 120 33.69 -22.43 -5.34
CA ASN C 120 34.14 -22.11 -6.68
C ASN C 120 34.02 -23.37 -7.55
N ALA C 121 33.17 -23.30 -8.57
CA ALA C 121 32.93 -24.43 -9.47
C ALA C 121 33.90 -24.38 -10.61
N ASP C 122 34.60 -25.48 -10.83
CA ASP C 122 35.54 -25.62 -11.94
C ASP C 122 34.97 -26.60 -12.97
N VAL C 123 34.70 -26.10 -14.17
CA VAL C 123 34.13 -26.93 -15.21
C VAL C 123 35.27 -27.69 -15.89
N GLY C 124 35.27 -29.02 -15.75
CA GLY C 124 36.33 -29.90 -16.25
C GLY C 124 36.61 -29.75 -17.74
N GLY C 125 37.89 -29.58 -18.10
CA GLY C 125 38.30 -29.52 -19.50
C GLY C 125 37.95 -28.26 -20.26
N ALA C 126 36.74 -27.72 -20.02
CA ALA C 126 36.27 -26.48 -20.64
C ALA C 126 37.14 -25.27 -20.33
N GLY C 127 37.82 -25.31 -19.18
CA GLY C 127 38.69 -24.23 -18.74
C GLY C 127 37.90 -22.97 -18.41
N ILE C 128 36.73 -23.15 -17.80
CA ILE C 128 35.91 -22.04 -17.29
C ILE C 128 35.43 -22.36 -15.88
N GLU C 129 35.11 -21.32 -15.11
CA GLU C 129 34.66 -21.51 -13.75
C GLU C 129 33.56 -20.52 -13.34
N TYR C 130 32.84 -20.86 -12.28
CA TYR C 130 31.79 -19.99 -11.77
C TYR C 130 31.60 -20.02 -10.26
N MET C 131 30.91 -19.01 -9.75
CA MET C 131 30.51 -18.93 -8.36
C MET C 131 29.25 -19.74 -8.13
N TYR C 132 29.24 -20.52 -7.04
CA TYR C 132 28.18 -21.45 -6.73
C TYR C 132 27.78 -21.19 -5.29
N LEU C 133 26.55 -20.71 -5.12
CA LEU C 133 26.03 -20.34 -3.82
C LEU C 133 24.90 -21.26 -3.43
N ILE C 134 24.98 -21.79 -2.21
CA ILE C 134 23.98 -22.72 -1.67
C ILE C 134 23.36 -22.15 -0.39
N ASP C 135 22.14 -21.64 -0.53
CA ASP C 135 21.34 -21.16 0.60
C ASP C 135 20.30 -22.21 1.02
N GLU C 136 20.12 -22.37 2.33
CA GLU C 136 19.11 -23.29 2.87
C GLU C 136 18.61 -22.81 4.21
N VAL C 137 17.29 -22.86 4.38
CA VAL C 137 16.69 -22.72 5.71
C VAL C 137 16.08 -24.05 6.12
N THR C 138 16.38 -24.46 7.34
CA THR C 138 15.85 -25.69 7.96
C THR C 138 15.56 -25.43 9.44
N PRO C 139 14.75 -26.30 10.09
CA PRO C 139 14.60 -26.19 11.55
C PRO C 139 15.88 -26.51 12.31
N ILE C 140 16.04 -25.92 13.49
CA ILE C 140 17.21 -26.12 14.35
C ILE C 140 17.24 -27.56 14.89
N GLY C 141 18.43 -28.16 14.85
CA GLY C 141 18.61 -29.59 15.18
C GLY C 141 19.16 -30.35 13.98
N GLY C 142 19.30 -31.66 14.12
CA GLY C 142 19.98 -32.51 13.12
C GLY C 142 21.50 -32.35 13.22
N THR C 143 22.22 -33.00 12.31
CA THR C 143 23.65 -32.79 12.13
C THR C 143 23.81 -31.93 10.89
N GLN C 144 24.64 -30.89 11.02
CA GLN C 144 25.01 -30.00 9.94
C GLN C 144 25.63 -30.79 8.79
N SER C 145 25.28 -30.45 7.55
CA SER C 145 25.98 -31.02 6.41
C SER C 145 26.71 -29.92 5.62
N ILE C 146 28.04 -29.92 5.73
CA ILE C 146 28.91 -28.97 5.01
C ILE C 146 29.50 -29.59 3.75
N PRO C 147 29.31 -28.92 2.60
CA PRO C 147 29.94 -29.41 1.38
C PRO C 147 31.33 -28.79 1.07
N GLN C 148 32.41 -29.45 1.48
CA GLN C 148 33.78 -29.03 1.12
C GLN C 148 34.02 -29.13 -0.37
N VAL C 149 33.58 -30.22 -0.98
CA VAL C 149 33.74 -30.44 -2.42
C VAL C 149 32.54 -31.19 -3.01
N ILE C 150 31.83 -30.55 -3.94
CA ILE C 150 30.71 -31.19 -4.62
C ILE C 150 31.07 -31.29 -6.07
N THR C 151 30.68 -32.43 -6.63
CA THR C 151 31.14 -32.81 -7.94
C THR C 151 29.92 -33.43 -8.64
N SER C 152 29.75 -33.08 -9.91
CA SER C 152 28.44 -33.21 -10.59
C SER C 152 28.57 -33.07 -12.09
N ARG C 153 27.61 -33.61 -12.84
CA ARG C 153 27.68 -33.62 -14.31
C ARG C 153 27.13 -32.33 -14.94
N ALA C 154 27.66 -32.00 -16.10
CA ALA C 154 27.20 -30.88 -16.91
C ALA C 154 27.41 -31.20 -18.38
N LYS C 155 26.56 -30.64 -19.22
CA LYS C 155 26.68 -30.78 -20.66
C LYS C 155 27.06 -29.39 -21.21
N ILE C 156 28.22 -29.27 -21.87
CA ILE C 156 28.69 -27.98 -22.42
C ILE C 156 28.54 -27.86 -23.95
N ILE C 157 27.76 -26.88 -24.39
CA ILE C 157 27.64 -26.53 -25.81
C ILE C 157 28.89 -25.73 -26.20
N VAL C 158 29.71 -26.35 -27.05
CA VAL C 158 31.11 -25.92 -27.28
C VAL C 158 31.34 -25.33 -28.65
N GLY C 159 32.46 -24.61 -28.79
CA GLY C 159 32.85 -23.97 -30.03
C GLY C 159 33.14 -24.92 -31.17
N ARG C 160 32.92 -24.43 -32.39
CA ARG C 160 33.35 -25.07 -33.62
C ARG C 160 34.86 -25.36 -33.52
N GLN C 161 35.27 -26.54 -33.98
CA GLN C 161 36.63 -27.00 -33.73
C GLN C 161 37.63 -26.36 -34.68
N ILE C 162 38.72 -25.84 -34.13
CA ILE C 162 39.86 -25.44 -34.95
C ILE C 162 40.63 -26.71 -35.34
N ILE C 163 40.37 -27.18 -36.56
CA ILE C 163 41.10 -28.27 -37.21
C ILE C 163 42.52 -27.76 -37.47
N LEU C 164 43.49 -28.47 -36.89
CA LEU C 164 44.90 -28.12 -37.06
C LEU C 164 45.37 -28.32 -38.50
N GLY C 165 46.03 -27.29 -39.02
CA GLY C 165 46.53 -27.30 -40.39
C GLY C 165 45.50 -26.94 -41.45
N LYS C 166 44.23 -26.86 -41.06
CA LYS C 166 43.13 -26.59 -41.99
C LYS C 166 42.45 -25.25 -41.71
N THR C 167 41.77 -25.12 -40.56
CA THR C 167 40.85 -23.98 -40.31
C THR C 167 41.55 -22.65 -40.00
N GLU C 168 41.14 -21.61 -40.72
CA GLU C 168 41.73 -20.27 -40.64
C GLU C 168 41.16 -19.51 -39.46
N ILE C 169 42.06 -18.90 -38.70
CA ILE C 169 41.73 -18.23 -37.44
C ILE C 169 42.30 -16.82 -37.33
N ARG C 170 41.63 -15.96 -36.58
CA ARG C 170 42.20 -14.70 -36.13
C ARG C 170 42.70 -14.93 -34.71
N ILE C 171 43.73 -14.18 -34.33
CA ILE C 171 44.22 -14.21 -32.96
C ILE C 171 44.02 -12.83 -32.34
N LYS C 172 43.24 -12.78 -31.26
CA LYS C 172 42.93 -11.54 -30.54
C LYS C 172 43.56 -11.54 -29.15
N HIS C 173 44.19 -10.43 -28.80
CA HIS C 173 44.70 -10.23 -27.45
C HIS C 173 43.51 -9.99 -26.54
N ALA C 174 43.43 -10.81 -25.49
CA ALA C 174 42.25 -10.84 -24.62
C ALA C 174 42.03 -9.52 -23.92
N GLU C 175 43.05 -9.05 -23.20
CA GLU C 175 42.91 -7.83 -22.40
C GLU C 175 42.68 -6.57 -23.24
N ARG C 176 43.40 -6.42 -24.35
CA ARG C 176 43.34 -5.18 -25.11
C ARG C 176 42.39 -5.24 -26.31
N LYS C 177 41.74 -6.39 -26.48
CA LYS C 177 40.78 -6.65 -27.56
C LYS C 177 41.18 -6.11 -28.93
N GLU C 178 42.48 -6.22 -29.22
CA GLU C 178 43.06 -5.93 -30.54
C GLU C 178 43.62 -7.21 -31.13
N TYR C 179 43.67 -7.29 -32.45
CA TYR C 179 44.13 -8.51 -33.15
C TYR C 179 45.62 -8.49 -33.46
N MET C 180 46.20 -9.68 -33.56
CA MET C 180 47.57 -9.84 -34.04
C MET C 180 47.61 -9.62 -35.55
N THR C 181 48.41 -8.65 -35.96
CA THR C 181 48.59 -8.31 -37.37
C THR C 181 50.07 -8.47 -37.78
N VAL C 182 50.32 -8.45 -39.08
CA VAL C 182 51.66 -8.59 -39.61
C VAL C 182 52.05 -7.28 -40.32
N VAL C 183 53.11 -6.65 -39.82
CA VAL C 183 53.70 -5.48 -40.46
C VAL C 183 55.15 -5.75 -40.88
N SER C 184 55.80 -4.77 -41.51
CA SER C 184 57.22 -4.88 -41.85
C SER C 184 58.09 -4.06 -40.88
N ARG C 185 58.98 -4.76 -40.17
CA ARG C 185 60.04 -4.15 -39.36
C ARG C 185 61.38 -4.75 -39.80
N LYS C 186 62.37 -3.88 -40.02
CA LYS C 186 63.74 -4.27 -40.40
C LYS C 186 63.81 -5.22 -41.62
N SER C 187 62.90 -5.03 -42.58
CA SER C 187 62.77 -5.88 -43.79
C SER C 187 62.36 -7.35 -43.56
N TRP C 188 61.87 -7.65 -42.36
CA TRP C 188 61.25 -8.94 -42.03
C TRP C 188 59.75 -8.74 -41.75
N PRO C 189 58.93 -9.81 -41.90
CA PRO C 189 57.58 -9.69 -41.38
C PRO C 189 57.61 -9.77 -39.85
N ALA C 190 57.03 -8.76 -39.19
CA ALA C 190 56.93 -8.72 -37.72
C ALA C 190 55.47 -8.66 -37.23
N ALA C 191 55.24 -9.28 -36.08
CA ALA C 191 53.94 -9.28 -35.43
C ALA C 191 53.74 -8.01 -34.63
N THR C 192 52.52 -7.46 -34.75
CA THR C 192 52.08 -6.27 -33.99
C THR C 192 50.56 -6.31 -33.76
N LEU C 193 50.10 -5.59 -32.73
CA LEU C 193 48.68 -5.44 -32.46
C LEU C 193 47.99 -4.38 -33.34
N GLY C 194 46.71 -4.62 -33.64
CA GLY C 194 45.92 -3.71 -34.48
C GLY C 194 44.45 -4.05 -34.63
N HIS C 195 43.71 -3.15 -35.29
CA HIS C 195 42.24 -3.28 -35.35
C HIS C 195 41.70 -4.11 -36.51
N SER C 196 42.55 -4.44 -37.49
CA SER C 196 42.12 -5.11 -38.71
C SER C 196 41.63 -6.53 -38.45
N LYS C 197 40.42 -6.82 -38.93
CA LYS C 197 39.82 -8.16 -38.83
C LYS C 197 40.24 -9.06 -40.02
N LEU C 198 41.25 -8.58 -40.75
CA LEU C 198 41.66 -9.16 -42.02
C LEU C 198 42.90 -10.09 -41.96
N PHE C 199 43.59 -10.07 -40.83
CA PHE C 199 44.78 -10.89 -40.65
C PHE C 199 44.44 -12.28 -40.13
N LYS C 200 44.54 -13.24 -41.05
CA LYS C 200 44.25 -14.65 -40.78
C LYS C 200 45.54 -15.48 -40.54
N PHE C 201 45.37 -16.59 -39.81
CA PHE C 201 46.45 -17.48 -39.37
C PHE C 201 45.99 -18.93 -39.45
N VAL C 202 46.94 -19.86 -39.55
CA VAL C 202 46.63 -21.30 -39.42
C VAL C 202 47.56 -21.91 -38.38
N LEU C 203 47.04 -22.83 -37.59
CA LEU C 203 47.82 -23.48 -36.53
C LEU C 203 48.27 -24.89 -36.88
N TYR C 204 49.51 -25.20 -36.50
CA TYR C 204 50.12 -26.51 -36.77
C TYR C 204 50.73 -27.12 -35.52
N GLU C 205 50.62 -28.45 -35.40
CA GLU C 205 51.40 -29.22 -34.42
C GLU C 205 52.20 -30.35 -35.11
N ASP C 206 53.50 -30.41 -34.79
CA ASP C 206 54.37 -31.54 -35.09
C ASP C 206 55.11 -31.97 -33.81
N TRP C 207 56.16 -32.78 -33.97
CA TRP C 207 56.91 -33.30 -32.81
C TRP C 207 57.69 -32.22 -32.02
N GLY C 208 57.97 -31.09 -32.67
CA GLY C 208 58.67 -29.95 -32.05
C GLY C 208 57.82 -29.02 -31.20
N GLY C 209 56.50 -29.12 -31.37
CA GLY C 209 55.52 -28.26 -30.70
C GLY C 209 54.54 -27.64 -31.66
N PHE C 210 54.02 -26.45 -31.32
CA PHE C 210 53.00 -25.76 -32.12
C PHE C 210 53.59 -24.62 -32.92
N ARG C 211 53.02 -24.40 -34.12
CA ARG C 211 53.46 -23.34 -35.03
C ARG C 211 52.32 -22.41 -35.45
N ILE C 212 52.60 -21.10 -35.38
CA ILE C 212 51.67 -20.05 -35.87
C ILE C 212 52.11 -19.62 -37.27
N LYS C 213 51.27 -19.91 -38.27
CA LYS C 213 51.57 -19.53 -39.65
C LYS C 213 50.63 -18.42 -40.13
N THR C 214 51.19 -17.27 -40.48
CA THR C 214 50.42 -16.15 -41.05
C THR C 214 50.05 -16.40 -42.51
N LEU C 215 48.91 -15.83 -42.91
CA LEU C 215 48.47 -15.90 -44.30
C LEU C 215 48.55 -14.53 -44.96
N ASN C 216 49.18 -13.59 -44.25
CA ASN C 216 49.27 -12.20 -44.70
C ASN C 216 50.68 -11.62 -44.61
N THR C 217 51.66 -12.42 -45.04
CA THR C 217 53.05 -11.98 -45.10
C THR C 217 53.31 -11.21 -46.38
N MET C 218 54.08 -10.12 -46.26
CA MET C 218 54.51 -9.35 -47.46
C MET C 218 55.82 -9.87 -48.09
N TYR C 219 56.47 -10.85 -47.42
CA TYR C 219 57.69 -11.48 -47.90
C TYR C 219 57.49 -12.98 -48.06
N SER C 220 57.25 -13.41 -49.31
CA SER C 220 56.83 -14.81 -49.60
C SER C 220 57.61 -15.88 -48.83
N GLY C 221 56.86 -16.79 -48.20
CA GLY C 221 57.43 -17.90 -47.44
C GLY C 221 57.99 -17.63 -46.04
N TYR C 222 58.11 -16.35 -45.68
CA TYR C 222 58.44 -15.92 -44.31
C TYR C 222 57.15 -15.79 -43.50
N GLU C 223 56.73 -16.90 -42.90
CA GLU C 223 55.32 -17.08 -42.48
C GLU C 223 55.08 -17.68 -41.09
N TYR C 224 56.12 -18.23 -40.46
CA TYR C 224 56.01 -18.87 -39.14
C TYR C 224 56.54 -17.96 -38.03
N ALA C 225 55.74 -17.83 -36.98
CA ALA C 225 56.04 -16.94 -35.86
C ALA C 225 57.22 -17.46 -35.06
N TYR C 226 58.19 -16.58 -34.83
CA TYR C 226 59.38 -16.92 -34.06
C TYR C 226 59.93 -15.73 -33.25
N SER C 227 60.80 -16.03 -32.30
CA SER C 227 61.37 -15.01 -31.42
C SER C 227 62.83 -14.74 -31.74
N SER C 228 63.15 -13.45 -31.90
CA SER C 228 64.54 -12.98 -32.00
C SER C 228 65.19 -13.04 -30.63
N ASP C 229 66.52 -13.04 -30.61
CA ASP C 229 67.30 -13.10 -29.36
C ASP C 229 67.13 -11.86 -28.47
N GLN C 230 66.33 -10.89 -28.90
CA GLN C 230 65.98 -9.72 -28.08
C GLN C 230 64.50 -9.68 -27.70
N GLY C 231 63.74 -10.69 -28.16
CA GLY C 231 62.34 -10.87 -27.74
C GLY C 231 61.23 -10.61 -28.76
N GLY C 232 61.47 -9.71 -29.71
CA GLY C 232 60.47 -9.36 -30.73
C GLY C 232 59.97 -10.54 -31.55
N ILE C 233 58.74 -10.46 -32.03
CA ILE C 233 58.16 -11.52 -32.86
C ILE C 233 58.27 -11.19 -34.33
N TYR C 234 58.85 -12.13 -35.08
CA TYR C 234 58.94 -12.06 -36.53
C TYR C 234 58.41 -13.34 -37.17
N PHE C 235 58.45 -13.40 -38.50
CA PHE C 235 57.98 -14.57 -39.24
C PHE C 235 59.03 -15.07 -40.24
N ASP C 236 59.29 -16.37 -40.20
CA ASP C 236 60.44 -16.99 -40.88
C ASP C 236 59.98 -18.12 -41.82
N GLN C 237 60.92 -18.62 -42.62
CA GLN C 237 60.74 -19.86 -43.38
C GLN C 237 60.66 -21.05 -42.44
N GLY C 238 59.99 -22.10 -42.89
CA GLY C 238 59.78 -23.29 -42.07
C GLY C 238 61.03 -24.09 -41.83
N THR C 239 61.55 -24.06 -40.59
CA THR C 239 62.71 -24.88 -40.18
C THR C 239 62.35 -25.82 -39.02
N ASP C 240 63.35 -26.45 -38.40
CA ASP C 240 63.18 -27.29 -37.21
C ASP C 240 63.44 -26.52 -35.93
N ASN C 241 64.06 -25.35 -36.07
CA ASN C 241 64.34 -24.41 -34.99
C ASN C 241 63.17 -24.33 -33.99
N PRO C 242 63.41 -24.72 -32.71
CA PRO C 242 62.30 -24.56 -31.75
C PRO C 242 62.05 -23.11 -31.29
N LYS C 243 62.80 -22.13 -31.81
CA LYS C 243 62.49 -20.70 -31.63
C LYS C 243 61.21 -20.29 -32.40
N GLN C 244 60.78 -21.15 -33.33
CA GLN C 244 59.51 -21.01 -34.05
C GLN C 244 58.43 -22.05 -33.70
N ARG C 245 58.69 -22.84 -32.65
CA ARG C 245 57.67 -23.70 -32.01
C ARG C 245 57.20 -23.17 -30.65
N TRP C 246 55.98 -23.57 -30.30
CA TRP C 246 55.29 -23.00 -29.14
C TRP C 246 54.56 -24.07 -28.35
N ALA C 247 54.50 -23.91 -27.04
CA ALA C 247 53.70 -24.76 -26.17
C ALA C 247 52.42 -24.03 -25.70
N ILE C 248 51.28 -24.71 -25.85
CA ILE C 248 49.98 -24.15 -25.41
C ILE C 248 49.60 -24.56 -23.98
N ASN C 249 48.41 -24.15 -23.55
CA ASN C 249 47.96 -24.29 -22.17
C ASN C 249 46.87 -25.33 -22.00
N LYS C 250 46.15 -25.61 -23.09
CA LYS C 250 45.03 -26.56 -23.15
C LYS C 250 45.50 -27.88 -23.75
N SER C 251 44.77 -28.96 -23.46
CA SER C 251 44.84 -30.19 -24.28
C SER C 251 43.96 -29.93 -25.48
N LEU C 252 44.26 -30.63 -26.58
CA LEU C 252 43.42 -30.54 -27.79
C LEU C 252 42.06 -31.22 -27.59
N PRO C 253 41.04 -30.90 -28.43
CA PRO C 253 41.05 -29.97 -29.57
C PRO C 253 41.00 -28.50 -29.14
N LEU C 254 41.43 -27.61 -30.02
CA LEU C 254 41.20 -26.18 -29.85
C LEU C 254 39.87 -25.81 -30.50
N ARG C 255 39.14 -24.89 -29.89
CA ARG C 255 37.82 -24.49 -30.36
C ARG C 255 37.70 -22.99 -30.45
N HIS C 256 36.71 -22.51 -31.21
CA HIS C 256 36.39 -21.09 -31.29
C HIS C 256 36.27 -20.44 -29.90
N GLY C 257 36.87 -19.27 -29.78
CA GLY C 257 36.80 -18.49 -28.56
C GLY C 257 37.60 -18.99 -27.38
N ASP C 258 38.45 -19.99 -27.60
CA ASP C 258 39.30 -20.52 -26.54
C ASP C 258 40.34 -19.50 -26.10
N VAL C 259 40.51 -19.41 -24.78
CA VAL C 259 41.53 -18.55 -24.19
C VAL C 259 42.82 -19.38 -24.14
N VAL C 260 43.81 -18.97 -24.93
CA VAL C 260 45.10 -19.68 -25.03
C VAL C 260 46.32 -18.79 -24.74
N THR C 261 47.40 -19.41 -24.28
CA THR C 261 48.68 -18.73 -24.15
C THR C 261 49.79 -19.54 -24.83
N PHE C 262 50.79 -18.83 -25.34
CA PHE C 262 51.86 -19.45 -26.14
C PHE C 262 53.22 -19.24 -25.47
N MET C 263 53.77 -20.31 -24.93
CA MET C 263 55.12 -20.32 -24.40
C MET C 263 56.07 -20.75 -25.52
N ASN C 264 57.21 -20.07 -25.64
CA ASN C 264 58.23 -20.47 -26.62
C ASN C 264 58.94 -21.76 -26.22
N LYS C 265 58.97 -22.70 -27.16
CA LYS C 265 59.63 -23.99 -26.97
C LYS C 265 61.14 -23.87 -26.73
N TYR C 266 61.82 -22.93 -27.39
CA TYR C 266 63.25 -22.69 -27.14
C TYR C 266 63.48 -21.80 -25.91
N PHE C 267 62.91 -20.60 -25.91
CA PHE C 267 63.01 -19.70 -24.76
C PHE C 267 61.90 -19.98 -23.74
N THR C 268 62.06 -21.09 -23.03
CA THR C 268 61.05 -21.70 -22.14
C THR C 268 60.45 -20.76 -21.08
N ARG C 269 61.27 -19.85 -20.55
CA ARG C 269 60.84 -18.90 -19.52
C ARG C 269 59.92 -17.80 -20.07
N SER C 270 59.83 -17.72 -21.39
CA SER C 270 59.13 -16.61 -22.05
C SER C 270 57.92 -17.04 -22.88
N GLY C 271 56.92 -16.14 -22.95
CA GLY C 271 55.69 -16.36 -23.70
C GLY C 271 55.28 -15.15 -24.53
N LEU C 272 54.40 -15.41 -25.50
CA LEU C 272 53.82 -14.41 -26.38
C LEU C 272 52.98 -13.38 -25.59
N CYS C 273 53.34 -12.09 -25.71
CA CYS C 273 52.76 -11.02 -24.86
C CYS C 273 52.71 -9.62 -25.53
N TYR C 274 52.11 -8.65 -24.84
CA TYR C 274 52.12 -7.23 -25.25
C TYR C 274 53.23 -6.44 -24.52
N ASP C 275 53.91 -5.56 -25.25
CA ASP C 275 54.79 -4.53 -24.66
C ASP C 275 54.97 -3.41 -25.68
N ASP C 276 55.05 -2.17 -25.21
CA ASP C 276 55.23 -1.02 -26.11
C ASP C 276 56.69 -0.87 -26.63
N GLY C 277 57.04 -1.67 -27.65
CA GLY C 277 58.36 -1.65 -28.26
C GLY C 277 58.56 -0.48 -29.21
N PRO C 278 59.74 -0.36 -29.85
CA PRO C 278 60.05 0.86 -30.62
C PRO C 278 59.24 1.03 -31.90
N ALA C 279 58.82 -0.07 -32.51
CA ALA C 279 58.10 -0.03 -33.77
C ALA C 279 56.94 -1.02 -33.82
N THR C 280 57.09 -2.15 -33.12
CA THR C 280 56.01 -3.14 -32.99
C THR C 280 55.74 -3.39 -31.51
N ASN C 281 54.63 -4.08 -31.22
CA ASN C 281 54.21 -4.34 -29.84
C ASN C 281 53.85 -5.81 -29.43
N VAL C 282 54.12 -6.79 -30.31
CA VAL C 282 54.02 -8.22 -29.96
C VAL C 282 55.44 -8.76 -29.74
N TYR C 283 55.68 -9.28 -28.53
CA TYR C 283 56.99 -9.76 -28.08
C TYR C 283 56.89 -11.10 -27.39
N CYS C 284 58.06 -11.62 -27.00
CA CYS C 284 58.20 -12.87 -26.28
C CYS C 284 59.25 -12.62 -25.18
N LEU C 285 58.74 -12.46 -23.95
CA LEU C 285 59.50 -11.93 -22.81
C LEU C 285 59.42 -12.84 -21.58
N ASP C 286 60.49 -12.91 -20.80
CA ASP C 286 60.55 -13.73 -19.56
C ASP C 286 59.45 -13.42 -18.53
N LYS C 287 58.91 -14.50 -17.96
CA LYS C 287 57.86 -14.50 -16.91
C LYS C 287 56.53 -13.87 -17.35
N ARG C 288 56.39 -13.59 -18.62
CA ARG C 288 55.17 -12.94 -19.08
C ARG C 288 54.49 -13.77 -20.17
N GLU C 289 53.19 -14.01 -19.99
CA GLU C 289 52.38 -14.73 -20.97
C GLU C 289 50.96 -14.19 -20.97
N ASP C 290 50.67 -13.35 -21.96
CA ASP C 290 49.34 -12.77 -22.08
C ASP C 290 48.40 -13.84 -22.63
N LYS C 291 47.12 -13.72 -22.30
CA LYS C 291 46.06 -14.58 -22.85
C LYS C 291 45.58 -14.08 -24.21
N TRP C 292 45.34 -15.02 -25.11
CA TRP C 292 44.85 -14.74 -26.45
C TRP C 292 43.57 -15.53 -26.70
N ILE C 293 42.64 -14.93 -27.43
CA ILE C 293 41.42 -15.62 -27.89
C ILE C 293 41.62 -16.05 -29.35
N LEU C 294 41.41 -17.33 -29.62
CA LEU C 294 41.43 -17.84 -31.00
C LEU C 294 40.04 -17.75 -31.58
N GLU C 295 39.92 -17.08 -32.74
CA GLU C 295 38.62 -16.86 -33.38
C GLU C 295 38.54 -17.47 -34.76
N VAL C 296 37.59 -18.39 -34.97
CA VAL C 296 37.42 -19.06 -36.27
C VAL C 296 36.70 -18.12 -37.24
N VAL C 297 37.30 -17.92 -38.40
CA VAL C 297 36.73 -17.00 -39.41
C VAL C 297 35.51 -17.62 -40.12
N GLY C 298 34.53 -16.76 -40.41
CA GLY C 298 33.28 -17.05 -41.14
C GLY C 298 32.93 -18.50 -41.47
N GLU D 8 26.01 -41.37 -8.65
CA GLU D 8 27.15 -40.51 -8.24
C GLU D 8 27.52 -40.77 -6.76
N GLY D 9 28.59 -41.52 -6.55
CA GLY D 9 29.06 -41.92 -5.22
C GLY D 9 30.26 -41.15 -4.70
N TYR D 10 30.12 -40.61 -3.48
CA TYR D 10 31.07 -39.67 -2.86
C TYR D 10 31.35 -39.99 -1.37
N GLU D 11 32.49 -39.51 -0.87
CA GLU D 11 32.95 -39.78 0.48
C GLU D 11 32.41 -38.75 1.49
N GLN D 12 31.95 -39.22 2.65
CA GLN D 12 31.46 -38.35 3.74
C GLN D 12 32.16 -38.69 5.05
N ILE D 13 32.81 -37.72 5.69
CA ILE D 13 33.38 -37.96 7.04
C ILE D 13 32.66 -37.13 8.11
N GLU D 14 32.43 -37.75 9.26
CA GLU D 14 31.78 -37.09 10.38
C GLU D 14 32.83 -36.47 11.30
N VAL D 15 32.64 -35.21 11.67
CA VAL D 15 33.56 -34.51 12.55
C VAL D 15 32.82 -33.53 13.48
N ASP D 16 33.50 -32.99 14.50
CA ASP D 16 32.91 -31.89 15.27
C ASP D 16 33.42 -30.49 14.93
N VAL D 17 32.48 -29.53 14.96
CA VAL D 17 32.78 -28.09 14.87
C VAL D 17 32.72 -27.49 16.27
N VAL D 18 33.70 -26.62 16.52
CA VAL D 18 33.85 -25.92 17.78
C VAL D 18 33.81 -24.43 17.46
N ALA D 19 32.83 -23.74 18.04
CA ALA D 19 32.67 -22.31 17.84
C ALA D 19 33.01 -21.57 19.12
N VAL D 20 33.79 -20.50 18.97
CA VAL D 20 34.29 -19.68 20.07
C VAL D 20 33.71 -18.27 19.97
N TRP D 21 33.11 -17.82 21.07
CA TRP D 21 32.55 -16.47 21.27
C TRP D 21 33.51 -15.40 20.83
N LYS D 22 33.04 -14.48 19.97
CA LYS D 22 33.83 -13.34 19.49
C LYS D 22 33.27 -11.98 19.90
N GLU D 23 31.98 -11.75 19.71
CA GLU D 23 31.31 -10.60 20.33
C GLU D 23 29.82 -10.88 20.64
N GLY D 24 29.22 -9.98 21.43
CA GLY D 24 27.82 -10.11 21.83
C GLY D 24 27.13 -8.78 21.99
N TYR D 25 25.80 -8.80 22.05
CA TYR D 25 24.97 -7.60 22.21
C TYR D 25 23.63 -7.95 22.82
N VAL D 26 23.18 -7.12 23.76
CA VAL D 26 21.94 -7.37 24.52
C VAL D 26 21.07 -6.12 24.57
N TYR D 27 19.82 -6.27 24.15
CA TYR D 27 18.86 -5.19 24.10
C TYR D 27 17.58 -5.59 24.78
N GLU D 28 17.14 -4.74 25.69
CA GLU D 28 15.90 -4.94 26.43
C GLU D 28 14.95 -3.84 26.04
N ASN D 29 13.75 -4.21 25.58
CA ASN D 29 12.69 -3.25 25.29
C ASN D 29 11.70 -3.42 26.42
N ARG D 30 11.80 -2.55 27.43
CA ARG D 30 10.92 -2.73 28.58
C ARG D 30 9.67 -1.89 28.59
N GLY D 31 9.48 -1.12 27.53
CA GLY D 31 8.23 -0.40 27.30
C GLY D 31 7.06 -1.32 27.01
N SER D 32 5.90 -0.72 26.77
CA SER D 32 4.71 -1.49 26.38
C SER D 32 4.32 -1.29 24.90
N THR D 33 5.20 -0.66 24.13
CA THR D 33 5.07 -0.64 22.67
C THR D 33 6.26 -1.41 22.14
N SER D 34 6.13 -1.97 20.93
CA SER D 34 7.19 -2.80 20.36
C SER D 34 8.19 -1.96 19.53
N VAL D 35 9.36 -2.51 19.23
CA VAL D 35 10.38 -1.82 18.46
C VAL D 35 10.86 -2.63 17.26
N ASP D 36 11.09 -1.93 16.16
CA ASP D 36 11.71 -2.48 14.98
C ASP D 36 13.19 -2.22 15.03
N GLN D 37 13.94 -3.31 15.08
CA GLN D 37 15.39 -3.24 15.21
C GLN D 37 16.05 -3.76 13.94
N LYS D 38 17.06 -3.03 13.48
CA LYS D 38 17.79 -3.39 12.29
C LYS D 38 19.30 -3.36 12.60
N ILE D 39 19.87 -4.55 12.79
CA ILE D 39 21.32 -4.65 12.96
C ILE D 39 21.91 -4.92 11.59
N THR D 40 22.94 -4.15 11.27
CA THR D 40 23.57 -4.22 9.96
C THR D 40 25.11 -4.21 10.09
N ILE D 41 25.74 -5.32 9.64
CA ILE D 41 27.19 -5.55 9.84
C ILE D 41 27.95 -5.72 8.50
N THR D 42 29.10 -5.05 8.41
CA THR D 42 29.87 -4.89 7.15
C THR D 42 31.35 -5.29 7.29
N LYS D 43 31.85 -6.01 6.29
CA LYS D 43 33.25 -6.33 6.15
C LYS D 43 33.65 -6.11 4.71
N GLY D 44 34.83 -5.51 4.51
CA GLY D 44 35.33 -5.24 3.17
C GLY D 44 36.84 -5.04 3.07
N MET D 45 37.34 -5.09 1.83
CA MET D 45 38.73 -4.82 1.54
C MET D 45 38.97 -4.14 0.20
N LYS D 46 40.08 -3.41 0.10
CA LYS D 46 40.50 -2.74 -1.11
C LYS D 46 42.03 -2.91 -1.31
N ASN D 47 42.43 -3.37 -2.50
CA ASN D 47 43.83 -3.44 -2.92
C ASN D 47 44.13 -2.44 -4.04
N VAL D 48 45.08 -1.54 -3.80
CA VAL D 48 45.55 -0.60 -4.81
C VAL D 48 47.02 -0.91 -5.17
N ASN D 49 47.30 -1.05 -6.45
CA ASN D 49 48.67 -1.15 -6.95
C ASN D 49 48.91 -0.04 -7.97
N SER D 50 49.98 0.73 -7.79
CA SER D 50 50.37 1.66 -8.85
C SER D 50 51.85 1.66 -9.22
N GLU D 51 52.12 2.19 -10.41
CA GLU D 51 53.42 2.20 -11.05
C GLU D 51 53.54 3.52 -11.77
N THR D 52 54.52 4.32 -11.36
CA THR D 52 54.74 5.65 -11.90
C THR D 52 56.17 5.80 -12.43
N ARG D 53 56.29 6.06 -13.74
CA ARG D 53 57.59 6.27 -14.38
C ARG D 53 57.73 7.74 -14.72
N THR D 54 58.69 8.41 -14.09
CA THR D 54 59.05 9.80 -14.42
C THR D 54 60.39 9.89 -15.16
N VAL D 55 60.38 10.66 -16.24
CA VAL D 55 61.55 10.80 -17.10
C VAL D 55 61.67 12.29 -17.36
N THR D 56 62.83 12.82 -17.02
CA THR D 56 62.97 14.26 -16.89
C THR D 56 64.38 14.74 -17.31
N ALA D 57 64.40 15.65 -18.28
CA ALA D 57 65.62 16.07 -18.98
C ALA D 57 65.79 17.58 -18.91
N THR D 58 66.98 18.00 -18.49
CA THR D 58 67.30 19.41 -18.29
C THR D 58 68.54 19.84 -19.10
N HIS D 59 68.47 21.07 -19.63
CA HIS D 59 69.59 21.73 -20.29
C HIS D 59 69.74 23.11 -19.68
N SER D 60 70.97 23.47 -19.30
CA SER D 60 71.31 24.85 -18.85
C SER D 60 72.52 25.42 -19.58
N ILE D 61 72.43 26.69 -19.95
CA ILE D 61 73.58 27.48 -20.41
C ILE D 61 73.82 28.63 -19.43
N GLY D 62 74.99 28.61 -18.78
CA GLY D 62 75.44 29.70 -17.91
C GLY D 62 76.51 30.56 -18.57
N SER D 63 76.76 31.74 -17.98
CA SER D 63 77.70 32.75 -18.51
C SER D 63 78.02 33.84 -17.50
N THR D 64 79.31 34.18 -17.35
CA THR D 64 79.76 35.30 -16.49
C THR D 64 80.82 36.18 -17.17
N ILE D 65 80.59 37.49 -17.08
CA ILE D 65 81.53 38.50 -17.54
C ILE D 65 81.98 39.31 -16.33
N SER D 66 83.28 39.33 -16.07
CA SER D 66 83.86 40.14 -14.98
C SER D 66 85.09 40.96 -15.42
N THR D 67 85.56 41.84 -14.52
CA THR D 67 86.71 42.74 -14.76
C THR D 67 87.68 42.78 -13.57
N GLY D 74 87.07 47.90 -6.93
CA GLY D 74 86.45 48.09 -8.22
C GLY D 74 86.56 46.88 -9.15
N SER D 75 85.47 46.12 -9.25
CA SER D 75 85.19 45.23 -10.39
C SER D 75 83.72 44.81 -10.37
N VAL D 76 83.16 44.70 -11.57
CA VAL D 76 81.76 44.33 -11.77
C VAL D 76 81.74 42.90 -12.35
N GLU D 77 80.86 42.06 -11.80
CA GLU D 77 80.51 40.78 -12.41
C GLU D 77 79.08 40.89 -12.94
N VAL D 78 78.80 40.34 -14.13
CA VAL D 78 77.42 40.21 -14.66
C VAL D 78 77.21 38.79 -15.18
N SER D 79 76.10 38.18 -14.73
CA SER D 79 75.76 36.79 -14.99
C SER D 79 74.45 36.63 -15.76
N TYR D 80 74.40 35.71 -16.71
CA TYR D 80 73.15 35.36 -17.36
C TYR D 80 73.02 33.85 -17.56
N SER D 81 71.82 33.38 -17.20
CA SER D 81 71.54 31.96 -16.98
C SER D 81 70.21 31.55 -17.64
N HIS D 82 70.19 30.40 -18.30
CA HIS D 82 68.95 29.91 -18.94
C HIS D 82 68.85 28.38 -18.93
N SER D 83 67.72 27.88 -18.42
CA SER D 83 67.47 26.43 -18.41
C SER D 83 66.09 26.02 -18.90
N HIS D 84 66.05 24.82 -19.49
CA HIS D 84 64.85 24.25 -20.10
C HIS D 84 64.70 22.80 -19.63
N GLN D 85 63.55 22.53 -19.00
CA GLN D 85 63.26 21.24 -18.39
C GLN D 85 62.03 20.61 -19.00
N LYS D 86 62.18 19.36 -19.44
CA LYS D 86 61.09 18.57 -20.01
C LYS D 86 60.88 17.35 -19.13
N SER D 87 59.67 17.24 -18.57
CA SER D 87 59.30 16.14 -17.68
C SER D 87 58.13 15.33 -18.22
N GLN D 88 58.17 14.01 -18.00
CA GLN D 88 57.17 13.10 -18.52
C GLN D 88 56.88 12.01 -17.50
N VAL D 89 55.75 12.13 -16.78
CA VAL D 89 55.31 11.14 -15.78
C VAL D 89 54.15 10.23 -16.28
N SER D 90 54.35 8.92 -16.15
CA SER D 90 53.41 7.92 -16.65
C SER D 90 52.98 6.99 -15.54
N MET D 91 51.70 7.04 -15.18
CA MET D 91 51.19 6.17 -14.12
C MET D 91 50.08 5.20 -14.53
N THR D 92 50.12 4.00 -13.93
CA THR D 92 49.07 3.01 -14.04
C THR D 92 48.66 2.65 -12.63
N GLN D 93 47.36 2.76 -12.34
CA GLN D 93 46.78 2.36 -11.06
C GLN D 93 45.76 1.23 -11.20
N THR D 94 45.74 0.35 -10.20
CA THR D 94 44.91 -0.85 -10.17
C THR D 94 44.20 -0.94 -8.84
N GLU D 95 42.87 -1.07 -8.89
CA GLU D 95 42.05 -1.27 -7.70
C GLU D 95 41.24 -2.54 -7.85
N VAL D 96 41.25 -3.39 -6.83
CA VAL D 96 40.20 -4.43 -6.65
C VAL D 96 39.60 -4.31 -5.25
N TYR D 97 38.25 -4.42 -5.13
CA TYR D 97 37.56 -4.28 -3.83
C TYR D 97 36.42 -5.30 -3.62
N SER D 98 36.17 -5.61 -2.34
CA SER D 98 35.15 -6.55 -1.86
C SER D 98 34.37 -5.94 -0.72
N SER D 99 33.12 -6.34 -0.59
CA SER D 99 32.36 -6.20 0.65
C SER D 99 31.36 -7.30 0.80
N LYS D 100 31.18 -7.74 2.04
CA LYS D 100 30.06 -8.57 2.44
C LYS D 100 29.26 -7.72 3.43
N VAL D 101 27.97 -7.51 3.16
CA VAL D 101 27.08 -6.83 4.13
C VAL D 101 25.95 -7.78 4.54
N ILE D 102 25.85 -8.01 5.85
CA ILE D 102 24.80 -8.83 6.44
C ILE D 102 23.87 -7.92 7.25
N GLU D 103 22.57 -8.02 6.97
CA GLU D 103 21.54 -7.12 7.50
C GLU D 103 20.36 -7.94 8.06
N HIS D 104 19.99 -7.68 9.31
CA HIS D 104 18.88 -8.39 9.97
C HIS D 104 17.85 -7.43 10.56
N THR D 105 16.58 -7.58 10.16
CA THR D 105 15.50 -6.79 10.75
C THR D 105 14.49 -7.65 11.50
N ILE D 106 14.24 -7.25 12.76
CA ILE D 106 13.32 -7.93 13.67
C ILE D 106 12.36 -6.93 14.33
N THR D 107 11.17 -7.37 14.71
CA THR D 107 10.34 -6.63 15.69
C THR D 107 10.41 -7.26 17.09
N ILE D 108 11.14 -6.61 17.99
CA ILE D 108 11.15 -6.96 19.42
C ILE D 108 9.82 -6.52 20.02
N PRO D 109 9.02 -7.49 20.53
CA PRO D 109 7.74 -7.22 21.21
C PRO D 109 7.94 -6.48 22.54
N PRO D 110 6.86 -5.92 23.11
CA PRO D 110 6.98 -5.24 24.43
C PRO D 110 7.46 -6.16 25.52
N THR D 111 8.08 -5.60 26.56
CA THR D 111 8.78 -6.36 27.62
C THR D 111 9.48 -7.66 27.14
N SER D 112 10.22 -7.52 26.04
CA SER D 112 11.04 -8.59 25.52
C SER D 112 12.52 -8.20 25.49
N LYS D 113 13.37 -9.21 25.36
CA LYS D 113 14.80 -9.02 25.35
C LYS D 113 15.40 -9.73 24.15
N PHE D 114 16.17 -8.98 23.36
CA PHE D 114 16.90 -9.52 22.21
C PHE D 114 18.36 -9.71 22.58
N THR D 115 18.95 -10.84 22.18
CA THR D 115 20.39 -11.09 22.39
C THR D 115 21.04 -11.61 21.13
N ARG D 116 22.21 -11.08 20.83
CA ARG D 116 23.02 -11.50 19.67
C ARG D 116 24.33 -12.03 20.20
N TRP D 117 24.66 -13.27 19.84
CA TRP D 117 25.98 -13.80 20.12
C TRP D 117 26.57 -14.13 18.78
N GLN D 118 27.79 -13.63 18.56
CA GLN D 118 28.54 -13.95 17.37
C GLN D 118 29.79 -14.74 17.73
N LEU D 119 29.97 -15.86 17.04
CA LEU D 119 31.13 -16.71 17.29
C LEU D 119 31.78 -17.24 16.03
N ASN D 120 33.02 -17.71 16.19
CA ASN D 120 33.81 -18.25 15.11
C ASN D 120 33.90 -19.76 15.16
N ALA D 121 33.38 -20.40 14.13
CA ALA D 121 33.23 -21.85 14.07
C ALA D 121 34.36 -22.49 13.27
N ASP D 122 35.05 -23.42 13.92
CA ASP D 122 36.18 -24.14 13.36
C ASP D 122 35.77 -25.57 13.12
N VAL D 123 35.81 -25.98 11.85
CA VAL D 123 35.46 -27.34 11.47
C VAL D 123 36.72 -28.20 11.56
N GLY D 124 36.79 -29.06 12.58
CA GLY D 124 37.97 -29.88 12.86
C GLY D 124 38.39 -30.78 11.69
N GLY D 125 39.69 -30.83 11.43
CA GLY D 125 40.23 -31.71 10.38
C GLY D 125 40.09 -31.18 8.98
N ALA D 126 38.90 -30.68 8.63
CA ALA D 126 38.65 -30.09 7.32
C ALA D 126 39.40 -28.77 7.10
N GLY D 127 39.74 -28.08 8.19
CA GLY D 127 40.48 -26.82 8.14
C GLY D 127 39.75 -25.71 7.39
N ILE D 128 38.50 -25.49 7.77
CA ILE D 128 37.63 -24.44 7.24
C ILE D 128 36.85 -23.83 8.39
N GLU D 129 36.62 -22.52 8.30
CA GLU D 129 35.92 -21.74 9.34
C GLU D 129 34.71 -21.01 8.77
N TYR D 130 33.75 -20.70 9.64
CA TYR D 130 32.61 -19.87 9.29
C TYR D 130 32.10 -19.03 10.45
N MET D 131 31.44 -17.91 10.13
CA MET D 131 30.81 -17.06 11.12
C MET D 131 29.48 -17.70 11.54
N TYR D 132 29.24 -17.68 12.84
CA TYR D 132 28.09 -18.31 13.43
C TYR D 132 27.40 -17.29 14.32
N LEU D 133 26.21 -16.86 13.88
CA LEU D 133 25.38 -15.85 14.54
C LEU D 133 24.13 -16.42 15.19
N ILE D 134 23.94 -16.09 16.46
CA ILE D 134 22.79 -16.59 17.23
C ILE D 134 21.95 -15.44 17.77
N ASP D 135 20.78 -15.25 17.18
CA ASP D 135 19.80 -14.27 17.63
C ASP D 135 18.68 -14.93 18.43
N GLU D 136 18.26 -14.29 19.51
CA GLU D 136 17.11 -14.77 20.27
C GLU D 136 16.32 -13.68 20.98
N VAL D 137 14.99 -13.74 20.85
CA VAL D 137 14.07 -12.86 21.58
C VAL D 137 13.31 -13.68 22.62
N THR D 138 13.42 -13.29 23.89
CA THR D 138 12.72 -13.93 24.99
C THR D 138 12.04 -12.91 25.88
N PRO D 139 11.08 -13.34 26.73
CA PRO D 139 10.60 -12.43 27.78
C PRO D 139 11.66 -12.08 28.81
N ILE D 140 11.51 -10.92 29.44
CA ILE D 140 12.53 -10.37 30.36
C ILE D 140 12.42 -11.08 31.70
N GLY D 141 13.58 -11.37 32.31
CA GLY D 141 13.65 -12.24 33.49
C GLY D 141 14.27 -13.58 33.13
N GLY D 142 14.26 -14.52 34.08
CA GLY D 142 15.09 -15.75 33.99
C GLY D 142 16.55 -15.39 34.19
N THR D 143 17.48 -16.35 34.07
CA THR D 143 18.89 -15.94 33.95
C THR D 143 19.48 -16.29 32.59
N GLN D 144 20.42 -15.44 32.18
CA GLN D 144 21.02 -15.48 30.87
C GLN D 144 21.91 -16.71 30.67
N SER D 145 21.88 -17.24 29.46
CA SER D 145 22.76 -18.31 29.06
C SER D 145 23.67 -17.78 27.93
N ILE D 146 24.94 -17.52 28.27
CA ILE D 146 25.96 -17.07 27.30
C ILE D 146 26.77 -18.26 26.77
N PRO D 147 26.87 -18.42 25.45
CA PRO D 147 27.68 -19.49 24.94
C PRO D 147 29.09 -19.03 24.57
N GLN D 148 30.06 -19.18 25.49
CA GLN D 148 31.45 -18.86 25.20
C GLN D 148 32.05 -19.84 24.18
N VAL D 149 31.76 -21.13 24.34
CA VAL D 149 32.17 -22.11 23.32
C VAL D 149 31.21 -23.28 23.17
N ILE D 150 30.95 -23.65 21.92
CA ILE D 150 29.95 -24.65 21.60
C ILE D 150 30.54 -25.70 20.66
N THR D 151 30.37 -26.98 20.99
CA THR D 151 30.71 -28.08 20.08
C THR D 151 29.47 -28.72 19.50
N SER D 152 29.51 -29.00 18.20
CA SER D 152 28.43 -29.73 17.55
C SER D 152 29.00 -30.67 16.50
N ARG D 153 28.18 -31.60 16.02
CA ARG D 153 28.61 -32.52 14.97
C ARG D 153 28.24 -31.99 13.60
N ALA D 154 29.06 -32.31 12.61
CA ALA D 154 28.77 -32.04 11.20
C ALA D 154 29.26 -33.20 10.36
N LYS D 155 28.58 -33.48 9.27
CA LYS D 155 29.10 -34.40 8.26
C LYS D 155 29.61 -33.54 7.12
N ILE D 156 30.90 -33.70 6.80
CA ILE D 156 31.51 -32.98 5.69
C ILE D 156 31.56 -33.85 4.43
N ILE D 157 30.97 -33.36 3.34
CA ILE D 157 31.20 -33.93 2.01
C ILE D 157 32.58 -33.47 1.49
N VAL D 158 33.56 -34.38 1.49
CA VAL D 158 34.97 -34.08 1.16
C VAL D 158 35.39 -34.43 -0.28
N GLY D 159 36.47 -33.82 -0.74
CA GLY D 159 37.06 -34.12 -2.05
C GLY D 159 37.65 -35.51 -2.20
N ARG D 160 37.87 -35.91 -3.46
CA ARG D 160 38.48 -37.19 -3.78
C ARG D 160 39.92 -37.20 -3.27
N GLN D 161 40.34 -38.35 -2.77
CA GLN D 161 41.63 -38.47 -2.08
C GLN D 161 42.83 -38.42 -3.02
N ILE D 162 43.83 -37.61 -2.67
CA ILE D 162 45.17 -37.65 -3.29
C ILE D 162 45.94 -38.78 -2.63
N ILE D 163 45.98 -39.93 -3.31
CA ILE D 163 46.69 -41.11 -2.82
C ILE D 163 48.16 -41.03 -3.24
N LEU D 164 49.03 -41.09 -2.22
CA LEU D 164 50.44 -40.75 -2.37
C LEU D 164 51.17 -41.71 -3.28
N GLY D 165 51.99 -41.17 -4.17
CA GLY D 165 52.69 -41.99 -5.16
C GLY D 165 51.89 -42.30 -6.41
N LYS D 166 50.56 -42.15 -6.32
CA LYS D 166 49.65 -42.60 -7.36
C LYS D 166 48.98 -41.43 -8.12
N THR D 167 48.09 -40.69 -7.46
CA THR D 167 47.20 -39.73 -8.17
C THR D 167 47.91 -38.47 -8.64
N GLU D 168 47.79 -38.23 -9.94
CA GLU D 168 48.36 -37.06 -10.62
C GLU D 168 47.56 -35.81 -10.25
N ILE D 169 48.29 -34.76 -9.88
CA ILE D 169 47.69 -33.51 -9.37
C ILE D 169 48.28 -32.24 -10.02
N ARG D 170 47.55 -31.13 -9.89
CA ARG D 170 48.08 -29.81 -10.25
C ARG D 170 48.28 -28.98 -8.98
N ILE D 171 49.31 -28.14 -8.98
CA ILE D 171 49.52 -27.21 -7.86
C ILE D 171 49.25 -25.80 -8.35
N LYS D 172 48.32 -25.13 -7.67
CA LYS D 172 47.82 -23.80 -8.00
C LYS D 172 48.21 -22.83 -6.89
N HIS D 173 48.86 -21.72 -7.25
CA HIS D 173 49.09 -20.61 -6.32
C HIS D 173 47.73 -20.03 -5.95
N ALA D 174 47.39 -20.07 -4.66
CA ALA D 174 46.04 -19.71 -4.21
C ALA D 174 45.69 -18.24 -4.46
N GLU D 175 46.61 -17.34 -4.12
CA GLU D 175 46.37 -15.91 -4.27
C GLU D 175 46.47 -15.45 -5.73
N ARG D 176 47.39 -16.01 -6.49
CA ARG D 176 47.65 -15.55 -7.87
C ARG D 176 46.89 -16.30 -8.96
N LYS D 177 46.30 -17.44 -8.60
CA LYS D 177 45.46 -18.27 -9.49
C LYS D 177 46.14 -18.69 -10.79
N GLU D 178 47.43 -19.01 -10.66
CA GLU D 178 48.25 -19.56 -11.73
C GLU D 178 48.83 -20.86 -11.22
N TYR D 179 49.18 -21.75 -12.15
CA TYR D 179 49.74 -23.06 -11.81
C TYR D 179 51.26 -23.06 -11.71
N MET D 180 51.80 -24.00 -10.93
CA MET D 180 53.22 -24.26 -10.92
C MET D 180 53.55 -25.01 -12.19
N THR D 181 54.43 -24.42 -13.00
CA THR D 181 54.88 -25.00 -14.27
C THR D 181 56.39 -25.25 -14.22
N VAL D 182 56.89 -26.07 -15.15
CA VAL D 182 58.32 -26.40 -15.26
C VAL D 182 58.96 -25.78 -16.50
N VAL D 183 60.02 -25.02 -16.28
CA VAL D 183 60.81 -24.46 -17.37
C VAL D 183 62.31 -24.74 -17.15
N SER D 184 63.13 -24.40 -18.14
CA SER D 184 64.58 -24.50 -18.03
C SER D 184 65.23 -23.16 -17.63
N ARG D 185 66.04 -23.24 -16.58
CA ARG D 185 66.85 -22.11 -16.10
C ARG D 185 68.22 -22.66 -15.72
N LYS D 186 69.27 -21.98 -16.20
CA LYS D 186 70.67 -22.40 -16.03
C LYS D 186 70.88 -23.85 -16.41
N SER D 187 70.20 -24.29 -17.47
CA SER D 187 70.25 -25.67 -17.99
C SER D 187 69.74 -26.76 -17.03
N TRP D 188 68.94 -26.31 -16.05
CA TRP D 188 68.25 -27.18 -15.10
C TRP D 188 66.72 -26.97 -15.20
N PRO D 189 65.93 -28.01 -14.86
CA PRO D 189 64.47 -27.79 -14.75
C PRO D 189 64.14 -26.92 -13.53
N ALA D 190 63.27 -25.94 -13.71
CA ALA D 190 62.97 -24.96 -12.66
C ALA D 190 61.50 -24.67 -12.58
N ALA D 191 61.03 -24.42 -11.37
CA ALA D 191 59.64 -24.08 -11.12
C ALA D 191 59.37 -22.59 -11.39
N THR D 192 58.33 -22.36 -12.20
CA THR D 192 57.78 -21.02 -12.42
C THR D 192 56.24 -21.05 -12.48
N LEU D 193 55.61 -19.90 -12.27
CA LEU D 193 54.17 -19.79 -12.35
C LEU D 193 53.69 -19.55 -13.77
N GLY D 194 52.61 -20.22 -14.15
CA GLY D 194 52.03 -20.16 -15.49
C GLY D 194 50.55 -20.48 -15.56
N HIS D 195 49.96 -20.22 -16.73
CA HIS D 195 48.54 -20.45 -16.92
C HIS D 195 48.26 -21.84 -17.42
N SER D 196 49.31 -22.57 -17.79
CA SER D 196 49.17 -23.88 -18.41
C SER D 196 48.51 -24.88 -17.48
N LYS D 197 47.53 -25.57 -18.04
CA LYS D 197 46.79 -26.59 -17.34
C LYS D 197 47.48 -27.96 -17.52
N LEU D 198 48.64 -27.94 -18.19
CA LEU D 198 49.29 -29.16 -18.65
C LEU D 198 50.35 -29.74 -17.73
N PHE D 199 50.76 -28.98 -16.71
CA PHE D 199 51.83 -29.42 -15.83
C PHE D 199 51.28 -30.19 -14.62
N LYS D 200 51.43 -31.51 -14.74
CA LYS D 200 50.99 -32.50 -13.76
C LYS D 200 52.13 -32.86 -12.79
N PHE D 201 51.75 -33.42 -11.63
CA PHE D 201 52.68 -33.73 -10.52
C PHE D 201 52.19 -34.93 -9.72
N VAL D 202 53.11 -35.58 -9.01
CA VAL D 202 52.72 -36.59 -8.01
C VAL D 202 53.51 -36.34 -6.72
N LEU D 203 52.87 -36.62 -5.59
CA LEU D 203 53.46 -36.39 -4.27
C LEU D 203 53.86 -37.70 -3.60
N TYR D 204 55.03 -37.69 -2.96
CA TYR D 204 55.54 -38.82 -2.19
C TYR D 204 55.75 -38.41 -0.74
N GLU D 205 55.53 -39.35 0.19
CA GLU D 205 56.04 -39.21 1.54
C GLU D 205 56.92 -40.40 1.89
N ASP D 206 58.10 -40.11 2.43
CA ASP D 206 58.95 -41.11 3.08
C ASP D 206 59.41 -40.61 4.47
N TRP D 207 60.48 -41.21 4.99
CA TRP D 207 61.00 -40.90 6.33
C TRP D 207 61.52 -39.46 6.44
N GLY D 208 62.03 -38.93 5.32
CA GLY D 208 62.59 -37.59 5.27
C GLY D 208 61.57 -36.47 5.11
N GLY D 209 60.36 -36.81 4.68
CA GLY D 209 59.28 -35.84 4.48
C GLY D 209 58.54 -36.03 3.17
N PHE D 210 57.99 -34.95 2.62
CA PHE D 210 57.20 -34.98 1.38
C PHE D 210 58.01 -34.49 0.19
N ARG D 211 57.71 -35.04 -0.98
CA ARG D 211 58.38 -34.61 -2.20
C ARG D 211 57.41 -34.33 -3.34
N ILE D 212 57.71 -33.28 -4.11
CA ILE D 212 56.91 -32.93 -5.28
C ILE D 212 57.69 -33.41 -6.49
N LYS D 213 57.07 -34.31 -7.25
CA LYS D 213 57.67 -34.87 -8.47
C LYS D 213 56.91 -34.37 -9.70
N THR D 214 57.59 -33.61 -10.57
CA THR D 214 57.03 -33.20 -11.85
C THR D 214 56.95 -34.41 -12.78
N LEU D 215 55.94 -34.43 -13.63
CA LEU D 215 55.89 -35.39 -14.73
C LEU D 215 56.16 -34.70 -16.08
N ASN D 216 56.81 -33.55 -16.04
CA ASN D 216 56.97 -32.71 -17.23
C ASN D 216 58.34 -32.07 -17.28
N THR D 217 59.34 -32.82 -16.88
CA THR D 217 60.72 -32.35 -16.96
C THR D 217 61.27 -32.44 -18.38
N MET D 218 62.13 -31.51 -18.77
CA MET D 218 62.76 -31.57 -20.10
C MET D 218 64.13 -32.29 -20.09
N TYR D 219 64.69 -32.50 -18.89
CA TYR D 219 65.95 -33.23 -18.69
C TYR D 219 65.66 -34.46 -17.85
N SER D 220 65.71 -35.63 -18.51
CA SER D 220 65.29 -36.91 -17.91
C SER D 220 65.86 -37.20 -16.54
N GLY D 221 65.04 -37.77 -15.67
CA GLY D 221 65.43 -38.12 -14.29
C GLY D 221 65.51 -36.98 -13.28
N TYR D 222 65.58 -35.73 -13.75
CA TYR D 222 65.56 -34.56 -12.87
C TYR D 222 64.14 -34.05 -12.63
N GLU D 223 63.49 -34.60 -11.60
CA GLU D 223 62.04 -34.51 -11.44
C GLU D 223 61.54 -34.13 -10.03
N TYR D 224 62.43 -34.08 -9.04
CA TYR D 224 62.05 -33.77 -7.66
C TYR D 224 62.41 -32.34 -7.25
N ALA D 225 61.44 -31.63 -6.68
CA ALA D 225 61.61 -30.20 -6.41
C ALA D 225 62.49 -29.96 -5.19
N TYR D 226 63.48 -29.09 -5.36
CA TYR D 226 64.42 -28.75 -4.28
C TYR D 226 64.79 -27.25 -4.22
N SER D 227 65.39 -26.85 -3.08
CA SER D 227 65.84 -25.47 -2.92
C SER D 227 67.35 -25.32 -3.17
N SER D 228 67.71 -24.41 -4.08
CA SER D 228 69.12 -23.99 -4.26
C SER D 228 69.55 -23.17 -3.05
N ASP D 229 70.85 -22.97 -2.90
CA ASP D 229 71.39 -22.20 -1.77
C ASP D 229 71.03 -20.70 -1.84
N GLN D 230 70.42 -20.29 -2.96
CA GLN D 230 69.94 -18.93 -3.15
C GLN D 230 68.42 -18.76 -3.03
N GLY D 231 67.72 -19.90 -2.97
CA GLY D 231 66.30 -19.92 -2.68
C GLY D 231 65.44 -20.43 -3.82
N GLY D 232 65.99 -20.37 -5.04
CA GLY D 232 65.30 -20.79 -6.27
C GLY D 232 64.92 -22.24 -6.26
N ILE D 233 63.85 -22.59 -6.97
CA ILE D 233 63.42 -23.99 -7.03
C ILE D 233 63.69 -24.59 -8.38
N TYR D 234 64.52 -25.63 -8.34
CA TYR D 234 64.83 -26.47 -9.49
C TYR D 234 64.34 -27.88 -9.16
N PHE D 235 64.44 -28.77 -10.14
CA PHE D 235 64.10 -30.18 -9.97
C PHE D 235 65.34 -31.05 -10.13
N ASP D 236 65.60 -31.87 -9.12
CA ASP D 236 66.75 -32.78 -9.05
C ASP D 236 66.31 -34.21 -9.27
N GLN D 237 67.27 -35.11 -9.41
CA GLN D 237 66.98 -36.55 -9.33
C GLN D 237 66.89 -36.96 -7.86
N GLY D 238 66.19 -38.07 -7.62
CA GLY D 238 65.87 -38.54 -6.27
C GLY D 238 67.08 -38.95 -5.45
N THR D 239 67.30 -38.23 -4.35
CA THR D 239 68.41 -38.48 -3.43
C THR D 239 67.85 -38.49 -2.02
N ASP D 240 68.73 -38.53 -1.04
CA ASP D 240 68.34 -38.43 0.37
C ASP D 240 68.35 -37.00 0.90
N ASN D 241 69.01 -36.10 0.16
CA ASN D 241 69.15 -34.68 0.50
C ASN D 241 67.83 -34.08 1.02
N PRO D 242 67.82 -33.60 2.30
CA PRO D 242 66.61 -32.96 2.84
C PRO D 242 66.18 -31.69 2.09
N LYS D 243 67.05 -31.19 1.21
CA LYS D 243 66.76 -30.01 0.39
C LYS D 243 65.61 -30.26 -0.63
N GLN D 244 65.36 -31.53 -0.92
CA GLN D 244 64.26 -31.91 -1.82
C GLN D 244 63.08 -32.51 -1.08
N ARG D 245 63.06 -32.34 0.23
CA ARG D 245 61.96 -32.75 1.08
C ARG D 245 61.23 -31.55 1.68
N TRP D 246 59.96 -31.77 2.01
CA TRP D 246 59.05 -30.68 2.42
C TRP D 246 58.12 -31.10 3.54
N ALA D 247 57.84 -30.17 4.44
CA ALA D 247 56.84 -30.38 5.51
C ALA D 247 55.50 -29.72 5.16
N ILE D 248 54.41 -30.47 5.32
CA ILE D 248 53.07 -29.91 5.05
C ILE D 248 52.36 -29.36 6.31
N ASN D 249 51.17 -28.79 6.13
CA ASN D 249 50.47 -28.05 7.20
C ASN D 249 49.33 -28.82 7.88
N LYS D 250 48.84 -29.83 7.17
CA LYS D 250 47.75 -30.67 7.68
C LYS D 250 48.19 -32.13 7.84
N SER D 251 47.36 -32.89 8.56
CA SER D 251 47.50 -34.33 8.65
C SER D 251 46.90 -34.95 7.40
N LEU D 252 47.38 -36.15 7.06
CA LEU D 252 46.86 -36.93 5.94
C LEU D 252 45.43 -37.39 6.24
N PRO D 253 44.60 -37.61 5.19
CA PRO D 253 44.85 -37.56 3.74
C PRO D 253 44.83 -36.15 3.14
N LEU D 254 45.60 -35.95 2.09
CA LEU D 254 45.40 -34.81 1.19
C LEU D 254 44.24 -35.11 0.24
N ARG D 255 43.42 -34.10 -0.04
CA ARG D 255 42.27 -34.25 -0.92
C ARG D 255 42.20 -33.13 -1.95
N HIS D 256 41.41 -33.35 -3.00
CA HIS D 256 41.14 -32.33 -4.00
C HIS D 256 40.69 -31.03 -3.33
N GLY D 257 41.27 -29.93 -3.82
CA GLY D 257 40.94 -28.61 -3.30
C GLY D 257 41.56 -28.19 -1.98
N ASP D 258 42.42 -29.04 -1.41
CA ASP D 258 43.09 -28.72 -0.15
C ASP D 258 44.06 -27.56 -0.28
N VAL D 259 43.96 -26.65 0.69
CA VAL D 259 44.88 -25.53 0.82
C VAL D 259 46.08 -26.06 1.58
N VAL D 260 47.24 -26.10 0.92
CA VAL D 260 48.49 -26.55 1.56
C VAL D 260 49.64 -25.53 1.58
N THR D 261 50.60 -25.86 2.42
CA THR D 261 51.78 -25.08 2.70
C THR D 261 52.98 -26.04 2.53
N PHE D 262 54.04 -25.62 1.84
CA PHE D 262 55.27 -26.44 1.75
C PHE D 262 56.46 -25.73 2.38
N MET D 263 56.86 -26.19 3.56
CA MET D 263 58.08 -25.72 4.22
C MET D 263 59.24 -26.68 3.91
N ASN D 264 60.40 -26.12 3.57
CA ASN D 264 61.58 -26.93 3.27
C ASN D 264 62.13 -27.68 4.48
N LYS D 265 62.47 -28.94 4.26
CA LYS D 265 62.93 -29.82 5.31
C LYS D 265 64.36 -29.50 5.77
N TYR D 266 65.22 -29.07 4.83
CA TYR D 266 66.57 -28.60 5.17
C TYR D 266 66.58 -27.13 5.60
N PHE D 267 66.12 -26.24 4.72
CA PHE D 267 65.98 -24.80 5.03
C PHE D 267 64.69 -24.51 5.82
N THR D 268 64.69 -24.87 7.11
CA THR D 268 63.48 -24.98 7.94
C THR D 268 62.63 -23.71 8.03
N ARG D 269 63.30 -22.56 7.97
CA ARG D 269 62.63 -21.27 8.11
C ARG D 269 61.91 -20.81 6.84
N SER D 270 62.21 -21.47 5.71
CA SER D 270 61.72 -21.03 4.42
C SER D 270 60.65 -21.95 3.86
N GLY D 271 59.76 -21.40 3.04
CA GLY D 271 58.67 -22.15 2.43
C GLY D 271 58.44 -21.78 0.97
N LEU D 272 57.85 -22.72 0.23
CA LEU D 272 57.49 -22.54 -1.18
C LEU D 272 56.53 -21.38 -1.36
N CYS D 273 56.92 -20.44 -2.25
CA CYS D 273 56.26 -19.13 -2.38
C CYS D 273 56.51 -18.48 -3.73
N TYR D 274 55.81 -17.38 -4.00
CA TYR D 274 56.05 -16.55 -5.18
C TYR D 274 56.94 -15.37 -4.83
N ASP D 275 57.94 -15.12 -5.68
CA ASP D 275 58.69 -13.87 -5.70
C ASP D 275 59.13 -13.56 -7.12
N ASP D 276 59.11 -12.28 -7.51
CA ASP D 276 59.52 -11.89 -8.84
C ASP D 276 61.06 -11.86 -8.97
N GLY D 277 61.64 -13.04 -9.20
CA GLY D 277 63.09 -13.20 -9.40
C GLY D 277 63.54 -12.89 -10.82
N PRO D 278 64.82 -13.21 -11.16
CA PRO D 278 65.41 -12.72 -12.41
C PRO D 278 64.87 -13.41 -13.66
N ALA D 279 64.57 -14.71 -13.57
CA ALA D 279 64.08 -15.49 -14.71
C ALA D 279 62.86 -16.36 -14.37
N THR D 280 62.78 -16.80 -13.12
CA THR D 280 61.64 -17.58 -12.65
C THR D 280 61.03 -16.91 -11.41
N ASN D 281 59.85 -17.36 -10.99
CA ASN D 281 59.14 -16.72 -9.88
C ASN D 281 58.64 -17.60 -8.73
N VAL D 282 59.04 -18.86 -8.73
CA VAL D 282 58.77 -19.76 -7.61
C VAL D 282 60.05 -19.98 -6.80
N TYR D 283 60.03 -19.55 -5.54
CA TYR D 283 61.18 -19.62 -4.64
C TYR D 283 60.82 -20.21 -3.27
N CYS D 284 61.83 -20.41 -2.43
CA CYS D 284 61.60 -20.68 -1.02
C CYS D 284 62.51 -19.77 -0.21
N LEU D 285 61.87 -18.86 0.53
CA LEU D 285 62.54 -17.79 1.26
C LEU D 285 62.09 -17.76 2.72
N ASP D 286 62.98 -17.32 3.61
CA ASP D 286 62.68 -17.20 5.04
C ASP D 286 61.42 -16.38 5.30
N LYS D 287 60.58 -16.86 6.23
CA LYS D 287 59.33 -16.21 6.70
C LYS D 287 58.19 -16.17 5.68
N ARG D 288 58.46 -16.60 4.46
CA ARG D 288 57.46 -16.74 3.40
C ARG D 288 56.93 -18.18 3.36
N GLU D 289 55.61 -18.32 3.35
CA GLU D 289 54.95 -19.59 2.98
C GLU D 289 53.59 -19.28 2.35
N ASP D 290 53.56 -19.28 1.03
CA ASP D 290 52.33 -19.04 0.29
C ASP D 290 51.45 -20.29 0.36
N LYS D 291 50.13 -20.07 0.34
CA LYS D 291 49.16 -21.16 0.27
C LYS D 291 49.01 -21.63 -1.17
N TRP D 292 48.98 -22.96 -1.33
CA TRP D 292 48.84 -23.62 -2.63
C TRP D 292 47.62 -24.54 -2.62
N ILE D 293 46.93 -24.61 -3.75
CA ILE D 293 45.77 -25.49 -3.87
C ILE D 293 46.17 -26.71 -4.70
N LEU D 294 45.90 -27.90 -4.17
CA LEU D 294 46.16 -29.13 -4.88
C LEU D 294 44.89 -29.59 -5.55
N GLU D 295 44.97 -29.85 -6.85
CA GLU D 295 43.82 -30.36 -7.60
C GLU D 295 44.11 -31.63 -8.40
N VAL D 296 43.37 -32.69 -8.11
CA VAL D 296 43.42 -33.96 -8.84
C VAL D 296 43.01 -33.74 -10.29
N VAL D 297 43.83 -34.21 -11.25
CA VAL D 297 43.43 -34.16 -12.68
C VAL D 297 42.34 -35.18 -12.99
N GLY D 298 41.46 -34.83 -13.94
CA GLY D 298 40.38 -35.70 -14.40
C GLY D 298 40.83 -36.81 -15.33
N TYR E 10 28.70 -31.06 28.07
CA TYR E 10 29.53 -29.83 28.25
C TYR E 10 29.46 -29.25 29.66
N GLU E 11 30.44 -28.41 29.98
CA GLU E 11 30.57 -27.75 31.28
C GLU E 11 29.90 -26.38 31.25
N GLN E 12 29.17 -26.05 32.32
CA GLN E 12 28.48 -24.75 32.49
C GLN E 12 28.83 -24.15 33.83
N ILE E 13 29.40 -22.96 33.84
CA ILE E 13 29.69 -22.22 35.09
C ILE E 13 28.78 -21.00 35.23
N GLU E 14 28.24 -20.83 36.42
CA GLU E 14 27.39 -19.71 36.76
C GLU E 14 28.27 -18.59 37.31
N VAL E 15 28.14 -17.41 36.72
CA VAL E 15 28.87 -16.24 37.18
C VAL E 15 27.97 -15.00 37.16
N ASP E 16 28.38 -13.91 37.82
CA ASP E 16 27.66 -12.65 37.63
C ASP E 16 28.29 -11.70 36.62
N VAL E 17 27.41 -11.06 35.84
CA VAL E 17 27.77 -10.03 34.87
C VAL E 17 27.47 -8.69 35.51
N VAL E 18 28.43 -7.78 35.41
CA VAL E 18 28.32 -6.44 35.98
C VAL E 18 28.39 -5.44 34.83
N ALA E 19 27.28 -4.72 34.64
CA ALA E 19 27.15 -3.68 33.62
C ALA E 19 27.29 -2.31 34.27
N VAL E 20 28.10 -1.44 33.66
CA VAL E 20 28.24 -0.07 34.16
C VAL E 20 27.89 0.97 33.07
N TRP E 21 27.15 2.00 33.50
CA TRP E 21 26.53 3.06 32.67
C TRP E 21 27.55 3.79 31.85
N LYS E 22 27.23 3.99 30.58
CA LYS E 22 28.13 4.68 29.67
C LYS E 22 27.54 5.88 28.94
N GLU E 23 26.23 5.85 28.65
CA GLU E 23 25.55 6.91 27.91
C GLU E 23 24.05 6.86 28.16
N GLY E 24 23.39 8.02 28.09
CA GLY E 24 21.95 8.12 28.37
C GLY E 24 21.25 9.14 27.52
N TYR E 25 19.93 9.02 27.38
CA TYR E 25 19.10 9.89 26.54
C TYR E 25 17.66 9.83 27.03
N VAL E 26 17.03 10.98 27.24
CA VAL E 26 15.64 11.06 27.70
C VAL E 26 14.87 12.02 26.81
N TYR E 27 13.71 11.57 26.34
CA TYR E 27 12.90 12.33 25.39
C TYR E 27 11.47 12.33 25.87
N GLU E 28 10.91 13.52 26.07
CA GLU E 28 9.48 13.64 26.33
C GLU E 28 8.73 14.16 25.11
N ASN E 29 7.61 13.52 24.84
CA ASN E 29 6.66 13.95 23.84
C ASN E 29 5.46 14.41 24.63
N ARG E 30 5.35 15.72 24.76
CA ARG E 30 4.42 16.34 25.68
C ARG E 30 3.11 16.65 25.00
N GLY E 31 3.11 16.73 23.66
CA GLY E 31 1.92 17.09 22.90
C GLY E 31 0.91 15.96 22.80
N SER E 32 -0.16 16.17 22.02
CA SER E 32 -1.21 15.16 21.90
C SER E 32 -1.27 14.38 20.57
N THR E 33 -0.25 14.52 19.73
CA THR E 33 -0.04 13.58 18.61
C THR E 33 1.16 12.69 18.93
N SER E 34 1.21 11.50 18.35
CA SER E 34 2.35 10.62 18.57
C SER E 34 3.51 10.98 17.63
N VAL E 35 4.68 10.38 17.88
CA VAL E 35 5.91 10.71 17.15
C VAL E 35 6.74 9.46 16.88
N ASP E 36 7.32 9.41 15.69
CA ASP E 36 8.14 8.30 15.26
C ASP E 36 9.62 8.65 15.37
N GLN E 37 10.25 8.00 16.35
CA GLN E 37 11.66 8.14 16.68
C GLN E 37 12.49 7.00 16.07
N LYS E 38 13.66 7.34 15.53
CA LYS E 38 14.58 6.42 14.89
C LYS E 38 16.01 6.74 15.35
N ILE E 39 16.62 5.85 16.13
CA ILE E 39 18.00 6.07 16.58
C ILE E 39 18.96 5.11 15.86
N THR E 40 19.96 5.66 15.17
CA THR E 40 21.08 4.87 14.63
C THR E 40 22.42 5.09 15.36
N ILE E 41 22.93 4.03 16.00
CA ILE E 41 24.34 4.00 16.44
C ILE E 41 25.21 3.24 15.44
N THR E 42 26.39 3.81 15.14
CA THR E 42 27.35 3.27 14.18
C THR E 42 28.70 3.26 14.88
N LYS E 43 29.37 2.10 14.85
CA LYS E 43 30.81 2.03 15.13
C LYS E 43 31.50 1.33 13.95
N GLY E 44 32.76 1.69 13.70
CA GLY E 44 33.49 1.18 12.53
C GLY E 44 34.97 1.44 12.60
N MET E 45 35.73 0.69 11.81
CA MET E 45 37.18 0.80 11.78
C MET E 45 37.74 0.56 10.37
N LYS E 46 38.92 1.11 10.10
CA LYS E 46 39.57 0.97 8.81
C LYS E 46 41.08 0.86 8.99
N ASN E 47 41.71 -0.15 8.39
CA ASN E 47 43.18 -0.29 8.40
C ASN E 47 43.81 -0.20 7.02
N VAL E 48 44.79 0.68 6.88
CA VAL E 48 45.43 0.92 5.60
C VAL E 48 46.92 0.71 5.74
N ASN E 49 47.51 -0.01 4.78
CA ASN E 49 48.96 -0.26 4.73
C ASN E 49 49.51 -0.07 3.33
N SER E 50 50.62 0.66 3.20
CA SER E 50 51.29 0.79 1.90
C SER E 50 52.81 0.72 1.89
N GLU E 51 53.33 0.25 0.76
CA GLU E 51 54.75 0.11 0.48
C GLU E 51 55.04 0.86 -0.80
N THR E 52 55.92 1.84 -0.72
CA THR E 52 56.28 2.66 -1.86
C THR E 52 57.79 2.58 -2.10
N ARG E 53 58.17 1.86 -3.17
CA ARG E 53 59.56 1.74 -3.64
C ARG E 53 59.84 2.75 -4.77
N THR E 54 60.73 3.70 -4.49
CA THR E 54 61.22 4.68 -5.49
C THR E 54 62.68 4.39 -5.90
N VAL E 55 62.96 4.47 -7.21
CA VAL E 55 64.33 4.37 -7.74
C VAL E 55 64.60 5.50 -8.74
N THR E 56 65.61 6.32 -8.44
CA THR E 56 66.06 7.41 -9.31
C THR E 56 67.51 7.25 -9.83
N ALA E 57 67.67 7.20 -11.14
CA ALA E 57 68.97 7.33 -11.76
C ALA E 57 69.08 8.68 -12.50
N THR E 58 70.17 9.40 -12.23
CA THR E 58 70.45 10.71 -12.82
C THR E 58 71.85 10.76 -13.48
N HIS E 59 71.94 11.41 -14.64
CA HIS E 59 73.19 11.57 -15.39
C HIS E 59 73.35 13.04 -15.72
N SER E 60 74.47 13.64 -15.31
CA SER E 60 74.80 15.04 -15.65
C SER E 60 76.09 15.20 -16.44
N ILE E 61 76.09 16.12 -17.40
CA ILE E 61 77.29 16.47 -18.18
C ILE E 61 77.37 17.99 -18.16
N GLY E 62 78.32 18.52 -17.37
CA GLY E 62 78.66 19.96 -17.32
C GLY E 62 79.89 20.32 -18.16
N SER E 63 80.19 21.62 -18.23
CA SER E 63 81.24 22.19 -19.12
C SER E 63 81.33 23.70 -18.99
N THR E 64 82.54 24.22 -18.77
CA THR E 64 82.79 25.68 -18.76
C THR E 64 83.96 26.12 -19.69
N ILE E 65 83.66 27.06 -20.59
CA ILE E 65 84.63 27.63 -21.52
C ILE E 65 84.96 29.03 -21.01
N SER E 66 86.25 29.28 -20.80
CA SER E 66 86.74 30.39 -19.98
C SER E 66 87.96 31.17 -20.55
N THR E 67 88.20 32.38 -20.04
CA THR E 67 89.31 33.26 -20.45
C THR E 67 90.49 33.12 -19.48
N GLY E 74 89.00 42.42 -18.81
CA GLY E 74 88.52 41.42 -17.87
C GLY E 74 88.34 40.02 -18.44
N SER E 75 87.22 39.38 -18.07
CA SER E 75 86.98 37.95 -18.33
C SER E 75 85.58 37.54 -18.81
N VAL E 76 85.50 36.49 -19.63
CA VAL E 76 84.23 35.97 -20.12
C VAL E 76 84.17 34.45 -19.97
N GLU E 77 83.04 33.99 -19.43
CA GLU E 77 82.77 32.56 -19.21
C GLU E 77 81.45 32.12 -19.86
N VAL E 78 81.42 30.85 -20.27
CA VAL E 78 80.26 30.24 -20.92
C VAL E 78 80.16 28.82 -20.38
N SER E 79 79.02 28.51 -19.74
CA SER E 79 78.71 27.18 -19.18
C SER E 79 77.58 26.47 -19.94
N TYR E 80 77.60 25.14 -19.87
CA TYR E 80 76.55 24.31 -20.44
C TYR E 80 76.50 23.00 -19.70
N SER E 81 75.32 22.71 -19.13
CA SER E 81 75.04 21.40 -18.57
C SER E 81 73.81 20.74 -19.20
N HIS E 82 73.74 19.43 -19.05
CA HIS E 82 72.59 18.65 -19.45
C HIS E 82 72.42 17.52 -18.46
N SER E 83 71.23 17.40 -17.90
CA SER E 83 70.88 16.27 -17.03
C SER E 83 69.67 15.47 -17.53
N HIS E 84 69.68 14.18 -17.21
CA HIS E 84 68.65 13.23 -17.64
C HIS E 84 68.35 12.34 -16.45
N GLN E 85 67.16 12.52 -15.88
CA GLN E 85 66.72 11.80 -14.69
C GLN E 85 65.58 10.85 -15.04
N LYS E 86 65.72 9.61 -14.57
CA LYS E 86 64.73 8.56 -14.79
C LYS E 86 64.33 8.05 -13.42
N SER E 87 63.03 7.92 -13.20
CA SER E 87 62.48 7.63 -11.88
C SER E 87 61.35 6.60 -11.99
N GLN E 88 61.33 5.63 -11.08
CA GLN E 88 60.30 4.57 -11.08
C GLN E 88 59.76 4.34 -9.67
N VAL E 89 58.51 4.79 -9.43
CA VAL E 89 57.83 4.62 -8.14
C VAL E 89 56.81 3.48 -8.21
N SER E 90 56.96 2.51 -7.31
CA SER E 90 56.07 1.36 -7.22
C SER E 90 55.38 1.28 -5.87
N MET E 91 54.04 1.28 -5.90
CA MET E 91 53.20 1.42 -4.72
C MET E 91 52.21 0.26 -4.57
N THR E 92 52.03 -0.18 -3.33
CA THR E 92 51.10 -1.26 -2.95
C THR E 92 50.28 -0.83 -1.73
N GLN E 93 48.96 -0.82 -1.87
CA GLN E 93 48.04 -0.44 -0.79
C GLN E 93 47.06 -1.53 -0.44
N THR E 94 46.87 -1.74 0.86
CA THR E 94 45.88 -2.67 1.44
C THR E 94 44.95 -1.90 2.36
N GLU E 95 43.64 -1.93 2.06
CA GLU E 95 42.59 -1.53 3.00
C GLU E 95 41.83 -2.74 3.50
N VAL E 96 41.54 -2.74 4.79
CA VAL E 96 40.50 -3.60 5.37
C VAL E 96 39.60 -2.75 6.29
N TYR E 97 38.28 -2.81 6.08
CA TYR E 97 37.31 -2.04 6.88
C TYR E 97 36.15 -2.89 7.38
N SER E 98 35.56 -2.44 8.49
CA SER E 98 34.34 -3.02 9.02
C SER E 98 33.51 -2.00 9.78
N SER E 99 32.24 -2.31 10.00
CA SER E 99 31.32 -1.47 10.73
C SER E 99 30.12 -2.27 11.18
N LYS E 100 29.60 -1.88 12.35
CA LYS E 100 28.38 -2.41 12.93
C LYS E 100 27.45 -1.20 13.06
N VAL E 101 26.22 -1.33 12.54
CA VAL E 101 25.21 -0.28 12.64
C VAL E 101 23.93 -0.87 13.25
N ILE E 102 23.47 -0.29 14.36
CA ILE E 102 22.26 -0.72 15.03
C ILE E 102 21.25 0.43 14.99
N GLU E 103 20.11 0.21 14.33
CA GLU E 103 19.02 1.19 14.36
C GLU E 103 17.73 0.65 14.99
N HIS E 104 17.13 1.48 15.85
CA HIS E 104 15.84 1.19 16.48
C HIS E 104 14.78 2.24 16.11
N THR E 105 13.62 1.77 15.63
CA THR E 105 12.48 2.63 15.30
C THR E 105 11.34 2.33 16.25
N ILE E 106 10.75 3.38 16.84
CA ILE E 106 9.72 3.25 17.88
C ILE E 106 8.68 4.36 17.73
N THR E 107 7.40 4.03 17.94
CA THR E 107 6.37 5.07 18.03
C THR E 107 6.17 5.46 19.48
N ILE E 108 6.74 6.60 19.85
CA ILE E 108 6.45 7.20 21.16
C ILE E 108 5.04 7.78 21.13
N PRO E 109 4.12 7.18 21.92
CA PRO E 109 2.73 7.63 21.98
C PRO E 109 2.61 9.03 22.54
N PRO E 110 1.45 9.67 22.33
CA PRO E 110 1.26 11.01 22.88
C PRO E 110 1.50 11.00 24.36
N THR E 111 1.87 12.15 24.93
CA THR E 111 1.89 12.30 26.37
C THR E 111 2.84 11.32 27.15
N SER E 112 3.96 10.98 26.50
CA SER E 112 4.86 9.92 26.95
C SER E 112 6.34 10.29 27.04
N LYS E 113 7.08 9.55 27.88
CA LYS E 113 8.53 9.70 28.03
C LYS E 113 9.28 8.45 27.50
N PHE E 114 10.42 8.65 26.83
CA PHE E 114 11.26 7.56 26.35
C PHE E 114 12.67 7.74 26.91
N THR E 115 13.25 6.68 27.45
CA THR E 115 14.64 6.74 27.93
C THR E 115 15.50 5.59 27.40
N ARG E 116 16.74 5.91 27.02
CA ARG E 116 17.74 4.92 26.66
C ARG E 116 18.93 5.04 27.63
N TRP E 117 19.27 3.92 28.26
CA TRP E 117 20.50 3.80 29.03
C TRP E 117 21.35 2.79 28.30
N GLN E 118 22.61 3.17 28.08
CA GLN E 118 23.56 2.30 27.43
C GLN E 118 24.67 1.99 28.43
N LEU E 119 24.85 0.70 28.70
CA LEU E 119 25.90 0.29 29.65
C LEU E 119 26.83 -0.73 28.99
N ASN E 120 28.01 -0.89 29.57
CA ASN E 120 28.91 -1.96 29.16
C ASN E 120 28.97 -3.10 30.17
N ALA E 121 28.63 -4.30 29.71
CA ALA E 121 28.47 -5.45 30.58
C ALA E 121 29.74 -6.25 30.59
N ASP E 122 30.27 -6.51 31.78
CA ASP E 122 31.47 -7.33 31.96
C ASP E 122 31.08 -8.68 32.55
N VAL E 123 31.30 -9.75 31.79
CA VAL E 123 31.03 -11.11 32.26
C VAL E 123 32.22 -11.55 33.12
N GLY E 124 31.98 -11.67 34.43
CA GLY E 124 33.05 -11.89 35.42
C GLY E 124 33.79 -13.19 35.22
N GLY E 125 35.12 -13.13 35.21
CA GLY E 125 35.95 -14.33 35.05
C GLY E 125 36.00 -14.98 33.67
N ALA E 126 34.93 -14.83 32.88
CA ALA E 126 34.96 -15.29 31.49
C ALA E 126 35.90 -14.42 30.65
N GLY E 127 36.07 -13.16 31.07
CA GLY E 127 36.92 -12.19 30.37
C GLY E 127 36.36 -11.79 29.01
N ILE E 128 35.05 -11.57 28.98
CA ILE E 128 34.33 -11.09 27.81
C ILE E 128 33.31 -10.06 28.24
N GLU E 129 32.89 -9.23 27.29
CA GLU E 129 31.99 -8.12 27.56
C GLU E 129 31.13 -7.82 26.35
N TYR E 130 29.97 -7.22 26.60
CA TYR E 130 29.03 -6.87 25.55
C TYR E 130 28.33 -5.54 25.83
N MET E 131 27.74 -4.98 24.78
CA MET E 131 26.89 -3.80 24.88
C MET E 131 25.53 -4.19 25.40
N TYR E 132 25.08 -3.47 26.44
CA TYR E 132 23.81 -3.71 27.08
C TYR E 132 22.95 -2.46 26.94
N LEU E 133 21.85 -2.60 26.20
CA LEU E 133 20.96 -1.49 25.89
C LEU E 133 19.59 -1.63 26.52
N ILE E 134 19.19 -0.65 27.33
CA ILE E 134 17.87 -0.62 27.92
C ILE E 134 17.05 0.56 27.40
N ASP E 135 15.99 0.25 26.63
CA ASP E 135 15.01 1.23 26.13
C ASP E 135 13.70 1.10 26.92
N GLU E 136 13.05 2.22 27.23
CA GLU E 136 11.72 2.18 27.85
C GLU E 136 10.84 3.39 27.55
N VAL E 137 9.56 3.13 27.27
CA VAL E 137 8.53 4.18 27.15
C VAL E 137 7.56 4.05 28.31
N THR E 138 7.36 5.14 29.05
CA THR E 138 6.39 5.26 30.16
C THR E 138 5.62 6.56 30.01
N PRO E 139 4.45 6.69 30.68
CA PRO E 139 3.82 8.03 30.78
C PRO E 139 4.71 9.04 31.52
N ILE E 140 4.50 10.32 31.21
CA ILE E 140 5.28 11.43 31.80
C ILE E 140 4.89 11.60 33.25
N GLY E 141 5.86 11.95 34.08
CA GLY E 141 5.68 11.99 35.53
C GLY E 141 6.27 10.75 36.18
N GLY E 142 5.89 10.51 37.43
CA GLY E 142 6.54 9.48 38.23
C GLY E 142 7.97 9.86 38.59
N THR E 143 8.73 8.87 39.07
CA THR E 143 10.08 9.11 39.55
C THR E 143 11.10 8.30 38.72
N GLN E 144 12.08 8.99 38.13
CA GLN E 144 13.04 8.35 37.21
C GLN E 144 14.02 7.41 37.93
N SER E 145 14.21 6.24 37.32
CA SER E 145 15.14 5.24 37.83
C SER E 145 16.31 5.11 36.86
N ILE E 146 17.50 5.49 37.33
CA ILE E 146 18.73 5.45 36.52
C ILE E 146 19.65 4.30 36.96
N PRO E 147 19.97 3.38 36.03
CA PRO E 147 20.84 2.25 36.37
C PRO E 147 22.33 2.57 36.13
N GLN E 148 23.04 3.01 37.17
CA GLN E 148 24.48 3.35 36.99
C GLN E 148 25.38 2.09 36.95
N VAL E 149 25.15 1.14 37.86
CA VAL E 149 25.70 -0.22 37.73
C VAL E 149 24.70 -1.33 38.08
N ILE E 150 24.65 -2.36 37.25
CA ILE E 150 23.73 -3.47 37.43
C ILE E 150 24.52 -4.79 37.51
N THR E 151 24.23 -5.59 38.54
CA THR E 151 24.64 -6.99 38.58
C THR E 151 23.46 -7.89 38.26
N SER E 152 23.72 -8.85 37.40
CA SER E 152 22.78 -9.90 37.10
C SER E 152 23.55 -11.19 37.02
N ARG E 153 22.81 -12.30 37.04
CA ARG E 153 23.39 -13.62 37.03
C ARG E 153 23.36 -14.19 35.60
N ALA E 154 24.34 -15.04 35.27
CA ALA E 154 24.38 -15.74 33.97
C ALA E 154 25.04 -17.11 34.05
N LYS E 155 24.58 -18.05 33.22
CA LYS E 155 25.29 -19.31 32.99
C LYS E 155 26.13 -19.22 31.71
N ILE E 156 27.44 -19.49 31.83
CA ILE E 156 28.35 -19.47 30.67
C ILE E 156 28.70 -20.89 30.26
N ILE E 157 28.42 -21.22 29.00
CA ILE E 157 28.82 -22.49 28.39
C ILE E 157 30.31 -22.35 27.97
N VAL E 158 31.19 -22.94 28.77
CA VAL E 158 32.66 -22.77 28.61
C VAL E 158 33.36 -23.91 27.86
N GLY E 159 34.60 -23.66 27.46
CA GLY E 159 35.37 -24.60 26.66
C GLY E 159 36.05 -25.65 27.49
N ARG E 160 36.48 -26.72 26.80
CA ARG E 160 37.28 -27.80 27.39
C ARG E 160 38.44 -27.17 28.13
N GLN E 161 38.65 -27.60 29.36
CA GLN E 161 39.73 -27.09 30.18
C GLN E 161 41.08 -27.57 29.66
N ILE E 162 42.01 -26.63 29.52
CA ILE E 162 43.43 -26.95 29.26
C ILE E 162 44.01 -27.35 30.61
N ILE E 163 44.15 -28.66 30.81
CA ILE E 163 44.73 -29.23 32.03
C ILE E 163 46.27 -29.21 31.92
N LEU E 164 46.87 -28.47 32.86
CA LEU E 164 48.31 -28.18 32.87
C LEU E 164 49.15 -29.45 32.93
N GLY E 165 50.14 -29.53 32.04
CA GLY E 165 50.98 -30.72 31.95
C GLY E 165 50.39 -31.86 31.14
N LYS E 166 49.09 -31.81 30.85
CA LYS E 166 48.44 -32.89 30.13
C LYS E 166 48.07 -32.51 28.71
N THR E 167 47.16 -31.55 28.55
CA THR E 167 46.51 -31.32 27.24
C THR E 167 47.34 -30.57 26.22
N GLU E 168 47.41 -31.17 25.04
CA GLU E 168 48.13 -30.63 23.90
C GLU E 168 47.31 -29.52 23.22
N ILE E 169 47.95 -28.36 23.05
CA ILE E 169 47.30 -27.18 22.47
C ILE E 169 48.11 -26.57 21.33
N ARG E 170 47.42 -25.78 20.50
CA ARG E 170 48.07 -24.88 19.54
C ARG E 170 48.02 -23.47 20.09
N ILE E 171 48.99 -22.65 19.71
CA ILE E 171 48.96 -21.26 20.07
C ILE E 171 48.84 -20.43 18.78
N LYS E 172 47.70 -19.75 18.65
CA LYS E 172 47.38 -18.90 17.50
C LYS E 172 47.56 -17.42 17.85
N HIS E 173 48.23 -16.69 16.96
CA HIS E 173 48.36 -15.24 17.10
C HIS E 173 47.01 -14.65 16.80
N ALA E 174 46.44 -13.91 17.76
CA ALA E 174 45.06 -13.42 17.65
C ALA E 174 44.83 -12.52 16.43
N GLU E 175 45.65 -11.48 16.30
CA GLU E 175 45.49 -10.52 15.22
C GLU E 175 45.84 -11.11 13.85
N ARG E 176 46.88 -11.91 13.79
CA ARG E 176 47.45 -12.36 12.51
C ARG E 176 46.87 -13.65 11.99
N LYS E 177 46.15 -14.37 12.86
CA LYS E 177 45.51 -15.67 12.54
C LYS E 177 46.50 -16.73 12.00
N GLU E 178 47.75 -16.64 12.44
CA GLU E 178 48.81 -17.63 12.18
C GLU E 178 49.21 -18.31 13.49
N TYR E 179 49.73 -19.53 13.41
CA TYR E 179 50.20 -20.29 14.58
C TYR E 179 51.68 -20.11 14.89
N MET E 180 52.04 -20.33 16.15
CA MET E 180 53.43 -20.41 16.56
C MET E 180 53.95 -21.79 16.15
N THR E 181 55.04 -21.77 15.37
CA THR E 181 55.73 -22.98 14.91
C THR E 181 57.17 -22.96 15.41
N VAL E 182 57.87 -24.08 15.23
CA VAL E 182 59.27 -24.24 15.65
C VAL E 182 60.14 -24.52 14.42
N VAL E 183 61.18 -23.72 14.26
CA VAL E 183 62.14 -23.87 13.17
C VAL E 183 63.53 -23.74 13.73
N SER E 184 64.53 -23.99 12.90
CA SER E 184 65.90 -23.78 13.30
C SER E 184 66.44 -22.40 12.93
N ARG E 185 66.75 -21.61 13.96
CA ARG E 185 67.55 -20.41 13.75
C ARG E 185 68.85 -20.67 14.51
N LYS E 186 69.98 -20.52 13.81
CA LYS E 186 71.32 -20.54 14.41
C LYS E 186 71.55 -21.82 15.23
N SER E 187 71.10 -22.95 14.66
CA SER E 187 71.20 -24.31 15.24
C SER E 187 70.50 -24.47 16.60
N TRP E 188 69.45 -23.69 16.82
CA TRP E 188 68.63 -23.83 18.00
C TRP E 188 67.19 -23.92 17.55
N PRO E 189 66.30 -24.53 18.40
CA PRO E 189 64.86 -24.41 18.14
C PRO E 189 64.40 -22.99 18.41
N ALA E 190 63.70 -22.45 17.42
CA ALA E 190 63.31 -21.04 17.39
C ALA E 190 61.83 -20.91 17.02
N ALA E 191 61.14 -20.00 17.70
CA ALA E 191 59.74 -19.71 17.41
C ALA E 191 59.57 -18.75 16.23
N THR E 192 58.81 -19.20 15.24
CA THR E 192 58.32 -18.33 14.18
C THR E 192 56.85 -18.56 13.90
N LEU E 193 56.21 -17.61 13.23
CA LEU E 193 54.79 -17.70 12.94
C LEU E 193 54.60 -18.44 11.62
N GLY E 194 53.62 -19.34 11.61
CA GLY E 194 53.33 -20.19 10.46
C GLY E 194 51.88 -20.58 10.25
N HIS E 195 51.59 -21.15 9.09
CA HIS E 195 50.23 -21.59 8.73
C HIS E 195 49.89 -23.00 9.19
N SER E 196 50.90 -23.78 9.57
CA SER E 196 50.75 -25.19 9.94
C SER E 196 49.92 -25.40 11.20
N LYS E 197 49.00 -26.36 11.11
CA LYS E 197 48.19 -26.78 12.25
C LYS E 197 48.84 -27.93 13.04
N LEU E 198 50.10 -28.25 12.71
CA LEU E 198 50.78 -29.44 13.23
C LEU E 198 51.73 -29.22 14.40
N PHE E 199 51.93 -27.96 14.81
CA PHE E 199 52.79 -27.65 15.96
C PHE E 199 52.01 -27.55 17.27
N LYS E 200 52.07 -28.65 18.03
CA LYS E 200 51.42 -28.78 19.35
C LYS E 200 52.36 -28.26 20.44
N PHE E 201 51.76 -27.92 21.59
CA PHE E 201 52.46 -27.38 22.77
C PHE E 201 51.79 -27.89 24.03
N VAL E 202 52.51 -27.84 25.14
CA VAL E 202 51.95 -28.18 26.45
C VAL E 202 52.44 -27.15 27.47
N LEU E 203 51.52 -26.69 28.32
CA LEU E 203 51.84 -25.65 29.30
C LEU E 203 51.92 -26.20 30.72
N TYR E 204 52.90 -25.67 31.46
CA TYR E 204 53.17 -26.09 32.82
C TYR E 204 53.19 -24.84 33.67
N GLU E 205 52.85 -24.96 34.95
CA GLU E 205 53.09 -23.92 35.93
C GLU E 205 53.78 -24.56 37.12
N ASP E 206 54.79 -23.86 37.63
CA ASP E 206 55.48 -24.22 38.86
C ASP E 206 55.75 -22.99 39.71
N TRP E 207 56.68 -23.11 40.66
CA TRP E 207 57.01 -22.07 41.64
C TRP E 207 57.45 -20.74 40.98
N GLY E 208 58.15 -20.84 39.84
CA GLY E 208 58.70 -19.68 39.14
C GLY E 208 57.85 -19.07 38.04
N GLY E 209 56.70 -19.67 37.73
CA GLY E 209 55.81 -19.16 36.67
C GLY E 209 55.33 -20.22 35.69
N PHE E 210 54.95 -19.78 34.48
CA PHE E 210 54.43 -20.67 33.42
C PHE E 210 55.51 -21.04 32.42
N ARG E 211 55.45 -22.25 31.89
CA ARG E 211 56.40 -22.66 30.86
C ARG E 211 55.71 -23.16 29.60
N ILE E 212 56.24 -22.76 28.46
CA ILE E 212 55.65 -23.16 27.18
C ILE E 212 56.57 -24.22 26.59
N LYS E 213 56.05 -25.45 26.45
CA LYS E 213 56.86 -26.55 25.94
C LYS E 213 56.36 -27.06 24.60
N THR E 214 57.27 -27.07 23.62
CA THR E 214 56.99 -27.61 22.29
C THR E 214 57.15 -29.13 22.23
N LEU E 215 56.33 -29.76 21.40
CA LEU E 215 56.46 -31.20 21.08
C LEU E 215 56.95 -31.39 19.65
N ASN E 216 57.51 -30.33 19.06
CA ASN E 216 58.00 -30.36 17.69
C ASN E 216 59.40 -29.75 17.56
N THR E 217 60.23 -29.99 18.57
CA THR E 217 61.63 -29.61 18.54
C THR E 217 62.46 -30.54 17.64
N MET E 218 63.46 -29.99 16.97
CA MET E 218 64.35 -30.80 16.11
C MET E 218 65.72 -31.04 16.75
N TYR E 219 65.90 -30.56 17.98
CA TYR E 219 67.01 -30.95 18.84
C TYR E 219 66.47 -31.36 20.21
N SER E 220 66.58 -32.66 20.52
CA SER E 220 65.99 -33.26 21.74
C SER E 220 66.35 -32.55 23.02
N GLY E 221 65.36 -32.40 23.89
CA GLY E 221 65.56 -31.80 25.20
C GLY E 221 65.47 -30.29 25.20
N TYR E 222 65.61 -29.67 24.02
CA TYR E 222 65.50 -28.22 23.83
C TYR E 222 64.07 -27.85 23.39
N GLU E 223 63.24 -27.50 24.37
CA GLU E 223 61.79 -27.52 24.21
C GLU E 223 61.00 -26.45 24.99
N TYR E 224 61.60 -25.87 26.03
CA TYR E 224 60.96 -24.80 26.81
C TYR E 224 61.28 -23.43 26.25
N ALA E 225 60.25 -22.62 26.04
CA ALA E 225 60.41 -21.32 25.36
C ALA E 225 61.06 -20.29 26.26
N TYR E 226 62.08 -19.62 25.73
CA TYR E 226 62.73 -18.52 26.45
C TYR E 226 63.19 -17.38 25.54
N SER E 227 63.47 -16.24 26.18
CA SER E 227 63.86 -15.05 25.47
C SER E 227 65.36 -14.88 25.52
N SER E 228 65.96 -14.76 24.34
CA SER E 228 67.38 -14.43 24.18
C SER E 228 67.65 -13.03 24.69
N ASP E 229 68.93 -12.69 24.81
CA ASP E 229 69.32 -11.42 25.46
C ASP E 229 68.95 -10.17 24.66
N GLN E 230 68.63 -10.35 23.37
CA GLN E 230 68.06 -9.27 22.57
C GLN E 230 66.67 -9.53 22.01
N GLY E 231 65.96 -10.51 22.57
CA GLY E 231 64.52 -10.56 22.42
C GLY E 231 63.92 -11.77 21.75
N GLY E 232 64.67 -12.39 20.84
CA GLY E 232 64.21 -13.56 20.08
C GLY E 232 63.78 -14.74 20.95
N ILE E 233 62.83 -15.51 20.43
CA ILE E 233 62.34 -16.66 21.18
C ILE E 233 63.00 -17.94 20.69
N TYR E 234 63.73 -18.58 21.60
CA TYR E 234 64.28 -19.91 21.37
C TYR E 234 63.66 -20.92 22.34
N PHE E 235 63.96 -22.20 22.10
CA PHE E 235 63.56 -23.25 23.02
C PHE E 235 64.79 -23.91 23.65
N ASP E 236 64.79 -23.95 24.97
CA ASP E 236 65.94 -24.38 25.75
C ASP E 236 65.63 -25.68 26.52
N GLN E 237 66.64 -26.21 27.19
CA GLN E 237 66.52 -27.33 28.13
C GLN E 237 65.92 -26.80 29.43
N GLY E 238 65.13 -27.64 30.10
CA GLY E 238 64.42 -27.25 31.32
C GLY E 238 65.35 -26.94 32.47
N THR E 239 65.51 -25.65 32.77
CA THR E 239 66.32 -25.20 33.89
C THR E 239 65.45 -24.46 34.91
N ASP E 240 66.09 -23.83 35.91
CA ASP E 240 65.39 -23.00 36.89
C ASP E 240 65.27 -21.54 36.44
N ASN E 241 65.95 -21.22 35.34
CA ASN E 241 66.09 -19.86 34.82
C ASN E 241 64.76 -19.10 34.66
N PRO E 242 64.64 -17.86 35.22
CA PRO E 242 63.46 -17.00 35.02
C PRO E 242 63.13 -16.65 33.57
N LYS E 243 64.14 -16.62 32.68
CA LYS E 243 63.96 -16.31 31.25
C LYS E 243 63.07 -17.31 30.51
N GLN E 244 62.83 -18.45 31.14
CA GLN E 244 62.11 -19.61 30.61
C GLN E 244 60.67 -19.69 31.17
N ARG E 245 60.36 -18.76 32.08
CA ARG E 245 59.07 -18.65 32.74
C ARG E 245 58.30 -17.39 32.31
N TRP E 246 56.98 -17.51 32.30
CA TRP E 246 56.12 -16.41 31.89
C TRP E 246 54.92 -16.25 32.83
N ALA E 247 54.42 -15.02 32.95
CA ALA E 247 53.17 -14.75 33.67
C ALA E 247 52.02 -14.61 32.68
N ILE E 248 50.92 -15.32 32.93
CA ILE E 248 49.73 -15.18 32.08
C ILE E 248 48.81 -14.05 32.58
N ASN E 249 47.69 -13.82 31.87
CA ASN E 249 46.79 -12.68 32.13
C ASN E 249 45.48 -12.96 32.88
N LYS E 250 45.00 -14.20 32.86
CA LYS E 250 43.83 -14.61 33.68
C LYS E 250 44.21 -15.53 34.85
N SER E 251 43.23 -15.78 35.73
CA SER E 251 43.35 -16.84 36.75
C SER E 251 42.98 -18.18 36.14
N LEU E 252 43.42 -19.26 36.77
CA LEU E 252 43.14 -20.60 36.26
C LEU E 252 41.66 -20.90 36.51
N PRO E 253 41.02 -21.72 35.64
CA PRO E 253 41.60 -22.53 34.58
C PRO E 253 41.68 -21.85 33.22
N LEU E 254 42.68 -22.22 32.43
CA LEU E 254 42.72 -21.89 31.01
C LEU E 254 41.83 -22.85 30.23
N ARG E 255 41.07 -22.31 29.29
CA ARG E 255 40.05 -23.07 28.53
C ARG E 255 40.27 -22.94 27.02
N HIS E 256 39.70 -23.85 26.23
CA HIS E 256 39.84 -23.76 24.76
C HIS E 256 39.32 -22.41 24.29
N GLY E 257 40.07 -21.79 23.39
CA GLY E 257 39.73 -20.48 22.85
C GLY E 257 39.97 -19.29 23.78
N ASP E 258 40.69 -19.48 24.89
CA ASP E 258 41.04 -18.34 25.76
C ASP E 258 42.03 -17.37 25.11
N VAL E 259 41.78 -16.09 25.31
CA VAL E 259 42.66 -15.04 24.81
C VAL E 259 43.66 -14.70 25.91
N VAL E 260 44.95 -14.85 25.60
CA VAL E 260 45.99 -14.78 26.62
C VAL E 260 47.21 -13.94 26.25
N THR E 261 47.94 -13.58 27.30
CA THR E 261 49.12 -12.77 27.27
C THR E 261 50.26 -13.56 27.93
N PHE E 262 51.43 -13.57 27.30
CA PHE E 262 52.64 -14.15 27.90
C PHE E 262 53.70 -13.09 28.18
N MET E 263 53.86 -12.70 29.44
CA MET E 263 54.86 -11.70 29.80
C MET E 263 56.05 -12.40 30.42
N ASN E 264 57.26 -11.99 30.07
CA ASN E 264 58.46 -12.67 30.56
C ASN E 264 58.75 -12.48 32.06
N LYS E 265 58.97 -13.59 32.77
CA LYS E 265 59.15 -13.52 34.21
C LYS E 265 60.47 -12.84 34.61
N TYR E 266 61.44 -12.87 33.69
CA TYR E 266 62.74 -12.20 33.88
C TYR E 266 62.75 -10.77 33.37
N PHE E 267 62.64 -10.62 32.05
CA PHE E 267 62.46 -9.32 31.40
C PHE E 267 61.03 -8.84 31.67
N THR E 268 60.81 -8.17 32.80
CA THR E 268 59.44 -7.98 33.32
C THR E 268 58.57 -7.04 32.50
N ARG E 269 59.22 -6.12 31.81
CA ARG E 269 58.56 -5.14 30.93
C ARG E 269 58.14 -5.72 29.60
N SER E 270 58.77 -6.82 29.19
CA SER E 270 58.57 -7.41 27.88
C SER E 270 57.65 -8.64 27.85
N GLY E 271 57.06 -8.89 26.68
CA GLY E 271 56.05 -9.93 26.49
C GLY E 271 56.03 -10.50 25.09
N LEU E 272 55.48 -11.70 24.95
CA LEU E 272 55.50 -12.46 23.71
C LEU E 272 54.68 -11.74 22.67
N CYS E 273 55.32 -11.43 21.56
CA CYS E 273 54.73 -10.61 20.51
C CYS E 273 55.25 -11.01 19.13
N TYR E 274 54.58 -10.49 18.09
CA TYR E 274 55.06 -10.55 16.72
C TYR E 274 55.92 -9.30 16.42
N ASP E 275 57.00 -9.51 15.68
CA ASP E 275 57.81 -8.43 15.11
C ASP E 275 58.60 -9.05 13.99
N ASP E 276 58.75 -8.33 12.88
CA ASP E 276 59.47 -8.84 11.71
C ASP E 276 60.99 -8.76 11.88
N GLY E 277 61.56 -9.81 12.47
CA GLY E 277 63.00 -9.89 12.77
C GLY E 277 63.80 -10.39 11.57
N PRO E 278 65.12 -10.67 11.77
CA PRO E 278 65.97 -11.05 10.63
C PRO E 278 65.61 -12.38 10.01
N ALA E 279 65.29 -13.38 10.84
CA ALA E 279 65.07 -14.75 10.36
C ALA E 279 63.77 -15.36 10.87
N THR E 280 63.34 -14.95 12.07
CA THR E 280 62.10 -15.41 12.66
C THR E 280 61.26 -14.19 13.08
N ASN E 281 60.01 -14.43 13.49
CA ASN E 281 59.12 -13.34 13.89
C ASN E 281 58.31 -13.45 15.20
N VAL E 282 58.64 -14.42 16.05
CA VAL E 282 58.13 -14.44 17.43
C VAL E 282 59.22 -13.90 18.35
N TYR E 283 58.88 -12.83 19.06
CA TYR E 283 59.84 -12.10 19.90
C TYR E 283 59.27 -11.75 21.27
N CYS E 284 60.08 -11.03 22.04
CA CYS E 284 59.73 -10.66 23.39
C CYS E 284 60.34 -9.29 23.59
N LEU E 285 59.52 -8.26 23.41
CA LEU E 285 59.98 -6.83 23.42
C LEU E 285 59.29 -5.97 24.48
N ASP E 286 60.03 -5.01 25.04
CA ASP E 286 59.51 -4.10 26.07
C ASP E 286 58.26 -3.40 25.57
N LYS E 287 57.23 -3.36 26.40
CA LYS E 287 55.95 -2.63 26.13
C LYS E 287 55.00 -3.32 25.15
N ARG E 288 55.52 -4.24 24.34
CA ARG E 288 54.72 -5.13 23.48
C ARG E 288 54.17 -6.35 24.27
N GLU E 289 52.91 -6.70 24.00
CA GLU E 289 52.31 -7.92 24.54
C GLU E 289 51.09 -8.31 23.73
N ASP E 290 51.32 -9.00 22.62
CA ASP E 290 50.25 -9.44 21.74
C ASP E 290 49.33 -10.50 22.36
N LYS E 291 48.09 -10.49 21.89
CA LYS E 291 47.09 -11.47 22.31
C LYS E 291 47.25 -12.76 21.49
N TRP E 292 47.14 -13.89 22.20
CA TRP E 292 47.17 -15.22 21.59
C TRP E 292 45.95 -16.02 22.00
N ILE E 293 45.49 -16.85 21.07
CA ILE E 293 44.40 -17.79 21.33
C ILE E 293 45.02 -19.17 21.57
N LEU E 294 44.65 -19.78 22.71
CA LEU E 294 45.01 -21.17 23.02
C LEU E 294 43.90 -22.10 22.54
N GLU E 295 44.24 -23.03 21.66
CA GLU E 295 43.26 -24.02 21.20
C GLU E 295 43.64 -25.47 21.45
N VAL E 296 42.77 -26.19 22.14
CA VAL E 296 42.89 -27.62 22.43
C VAL E 296 42.78 -28.41 21.13
N VAL E 297 43.73 -29.33 20.93
CA VAL E 297 43.71 -30.21 19.73
C VAL E 297 42.64 -31.29 19.87
N GLY E 298 41.88 -31.50 18.77
CA GLY E 298 40.70 -32.39 18.70
C GLY E 298 40.52 -33.56 19.67
N GLY F 9 19.47 -7.39 47.06
CA GLY F 9 20.44 -6.65 47.93
C GLY F 9 21.40 -5.79 47.14
N TYR F 10 20.90 -4.69 46.58
CA TYR F 10 21.71 -3.70 45.87
C TYR F 10 21.38 -2.29 46.36
N GLU F 11 22.38 -1.41 46.31
CA GLU F 11 22.31 -0.07 46.92
C GLU F 11 21.65 0.96 45.98
N GLN F 12 20.85 1.85 46.56
CA GLN F 12 20.09 2.87 45.80
C GLN F 12 20.09 4.24 46.48
N ILE F 13 20.62 5.26 45.82
CA ILE F 13 20.54 6.63 46.37
C ILE F 13 19.57 7.55 45.61
N GLU F 14 18.78 8.30 46.38
CA GLU F 14 17.90 9.34 45.85
C GLU F 14 18.68 10.61 45.62
N VAL F 15 18.57 11.16 44.40
CA VAL F 15 19.31 12.36 44.04
C VAL F 15 18.50 13.29 43.13
N ASP F 16 18.86 14.57 43.04
CA ASP F 16 18.25 15.41 41.99
C ASP F 16 19.07 15.65 40.72
N VAL F 17 18.38 15.53 39.58
CA VAL F 17 18.96 15.84 38.27
C VAL F 17 18.56 17.26 37.87
N VAL F 18 19.55 18.00 37.38
CA VAL F 18 19.37 19.39 37.03
C VAL F 18 19.70 19.55 35.54
N ALA F 19 18.67 19.87 34.76
CA ALA F 19 18.83 20.09 33.33
C ALA F 19 18.91 21.57 32.98
N VAL F 20 19.88 21.93 32.14
CA VAL F 20 20.03 23.33 31.73
C VAL F 20 19.88 23.49 30.19
N TRP F 21 19.02 24.43 29.78
CA TRP F 21 18.70 24.79 28.38
C TRP F 21 19.92 24.95 27.46
N LYS F 22 19.86 24.42 26.24
CA LYS F 22 20.99 24.51 25.30
C LYS F 22 20.66 25.08 23.91
N GLU F 23 19.43 24.85 23.47
CA GLU F 23 19.02 25.08 22.10
C GLU F 23 17.51 24.97 22.07
N GLY F 24 16.86 25.83 21.30
CA GLY F 24 15.40 25.80 21.12
C GLY F 24 14.98 25.98 19.68
N TYR F 25 13.69 25.78 19.42
CA TYR F 25 13.13 25.79 18.08
C TYR F 25 11.62 25.85 18.18
N VAL F 26 11.00 26.82 17.52
CA VAL F 26 9.55 26.95 17.47
C VAL F 26 9.08 27.05 16.03
N TYR F 27 8.01 26.32 15.74
CA TYR F 27 7.49 26.24 14.39
C TYR F 27 5.97 26.33 14.43
N GLU F 28 5.41 27.34 13.79
CA GLU F 28 3.96 27.46 13.68
C GLU F 28 3.46 27.06 12.28
N ASN F 29 2.44 26.22 12.26
CA ASN F 29 1.76 25.87 11.03
C ASN F 29 0.43 26.61 11.05
N ARG F 30 0.36 27.72 10.33
CA ARG F 30 -0.80 28.61 10.33
C ARG F 30 -1.87 28.26 9.28
N GLY F 31 -1.51 27.40 8.34
CA GLY F 31 -2.38 27.04 7.22
C GLY F 31 -3.51 26.07 7.54
N SER F 32 -4.28 25.76 6.49
CA SER F 32 -5.41 24.83 6.54
C SER F 32 -5.04 23.37 6.48
N THR F 33 -3.83 23.07 6.07
CA THR F 33 -3.40 21.69 5.87
C THR F 33 -2.37 21.34 6.90
N SER F 34 -2.25 20.07 7.25
CA SER F 34 -1.22 19.67 8.19
C SER F 34 0.13 19.54 7.47
N VAL F 35 1.20 19.52 8.26
CA VAL F 35 2.58 19.47 7.76
C VAL F 35 3.36 18.33 8.43
N ASP F 36 4.16 17.61 7.63
CA ASP F 36 4.96 16.50 8.12
C ASP F 36 6.40 16.97 8.35
N GLN F 37 6.77 17.06 9.63
CA GLN F 37 8.09 17.53 10.06
C GLN F 37 9.00 16.37 10.47
N LYS F 38 10.26 16.44 10.01
CA LYS F 38 11.26 15.49 10.42
C LYS F 38 12.53 16.24 10.81
N ILE F 39 12.92 16.11 12.08
CA ILE F 39 14.19 16.65 12.55
C ILE F 39 15.23 15.53 12.69
N THR F 40 16.38 15.66 12.00
CA THR F 40 17.54 14.75 12.21
C THR F 40 18.71 15.42 12.91
N ILE F 41 19.02 14.93 14.12
CA ILE F 41 20.21 15.31 14.88
C ILE F 41 21.34 14.26 14.72
N THR F 42 22.51 14.69 14.23
CA THR F 42 23.69 13.81 14.12
C THR F 42 24.88 14.36 14.94
N LYS F 43 25.51 13.48 15.73
CA LYS F 43 26.79 13.73 16.40
C LYS F 43 27.75 12.57 16.11
N GLY F 44 29.06 12.83 16.11
CA GLY F 44 30.03 11.75 15.87
C GLY F 44 31.50 12.11 15.82
N MET F 45 32.35 11.10 15.87
CA MET F 45 33.80 11.29 15.87
C MET F 45 34.56 10.30 14.96
N LYS F 46 35.82 10.66 14.67
CA LYS F 46 36.69 9.87 13.84
C LYS F 46 38.13 10.15 14.30
N ASN F 47 38.83 9.07 14.71
CA ASN F 47 40.26 9.12 15.06
C ASN F 47 41.15 8.43 14.03
N VAL F 48 42.23 9.10 13.62
CA VAL F 48 43.13 8.53 12.61
C VAL F 48 44.55 8.54 13.13
N ASN F 49 45.20 7.38 13.09
CA ASN F 49 46.63 7.24 13.45
C ASN F 49 47.51 6.68 12.36
N SER F 50 48.72 7.23 12.27
CA SER F 50 49.50 7.15 11.06
C SER F 50 50.98 6.99 11.38
N GLU F 51 51.59 5.93 10.88
CA GLU F 51 53.04 5.74 10.94
C GLU F 51 53.68 5.60 9.57
N THR F 52 54.52 6.57 9.22
CA THR F 52 55.25 6.51 7.95
C THR F 52 56.75 6.48 8.20
N ARG F 53 57.40 5.35 7.90
CA ARG F 53 58.85 5.33 7.86
C ARG F 53 59.46 5.35 6.44
N THR F 54 60.39 6.27 6.23
CA THR F 54 61.12 6.33 4.95
C THR F 54 62.61 5.97 5.13
N VAL F 55 63.10 5.00 4.35
CA VAL F 55 64.57 4.77 4.22
C VAL F 55 65.03 5.07 2.76
N THR F 56 66.13 5.80 2.64
CA THR F 56 66.54 6.34 1.34
C THR F 56 68.09 6.46 1.12
N ALA F 57 68.61 5.58 0.25
CA ALA F 57 70.04 5.46 -0.07
C ALA F 57 70.49 6.09 -1.41
N THR F 58 71.54 6.91 -1.33
CA THR F 58 72.05 7.69 -2.45
C THR F 58 73.53 7.37 -2.78
N HIS F 59 73.83 6.97 -4.01
CA HIS F 59 75.22 6.78 -4.46
C HIS F 59 75.54 7.74 -5.62
N SER F 60 76.64 8.48 -5.48
CA SER F 60 77.03 9.50 -6.45
C SER F 60 78.46 9.39 -6.99
N ILE F 61 78.65 9.61 -8.29
CA ILE F 61 80.01 9.59 -8.86
C ILE F 61 80.20 10.71 -9.91
N GLY F 62 81.17 11.58 -9.60
CA GLY F 62 81.48 12.79 -10.39
C GLY F 62 82.90 12.79 -10.94
N SER F 63 83.23 13.83 -11.72
CA SER F 63 84.54 14.04 -12.36
C SER F 63 84.54 15.27 -13.29
N THR F 64 85.65 16.00 -13.26
CA THR F 64 85.86 17.15 -14.16
C THR F 64 87.23 17.11 -14.85
N ILE F 65 87.27 17.51 -16.12
CA ILE F 65 88.51 17.54 -16.87
C ILE F 65 88.60 18.90 -17.54
N SER F 66 89.66 19.63 -17.16
CA SER F 66 90.00 20.94 -17.72
C SER F 66 91.46 21.02 -18.23
N THR F 67 91.91 22.23 -18.57
CA THR F 67 93.26 22.41 -19.11
C THR F 67 93.99 23.56 -18.40
N SER F 75 90.46 28.66 -21.59
CA SER F 75 90.27 27.39 -20.87
C SER F 75 88.97 26.64 -21.21
N VAL F 76 89.00 25.32 -21.10
CA VAL F 76 87.89 24.44 -21.49
C VAL F 76 87.74 23.40 -20.39
N GLU F 77 86.51 23.23 -19.89
CA GLU F 77 86.18 22.23 -18.88
C GLU F 77 85.02 21.32 -19.32
N VAL F 78 85.04 20.08 -18.82
CA VAL F 78 84.05 19.04 -19.13
C VAL F 78 83.77 18.27 -17.85
N SER F 79 82.51 18.27 -17.41
CA SER F 79 82.06 17.49 -16.24
C SER F 79 81.13 16.33 -16.64
N TYR F 80 81.27 15.22 -15.91
CA TYR F 80 80.34 14.08 -15.96
C TYR F 80 79.98 13.68 -14.55
N SER F 81 78.72 13.33 -14.36
CA SER F 81 78.20 13.05 -13.04
C SER F 81 77.02 12.06 -13.17
N HIS F 82 76.92 11.18 -12.18
CA HIS F 82 75.94 10.08 -12.16
C HIS F 82 75.45 9.85 -10.74
N SER F 83 74.14 9.89 -10.51
CA SER F 83 73.55 9.55 -9.20
C SER F 83 72.46 8.49 -9.29
N HIS F 84 72.45 7.61 -8.28
CA HIS F 84 71.44 6.55 -8.14
C HIS F 84 70.81 6.56 -6.74
N GLN F 85 69.52 6.91 -6.66
CA GLN F 85 68.77 6.90 -5.40
C GLN F 85 67.77 5.73 -5.31
N LYS F 86 67.85 5.04 -4.17
CA LYS F 86 66.94 3.97 -3.73
C LYS F 86 66.12 4.52 -2.56
N SER F 87 64.80 4.35 -2.57
CA SER F 87 63.91 4.95 -1.55
C SER F 87 62.73 3.99 -1.29
N GLN F 88 62.53 3.66 -0.02
CA GLN F 88 61.51 2.70 0.40
C GLN F 88 60.68 3.25 1.54
N VAL F 89 59.40 3.49 1.28
CA VAL F 89 58.51 4.10 2.27
C VAL F 89 57.32 3.20 2.60
N SER F 90 57.22 2.91 3.90
CA SER F 90 56.24 2.01 4.50
C SER F 90 55.35 2.78 5.45
N MET F 91 54.04 2.69 5.26
CA MET F 91 53.10 3.40 6.10
C MET F 91 51.93 2.56 6.56
N THR F 92 51.50 2.86 7.76
CA THR F 92 50.41 2.18 8.47
C THR F 92 49.43 3.24 8.98
N GLN F 93 48.18 3.13 8.55
CA GLN F 93 47.14 4.05 9.00
C GLN F 93 46.06 3.20 9.61
N THR F 94 45.54 3.62 10.76
CA THR F 94 44.35 3.02 11.34
C THR F 94 43.31 4.06 11.78
N GLU F 95 42.04 3.80 11.44
CA GLU F 95 40.88 4.69 11.64
C GLU F 95 39.89 4.01 12.56
N VAL F 96 39.43 4.73 13.58
CA VAL F 96 38.26 4.38 14.43
C VAL F 96 37.21 5.50 14.27
N TYR F 97 35.94 5.12 14.01
CA TYR F 97 34.84 6.10 13.91
C TYR F 97 33.56 5.65 14.57
N SER F 98 32.79 6.62 15.04
CA SER F 98 31.40 6.43 15.52
C SER F 98 30.46 7.60 15.18
N SER F 99 29.15 7.33 15.27
CA SER F 99 28.08 8.26 14.93
C SER F 99 26.88 7.85 15.77
N LYS F 100 26.16 8.87 16.26
CA LYS F 100 24.82 8.73 16.82
C LYS F 100 23.85 9.71 16.08
N VAL F 101 22.76 9.20 15.52
CA VAL F 101 21.77 10.01 14.82
C VAL F 101 20.36 9.71 15.29
N ILE F 102 19.70 10.77 15.76
CA ILE F 102 18.34 10.73 16.28
C ILE F 102 17.39 11.43 15.27
N GLU F 103 16.32 10.72 14.92
CA GLU F 103 15.38 11.15 13.90
C GLU F 103 13.98 11.14 14.54
N HIS F 104 13.31 12.29 14.59
CA HIS F 104 11.90 12.36 15.01
C HIS F 104 10.98 12.81 13.85
N THR F 105 9.91 12.05 13.62
CA THR F 105 8.91 12.40 12.62
C THR F 105 7.56 12.62 13.28
N ILE F 106 6.94 13.75 13.00
CA ILE F 106 5.67 14.14 13.59
C ILE F 106 4.81 14.81 12.52
N THR F 107 3.49 14.72 12.65
CA THR F 107 2.59 15.49 11.82
C THR F 107 2.00 16.58 12.69
N ILE F 108 2.45 17.81 12.45
CA ILE F 108 1.83 18.99 13.05
C ILE F 108 0.50 19.27 12.35
N PRO F 109 -0.63 19.24 13.10
CA PRO F 109 -1.97 19.53 12.58
C PRO F 109 -2.07 20.98 12.12
N PRO F 110 -3.13 21.34 11.38
CA PRO F 110 -3.38 22.77 11.03
C PRO F 110 -3.48 23.65 12.28
N THR F 111 -3.44 24.97 12.05
CA THR F 111 -3.37 25.95 13.16
C THR F 111 -2.75 25.47 14.52
N SER F 112 -1.54 24.90 14.43
CA SER F 112 -0.77 24.39 15.60
C SER F 112 0.67 24.87 15.64
N LYS F 113 1.23 24.97 16.84
CA LYS F 113 2.67 25.15 16.93
C LYS F 113 3.43 24.02 17.63
N PHE F 114 4.62 23.75 17.11
CA PHE F 114 5.55 22.75 17.62
C PHE F 114 6.73 23.46 18.23
N THR F 115 7.07 23.07 19.45
CA THR F 115 8.29 23.57 20.10
C THR F 115 9.20 22.42 20.56
N ARG F 116 10.50 22.62 20.42
CA ARG F 116 11.49 21.69 20.96
C ARG F 116 12.49 22.42 21.83
N TRP F 117 12.63 21.97 23.07
CA TRP F 117 13.73 22.41 23.93
C TRP F 117 14.71 21.26 24.06
N GLN F 118 15.99 21.57 23.93
CA GLN F 118 17.02 20.64 24.24
C GLN F 118 17.76 21.12 25.47
N LEU F 119 17.76 20.27 26.49
CA LEU F 119 18.51 20.54 27.70
C LEU F 119 19.64 19.52 27.90
N ASN F 120 20.51 19.83 28.85
CA ASN F 120 21.57 18.94 29.26
C ASN F 120 21.46 18.68 30.72
N ALA F 121 21.10 17.43 31.05
CA ALA F 121 20.80 17.01 32.42
C ALA F 121 22.05 16.53 33.11
N ASP F 122 22.28 17.07 34.32
CA ASP F 122 23.39 16.67 35.19
C ASP F 122 22.83 15.90 36.38
N VAL F 123 23.15 14.62 36.47
CA VAL F 123 22.71 13.79 37.61
C VAL F 123 23.65 14.06 38.78
N GLY F 124 23.11 14.65 39.83
CA GLY F 124 23.93 15.13 40.95
C GLY F 124 24.69 14.01 41.65
N GLY F 125 25.94 14.28 42.04
CA GLY F 125 26.73 13.28 42.74
C GLY F 125 27.25 12.12 41.90
N ALA F 126 26.38 11.53 41.07
CA ALA F 126 26.72 10.40 40.19
C ALA F 126 27.79 10.74 39.14
N GLY F 127 27.90 12.02 38.82
CA GLY F 127 28.84 12.51 37.81
C GLY F 127 28.58 11.85 36.46
N ILE F 128 27.29 11.77 36.11
CA ILE F 128 26.86 11.38 34.76
C ILE F 128 25.84 12.39 34.24
N GLU F 129 25.76 12.46 32.91
CA GLU F 129 24.89 13.40 32.23
C GLU F 129 24.30 12.80 30.96
N TYR F 130 23.16 13.36 30.55
CA TYR F 130 22.48 12.92 29.36
C TYR F 130 21.75 14.08 28.71
N MET F 131 21.56 13.98 27.39
CA MET F 131 20.73 14.93 26.63
C MET F 131 19.26 14.71 27.01
N TYR F 132 18.59 15.81 27.32
CA TYR F 132 17.18 15.81 27.65
C TYR F 132 16.41 16.59 26.58
N LEU F 133 15.47 15.93 25.90
CA LEU F 133 14.73 16.55 24.83
C LEU F 133 13.24 16.67 25.12
N ILE F 134 12.71 17.89 25.13
CA ILE F 134 11.27 18.09 25.25
C ILE F 134 10.64 18.60 23.95
N ASP F 135 9.84 17.75 23.31
CA ASP F 135 9.02 18.12 22.16
C ASP F 135 7.58 18.35 22.60
N GLU F 136 6.89 19.31 21.99
CA GLU F 136 5.46 19.54 22.22
C GLU F 136 4.75 20.19 21.05
N VAL F 137 3.52 19.74 20.77
CA VAL F 137 2.64 20.34 19.77
C VAL F 137 1.39 20.82 20.48
N THR F 138 1.00 22.08 20.27
CA THR F 138 -0.21 22.72 20.87
C THR F 138 -0.84 23.73 19.93
N PRO F 139 -2.11 24.12 20.18
CA PRO F 139 -2.73 25.20 19.40
C PRO F 139 -1.97 26.53 19.52
N ILE F 140 -2.01 27.35 18.45
CA ILE F 140 -1.36 28.67 18.45
C ILE F 140 -2.17 29.59 19.35
N GLY F 141 -1.47 30.41 20.12
CA GLY F 141 -2.08 31.17 21.21
C GLY F 141 -1.53 30.67 22.53
N GLY F 142 -2.17 31.07 23.63
CA GLY F 142 -1.62 30.90 24.97
C GLY F 142 -0.33 31.69 25.11
N THR F 143 0.33 31.59 26.27
CA THR F 143 1.68 32.15 26.30
C THR F 143 2.74 31.07 26.60
N GLN F 144 3.87 31.19 25.92
CA GLN F 144 4.88 30.14 25.89
C GLN F 144 5.56 29.94 27.24
N SER F 145 5.70 28.69 27.65
CA SER F 145 6.51 28.36 28.80
C SER F 145 7.84 27.72 28.38
N ILE F 146 8.94 28.34 28.81
CA ILE F 146 10.28 27.91 28.41
C ILE F 146 11.06 27.46 29.64
N PRO F 147 11.54 26.20 29.64
CA PRO F 147 12.40 25.64 30.69
C PRO F 147 13.89 25.96 30.51
N GLN F 148 14.39 26.97 31.24
CA GLN F 148 15.83 27.33 31.18
C GLN F 148 16.62 26.38 32.08
N VAL F 149 16.10 26.16 33.29
CA VAL F 149 16.54 25.01 34.10
C VAL F 149 15.40 24.28 34.82
N ILE F 150 15.37 22.96 34.65
CA ILE F 150 14.48 22.07 35.41
C ILE F 150 15.32 21.20 36.35
N THR F 151 14.89 21.15 37.61
CA THR F 151 15.36 20.19 38.59
C THR F 151 14.25 19.19 38.76
N SER F 152 14.62 17.91 38.78
CA SER F 152 13.70 16.81 38.98
C SER F 152 14.42 15.75 39.80
N ARG F 153 13.63 14.86 40.38
CA ARG F 153 14.07 13.78 41.26
C ARG F 153 14.45 12.49 40.50
N ALA F 154 15.44 11.74 41.00
CA ALA F 154 15.74 10.38 40.50
C ALA F 154 16.37 9.47 41.56
N LYS F 155 16.06 8.17 41.48
CA LYS F 155 16.80 7.13 42.21
C LYS F 155 17.88 6.58 41.27
N ILE F 156 19.11 6.51 41.75
CA ILE F 156 20.22 5.95 40.96
C ILE F 156 20.65 4.61 41.56
N ILE F 157 20.67 3.54 40.75
CA ILE F 157 21.28 2.26 41.16
C ILE F 157 22.82 2.34 41.06
N VAL F 158 23.46 2.45 42.22
CA VAL F 158 24.92 2.70 42.31
C VAL F 158 25.75 1.43 42.44
N GLY F 159 27.04 1.56 42.12
CA GLY F 159 27.97 0.44 42.20
C GLY F 159 28.39 0.11 43.61
N ARG F 160 28.96 -1.10 43.78
CA ARG F 160 29.53 -1.53 45.06
C ARG F 160 30.56 -0.52 45.52
N GLN F 161 30.55 -0.23 46.82
CA GLN F 161 31.44 0.79 47.36
C GLN F 161 32.88 0.30 47.50
N ILE F 162 33.81 1.15 47.07
CA ILE F 162 35.25 0.97 47.30
C ILE F 162 35.57 1.54 48.67
N ILE F 163 35.89 0.62 49.59
CA ILE F 163 36.21 0.94 50.98
C ILE F 163 37.71 1.18 51.03
N LEU F 164 38.08 2.38 51.48
CA LEU F 164 39.50 2.76 51.59
C LEU F 164 40.21 1.92 52.61
N GLY F 165 41.46 1.59 52.31
CA GLY F 165 42.22 0.64 53.11
C GLY F 165 41.80 -0.82 52.92
N LYS F 166 40.61 -1.06 52.36
CA LYS F 166 40.07 -2.41 52.38
C LYS F 166 39.93 -3.10 51.03
N THR F 167 39.09 -2.57 50.15
CA THR F 167 38.66 -3.35 48.99
C THR F 167 39.62 -3.28 47.82
N GLU F 168 39.93 -4.45 47.27
CA GLU F 168 40.89 -4.62 46.19
C GLU F 168 40.24 -4.24 44.87
N ILE F 169 40.94 -3.38 44.13
CA ILE F 169 40.51 -2.86 42.82
C ILE F 169 41.55 -3.04 41.73
N ARG F 170 41.09 -3.16 40.48
CA ARG F 170 41.93 -3.00 39.29
C ARG F 170 41.80 -1.54 38.83
N ILE F 171 42.86 -0.99 38.23
CA ILE F 171 42.78 0.37 37.66
C ILE F 171 42.94 0.30 36.15
N LYS F 172 41.89 0.70 35.45
CA LYS F 172 41.81 0.63 34.00
C LYS F 172 41.98 2.01 33.33
N HIS F 173 42.80 2.04 32.28
CA HIS F 173 42.90 3.21 31.42
C HIS F 173 41.63 3.35 30.60
N ALA F 174 40.92 4.46 30.81
CA ALA F 174 39.60 4.66 30.20
C ALA F 174 39.64 4.59 28.69
N GLU F 175 40.51 5.40 28.07
CA GLU F 175 40.57 5.51 26.63
C GLU F 175 41.19 4.28 26.01
N ARG F 176 42.31 3.82 26.55
CA ARG F 176 43.13 2.75 25.98
C ARG F 176 42.55 1.35 26.27
N LYS F 177 41.60 1.28 27.20
CA LYS F 177 41.04 0.02 27.71
C LYS F 177 42.06 -1.05 28.13
N GLU F 178 43.14 -0.60 28.78
CA GLU F 178 44.18 -1.47 29.33
C GLU F 178 44.35 -1.23 30.83
N TYR F 179 44.92 -2.20 31.54
CA TYR F 179 45.07 -2.10 32.99
C TYR F 179 46.40 -1.54 33.47
N MET F 180 46.40 -0.92 34.65
CA MET F 180 47.64 -0.49 35.28
C MET F 180 48.28 -1.70 35.92
N THR F 181 49.53 -1.96 35.51
CA THR F 181 50.29 -3.13 35.93
C THR F 181 51.65 -2.67 36.47
N VAL F 182 52.39 -3.61 37.06
CA VAL F 182 53.66 -3.29 37.72
C VAL F 182 54.79 -4.14 37.16
N VAL F 183 55.79 -3.45 36.62
CA VAL F 183 57.02 -4.04 36.10
C VAL F 183 58.24 -3.45 36.83
N SER F 184 59.43 -3.96 36.48
CA SER F 184 60.69 -3.48 37.04
C SER F 184 61.47 -2.64 36.05
N ARG F 185 61.71 -1.39 36.42
CA ARG F 185 62.53 -0.47 35.64
C ARG F 185 63.53 0.15 36.61
N LYS F 186 64.80 0.16 36.19
CA LYS F 186 65.95 0.64 37.01
C LYS F 186 65.97 0.01 38.42
N SER F 187 65.56 -1.26 38.51
CA SER F 187 65.48 -2.02 39.79
C SER F 187 64.44 -1.51 40.81
N TRP F 188 63.47 -0.73 40.32
CA TRP F 188 62.31 -0.26 41.10
C TRP F 188 61.04 -0.86 40.55
N PRO F 189 59.98 -0.95 41.39
CA PRO F 189 58.72 -1.29 40.76
C PRO F 189 58.21 -0.05 40.02
N ALA F 190 57.85 -0.26 38.76
CA ALA F 190 57.35 0.82 37.92
C ALA F 190 55.98 0.47 37.38
N ALA F 191 55.20 1.51 37.06
CA ALA F 191 53.87 1.34 36.48
C ALA F 191 53.86 1.41 34.97
N THR F 192 53.17 0.44 34.37
CA THR F 192 52.98 0.35 32.93
C THR F 192 51.58 -0.23 32.60
N LEU F 193 51.09 0.07 31.40
CA LEU F 193 49.82 -0.48 30.95
C LEU F 193 50.00 -1.88 30.40
N GLY F 194 48.95 -2.68 30.50
CA GLY F 194 48.92 -4.04 29.97
C GLY F 194 47.58 -4.73 30.11
N HIS F 195 47.46 -5.90 29.49
CA HIS F 195 46.21 -6.67 29.44
C HIS F 195 45.90 -7.54 30.65
N SER F 196 46.88 -7.77 31.50
CA SER F 196 46.72 -8.67 32.65
C SER F 196 45.62 -8.19 33.58
N LYS F 197 44.79 -9.14 34.02
CA LYS F 197 43.69 -8.85 34.94
C LYS F 197 44.10 -9.14 36.38
N LEU F 198 45.39 -9.44 36.56
CA LEU F 198 45.95 -9.93 37.82
C LEU F 198 46.53 -8.88 38.75
N PHE F 199 46.63 -7.64 38.27
CA PHE F 199 47.26 -6.56 39.02
C PHE F 199 46.24 -5.78 39.83
N LYS F 200 46.28 -5.99 41.14
CA LYS F 200 45.30 -5.43 42.04
C LYS F 200 45.95 -4.35 42.88
N PHE F 201 45.12 -3.42 43.33
CA PHE F 201 45.54 -2.25 44.09
C PHE F 201 44.52 -2.02 45.20
N VAL F 202 44.92 -1.24 46.20
CA VAL F 202 43.97 -0.75 47.20
C VAL F 202 44.30 0.70 47.53
N LEU F 203 43.25 1.53 47.57
CA LEU F 203 43.37 2.97 47.76
C LEU F 203 43.22 3.40 49.22
N TYR F 204 44.04 4.38 49.59
CA TYR F 204 44.19 4.85 50.94
C TYR F 204 44.02 6.36 50.92
N GLU F 205 43.46 6.94 51.97
CA GLU F 205 43.43 8.39 52.11
C GLU F 205 43.80 8.74 53.53
N ASP F 206 44.71 9.72 53.65
CA ASP F 206 45.07 10.31 54.93
C ASP F 206 45.14 11.83 54.80
N TRP F 207 45.82 12.49 55.75
CA TRP F 207 45.80 13.95 55.88
C TRP F 207 46.26 14.63 54.60
N GLY F 208 47.23 14.01 53.92
CA GLY F 208 47.94 14.64 52.83
C GLY F 208 47.47 14.26 51.44
N GLY F 209 46.40 13.49 51.33
CA GLY F 209 45.87 13.05 50.04
C GLY F 209 45.58 11.56 49.92
N PHE F 210 45.47 11.11 48.67
CA PHE F 210 45.15 9.74 48.32
C PHE F 210 46.43 8.98 47.97
N ARG F 211 46.43 7.67 48.18
CA ARG F 211 47.59 6.87 47.80
C ARG F 211 47.17 5.62 47.07
N ILE F 212 47.93 5.30 46.02
CA ILE F 212 47.69 4.11 45.21
C ILE F 212 48.69 3.04 45.66
N LYS F 213 48.19 1.88 46.08
CA LYS F 213 49.07 0.86 46.66
C LYS F 213 48.92 -0.45 45.94
N THR F 214 50.03 -0.95 45.39
CA THR F 214 50.02 -2.21 44.66
C THR F 214 50.12 -3.44 45.54
N LEU F 215 49.50 -4.52 45.06
CA LEU F 215 49.50 -5.77 45.76
C LEU F 215 50.28 -6.79 44.96
N ASN F 216 51.05 -6.31 43.99
CA ASN F 216 51.82 -7.15 43.09
C ASN F 216 53.22 -6.61 42.90
N THR F 217 53.79 -6.01 43.95
CA THR F 217 55.18 -5.54 43.92
C THR F 217 56.14 -6.72 43.95
N MET F 218 57.28 -6.56 43.28
CA MET F 218 58.33 -7.59 43.26
C MET F 218 59.53 -7.21 44.13
N TYR F 219 59.47 -6.00 44.69
CA TYR F 219 60.36 -5.55 45.75
C TYR F 219 59.52 -5.18 46.97
N SER F 220 59.23 -6.12 47.87
CA SER F 220 58.27 -5.81 48.96
C SER F 220 58.79 -4.70 49.90
N GLY F 221 57.85 -3.86 50.33
CA GLY F 221 58.22 -2.61 50.97
C GLY F 221 57.84 -1.46 50.05
N TYR F 222 58.25 -1.57 48.79
CA TYR F 222 58.03 -0.57 47.72
C TYR F 222 56.73 -0.86 46.98
N GLU F 223 55.69 -0.10 47.35
CA GLU F 223 54.30 -0.48 47.04
C GLU F 223 53.34 0.69 46.82
N TYR F 224 53.76 1.91 47.15
CA TYR F 224 52.92 3.09 46.96
C TYR F 224 53.38 3.87 45.75
N ALA F 225 52.48 4.03 44.77
CA ALA F 225 52.71 4.78 43.53
C ALA F 225 53.05 6.25 43.78
N TYR F 226 54.05 6.71 43.04
CA TYR F 226 54.63 8.05 43.19
C TYR F 226 55.35 8.49 41.94
N SER F 227 55.41 9.80 41.76
CA SER F 227 56.02 10.38 40.59
C SER F 227 57.49 10.63 40.81
N SER F 228 58.25 10.20 39.81
CA SER F 228 59.68 10.41 39.81
C SER F 228 59.97 11.87 39.51
N ASP F 229 61.22 12.28 39.73
CA ASP F 229 61.61 13.69 39.59
C ASP F 229 61.55 14.17 38.13
N GLN F 230 61.37 13.22 37.22
CA GLN F 230 61.26 13.51 35.80
C GLN F 230 60.05 12.83 35.12
N GLY F 231 59.13 12.25 35.91
CA GLY F 231 57.81 11.94 35.36
C GLY F 231 57.24 10.56 35.58
N GLY F 232 58.08 9.56 35.35
CA GLY F 232 57.73 8.14 35.49
C GLY F 232 57.09 7.75 36.81
N ILE F 233 56.20 6.77 36.72
CA ILE F 233 55.50 6.30 37.88
C ILE F 233 56.22 5.08 38.43
N TYR F 234 56.68 5.25 39.67
CA TYR F 234 57.31 4.18 40.39
C TYR F 234 56.57 3.89 41.68
N PHE F 235 57.01 2.85 42.38
CA PHE F 235 56.39 2.50 43.62
C PHE F 235 57.42 2.56 44.76
N ASP F 236 57.10 3.37 45.76
CA ASP F 236 57.96 3.61 46.93
C ASP F 236 57.47 2.95 48.21
N GLN F 237 58.32 3.00 49.23
CA GLN F 237 57.97 2.65 50.59
C GLN F 237 57.04 3.70 51.18
N GLY F 238 56.08 3.27 52.00
CA GLY F 238 55.18 4.17 52.71
C GLY F 238 55.92 5.22 53.54
N THR F 239 56.05 6.41 52.96
CA THR F 239 56.65 7.55 53.65
C THR F 239 55.65 8.73 53.79
N ASP F 240 56.20 9.92 54.02
CA ASP F 240 55.40 11.10 54.28
C ASP F 240 55.34 12.03 53.10
N ASN F 241 56.26 11.78 52.17
CA ASN F 241 56.41 12.44 50.86
C ASN F 241 55.11 12.82 50.13
N PRO F 242 55.01 14.10 49.67
CA PRO F 242 53.84 14.54 48.90
C PRO F 242 53.76 13.86 47.54
N LYS F 243 54.92 13.57 46.94
CA LYS F 243 55.03 12.92 45.63
C LYS F 243 54.32 11.55 45.52
N GLN F 244 53.95 10.90 46.63
CA GLN F 244 53.21 9.64 46.58
C GLN F 244 51.75 9.82 46.99
N ARG F 245 51.35 11.09 47.10
CA ARG F 245 49.97 11.44 47.40
C ARG F 245 49.30 12.07 46.19
N TRP F 246 48.01 11.75 45.99
CA TRP F 246 47.28 12.23 44.83
C TRP F 246 45.96 12.85 45.26
N ALA F 247 45.48 13.79 44.43
CA ALA F 247 44.14 14.38 44.56
C ALA F 247 43.21 13.74 43.54
N ILE F 248 41.97 13.45 43.93
CA ILE F 248 41.02 12.88 42.95
C ILE F 248 39.97 13.92 42.53
N ASN F 249 39.17 13.56 41.54
CA ASN F 249 38.17 14.46 40.96
C ASN F 249 36.80 14.37 41.63
N LYS F 250 36.59 13.28 42.34
CA LYS F 250 35.28 12.81 42.80
C LYS F 250 35.09 13.12 44.30
N SER F 251 33.83 13.23 44.72
CA SER F 251 33.51 13.24 46.15
C SER F 251 33.33 11.80 46.64
N LEU F 252 33.72 11.51 47.88
CA LEU F 252 33.61 10.14 48.42
C LEU F 252 32.13 9.80 48.71
N PRO F 253 31.72 8.52 48.59
CA PRO F 253 32.45 7.27 48.33
C PRO F 253 32.82 7.01 46.86
N LEU F 254 33.99 6.40 46.65
CA LEU F 254 34.31 5.82 45.36
C LEU F 254 33.50 4.54 45.21
N ARG F 255 33.11 4.23 43.98
CA ARG F 255 32.28 3.04 43.71
C ARG F 255 32.76 2.30 42.47
N HIS F 256 32.34 1.05 42.29
CA HIS F 256 32.77 0.25 41.14
C HIS F 256 32.40 1.00 39.87
N GLY F 257 33.34 1.04 38.93
CA GLY F 257 33.12 1.67 37.63
C GLY F 257 33.27 3.17 37.59
N ASP F 258 33.66 3.80 38.71
CA ASP F 258 33.85 5.25 38.75
C ASP F 258 35.00 5.72 37.88
N VAL F 259 34.72 6.76 37.10
CA VAL F 259 35.71 7.44 36.26
C VAL F 259 36.41 8.46 37.13
N VAL F 260 37.72 8.33 37.20
CA VAL F 260 38.51 9.14 38.10
C VAL F 260 39.77 9.76 37.47
N THR F 261 40.27 10.76 38.17
CA THR F 261 41.43 11.54 37.79
C THR F 261 42.47 11.50 38.92
N PHE F 262 43.75 11.44 38.57
CA PHE F 262 44.78 11.52 39.59
C PHE F 262 45.78 12.67 39.40
N MET F 263 45.57 13.77 40.12
CA MET F 263 46.52 14.88 40.17
C MET F 263 47.54 14.67 41.28
N ASN F 264 48.82 14.89 40.96
CA ASN F 264 49.90 14.77 41.97
C ASN F 264 49.82 15.86 43.04
N LYS F 265 49.98 15.46 44.28
CA LYS F 265 49.88 16.41 45.37
C LYS F 265 51.14 17.28 45.49
N TYR F 266 52.24 16.85 44.87
CA TYR F 266 53.50 17.60 44.87
C TYR F 266 53.66 18.50 43.68
N PHE F 267 53.84 17.93 42.48
CA PHE F 267 53.78 18.66 41.19
C PHE F 267 52.29 18.88 40.92
N THR F 268 51.75 20.01 41.39
CA THR F 268 50.29 20.21 41.43
C THR F 268 49.63 20.31 40.06
N ARG F 269 50.43 20.69 39.07
CA ARG F 269 49.98 20.88 37.69
C ARG F 269 49.99 19.59 36.87
N SER F 270 50.67 18.57 37.38
CA SER F 270 50.81 17.27 36.71
C SER F 270 49.82 16.19 37.22
N GLY F 271 49.29 15.43 36.27
CA GLY F 271 48.34 14.37 36.57
C GLY F 271 48.77 13.04 36.00
N LEU F 272 48.07 11.97 36.37
CA LEU F 272 48.48 10.63 36.03
C LEU F 272 47.89 10.32 34.68
N CYS F 273 48.75 9.91 33.75
CA CYS F 273 48.39 9.70 32.34
C CYS F 273 49.22 8.61 31.64
N TYR F 274 48.76 8.24 30.45
CA TYR F 274 49.52 7.46 29.47
C TYR F 274 50.49 8.34 28.66
N ASP F 275 51.64 7.77 28.29
CA ASP F 275 52.64 8.39 27.40
C ASP F 275 53.66 7.32 27.12
N ASP F 276 54.00 7.15 25.84
CA ASP F 276 54.99 6.15 25.42
C ASP F 276 56.44 6.56 25.77
N GLY F 277 56.89 6.15 26.96
CA GLY F 277 58.22 6.49 27.46
C GLY F 277 59.26 5.50 26.99
N PRO F 278 60.54 5.65 27.43
CA PRO F 278 61.64 4.76 27.04
C PRO F 278 61.36 3.27 27.31
N ALA F 279 60.83 2.94 28.48
CA ALA F 279 60.59 1.53 28.81
C ALA F 279 59.27 1.25 29.50
N THR F 280 58.65 2.27 30.08
CA THR F 280 57.31 2.15 30.64
C THR F 280 56.44 3.27 30.09
N ASN F 281 55.12 3.10 30.15
CA ASN F 281 54.19 4.09 29.60
C ASN F 281 53.13 4.70 30.55
N VAL F 282 53.32 4.58 31.86
CA VAL F 282 52.48 5.33 32.80
C VAL F 282 53.27 6.46 33.43
N TYR F 283 52.90 7.70 33.08
CA TYR F 283 53.62 8.91 33.52
C TYR F 283 52.81 9.89 34.36
N CYS F 284 53.47 10.95 34.78
CA CYS F 284 52.84 12.03 35.51
C CYS F 284 53.44 13.29 34.96
N LEU F 285 52.77 13.85 33.94
CA LEU F 285 53.24 15.02 33.19
C LEU F 285 52.35 16.24 33.39
N ASP F 286 52.94 17.42 33.21
CA ASP F 286 52.29 18.72 33.44
C ASP F 286 51.20 18.89 32.40
N LYS F 287 50.02 19.33 32.86
CA LYS F 287 48.81 19.54 32.03
C LYS F 287 48.06 18.33 31.50
N ARG F 288 48.66 17.13 31.56
CA ARG F 288 47.93 15.87 31.31
C ARG F 288 47.17 15.39 32.55
N GLU F 289 46.02 14.77 32.30
CA GLU F 289 45.25 14.07 33.33
C GLU F 289 44.23 13.17 32.66
N ASP F 290 44.65 11.96 32.32
CA ASP F 290 43.78 10.95 31.73
C ASP F 290 42.75 10.45 32.71
N LYS F 291 41.67 9.92 32.14
CA LYS F 291 40.59 9.29 32.90
C LYS F 291 40.88 7.81 33.13
N TRP F 292 40.54 7.36 34.33
CA TRP F 292 40.73 5.97 34.73
C TRP F 292 39.47 5.40 35.36
N ILE F 293 39.22 4.12 35.08
CA ILE F 293 38.08 3.39 35.68
C ILE F 293 38.56 2.51 36.81
N LEU F 294 37.94 2.67 37.98
CA LEU F 294 38.19 1.85 39.15
C LEU F 294 37.25 0.67 39.11
N GLU F 295 37.79 -0.55 39.07
CA GLU F 295 36.96 -1.77 39.08
C GLU F 295 37.14 -2.62 40.35
N VAL F 296 36.03 -2.96 41.01
CA VAL F 296 36.07 -3.82 42.21
C VAL F 296 36.29 -5.26 41.77
N VAL F 297 37.26 -5.93 42.38
CA VAL F 297 37.59 -7.31 42.02
C VAL F 297 36.52 -8.26 42.57
N GLY F 298 36.11 -9.20 41.72
CA GLY F 298 35.04 -10.16 42.03
C GLY F 298 35.42 -11.20 43.08
N GLY G 9 8.71 23.35 44.00
CA GLY G 9 8.82 24.78 44.41
C GLY G 9 9.96 25.48 43.67
N TYR G 10 9.60 26.12 42.56
CA TYR G 10 10.58 26.70 41.63
C TYR G 10 10.18 28.12 41.17
N GLU G 11 11.15 28.89 40.70
CA GLU G 11 10.98 30.29 40.33
C GLU G 11 10.57 30.46 38.85
N GLN G 12 9.62 31.37 38.61
CA GLN G 12 9.07 31.65 37.28
C GLN G 12 9.05 33.15 36.98
N ILE G 13 9.68 33.56 35.89
CA ILE G 13 9.66 34.99 35.51
C ILE G 13 9.02 35.23 34.15
N GLU G 14 8.21 36.28 34.06
CA GLU G 14 7.55 36.64 32.82
C GLU G 14 8.36 37.66 32.03
N VAL G 15 8.60 37.36 30.76
CA VAL G 15 9.34 38.25 29.87
C VAL G 15 8.68 38.43 28.49
N ASP G 16 9.15 39.42 27.72
CA ASP G 16 8.85 39.41 26.29
C ASP G 16 9.93 38.66 25.51
N VAL G 17 9.47 37.86 24.55
CA VAL G 17 10.33 37.41 23.45
C VAL G 17 10.14 38.34 22.25
N VAL G 18 11.27 38.74 21.66
CA VAL G 18 11.25 39.60 20.49
C VAL G 18 11.94 38.88 19.35
N ALA G 19 11.13 38.54 18.36
CA ALA G 19 11.62 37.87 17.16
C ALA G 19 11.84 38.89 16.04
N VAL G 20 12.94 38.74 15.30
CA VAL G 20 13.26 39.62 14.18
C VAL G 20 13.45 38.82 12.89
N TRP G 21 12.71 39.25 11.85
CA TRP G 21 12.75 38.70 10.49
C TRP G 21 14.16 38.50 9.96
N LYS G 22 14.46 37.32 9.42
CA LYS G 22 15.81 37.02 8.88
C LYS G 22 15.84 36.49 7.45
N GLU G 23 14.77 35.85 7.01
CA GLU G 23 14.71 35.21 5.69
C GLU G 23 13.25 34.92 5.37
N GLY G 24 12.90 34.98 4.09
CA GLY G 24 11.54 34.68 3.66
C GLY G 24 11.47 33.91 2.37
N TYR G 25 10.28 33.38 2.07
CA TYR G 25 10.03 32.56 0.87
C TYR G 25 8.54 32.50 0.55
N VAL G 26 8.19 32.77 -0.70
CA VAL G 26 6.79 32.76 -1.11
C VAL G 26 6.65 31.90 -2.37
N TYR G 27 5.65 31.02 -2.34
CA TYR G 27 5.41 30.11 -3.44
C TYR G 27 3.94 30.15 -3.83
N GLU G 28 3.68 30.36 -5.11
CA GLU G 28 2.32 30.35 -5.64
C GLU G 28 2.08 29.18 -6.58
N ASN G 29 1.02 28.44 -6.31
CA ASN G 29 0.61 27.36 -7.18
C ASN G 29 -0.66 27.81 -7.82
N ARG G 30 -0.53 28.29 -9.05
CA ARG G 30 -1.65 28.85 -9.81
C ARG G 30 -2.49 27.78 -10.51
N GLY G 31 -1.88 26.60 -10.67
CA GLY G 31 -2.47 25.44 -11.35
C GLY G 31 -3.77 24.93 -10.73
N SER G 32 -4.36 23.91 -11.36
CA SER G 32 -5.56 23.31 -10.78
C SER G 32 -5.34 21.90 -10.26
N THR G 33 -4.06 21.54 -10.10
CA THR G 33 -3.69 20.32 -9.38
C THR G 33 -2.84 20.71 -8.18
N SER G 34 -2.85 19.85 -7.18
CA SER G 34 -1.96 19.90 -6.01
C SER G 34 -0.53 19.82 -6.38
N VAL G 35 0.30 20.40 -5.52
CA VAL G 35 1.75 20.24 -5.62
C VAL G 35 2.26 19.88 -4.22
N ASP G 36 3.23 18.98 -4.19
CA ASP G 36 3.79 18.49 -2.95
C ASP G 36 5.13 19.18 -2.79
N GLN G 37 5.25 19.98 -1.74
CA GLN G 37 6.46 20.76 -1.45
C GLN G 37 7.20 20.22 -0.22
N LYS G 38 8.51 20.09 -0.35
CA LYS G 38 9.37 19.65 0.73
C LYS G 38 10.56 20.58 0.83
N ILE G 39 10.68 21.26 1.97
CA ILE G 39 11.85 22.10 2.25
C ILE G 39 12.71 21.41 3.32
N THR G 40 14.02 21.29 3.05
CA THR G 40 15.00 20.81 4.01
C THR G 40 16.05 21.86 4.34
N ILE G 41 16.14 22.20 5.62
CA ILE G 41 17.12 23.13 6.17
C ILE G 41 18.19 22.29 6.89
N THR G 42 19.47 22.55 6.59
CA THR G 42 20.59 21.83 7.19
C THR G 42 21.59 22.84 7.70
N LYS G 43 22.05 22.66 8.94
CA LYS G 43 23.26 23.31 9.48
C LYS G 43 24.14 22.29 10.19
N GLY G 44 25.47 22.44 10.10
CA GLY G 44 26.39 21.55 10.79
C GLY G 44 27.77 22.13 11.00
N MET G 45 28.55 21.47 11.87
CA MET G 45 29.96 21.80 12.12
C MET G 45 30.88 20.58 12.14
N LYS G 46 32.18 20.81 11.91
CA LYS G 46 33.21 19.78 11.97
C LYS G 46 34.50 20.42 12.45
N ASN G 47 35.11 19.86 13.51
CA ASN G 47 36.44 20.29 13.99
C ASN G 47 37.48 19.20 13.82
N VAL G 48 38.65 19.54 13.28
CA VAL G 48 39.73 18.58 13.07
C VAL G 48 41.00 19.09 13.74
N ASN G 49 41.65 18.23 14.53
CA ASN G 49 42.99 18.52 15.09
C ASN G 49 44.03 17.48 14.71
N SER G 50 45.15 17.95 14.16
CA SER G 50 46.30 17.12 13.79
C SER G 50 47.46 17.44 14.68
N GLU G 51 48.21 16.40 14.98
CA GLU G 51 49.48 16.49 15.63
C GLU G 51 50.44 15.57 14.84
N THR G 52 51.39 16.17 14.11
CA THR G 52 52.32 15.39 13.27
C THR G 52 53.79 15.65 13.63
N ARG G 53 54.46 14.60 14.10
CA ARG G 53 55.87 14.70 14.49
C ARG G 53 56.79 13.90 13.57
N THR G 54 57.85 14.54 13.10
CA THR G 54 58.77 13.95 12.15
C THR G 54 60.18 13.97 12.72
N VAL G 55 60.87 12.83 12.72
CA VAL G 55 62.32 12.80 13.01
C VAL G 55 63.14 12.29 11.81
N THR G 56 64.21 13.03 11.48
CA THR G 56 65.10 12.72 10.36
C THR G 56 66.57 12.59 10.77
N ALA G 57 67.11 11.38 10.56
CA ALA G 57 68.53 11.07 10.66
C ALA G 57 69.19 10.94 9.27
N THR G 58 70.29 11.67 9.06
CA THR G 58 71.06 11.57 7.82
C THR G 58 72.56 11.46 8.09
N HIS G 59 73.20 10.49 7.42
CA HIS G 59 74.67 10.32 7.38
C HIS G 59 75.21 10.51 5.96
N SER G 60 76.34 11.19 5.84
CA SER G 60 76.99 11.40 4.54
C SER G 60 78.49 11.10 4.61
N ILE G 61 78.95 10.18 3.76
CA ILE G 61 80.38 9.88 3.57
C ILE G 61 80.78 10.26 2.13
N GLY G 62 81.86 11.03 2.00
CA GLY G 62 82.31 11.49 0.69
C GLY G 62 83.80 11.72 0.60
N SER G 63 84.32 11.75 -0.63
CA SER G 63 85.74 12.07 -0.90
C SER G 63 86.01 12.62 -2.32
N THR G 64 87.19 13.22 -2.48
CA THR G 64 87.73 13.60 -3.78
C THR G 64 89.23 13.24 -3.94
N ILE G 65 89.53 12.46 -4.97
CA ILE G 65 90.88 12.25 -5.48
C ILE G 65 91.10 13.23 -6.66
N SER G 66 92.14 14.06 -6.52
CA SER G 66 92.52 15.01 -7.60
C SER G 66 94.04 15.10 -7.82
N THR G 67 94.46 15.88 -8.82
CA THR G 67 95.87 16.09 -9.08
C THR G 67 96.24 17.57 -9.05
N GLY G 68 97.14 17.93 -8.13
CA GLY G 68 97.79 19.24 -8.18
C GLY G 68 98.89 19.14 -9.22
N ASP G 69 99.41 20.29 -9.66
CA ASP G 69 100.72 20.42 -10.34
C ASP G 69 101.22 19.39 -11.41
N ALA G 70 100.61 18.20 -11.50
CA ALA G 70 101.18 17.01 -12.20
C ALA G 70 101.01 16.93 -13.74
N PHE G 71 102.14 16.65 -14.41
CA PHE G 71 102.24 16.49 -15.88
C PHE G 71 101.65 17.62 -16.76
N GLU G 72 101.34 17.27 -18.01
CA GLU G 72 100.94 18.20 -19.07
C GLU G 72 99.66 18.97 -18.70
N ILE G 73 99.89 20.14 -18.08
CA ILE G 73 98.91 20.93 -17.30
C ILE G 73 97.46 20.92 -17.82
N GLY G 74 96.79 19.86 -17.41
CA GLY G 74 95.34 19.77 -17.33
C GLY G 74 95.14 19.27 -15.93
N SER G 75 93.88 19.04 -15.55
CA SER G 75 93.56 18.54 -14.22
C SER G 75 92.40 17.54 -14.24
N VAL G 76 92.60 16.40 -13.54
CA VAL G 76 91.59 15.34 -13.37
C VAL G 76 91.14 15.30 -11.90
N GLU G 77 89.83 15.37 -11.68
CA GLU G 77 89.24 15.22 -10.36
C GLU G 77 88.20 14.09 -10.44
N VAL G 78 88.16 13.24 -9.41
CA VAL G 78 87.20 12.14 -9.27
C VAL G 78 86.47 12.25 -7.92
N SER G 79 85.13 12.28 -7.96
CA SER G 79 84.28 12.45 -6.75
C SER G 79 83.43 11.22 -6.47
N TYR G 80 83.38 10.80 -5.20
CA TYR G 80 82.43 9.78 -4.72
C TYR G 80 81.72 10.18 -3.41
N SER G 81 80.40 9.98 -3.35
CA SER G 81 79.60 10.21 -2.12
C SER G 81 78.43 9.25 -1.92
N HIS G 82 78.19 8.93 -0.65
CA HIS G 82 77.12 8.04 -0.18
C HIS G 82 76.32 8.68 0.97
N SER G 83 74.98 8.65 0.89
CA SER G 83 74.11 9.13 1.98
C SER G 83 72.93 8.20 2.28
N HIS G 84 72.71 8.00 3.59
CA HIS G 84 71.65 7.18 4.16
C HIS G 84 70.74 8.09 5.01
N GLN G 85 69.45 8.14 4.67
CA GLN G 85 68.48 8.96 5.44
C GLN G 85 67.33 8.11 5.98
N LYS G 86 67.13 8.18 7.29
CA LYS G 86 66.00 7.52 7.98
C LYS G 86 65.03 8.54 8.56
N SER G 87 63.74 8.29 8.36
CA SER G 87 62.69 9.26 8.65
C SER G 87 61.48 8.54 9.25
N GLN G 88 61.07 8.98 10.44
CA GLN G 88 59.87 8.46 11.10
C GLN G 88 58.86 9.60 11.33
N VAL G 89 57.69 9.48 10.70
CA VAL G 89 56.62 10.46 10.93
C VAL G 89 55.37 9.84 11.56
N SER G 90 54.98 10.40 12.69
CA SER G 90 53.84 9.93 13.47
C SER G 90 52.75 10.98 13.49
N MET G 91 51.53 10.57 13.10
CA MET G 91 50.41 11.49 13.01
C MET G 91 49.19 11.03 13.81
N THR G 92 48.60 11.95 14.57
CA THR G 92 47.33 11.72 15.27
C THR G 92 46.30 12.74 14.78
N GLN G 93 45.11 12.24 14.43
CA GLN G 93 44.03 13.11 13.98
C GLN G 93 42.76 12.93 14.76
N THR G 94 42.09 14.05 14.99
CA THR G 94 40.86 14.15 15.75
C THR G 94 39.75 14.87 14.96
N GLU G 95 38.62 14.18 14.78
CA GLU G 95 37.46 14.74 14.09
C GLU G 95 36.28 14.65 15.02
N VAL G 96 35.61 15.78 15.26
CA VAL G 96 34.26 15.76 15.85
C VAL G 96 33.33 16.59 14.95
N TYR G 97 32.10 16.12 14.80
CA TYR G 97 31.14 16.73 13.89
C TYR G 97 29.71 16.58 14.38
N SER G 98 28.90 17.61 14.13
CA SER G 98 27.47 17.54 14.36
C SER G 98 26.68 18.20 13.23
N SER G 99 25.40 17.89 13.17
CA SER G 99 24.47 18.49 12.21
C SER G 99 23.05 18.46 12.74
N LYS G 100 22.28 19.49 12.38
CA LYS G 100 20.85 19.52 12.60
C LYS G 100 20.19 19.65 11.21
N VAL G 101 19.32 18.70 10.87
CA VAL G 101 18.53 18.75 9.64
C VAL G 101 17.04 18.87 9.99
N ILE G 102 16.36 19.87 9.45
CA ILE G 102 14.90 20.03 9.60
C ILE G 102 14.22 19.93 8.22
N GLU G 103 13.27 19.00 8.08
CA GLU G 103 12.50 18.90 6.84
C GLU G 103 10.98 18.96 7.04
N HIS G 104 10.32 19.79 6.22
CA HIS G 104 8.85 19.97 6.22
C HIS G 104 8.24 19.61 4.86
N THR G 105 7.24 18.74 4.89
CA THR G 105 6.54 18.27 3.71
C THR G 105 5.08 18.72 3.81
N ILE G 106 4.63 19.47 2.82
CA ILE G 106 3.29 20.05 2.81
C ILE G 106 2.62 19.81 1.46
N THR G 107 1.30 19.71 1.47
CA THR G 107 0.58 19.61 0.22
C THR G 107 -0.05 20.96 0.01
N ILE G 108 0.42 21.65 -1.03
CA ILE G 108 -0.15 22.92 -1.39
C ILE G 108 -1.30 22.70 -2.36
N PRO G 109 -2.54 23.02 -1.92
CA PRO G 109 -3.72 22.88 -2.77
C PRO G 109 -3.68 23.87 -3.90
N PRO G 110 -4.38 23.58 -5.00
CA PRO G 110 -4.31 24.46 -6.19
C PRO G 110 -4.82 25.86 -5.91
N THR G 111 -4.39 26.84 -6.72
CA THR G 111 -4.68 28.26 -6.46
C THR G 111 -4.49 28.67 -4.98
N SER G 112 -3.33 28.32 -4.43
CA SER G 112 -2.93 28.69 -3.07
C SER G 112 -1.49 29.18 -3.05
N LYS G 113 -1.16 30.02 -2.05
CA LYS G 113 0.23 30.48 -1.82
C LYS G 113 0.75 29.99 -0.49
N PHE G 114 2.03 29.64 -0.50
CA PHE G 114 2.75 29.21 0.67
C PHE G 114 3.72 30.30 1.08
N THR G 115 3.80 30.49 2.39
CA THR G 115 4.58 31.53 3.08
C THR G 115 5.52 30.84 4.06
N ARG G 116 6.81 31.15 4.03
CA ARG G 116 7.72 30.79 5.13
C ARG G 116 8.43 32.04 5.61
N TRP G 117 8.21 32.42 6.86
CA TRP G 117 9.00 33.48 7.48
C TRP G 117 9.90 32.85 8.51
N GLN G 118 11.19 33.19 8.49
CA GLN G 118 12.10 32.76 9.53
C GLN G 118 12.56 33.97 10.31
N LEU G 119 12.24 33.96 11.60
CA LEU G 119 12.62 34.97 12.54
C LEU G 119 13.62 34.33 13.49
N ASN G 120 14.43 35.18 14.14
CA ASN G 120 15.26 34.77 15.25
C ASN G 120 14.67 35.43 16.50
N ALA G 121 14.22 34.61 17.45
CA ALA G 121 13.58 35.08 18.68
C ALA G 121 14.61 35.27 19.75
N ASP G 122 14.57 36.42 20.43
CA ASP G 122 15.43 36.78 21.55
C ASP G 122 14.57 36.84 22.81
N VAL G 123 14.80 35.91 23.75
CA VAL G 123 14.10 35.89 25.05
C VAL G 123 14.79 36.91 25.95
N GLY G 124 14.04 37.94 26.33
CA GLY G 124 14.60 39.08 27.07
C GLY G 124 15.04 38.75 28.49
N GLY G 125 16.25 39.16 28.87
CA GLY G 125 16.71 38.94 30.24
C GLY G 125 17.37 37.58 30.47
N ALA G 126 16.71 36.53 29.98
CA ALA G 126 17.24 35.16 30.04
C ALA G 126 18.54 34.95 29.27
N GLY G 127 18.77 35.77 28.24
CA GLY G 127 19.96 35.68 27.39
C GLY G 127 20.02 34.36 26.64
N ILE G 128 18.85 33.91 26.18
CA ILE G 128 18.73 32.74 25.30
C ILE G 128 17.95 33.12 24.04
N GLU G 129 18.15 32.35 22.97
CA GLU G 129 17.48 32.62 21.71
C GLU G 129 17.15 31.35 20.93
N TYR G 130 16.12 31.43 20.10
CA TYR G 130 15.71 30.29 19.31
C TYR G 130 15.25 30.65 17.92
N MET G 131 15.30 29.67 17.03
CA MET G 131 14.78 29.82 15.68
C MET G 131 13.27 29.75 15.71
N TYR G 132 12.65 30.62 14.93
CA TYR G 132 11.19 30.75 14.88
C TYR G 132 10.73 30.68 13.42
N LEU G 133 10.03 29.59 13.08
CA LEU G 133 9.51 29.40 11.75
C LEU G 133 8.01 29.57 11.68
N ILE G 134 7.55 30.36 10.73
CA ILE G 134 6.12 30.54 10.46
C ILE G 134 5.78 30.15 9.02
N ASP G 135 5.09 29.01 8.92
CA ASP G 135 4.50 28.50 7.68
C ASP G 135 3.01 28.79 7.57
N GLU G 136 2.56 29.23 6.39
CA GLU G 136 1.14 29.41 6.14
C GLU G 136 0.73 29.13 4.70
N VAL G 137 -0.39 28.42 4.56
CA VAL G 137 -1.06 28.25 3.27
C VAL G 137 -2.40 29.01 3.27
N THR G 138 -2.54 29.94 2.33
CA THR G 138 -3.75 30.75 2.13
C THR G 138 -4.16 30.76 0.64
N PRO G 139 -5.44 31.15 0.34
CA PRO G 139 -5.74 31.22 -1.09
C PRO G 139 -5.02 32.44 -1.72
N ILE G 140 -4.77 32.38 -3.03
CA ILE G 140 -4.12 33.50 -3.75
C ILE G 140 -5.01 34.74 -3.78
N GLY G 141 -4.39 35.90 -3.56
CA GLY G 141 -5.11 37.16 -3.42
C GLY G 141 -5.01 37.70 -2.01
N GLY G 142 -5.81 38.74 -1.74
CA GLY G 142 -5.72 39.49 -0.48
C GLY G 142 -4.48 40.36 -0.40
N THR G 143 -4.13 40.76 0.81
CA THR G 143 -2.99 41.65 1.02
C THR G 143 -1.97 40.96 1.94
N GLN G 144 -0.72 40.80 1.45
CA GLN G 144 0.34 40.06 2.16
C GLN G 144 0.71 40.67 3.52
N SER G 145 0.74 39.85 4.58
CA SER G 145 1.19 40.34 5.88
C SER G 145 2.53 39.74 6.32
N ILE G 146 3.56 40.60 6.36
CA ILE G 146 4.91 40.18 6.72
C ILE G 146 5.32 40.64 8.12
N PRO G 147 5.68 39.70 9.02
CA PRO G 147 6.25 40.05 10.33
C PRO G 147 7.77 40.36 10.32
N GLN G 148 8.15 41.65 10.35
CA GLN G 148 9.57 42.04 10.51
C GLN G 148 10.02 41.84 11.94
N VAL G 149 9.15 42.22 12.88
CA VAL G 149 9.37 41.91 14.28
C VAL G 149 8.05 41.66 14.99
N ILE G 150 8.00 40.51 15.68
CA ILE G 150 6.91 40.16 16.59
C ILE G 150 7.46 40.17 18.00
N THR G 151 6.67 40.77 18.89
CA THR G 151 6.83 40.70 20.33
C THR G 151 5.71 39.82 20.89
N SER G 152 6.06 38.92 21.79
CA SER G 152 5.10 38.07 22.49
C SER G 152 5.57 37.87 23.93
N ARG G 153 4.64 37.55 24.84
CA ARG G 153 4.97 37.18 26.23
C ARG G 153 5.30 35.68 26.42
N ALA G 154 6.17 35.41 27.38
CA ALA G 154 6.53 34.06 27.79
C ALA G 154 6.93 34.01 29.26
N LYS G 155 6.72 32.85 29.87
CA LYS G 155 7.17 32.57 31.23
C LYS G 155 8.34 31.61 31.15
N ILE G 156 9.38 31.88 31.91
CA ILE G 156 10.59 31.06 31.91
C ILE G 156 10.80 30.43 33.27
N ILE G 157 10.91 29.11 33.30
CA ILE G 157 11.32 28.42 34.52
C ILE G 157 12.82 28.61 34.65
N VAL G 158 13.20 29.32 35.70
CA VAL G 158 14.58 29.79 35.89
C VAL G 158 15.30 29.04 37.01
N GLY G 159 16.64 28.98 36.92
CA GLY G 159 17.46 28.24 37.87
C GLY G 159 17.53 28.90 39.22
N ARG G 160 17.94 28.11 40.21
CA ARG G 160 18.23 28.60 41.55
C ARG G 160 19.19 29.78 41.49
N GLN G 161 18.91 30.78 42.31
CA GLN G 161 19.65 32.01 42.30
C GLN G 161 20.99 31.86 43.01
N ILE G 162 22.07 32.29 42.36
CA ILE G 162 23.38 32.45 43.02
C ILE G 162 23.36 33.76 43.82
N ILE G 163 23.13 33.61 45.12
CA ILE G 163 23.17 34.73 46.06
C ILE G 163 24.65 35.08 46.37
N LEU G 164 25.03 36.32 46.10
CA LEU G 164 26.41 36.77 46.23
C LEU G 164 26.89 36.81 47.67
N GLY G 165 28.12 36.36 47.87
CA GLY G 165 28.70 36.25 49.18
C GLY G 165 28.31 34.99 49.94
N LYS G 166 27.36 34.21 49.40
CA LYS G 166 26.86 33.03 50.10
C LYS G 166 26.95 31.73 49.30
N THR G 167 26.33 31.68 48.10
CA THR G 167 26.21 30.43 47.29
C THR G 167 27.53 29.93 46.80
N GLU G 168 27.85 28.68 47.15
CA GLU G 168 29.00 27.99 46.61
C GLU G 168 28.71 27.52 45.18
N ILE G 169 29.64 27.84 44.28
CA ILE G 169 29.51 27.54 42.83
C ILE G 169 30.74 26.86 42.25
N ARG G 170 30.54 26.08 41.19
CA ARG G 170 31.62 25.65 40.29
C ARG G 170 31.63 26.59 39.09
N ILE G 171 32.79 26.72 38.46
CA ILE G 171 32.97 27.54 37.25
C ILE G 171 33.56 26.62 36.19
N LYS G 172 32.78 26.42 35.12
CA LYS G 172 33.13 25.52 34.03
C LYS G 172 33.34 26.33 32.76
N HIS G 173 34.42 26.05 32.04
CA HIS G 173 34.62 26.57 30.68
C HIS G 173 33.57 25.95 29.77
N ALA G 174 32.76 26.82 29.15
CA ALA G 174 31.61 26.37 28.35
C ALA G 174 32.04 25.51 27.16
N GLU G 175 33.00 25.99 26.38
CA GLU G 175 33.46 25.29 25.20
C GLU G 175 34.22 23.97 25.49
N ARG G 176 35.14 23.99 26.44
CA ARG G 176 36.00 22.82 26.69
C ARG G 176 35.43 21.86 27.74
N LYS G 177 34.30 22.26 28.32
CA LYS G 177 33.56 21.51 29.36
C LYS G 177 34.47 20.96 30.49
N GLU G 178 35.52 21.74 30.77
CA GLU G 178 36.44 21.49 31.86
C GLU G 178 36.21 22.56 32.94
N TYR G 179 36.61 22.28 34.17
CA TYR G 179 36.32 23.19 35.26
C TYR G 179 37.54 24.02 35.64
N MET G 180 37.31 25.23 36.13
CA MET G 180 38.38 26.02 36.68
C MET G 180 38.80 25.43 38.00
N THR G 181 40.07 25.05 38.06
CA THR G 181 40.67 24.40 39.22
C THR G 181 41.86 25.23 39.74
N VAL G 182 42.33 24.95 40.95
CA VAL G 182 43.43 25.73 41.50
C VAL G 182 44.65 24.86 41.72
N VAL G 183 45.74 25.29 41.12
CA VAL G 183 47.05 24.64 41.23
C VAL G 183 48.09 25.60 41.81
N SER G 184 49.36 25.19 41.78
CA SER G 184 50.43 25.99 42.36
C SER G 184 51.46 26.19 41.29
N ARG G 185 51.49 27.42 40.77
CA ARG G 185 52.57 27.93 39.92
C ARG G 185 53.39 28.93 40.73
N LYS G 186 54.72 28.81 40.63
CA LYS G 186 55.69 29.70 41.30
C LYS G 186 55.37 30.02 42.79
N SER G 187 55.00 28.98 43.55
CA SER G 187 54.61 29.10 44.97
C SER G 187 53.36 29.94 45.25
N TRP G 188 52.57 30.18 44.21
CA TRP G 188 51.31 30.93 44.35
C TRP G 188 50.13 30.07 43.94
N PRO G 189 48.92 30.37 44.44
CA PRO G 189 47.79 29.65 43.87
C PRO G 189 47.40 30.25 42.53
N ALA G 190 47.35 29.42 41.49
CA ALA G 190 47.01 29.82 40.13
C ALA G 190 45.82 29.06 39.62
N ALA G 191 45.07 29.69 38.70
CA ALA G 191 43.94 29.09 38.00
C ALA G 191 44.38 28.20 36.82
N THR G 192 43.62 27.15 36.55
CA THR G 192 43.89 26.22 35.45
C THR G 192 42.63 25.36 35.23
N LEU G 193 42.53 24.78 34.03
CA LEU G 193 41.45 23.86 33.71
C LEU G 193 41.71 22.41 34.15
N GLY G 194 40.62 21.69 34.40
CA GLY G 194 40.70 20.29 34.85
C GLY G 194 39.36 19.62 35.09
N HIS G 195 39.41 18.31 35.32
CA HIS G 195 38.19 17.51 35.46
C HIS G 195 37.56 17.50 36.87
N SER G 196 38.24 18.04 37.88
CA SER G 196 37.74 17.91 39.25
C SER G 196 36.46 18.71 39.55
N LYS G 197 35.43 18.00 40.01
CA LYS G 197 34.19 18.65 40.45
C LYS G 197 34.29 19.15 41.92
N LEU G 198 35.53 19.22 42.41
CA LEU G 198 35.80 19.50 43.82
C LEU G 198 36.24 20.93 44.09
N PHE G 199 36.48 21.67 43.00
CA PHE G 199 36.92 23.06 43.09
C PHE G 199 35.76 24.04 43.20
N LYS G 200 35.54 24.52 44.41
CA LYS G 200 34.41 25.39 44.70
C LYS G 200 34.82 26.85 44.77
N PHE G 201 33.85 27.73 44.52
CA PHE G 201 34.05 29.17 44.47
C PHE G 201 32.88 29.94 45.09
N VAL G 202 33.13 31.20 45.47
CA VAL G 202 32.04 32.10 45.85
C VAL G 202 32.25 33.51 45.26
N LEU G 203 31.17 34.13 44.79
CA LEU G 203 31.29 35.45 44.15
C LEU G 203 30.79 36.58 45.03
N TYR G 204 31.56 37.67 44.99
CA TYR G 204 31.21 38.92 45.69
C TYR G 204 31.13 40.08 44.71
N GLU G 205 30.30 41.07 45.03
CA GLU G 205 30.34 42.35 44.35
C GLU G 205 30.56 43.42 45.38
N ASP G 206 31.40 44.39 45.06
CA ASP G 206 31.45 45.68 45.80
C ASP G 206 31.51 46.85 44.83
N TRP G 207 31.85 48.04 45.33
CA TRP G 207 31.94 49.22 44.48
C TRP G 207 33.00 49.10 43.38
N GLY G 208 34.00 48.26 43.63
CA GLY G 208 35.11 48.00 42.68
C GLY G 208 34.79 47.05 41.54
N GLY G 209 33.74 46.25 41.72
CA GLY G 209 33.36 45.23 40.74
C GLY G 209 33.10 43.90 41.40
N PHE G 210 33.30 42.81 40.65
CA PHE G 210 33.06 41.46 41.17
C PHE G 210 34.34 40.77 41.56
N ARG G 211 34.22 39.92 42.58
CA ARG G 211 35.34 39.17 43.12
C ARG G 211 35.11 37.66 42.97
N ILE G 212 36.15 36.94 42.51
CA ILE G 212 36.08 35.47 42.40
C ILE G 212 36.94 34.87 43.51
N LYS G 213 36.30 34.34 44.55
CA LYS G 213 37.04 33.76 45.66
C LYS G 213 37.02 32.23 45.61
N THR G 214 38.22 31.64 45.56
CA THR G 214 38.35 30.18 45.71
C THR G 214 38.24 29.70 47.16
N LEU G 215 37.72 28.49 47.32
CA LEU G 215 37.57 27.84 48.62
C LEU G 215 38.51 26.66 48.75
N ASN G 216 39.43 26.56 47.78
CA ASN G 216 40.31 25.42 47.57
C ASN G 216 41.76 25.88 47.39
N THR G 217 42.14 26.99 48.01
CA THR G 217 43.52 27.45 47.95
C THR G 217 44.40 26.65 48.91
N MET G 218 45.60 26.29 48.45
CA MET G 218 46.60 25.66 49.31
C MET G 218 47.48 26.67 50.07
N TYR G 219 47.33 27.94 49.70
CA TYR G 219 47.97 29.02 50.45
C TYR G 219 46.96 29.89 51.24
N SER G 220 46.81 29.56 52.51
CA SER G 220 45.86 30.23 53.41
C SER G 220 45.79 31.76 53.24
N GLY G 221 44.65 32.24 52.77
CA GLY G 221 44.42 33.69 52.62
C GLY G 221 44.67 34.30 51.25
N TYR G 222 45.36 33.54 50.39
CA TYR G 222 45.53 33.84 48.96
C TYR G 222 44.38 33.20 48.15
N GLU G 223 43.32 33.97 47.91
CA GLU G 223 42.02 33.37 47.62
C GLU G 223 41.19 34.07 46.53
N TYR G 224 41.62 35.26 46.13
CA TYR G 224 40.89 36.03 45.11
C TYR G 224 41.62 36.07 43.80
N ALA G 225 40.92 35.75 42.72
CA ALA G 225 41.49 35.71 41.37
C ALA G 225 41.92 37.09 40.93
N TYR G 226 43.21 37.21 40.55
CA TYR G 226 43.77 38.43 39.96
C TYR G 226 44.68 38.16 38.76
N SER G 227 44.97 39.22 38.01
CA SER G 227 45.80 39.12 36.82
C SER G 227 47.19 39.66 37.05
N SER G 228 48.19 38.83 36.74
CA SER G 228 49.58 39.26 36.72
C SER G 228 49.78 40.13 35.49
N ASP G 229 50.81 40.98 35.52
CA ASP G 229 51.14 41.88 34.42
C ASP G 229 51.51 41.12 33.16
N GLN G 230 51.28 39.81 33.14
CA GLN G 230 51.62 38.96 32.00
C GLN G 230 50.37 38.26 31.51
N GLY G 231 49.23 38.57 32.12
CA GLY G 231 47.96 37.88 31.89
C GLY G 231 47.60 36.70 32.79
N GLY G 232 48.58 36.08 33.46
CA GLY G 232 48.34 34.86 34.24
C GLY G 232 47.38 35.03 35.41
N ILE G 233 46.46 34.09 35.60
CA ILE G 233 45.55 34.14 36.76
C ILE G 233 46.11 33.44 38.00
N TYR G 234 46.27 34.24 39.04
CA TYR G 234 46.69 33.79 40.34
C TYR G 234 45.62 34.16 41.37
N PHE G 235 45.77 33.67 42.60
CA PHE G 235 44.85 34.04 43.67
C PHE G 235 45.57 34.77 44.79
N ASP G 236 45.08 35.94 45.15
CA ASP G 236 45.80 36.84 46.04
C ASP G 236 44.97 37.14 47.28
N GLN G 237 45.61 37.80 48.25
CA GLN G 237 44.94 38.42 49.37
C GLN G 237 43.86 39.43 48.98
N GLY G 238 42.87 39.60 49.86
CA GLY G 238 41.83 40.62 49.67
C GLY G 238 42.35 42.05 49.72
N THR G 239 42.57 42.65 48.55
CA THR G 239 43.05 44.03 48.45
C THR G 239 42.00 44.93 47.78
N ASP G 240 42.36 46.18 47.48
CA ASP G 240 41.47 47.11 46.77
C ASP G 240 41.69 47.09 45.28
N ASN G 241 42.85 46.54 44.91
CA ASN G 241 43.35 46.51 43.55
C ASN G 241 42.27 46.08 42.55
N PRO G 242 41.97 46.93 41.55
CA PRO G 242 41.04 46.51 40.50
C PRO G 242 41.56 45.31 39.69
N LYS G 243 42.84 44.99 39.83
CA LYS G 243 43.40 43.80 39.16
C LYS G 243 42.76 42.48 39.63
N GLN G 244 42.07 42.53 40.77
CA GLN G 244 41.29 41.40 41.30
C GLN G 244 39.77 41.64 41.34
N ARG G 245 39.32 42.70 40.65
CA ARG G 245 37.90 42.90 40.30
C ARG G 245 37.58 42.67 38.83
N TRP G 246 36.32 42.37 38.56
CA TRP G 246 35.85 41.87 37.27
C TRP G 246 34.49 42.43 36.94
N ALA G 247 34.29 42.76 35.67
CA ALA G 247 32.99 43.19 35.19
C ALA G 247 32.27 41.99 34.56
N ILE G 248 30.99 41.87 34.90
CA ILE G 248 30.15 40.75 34.48
C ILE G 248 29.40 41.06 33.16
N ASN G 249 28.58 40.14 32.65
CA ASN G 249 27.93 40.35 31.33
C ASN G 249 26.44 40.54 31.37
N LYS G 250 25.82 39.98 32.41
CA LYS G 250 24.39 40.05 32.64
C LYS G 250 24.18 41.10 33.70
N SER G 251 22.94 41.52 33.87
CA SER G 251 22.48 42.18 35.08
C SER G 251 22.12 41.07 36.04
N LEU G 252 22.19 41.36 37.34
CA LEU G 252 21.80 40.39 38.39
C LEU G 252 20.28 40.16 38.39
N PRO G 253 19.79 39.05 39.00
CA PRO G 253 20.45 37.94 39.70
C PRO G 253 21.25 37.04 38.78
N LEU G 254 22.34 36.50 39.31
CA LEU G 254 23.00 35.37 38.67
C LEU G 254 22.27 34.10 39.08
N ARG G 255 22.03 33.19 38.14
CA ARG G 255 21.36 31.92 38.44
C ARG G 255 22.17 30.74 37.97
N HIS G 256 21.83 29.54 38.46
CA HIS G 256 22.49 28.31 38.03
C HIS G 256 22.49 28.21 36.51
N GLY G 257 23.62 27.82 35.96
CA GLY G 257 23.73 27.54 34.53
C GLY G 257 23.84 28.74 33.61
N ASP G 258 23.95 29.93 34.21
CA ASP G 258 24.14 31.14 33.46
C ASP G 258 25.46 31.11 32.71
N VAL G 259 25.40 31.52 31.45
CA VAL G 259 26.59 31.69 30.64
C VAL G 259 27.13 33.08 30.89
N VAL G 260 28.33 33.13 31.47
CA VAL G 260 28.95 34.39 31.90
C VAL G 260 30.34 34.65 31.30
N THR G 261 30.74 35.91 31.45
CA THR G 261 31.94 36.48 30.90
C THR G 261 32.61 37.32 31.99
N PHE G 262 33.94 37.24 32.12
CA PHE G 262 34.67 38.06 33.12
C PHE G 262 35.75 38.94 32.50
N MET G 263 35.46 40.24 32.40
CA MET G 263 36.41 41.25 31.90
C MET G 263 37.08 41.88 33.11
N ASN G 264 38.41 41.98 33.10
CA ASN G 264 39.14 42.54 34.25
C ASN G 264 38.96 44.03 34.39
N LYS G 265 38.75 44.48 35.63
CA LYS G 265 38.46 45.88 35.93
C LYS G 265 39.66 46.82 35.69
N TYR G 266 40.89 46.30 35.84
CA TYR G 266 42.10 47.07 35.54
C TYR G 266 42.55 46.93 34.07
N PHE G 267 42.82 45.71 33.61
CA PHE G 267 43.14 45.48 32.20
C PHE G 267 41.86 45.36 31.38
N THR G 268 41.16 46.49 31.22
CA THR G 268 39.80 46.58 30.64
C THR G 268 39.62 45.84 29.29
N ARG G 269 40.67 45.80 28.47
CA ARG G 269 40.59 45.17 27.16
C ARG G 269 40.73 43.62 27.19
N SER G 270 40.95 43.09 28.39
CA SER G 270 41.20 41.66 28.55
C SER G 270 40.16 40.97 29.43
N GLY G 271 39.86 39.72 29.09
CA GLY G 271 38.94 38.92 29.87
C GLY G 271 39.43 37.51 30.11
N LEU G 272 38.73 36.84 31.00
CA LEU G 272 39.08 35.51 31.44
C LEU G 272 38.95 34.52 30.29
N CYS G 273 40.07 33.90 29.90
CA CYS G 273 40.08 32.94 28.78
C CYS G 273 40.95 31.68 28.95
N TYR G 274 40.84 30.74 28.01
CA TYR G 274 41.71 29.57 27.96
C TYR G 274 42.92 29.79 27.04
N ASP G 275 44.12 29.37 27.47
CA ASP G 275 45.32 29.33 26.61
C ASP G 275 46.29 28.23 27.06
N ASP G 276 47.00 27.58 26.14
CA ASP G 276 48.04 26.63 26.56
C ASP G 276 49.45 27.26 26.91
N GLY G 277 49.50 28.10 27.96
CA GLY G 277 50.76 28.60 28.52
C GLY G 277 51.63 27.55 29.22
N PRO G 278 52.81 27.96 29.75
CA PRO G 278 53.87 26.99 30.15
C PRO G 278 53.51 25.99 31.26
N ALA G 279 52.49 26.31 32.06
CA ALA G 279 52.25 25.51 33.26
C ALA G 279 50.80 25.46 33.67
N THR G 280 50.14 26.62 33.52
CA THR G 280 48.72 26.77 33.77
C THR G 280 48.11 27.23 32.46
N ASN G 281 46.79 27.18 32.35
CA ASN G 281 46.08 27.43 31.09
C ASN G 281 44.85 28.35 31.17
N VAL G 282 44.82 29.24 32.15
CA VAL G 282 43.75 30.25 32.30
C VAL G 282 44.44 31.60 32.49
N TYR G 283 44.35 32.42 31.45
CA TYR G 283 44.90 33.77 31.41
C TYR G 283 43.77 34.77 31.30
N CYS G 284 44.14 36.04 31.26
CA CYS G 284 43.28 37.10 30.77
C CYS G 284 44.12 37.94 29.82
N LEU G 285 43.74 37.89 28.55
CA LEU G 285 44.44 38.55 27.45
C LEU G 285 43.52 39.44 26.68
N ASP G 286 44.12 40.46 26.05
CA ASP G 286 43.45 41.44 25.17
C ASP G 286 42.65 40.79 24.07
N LYS G 287 41.43 41.34 23.90
CA LYS G 287 40.43 40.94 22.90
C LYS G 287 39.89 39.52 23.11
N ARG G 288 40.08 39.00 24.31
CA ARG G 288 39.71 37.62 24.56
C ARG G 288 38.76 37.55 25.74
N GLU G 289 37.61 36.92 25.56
CA GLU G 289 36.71 36.59 26.68
C GLU G 289 35.96 35.27 26.42
N ASP G 290 36.43 34.20 27.04
CA ASP G 290 35.76 32.93 26.92
C ASP G 290 34.47 32.97 27.75
N LYS G 291 33.42 32.29 27.28
CA LYS G 291 32.20 32.05 28.06
C LYS G 291 32.37 30.93 29.11
N TRP G 292 31.89 31.22 30.33
CA TRP G 292 31.95 30.30 31.47
C TRP G 292 30.56 29.95 31.97
N ILE G 293 30.33 28.71 32.39
CA ILE G 293 29.06 28.34 33.02
C ILE G 293 29.24 28.26 34.52
N LEU G 294 28.32 28.89 35.24
CA LEU G 294 28.32 28.82 36.69
C LEU G 294 27.33 27.76 37.15
N GLU G 295 27.81 26.77 37.93
CA GLU G 295 26.91 25.75 38.54
C GLU G 295 26.87 25.81 40.06
N VAL G 296 25.66 25.88 40.62
CA VAL G 296 25.44 25.89 42.07
C VAL G 296 25.68 24.50 42.59
N VAL G 297 26.53 24.33 43.61
CA VAL G 297 26.79 22.99 44.18
C VAL G 297 25.65 22.50 45.06
N GLY G 298 25.53 21.16 45.13
CA GLY G 298 24.48 20.47 45.89
C GLY G 298 24.49 20.74 47.38
N TYR H 10 1.29 47.29 18.72
CA TYR H 10 2.23 47.26 17.55
C TYR H 10 1.70 48.03 16.32
N GLU H 11 2.61 48.75 15.66
CA GLU H 11 2.24 49.45 14.42
C GLU H 11 2.47 48.58 13.17
N GLN H 12 1.72 48.92 12.12
CA GLN H 12 1.78 48.26 10.82
C GLN H 12 1.87 49.35 9.76
N ILE H 13 2.82 49.23 8.85
CA ILE H 13 2.89 50.13 7.68
C ILE H 13 2.60 49.38 6.38
N GLU H 14 1.88 50.02 5.47
CA GLU H 14 1.58 49.47 4.14
C GLU H 14 2.67 49.86 3.15
N VAL H 15 3.16 48.91 2.37
CA VAL H 15 4.17 49.17 1.31
C VAL H 15 3.84 48.44 0.00
N ASP H 16 4.54 48.83 -1.08
CA ASP H 16 4.63 48.00 -2.29
C ASP H 16 5.80 47.05 -2.16
N VAL H 17 5.52 45.79 -2.45
CA VAL H 17 6.54 44.82 -2.76
C VAL H 17 6.72 44.85 -4.28
N VAL H 18 7.96 44.96 -4.71
CA VAL H 18 8.25 44.89 -6.14
C VAL H 18 9.19 43.71 -6.45
N ALA H 19 8.65 42.72 -7.17
CA ALA H 19 9.37 41.51 -7.54
C ALA H 19 9.88 41.55 -8.98
N VAL H 20 11.14 41.17 -9.17
CA VAL H 20 11.77 41.20 -10.49
C VAL H 20 12.15 39.79 -10.93
N TRP H 21 11.78 39.44 -12.15
CA TRP H 21 12.09 38.13 -12.74
C TRP H 21 13.56 37.84 -12.63
N LYS H 22 13.92 36.62 -12.20
CA LYS H 22 15.31 36.19 -12.22
C LYS H 22 15.60 34.98 -13.11
N GLU H 23 14.62 34.10 -13.28
CA GLU H 23 14.82 32.82 -13.99
C GLU H 23 13.48 32.21 -14.40
N GLY H 24 13.48 31.41 -15.48
CA GLY H 24 12.28 30.68 -15.91
C GLY H 24 12.45 29.29 -16.50
N TYR H 25 11.32 28.61 -16.69
CA TYR H 25 11.27 27.23 -17.17
C TYR H 25 9.85 26.93 -17.68
N VAL H 26 9.75 26.38 -18.89
CA VAL H 26 8.45 25.93 -19.44
C VAL H 26 8.57 24.48 -19.94
N TYR H 27 7.57 23.66 -19.60
CA TYR H 27 7.54 22.27 -20.00
C TYR H 27 6.16 21.90 -20.59
N GLU H 28 6.19 21.21 -21.72
CA GLU H 28 4.98 20.80 -22.40
C GLU H 28 4.92 19.29 -22.45
N ASN H 29 3.78 18.76 -22.00
CA ASN H 29 3.45 17.35 -22.08
C ASN H 29 2.39 17.25 -23.15
N ARG H 30 2.82 16.86 -24.35
CA ARG H 30 1.96 16.85 -25.53
C ARG H 30 1.21 15.54 -25.71
N GLY H 31 1.68 14.49 -25.04
CA GLY H 31 1.09 13.15 -25.13
C GLY H 31 -0.22 12.98 -24.38
N SER H 32 -0.78 11.78 -24.45
CA SER H 32 -2.05 11.47 -23.80
C SER H 32 -1.90 10.65 -22.49
N THR H 33 -0.67 10.52 -21.99
CA THR H 33 -0.45 10.03 -20.62
C THR H 33 0.17 11.17 -19.82
N SER H 34 -0.17 11.21 -18.54
CA SER H 34 0.38 12.24 -17.67
C SER H 34 1.80 11.88 -17.21
N VAL H 35 2.45 12.87 -16.59
CA VAL H 35 3.87 12.81 -16.24
C VAL H 35 4.08 13.41 -14.85
N ASP H 36 5.01 12.80 -14.13
CA ASP H 36 5.32 13.19 -12.77
C ASP H 36 6.63 13.96 -12.74
N GLN H 37 6.50 15.25 -12.43
CA GLN H 37 7.64 16.18 -12.45
C GLN H 37 8.06 16.52 -11.05
N LYS H 38 9.38 16.51 -10.84
CA LYS H 38 10.01 16.85 -9.58
C LYS H 38 11.17 17.83 -9.81
N ILE H 39 11.05 19.03 -9.25
CA ILE H 39 12.14 20.02 -9.30
C ILE H 39 12.73 20.20 -7.91
N THR H 40 14.04 19.96 -7.80
CA THR H 40 14.85 20.20 -6.60
C THR H 40 15.78 21.39 -6.83
N ILE H 41 15.64 22.43 -6.00
CA ILE H 41 16.61 23.53 -6.04
C ILE H 41 17.38 23.68 -4.74
N THR H 42 18.69 23.69 -4.89
CA THR H 42 19.65 23.67 -3.77
C THR H 42 20.53 24.91 -3.78
N LYS H 43 20.67 25.57 -2.62
CA LYS H 43 21.75 26.52 -2.35
C LYS H 43 22.38 26.23 -0.98
N GLY H 44 23.71 26.28 -0.93
CA GLY H 44 24.45 26.06 0.30
C GLY H 44 25.78 26.80 0.41
N MET H 45 26.34 26.80 1.62
CA MET H 45 27.59 27.48 1.90
C MET H 45 28.41 26.68 2.91
N LYS H 46 29.73 26.72 2.76
CA LYS H 46 30.66 26.17 3.74
C LYS H 46 31.81 27.16 4.05
N ASN H 47 32.15 27.28 5.33
CA ASN H 47 33.25 28.13 5.81
C ASN H 47 34.26 27.26 6.57
N VAL H 48 35.52 27.24 6.11
CA VAL H 48 36.62 26.53 6.80
C VAL H 48 37.71 27.52 7.24
N ASN H 49 38.17 27.39 8.49
CA ASN H 49 39.34 28.13 8.98
C ASN H 49 40.32 27.17 9.59
N SER H 50 41.59 27.27 9.22
CA SER H 50 42.68 26.58 9.91
C SER H 50 43.87 27.46 10.30
N GLU H 51 44.55 26.99 11.36
CA GLU H 51 45.78 27.55 11.91
C GLU H 51 46.71 26.36 12.09
N THR H 52 47.84 26.39 11.38
CA THR H 52 48.86 25.35 11.42
C THR H 52 50.16 25.98 11.93
N ARG H 53 50.68 25.42 13.02
CA ARG H 53 51.89 25.90 13.70
C ARG H 53 52.96 24.84 13.55
N THR H 54 54.04 25.16 12.86
CA THR H 54 55.18 24.25 12.71
C THR H 54 56.41 24.77 13.49
N VAL H 55 57.08 23.87 14.22
CA VAL H 55 58.42 24.17 14.80
C VAL H 55 59.40 23.07 14.40
N THR H 56 60.51 23.44 13.76
CA THR H 56 61.64 22.53 13.53
C THR H 56 62.92 23.00 14.19
N ALA H 57 63.56 22.05 14.88
CA ALA H 57 64.87 22.19 15.46
C ALA H 57 65.80 21.31 14.66
N THR H 58 66.92 21.87 14.20
CA THR H 58 67.92 21.11 13.42
C THR H 58 69.32 21.31 14.01
N HIS H 59 70.02 20.18 14.17
CA HIS H 59 71.41 20.10 14.66
C HIS H 59 72.24 19.42 13.60
N SER H 60 73.39 20.01 13.27
CA SER H 60 74.31 19.41 12.31
C SER H 60 75.73 19.45 12.87
N ILE H 61 76.39 18.30 12.76
CA ILE H 61 77.81 18.11 13.13
C ILE H 61 78.55 17.69 11.87
N GLY H 62 79.55 18.47 11.47
CA GLY H 62 80.33 18.20 10.27
C GLY H 62 81.82 18.28 10.53
N SER H 63 82.61 17.66 9.65
CA SER H 63 84.07 17.71 9.72
C SER H 63 84.74 17.35 8.38
N THR H 64 85.96 17.86 8.17
CA THR H 64 86.78 17.55 6.96
C THR H 64 88.26 17.26 7.30
N ILE H 65 88.72 16.06 6.94
CA ILE H 65 90.13 15.59 6.96
C ILE H 65 90.78 15.89 5.59
N SER H 66 91.99 16.47 5.60
CA SER H 66 92.59 17.14 4.42
C SER H 66 94.13 17.06 4.43
N THR H 67 94.77 16.86 3.27
CA THR H 67 96.27 16.74 3.17
C THR H 67 97.00 17.73 2.23
N GLY H 74 98.92 14.09 -5.48
CA GLY H 74 97.80 15.05 -5.47
C GLY H 74 97.32 15.51 -4.10
N SER H 75 96.03 15.31 -3.86
CA SER H 75 95.36 15.77 -2.62
C SER H 75 94.11 14.95 -2.35
N VAL H 76 93.99 14.46 -1.12
CA VAL H 76 92.82 13.69 -0.67
C VAL H 76 92.07 14.44 0.46
N GLU H 77 90.75 14.58 0.27
CA GLU H 77 89.84 15.17 1.26
C GLU H 77 88.83 14.10 1.66
N VAL H 78 88.51 14.02 2.95
CA VAL H 78 87.46 13.13 3.47
C VAL H 78 86.47 13.91 4.37
N SER H 79 85.18 13.80 4.03
CA SER H 79 84.10 14.53 4.71
C SER H 79 83.13 13.59 5.44
N TYR H 80 82.73 13.95 6.66
CA TYR H 80 81.64 13.25 7.33
C TYR H 80 80.65 14.24 7.98
N SER H 81 79.37 13.92 7.78
CA SER H 81 78.26 14.82 8.04
C SER H 81 77.14 14.12 8.79
N HIS H 82 76.52 14.79 9.75
CA HIS H 82 75.41 14.22 10.51
C HIS H 82 74.31 15.22 10.89
N SER H 83 73.09 14.88 10.47
CA SER H 83 71.90 15.73 10.56
C SER H 83 70.89 15.22 11.55
N HIS H 84 70.30 16.11 12.35
CA HIS H 84 69.18 15.71 13.19
C HIS H 84 68.06 16.75 13.25
N GLN H 85 66.95 16.39 12.62
CA GLN H 85 65.80 17.27 12.46
C GLN H 85 64.65 16.78 13.31
N LYS H 86 64.11 17.65 14.15
CA LYS H 86 62.89 17.33 14.90
C LYS H 86 61.81 18.38 14.59
N SER H 87 60.64 17.88 14.18
CA SER H 87 59.57 18.75 13.66
C SER H 87 58.19 18.50 14.28
N GLN H 88 57.44 19.58 14.48
CA GLN H 88 56.19 19.52 15.21
C GLN H 88 55.08 20.40 14.61
N VAL H 89 54.12 19.73 13.97
CA VAL H 89 52.98 20.40 13.29
C VAL H 89 51.67 20.29 14.10
N SER H 90 51.08 21.44 14.42
CA SER H 90 49.83 21.50 15.18
C SER H 90 48.74 22.19 14.40
N MET H 91 47.70 21.42 14.11
CA MET H 91 46.67 21.81 13.18
C MET H 91 45.33 21.98 13.89
N THR H 92 44.65 23.12 13.69
CA THR H 92 43.26 23.31 14.11
C THR H 92 42.44 23.73 12.93
N GLN H 93 41.58 22.83 12.45
CA GLN H 93 40.60 23.17 11.44
C GLN H 93 39.19 23.26 12.02
N THR H 94 38.44 24.26 11.59
CA THR H 94 37.03 24.36 12.01
C THR H 94 36.09 24.70 10.83
N GLU H 95 35.06 23.86 10.66
CA GLU H 95 34.06 23.97 9.59
C GLU H 95 32.69 24.39 10.07
N VAL H 96 32.03 25.24 9.29
CA VAL H 96 30.58 25.51 9.48
C VAL H 96 29.91 25.43 8.09
N TYR H 97 28.83 24.64 8.00
CA TYR H 97 28.07 24.55 6.75
C TYR H 97 26.57 24.74 6.94
N SER H 98 25.90 25.09 5.84
CA SER H 98 24.43 25.12 5.78
C SER H 98 23.92 24.92 4.35
N SER H 99 22.66 24.46 4.24
CA SER H 99 21.98 24.27 2.96
C SER H 99 20.48 24.47 3.11
N LYS H 100 19.89 25.06 2.08
CA LYS H 100 18.46 25.07 1.93
C LYS H 100 18.16 24.24 0.68
N VAL H 101 17.42 23.14 0.86
CA VAL H 101 16.96 22.32 -0.27
C VAL H 101 15.46 22.47 -0.36
N ILE H 102 14.99 22.66 -1.59
CA ILE H 102 13.57 22.94 -1.79
C ILE H 102 13.03 22.19 -3.01
N GLU H 103 12.09 21.28 -2.76
CA GLU H 103 11.60 20.39 -3.80
C GLU H 103 10.08 20.38 -4.01
N HIS H 104 9.69 20.47 -5.27
CA HIS H 104 8.30 20.54 -5.67
C HIS H 104 7.98 19.40 -6.57
N THR H 105 7.00 18.61 -6.19
CA THR H 105 6.60 17.51 -7.06
C THR H 105 5.10 17.62 -7.46
N ILE H 106 4.89 17.62 -8.79
CA ILE H 106 3.60 17.83 -9.44
C ILE H 106 3.28 16.74 -10.48
N THR H 107 2.00 16.43 -10.65
CA THR H 107 1.57 15.58 -11.77
C THR H 107 0.99 16.48 -12.86
N ILE H 108 1.73 16.59 -13.96
CA ILE H 108 1.30 17.37 -15.11
C ILE H 108 0.41 16.50 -15.97
N PRO H 109 -0.90 16.84 -16.07
CA PRO H 109 -1.85 16.05 -16.89
C PRO H 109 -1.56 16.11 -18.40
N PRO H 110 -2.10 15.17 -19.19
CA PRO H 110 -1.77 15.15 -20.62
C PRO H 110 -2.26 16.40 -21.34
N THR H 111 -1.72 16.66 -22.52
CA THR H 111 -1.92 17.95 -23.24
C THR H 111 -1.96 19.20 -22.32
N SER H 112 -0.98 19.27 -21.41
CA SER H 112 -0.84 20.39 -20.48
C SER H 112 0.57 21.00 -20.50
N LYS H 113 0.68 22.25 -20.05
CA LYS H 113 1.91 23.02 -20.08
C LYS H 113 2.18 23.56 -18.69
N PHE H 114 3.41 23.36 -18.23
CA PHE H 114 3.83 23.77 -16.88
C PHE H 114 4.80 24.94 -17.01
N THR H 115 4.54 26.02 -16.29
CA THR H 115 5.48 27.15 -16.23
C THR H 115 5.94 27.46 -14.82
N ARG H 116 7.27 27.49 -14.62
CA ARG H 116 7.90 28.08 -13.43
C ARG H 116 8.55 29.44 -13.69
N TRP H 117 8.13 30.46 -12.93
CA TRP H 117 8.81 31.73 -12.88
C TRP H 117 9.34 32.01 -11.48
N GLN H 118 10.63 32.33 -11.42
CA GLN H 118 11.28 32.71 -10.18
C GLN H 118 11.66 34.19 -10.22
N LEU H 119 11.13 34.93 -9.27
CA LEU H 119 11.39 36.35 -9.15
C LEU H 119 12.03 36.64 -7.81
N ASN H 120 12.74 37.75 -7.74
CA ASN H 120 13.27 38.25 -6.48
C ASN H 120 12.44 39.43 -6.00
N ALA H 121 11.81 39.28 -4.84
CA ALA H 121 10.90 40.30 -4.35
C ALA H 121 11.55 41.23 -3.34
N ASP H 122 11.48 42.52 -3.62
CA ASP H 122 12.03 43.57 -2.76
C ASP H 122 10.88 44.28 -2.02
N VAL H 123 10.92 44.26 -0.70
CA VAL H 123 9.92 44.96 0.09
C VAL H 123 10.42 46.37 0.34
N GLY H 124 9.71 47.35 -0.21
CA GLY H 124 10.11 48.75 -0.13
C GLY H 124 10.04 49.29 1.28
N GLY H 125 11.08 50.01 1.67
CA GLY H 125 11.13 50.65 2.99
C GLY H 125 11.66 49.72 4.06
N ALA H 126 11.06 48.53 4.15
CA ALA H 126 11.45 47.47 5.08
C ALA H 126 12.92 47.05 5.02
N GLY H 127 13.53 47.18 3.85
CA GLY H 127 14.91 46.73 3.64
C GLY H 127 15.03 45.22 3.80
N ILE H 128 14.01 44.49 3.36
CA ILE H 128 14.02 43.03 3.36
C ILE H 128 13.62 42.49 1.99
N GLU H 129 14.09 41.28 1.68
CA GLU H 129 13.74 40.66 0.41
C GLU H 129 13.46 39.17 0.53
N TYR H 130 12.71 38.63 -0.42
CA TYR H 130 12.40 37.21 -0.41
C TYR H 130 12.31 36.59 -1.79
N MET H 131 12.57 35.28 -1.87
CA MET H 131 12.40 34.55 -3.11
C MET H 131 10.93 34.27 -3.35
N TYR H 132 10.53 34.41 -4.61
CA TYR H 132 9.13 34.38 -5.03
C TYR H 132 9.03 33.45 -6.25
N LEU H 133 8.35 32.31 -6.08
CA LEU H 133 8.16 31.35 -7.17
C LEU H 133 6.70 31.23 -7.57
N ILE H 134 6.46 31.30 -8.88
CA ILE H 134 5.11 31.09 -9.42
C ILE H 134 5.10 29.87 -10.33
N ASP H 135 4.35 28.86 -9.90
CA ASP H 135 4.13 27.67 -10.71
C ASP H 135 2.70 27.67 -11.24
N GLU H 136 2.52 27.31 -12.51
CA GLU H 136 1.18 26.88 -13.00
C GLU H 136 1.14 25.87 -14.14
N VAL H 137 0.12 25.01 -14.06
CA VAL H 137 -0.22 24.04 -15.10
C VAL H 137 -1.46 24.57 -15.80
N THR H 138 -1.38 24.69 -17.12
CA THR H 138 -2.50 25.13 -17.96
C THR H 138 -2.58 24.26 -19.21
N PRO H 139 -3.73 24.27 -19.91
CA PRO H 139 -3.74 23.53 -21.16
C PRO H 139 -2.92 24.25 -22.23
N ILE H 140 -2.33 23.47 -23.14
CA ILE H 140 -1.50 24.02 -24.24
C ILE H 140 -2.39 24.82 -25.19
N GLY H 141 -1.88 25.98 -25.61
CA GLY H 141 -2.65 26.94 -26.38
C GLY H 141 -2.71 28.27 -25.66
N GLY H 142 -3.39 29.24 -26.26
CA GLY H 142 -3.38 30.64 -25.78
C GLY H 142 -2.03 31.27 -26.03
N THR H 143 -1.82 32.48 -25.52
CA THR H 143 -0.45 33.02 -25.47
C THR H 143 0.01 33.22 -24.02
N GLN H 144 1.30 32.96 -23.85
CA GLN H 144 2.02 32.98 -22.58
C GLN H 144 2.02 34.36 -21.91
N SER H 145 1.83 34.38 -20.61
CA SER H 145 1.95 35.60 -19.86
C SER H 145 3.16 35.52 -18.93
N ILE H 146 4.21 36.25 -19.26
CA ILE H 146 5.44 36.29 -18.47
C ILE H 146 5.46 37.53 -17.58
N PRO H 147 5.62 37.33 -16.25
CA PRO H 147 5.86 38.45 -15.35
C PRO H 147 7.33 38.80 -15.22
N GLN H 148 7.78 39.85 -15.90
CA GLN H 148 9.14 40.39 -15.71
C GLN H 148 9.24 41.22 -14.44
N VAL H 149 8.24 42.07 -14.18
CA VAL H 149 8.18 42.85 -12.94
C VAL H 149 6.75 42.89 -12.40
N ILE H 150 6.58 42.49 -11.14
CA ILE H 150 5.28 42.51 -10.49
C ILE H 150 5.31 43.44 -9.29
N THR H 151 4.32 44.32 -9.18
CA THR H 151 4.13 45.12 -7.96
C THR H 151 2.90 44.62 -7.25
N SER H 152 2.99 44.52 -5.92
CA SER H 152 1.86 44.16 -5.08
C SER H 152 1.92 44.89 -3.73
N ARG H 153 0.84 44.86 -2.97
CA ARG H 153 0.77 45.55 -1.69
C ARG H 153 1.01 44.61 -0.52
N ALA H 154 1.62 45.12 0.54
CA ALA H 154 1.82 44.35 1.77
C ALA H 154 1.76 45.21 3.04
N LYS H 155 1.15 44.66 4.09
CA LYS H 155 1.21 45.23 5.44
C LYS H 155 2.39 44.58 6.14
N ILE H 156 3.24 45.41 6.73
CA ILE H 156 4.41 44.90 7.47
C ILE H 156 4.26 45.22 8.93
N ILE H 157 4.34 44.19 9.77
CA ILE H 157 4.39 44.35 11.22
C ILE H 157 5.81 44.75 11.62
N VAL H 158 5.96 45.97 12.12
CA VAL H 158 7.27 46.62 12.32
C VAL H 158 7.68 46.74 13.79
N GLY H 159 8.98 46.86 14.03
CA GLY H 159 9.50 47.00 15.40
C GLY H 159 9.24 48.35 16.04
N ARG H 160 9.34 48.40 17.37
CA ARG H 160 9.27 49.63 18.16
C ARG H 160 10.27 50.63 17.61
N GLN H 161 9.86 51.90 17.54
CA GLN H 161 10.69 52.92 16.91
C GLN H 161 11.84 53.39 17.80
N ILE H 162 13.03 53.51 17.20
CA ILE H 162 14.17 54.14 17.86
C ILE H 162 14.03 55.67 17.76
N ILE H 163 13.44 56.26 18.79
CA ILE H 163 13.31 57.72 18.91
C ILE H 163 14.69 58.32 19.16
N LEU H 164 15.16 59.10 18.18
CA LEU H 164 16.47 59.73 18.24
C LEU H 164 16.56 60.66 19.44
N GLY H 165 17.67 60.54 20.16
CA GLY H 165 17.89 61.30 21.39
C GLY H 165 17.30 60.72 22.66
N LYS H 166 16.28 59.86 22.54
CA LYS H 166 15.60 59.33 23.71
C LYS H 166 15.87 57.83 23.97
N THR H 167 15.40 56.98 23.06
CA THR H 167 15.36 55.53 23.29
C THR H 167 16.74 54.86 23.29
N GLU H 168 16.93 53.99 24.30
CA GLU H 168 18.22 53.36 24.58
C GLU H 168 18.40 52.04 23.82
N ILE H 169 19.54 51.89 23.14
CA ILE H 169 19.76 50.76 22.24
C ILE H 169 21.09 50.03 22.44
N ARG H 170 21.13 48.76 22.03
CA ARG H 170 22.38 48.02 21.92
C ARG H 170 22.79 47.97 20.47
N ILE H 171 24.10 47.94 20.21
CA ILE H 171 24.61 47.82 18.84
C ILE H 171 25.34 46.48 18.69
N LYS H 172 24.80 45.62 17.83
CA LYS H 172 25.33 44.28 17.67
C LYS H 172 25.92 44.13 16.29
N HIS H 173 27.16 43.66 16.24
CA HIS H 173 27.79 43.29 14.98
C HIS H 173 27.05 42.10 14.36
N ALA H 174 26.55 42.28 13.15
CA ALA H 174 25.68 41.30 12.49
C ALA H 174 26.37 39.96 12.26
N GLU H 175 27.59 39.97 11.73
CA GLU H 175 28.22 38.72 11.35
C GLU H 175 28.72 37.95 12.57
N ARG H 176 29.25 38.69 13.55
CA ARG H 176 29.97 38.09 14.68
C ARG H 176 29.07 37.84 15.88
N LYS H 177 27.93 38.52 15.90
CA LYS H 177 26.91 38.34 16.93
C LYS H 177 27.44 38.68 18.33
N GLU H 178 28.37 39.64 18.36
CA GLU H 178 28.88 40.28 19.60
C GLU H 178 28.49 41.75 19.61
N TYR H 179 28.49 42.36 20.78
CA TYR H 179 28.01 43.74 20.96
C TYR H 179 29.13 44.78 21.02
N MET H 180 28.77 46.03 20.71
CA MET H 180 29.72 47.13 20.80
C MET H 180 29.81 47.50 22.26
N THR H 181 31.02 47.46 22.78
CA THR H 181 31.31 47.71 24.18
C THR H 181 32.39 48.81 24.31
N VAL H 182 32.37 49.51 25.43
CA VAL H 182 33.34 50.58 25.72
C VAL H 182 34.42 50.07 26.69
N VAL H 183 35.67 50.18 26.25
CA VAL H 183 36.81 49.80 27.07
C VAL H 183 37.79 50.95 27.01
N SER H 184 38.92 50.82 27.71
CA SER H 184 39.91 51.89 27.75
C SER H 184 41.21 51.51 27.00
N ARG H 185 41.54 52.34 26.00
CA ARG H 185 42.74 52.21 25.17
C ARG H 185 43.40 53.56 25.18
N LYS H 186 44.74 53.58 25.33
CA LYS H 186 45.53 54.82 25.35
C LYS H 186 44.93 55.92 26.23
N SER H 187 44.30 55.55 27.35
CA SER H 187 43.68 56.50 28.30
C SER H 187 42.42 57.21 27.80
N TRP H 188 41.87 56.74 26.67
CA TRP H 188 40.59 57.20 26.12
C TRP H 188 39.57 56.06 26.22
N PRO H 189 38.25 56.39 26.23
CA PRO H 189 37.28 55.33 26.00
C PRO H 189 37.29 54.94 24.52
N ALA H 190 37.21 53.64 24.26
CA ALA H 190 37.31 53.11 22.91
C ALA H 190 36.37 51.92 22.68
N ALA H 191 35.88 51.81 21.43
CA ALA H 191 34.99 50.72 21.07
C ALA H 191 35.74 49.43 20.81
N THR H 192 35.15 48.35 21.33
CA THR H 192 35.58 46.99 21.05
C THR H 192 34.36 46.04 21.13
N LEU H 193 34.45 44.88 20.47
CA LEU H 193 33.40 43.89 20.51
C LEU H 193 33.46 43.02 21.77
N GLY H 194 32.30 42.76 22.36
CA GLY H 194 32.18 41.93 23.55
C GLY H 194 30.87 41.17 23.68
N HIS H 195 30.74 40.38 24.74
CA HIS H 195 29.53 39.60 24.98
C HIS H 195 28.54 40.29 25.91
N SER H 196 28.99 41.36 26.56
CA SER H 196 28.18 42.04 27.58
C SER H 196 26.94 42.67 26.99
N LYS H 197 25.83 42.47 27.68
CA LYS H 197 24.55 43.02 27.24
C LYS H 197 24.26 44.31 28.01
N LEU H 198 25.31 44.82 28.63
CA LEU H 198 25.23 45.94 29.56
C LEU H 198 25.57 47.30 28.94
N PHE H 199 26.08 47.29 27.72
CA PHE H 199 26.49 48.52 27.08
C PHE H 199 25.38 49.07 26.22
N LYS H 200 24.80 50.14 26.72
CA LYS H 200 23.72 50.87 26.09
C LYS H 200 24.25 52.12 25.37
N PHE H 201 23.46 52.59 24.41
CA PHE H 201 23.77 53.74 23.55
C PHE H 201 22.48 54.52 23.23
N VAL H 202 22.63 55.77 22.80
CA VAL H 202 21.52 56.52 22.18
C VAL H 202 22.00 57.26 20.94
N LEU H 203 21.13 57.33 19.93
CA LEU H 203 21.50 57.89 18.64
C LEU H 203 20.95 59.29 18.50
N TYR H 204 21.74 60.17 17.89
CA TYR H 204 21.35 61.57 17.66
C TYR H 204 21.55 61.92 16.21
N GLU H 205 20.67 62.78 15.69
CA GLU H 205 20.90 63.43 14.40
C GLU H 205 20.91 64.95 14.53
N ASP H 206 21.88 65.59 13.86
CA ASP H 206 21.85 67.02 13.63
C ASP H 206 22.29 67.35 12.19
N TRP H 207 22.42 68.64 11.90
CA TRP H 207 22.88 69.18 10.62
C TRP H 207 24.13 68.47 10.03
N GLY H 208 25.02 67.99 10.90
CA GLY H 208 26.28 67.39 10.48
C GLY H 208 26.23 65.88 10.25
N GLY H 209 25.08 65.29 10.57
CA GLY H 209 24.85 63.84 10.48
C GLY H 209 24.42 63.14 11.78
N PHE H 210 24.79 61.86 11.91
CA PHE H 210 24.39 61.05 13.04
C PHE H 210 25.50 60.85 14.04
N ARG H 211 25.10 60.77 15.31
CA ARG H 211 26.02 60.60 16.42
C ARG H 211 25.66 59.42 17.33
N ILE H 212 26.66 58.60 17.63
CA ILE H 212 26.52 57.44 18.51
C ILE H 212 27.07 57.81 19.89
N LYS H 213 26.16 58.02 20.84
CA LYS H 213 26.53 58.35 22.22
C LYS H 213 26.49 57.14 23.14
N THR H 214 27.59 56.89 23.85
CA THR H 214 27.65 55.76 24.80
C THR H 214 27.19 56.23 26.15
N LEU H 215 26.50 55.35 26.87
CA LEU H 215 26.08 55.60 28.25
C LEU H 215 26.97 54.88 29.28
N ASN H 216 28.09 54.30 28.83
CA ASN H 216 28.95 53.54 29.74
C ASN H 216 30.41 53.93 29.62
N THR H 217 30.67 55.24 29.57
CA THR H 217 32.04 55.71 29.47
C THR H 217 32.74 55.74 30.82
N MET H 218 34.04 55.46 30.83
CA MET H 218 34.82 55.51 32.08
C MET H 218 35.50 56.86 32.32
N TYR H 219 35.44 57.74 31.32
CA TYR H 219 35.93 59.12 31.42
C TYR H 219 34.76 60.05 31.10
N SER H 220 34.17 60.66 32.14
CA SER H 220 33.00 61.53 32.00
C SER H 220 33.08 62.53 30.86
N GLY H 221 31.97 62.69 30.13
CA GLY H 221 31.87 63.61 29.00
C GLY H 221 32.44 63.09 27.69
N TYR H 222 33.17 61.98 27.74
CA TYR H 222 33.78 61.41 26.53
C TYR H 222 32.93 60.25 26.03
N GLU H 223 31.97 60.59 25.17
CA GLU H 223 30.79 59.75 24.89
C GLU H 223 30.35 59.60 23.43
N TYR H 224 30.87 60.45 22.53
CA TYR H 224 30.49 60.36 21.11
C TYR H 224 31.52 59.60 20.28
N ALA H 225 31.05 58.63 19.53
CA ALA H 225 31.95 57.74 18.79
C ALA H 225 32.62 58.51 17.66
N TYR H 226 33.93 58.33 17.51
CA TYR H 226 34.70 59.05 16.50
C TYR H 226 35.93 58.27 15.98
N SER H 227 36.45 58.71 14.83
CA SER H 227 37.58 58.03 14.19
C SER H 227 38.89 58.77 14.41
N SER H 228 39.87 58.07 14.98
CA SER H 228 41.27 58.55 14.99
C SER H 228 41.85 58.52 13.56
N ASP H 229 42.89 59.31 13.33
CA ASP H 229 43.57 59.34 12.02
C ASP H 229 44.20 58.00 11.63
N GLN H 230 44.04 57.01 12.50
CA GLN H 230 44.61 55.67 12.39
C GLN H 230 43.52 54.66 12.06
N GLY H 231 42.29 55.04 12.36
CA GLY H 231 41.09 54.23 12.11
C GLY H 231 40.31 53.80 13.33
N GLY H 232 40.97 53.72 14.48
CA GLY H 232 40.38 53.21 15.73
C GLY H 232 39.23 54.07 16.22
N ILE H 233 38.18 53.44 16.72
CA ILE H 233 37.05 54.20 17.25
C ILE H 233 37.29 54.52 18.70
N TYR H 234 37.28 55.81 18.98
CA TYR H 234 37.33 56.34 20.32
C TYR H 234 36.04 57.13 20.60
N PHE H 235 35.83 57.49 21.87
CA PHE H 235 34.66 58.29 22.24
C PHE H 235 35.15 59.62 22.76
N ASP H 236 34.64 60.69 22.15
CA ASP H 236 35.08 62.06 22.42
C ASP H 236 34.03 62.84 23.17
N GLN H 237 34.41 64.05 23.58
CA GLN H 237 33.49 65.08 24.04
C GLN H 237 32.76 65.65 22.83
N GLY H 238 31.56 66.19 23.06
CA GLY H 238 30.70 66.74 21.99
C GLY H 238 31.23 67.99 21.30
N THR H 239 31.68 67.85 20.06
CA THR H 239 32.16 68.98 19.25
C THR H 239 31.33 69.04 17.96
N ASP H 240 31.72 69.89 17.01
CA ASP H 240 31.07 69.96 15.70
C ASP H 240 31.77 69.10 14.67
N ASN H 241 32.90 68.50 15.05
CA ASN H 241 33.71 67.83 14.07
C ASN H 241 32.96 66.71 13.37
N PRO H 242 32.91 66.74 12.02
CA PRO H 242 32.43 65.61 11.22
C PRO H 242 33.08 64.24 11.52
N LYS H 243 34.22 64.23 12.22
CA LYS H 243 34.88 62.97 12.61
C LYS H 243 34.07 62.14 13.64
N GLN H 244 33.21 62.82 14.40
CA GLN H 244 32.29 62.14 15.31
C GLN H 244 30.86 62.10 14.77
N ARG H 245 30.73 62.39 13.47
CA ARG H 245 29.48 62.23 12.78
C ARG H 245 29.51 61.11 11.74
N TRP H 246 28.32 60.61 11.48
CA TRP H 246 28.14 59.35 10.77
C TRP H 246 26.96 59.43 9.81
N ALA H 247 27.09 58.73 8.68
CA ALA H 247 26.01 58.58 7.71
C ALA H 247 25.35 57.20 7.81
N ILE H 248 24.05 57.21 8.08
CA ILE H 248 23.18 56.04 8.03
C ILE H 248 22.92 55.50 6.58
N ASN H 249 22.44 54.26 6.46
CA ASN H 249 22.13 53.62 5.16
C ASN H 249 20.67 53.67 4.75
N LYS H 250 19.82 53.93 5.74
CA LYS H 250 18.37 53.83 5.66
C LYS H 250 17.75 55.23 5.68
N SER H 251 16.47 55.32 5.34
CA SER H 251 15.65 56.50 5.69
C SER H 251 15.06 56.28 7.05
N LEU H 252 14.83 57.38 7.77
CA LEU H 252 14.20 57.33 9.08
C LEU H 252 12.72 56.93 8.92
N PRO H 253 12.10 56.36 9.96
CA PRO H 253 12.62 56.05 11.31
C PRO H 253 13.51 54.80 11.37
N LEU H 254 14.42 54.82 12.32
CA LEU H 254 15.10 53.59 12.75
C LEU H 254 14.18 52.80 13.69
N ARG H 255 14.16 51.48 13.50
CA ARG H 255 13.33 50.59 14.33
C ARG H 255 14.17 49.47 14.93
N HIS H 256 13.67 48.89 16.01
CA HIS H 256 14.25 47.67 16.56
C HIS H 256 14.59 46.66 15.46
N GLY H 257 15.78 46.09 15.55
CA GLY H 257 16.17 45.02 14.67
C GLY H 257 16.70 45.47 13.34
N ASP H 258 16.74 46.78 13.13
CA ASP H 258 17.20 47.33 11.85
C ASP H 258 18.67 47.01 11.61
N VAL H 259 18.96 46.58 10.39
CA VAL H 259 20.33 46.34 9.94
C VAL H 259 20.85 47.68 9.40
N VAL H 260 21.75 48.30 10.15
CA VAL H 260 22.33 49.59 9.75
C VAL H 260 23.83 49.60 9.48
N THR H 261 24.28 50.71 8.90
CA THR H 261 25.63 50.90 8.43
C THR H 261 25.99 52.30 8.93
N PHE H 262 27.24 52.49 9.37
CA PHE H 262 27.72 53.82 9.72
C PHE H 262 28.97 54.17 8.92
N MET H 263 28.79 55.07 7.95
CA MET H 263 29.89 55.62 7.16
C MET H 263 30.34 56.90 7.82
N ASN H 264 31.65 57.11 7.89
CA ASN H 264 32.16 58.32 8.54
C ASN H 264 32.03 59.58 7.70
N LYS H 265 31.51 60.62 8.34
CA LYS H 265 31.15 61.89 7.70
C LYS H 265 32.39 62.69 7.25
N TYR H 266 33.46 62.65 8.03
CA TYR H 266 34.73 63.24 7.60
C TYR H 266 35.53 62.29 6.68
N PHE H 267 35.76 61.06 7.14
CA PHE H 267 36.48 60.06 6.33
C PHE H 267 35.49 59.26 5.46
N THR H 268 34.93 59.95 4.47
CA THR H 268 33.83 59.50 3.63
C THR H 268 33.99 58.12 2.99
N ARG H 269 35.24 57.76 2.65
CA ARG H 269 35.59 56.45 2.09
C ARG H 269 35.43 55.23 3.04
N SER H 270 35.25 55.51 4.33
CA SER H 270 35.43 54.52 5.38
C SER H 270 34.25 54.42 6.34
N GLY H 271 34.05 53.23 6.91
CA GLY H 271 32.92 52.97 7.78
C GLY H 271 33.21 52.00 8.91
N LEU H 272 32.32 52.02 9.90
CA LEU H 272 32.37 51.18 11.09
C LEU H 272 32.43 49.70 10.77
N CYS H 273 33.54 49.07 11.18
CA CYS H 273 33.82 47.66 10.88
C CYS H 273 34.55 46.92 12.02
N TYR H 274 34.72 45.61 11.86
CA TYR H 274 35.56 44.82 12.76
C TYR H 274 36.92 44.57 12.10
N ASP H 275 38.00 44.93 12.79
CA ASP H 275 39.35 44.45 12.44
C ASP H 275 40.10 43.96 13.69
N ASP H 276 40.92 42.92 13.57
CA ASP H 276 41.70 42.44 14.70
C ASP H 276 42.94 43.32 14.91
N GLY H 277 42.71 44.49 15.52
CA GLY H 277 43.77 45.47 15.85
C GLY H 277 44.60 45.08 17.07
N PRO H 278 45.62 45.91 17.42
CA PRO H 278 46.52 45.60 18.53
C PRO H 278 45.84 45.44 19.89
N ALA H 279 44.87 46.32 20.19
CA ALA H 279 44.22 46.34 21.50
C ALA H 279 42.69 46.22 21.47
N THR H 280 42.07 46.89 20.52
CA THR H 280 40.61 46.82 20.32
C THR H 280 40.30 46.27 18.93
N ASN H 281 39.01 46.10 18.62
CA ASN H 281 38.61 45.48 17.35
C ASN H 281 37.48 46.12 16.57
N VAL H 282 37.10 47.33 16.95
CA VAL H 282 36.14 48.15 16.19
C VAL H 282 36.89 49.31 15.54
N TYR H 283 36.92 49.31 14.21
CA TYR H 283 37.66 50.31 13.44
C TYR H 283 36.77 50.96 12.39
N CYS H 284 37.36 51.89 11.65
CA CYS H 284 36.72 52.67 10.59
C CYS H 284 37.75 52.76 9.46
N LEU H 285 37.49 52.01 8.39
CA LEU H 285 38.51 51.77 7.34
C LEU H 285 37.93 51.87 5.93
N ASP H 286 38.74 52.41 5.01
CA ASP H 286 38.37 52.53 3.59
C ASP H 286 37.84 51.23 3.01
N LYS H 287 36.71 51.35 2.34
CA LYS H 287 36.06 50.27 1.58
C LYS H 287 35.38 49.25 2.46
N ARG H 288 35.23 49.58 3.75
CA ARG H 288 34.70 48.64 4.73
C ARG H 288 33.55 49.24 5.49
N GLU H 289 32.45 48.48 5.56
CA GLU H 289 31.27 48.81 6.36
C GLU H 289 30.57 47.53 6.68
N ASP H 290 30.78 47.05 7.89
CA ASP H 290 30.11 45.87 8.36
C ASP H 290 28.68 46.29 8.75
N LYS H 291 27.75 45.34 8.71
CA LYS H 291 26.36 45.57 9.13
C LYS H 291 26.25 45.41 10.64
N TRP H 292 25.47 46.30 11.24
CA TRP H 292 25.22 46.33 12.68
C TRP H 292 23.73 46.25 12.89
N ILE H 293 23.35 45.65 14.01
CA ILE H 293 21.93 45.46 14.32
C ILE H 293 21.64 46.32 15.54
N LEU H 294 20.67 47.22 15.41
CA LEU H 294 20.25 48.06 16.52
C LEU H 294 19.11 47.37 17.23
N GLU H 295 19.20 47.26 18.56
CA GLU H 295 18.12 46.68 19.35
C GLU H 295 17.76 47.49 20.58
N VAL H 296 16.48 47.87 20.70
CA VAL H 296 15.96 48.64 21.84
C VAL H 296 15.99 47.81 23.09
N VAL H 297 16.47 48.41 24.18
CA VAL H 297 16.45 47.73 25.49
C VAL H 297 15.03 47.79 26.06
N GLY H 298 14.66 46.74 26.79
CA GLY H 298 13.28 46.46 27.24
C GLY H 298 12.34 47.63 27.52
N TYR I 10 -0.58 49.06 -14.55
CA TYR I 10 0.67 48.45 -15.07
C TYR I 10 0.63 48.16 -16.57
N GLU I 11 1.73 48.44 -17.26
CA GLU I 11 1.81 48.15 -18.70
C GLU I 11 2.31 46.74 -19.02
N GLN I 12 1.95 46.29 -20.22
CA GLN I 12 2.14 44.92 -20.68
C GLN I 12 2.44 45.01 -22.18
N ILE I 13 3.60 44.52 -22.60
CA ILE I 13 4.00 44.56 -24.03
C ILE I 13 3.88 43.18 -24.68
N GLU I 14 3.41 43.15 -25.92
CA GLU I 14 3.31 41.93 -26.71
C GLU I 14 4.60 41.74 -27.46
N VAL I 15 5.10 40.50 -27.49
CA VAL I 15 6.40 40.23 -28.09
C VAL I 15 6.49 38.80 -28.67
N ASP I 16 7.46 38.55 -29.57
CA ASP I 16 7.74 37.17 -30.00
C ASP I 16 8.82 36.58 -29.12
N VAL I 17 8.59 35.34 -28.70
CA VAL I 17 9.61 34.51 -28.09
C VAL I 17 10.07 33.48 -29.13
N VAL I 18 11.39 33.35 -29.28
CA VAL I 18 11.97 32.52 -30.32
C VAL I 18 12.87 31.46 -29.67
N ALA I 19 12.50 30.19 -29.81
CA ALA I 19 13.24 29.09 -29.18
C ALA I 19 13.98 28.28 -30.22
N VAL I 20 15.28 28.04 -30.00
CA VAL I 20 16.07 27.23 -30.93
C VAL I 20 16.49 25.94 -30.25
N TRP I 21 16.41 24.86 -31.02
CA TRP I 21 16.78 23.50 -30.63
C TRP I 21 18.15 23.43 -29.99
N LYS I 22 18.26 22.67 -28.91
CA LYS I 22 19.51 22.50 -28.21
C LYS I 22 19.93 21.04 -28.14
N GLU I 23 18.95 20.14 -27.98
CA GLU I 23 19.20 18.74 -27.65
C GLU I 23 17.93 17.94 -27.85
N GLY I 24 18.07 16.67 -28.22
CA GLY I 24 16.92 15.79 -28.43
C GLY I 24 17.17 14.34 -28.03
N TYR I 25 16.08 13.57 -27.98
CA TYR I 25 16.10 12.17 -27.53
C TYR I 25 14.82 11.43 -27.94
N VAL I 26 14.97 10.23 -28.49
CA VAL I 26 13.82 9.43 -28.97
C VAL I 26 13.91 7.99 -28.48
N TYR I 27 12.85 7.55 -27.81
CA TYR I 27 12.79 6.21 -27.25
C TYR I 27 11.62 5.47 -27.84
N GLU I 28 11.88 4.31 -28.44
CA GLU I 28 10.81 3.45 -28.95
C GLU I 28 10.66 2.21 -28.08
N ASN I 29 9.45 1.98 -27.59
CA ASN I 29 9.12 0.75 -26.90
C ASN I 29 8.28 -0.07 -27.85
N ARG I 30 8.91 -1.04 -28.49
CA ARG I 30 8.27 -1.90 -29.48
C ARG I 30 7.60 -3.10 -28.86
N GLY I 31 7.99 -3.43 -27.63
CA GLY I 31 7.43 -4.55 -26.85
C GLY I 31 5.93 -4.47 -26.58
N SER I 32 5.35 -5.53 -26.03
CA SER I 32 3.94 -5.52 -25.69
C SER I 32 3.67 -5.38 -24.18
N THR I 33 4.72 -5.02 -23.43
CA THR I 33 4.57 -4.57 -22.04
C THR I 33 5.04 -3.13 -21.98
N SER I 34 4.50 -2.36 -21.03
CA SER I 34 4.86 -0.95 -20.91
C SER I 34 6.14 -0.76 -20.10
N VAL I 35 6.72 0.44 -20.21
CA VAL I 35 8.02 0.78 -19.63
C VAL I 35 7.87 2.06 -18.79
N ASP I 36 8.53 2.09 -17.64
CA ASP I 36 8.55 3.24 -16.78
C ASP I 36 9.87 3.94 -17.01
N GLN I 37 9.79 5.12 -17.63
CA GLN I 37 10.98 5.90 -17.96
C GLN I 37 11.09 7.11 -17.09
N LYS I 38 12.30 7.35 -16.60
CA LYS I 38 12.56 8.48 -15.74
C LYS I 38 13.84 9.18 -16.22
N ILE I 39 13.65 10.37 -16.77
CA ILE I 39 14.75 11.25 -17.22
C ILE I 39 15.01 12.25 -16.11
N THR I 40 16.27 12.50 -15.83
CA THR I 40 16.64 13.30 -14.69
C THR I 40 17.89 14.14 -15.01
N ILE I 41 17.67 15.46 -15.09
CA ILE I 41 18.73 16.40 -15.51
C ILE I 41 19.13 17.37 -14.40
N THR I 42 20.43 17.66 -14.36
CA THR I 42 21.06 18.43 -13.30
C THR I 42 22.06 19.41 -13.88
N LYS I 43 21.97 20.67 -13.45
CA LYS I 43 23.05 21.65 -13.61
C LYS I 43 23.37 22.25 -12.23
N GLY I 44 24.66 22.45 -11.93
CA GLY I 44 25.09 23.11 -10.67
C GLY I 44 26.39 23.91 -10.74
N MET I 45 26.62 24.77 -9.73
CA MET I 45 27.88 25.54 -9.57
C MET I 45 28.43 25.49 -8.15
N LYS I 46 29.76 25.51 -8.05
CA LYS I 46 30.46 25.66 -6.78
C LYS I 46 31.51 26.77 -6.95
N ASN I 47 31.50 27.80 -6.08
CA ASN I 47 32.57 28.83 -6.03
C ASN I 47 33.36 28.71 -4.74
N VAL I 48 34.67 28.47 -4.86
CA VAL I 48 35.56 28.37 -3.69
C VAL I 48 36.53 29.55 -3.61
N ASN I 49 36.71 30.10 -2.42
CA ASN I 49 37.62 31.22 -2.20
C ASN I 49 38.46 31.06 -0.96
N SER I 50 39.78 31.11 -1.09
CA SER I 50 40.65 31.10 0.10
C SER I 50 41.80 32.09 0.14
N GLU I 51 42.20 32.42 1.37
CA GLU I 51 43.32 33.29 1.70
C GLU I 51 44.17 32.50 2.67
N THR I 52 45.43 32.31 2.32
CA THR I 52 46.39 31.59 3.15
C THR I 52 47.55 32.52 3.52
N ARG I 53 47.71 32.81 4.82
CA ARG I 53 48.81 33.66 5.32
C ARG I 53 49.84 32.84 6.07
N THR I 54 51.06 32.82 5.55
CA THR I 54 52.19 32.13 6.16
C THR I 54 53.25 33.12 6.68
N VAL I 55 53.65 32.91 7.92
CA VAL I 55 54.66 33.74 8.61
C VAL I 55 55.65 32.73 9.21
N THR I 56 56.90 32.86 8.81
CA THR I 56 57.90 31.84 9.15
C THR I 56 59.29 32.44 9.52
N ALA I 57 59.81 32.03 10.68
CA ALA I 57 60.98 32.68 11.31
C ALA I 57 62.06 31.67 11.66
N THR I 58 63.27 31.89 11.15
CA THR I 58 64.40 30.98 11.32
C THR I 58 65.62 31.67 11.94
N HIS I 59 66.30 30.95 12.83
CA HIS I 59 67.50 31.40 13.51
C HIS I 59 68.53 30.29 13.37
N SER I 60 69.68 30.60 12.77
CA SER I 60 70.77 29.63 12.63
C SER I 60 72.05 30.10 13.30
N ILE I 61 72.74 29.16 13.96
CA ILE I 61 74.03 29.42 14.62
C ILE I 61 74.97 28.36 14.08
N GLY I 62 75.92 28.79 13.26
CA GLY I 62 77.02 27.95 12.76
C GLY I 62 78.36 28.22 13.44
N SER I 63 79.31 27.32 13.20
CA SER I 63 80.63 27.33 13.84
C SER I 63 81.58 26.30 13.22
N THR I 64 82.81 26.72 12.91
CA THR I 64 83.85 25.82 12.36
C THR I 64 85.19 26.05 13.06
N ILE I 65 85.80 24.95 13.51
CA ILE I 65 87.16 24.98 14.02
C ILE I 65 88.02 24.22 13.04
N SER I 66 89.07 24.87 12.54
CA SER I 66 90.04 24.25 11.63
C SER I 66 91.50 24.45 12.10
N THR I 67 92.42 23.74 11.43
CA THR I 67 93.84 23.76 11.80
C THR I 67 94.76 23.83 10.57
N SER I 75 95.10 19.12 7.00
CA SER I 75 94.61 19.49 8.33
C SER I 75 93.21 18.89 8.65
N VAL I 76 92.74 19.15 9.87
CA VAL I 76 91.40 18.74 10.29
C VAL I 76 90.45 19.96 10.48
N GLU I 77 89.23 19.81 10.00
CA GLU I 77 88.16 20.80 10.20
C GLU I 77 86.96 20.14 10.90
N VAL I 78 86.26 20.90 11.75
CA VAL I 78 85.09 20.41 12.48
C VAL I 78 84.01 21.53 12.52
N SER I 79 82.82 21.20 12.00
CA SER I 79 81.64 22.09 11.94
C SER I 79 80.50 21.69 12.89
N TYR I 80 79.75 22.68 13.37
CA TYR I 80 78.52 22.43 14.09
C TYR I 80 77.55 23.59 13.87
N SER I 81 76.33 23.23 13.47
CA SER I 81 75.27 24.22 13.29
C SER I 81 73.93 23.82 13.93
N HIS I 82 73.11 24.84 14.23
CA HIS I 82 71.82 24.67 14.87
C HIS I 82 70.81 25.69 14.33
N SER I 83 69.71 25.19 13.76
CA SER I 83 68.63 26.05 13.30
C SER I 83 67.30 25.79 14.01
N HIS I 84 66.52 26.84 14.13
CA HIS I 84 65.23 26.76 14.77
C HIS I 84 64.20 27.53 13.94
N GLN I 85 63.38 26.77 13.21
CA GLN I 85 62.29 27.33 12.40
C GLN I 85 60.91 27.26 13.09
N LYS I 86 60.16 28.35 13.00
CA LYS I 86 58.86 28.45 13.61
C LYS I 86 57.97 29.09 12.55
N SER I 87 56.96 28.33 12.15
CA SER I 87 56.09 28.68 11.05
C SER I 87 54.60 28.76 11.46
N GLN I 88 53.86 29.61 10.75
CA GLN I 88 52.45 29.84 11.08
C GLN I 88 51.58 30.07 9.84
N VAL I 89 50.91 29.00 9.39
CA VAL I 89 49.91 29.07 8.34
C VAL I 89 48.52 29.41 8.92
N SER I 90 47.92 30.48 8.40
CA SER I 90 46.53 30.83 8.70
C SER I 90 45.72 30.85 7.41
N MET I 91 44.84 29.86 7.21
CA MET I 91 43.97 29.88 6.03
C MET I 91 42.46 29.91 6.32
N THR I 92 41.74 30.72 5.54
CA THR I 92 40.28 30.76 5.66
C THR I 92 39.63 30.56 4.28
N GLN I 93 38.67 29.63 4.22
CA GLN I 93 38.01 29.22 2.98
C GLN I 93 36.52 29.54 2.99
N THR I 94 36.02 29.98 1.83
CA THR I 94 34.60 30.29 1.56
C THR I 94 34.14 29.44 0.39
N GLU I 95 33.04 28.71 0.59
CA GLU I 95 32.43 27.90 -0.44
C GLU I 95 30.99 28.34 -0.60
N VAL I 96 30.54 28.48 -1.84
CA VAL I 96 29.13 28.78 -2.15
C VAL I 96 28.71 27.85 -3.30
N TYR I 97 27.66 27.05 -3.07
CA TYR I 97 27.17 26.12 -4.10
C TYR I 97 25.66 26.15 -4.36
N SER I 98 25.26 25.77 -5.57
CA SER I 98 23.85 25.63 -5.93
C SER I 98 23.63 24.58 -7.00
N SER I 99 22.40 24.09 -7.11
CA SER I 99 22.00 23.15 -8.16
C SER I 99 20.51 23.22 -8.42
N LYS I 100 20.13 22.87 -9.65
CA LYS I 100 18.76 22.66 -10.06
C LYS I 100 18.69 21.22 -10.59
N VAL I 101 17.80 20.40 -10.05
CA VAL I 101 17.56 19.05 -10.56
C VAL I 101 16.11 18.90 -11.01
N ILE I 102 15.92 18.45 -12.26
CA ILE I 102 14.56 18.24 -12.83
C ILE I 102 14.37 16.76 -13.22
N GLU I 103 13.40 16.12 -12.56
CA GLU I 103 13.04 14.72 -12.78
C GLU I 103 11.71 14.62 -13.50
N HIS I 104 11.64 13.71 -14.46
CA HIS I 104 10.39 13.39 -15.15
C HIS I 104 10.12 11.90 -15.22
N THR I 105 9.00 11.47 -14.66
CA THR I 105 8.60 10.05 -14.70
C THR I 105 7.35 9.84 -15.55
N ILE I 106 7.48 8.98 -16.57
CA ILE I 106 6.40 8.65 -17.51
C ILE I 106 6.29 7.12 -17.71
N THR I 107 5.08 6.65 -17.97
CA THR I 107 4.91 5.28 -18.43
C THR I 107 4.63 5.31 -19.93
N ILE I 108 5.61 4.83 -20.70
CA ILE I 108 5.45 4.66 -22.13
C ILE I 108 4.68 3.35 -22.35
N PRO I 109 3.46 3.43 -22.92
CA PRO I 109 2.67 2.24 -23.28
C PRO I 109 3.38 1.35 -24.30
N PRO I 110 2.89 0.11 -24.49
CA PRO I 110 3.44 -0.80 -25.52
C PRO I 110 3.28 -0.21 -26.92
N THR I 111 4.16 -0.59 -27.85
CA THR I 111 4.17 -0.01 -29.21
C THR I 111 4.03 1.52 -29.28
N SER I 112 4.76 2.22 -28.42
CA SER I 112 4.78 3.69 -28.42
C SER I 112 6.18 4.26 -28.56
N LYS I 113 6.28 5.47 -29.12
CA LYS I 113 7.52 6.23 -29.11
C LYS I 113 7.41 7.47 -28.25
N PHE I 114 8.43 7.69 -27.44
CA PHE I 114 8.57 8.88 -26.64
C PHE I 114 9.62 9.75 -27.32
N THR I 115 9.32 11.04 -27.48
CA THR I 115 10.33 12.00 -27.94
C THR I 115 10.43 13.19 -26.99
N ARG I 116 11.67 13.60 -26.72
CA ARG I 116 11.96 14.84 -25.99
C ARG I 116 12.80 15.81 -26.83
N TRP I 117 12.32 17.03 -26.96
CA TRP I 117 13.10 18.11 -27.55
C TRP I 117 13.37 19.16 -26.48
N GLN I 118 14.64 19.53 -26.33
CA GLN I 118 15.05 20.64 -25.47
C GLN I 118 15.48 21.86 -26.28
N LEU I 119 14.77 22.96 -26.04
CA LEU I 119 14.97 24.20 -26.75
C LEU I 119 15.46 25.27 -25.77
N ASN I 120 16.12 26.29 -26.29
CA ASN I 120 16.45 27.50 -25.53
C ASN I 120 15.62 28.67 -26.09
N ALA I 121 14.76 29.24 -25.25
CA ALA I 121 13.78 30.24 -25.68
C ALA I 121 14.23 31.63 -25.31
N ASP I 122 14.34 32.48 -26.32
CA ASP I 122 14.75 33.85 -26.16
C ASP I 122 13.54 34.75 -26.31
N VAL I 123 13.22 35.47 -25.23
CA VAL I 123 12.13 36.46 -25.24
C VAL I 123 12.65 37.78 -25.82
N GLY I 124 12.17 38.15 -27.00
CA GLY I 124 12.61 39.38 -27.70
C GLY I 124 12.36 40.70 -26.97
N GLY I 125 13.33 41.62 -27.04
CA GLY I 125 13.21 42.93 -26.41
C GLY I 125 13.43 42.93 -24.91
N ALA I 126 12.80 41.98 -24.21
CA ALA I 126 12.92 41.84 -22.73
C ALA I 126 14.29 41.45 -22.20
N GLY I 127 15.09 40.77 -23.02
CA GLY I 127 16.44 40.31 -22.65
C GLY I 127 16.47 39.28 -21.53
N ILE I 128 15.56 38.32 -21.58
CA ILE I 128 15.47 37.21 -20.64
C ILE I 128 15.26 35.94 -21.44
N GLU I 129 15.74 34.82 -20.90
CA GLU I 129 15.58 33.53 -21.56
C GLU I 129 15.13 32.44 -20.61
N TYR I 130 14.67 31.32 -21.16
CA TYR I 130 14.27 30.17 -20.36
C TYR I 130 14.41 28.86 -21.10
N MET I 131 14.54 27.78 -20.34
CA MET I 131 14.53 26.43 -20.88
C MET I 131 13.10 25.99 -21.24
N TYR I 132 12.99 25.39 -22.41
CA TYR I 132 11.74 24.96 -22.98
C TYR I 132 11.88 23.49 -23.35
N LEU I 133 11.10 22.66 -22.66
CA LEU I 133 11.16 21.22 -22.80
C LEU I 133 9.85 20.70 -23.37
N ILE I 134 9.93 19.90 -24.43
CA ILE I 134 8.73 19.31 -25.05
C ILE I 134 8.79 17.79 -25.04
N ASP I 135 7.97 17.17 -24.20
CA ASP I 135 7.82 15.71 -24.13
C ASP I 135 6.56 15.31 -24.87
N GLU I 136 6.61 14.18 -25.56
CA GLU I 136 5.41 13.65 -26.21
C GLU I 136 5.50 12.14 -26.39
N VAL I 137 4.40 11.47 -26.07
CA VAL I 137 4.24 10.06 -26.38
C VAL I 137 3.20 9.93 -27.50
N THR I 138 3.55 9.15 -28.53
CA THR I 138 2.66 8.81 -29.66
C THR I 138 2.85 7.34 -30.10
N PRO I 139 1.87 6.75 -30.83
CA PRO I 139 2.02 5.52 -31.60
C PRO I 139 3.25 5.52 -32.49
N ILE I 140 3.83 4.34 -32.72
CA ILE I 140 4.99 4.20 -33.62
C ILE I 140 4.49 4.24 -35.05
N GLY I 141 5.16 5.01 -35.89
CA GLY I 141 4.67 5.31 -37.23
C GLY I 141 4.53 6.81 -37.35
N GLY I 142 3.95 7.25 -38.48
CA GLY I 142 3.88 8.68 -38.84
C GLY I 142 5.24 9.19 -39.30
N THR I 143 5.31 10.50 -39.57
CA THR I 143 6.56 11.21 -39.83
C THR I 143 6.90 12.02 -38.58
N GLN I 144 8.10 11.82 -38.08
CA GLN I 144 8.67 12.64 -37.02
C GLN I 144 8.60 14.13 -37.38
N SER I 145 8.07 14.94 -36.48
CA SER I 145 8.16 16.39 -36.65
C SER I 145 9.13 16.98 -35.62
N ILE I 146 10.23 17.54 -36.10
CA ILE I 146 11.29 18.07 -35.23
C ILE I 146 11.26 19.61 -35.22
N PRO I 147 11.17 20.23 -34.01
CA PRO I 147 11.19 21.68 -33.95
C PRO I 147 12.61 22.20 -33.78
N GLN I 148 13.25 22.56 -34.88
CA GLN I 148 14.57 23.19 -34.79
C GLN I 148 14.47 24.63 -34.24
N VAL I 149 13.45 25.37 -34.68
CA VAL I 149 13.15 26.68 -34.08
C VAL I 149 11.66 27.02 -34.15
N ILE I 150 11.10 27.34 -33.00
CA ILE I 150 9.72 27.79 -32.93
C ILE I 150 9.65 29.23 -32.44
N THR I 151 8.85 30.04 -33.14
CA THR I 151 8.42 31.36 -32.67
C THR I 151 7.00 31.25 -32.15
N SER I 152 6.76 31.89 -31.00
CA SER I 152 5.43 32.03 -30.44
C SER I 152 5.24 33.43 -29.87
N ARG I 153 4.03 33.75 -29.46
CA ARG I 153 3.76 35.07 -28.88
C ARG I 153 3.66 35.00 -27.36
N ALA I 154 4.01 36.11 -26.73
CA ALA I 154 3.91 36.27 -25.29
C ALA I 154 3.58 37.72 -24.96
N LYS I 155 2.77 37.90 -23.94
CA LYS I 155 2.56 39.21 -23.36
C LYS I 155 3.41 39.25 -22.11
N ILE I 156 4.30 40.22 -22.03
CA ILE I 156 5.14 40.30 -20.83
C ILE I 156 4.79 41.52 -19.94
N ILE I 157 4.61 41.26 -18.64
CA ILE I 157 4.36 42.33 -17.66
C ILE I 157 5.70 43.01 -17.29
N VAL I 158 5.89 44.27 -17.73
CA VAL I 158 7.18 44.99 -17.58
C VAL I 158 7.22 45.99 -16.43
N GLY I 159 8.45 46.42 -16.09
CA GLY I 159 8.67 47.38 -15.00
C GLY I 159 8.35 48.80 -15.38
N ARG I 160 8.12 49.67 -14.37
CA ARG I 160 7.90 51.10 -14.57
C ARG I 160 9.09 51.64 -15.34
N GLN I 161 8.84 52.54 -16.28
CA GLN I 161 9.88 53.06 -17.18
C GLN I 161 10.79 54.06 -16.50
N ILE I 162 12.09 53.89 -16.71
CA ILE I 162 13.08 54.86 -16.30
C ILE I 162 13.07 55.93 -17.40
N ILE I 163 12.36 57.03 -17.14
CA ILE I 163 12.32 58.11 -18.12
C ILE I 163 13.57 58.98 -17.97
N LEU I 164 14.30 59.08 -19.08
CA LEU I 164 15.61 59.75 -19.12
C LEU I 164 15.49 61.23 -18.82
N GLY I 165 16.42 61.75 -18.03
CA GLY I 165 16.33 63.11 -17.54
C GLY I 165 15.47 63.29 -16.29
N LYS I 166 14.52 62.38 -16.09
CA LYS I 166 13.49 62.57 -15.08
C LYS I 166 13.59 61.60 -13.87
N THR I 167 13.40 60.30 -14.09
CA THR I 167 13.15 59.36 -12.97
C THR I 167 14.40 58.94 -12.22
N GLU I 168 14.30 59.03 -10.90
CA GLU I 168 15.43 58.80 -10.00
C GLU I 168 15.66 57.30 -9.77
N ILE I 169 16.90 56.85 -9.97
CA ILE I 169 17.21 55.42 -9.86
C ILE I 169 18.39 55.11 -8.94
N ARG I 170 18.43 53.86 -8.47
CA ARG I 170 19.64 53.31 -7.84
C ARG I 170 20.40 52.42 -8.81
N ILE I 171 21.72 52.37 -8.66
CA ILE I 171 22.53 51.48 -9.47
C ILE I 171 23.19 50.45 -8.53
N LYS I 172 22.85 49.17 -8.76
CA LYS I 172 23.26 48.08 -7.90
C LYS I 172 24.15 47.18 -8.70
N HIS I 173 25.27 46.80 -8.10
CA HIS I 173 26.17 45.82 -8.71
C HIS I 173 25.47 44.47 -8.65
N ALA I 174 25.28 43.85 -9.81
CA ALA I 174 24.53 42.58 -9.87
C ALA I 174 25.16 41.44 -9.08
N GLU I 175 26.47 41.28 -9.18
CA GLU I 175 27.14 40.15 -8.54
C GLU I 175 27.36 40.35 -7.06
N ARG I 176 27.91 41.50 -6.67
CA ARG I 176 28.19 41.83 -5.27
C ARG I 176 26.98 42.25 -4.47
N LYS I 177 25.85 42.49 -5.15
CA LYS I 177 24.56 42.90 -4.55
C LYS I 177 24.65 44.06 -3.59
N GLU I 178 25.51 45.02 -3.89
CA GLU I 178 25.52 46.28 -3.15
C GLU I 178 25.45 47.46 -4.15
N TYR I 179 25.21 48.67 -3.63
CA TYR I 179 24.87 49.85 -4.46
C TYR I 179 26.07 50.72 -4.85
N MET I 180 25.90 51.53 -5.90
CA MET I 180 26.89 52.51 -6.30
C MET I 180 26.64 53.77 -5.51
N THR I 181 27.70 54.24 -4.86
CA THR I 181 27.67 55.40 -3.97
C THR I 181 28.76 56.41 -4.37
N VAL I 182 28.60 57.63 -3.88
CA VAL I 182 29.52 58.74 -4.11
C VAL I 182 30.27 59.02 -2.82
N VAL I 183 31.59 59.06 -2.93
CA VAL I 183 32.48 59.38 -1.80
C VAL I 183 33.57 60.34 -2.29
N SER I 184 34.32 60.95 -1.37
CA SER I 184 35.46 61.77 -1.77
C SER I 184 36.82 61.04 -1.87
N ARG I 185 37.40 61.07 -3.06
CA ARG I 185 38.76 60.57 -3.28
C ARG I 185 39.55 61.66 -3.97
N LYS I 186 40.66 62.04 -3.34
CA LYS I 186 41.58 63.08 -3.81
C LYS I 186 40.83 64.38 -4.13
N SER I 187 39.88 64.72 -3.26
CA SER I 187 39.10 65.96 -3.31
C SER I 187 38.14 66.09 -4.50
N TRP I 188 37.87 65.00 -5.22
CA TRP I 188 36.77 64.96 -6.18
C TRP I 188 35.75 63.96 -5.66
N PRO I 189 34.47 64.09 -6.10
CA PRO I 189 33.52 62.99 -5.88
C PRO I 189 33.92 61.76 -6.71
N ALA I 190 33.80 60.58 -6.12
CA ALA I 190 34.20 59.31 -6.77
C ALA I 190 33.27 58.15 -6.43
N ALA I 191 33.08 57.24 -7.39
CA ALA I 191 32.19 56.10 -7.18
C ALA I 191 32.85 54.95 -6.43
N THR I 192 32.14 54.50 -5.39
CA THR I 192 32.47 53.27 -4.67
C THR I 192 31.21 52.46 -4.36
N LEU I 193 31.39 51.18 -4.05
CA LEU I 193 30.27 50.31 -3.70
C LEU I 193 29.98 50.39 -2.22
N GLY I 194 28.70 50.48 -1.91
CA GLY I 194 28.20 50.67 -0.55
C GLY I 194 26.89 49.95 -0.30
N HIS I 195 26.44 49.99 0.95
CA HIS I 195 25.23 49.32 1.38
C HIS I 195 24.08 50.26 1.45
N SER I 196 24.39 51.55 1.47
CA SER I 196 23.42 52.63 1.58
C SER I 196 22.40 52.60 0.45
N LYS I 197 21.12 52.68 0.83
CA LYS I 197 20.03 52.75 -0.13
C LYS I 197 19.70 54.21 -0.47
N LEU I 198 20.55 55.13 -0.04
CA LEU I 198 20.29 56.56 -0.16
C LEU I 198 21.03 57.28 -1.31
N PHE I 199 21.69 56.53 -2.18
CA PHE I 199 22.45 57.15 -3.25
C PHE I 199 21.72 57.03 -4.56
N LYS I 200 21.13 58.16 -4.98
CA LYS I 200 20.27 58.27 -6.17
C LYS I 200 21.03 58.81 -7.36
N PHE I 201 20.48 58.53 -8.55
CA PHE I 201 21.07 58.87 -9.86
C PHE I 201 19.95 59.15 -10.86
N VAL I 202 20.27 59.92 -11.90
CA VAL I 202 19.36 60.10 -13.03
C VAL I 202 20.16 59.89 -14.32
N LEU I 203 19.53 59.23 -15.28
CA LEU I 203 20.18 58.91 -16.54
C LEU I 203 19.81 59.91 -17.63
N TYR I 204 20.80 60.30 -18.42
CA TYR I 204 20.59 61.19 -19.55
C TYR I 204 21.15 60.55 -20.80
N GLU I 205 20.51 60.84 -21.94
CA GLU I 205 21.10 60.55 -23.23
C GLU I 205 21.04 61.79 -24.10
N ASP I 206 22.14 62.06 -24.80
CA ASP I 206 22.20 63.00 -25.92
C ASP I 206 22.90 62.30 -27.09
N TRP I 207 23.22 63.02 -28.17
CA TRP I 207 23.89 62.43 -29.35
C TRP I 207 25.28 61.82 -29.08
N GLY I 208 25.88 62.13 -27.92
CA GLY I 208 27.18 61.58 -27.54
C GLY I 208 27.13 60.28 -26.74
N GLY I 209 25.91 59.83 -26.42
CA GLY I 209 25.67 58.63 -25.61
C GLY I 209 24.93 58.88 -24.29
N PHE I 210 25.12 57.97 -23.34
CA PHE I 210 24.50 58.01 -22.00
C PHE I 210 25.37 58.64 -20.93
N ARG I 211 24.73 59.35 -20.01
CA ARG I 211 25.44 59.91 -18.87
C ARG I 211 24.80 59.53 -17.54
N ILE I 212 25.65 59.17 -16.58
CA ILE I 212 25.17 58.83 -15.21
C ILE I 212 25.38 60.05 -14.31
N LYS I 213 24.28 60.63 -13.83
CA LYS I 213 24.36 61.85 -13.00
C LYS I 213 23.94 61.61 -11.55
N THR I 214 24.85 61.88 -10.62
CA THR I 214 24.57 61.67 -9.19
C THR I 214 23.84 62.84 -8.57
N LEU I 215 22.86 62.55 -7.74
CA LEU I 215 22.17 63.58 -6.98
C LEU I 215 22.76 63.70 -5.56
N ASN I 216 23.97 63.20 -5.36
CA ASN I 216 24.56 63.12 -4.01
C ASN I 216 26.05 63.49 -3.97
N THR I 217 26.42 64.51 -4.74
CA THR I 217 27.80 64.98 -4.71
C THR I 217 28.07 65.86 -3.49
N MET I 218 29.29 65.83 -2.98
CA MET I 218 29.68 66.69 -1.87
C MET I 218 30.38 67.98 -2.35
N TYR I 219 30.60 68.08 -3.65
CA TYR I 219 31.17 69.26 -4.32
C TYR I 219 30.27 69.61 -5.50
N SER I 220 29.47 70.68 -5.37
CA SER I 220 28.43 71.07 -6.37
C SER I 220 28.92 71.20 -7.80
N GLY I 221 28.03 70.88 -8.73
CA GLY I 221 28.34 70.92 -10.14
C GLY I 221 29.15 69.73 -10.63
N TYR I 222 29.77 68.98 -9.72
CA TYR I 222 30.56 67.81 -10.12
C TYR I 222 29.77 66.51 -9.97
N GLU I 223 29.06 66.16 -11.05
CA GLU I 223 27.99 65.19 -10.98
C GLU I 223 27.90 64.11 -12.06
N TYR I 224 28.73 64.21 -13.11
CA TYR I 224 28.70 63.23 -14.20
C TYR I 224 29.82 62.22 -14.10
N ALA I 225 29.44 60.94 -13.99
CA ALA I 225 30.37 59.82 -13.94
C ALA I 225 31.29 59.79 -15.16
N TYR I 226 32.60 59.73 -14.91
CA TYR I 226 33.61 59.69 -15.96
C TYR I 226 34.82 58.86 -15.59
N SER I 227 35.54 58.36 -16.59
CA SER I 227 36.73 57.55 -16.35
C SER I 227 37.98 58.40 -16.36
N SER I 228 38.74 58.33 -15.26
CA SER I 228 40.08 58.91 -15.15
C SER I 228 41.05 58.19 -16.08
N ASP I 229 42.21 58.80 -16.32
CA ASP I 229 43.24 58.23 -17.20
C ASP I 229 43.86 56.94 -16.64
N GLN I 230 43.59 56.66 -15.36
CA GLN I 230 44.02 55.44 -14.67
C GLN I 230 42.94 54.38 -14.60
N GLY I 231 41.69 54.81 -14.68
CA GLY I 231 40.55 53.88 -14.73
C GLY I 231 39.48 54.14 -13.69
N GLY I 232 39.86 54.79 -12.59
CA GLY I 232 38.96 55.16 -11.49
C GLY I 232 37.79 56.00 -11.96
N ILE I 233 36.63 55.82 -11.32
CA ILE I 233 35.44 56.58 -11.69
C ILE I 233 35.33 57.76 -10.75
N TYR I 234 35.31 58.95 -11.34
CA TYR I 234 35.00 60.19 -10.64
C TYR I 234 33.77 60.85 -11.27
N PHE I 235 33.31 61.94 -10.64
CA PHE I 235 32.20 62.75 -11.15
C PHE I 235 32.65 64.17 -11.47
N ASP I 236 32.40 64.59 -12.71
CA ASP I 236 32.83 65.88 -13.25
C ASP I 236 31.66 66.83 -13.44
N GLN I 237 31.98 68.08 -13.77
CA GLN I 237 31.03 69.01 -14.40
C GLN I 237 30.63 68.48 -15.76
N GLY I 238 29.40 68.79 -16.17
CA GLY I 238 28.92 68.48 -17.53
C GLY I 238 29.69 69.21 -18.60
N THR I 239 30.53 68.46 -19.31
CA THR I 239 31.18 68.93 -20.52
C THR I 239 30.71 68.08 -21.69
N ASP I 240 31.38 68.21 -22.83
CA ASP I 240 31.08 67.45 -24.03
C ASP I 240 31.97 66.23 -24.10
N ASN I 241 32.91 66.14 -23.16
CA ASN I 241 33.91 65.08 -23.09
C ASN I 241 33.30 63.67 -23.27
N PRO I 242 33.78 62.90 -24.28
CA PRO I 242 33.36 61.51 -24.48
C PRO I 242 33.67 60.60 -23.28
N LYS I 243 34.70 60.94 -22.50
CA LYS I 243 35.05 60.20 -21.28
C LYS I 243 33.93 60.18 -20.22
N GLN I 244 32.98 61.12 -20.29
CA GLN I 244 31.84 61.13 -19.36
C GLN I 244 30.56 60.51 -19.94
N ARG I 245 30.75 59.82 -21.07
CA ARG I 245 29.67 59.26 -21.85
C ARG I 245 29.81 57.77 -21.97
N TRP I 246 28.67 57.09 -22.01
CA TRP I 246 28.61 55.65 -21.82
C TRP I 246 27.68 55.00 -22.82
N ALA I 247 28.04 53.78 -23.21
CA ALA I 247 27.27 52.95 -24.14
C ALA I 247 26.54 51.81 -23.40
N ILE I 248 25.19 51.81 -23.41
CA ILE I 248 24.45 50.69 -22.80
C ILE I 248 24.37 49.46 -23.73
N ASN I 249 23.76 48.37 -23.24
CA ASN I 249 23.70 47.06 -23.95
C ASN I 249 22.36 46.73 -24.61
N LYS I 250 21.29 47.38 -24.13
CA LYS I 250 19.95 47.19 -24.69
C LYS I 250 19.43 48.48 -25.35
N SER I 251 18.27 48.42 -26.01
CA SER I 251 17.69 49.67 -26.48
C SER I 251 16.53 50.10 -25.62
N LEU I 252 16.18 51.38 -25.80
CA LEU I 252 15.16 52.03 -25.00
C LEU I 252 13.79 51.38 -25.20
N PRO I 253 12.93 51.40 -24.17
CA PRO I 253 13.09 52.08 -22.90
C PRO I 253 13.92 51.30 -21.89
N LEU I 254 14.51 52.00 -20.93
CA LEU I 254 15.01 51.34 -19.73
C LEU I 254 13.89 51.28 -18.69
N ARG I 255 13.80 50.13 -17.99
CA ARG I 255 12.75 49.87 -16.99
C ARG I 255 13.35 49.38 -15.68
N HIS I 256 12.55 49.45 -14.60
CA HIS I 256 12.94 48.93 -13.29
C HIS I 256 13.44 47.51 -13.40
N GLY I 257 14.54 47.23 -12.74
CA GLY I 257 15.10 45.88 -12.68
C GLY I 257 15.88 45.43 -13.90
N ASP I 258 16.02 46.30 -14.89
CA ASP I 258 16.84 46.01 -16.07
C ASP I 258 18.29 45.75 -15.74
N VAL I 259 18.82 44.69 -16.35
CA VAL I 259 20.23 44.37 -16.26
C VAL I 259 20.96 45.12 -17.40
N VAL I 260 21.87 45.99 -17.02
CA VAL I 260 22.56 46.86 -17.98
C VAL I 260 24.08 46.76 -17.92
N THR I 261 24.70 47.22 -18.99
CA THR I 261 26.13 47.25 -19.13
C THR I 261 26.50 48.70 -19.45
N PHE I 262 27.56 49.22 -18.82
CA PHE I 262 28.07 50.56 -19.15
C PHE I 262 29.49 50.51 -19.76
N MET I 263 29.58 50.67 -21.07
CA MET I 263 30.87 50.75 -21.74
C MET I 263 31.20 52.20 -22.05
N ASN I 264 32.47 52.56 -21.83
CA ASN I 264 32.92 53.94 -22.01
C ASN I 264 32.97 54.38 -23.46
N LYS I 265 32.49 55.60 -23.71
CA LYS I 265 32.47 56.15 -25.04
C LYS I 265 33.89 56.49 -25.55
N TYR I 266 34.77 56.88 -24.62
CA TYR I 266 36.16 57.22 -24.96
C TYR I 266 37.08 56.02 -25.09
N PHE I 267 37.39 55.36 -23.96
CA PHE I 267 38.15 54.11 -23.96
C PHE I 267 37.17 53.01 -24.31
N THR I 268 37.15 52.63 -25.59
CA THR I 268 36.04 51.83 -26.14
C THR I 268 36.05 50.38 -25.69
N ARG I 269 37.24 49.88 -25.38
CA ARG I 269 37.46 48.53 -24.88
C ARG I 269 37.01 48.31 -23.44
N SER I 270 36.93 49.39 -22.66
CA SER I 270 36.69 49.34 -21.21
C SER I 270 35.27 49.73 -20.78
N GLY I 271 34.85 49.17 -19.64
CA GLY I 271 33.48 49.33 -19.14
C GLY I 271 33.40 49.32 -17.62
N LEU I 272 32.32 49.88 -17.08
CA LEU I 272 32.08 50.05 -15.63
C LEU I 272 32.01 48.71 -14.93
N CYS I 273 32.80 48.61 -13.85
CA CYS I 273 33.06 47.35 -13.16
C CYS I 273 33.55 47.55 -11.71
N TYR I 274 33.49 46.47 -10.93
CA TYR I 274 34.14 46.40 -9.63
C TYR I 274 35.59 45.95 -9.80
N ASP I 275 36.48 46.56 -9.00
CA ASP I 275 37.86 46.08 -8.79
C ASP I 275 38.30 46.68 -7.48
N ASP I 276 38.99 45.89 -6.65
CA ASP I 276 39.49 46.34 -5.36
C ASP I 276 40.75 47.21 -5.53
N GLY I 277 40.51 48.51 -5.74
CA GLY I 277 41.57 49.50 -5.95
C GLY I 277 42.06 50.03 -4.62
N PRO I 278 42.97 51.05 -4.63
CA PRO I 278 43.58 51.64 -3.42
C PRO I 278 42.62 52.27 -2.42
N ALA I 279 41.73 53.14 -2.89
CA ALA I 279 40.80 53.82 -2.01
C ALA I 279 39.34 53.53 -2.33
N THR I 280 39.02 53.32 -3.61
CA THR I 280 37.64 53.00 -4.01
C THR I 280 37.59 51.69 -4.80
N ASN I 281 36.40 51.24 -5.16
CA ASN I 281 36.29 49.96 -5.87
C ASN I 281 35.44 49.90 -7.15
N VAL I 282 34.92 51.06 -7.58
CA VAL I 282 34.25 51.18 -8.89
C VAL I 282 35.19 51.76 -9.95
N TYR I 283 35.37 51.02 -11.04
CA TYR I 283 36.37 51.33 -12.06
C TYR I 283 35.88 51.17 -13.51
N CYS I 284 36.78 51.46 -14.44
CA CYS I 284 36.50 51.38 -15.86
C CYS I 284 37.72 50.72 -16.51
N LEU I 285 37.66 49.41 -16.70
CA LEU I 285 38.87 48.64 -17.09
C LEU I 285 38.73 47.83 -18.38
N ASP I 286 39.85 47.75 -19.11
CA ASP I 286 39.90 47.07 -20.42
C ASP I 286 39.41 45.63 -20.34
N LYS I 287 38.53 45.25 -21.26
CA LYS I 287 38.00 43.87 -21.38
C LYS I 287 37.01 43.47 -20.28
N ARG I 288 36.90 44.30 -19.25
CA ARG I 288 35.94 44.07 -18.17
C ARG I 288 34.67 44.91 -18.35
N GLU I 289 33.53 44.28 -18.09
CA GLU I 289 32.21 44.94 -18.16
C GLU I 289 31.20 44.20 -17.26
N ASP I 290 31.08 44.68 -16.03
CA ASP I 290 30.18 44.08 -15.06
C ASP I 290 28.74 44.50 -15.32
N LYS I 291 27.82 43.66 -14.85
CA LYS I 291 26.39 43.93 -14.98
C LYS I 291 25.85 44.72 -13.78
N TRP I 292 24.99 45.69 -14.06
CA TRP I 292 24.33 46.50 -13.05
C TRP I 292 22.81 46.42 -13.19
N ILE I 293 22.12 46.51 -12.06
CA ILE I 293 20.68 46.48 -12.02
C ILE I 293 20.25 47.91 -11.75
N LEU I 294 19.31 48.42 -12.54
CA LEU I 294 18.74 49.74 -12.28
C LEU I 294 17.42 49.60 -11.56
N GLU I 295 17.27 50.27 -10.42
CA GLU I 295 16.03 50.23 -9.64
C GLU I 295 15.43 51.62 -9.53
N VAL I 296 14.17 51.76 -9.95
CA VAL I 296 13.43 53.02 -9.83
C VAL I 296 13.08 53.21 -8.36
N VAL I 297 13.37 54.39 -7.80
CA VAL I 297 13.11 54.64 -6.36
C VAL I 297 11.62 54.83 -6.09
N GLY I 298 11.16 54.28 -4.97
CA GLY I 298 9.77 54.33 -4.56
C GLY I 298 9.34 55.72 -4.08
N GLY J 9 -26.46 39.38 15.86
CA GLY J 9 -27.52 39.94 16.73
C GLY J 9 -28.55 38.89 17.13
N TYR J 10 -28.09 37.89 17.91
CA TYR J 10 -28.90 36.78 18.41
C TYR J 10 -28.71 36.64 19.93
N GLU J 11 -29.67 36.02 20.62
CA GLU J 11 -29.49 35.72 22.04
C GLU J 11 -29.01 34.28 22.31
N GLN J 12 -28.22 34.14 23.37
CA GLN J 12 -27.69 32.88 23.89
C GLN J 12 -28.11 32.79 25.34
N ILE J 13 -28.51 31.60 25.79
CA ILE J 13 -28.82 31.39 27.20
C ILE J 13 -27.95 30.29 27.77
N GLU J 14 -27.51 30.47 29.02
CA GLU J 14 -26.73 29.46 29.73
C GLU J 14 -27.66 28.49 30.44
N VAL J 15 -27.33 27.20 30.32
CA VAL J 15 -28.15 26.13 30.90
C VAL J 15 -27.25 24.91 31.19
N ASP J 16 -27.72 23.99 32.05
CA ASP J 16 -27.00 22.73 32.21
C ASP J 16 -27.66 21.55 31.52
N VAL J 17 -26.81 20.73 30.93
CA VAL J 17 -27.22 19.48 30.32
C VAL J 17 -26.95 18.41 31.36
N VAL J 18 -27.90 17.48 31.48
CA VAL J 18 -27.79 16.34 32.39
C VAL J 18 -27.87 15.07 31.57
N ALA J 19 -26.80 14.27 31.65
CA ALA J 19 -26.66 13.03 30.90
C ALA J 19 -26.72 11.87 31.86
N VAL J 20 -27.52 10.86 31.52
CA VAL J 20 -27.73 9.68 32.38
C VAL J 20 -27.20 8.43 31.67
N TRP J 21 -26.49 7.58 32.41
CA TRP J 21 -25.97 6.28 31.98
C TRP J 21 -27.04 5.42 31.33
N LYS J 22 -26.72 4.82 30.20
CA LYS J 22 -27.68 3.99 29.45
C LYS J 22 -27.14 2.60 29.14
N GLU J 23 -25.84 2.52 28.85
CA GLU J 23 -25.18 1.27 28.46
C GLU J 23 -23.69 1.41 28.65
N GLY J 24 -23.01 0.29 28.90
CA GLY J 24 -21.55 0.27 29.12
C GLY J 24 -20.84 -0.97 28.60
N TYR J 25 -19.52 -0.87 28.45
CA TYR J 25 -18.69 -1.94 27.85
C TYR J 25 -17.22 -1.76 28.25
N VAL J 26 -16.58 -2.84 28.72
CA VAL J 26 -15.18 -2.77 29.19
C VAL J 26 -14.37 -3.97 28.67
N TYR J 27 -13.20 -3.67 28.10
CA TYR J 27 -12.39 -4.66 27.42
C TYR J 27 -10.97 -4.55 27.93
N GLU J 28 -10.45 -5.67 28.41
CA GLU J 28 -9.08 -5.73 28.87
C GLU J 28 -8.27 -6.58 27.91
N ASN J 29 -7.16 -6.04 27.47
CA ASN J 29 -6.17 -6.82 26.78
C ASN J 29 -4.96 -6.96 27.66
N ARG J 30 -4.89 -8.09 28.34
CA ARG J 30 -3.83 -8.44 29.27
C ARG J 30 -2.60 -8.93 28.54
N GLY J 31 -2.75 -9.28 27.27
CA GLY J 31 -1.65 -9.79 26.43
C GLY J 31 -0.51 -8.81 26.22
N SER J 32 0.61 -9.30 25.69
CA SER J 32 1.75 -8.42 25.36
C SER J 32 1.80 -8.05 23.86
N THR J 33 0.73 -8.34 23.14
CA THR J 33 0.58 -7.85 21.78
C THR J 33 -0.65 -6.94 21.75
N SER J 34 -0.64 -5.94 20.88
CA SER J 34 -1.73 -4.98 20.82
C SER J 34 -2.89 -5.55 20.00
N VAL J 35 -4.04 -4.85 19.99
CA VAL J 35 -5.28 -5.37 19.36
C VAL J 35 -6.13 -4.25 18.75
N ASP J 36 -6.71 -4.55 17.58
CA ASP J 36 -7.50 -3.60 16.80
C ASP J 36 -8.97 -3.89 17.01
N GLN J 37 -9.63 -2.95 17.66
CA GLN J 37 -11.04 -3.06 18.04
C GLN J 37 -11.90 -2.16 17.16
N LYS J 38 -13.05 -2.68 16.73
CA LYS J 38 -14.00 -1.90 15.94
C LYS J 38 -15.41 -2.11 16.46
N ILE J 39 -16.05 -1.03 16.90
CA ILE J 39 -17.46 -1.08 17.33
C ILE J 39 -18.36 -0.36 16.32
N THR J 40 -19.35 -1.09 15.79
CA THR J 40 -20.42 -0.51 14.98
C THR J 40 -21.77 -0.52 15.72
N ILE J 41 -22.35 0.66 15.91
CA ILE J 41 -23.71 0.79 16.44
C ILE J 41 -24.64 1.31 15.35
N THR J 42 -25.78 0.63 15.19
CA THR J 42 -26.76 0.91 14.12
C THR J 42 -28.16 1.11 14.73
N LYS J 43 -28.84 2.16 14.28
CA LYS J 43 -30.27 2.38 14.51
C LYS J 43 -30.89 2.73 13.17
N GLY J 44 -32.08 2.21 12.93
CA GLY J 44 -32.82 2.55 11.73
C GLY J 44 -34.31 2.35 11.89
N MET J 45 -35.06 2.81 10.90
CA MET J 45 -36.50 2.65 10.87
C MET J 45 -37.03 2.63 9.44
N LYS J 46 -38.21 2.08 9.29
CA LYS J 46 -38.83 1.80 8.02
C LYS J 46 -40.36 1.87 8.18
N ASN J 47 -41.03 2.68 7.36
CA ASN J 47 -42.51 2.72 7.28
C ASN J 47 -43.05 2.21 5.95
N VAL J 48 -44.01 1.29 6.04
CA VAL J 48 -44.71 0.75 4.86
C VAL J 48 -46.20 1.12 4.88
N ASN J 49 -46.68 1.69 3.80
CA ASN J 49 -48.10 2.00 3.63
C ASN J 49 -48.68 1.34 2.39
N SER J 50 -49.83 0.69 2.56
CA SER J 50 -50.39 -0.24 1.60
C SER J 50 -51.87 0.00 1.36
N GLU J 51 -52.27 0.02 0.09
CA GLU J 51 -53.68 0.12 -0.33
C GLU J 51 -53.97 -0.91 -1.41
N THR J 52 -54.75 -1.93 -1.03
CA THR J 52 -55.13 -3.02 -1.92
C THR J 52 -56.64 -2.94 -2.21
N ARG J 53 -56.99 -2.74 -3.48
CA ARG J 53 -58.37 -2.57 -3.91
C ARG J 53 -58.80 -3.73 -4.79
N THR J 54 -59.76 -4.54 -4.30
CA THR J 54 -60.26 -5.72 -5.02
C THR J 54 -61.70 -5.53 -5.54
N VAL J 55 -61.89 -5.81 -6.84
CA VAL J 55 -63.21 -5.74 -7.49
C VAL J 55 -63.43 -7.12 -8.10
N THR J 56 -64.48 -7.80 -7.66
CA THR J 56 -64.69 -9.19 -8.09
C THR J 56 -66.17 -9.57 -8.41
N ALA J 57 -66.38 -10.01 -9.65
CA ALA J 57 -67.72 -10.20 -10.24
C ALA J 57 -67.98 -11.65 -10.71
N THR J 58 -69.10 -12.22 -10.26
CA THR J 58 -69.47 -13.63 -10.53
C THR J 58 -70.85 -13.80 -11.20
N HIS J 59 -70.92 -14.74 -12.14
CA HIS J 59 -72.16 -15.13 -12.83
C HIS J 59 -72.28 -16.66 -12.75
N SER J 60 -73.41 -17.15 -12.27
CA SER J 60 -73.69 -18.59 -12.24
C SER J 60 -75.01 -18.92 -12.92
N ILE J 61 -75.01 -20.02 -13.67
CA ILE J 61 -76.21 -20.58 -14.30
C ILE J 61 -76.25 -22.03 -13.82
N GLY J 62 -77.24 -22.36 -12.98
CA GLY J 62 -77.51 -23.76 -12.57
C GLY J 62 -78.81 -24.29 -13.17
N SER J 63 -79.02 -25.61 -13.04
CA SER J 63 -80.27 -26.25 -13.49
C SER J 63 -80.40 -27.71 -13.01
N THR J 64 -81.64 -28.16 -12.80
CA THR J 64 -81.95 -29.57 -12.45
C THR J 64 -83.13 -30.20 -13.22
N ILE J 65 -82.87 -31.38 -13.77
CA ILE J 65 -83.85 -32.25 -14.42
C ILE J 65 -84.06 -33.43 -13.48
N SER J 66 -85.31 -33.66 -13.06
CA SER J 66 -85.64 -34.79 -12.16
C SER J 66 -86.97 -35.48 -12.51
N THR J 67 -87.26 -36.59 -11.81
CA THR J 67 -88.51 -37.35 -11.97
C THR J 67 -89.17 -37.66 -10.61
N GLY J 68 -89.66 -38.88 -10.39
CA GLY J 68 -90.53 -39.15 -9.23
C GLY J 68 -91.95 -38.88 -9.69
N ASP J 69 -92.95 -39.27 -8.89
CA ASP J 69 -94.36 -39.43 -9.35
C ASP J 69 -94.43 -40.44 -10.51
N ALA J 70 -93.63 -40.23 -11.56
CA ALA J 70 -93.28 -41.25 -12.56
C ALA J 70 -92.34 -42.32 -11.96
N PHE J 71 -92.51 -42.60 -10.66
CA PHE J 71 -91.64 -43.53 -9.95
C PHE J 71 -91.90 -44.99 -10.28
N GLU J 72 -90.92 -45.60 -10.95
CA GLU J 72 -90.78 -47.06 -10.94
C GLU J 72 -90.05 -47.36 -9.63
N ILE J 73 -88.77 -47.72 -9.64
CA ILE J 73 -88.09 -48.00 -8.36
C ILE J 73 -88.02 -46.71 -7.48
N GLY J 74 -87.47 -45.63 -8.04
CA GLY J 74 -87.42 -44.33 -7.36
C GLY J 74 -87.45 -43.14 -8.31
N SER J 75 -86.35 -42.38 -8.35
CA SER J 75 -86.14 -41.33 -9.35
C SER J 75 -84.66 -40.94 -9.56
N VAL J 76 -84.39 -40.41 -10.76
CA VAL J 76 -83.09 -39.85 -11.09
C VAL J 76 -83.17 -38.31 -11.16
N GLU J 77 -82.15 -37.66 -10.62
CA GLU J 77 -81.97 -36.22 -10.73
C GLU J 77 -80.68 -35.98 -11.48
N VAL J 78 -80.63 -34.92 -12.29
CA VAL J 78 -79.41 -34.53 -13.00
C VAL J 78 -79.23 -33.00 -12.91
N SER J 79 -78.09 -32.58 -12.36
CA SER J 79 -77.73 -31.17 -12.20
C SER J 79 -76.58 -30.75 -13.11
N TYR J 80 -76.66 -29.53 -13.61
CA TYR J 80 -75.53 -28.95 -14.32
C TYR J 80 -75.41 -27.46 -13.98
N SER J 81 -74.19 -27.04 -13.68
CA SER J 81 -73.91 -25.62 -13.40
C SER J 81 -72.61 -25.09 -14.02
N HIS J 82 -72.49 -23.76 -14.08
CA HIS J 82 -71.38 -23.08 -14.72
C HIS J 82 -71.15 -21.70 -14.09
N SER J 83 -69.91 -21.47 -13.65
CA SER J 83 -69.47 -20.19 -13.02
C SER J 83 -68.47 -19.44 -13.87
N HIS J 84 -68.56 -18.12 -13.86
CA HIS J 84 -67.54 -17.24 -14.43
C HIS J 84 -67.26 -16.10 -13.45
N GLN J 85 -66.08 -16.15 -12.84
CA GLN J 85 -65.61 -15.12 -11.92
C GLN J 85 -64.51 -14.26 -12.56
N LYS J 86 -64.65 -12.95 -12.45
CA LYS J 86 -63.63 -12.02 -12.93
C LYS J 86 -63.22 -11.15 -11.75
N SER J 87 -61.93 -11.18 -11.44
CA SER J 87 -61.36 -10.52 -10.27
C SER J 87 -60.25 -9.55 -10.65
N GLN J 88 -60.18 -8.43 -9.93
CA GLN J 88 -59.20 -7.38 -10.21
C GLN J 88 -58.64 -6.76 -8.92
N VAL J 89 -57.39 -7.10 -8.60
CA VAL J 89 -56.66 -6.51 -7.46
C VAL J 89 -55.76 -5.37 -7.95
N SER J 90 -55.94 -4.18 -7.34
CA SER J 90 -55.10 -3.00 -7.56
C SER J 90 -54.37 -2.59 -6.28
N MET J 91 -53.04 -2.70 -6.30
CA MET J 91 -52.20 -2.56 -5.11
C MET J 91 -51.21 -1.39 -5.22
N THR J 92 -51.14 -0.56 -4.16
CA THR J 92 -50.15 0.52 -4.05
C THR J 92 -49.41 0.37 -2.74
N GLN J 93 -48.08 0.35 -2.80
CA GLN J 93 -47.23 0.29 -1.61
C GLN J 93 -46.23 1.43 -1.58
N THR J 94 -46.02 1.97 -0.38
CA THR J 94 -45.17 3.13 -0.11
C THR J 94 -44.18 2.76 0.99
N GLU J 95 -42.90 2.92 0.72
CA GLU J 95 -41.83 2.57 1.68
C GLU J 95 -40.91 3.77 1.87
N VAL J 96 -40.62 4.10 3.12
CA VAL J 96 -39.63 5.13 3.49
C VAL J 96 -38.78 4.58 4.60
N TYR J 97 -37.46 4.59 4.41
CA TYR J 97 -36.52 4.07 5.40
C TYR J 97 -35.35 5.02 5.65
N SER J 98 -34.86 4.99 6.89
CA SER J 98 -33.62 5.66 7.24
C SER J 98 -32.80 4.84 8.22
N SER J 99 -31.48 5.05 8.22
CA SER J 99 -30.57 4.45 9.20
C SER J 99 -29.41 5.38 9.53
N LYS J 100 -28.85 5.19 10.74
CA LYS J 100 -27.67 5.89 11.23
C LYS J 100 -26.67 4.85 11.77
N VAL J 101 -25.49 4.79 11.16
CA VAL J 101 -24.46 3.82 11.55
C VAL J 101 -23.21 4.56 11.98
N ILE J 102 -22.70 4.18 13.16
CA ILE J 102 -21.56 4.86 13.78
C ILE J 102 -20.47 3.82 14.09
N GLU J 103 -19.32 3.97 13.43
CA GLU J 103 -18.17 3.07 13.55
C GLU J 103 -16.97 3.71 14.27
N HIS J 104 -16.46 3.08 15.33
CA HIS J 104 -15.19 3.48 15.94
C HIS J 104 -14.12 2.38 15.88
N THR J 105 -12.94 2.75 15.42
CA THR J 105 -11.81 1.85 15.28
C THR J 105 -10.65 2.43 16.12
N ILE J 106 -10.11 1.64 17.03
CA ILE J 106 -9.06 2.05 17.96
C ILE J 106 -8.02 0.93 18.06
N THR J 107 -6.76 1.26 18.30
CA THR J 107 -5.78 0.21 18.61
C THR J 107 -5.49 0.21 20.09
N ILE J 108 -5.90 -0.86 20.75
CA ILE J 108 -5.69 -1.02 22.18
C ILE J 108 -4.33 -1.68 22.41
N PRO J 109 -3.35 -0.92 22.92
CA PRO J 109 -2.02 -1.43 23.25
C PRO J 109 -2.05 -2.57 24.29
N PRO J 110 -0.92 -3.28 24.46
CA PRO J 110 -0.79 -4.36 25.47
C PRO J 110 -1.09 -3.86 26.86
N THR J 111 -1.39 -4.76 27.78
CA THR J 111 -1.76 -4.39 29.16
C THR J 111 -2.58 -3.09 29.28
N SER J 112 -3.65 -3.02 28.50
CA SER J 112 -4.53 -1.85 28.49
C SER J 112 -6.01 -2.19 28.61
N LYS J 113 -6.75 -1.24 29.17
CA LYS J 113 -8.17 -1.35 29.43
C LYS J 113 -8.88 -0.32 28.55
N PHE J 114 -9.88 -0.76 27.79
CA PHE J 114 -10.76 0.12 27.05
C PHE J 114 -12.13 0.14 27.72
N THR J 115 -12.62 1.34 28.03
CA THR J 115 -13.99 1.48 28.52
C THR J 115 -14.85 2.43 27.66
N ARG J 116 -16.05 1.99 27.32
CA ARG J 116 -17.08 2.81 26.65
C ARG J 116 -18.31 2.98 27.55
N TRP J 117 -18.65 4.23 27.84
CA TRP J 117 -19.91 4.54 28.50
C TRP J 117 -20.81 5.31 27.52
N GLN J 118 -22.09 4.96 27.52
CA GLN J 118 -23.05 5.57 26.63
C GLN J 118 -24.13 6.24 27.44
N LEU J 119 -24.25 7.53 27.24
CA LEU J 119 -25.12 8.36 28.06
C LEU J 119 -26.15 9.07 27.21
N ASN J 120 -27.27 9.39 27.83
CA ASN J 120 -28.31 10.15 27.18
C ASN J 120 -28.40 11.52 27.82
N ALA J 121 -28.07 12.54 27.04
CA ALA J 121 -27.92 13.90 27.56
C ALA J 121 -29.13 14.71 27.21
N ASP J 122 -29.86 15.24 28.19
CA ASP J 122 -30.80 16.29 27.82
C ASP J 122 -30.50 17.69 28.31
N VAL J 123 -30.65 18.63 27.38
CA VAL J 123 -30.42 20.03 27.57
C VAL J 123 -31.67 20.64 28.22
N GLY J 124 -31.51 21.14 29.45
CA GLY J 124 -32.61 21.71 30.21
C GLY J 124 -33.21 22.95 29.54
N GLY J 125 -34.53 23.07 29.59
CA GLY J 125 -35.23 24.25 29.10
C GLY J 125 -35.43 24.24 27.60
N ALA J 126 -34.36 23.94 26.85
CA ALA J 126 -34.40 23.79 25.38
C ALA J 126 -35.30 22.64 24.90
N GLY J 127 -35.42 21.59 25.71
CA GLY J 127 -36.20 20.40 25.36
C GLY J 127 -35.64 19.64 24.17
N ILE J 128 -34.33 19.41 24.20
CA ILE J 128 -33.62 18.65 23.17
C ILE J 128 -32.60 17.73 23.84
N GLU J 129 -32.32 16.61 23.18
CA GLU J 129 -31.40 15.62 23.71
C GLU J 129 -30.46 15.07 22.65
N TYR J 130 -29.33 14.55 23.10
CA TYR J 130 -28.35 13.93 22.24
C TYR J 130 -27.69 12.73 22.89
N MET J 131 -27.25 11.81 22.03
CA MET J 131 -26.45 10.66 22.44
C MET J 131 -25.07 11.15 22.83
N TYR J 132 -24.59 10.68 23.98
CA TYR J 132 -23.33 11.14 24.52
C TYR J 132 -22.44 9.94 24.84
N LEU J 133 -21.34 9.85 24.09
CA LEU J 133 -20.53 8.64 24.06
C LEU J 133 -19.13 8.92 24.58
N ILE J 134 -18.68 8.12 25.56
CA ILE J 134 -17.39 8.34 26.23
C ILE J 134 -16.46 7.13 26.17
N ASP J 135 -15.44 7.23 25.33
CA ASP J 135 -14.41 6.20 25.16
C ASP J 135 -13.12 6.55 25.92
N GLU J 136 -12.55 5.58 26.62
CA GLU J 136 -11.23 5.76 27.25
C GLU J 136 -10.37 4.51 27.23
N VAL J 137 -9.09 4.68 26.86
CA VAL J 137 -8.06 3.64 26.98
C VAL J 137 -7.07 4.03 28.07
N THR J 138 -6.83 3.12 29.02
CA THR J 138 -5.90 3.33 30.14
C THR J 138 -5.12 2.05 30.42
N PRO J 139 -4.03 2.12 31.25
CA PRO J 139 -3.38 0.87 31.68
C PRO J 139 -4.24 0.11 32.72
N ILE J 140 -4.12 -1.22 32.72
CA ILE J 140 -4.90 -2.09 33.59
C ILE J 140 -4.52 -1.83 35.04
N GLY J 141 -5.51 -1.94 35.93
CA GLY J 141 -5.34 -1.52 37.32
C GLY J 141 -5.90 -0.13 37.54
N GLY J 142 -5.44 0.54 38.58
CA GLY J 142 -6.12 1.74 39.05
C GLY J 142 -7.51 1.37 39.54
N THR J 143 -8.38 2.38 39.63
CA THR J 143 -9.70 2.16 40.24
C THR J 143 -10.77 2.78 39.33
N GLN J 144 -11.67 1.94 38.83
CA GLN J 144 -12.61 2.34 37.78
C GLN J 144 -13.55 3.48 38.18
N SER J 145 -13.74 4.44 37.26
CA SER J 145 -14.69 5.51 37.50
C SER J 145 -15.85 5.47 36.51
N ILE J 146 -17.05 5.13 37.02
CA ILE J 146 -18.25 5.00 36.20
C ILE J 146 -19.14 6.23 36.33
N PRO J 147 -19.46 6.90 35.21
CA PRO J 147 -20.37 8.03 35.28
C PRO J 147 -21.84 7.63 35.05
N GLN J 148 -22.60 7.51 36.15
CA GLN J 148 -24.05 7.25 36.07
C GLN J 148 -24.83 8.50 35.68
N VAL J 149 -24.58 9.65 36.33
CA VAL J 149 -25.03 10.95 35.79
C VAL J 149 -23.99 12.07 35.84
N ILE J 150 -23.92 12.82 34.75
CA ILE J 150 -23.02 13.95 34.58
C ILE J 150 -23.85 15.20 34.31
N THR J 151 -23.59 16.25 35.09
CA THR J 151 -24.08 17.59 34.80
C THR J 151 -22.93 18.42 34.26
N SER J 152 -23.19 19.19 33.20
CA SER J 152 -22.20 20.10 32.64
C SER J 152 -22.89 21.33 32.07
N ARG J 153 -22.13 22.40 31.85
CA ARG J 153 -22.69 23.65 31.33
C ARG J 153 -22.70 23.72 29.82
N ALA J 154 -23.73 24.37 29.29
CA ALA J 154 -23.79 24.70 27.87
C ALA J 154 -24.42 26.06 27.60
N LYS J 155 -23.94 26.72 26.55
CA LYS J 155 -24.63 27.86 25.98
C LYS J 155 -25.38 27.40 24.74
N ILE J 156 -26.68 27.71 24.67
CA ILE J 156 -27.49 27.38 23.51
C ILE J 156 -27.87 28.64 22.72
N ILE J 157 -27.62 28.62 21.41
CA ILE J 157 -28.08 29.70 20.54
C ILE J 157 -29.54 29.44 20.14
N VAL J 158 -30.44 30.25 20.70
CA VAL J 158 -31.90 30.04 20.63
C VAL J 158 -32.61 30.94 19.63
N GLY J 159 -33.84 30.58 19.26
CA GLY J 159 -34.57 31.26 18.21
C GLY J 159 -35.15 32.56 18.71
N ARG J 160 -35.53 33.42 17.75
CA ARG J 160 -36.25 34.63 18.09
C ARG J 160 -37.49 34.26 18.89
N GLN J 161 -37.80 35.09 19.88
CA GLN J 161 -38.90 34.86 20.82
C GLN J 161 -40.25 35.13 20.20
N ILE J 162 -41.19 34.22 20.46
CA ILE J 162 -42.60 34.41 20.12
C ILE J 162 -43.20 35.17 21.30
N ILE J 163 -43.34 36.48 21.13
CA ILE J 163 -43.94 37.32 22.17
C ILE J 163 -45.47 37.28 22.01
N LEU J 164 -46.13 36.81 23.08
CA LEU J 164 -47.56 36.52 23.08
C LEU J 164 -48.39 37.75 22.77
N GLY J 165 -49.45 37.57 21.99
CA GLY J 165 -50.27 38.69 21.55
C GLY J 165 -49.71 39.54 20.41
N LYS J 166 -48.41 39.44 20.14
CA LYS J 166 -47.75 40.31 19.16
C LYS J 166 -47.24 39.62 17.88
N THR J 167 -46.29 38.69 17.99
CA THR J 167 -45.60 38.12 16.80
C THR J 167 -46.41 37.09 16.01
N GLU J 168 -46.50 37.35 14.71
CA GLU J 168 -47.18 36.49 13.73
C GLU J 168 -46.40 35.20 13.46
N ILE J 169 -47.09 34.07 13.58
CA ILE J 169 -46.45 32.77 13.42
C ILE J 169 -47.20 31.84 12.46
N ARG J 170 -46.48 30.83 11.94
CA ARG J 170 -47.09 29.69 11.28
C ARG J 170 -47.13 28.51 12.22
N ILE J 171 -48.15 27.67 12.10
CA ILE J 171 -48.16 26.38 12.81
C ILE J 171 -48.06 25.25 11.78
N LYS J 172 -46.98 24.49 11.89
CA LYS J 172 -46.68 23.37 11.00
C LYS J 172 -46.86 22.06 11.74
N HIS J 173 -47.57 21.13 11.11
CA HIS J 173 -47.64 19.77 11.62
C HIS J 173 -46.26 19.13 11.49
N ALA J 174 -45.71 18.61 12.60
CA ALA J 174 -44.35 18.05 12.62
C ALA J 174 -44.13 16.86 11.68
N GLU J 175 -45.00 15.85 11.78
CA GLU J 175 -44.86 14.64 10.99
C GLU J 175 -45.23 14.84 9.53
N ARG J 176 -46.35 15.49 9.27
CA ARG J 176 -46.88 15.62 7.91
C ARG J 176 -46.19 16.70 7.08
N LYS J 177 -45.43 17.58 7.74
CA LYS J 177 -44.78 18.73 7.11
C LYS J 177 -45.74 19.64 6.31
N GLU J 178 -46.97 19.72 6.78
CA GLU J 178 -48.00 20.62 6.26
C GLU J 178 -48.40 21.63 7.35
N TYR J 179 -48.86 22.80 6.90
CA TYR J 179 -49.28 23.91 7.77
C TYR J 179 -50.76 23.86 8.15
N MET J 180 -51.09 24.48 9.28
CA MET J 180 -52.47 24.69 9.65
C MET J 180 -53.05 25.87 8.87
N THR J 181 -54.19 25.64 8.23
CA THR J 181 -54.86 26.64 7.39
C THR J 181 -56.34 26.74 7.78
N VAL J 182 -56.98 27.81 7.33
CA VAL J 182 -58.39 28.09 7.61
C VAL J 182 -59.24 27.97 6.34
N VAL J 183 -60.30 27.17 6.43
CA VAL J 183 -61.27 26.97 5.32
C VAL J 183 -62.69 27.02 5.85
N SER J 184 -63.67 26.99 4.94
CA SER J 184 -65.10 26.94 5.30
C SER J 184 -65.69 25.52 5.37
N ARG J 185 -66.02 25.09 6.58
CA ARG J 185 -66.82 23.88 6.76
C ARG J 185 -68.08 24.31 7.48
N LYS J 186 -69.23 24.04 6.85
CA LYS J 186 -70.56 24.24 7.44
C LYS J 186 -70.81 25.70 7.82
N SER J 187 -70.29 26.61 6.97
CA SER J 187 -70.37 28.08 7.12
C SER J 187 -69.70 28.63 8.38
N TRP J 188 -68.75 27.88 8.93
CA TRP J 188 -67.86 28.37 9.98
C TRP J 188 -66.44 28.30 9.42
N PRO J 189 -65.52 29.16 9.94
CA PRO J 189 -64.11 28.93 9.63
C PRO J 189 -63.58 27.70 10.40
N ALA J 190 -62.80 26.88 9.69
CA ALA J 190 -62.38 25.56 10.18
C ALA J 190 -60.92 25.27 9.86
N ALA J 191 -60.27 24.54 10.77
CA ALA J 191 -58.87 24.23 10.65
C ALA J 191 -58.65 22.99 9.78
N THR J 192 -57.82 23.16 8.74
CA THR J 192 -57.37 22.04 7.91
C THR J 192 -55.87 22.14 7.55
N LEU J 193 -55.26 21.03 7.19
CA LEU J 193 -53.87 20.99 6.80
C LEU J 193 -53.70 21.27 5.31
N GLY J 194 -52.63 21.98 4.97
CA GLY J 194 -52.33 22.37 3.60
C GLY J 194 -50.92 22.89 3.36
N HIS J 195 -50.61 23.21 2.11
CA HIS J 195 -49.26 23.60 1.69
C HIS J 195 -48.96 25.10 1.78
N SER J 196 -50.01 25.90 1.96
CA SER J 196 -49.92 27.37 1.89
C SER J 196 -49.08 27.92 3.02
N LYS J 197 -48.11 28.76 2.64
CA LYS J 197 -47.24 29.49 3.58
C LYS J 197 -47.92 30.77 4.04
N LEU J 198 -49.14 31.00 3.56
CA LEU J 198 -49.82 32.27 3.73
C LEU J 198 -50.76 32.34 4.94
N PHE J 199 -50.89 31.24 5.67
CA PHE J 199 -51.83 31.23 6.77
C PHE J 199 -51.11 31.48 8.07
N LYS J 200 -51.32 32.71 8.56
CA LYS J 200 -50.64 33.24 9.76
C LYS J 200 -51.53 33.20 11.02
N PHE J 201 -50.89 33.28 12.19
CA PHE J 201 -51.52 33.09 13.51
C PHE J 201 -50.87 33.93 14.60
N VAL J 202 -51.61 34.18 15.68
CA VAL J 202 -51.07 34.85 16.88
C VAL J 202 -51.51 34.07 18.10
N LEU J 203 -50.57 33.87 19.03
CA LEU J 203 -50.84 33.19 20.29
C LEU J 203 -51.07 34.16 21.43
N TYR J 204 -52.10 33.88 22.24
CA TYR J 204 -52.42 34.66 23.45
C TYR J 204 -52.43 33.74 24.66
N GLU J 205 -52.04 34.27 25.81
CA GLU J 205 -52.29 33.59 27.09
C GLU J 205 -53.07 34.52 28.02
N ASP J 206 -54.00 33.92 28.75
CA ASP J 206 -54.69 34.56 29.87
C ASP J 206 -54.88 33.56 31.01
N TRP J 207 -55.70 33.93 32.00
CA TRP J 207 -56.04 33.07 33.16
C TRP J 207 -56.54 31.68 32.77
N GLY J 208 -57.25 31.59 31.64
CA GLY J 208 -57.88 30.35 31.18
C GLY J 208 -57.02 29.38 30.40
N GLY J 209 -55.88 29.86 29.93
CA GLY J 209 -54.94 29.07 29.16
C GLY J 209 -54.46 29.82 27.94
N PHE J 210 -54.23 29.08 26.86
CA PHE J 210 -53.72 29.61 25.61
C PHE J 210 -54.79 29.64 24.54
N ARG J 211 -54.76 30.65 23.68
CA ARG J 211 -55.65 30.73 22.53
C ARG J 211 -54.87 30.86 21.23
N ILE J 212 -55.37 30.19 20.20
CA ILE J 212 -54.78 30.28 18.87
C ILE J 212 -55.71 31.15 18.02
N LYS J 213 -55.20 32.28 17.57
CA LYS J 213 -56.02 33.21 16.80
C LYS J 213 -55.53 33.32 15.36
N THR J 214 -56.43 33.08 14.40
CA THR J 214 -56.12 33.22 12.96
C THR J 214 -56.23 34.65 12.44
N LEU J 215 -55.32 35.02 11.56
CA LEU J 215 -55.42 36.30 10.85
C LEU J 215 -55.96 36.10 9.42
N ASN J 216 -56.58 34.95 9.14
CA ASN J 216 -57.09 34.67 7.79
C ASN J 216 -58.47 34.04 7.82
N THR J 217 -59.33 34.53 8.71
CA THR J 217 -60.72 34.10 8.74
C THR J 217 -61.51 34.78 7.63
N MET J 218 -62.56 34.11 7.16
CA MET J 218 -63.36 34.64 6.05
C MET J 218 -64.73 35.12 6.56
N TYR J 219 -64.97 34.92 7.86
CA TYR J 219 -66.10 35.50 8.55
C TYR J 219 -65.52 36.25 9.75
N SER J 220 -65.58 37.58 9.67
CA SER J 220 -65.02 38.50 10.69
C SER J 220 -65.43 38.20 12.12
N GLY J 221 -64.46 38.36 13.03
CA GLY J 221 -64.66 38.08 14.45
C GLY J 221 -64.50 36.63 14.87
N TYR J 222 -64.67 35.70 13.94
CA TYR J 222 -64.56 34.28 14.24
C TYR J 222 -63.13 33.79 13.98
N GLU J 223 -62.30 33.88 15.03
CA GLU J 223 -60.83 33.83 14.91
C GLU J 223 -60.06 32.96 15.93
N TYR J 224 -60.73 32.51 16.98
CA TYR J 224 -60.07 31.71 18.03
C TYR J 224 -60.39 30.23 17.90
N ALA J 225 -59.34 29.41 17.89
CA ALA J 225 -59.48 27.97 17.66
C ALA J 225 -60.17 27.26 18.83
N TYR J 226 -61.24 26.52 18.52
CA TYR J 226 -62.02 25.77 19.52
C TYR J 226 -62.48 24.38 19.04
N SER J 227 -62.77 23.50 20.01
CA SER J 227 -63.17 22.13 19.73
C SER J 227 -64.69 21.98 19.74
N SER J 228 -65.23 21.45 18.64
CA SER J 228 -66.66 21.10 18.53
C SER J 228 -66.96 19.87 19.38
N ASP J 229 -68.24 19.60 19.61
CA ASP J 229 -68.66 18.50 20.50
C ASP J 229 -68.39 17.10 19.95
N GLN J 230 -68.09 17.02 18.66
CA GLN J 230 -67.62 15.79 18.00
C GLN J 230 -66.11 15.77 17.70
N GLY J 231 -65.40 16.85 18.04
CA GLY J 231 -63.93 16.86 18.03
C GLY J 231 -63.27 17.77 17.01
N GLY J 232 -64.02 18.12 15.96
CA GLY J 232 -63.53 19.01 14.89
C GLY J 232 -63.15 20.39 15.36
N ILE J 233 -62.18 21.00 14.68
CA ILE J 233 -61.72 22.31 15.11
C ILE J 233 -62.18 23.41 14.16
N TYR J 234 -62.90 24.36 14.77
CA TYR J 234 -63.36 25.58 14.12
C TYR J 234 -62.78 26.81 14.85
N PHE J 235 -63.10 27.99 14.34
CA PHE J 235 -62.70 29.24 14.96
C PHE J 235 -63.93 30.02 15.43
N ASP J 236 -63.94 30.35 16.71
CA ASP J 236 -65.02 31.11 17.36
C ASP J 236 -64.66 32.59 17.52
N GLN J 237 -65.66 33.40 17.94
CA GLN J 237 -65.43 34.72 18.51
C GLN J 237 -64.90 34.54 19.93
N GLY J 238 -64.16 35.53 20.42
CA GLY J 238 -63.54 35.49 21.74
C GLY J 238 -64.52 35.49 22.90
N THR J 239 -64.59 34.35 23.60
CA THR J 239 -65.43 34.20 24.79
C THR J 239 -64.56 33.77 25.97
N ASP J 240 -65.19 33.31 27.06
CA ASP J 240 -64.47 32.82 28.23
C ASP J 240 -64.38 31.31 28.23
N ASN J 241 -65.11 30.70 27.30
CA ASN J 241 -65.20 29.26 27.09
C ASN J 241 -63.85 28.54 27.21
N PRO J 242 -63.71 27.60 28.18
CA PRO J 242 -62.57 26.67 28.23
C PRO J 242 -62.33 25.85 26.94
N LYS J 243 -63.38 25.64 26.14
CA LYS J 243 -63.30 24.94 24.84
C LYS J 243 -62.40 25.64 23.79
N GLN J 244 -62.15 26.94 23.97
CA GLN J 244 -61.29 27.71 23.06
C GLN J 244 -59.91 28.00 23.65
N ARG J 245 -59.59 27.31 24.73
CA ARG J 245 -58.31 27.44 25.42
C ARG J 245 -57.54 26.14 25.47
N TRP J 246 -56.22 26.27 25.56
CA TRP J 246 -55.32 25.12 25.43
C TRP J 246 -54.15 25.17 26.40
N ALA J 247 -53.74 23.99 26.85
CA ALA J 247 -52.50 23.82 27.60
C ALA J 247 -51.37 23.39 26.66
N ILE J 248 -50.21 24.06 26.76
CA ILE J 248 -49.01 23.68 25.99
C ILE J 248 -48.09 22.73 26.78
N ASN J 249 -47.03 22.25 26.13
CA ASN J 249 -46.11 21.24 26.68
C ASN J 249 -44.85 21.75 27.40
N LYS J 250 -44.46 23.00 27.17
CA LYS J 250 -43.32 23.56 27.89
C LYS J 250 -43.62 24.92 28.54
N SER J 251 -42.74 25.40 29.40
CA SER J 251 -42.96 26.74 29.95
C SER J 251 -42.37 27.82 29.07
N LEU J 252 -42.78 29.06 29.32
CA LEU J 252 -42.44 30.19 28.48
C LEU J 252 -40.98 30.61 28.63
N PRO J 253 -40.38 31.27 27.62
CA PRO J 253 -40.95 31.77 26.35
C PRO J 253 -41.03 30.73 25.24
N LEU J 254 -41.98 30.92 24.33
CA LEU J 254 -41.97 30.14 23.10
C LEU J 254 -41.02 30.80 22.11
N ARG J 255 -40.28 30.00 21.36
CA ARG J 255 -39.31 30.51 20.40
C ARG J 255 -39.53 29.93 19.01
N HIS J 256 -38.94 30.56 17.99
CA HIS J 256 -38.97 30.01 16.63
C HIS J 256 -38.54 28.56 16.62
N GLY J 257 -39.25 27.75 15.85
CA GLY J 257 -38.93 26.34 15.70
C GLY J 257 -39.15 25.44 16.91
N ASP J 258 -39.83 25.94 17.94
CA ASP J 258 -40.15 25.10 19.10
C ASP J 258 -41.15 24.03 18.75
N VAL J 259 -40.93 22.83 19.28
CA VAL J 259 -41.89 21.73 19.12
C VAL J 259 -42.87 21.75 20.29
N VAL J 260 -44.15 21.91 19.95
CA VAL J 260 -45.22 22.08 20.93
C VAL J 260 -46.38 21.13 20.68
N THR J 261 -47.15 20.89 21.74
CA THR J 261 -48.47 20.26 21.61
C THR J 261 -49.53 21.09 22.36
N PHE J 262 -50.74 21.11 21.80
CA PHE J 262 -51.86 21.81 22.42
C PHE J 262 -52.91 20.81 22.92
N MET J 263 -53.06 20.73 24.24
CA MET J 263 -54.17 19.97 24.85
C MET J 263 -55.32 20.92 25.15
N ASN J 264 -56.54 20.49 24.88
CA ASN J 264 -57.71 21.32 25.15
C ASN J 264 -57.98 21.47 26.63
N LYS J 265 -58.26 22.71 27.03
CA LYS J 265 -58.47 23.06 28.43
C LYS J 265 -59.82 22.53 28.98
N TYR J 266 -60.81 22.38 28.09
CA TYR J 266 -62.12 21.79 28.45
C TYR J 266 -62.13 20.26 28.37
N PHE J 267 -61.94 19.69 27.18
CA PHE J 267 -61.81 18.23 27.02
C PHE J 267 -60.36 17.84 27.30
N THR J 268 -60.04 17.62 28.58
CA THR J 268 -58.64 17.51 29.03
C THR J 268 -57.88 16.33 28.42
N ARG J 269 -58.59 15.25 28.11
CA ARG J 269 -57.97 14.04 27.59
C ARG J 269 -57.58 14.19 26.13
N SER J 270 -58.11 15.21 25.47
CA SER J 270 -57.92 15.41 24.02
C SER J 270 -56.95 16.53 23.66
N GLY J 271 -56.24 16.34 22.55
CA GLY J 271 -55.25 17.30 22.05
C GLY J 271 -55.32 17.51 20.56
N LEU J 272 -54.82 18.65 20.12
CA LEU J 272 -54.79 19.05 18.70
C LEU J 272 -53.97 18.05 17.90
N CYS J 273 -54.56 17.55 16.81
CA CYS J 273 -54.02 16.42 16.05
C CYS J 273 -54.49 16.36 14.60
N TYR J 274 -53.85 15.48 13.82
CA TYR J 274 -54.33 15.08 12.50
C TYR J 274 -55.18 13.79 12.58
N ASP J 275 -56.29 13.80 11.82
CA ASP J 275 -57.11 12.61 11.51
C ASP J 275 -57.86 12.87 10.21
N ASP J 276 -57.99 11.86 9.37
CA ASP J 276 -58.65 12.04 8.06
C ASP J 276 -60.18 12.07 8.20
N GLY J 277 -60.71 13.26 8.49
CA GLY J 277 -62.14 13.48 8.71
C GLY J 277 -62.89 13.65 7.40
N PRO J 278 -64.20 13.99 7.47
CA PRO J 278 -65.05 13.99 6.26
C PRO J 278 -64.80 15.14 5.29
N ALA J 279 -64.48 16.33 5.80
CA ALA J 279 -64.20 17.50 4.95
C ALA J 279 -62.90 18.21 5.32
N THR J 280 -62.49 18.12 6.59
CA THR J 280 -61.23 18.71 7.08
C THR J 280 -60.46 17.66 7.89
N ASN J 281 -59.21 17.96 8.24
CA ASN J 281 -58.35 16.96 8.89
C ASN J 281 -57.60 17.37 10.17
N VAL J 282 -58.00 18.48 10.76
CA VAL J 282 -57.44 18.98 12.02
C VAL J 282 -58.49 18.80 13.12
N TYR J 283 -58.14 18.03 14.14
CA TYR J 283 -59.12 17.62 15.15
C TYR J 283 -58.56 17.73 16.54
N CYS J 284 -59.41 17.45 17.51
CA CYS J 284 -59.06 17.43 18.90
C CYS J 284 -59.73 16.15 19.44
N LEU J 285 -58.93 15.11 19.62
CA LEU J 285 -59.45 13.78 19.96
C LEU J 285 -58.74 13.13 21.15
N ASP J 286 -59.49 12.30 21.87
CA ASP J 286 -59.04 11.65 23.10
C ASP J 286 -57.77 10.87 22.85
N LYS J 287 -56.77 11.10 23.70
CA LYS J 287 -55.47 10.36 23.71
C LYS J 287 -54.53 10.65 22.53
N ARG J 288 -55.03 11.38 21.52
CA ARG J 288 -54.19 11.92 20.45
C ARG J 288 -53.57 13.26 20.91
N GLU J 289 -52.27 13.42 20.70
CA GLU J 289 -51.62 14.74 20.74
C GLU J 289 -50.41 14.83 19.80
N ASP J 290 -50.67 15.29 18.59
CA ASP J 290 -49.62 15.46 17.59
C ASP J 290 -48.72 16.65 17.91
N LYS J 291 -47.46 16.54 17.52
CA LYS J 291 -46.49 17.60 17.71
C LYS J 291 -46.59 18.62 16.57
N TRP J 292 -46.51 19.90 16.93
CA TRP J 292 -46.58 21.01 15.99
C TRP J 292 -45.30 21.84 16.08
N ILE J 293 -44.92 22.46 14.98
CA ILE J 293 -43.77 23.36 14.94
C ILE J 293 -44.29 24.80 14.80
N LEU J 294 -43.83 25.68 15.67
CA LEU J 294 -44.18 27.09 15.55
C LEU J 294 -43.11 27.86 14.80
N GLU J 295 -43.51 28.64 13.79
CA GLU J 295 -42.54 29.38 12.96
C GLU J 295 -42.82 30.88 12.93
N VAL J 296 -41.86 31.67 13.42
CA VAL J 296 -41.91 33.12 13.36
C VAL J 296 -41.82 33.58 11.90
N VAL J 297 -42.79 34.37 11.43
CA VAL J 297 -42.71 34.88 10.04
C VAL J 297 -41.70 36.03 9.95
N GLY J 298 -40.97 36.09 8.84
CA GLY J 298 -39.78 36.94 8.66
C GLY J 298 -39.75 38.30 9.36
N GLY K 9 -27.06 39.14 -17.49
CA GLY K 9 -28.24 39.88 -16.92
C GLY K 9 -29.26 38.95 -16.30
N TYR K 10 -29.16 38.80 -14.97
CA TYR K 10 -30.06 37.95 -14.17
C TYR K 10 -30.23 38.52 -12.75
N GLU K 11 -31.39 38.34 -12.13
CA GLU K 11 -31.61 38.91 -10.80
C GLU K 11 -31.25 37.98 -9.63
N GLN K 12 -30.73 38.59 -8.57
CA GLN K 12 -30.42 37.94 -7.29
C GLN K 12 -31.18 38.64 -6.18
N ILE K 13 -31.79 37.86 -5.29
CA ILE K 13 -32.45 38.45 -4.12
C ILE K 13 -31.72 38.00 -2.86
N GLU K 14 -31.45 38.97 -1.97
CA GLU K 14 -30.82 38.69 -0.68
C GLU K 14 -31.89 38.33 0.33
N VAL K 15 -31.68 37.24 1.04
CA VAL K 15 -32.63 36.80 2.06
C VAL K 15 -31.90 36.10 3.23
N ASP K 16 -32.59 35.87 4.33
CA ASP K 16 -32.00 35.04 5.37
C ASP K 16 -32.54 33.62 5.47
N VAL K 17 -31.63 32.70 5.76
CA VAL K 17 -31.94 31.30 6.01
C VAL K 17 -31.98 31.11 7.53
N VAL K 18 -33.03 30.46 8.00
CA VAL K 18 -33.14 30.17 9.41
C VAL K 18 -33.11 28.66 9.52
N ALA K 19 -32.15 28.17 10.30
CA ALA K 19 -31.90 26.73 10.47
C ALA K 19 -32.21 26.29 11.89
N VAL K 20 -32.93 25.19 12.02
CA VAL K 20 -33.43 24.72 13.30
C VAL K 20 -32.87 23.31 13.61
N TRP K 21 -32.34 23.15 14.82
CA TRP K 21 -31.78 21.89 15.32
C TRP K 21 -32.78 20.79 15.18
N LYS K 22 -32.34 19.60 14.79
CA LYS K 22 -33.21 18.43 14.83
C LYS K 22 -32.59 17.21 15.50
N GLU K 23 -31.26 17.09 15.44
CA GLU K 23 -30.58 15.93 16.01
C GLU K 23 -29.14 16.28 16.36
N GLY K 24 -28.61 15.62 17.38
CA GLY K 24 -27.24 15.88 17.84
C GLY K 24 -26.50 14.65 18.30
N TYR K 25 -25.17 14.73 18.31
CA TYR K 25 -24.32 13.62 18.75
C TYR K 25 -22.99 14.16 19.31
N VAL K 26 -22.55 13.59 20.43
CA VAL K 26 -21.30 14.03 21.07
C VAL K 26 -20.47 12.82 21.49
N TYR K 27 -19.21 12.82 21.05
CA TYR K 27 -18.29 11.74 21.33
C TYR K 27 -17.03 12.28 21.97
N GLU K 28 -16.63 11.64 23.05
CA GLU K 28 -15.43 12.06 23.74
C GLU K 28 -14.41 10.95 23.72
N ASN K 29 -13.20 11.25 23.27
CA ASN K 29 -12.08 10.31 23.25
C ASN K 29 -11.11 10.74 24.31
N ARG K 30 -11.14 10.06 25.45
CA ARG K 30 -10.40 10.47 26.63
C ARG K 30 -9.03 9.84 26.73
N GLY K 31 -8.81 8.80 25.92
CA GLY K 31 -7.58 8.03 25.99
C GLY K 31 -6.40 8.75 25.37
N SER K 32 -5.23 8.12 25.43
CA SER K 32 -4.02 8.70 24.82
C SER K 32 -3.66 8.11 23.44
N THR K 33 -4.62 7.48 22.78
CA THR K 33 -4.45 7.08 21.38
C THR K 33 -5.61 7.58 20.52
N SER K 34 -5.34 7.69 19.22
CA SER K 34 -6.30 8.06 18.18
C SER K 34 -7.47 7.13 18.03
N VAL K 35 -8.56 7.63 17.48
CA VAL K 35 -9.70 6.80 17.12
C VAL K 35 -10.24 7.27 15.77
N ASP K 36 -10.64 6.31 14.94
CA ASP K 36 -11.17 6.56 13.62
C ASP K 36 -12.65 6.29 13.62
N GLN K 37 -13.46 7.34 13.42
CA GLN K 37 -14.90 7.16 13.33
C GLN K 37 -15.48 7.47 11.98
N LYS K 38 -16.48 6.65 11.60
CA LYS K 38 -17.23 6.77 10.38
C LYS K 38 -18.70 6.85 10.76
N ILE K 39 -19.36 7.93 10.37
CA ILE K 39 -20.83 8.02 10.51
C ILE K 39 -21.44 7.87 9.12
N THR K 40 -22.43 6.97 8.99
CA THR K 40 -23.22 6.81 7.79
C THR K 40 -24.67 7.18 8.07
N ILE K 41 -25.20 8.16 7.35
CA ILE K 41 -26.63 8.44 7.38
C ILE K 41 -27.27 8.06 6.04
N THR K 42 -28.29 7.21 6.13
CA THR K 42 -29.02 6.67 4.97
C THR K 42 -30.49 7.05 5.06
N LYS K 43 -31.05 7.37 3.91
CA LYS K 43 -32.44 7.76 3.74
C LYS K 43 -32.81 7.27 2.33
N GLY K 44 -33.92 6.54 2.23
CA GLY K 44 -34.39 6.01 0.96
C GLY K 44 -35.88 5.77 0.87
N MET K 45 -36.36 5.52 -0.34
CA MET K 45 -37.77 5.20 -0.59
C MET K 45 -37.94 4.14 -1.68
N LYS K 46 -38.91 3.25 -1.47
CA LYS K 46 -39.30 2.24 -2.42
C LYS K 46 -40.80 2.41 -2.70
N ASN K 47 -41.21 2.24 -3.95
CA ASN K 47 -42.62 2.39 -4.35
C ASN K 47 -43.06 1.35 -5.35
N VAL K 48 -44.11 0.60 -4.98
CA VAL K 48 -44.58 -0.57 -5.74
C VAL K 48 -46.04 -0.43 -6.16
N ASN K 49 -46.34 -0.85 -7.39
CA ASN K 49 -47.72 -0.94 -7.90
C ASN K 49 -48.01 -2.29 -8.60
N SER K 50 -49.02 -3.03 -8.12
CA SER K 50 -49.54 -4.26 -8.78
C SER K 50 -50.90 -4.05 -9.39
N GLU K 51 -51.12 -4.74 -10.52
CA GLU K 51 -52.43 -4.94 -11.09
C GLU K 51 -52.55 -6.45 -11.35
N THR K 52 -53.50 -7.10 -10.70
CA THR K 52 -53.69 -8.54 -10.83
C THR K 52 -55.11 -8.85 -11.36
N ARG K 53 -55.19 -9.40 -12.57
CA ARG K 53 -56.46 -9.80 -13.22
C ARG K 53 -56.63 -11.31 -13.11
N THR K 54 -57.69 -11.78 -12.47
CA THR K 54 -57.99 -13.23 -12.41
C THR K 54 -59.32 -13.53 -13.13
N VAL K 55 -59.24 -14.38 -14.17
CA VAL K 55 -60.44 -14.91 -14.85
C VAL K 55 -60.53 -16.39 -14.52
N THR K 56 -61.71 -16.84 -14.12
CA THR K 56 -61.85 -18.19 -13.57
C THR K 56 -63.25 -18.82 -13.84
N ALA K 57 -63.23 -19.90 -14.61
CA ALA K 57 -64.42 -20.59 -15.12
C ALA K 57 -64.62 -22.01 -14.52
N THR K 58 -65.82 -22.30 -14.05
CA THR K 58 -66.15 -23.60 -13.41
C THR K 58 -67.37 -24.26 -14.07
N HIS K 59 -67.27 -25.57 -14.25
CA HIS K 59 -68.35 -26.42 -14.77
C HIS K 59 -68.57 -27.59 -13.82
N SER K 60 -69.84 -27.86 -13.49
CA SER K 60 -70.20 -29.05 -12.69
C SER K 60 -71.41 -29.80 -13.27
N ILE K 61 -71.22 -31.10 -13.49
CA ILE K 61 -72.29 -32.07 -13.81
C ILE K 61 -72.50 -32.96 -12.58
N GLY K 62 -73.75 -33.25 -12.25
CA GLY K 62 -74.05 -34.02 -11.04
C GLY K 62 -75.38 -34.70 -11.14
N SER K 63 -75.57 -35.74 -10.32
CA SER K 63 -76.82 -36.49 -10.25
C SER K 63 -77.00 -37.32 -8.96
N THR K 64 -78.25 -37.68 -8.68
CA THR K 64 -78.62 -38.50 -7.52
C THR K 64 -79.66 -39.55 -7.92
N ILE K 65 -79.32 -40.82 -7.70
CA ILE K 65 -80.23 -41.96 -7.80
C ILE K 65 -80.77 -42.23 -6.40
N SER K 66 -82.09 -42.25 -6.24
CA SER K 66 -82.70 -42.63 -4.96
C SER K 66 -83.96 -43.48 -5.13
N THR K 67 -84.50 -43.98 -4.03
CA THR K 67 -85.76 -44.71 -4.05
C THR K 67 -86.87 -44.01 -3.24
N GLY K 68 -87.96 -43.64 -3.91
CA GLY K 68 -89.15 -43.13 -3.22
C GLY K 68 -89.94 -44.32 -2.70
N ASP K 69 -90.97 -44.07 -1.90
CA ASP K 69 -92.04 -45.05 -1.54
C ASP K 69 -91.76 -46.57 -1.46
N ALA K 70 -90.50 -46.98 -1.67
CA ALA K 70 -90.13 -48.40 -1.67
C ALA K 70 -89.82 -48.90 -0.25
N PHE K 71 -90.52 -48.28 0.74
CA PHE K 71 -90.40 -48.54 2.20
C PHE K 71 -90.45 -50.02 2.59
N GLU K 72 -89.84 -50.35 3.74
CA GLU K 72 -89.44 -51.71 4.17
C GLU K 72 -87.95 -51.55 4.44
N ILE K 73 -87.61 -51.39 5.72
CA ILE K 73 -86.37 -50.71 6.15
C ILE K 73 -86.53 -49.22 5.75
N GLY K 74 -85.86 -48.75 4.70
CA GLY K 74 -85.95 -47.33 4.32
C GLY K 74 -85.78 -47.05 2.84
N SER K 75 -84.71 -46.31 2.51
CA SER K 75 -84.30 -46.11 1.12
C SER K 75 -82.80 -45.81 1.00
N VAL K 76 -82.26 -46.12 -0.18
CA VAL K 76 -80.86 -45.88 -0.55
C VAL K 76 -80.78 -44.70 -1.53
N GLU K 77 -79.86 -43.77 -1.25
CA GLU K 77 -79.55 -42.67 -2.15
C GLU K 77 -78.09 -42.82 -2.61
N VAL K 78 -77.85 -42.58 -3.90
CA VAL K 78 -76.49 -42.62 -4.48
C VAL K 78 -76.21 -41.35 -5.31
N SER K 79 -75.12 -40.66 -4.96
CA SER K 79 -74.73 -39.37 -5.57
C SER K 79 -73.43 -39.48 -6.35
N TYR K 80 -73.37 -38.76 -7.47
CA TYR K 80 -72.10 -38.55 -8.17
C TYR K 80 -72.03 -37.14 -8.79
N SER K 81 -70.86 -36.50 -8.63
CA SER K 81 -70.61 -35.22 -9.29
C SER K 81 -69.18 -35.06 -9.80
N HIS K 82 -69.04 -34.30 -10.88
CA HIS K 82 -67.77 -34.02 -11.56
C HIS K 82 -67.62 -32.50 -11.78
N SER K 83 -66.38 -32.03 -11.65
CA SER K 83 -66.08 -30.62 -11.37
C SER K 83 -64.86 -30.20 -12.16
N HIS K 84 -64.97 -29.18 -13.01
CA HIS K 84 -63.82 -28.72 -13.80
C HIS K 84 -63.62 -27.22 -13.74
N GLN K 85 -62.40 -26.82 -13.34
CA GLN K 85 -62.09 -25.43 -13.02
C GLN K 85 -60.82 -24.95 -13.73
N LYS K 86 -60.95 -23.84 -14.46
CA LYS K 86 -59.82 -23.21 -15.16
C LYS K 86 -59.65 -21.76 -14.72
N SER K 87 -58.42 -21.42 -14.33
CA SER K 87 -58.07 -20.13 -13.73
C SER K 87 -56.85 -19.55 -14.44
N GLN K 88 -56.91 -18.27 -14.80
CA GLN K 88 -55.79 -17.56 -15.44
C GLN K 88 -55.53 -16.28 -14.66
N VAL K 89 -54.35 -16.21 -14.04
CA VAL K 89 -53.90 -15.07 -13.21
C VAL K 89 -52.79 -14.28 -13.92
N SER K 90 -53.06 -13.00 -14.21
CA SER K 90 -52.08 -12.11 -14.82
C SER K 90 -51.74 -10.99 -13.87
N MET K 91 -50.46 -10.88 -13.50
CA MET K 91 -50.05 -9.78 -12.64
C MET K 91 -48.90 -8.94 -13.21
N THR K 92 -49.02 -7.63 -13.02
CA THR K 92 -48.04 -6.64 -13.46
C THR K 92 -47.59 -5.91 -12.24
N GLN K 93 -46.29 -6.02 -11.96
CA GLN K 93 -45.66 -5.28 -10.88
C GLN K 93 -44.61 -4.30 -11.37
N THR K 94 -44.60 -3.09 -10.82
CA THR K 94 -43.53 -2.15 -11.10
C THR K 94 -43.04 -1.51 -9.79
N GLU K 95 -41.71 -1.53 -9.61
CA GLU K 95 -41.00 -0.88 -8.49
C GLU K 95 -40.19 0.30 -8.97
N VAL K 96 -40.17 1.37 -8.18
CA VAL K 96 -39.18 2.45 -8.33
C VAL K 96 -38.59 2.75 -6.96
N TYR K 97 -37.28 2.89 -6.89
CA TYR K 97 -36.59 3.15 -5.62
C TYR K 97 -35.44 4.13 -5.74
N SER K 98 -35.19 4.87 -4.66
CA SER K 98 -34.01 5.72 -4.56
C SER K 98 -33.45 5.77 -3.13
N SER K 99 -32.17 6.12 -3.01
CA SER K 99 -31.48 6.26 -1.72
C SER K 99 -30.44 7.34 -1.82
N LYS K 100 -30.21 8.02 -0.70
CA LYS K 100 -29.11 8.96 -0.55
C LYS K 100 -28.32 8.47 0.67
N VAL K 101 -27.02 8.22 0.50
CA VAL K 101 -26.15 7.79 1.61
C VAL K 101 -24.99 8.77 1.78
N ILE K 102 -24.85 9.31 2.98
CA ILE K 102 -23.82 10.31 3.29
C ILE K 102 -22.95 9.73 4.39
N GLU K 103 -21.66 9.54 4.11
CA GLU K 103 -20.72 9.06 5.11
C GLU K 103 -19.54 9.98 5.32
N HIS K 104 -19.16 10.11 6.59
CA HIS K 104 -18.05 10.98 6.98
C HIS K 104 -17.06 10.18 7.81
N THR K 105 -15.80 10.24 7.38
CA THR K 105 -14.71 9.62 8.12
C THR K 105 -13.78 10.69 8.67
N ILE K 106 -13.67 10.70 9.98
CA ILE K 106 -12.86 11.67 10.71
C ILE K 106 -11.98 10.89 11.65
N THR K 107 -10.77 11.37 11.83
CA THR K 107 -9.91 10.68 12.76
C THR K 107 -9.58 11.56 14.00
N ILE K 108 -10.11 11.14 15.15
CA ILE K 108 -10.20 11.98 16.34
C ILE K 108 -8.96 11.80 17.21
N PRO K 109 -8.19 12.89 17.44
CA PRO K 109 -6.97 12.92 18.25
C PRO K 109 -7.26 12.58 19.70
N PRO K 110 -6.25 12.09 20.45
CA PRO K 110 -6.38 11.80 21.89
C PRO K 110 -6.84 13.03 22.68
N THR K 111 -7.47 12.81 23.83
CA THR K 111 -8.13 13.87 24.61
C THR K 111 -8.85 14.97 23.80
N SER K 112 -9.77 14.52 22.94
CA SER K 112 -10.60 15.40 22.11
C SER K 112 -12.07 14.98 22.14
N LYS K 113 -12.93 15.95 21.86
CA LYS K 113 -14.35 15.77 21.80
C LYS K 113 -14.80 16.11 20.37
N PHE K 114 -15.66 15.26 19.84
CA PHE K 114 -16.26 15.44 18.54
C PHE K 114 -17.74 15.70 18.75
N THR K 115 -18.26 16.73 18.10
CA THR K 115 -19.71 17.03 18.19
C THR K 115 -20.30 17.16 16.80
N ARG K 116 -21.43 16.51 16.57
CA ARG K 116 -22.20 16.68 15.35
C ARG K 116 -23.56 17.25 15.67
N TRP K 117 -23.91 18.30 14.92
CA TRP K 117 -25.25 18.85 15.03
C TRP K 117 -25.90 18.95 13.67
N GLN K 118 -27.13 18.44 13.62
CA GLN K 118 -27.91 18.42 12.40
C GLN K 118 -29.07 19.38 12.50
N LEU K 119 -29.14 20.27 11.53
CA LEU K 119 -30.17 21.27 11.51
C LEU K 119 -30.91 21.20 10.20
N ASN K 120 -32.11 21.75 10.17
CA ASN K 120 -32.84 21.91 8.94
C ASN K 120 -32.98 23.38 8.54
N ALA K 121 -32.53 23.69 7.33
CA ALA K 121 -32.39 25.08 6.93
C ALA K 121 -33.50 25.50 5.99
N ASP K 122 -34.14 26.61 6.33
CA ASP K 122 -35.27 27.15 5.60
C ASP K 122 -34.88 28.47 4.96
N VAL K 123 -34.83 28.48 3.63
CA VAL K 123 -34.44 29.65 2.87
C VAL K 123 -35.68 30.54 2.73
N GLY K 124 -35.63 31.70 3.38
CA GLY K 124 -36.80 32.59 3.50
C GLY K 124 -37.32 33.07 2.15
N GLY K 125 -38.63 33.08 1.98
CA GLY K 125 -39.25 33.57 0.74
C GLY K 125 -39.18 32.64 -0.46
N ALA K 126 -38.02 32.01 -0.69
CA ALA K 126 -37.81 31.11 -1.84
C ALA K 126 -38.54 29.76 -1.76
N GLY K 127 -38.92 29.35 -0.54
CA GLY K 127 -39.70 28.13 -0.32
C GLY K 127 -38.92 26.87 -0.62
N ILE K 128 -37.70 26.79 -0.11
CA ILE K 128 -36.81 25.64 -0.30
C ILE K 128 -36.03 25.35 0.97
N GLU K 129 -35.72 24.08 1.22
CA GLU K 129 -35.00 23.70 2.42
C GLU K 129 -33.79 22.84 2.10
N TYR K 130 -32.84 22.80 3.03
CA TYR K 130 -31.72 21.89 2.95
C TYR K 130 -31.25 21.40 4.30
N MET K 131 -30.65 20.21 4.28
CA MET K 131 -29.99 19.61 5.44
C MET K 131 -28.68 20.34 5.72
N TYR K 132 -28.43 20.61 7.01
CA TYR K 132 -27.30 21.41 7.41
C TYR K 132 -26.56 20.73 8.55
N LEU K 133 -25.34 20.25 8.26
CA LEU K 133 -24.55 19.46 9.21
C LEU K 133 -23.33 20.19 9.67
N ILE K 134 -23.14 20.21 10.99
CA ILE K 134 -22.00 20.91 11.59
C ILE K 134 -21.17 19.96 12.44
N ASP K 135 -20.04 19.51 11.89
CA ASP K 135 -19.05 18.69 12.59
C ASP K 135 -17.94 19.57 13.15
N GLU K 136 -17.47 19.26 14.36
CA GLU K 136 -16.34 19.98 14.98
C GLU K 136 -15.60 19.13 15.99
N VAL K 137 -14.26 19.17 15.89
CA VAL K 137 -13.38 18.50 16.86
C VAL K 137 -12.66 19.57 17.67
N THR K 138 -12.69 19.44 18.99
CA THR K 138 -12.05 20.39 19.91
C THR K 138 -11.41 19.61 21.06
N PRO K 139 -10.44 20.22 21.78
CA PRO K 139 -10.02 19.58 23.02
C PRO K 139 -11.14 19.53 24.05
N ILE K 140 -11.09 18.52 24.92
CA ILE K 140 -12.05 18.38 26.03
C ILE K 140 -11.86 19.53 27.03
N GLY K 141 -12.97 20.11 27.49
CA GLY K 141 -12.96 21.32 28.31
C GLY K 141 -13.72 22.46 27.64
N GLY K 142 -13.76 23.62 28.28
CA GLY K 142 -14.60 24.75 27.83
C GLY K 142 -16.07 24.51 28.12
N THR K 143 -16.93 25.44 27.68
CA THR K 143 -18.39 25.29 27.72
C THR K 143 -18.85 24.92 26.33
N GLN K 144 -19.71 23.89 26.27
CA GLN K 144 -20.36 23.47 25.03
C GLN K 144 -21.25 24.57 24.43
N SER K 145 -21.08 24.82 23.15
CA SER K 145 -21.98 25.76 22.48
C SER K 145 -22.89 25.02 21.47
N ILE K 146 -24.16 24.87 21.84
CA ILE K 146 -25.16 24.13 21.05
C ILE K 146 -26.04 25.07 20.22
N PRO K 147 -26.09 24.85 18.89
CA PRO K 147 -26.94 25.76 18.13
C PRO K 147 -28.34 25.21 17.95
N GLN K 148 -29.29 25.62 18.79
CA GLN K 148 -30.70 25.30 18.57
C GLN K 148 -31.24 25.98 17.32
N VAL K 149 -30.94 27.28 17.13
CA VAL K 149 -31.30 27.97 15.88
C VAL K 149 -30.32 29.06 15.40
N ILE K 150 -30.00 28.99 14.10
CA ILE K 150 -29.00 29.82 13.44
C ILE K 150 -29.62 30.56 12.25
N THR K 151 -29.47 31.88 12.24
CA THR K 151 -29.82 32.68 11.06
C THR K 151 -28.54 33.09 10.37
N SER K 152 -28.54 33.03 9.05
CA SER K 152 -27.44 33.55 8.22
C SER K 152 -28.02 34.17 6.95
N ARG K 153 -27.20 34.89 6.18
CA ARG K 153 -27.66 35.49 4.94
C ARG K 153 -27.32 34.61 3.74
N ALA K 154 -28.20 34.63 2.74
CA ALA K 154 -27.93 34.00 1.45
C ALA K 154 -28.36 34.90 0.31
N LYS K 155 -27.64 34.82 -0.80
CA LYS K 155 -28.00 35.51 -2.03
C LYS K 155 -28.52 34.43 -2.95
N ILE K 156 -29.73 34.60 -3.46
CA ILE K 156 -30.36 33.57 -4.29
C ILE K 156 -30.52 33.99 -5.73
N ILE K 157 -29.90 33.23 -6.64
CA ILE K 157 -30.13 33.37 -8.07
C ILE K 157 -31.49 32.76 -8.39
N VAL K 158 -32.47 33.63 -8.65
CA VAL K 158 -33.88 33.25 -8.89
C VAL K 158 -34.30 33.30 -10.36
N GLY K 159 -35.35 32.57 -10.69
CA GLY K 159 -35.84 32.51 -12.07
C GLY K 159 -36.51 33.77 -12.56
N ARG K 160 -36.58 33.88 -13.90
CA ARG K 160 -37.37 34.89 -14.61
C ARG K 160 -38.75 35.02 -14.01
N GLN K 161 -39.22 36.26 -13.85
CA GLN K 161 -40.50 36.52 -13.20
C GLN K 161 -41.71 36.20 -14.09
N ILE K 162 -42.70 35.51 -13.52
CA ILE K 162 -44.02 35.35 -14.15
C ILE K 162 -44.81 36.65 -13.93
N ILE K 163 -44.86 37.47 -14.99
CA ILE K 163 -45.65 38.72 -14.99
C ILE K 163 -47.13 38.41 -15.19
N LEU K 164 -47.93 38.69 -14.15
CA LEU K 164 -49.37 38.46 -14.15
C LEU K 164 -50.02 39.21 -15.27
N GLY K 165 -50.84 38.52 -16.05
CA GLY K 165 -51.49 39.14 -17.17
C GLY K 165 -50.70 39.13 -18.47
N LYS K 166 -49.38 38.93 -18.43
CA LYS K 166 -48.67 38.88 -19.70
C LYS K 166 -47.83 37.65 -20.04
N THR K 167 -46.94 37.19 -19.15
CA THR K 167 -46.01 36.09 -19.50
C THR K 167 -46.70 34.74 -19.54
N GLU K 168 -46.47 34.06 -20.67
CA GLU K 168 -47.07 32.76 -21.01
C GLU K 168 -46.30 31.62 -20.33
N ILE K 169 -47.04 30.76 -19.64
CA ILE K 169 -46.45 29.68 -18.84
C ILE K 169 -47.05 28.29 -19.09
N ARG K 170 -46.27 27.25 -18.79
CA ARG K 170 -46.80 25.89 -18.72
C ARG K 170 -47.11 25.52 -17.29
N ILE K 171 -48.12 24.68 -17.10
CA ILE K 171 -48.43 24.16 -15.78
C ILE K 171 -48.24 22.65 -15.82
N LYS K 172 -47.31 22.18 -15.00
CA LYS K 172 -46.87 20.79 -14.98
C LYS K 172 -47.12 20.18 -13.61
N HIS K 173 -47.74 19.00 -13.61
CA HIS K 173 -47.99 18.30 -12.37
C HIS K 173 -46.65 17.81 -11.85
N ALA K 174 -46.32 18.22 -10.61
CA ALA K 174 -44.99 17.95 -10.02
C ALA K 174 -44.67 16.47 -9.84
N GLU K 175 -45.58 15.74 -9.23
CA GLU K 175 -45.37 14.32 -8.99
C GLU K 175 -45.40 13.47 -10.28
N ARG K 176 -46.33 13.77 -11.19
CA ARG K 176 -46.57 12.91 -12.36
C ARG K 176 -45.78 13.34 -13.61
N LYS K 177 -45.10 14.47 -13.50
CA LYS K 177 -44.27 15.06 -14.57
C LYS K 177 -44.98 15.17 -15.94
N GLU K 178 -46.30 15.27 -15.89
CA GLU K 178 -47.14 15.53 -17.06
C GLU K 178 -47.74 16.94 -17.00
N TYR K 179 -47.94 17.54 -18.17
CA TYR K 179 -48.49 18.89 -18.28
C TYR K 179 -50.01 18.89 -18.26
N MET K 180 -50.59 20.00 -17.80
CA MET K 180 -52.03 20.11 -17.90
C MET K 180 -52.43 20.69 -19.25
N THR K 181 -53.40 20.04 -19.87
CA THR K 181 -53.81 20.34 -21.22
C THR K 181 -55.32 20.50 -21.27
N VAL K 182 -55.79 20.99 -22.42
CA VAL K 182 -57.21 21.24 -22.66
C VAL K 182 -57.74 20.23 -23.69
N VAL K 183 -58.77 19.52 -23.29
CA VAL K 183 -59.50 18.63 -24.18
C VAL K 183 -60.99 18.99 -24.09
N SER K 184 -61.81 18.28 -24.84
CA SER K 184 -63.25 18.51 -24.83
C SER K 184 -63.94 17.38 -24.05
N ARG K 185 -64.59 17.77 -22.95
CA ARG K 185 -65.43 16.88 -22.14
C ARG K 185 -66.80 17.51 -22.14
N LYS K 186 -67.83 16.73 -22.47
CA LYS K 186 -69.24 17.18 -22.50
C LYS K 186 -69.47 18.53 -23.19
N SER K 187 -68.78 18.75 -24.31
CA SER K 187 -68.89 19.99 -25.12
C SER K 187 -68.42 21.27 -24.40
N TRP K 188 -67.68 21.12 -23.30
CA TRP K 188 -66.93 22.20 -22.67
C TRP K 188 -65.42 21.95 -22.80
N PRO K 189 -64.58 23.02 -22.75
CA PRO K 189 -63.14 22.80 -22.57
C PRO K 189 -62.91 22.30 -21.17
N ALA K 190 -62.15 21.22 -21.04
CA ALA K 190 -61.84 20.63 -19.74
C ALA K 190 -60.35 20.40 -19.61
N ALA K 191 -59.87 20.49 -18.38
CA ALA K 191 -58.47 20.19 -18.11
C ALA K 191 -58.21 18.71 -17.82
N THR K 192 -57.11 18.24 -18.41
CA THR K 192 -56.62 16.89 -18.25
C THR K 192 -55.09 16.92 -18.41
N LEU K 193 -54.42 15.89 -17.90
CA LEU K 193 -52.99 15.78 -17.96
C LEU K 193 -52.51 15.14 -19.27
N GLY K 194 -51.39 15.61 -19.80
CA GLY K 194 -50.83 15.07 -21.03
C GLY K 194 -49.34 15.35 -21.22
N HIS K 195 -48.77 14.88 -22.33
CA HIS K 195 -47.35 15.06 -22.58
C HIS K 195 -47.03 16.28 -23.40
N SER K 196 -48.05 16.92 -23.96
CA SER K 196 -47.89 18.03 -24.89
C SER K 196 -47.21 19.25 -24.26
N LYS K 197 -46.21 19.73 -24.97
CA LYS K 197 -45.46 20.93 -24.59
C LYS K 197 -46.15 22.19 -25.15
N LEU K 198 -47.28 22.00 -25.83
CA LEU K 198 -47.94 23.05 -26.62
C LEU K 198 -49.07 23.78 -25.90
N PHE K 199 -49.42 23.33 -24.69
CA PHE K 199 -50.51 23.95 -23.94
C PHE K 199 -50.00 25.03 -22.98
N LYS K 200 -50.14 26.28 -23.43
CA LYS K 200 -49.75 27.51 -22.72
C LYS K 200 -50.93 28.16 -21.96
N PHE K 201 -50.56 28.96 -20.96
CA PHE K 201 -51.47 29.60 -20.01
C PHE K 201 -50.99 30.99 -19.62
N VAL K 202 -51.90 31.83 -19.15
CA VAL K 202 -51.55 33.12 -18.57
C VAL K 202 -52.26 33.24 -17.24
N LEU K 203 -51.57 33.80 -16.25
CA LEU K 203 -52.14 33.96 -14.91
C LEU K 203 -52.57 35.39 -14.60
N TYR K 204 -53.70 35.51 -13.91
CA TYR K 204 -54.27 36.81 -13.57
C TYR K 204 -54.59 36.89 -12.10
N GLU K 205 -54.44 38.09 -11.53
CA GLU K 205 -55.02 38.41 -10.21
C GLU K 205 -55.96 39.61 -10.25
N ASP K 206 -57.11 39.49 -9.59
CA ASP K 206 -57.95 40.63 -9.25
C ASP K 206 -58.35 40.52 -7.77
N TRP K 207 -59.31 41.35 -7.38
CA TRP K 207 -59.80 41.37 -5.99
C TRP K 207 -60.49 40.06 -5.57
N GLY K 208 -60.90 39.26 -6.55
CA GLY K 208 -61.52 37.94 -6.32
C GLY K 208 -60.56 36.78 -6.08
N GLY K 209 -59.31 36.96 -6.50
CA GLY K 209 -58.28 35.92 -6.40
C GLY K 209 -57.46 35.77 -7.68
N PHE K 210 -56.96 34.57 -7.94
CA PHE K 210 -56.20 34.32 -9.17
C PHE K 210 -57.01 33.51 -10.18
N ARG K 211 -56.80 33.85 -11.46
CA ARG K 211 -57.45 33.15 -12.56
C ARG K 211 -56.46 32.42 -13.46
N ILE K 212 -56.80 31.19 -13.85
CA ILE K 212 -55.97 30.40 -14.75
C ILE K 212 -56.62 30.41 -16.13
N LYS K 213 -55.99 31.11 -17.09
CA LYS K 213 -56.57 31.24 -18.41
C LYS K 213 -55.82 30.41 -19.45
N THR K 214 -56.55 29.57 -20.18
CA THR K 214 -55.96 28.81 -21.30
C THR K 214 -55.84 29.61 -22.59
N LEU K 215 -54.80 29.32 -23.34
CA LEU K 215 -54.63 29.94 -24.65
C LEU K 215 -54.92 28.93 -25.76
N ASN K 216 -55.53 27.81 -25.38
CA ASN K 216 -55.68 26.66 -26.26
C ASN K 216 -57.05 26.06 -26.17
N THR K 217 -58.07 26.90 -26.11
CA THR K 217 -59.45 26.42 -26.01
C THR K 217 -60.00 26.16 -27.39
N MET K 218 -60.83 25.13 -27.53
CA MET K 218 -61.48 24.84 -28.82
C MET K 218 -62.81 25.56 -28.96
N TYR K 219 -63.35 26.06 -27.83
CA TYR K 219 -64.55 26.91 -27.84
C TYR K 219 -64.18 28.32 -27.41
N SER K 220 -64.15 29.24 -28.39
CA SER K 220 -63.77 30.66 -28.21
C SER K 220 -64.34 31.36 -26.98
N GLY K 221 -63.47 32.05 -26.26
CA GLY K 221 -63.81 32.74 -25.03
C GLY K 221 -64.13 31.90 -23.81
N TYR K 222 -64.15 30.58 -23.97
CA TYR K 222 -64.29 29.67 -22.83
C TYR K 222 -62.90 29.26 -22.38
N GLU K 223 -62.33 30.09 -21.50
CA GLU K 223 -60.88 30.14 -21.25
C GLU K 223 -60.41 30.20 -19.79
N TYR K 224 -61.32 30.48 -18.84
CA TYR K 224 -60.94 30.55 -17.41
C TYR K 224 -61.27 29.27 -16.64
N ALA K 225 -60.25 28.73 -15.99
CA ALA K 225 -60.38 27.47 -15.27
C ALA K 225 -61.36 27.57 -14.10
N TYR K 226 -62.29 26.60 -14.00
CA TYR K 226 -63.27 26.58 -12.92
C TYR K 226 -63.67 25.17 -12.43
N SER K 227 -64.22 25.08 -11.21
CA SER K 227 -64.69 23.80 -10.67
C SER K 227 -66.19 23.55 -10.90
N SER K 228 -66.52 22.40 -11.49
CA SER K 228 -67.91 21.94 -11.60
C SER K 228 -68.41 21.48 -10.23
N ASP K 229 -69.71 21.46 -10.03
CA ASP K 229 -70.30 21.04 -8.74
C ASP K 229 -70.04 19.59 -8.36
N GLN K 230 -69.57 18.78 -9.32
CA GLN K 230 -69.13 17.40 -9.06
C GLN K 230 -67.60 17.27 -8.96
N GLY K 231 -66.89 18.36 -9.28
CA GLY K 231 -65.47 18.47 -8.99
C GLY K 231 -64.55 18.66 -10.18
N GLY K 232 -64.96 18.16 -11.35
CA GLY K 232 -64.18 18.30 -12.59
C GLY K 232 -63.81 19.75 -12.90
N ILE K 233 -62.63 19.96 -13.47
CA ILE K 233 -62.32 21.32 -13.86
C ILE K 233 -62.51 21.56 -15.37
N TYR K 234 -63.17 22.68 -15.65
CA TYR K 234 -63.47 23.13 -17.01
C TYR K 234 -63.00 24.57 -17.22
N PHE K 235 -63.19 25.10 -18.42
CA PHE K 235 -62.86 26.48 -18.72
C PHE K 235 -64.11 27.23 -19.17
N ASP K 236 -64.38 28.33 -18.47
CA ASP K 236 -65.58 29.16 -18.66
C ASP K 236 -65.21 30.48 -19.30
N GLN K 237 -66.24 31.25 -19.65
CA GLN K 237 -66.10 32.67 -19.95
C GLN K 237 -65.88 33.44 -18.65
N GLY K 238 -65.20 34.58 -18.76
CA GLY K 238 -64.87 35.43 -17.60
C GLY K 238 -66.05 36.08 -16.90
N THR K 239 -66.28 35.69 -15.65
CA THR K 239 -67.28 36.32 -14.79
C THR K 239 -66.64 36.72 -13.46
N ASP K 240 -67.47 37.07 -12.49
CA ASP K 240 -67.01 37.34 -11.12
C ASP K 240 -67.05 36.10 -10.25
N ASN K 241 -67.60 35.00 -10.77
CA ASN K 241 -67.87 33.82 -9.96
C ASN K 241 -66.60 33.33 -9.25
N PRO K 242 -66.63 33.25 -7.91
CA PRO K 242 -65.45 32.73 -7.19
C PRO K 242 -65.07 31.27 -7.56
N LYS K 243 -65.95 30.55 -8.26
CA LYS K 243 -65.64 29.20 -8.77
C LYS K 243 -64.54 29.25 -9.84
N GLN K 244 -64.37 30.43 -10.43
CA GLN K 244 -63.32 30.78 -11.40
C GLN K 244 -62.04 31.33 -10.76
N ARG K 245 -62.11 31.61 -9.46
CA ARG K 245 -61.02 32.22 -8.71
C ARG K 245 -60.23 31.20 -7.88
N TRP K 246 -58.93 31.44 -7.76
CA TRP K 246 -58.01 30.49 -7.13
C TRP K 246 -57.12 31.17 -6.09
N ALA K 247 -56.81 30.44 -5.02
CA ALA K 247 -55.84 30.87 -4.00
C ALA K 247 -54.48 30.14 -4.12
N ILE K 248 -53.40 30.92 -4.25
CA ILE K 248 -52.02 30.34 -4.28
C ILE K 248 -51.41 30.12 -2.87
N ASN K 249 -50.20 29.55 -2.83
CA ASN K 249 -49.56 29.12 -1.58
C ASN K 249 -48.45 30.05 -1.11
N LYS K 250 -47.94 30.88 -2.01
CA LYS K 250 -46.88 31.82 -1.67
C LYS K 250 -47.26 33.25 -2.00
N SER K 251 -46.39 34.18 -1.61
CA SER K 251 -46.53 35.58 -1.96
C SER K 251 -45.86 35.83 -3.29
N LEU K 252 -46.27 36.91 -3.95
CA LEU K 252 -45.74 37.29 -5.25
C LEU K 252 -44.33 37.87 -5.10
N PRO K 253 -43.50 37.86 -6.19
CA PRO K 253 -43.80 37.39 -7.54
C PRO K 253 -43.78 35.86 -7.66
N LEU K 254 -44.44 35.36 -8.70
CA LEU K 254 -44.20 34.00 -9.17
C LEU K 254 -43.06 34.06 -10.19
N ARG K 255 -42.16 33.07 -10.14
CA ARG K 255 -41.02 32.97 -11.05
C ARG K 255 -40.94 31.57 -11.66
N HIS K 256 -40.12 31.40 -12.69
CA HIS K 256 -39.93 30.11 -13.35
C HIS K 256 -39.58 29.01 -12.36
N GLY K 257 -40.16 27.86 -12.57
CA GLY K 257 -39.93 26.71 -11.71
C GLY K 257 -40.52 26.79 -10.31
N ASP K 258 -41.38 27.76 -10.04
CA ASP K 258 -42.02 27.83 -8.72
C ASP K 258 -42.98 26.67 -8.49
N VAL K 259 -42.89 26.09 -7.31
CA VAL K 259 -43.81 25.04 -6.92
C VAL K 259 -45.01 25.70 -6.24
N VAL K 260 -46.17 25.60 -6.89
CA VAL K 260 -47.43 26.21 -6.42
C VAL K 260 -48.54 25.19 -6.22
N THR K 261 -49.50 25.54 -5.38
CA THR K 261 -50.75 24.78 -5.28
C THR K 261 -51.95 25.71 -5.39
N PHE K 262 -53.02 25.21 -6.00
CA PHE K 262 -54.21 26.04 -6.25
C PHE K 262 -55.43 25.56 -5.47
N MET K 263 -55.91 26.42 -4.57
CA MET K 263 -57.16 26.17 -3.84
C MET K 263 -58.29 27.05 -4.42
N ASN K 264 -59.48 26.48 -4.52
CA ASN K 264 -60.63 27.21 -5.05
C ASN K 264 -61.19 28.21 -4.05
N LYS K 265 -61.42 29.41 -4.56
CA LYS K 265 -61.99 30.53 -3.83
C LYS K 265 -63.43 30.25 -3.33
N TYR K 266 -64.29 29.67 -4.18
CA TYR K 266 -65.62 29.21 -3.75
C TYR K 266 -65.55 27.90 -2.93
N PHE K 267 -65.07 26.81 -3.52
CA PHE K 267 -64.96 25.53 -2.79
C PHE K 267 -63.68 25.42 -1.96
N THR K 268 -63.68 26.14 -0.84
CA THR K 268 -62.50 26.39 -0.01
C THR K 268 -61.73 25.16 0.49
N ARG K 269 -62.44 24.09 0.85
CA ARG K 269 -61.82 22.86 1.35
C ARG K 269 -61.04 22.09 0.26
N SER K 270 -61.33 22.41 -1.01
CA SER K 270 -60.84 21.66 -2.15
C SER K 270 -59.81 22.41 -3.02
N GLY K 271 -58.89 21.66 -3.62
CA GLY K 271 -57.85 22.21 -4.51
C GLY K 271 -57.54 21.41 -5.78
N LEU K 272 -56.89 22.07 -6.73
CA LEU K 272 -56.49 21.49 -8.01
C LEU K 272 -55.54 20.30 -7.83
N CYS K 273 -55.97 19.14 -8.33
CA CYS K 273 -55.29 17.84 -8.13
C CYS K 273 -55.44 16.86 -9.30
N TYR K 274 -54.73 15.72 -9.21
CA TYR K 274 -54.89 14.61 -10.14
C TYR K 274 -55.86 13.57 -9.55
N ASP K 275 -56.82 13.11 -10.36
CA ASP K 275 -57.59 11.91 -10.06
C ASP K 275 -57.95 11.19 -11.36
N ASP K 276 -57.96 9.86 -11.36
CA ASP K 276 -58.42 9.08 -12.53
C ASP K 276 -59.96 9.02 -12.64
N GLY K 277 -60.55 10.12 -13.11
CA GLY K 277 -62.00 10.22 -13.32
C GLY K 277 -62.43 9.55 -14.62
N PRO K 278 -63.74 9.61 -14.94
CA PRO K 278 -64.29 8.91 -16.13
C PRO K 278 -63.67 9.27 -17.50
N ALA K 279 -63.42 10.55 -17.75
CA ALA K 279 -63.03 11.01 -19.09
C ALA K 279 -61.76 11.86 -19.08
N THR K 280 -61.58 12.61 -18.00
CA THR K 280 -60.41 13.48 -17.82
C THR K 280 -59.84 13.22 -16.43
N ASN K 281 -58.70 13.83 -16.11
CA ASN K 281 -58.02 13.54 -14.84
C ASN K 281 -57.51 14.70 -13.98
N VAL K 282 -57.87 15.93 -14.34
CA VAL K 282 -57.62 17.11 -13.50
C VAL K 282 -58.91 17.52 -12.81
N TYR K 283 -58.89 17.47 -11.48
CA TYR K 283 -60.07 17.74 -10.67
C TYR K 283 -59.73 18.68 -9.52
N CYS K 284 -60.74 18.90 -8.68
CA CYS K 284 -60.71 19.86 -7.60
C CYS K 284 -61.53 19.20 -6.48
N LEU K 285 -60.85 18.59 -5.52
CA LEU K 285 -61.52 17.73 -4.51
C LEU K 285 -61.10 18.04 -3.09
N ASP K 286 -62.02 17.80 -2.15
CA ASP K 286 -61.82 18.09 -0.72
C ASP K 286 -60.60 17.39 -0.15
N LYS K 287 -59.84 18.13 0.66
CA LYS K 287 -58.62 17.69 1.38
C LYS K 287 -57.40 17.48 0.49
N ARG K 288 -57.51 17.83 -0.78
CA ARG K 288 -56.47 17.47 -1.74
C ARG K 288 -55.96 18.71 -2.47
N GLU K 289 -54.65 18.81 -2.60
CA GLU K 289 -53.98 19.88 -3.37
C GLU K 289 -52.62 19.37 -3.80
N ASP K 290 -52.52 18.97 -5.07
CA ASP K 290 -51.25 18.51 -5.62
C ASP K 290 -50.37 19.73 -5.91
N LYS K 291 -49.05 19.54 -5.87
CA LYS K 291 -48.12 20.60 -6.26
C LYS K 291 -48.01 20.70 -7.77
N TRP K 292 -47.88 21.92 -8.26
CA TRP K 292 -47.69 22.19 -9.69
C TRP K 292 -46.44 23.04 -9.90
N ILE K 293 -45.75 22.82 -11.02
CA ILE K 293 -44.56 23.61 -11.34
C ILE K 293 -44.97 24.55 -12.46
N LEU K 294 -44.62 25.83 -12.30
CA LEU K 294 -44.91 26.81 -13.33
C LEU K 294 -43.63 27.07 -14.14
N GLU K 295 -43.70 26.91 -15.46
CA GLU K 295 -42.54 27.14 -16.32
C GLU K 295 -42.80 28.22 -17.34
N VAL K 296 -41.92 29.21 -17.38
CA VAL K 296 -41.96 30.29 -18.38
C VAL K 296 -41.58 29.73 -19.74
N VAL K 297 -42.39 29.98 -20.77
CA VAL K 297 -42.06 29.47 -22.11
C VAL K 297 -40.97 30.30 -22.80
N GLY K 298 -40.16 29.61 -23.61
CA GLY K 298 -39.01 30.20 -24.32
C GLY K 298 -39.38 31.07 -25.52
N TYR L 10 -24.37 17.85 -41.16
CA TYR L 10 -25.23 17.86 -39.94
C TYR L 10 -25.51 19.28 -39.40
N GLU L 11 -26.76 19.52 -39.03
CA GLU L 11 -27.13 20.82 -38.48
C GLU L 11 -27.06 20.85 -36.95
N GLN L 12 -26.81 22.04 -36.42
CA GLN L 12 -26.89 22.25 -34.98
C GLN L 12 -27.55 23.58 -34.62
N ILE L 13 -28.31 23.55 -33.53
CA ILE L 13 -29.12 24.68 -33.09
C ILE L 13 -28.69 25.18 -31.72
N GLU L 14 -28.55 26.51 -31.61
CA GLU L 14 -28.29 27.20 -30.34
C GLU L 14 -29.58 27.33 -29.54
N VAL L 15 -29.56 26.88 -28.28
CA VAL L 15 -30.71 26.99 -27.36
C VAL L 15 -30.27 27.35 -25.97
N ASP L 16 -31.20 27.79 -25.11
CA ASP L 16 -30.89 27.84 -23.70
C ASP L 16 -31.46 26.70 -22.86
N VAL L 17 -30.64 26.26 -21.91
CA VAL L 17 -30.99 25.23 -20.95
C VAL L 17 -31.28 25.93 -19.63
N VAL L 18 -32.42 25.59 -19.04
CA VAL L 18 -32.85 26.17 -17.78
C VAL L 18 -32.92 25.08 -16.74
N ALA L 19 -32.08 25.22 -15.73
CA ALA L 19 -32.03 24.30 -14.58
C ALA L 19 -32.71 24.89 -13.34
N VAL L 20 -33.47 24.05 -12.63
CA VAL L 20 -34.25 24.48 -11.47
C VAL L 20 -33.88 23.61 -10.27
N TRP L 21 -33.51 24.26 -9.17
CA TRP L 21 -33.13 23.63 -7.89
C TRP L 21 -34.14 22.58 -7.45
N LYS L 22 -33.65 21.42 -7.02
CA LYS L 22 -34.53 20.37 -6.52
C LYS L 22 -34.19 19.86 -5.13
N GLU L 23 -32.92 19.98 -4.73
CA GLU L 23 -32.47 19.45 -3.47
C GLU L 23 -31.10 20.02 -3.13
N GLY L 24 -30.83 20.20 -1.84
CA GLY L 24 -29.56 20.76 -1.39
C GLY L 24 -29.02 20.16 -0.10
N TYR L 25 -27.73 20.41 0.16
CA TYR L 25 -27.08 19.87 1.35
C TYR L 25 -25.82 20.67 1.67
N VAL L 26 -25.64 21.00 2.95
CA VAL L 26 -24.52 21.84 3.39
C VAL L 26 -23.86 21.23 4.60
N TYR L 27 -22.53 21.10 4.53
CA TYR L 27 -21.76 20.51 5.59
C TYR L 27 -20.62 21.44 5.97
N GLU L 28 -20.51 21.72 7.26
CA GLU L 28 -19.39 22.48 7.80
C GLU L 28 -18.49 21.61 8.66
N ASN L 29 -17.20 21.69 8.42
CA ASN L 29 -16.24 21.08 9.32
C ASN L 29 -15.43 22.14 9.98
N ARG L 30 -15.68 22.30 11.27
CA ARG L 30 -15.21 23.44 12.02
C ARG L 30 -13.93 23.14 12.78
N GLY L 31 -13.65 21.86 12.99
CA GLY L 31 -12.43 21.44 13.69
C GLY L 31 -11.14 21.67 12.91
N SER L 32 -10.02 21.24 13.50
CA SER L 32 -8.72 21.42 12.85
C SER L 32 -8.14 20.19 12.14
N THR L 33 -8.95 19.15 11.97
CA THR L 33 -8.55 17.98 11.18
C THR L 33 -9.52 17.84 10.03
N SER L 34 -9.10 17.23 8.94
CA SER L 34 -9.98 17.12 7.77
C SER L 34 -10.85 15.85 7.76
N VAL L 35 -11.88 15.85 6.92
CA VAL L 35 -12.82 14.74 6.81
C VAL L 35 -12.91 14.20 5.39
N ASP L 36 -13.10 12.89 5.30
CA ASP L 36 -13.37 12.22 4.05
C ASP L 36 -14.87 11.95 3.98
N GLN L 37 -15.53 12.66 3.07
CA GLN L 37 -16.96 12.55 2.90
C GLN L 37 -17.27 11.80 1.61
N LYS L 38 -18.22 10.88 1.71
CA LYS L 38 -18.72 10.19 0.55
C LYS L 38 -20.26 10.26 0.47
N ILE L 39 -20.75 10.94 -0.56
CA ILE L 39 -22.16 10.88 -0.91
C ILE L 39 -22.37 9.88 -2.04
N THR L 40 -23.42 9.09 -1.88
CA THR L 40 -23.71 8.01 -2.79
C THR L 40 -25.23 7.89 -3.02
N ILE L 41 -25.63 8.19 -4.26
CA ILE L 41 -27.07 8.23 -4.64
C ILE L 41 -27.46 7.15 -5.63
N THR L 42 -28.59 6.51 -5.35
CA THR L 42 -29.08 5.34 -6.09
C THR L 42 -30.49 5.62 -6.58
N LYS L 43 -30.77 5.12 -7.78
CA LYS L 43 -32.03 5.32 -8.49
C LYS L 43 -32.24 4.00 -9.24
N GLY L 44 -33.43 3.41 -9.15
CA GLY L 44 -33.68 2.17 -9.88
C GLY L 44 -35.12 1.75 -10.07
N MET L 45 -35.32 0.71 -10.88
CA MET L 45 -36.64 0.08 -11.12
C MET L 45 -36.59 -1.46 -11.25
N LYS L 46 -37.67 -2.13 -10.85
CA LYS L 46 -37.94 -3.55 -11.14
C LYS L 46 -39.30 -3.67 -11.80
N ASN L 47 -39.40 -4.48 -12.85
CA ASN L 47 -40.71 -4.83 -13.44
C ASN L 47 -40.90 -6.34 -13.43
N VAL L 48 -42.02 -6.81 -12.90
CA VAL L 48 -42.27 -8.25 -12.80
C VAL L 48 -43.64 -8.59 -13.42
N ASN L 49 -43.67 -9.62 -14.27
CA ASN L 49 -44.90 -10.14 -14.87
C ASN L 49 -45.12 -11.62 -14.61
N SER L 50 -46.31 -11.98 -14.10
CA SER L 50 -46.68 -13.38 -13.84
C SER L 50 -47.83 -13.83 -14.70
N GLU L 51 -47.76 -15.09 -15.14
CA GLU L 51 -48.89 -15.78 -15.72
C GLU L 51 -49.08 -17.08 -14.96
N THR L 52 -50.20 -17.22 -14.27
CA THR L 52 -50.48 -18.44 -13.50
C THR L 52 -51.77 -19.10 -13.96
N ARG L 53 -51.62 -20.30 -14.51
CA ARG L 53 -52.72 -21.07 -15.07
C ARG L 53 -52.94 -22.31 -14.22
N THR L 54 -54.12 -22.40 -13.60
CA THR L 54 -54.47 -23.57 -12.78
C THR L 54 -55.63 -24.36 -13.40
N VAL L 55 -55.39 -25.66 -13.56
CA VAL L 55 -56.40 -26.62 -14.03
C VAL L 55 -56.69 -27.56 -12.86
N THR L 56 -57.96 -27.69 -12.50
CA THR L 56 -58.33 -28.45 -11.31
C THR L 56 -59.65 -29.27 -11.43
N ALA L 57 -59.49 -30.60 -11.38
CA ALA L 57 -60.57 -31.57 -11.63
C ALA L 57 -60.94 -32.42 -10.39
N THR L 58 -62.24 -32.55 -10.11
CA THR L 58 -62.74 -33.25 -8.91
C THR L 58 -63.82 -34.29 -9.22
N HIS L 59 -63.66 -35.50 -8.65
CA HIS L 59 -64.69 -36.55 -8.69
C HIS L 59 -65.25 -36.78 -7.28
N SER L 60 -66.56 -36.99 -7.18
CA SER L 60 -67.20 -37.29 -5.88
C SER L 60 -68.26 -38.40 -6.01
N ILE L 61 -68.17 -39.42 -5.15
CA ILE L 61 -69.22 -40.44 -5.02
C ILE L 61 -69.69 -40.51 -3.56
N GLY L 62 -70.99 -40.35 -3.37
CA GLY L 62 -71.59 -40.41 -2.05
C GLY L 62 -72.73 -41.40 -1.99
N SER L 63 -73.17 -41.73 -0.77
CA SER L 63 -74.39 -42.50 -0.54
C SER L 63 -74.91 -42.38 0.90
N THR L 64 -76.22 -42.59 1.06
CA THR L 64 -76.84 -42.68 2.40
C THR L 64 -77.79 -43.90 2.54
N ILE L 65 -77.51 -44.75 3.53
CA ILE L 65 -78.42 -45.83 3.97
C ILE L 65 -79.30 -45.26 5.10
N SER L 66 -80.61 -45.42 4.94
CA SER L 66 -81.61 -44.71 5.74
C SER L 66 -82.73 -45.64 6.27
N THR L 67 -83.34 -45.30 7.42
CA THR L 67 -84.50 -46.05 7.96
C THR L 67 -85.54 -45.12 8.65
N ILE L 73 -90.24 -46.73 16.24
CA ILE L 73 -89.44 -46.10 17.31
C ILE L 73 -88.70 -44.85 16.79
N GLY L 74 -87.42 -44.97 16.45
CA GLY L 74 -86.62 -43.85 15.98
C GLY L 74 -86.22 -43.96 14.51
N SER L 75 -85.05 -43.40 14.22
CA SER L 75 -84.49 -43.35 12.86
C SER L 75 -82.96 -43.34 12.86
N VAL L 76 -82.38 -44.14 11.96
CA VAL L 76 -80.93 -44.30 11.84
C VAL L 76 -80.48 -44.02 10.40
N GLU L 77 -79.54 -43.09 10.25
CA GLU L 77 -78.88 -42.77 8.96
C GLU L 77 -77.38 -43.06 9.03
N VAL L 78 -76.84 -43.54 7.91
CA VAL L 78 -75.39 -43.75 7.76
C VAL L 78 -74.97 -43.21 6.38
N SER L 79 -73.94 -42.36 6.39
CA SER L 79 -73.41 -41.72 5.18
C SER L 79 -71.97 -42.14 4.89
N TYR L 80 -71.63 -42.17 3.60
CA TYR L 80 -70.27 -42.40 3.13
C TYR L 80 -70.04 -41.61 1.85
N SER L 81 -68.91 -40.89 1.79
CA SER L 81 -68.43 -40.26 0.54
C SER L 81 -66.91 -40.37 0.33
N HIS L 82 -66.54 -40.47 -0.94
CA HIS L 82 -65.16 -40.45 -1.41
C HIS L 82 -65.01 -39.35 -2.46
N SER L 83 -63.92 -38.58 -2.35
CA SER L 83 -63.59 -37.58 -3.36
C SER L 83 -62.11 -37.54 -3.70
N HIS L 84 -61.82 -37.40 -5.00
CA HIS L 84 -60.47 -37.35 -5.55
C HIS L 84 -60.34 -36.11 -6.45
N GLN L 85 -59.36 -35.25 -6.14
CA GLN L 85 -59.04 -34.13 -7.02
C GLN L 85 -57.56 -33.98 -7.39
N LYS L 86 -57.34 -33.76 -8.70
CA LYS L 86 -56.04 -33.44 -9.28
C LYS L 86 -56.02 -31.94 -9.61
N SER L 87 -54.92 -31.30 -9.25
CA SER L 87 -54.73 -29.86 -9.46
C SER L 87 -53.36 -29.62 -10.10
N GLN L 88 -53.32 -28.80 -11.14
CA GLN L 88 -52.10 -28.56 -11.92
C GLN L 88 -51.88 -27.06 -12.16
N VAL L 89 -50.77 -26.54 -11.60
CA VAL L 89 -50.48 -25.11 -11.64
C VAL L 89 -49.18 -24.83 -12.40
N SER L 90 -49.31 -24.06 -13.47
CA SER L 90 -48.18 -23.66 -14.31
C SER L 90 -47.95 -22.16 -14.20
N MET L 91 -46.74 -21.79 -13.78
CA MET L 91 -46.42 -20.38 -13.57
C MET L 91 -45.22 -19.92 -14.36
N THR L 92 -45.34 -18.76 -15.01
CA THR L 92 -44.23 -18.08 -15.66
C THR L 92 -44.13 -16.69 -15.06
N GLN L 93 -42.97 -16.43 -14.46
CA GLN L 93 -42.61 -15.11 -13.98
C GLN L 93 -41.41 -14.60 -14.76
N THR L 94 -41.45 -13.32 -15.15
CA THR L 94 -40.30 -12.68 -15.79
C THR L 94 -40.05 -11.28 -15.17
N GLU L 95 -38.77 -11.00 -14.93
CA GLU L 95 -38.29 -9.88 -14.12
C GLU L 95 -37.25 -9.11 -14.92
N VAL L 96 -37.41 -7.79 -15.06
CA VAL L 96 -36.33 -6.92 -15.58
C VAL L 96 -36.05 -5.78 -14.60
N TYR L 97 -34.78 -5.42 -14.46
CA TYR L 97 -34.36 -4.41 -13.48
C TYR L 97 -33.15 -3.61 -13.94
N SER L 98 -33.10 -2.33 -13.53
CA SER L 98 -31.94 -1.46 -13.76
C SER L 98 -31.67 -0.56 -12.57
N SER L 99 -30.43 -0.06 -12.46
CA SER L 99 -30.00 0.85 -11.38
C SER L 99 -28.91 1.74 -11.93
N LYS L 100 -28.91 3.01 -11.50
CA LYS L 100 -27.79 3.93 -11.69
C LYS L 100 -27.35 4.39 -10.29
N VAL L 101 -26.08 4.12 -9.97
CA VAL L 101 -25.49 4.56 -8.68
C VAL L 101 -24.37 5.54 -8.96
N ILE L 102 -24.41 6.68 -8.26
CA ILE L 102 -23.40 7.71 -8.41
C ILE L 102 -22.74 7.96 -7.04
N GLU L 103 -21.42 7.78 -6.97
CA GLU L 103 -20.61 7.98 -5.74
C GLU L 103 -19.65 9.13 -5.92
N HIS L 104 -19.63 10.05 -4.95
CA HIS L 104 -18.59 11.05 -4.89
C HIS L 104 -17.82 11.00 -3.57
N THR L 105 -16.50 10.84 -3.66
CA THR L 105 -15.61 10.97 -2.50
C THR L 105 -14.73 12.20 -2.63
N ILE L 106 -14.65 12.95 -1.53
CA ILE L 106 -13.91 14.20 -1.45
C ILE L 106 -13.31 14.36 -0.05
N THR L 107 -12.16 15.04 0.04
CA THR L 107 -11.63 15.44 1.35
C THR L 107 -11.92 16.90 1.62
N ILE L 108 -12.79 17.15 2.61
CA ILE L 108 -13.05 18.50 3.07
C ILE L 108 -11.98 18.87 4.09
N PRO L 109 -11.20 19.93 3.81
CA PRO L 109 -10.20 20.42 4.75
C PRO L 109 -10.84 21.02 6.01
N PRO L 110 -10.04 21.25 7.08
CA PRO L 110 -10.55 21.89 8.31
C PRO L 110 -11.05 23.32 8.04
N THR L 111 -11.86 23.86 8.94
CA THR L 111 -12.55 25.16 8.75
C THR L 111 -13.03 25.41 7.31
N SER L 112 -13.76 24.44 6.77
CA SER L 112 -14.24 24.47 5.40
C SER L 112 -15.68 24.01 5.28
N LYS L 113 -16.37 24.56 4.28
CA LYS L 113 -17.78 24.32 4.03
C LYS L 113 -17.97 23.63 2.69
N PHE L 114 -18.73 22.54 2.72
CA PHE L 114 -19.13 21.81 1.53
C PHE L 114 -20.62 22.02 1.24
N THR L 115 -20.93 22.37 0.00
CA THR L 115 -22.31 22.52 -0.49
C THR L 115 -22.55 21.73 -1.78
N ARG L 116 -23.71 21.08 -1.82
CA ARG L 116 -24.20 20.29 -2.96
C ARG L 116 -25.56 20.85 -3.34
N TRP L 117 -25.66 21.35 -4.56
CA TRP L 117 -26.96 21.67 -5.14
C TRP L 117 -27.28 20.69 -6.29
N GLN L 118 -28.51 20.18 -6.27
CA GLN L 118 -29.00 19.34 -7.33
C GLN L 118 -30.11 20.05 -8.07
N LEU L 119 -29.84 20.33 -9.34
CA LEU L 119 -30.84 20.97 -10.19
C LEU L 119 -31.32 20.00 -11.28
N ASN L 120 -32.43 20.34 -11.90
CA ASN L 120 -32.90 19.62 -13.05
C ASN L 120 -32.88 20.52 -14.27
N ALA L 121 -32.00 20.21 -15.21
CA ALA L 121 -31.77 21.05 -16.37
C ALA L 121 -32.67 20.64 -17.49
N ASP L 122 -33.40 21.61 -18.05
CA ASP L 122 -34.37 21.32 -19.09
C ASP L 122 -33.90 22.04 -20.35
N VAL L 123 -33.56 21.26 -21.35
CA VAL L 123 -33.01 21.79 -22.58
C VAL L 123 -34.17 22.26 -23.46
N GLY L 124 -34.16 23.55 -23.78
CA GLY L 124 -35.25 24.19 -24.53
C GLY L 124 -35.42 23.70 -25.96
N GLY L 125 -36.65 23.35 -26.33
CA GLY L 125 -36.95 22.96 -27.71
C GLY L 125 -36.68 21.49 -28.00
N ALA L 126 -35.49 21.02 -27.61
CA ALA L 126 -35.06 19.64 -27.82
C ALA L 126 -35.90 18.62 -27.06
N GLY L 127 -36.57 19.06 -26.01
CA GLY L 127 -37.42 18.17 -25.21
C GLY L 127 -36.66 17.02 -24.58
N ILE L 128 -35.50 17.34 -24.01
CA ILE L 128 -34.66 16.42 -23.26
C ILE L 128 -34.24 17.13 -21.98
N GLU L 129 -33.88 16.35 -20.97
CA GLU L 129 -33.50 16.90 -19.69
C GLU L 129 -32.44 16.05 -18.99
N TYR L 130 -31.66 16.64 -18.09
CA TYR L 130 -30.64 15.90 -17.36
C TYR L 130 -30.44 16.35 -15.93
N MET L 131 -29.85 15.49 -15.13
CA MET L 131 -29.46 15.83 -13.77
C MET L 131 -28.24 16.75 -13.80
N TYR L 132 -28.25 17.75 -12.91
CA TYR L 132 -27.22 18.76 -12.84
C TYR L 132 -26.77 18.90 -11.39
N LEU L 133 -25.51 18.53 -11.11
CA LEU L 133 -24.98 18.52 -9.74
C LEU L 133 -23.86 19.51 -9.57
N ILE L 134 -24.01 20.40 -8.59
CA ILE L 134 -22.98 21.38 -8.29
C ILE L 134 -22.46 21.17 -6.88
N ASP L 135 -21.18 20.80 -6.81
CA ASP L 135 -20.43 20.61 -5.57
C ASP L 135 -19.40 21.72 -5.45
N GLU L 136 -19.26 22.26 -4.22
CA GLU L 136 -18.26 23.28 -3.95
C GLU L 136 -17.76 23.22 -2.51
N VAL L 137 -16.43 23.26 -2.34
CA VAL L 137 -15.79 23.46 -1.02
C VAL L 137 -15.20 24.86 -0.99
N THR L 138 -15.51 25.60 0.07
CA THR L 138 -14.95 26.93 0.34
C THR L 138 -14.65 27.02 1.81
N PRO L 139 -13.81 27.99 2.22
CA PRO L 139 -13.68 28.25 3.66
C PRO L 139 -14.99 28.79 4.25
N ILE L 140 -15.22 28.53 5.54
CA ILE L 140 -16.41 29.01 6.27
C ILE L 140 -16.33 30.53 6.39
N GLY L 141 -17.44 31.22 6.13
CA GLY L 141 -17.47 32.68 6.02
C GLY L 141 -18.13 33.14 4.73
N GLY L 142 -18.14 34.45 4.49
CA GLY L 142 -18.92 35.06 3.39
C GLY L 142 -20.42 34.78 3.55
N THR L 143 -21.22 35.11 2.53
CA THR L 143 -22.63 34.64 2.52
C THR L 143 -22.94 33.72 1.34
N GLN L 144 -23.75 32.70 1.62
CA GLN L 144 -24.03 31.61 0.71
C GLN L 144 -24.67 32.08 -0.58
N SER L 145 -24.24 31.52 -1.71
CA SER L 145 -24.92 31.75 -2.97
C SER L 145 -25.63 30.48 -3.45
N ILE L 146 -26.96 30.51 -3.41
CA ILE L 146 -27.80 29.38 -3.75
C ILE L 146 -28.44 29.60 -5.13
N PRO L 147 -28.18 28.68 -6.09
CA PRO L 147 -28.90 28.74 -7.37
C PRO L 147 -30.27 28.01 -7.34
N GLN L 148 -31.35 28.77 -7.27
CA GLN L 148 -32.68 28.22 -7.42
C GLN L 148 -32.95 27.95 -8.90
N VAL L 149 -32.47 28.85 -9.76
CA VAL L 149 -32.61 28.69 -11.21
C VAL L 149 -31.38 29.22 -11.95
N ILE L 150 -30.66 28.29 -12.57
CA ILE L 150 -29.52 28.58 -13.45
C ILE L 150 -29.97 28.38 -14.90
N THR L 151 -29.42 29.21 -15.77
CA THR L 151 -29.92 29.36 -17.11
C THR L 151 -28.70 29.68 -17.99
N SER L 152 -28.39 28.79 -18.92
CA SER L 152 -27.11 28.81 -19.66
C SER L 152 -27.31 28.47 -21.13
N ARG L 153 -26.31 28.75 -21.96
CA ARG L 153 -26.40 28.43 -23.39
C ARG L 153 -25.90 27.02 -23.72
N ALA L 154 -26.44 26.45 -24.80
CA ALA L 154 -25.98 25.17 -25.35
C ALA L 154 -26.23 25.04 -26.85
N LYS L 155 -25.29 24.41 -27.56
CA LYS L 155 -25.44 24.05 -28.97
C LYS L 155 -25.81 22.58 -29.06
N ILE L 156 -26.95 22.28 -29.70
CA ILE L 156 -27.42 20.90 -29.80
C ILE L 156 -27.28 20.31 -31.19
N ILE L 157 -26.55 19.19 -31.29
CA ILE L 157 -26.54 18.41 -32.54
C ILE L 157 -27.83 17.59 -32.65
N VAL L 158 -28.62 17.95 -33.66
CA VAL L 158 -29.98 17.49 -33.82
C VAL L 158 -30.08 16.55 -35.02
N GLY L 159 -31.12 15.71 -35.03
CA GLY L 159 -31.33 14.75 -36.10
C GLY L 159 -31.68 15.37 -37.44
N ARG L 160 -31.60 14.55 -38.49
CA ARG L 160 -32.11 14.93 -39.81
C ARG L 160 -33.59 15.25 -39.71
N GLN L 161 -33.98 16.32 -40.39
CA GLN L 161 -35.34 16.84 -40.33
C GLN L 161 -36.36 15.96 -41.06
N ILE L 162 -37.49 15.68 -40.42
CA ILE L 162 -38.59 15.01 -41.09
C ILE L 162 -39.38 16.07 -41.87
N ILE L 163 -39.19 16.07 -43.19
CA ILE L 163 -39.97 16.94 -44.08
C ILE L 163 -41.38 16.38 -44.25
N LEU L 164 -42.37 17.17 -43.84
CA LEU L 164 -43.76 16.78 -43.96
C LEU L 164 -44.12 16.57 -45.43
N GLY L 165 -44.79 15.46 -45.70
CA GLY L 165 -45.19 15.11 -47.05
C GLY L 165 -44.11 14.44 -47.90
N LYS L 166 -42.85 14.50 -47.48
CA LYS L 166 -41.76 13.97 -48.28
C LYS L 166 -41.11 12.75 -47.64
N THR L 167 -40.38 12.96 -46.53
CA THR L 167 -39.46 11.94 -46.00
C THR L 167 -40.20 10.77 -45.35
N GLU L 168 -39.79 9.56 -45.78
CA GLU L 168 -40.33 8.29 -45.28
C GLU L 168 -39.74 7.98 -43.93
N ILE L 169 -40.61 7.49 -43.04
CA ILE L 169 -40.28 7.23 -41.63
C ILE L 169 -40.90 5.92 -41.13
N ARG L 170 -40.30 5.36 -40.08
CA ARG L 170 -40.96 4.31 -39.28
C ARG L 170 -41.45 4.92 -37.98
N ILE L 171 -42.46 4.29 -37.39
CA ILE L 171 -42.99 4.70 -36.10
C ILE L 171 -42.80 3.52 -35.17
N LYS L 172 -41.95 3.71 -34.15
CA LYS L 172 -41.65 2.68 -33.15
C LYS L 172 -42.29 3.04 -31.82
N HIS L 173 -42.95 2.07 -31.21
CA HIS L 173 -43.50 2.23 -29.86
C HIS L 173 -42.32 2.29 -28.91
N ALA L 174 -42.28 3.35 -28.11
CA ALA L 174 -41.11 3.65 -27.24
C ALA L 174 -40.86 2.61 -26.18
N GLU L 175 -41.89 2.28 -25.40
CA GLU L 175 -41.77 1.34 -24.30
C GLU L 175 -41.52 -0.11 -24.76
N ARG L 176 -42.15 -0.52 -25.86
CA ARG L 176 -42.11 -1.92 -26.30
C ARG L 176 -41.04 -2.21 -27.35
N LYS L 177 -40.36 -1.16 -27.81
CA LYS L 177 -39.38 -1.25 -28.90
C LYS L 177 -39.83 -2.11 -30.12
N GLU L 178 -41.13 -2.04 -30.42
CA GLU L 178 -41.75 -2.71 -31.57
C GLU L 178 -42.32 -1.66 -32.51
N TYR L 179 -42.49 -2.02 -33.78
CA TYR L 179 -42.89 -1.06 -34.80
C TYR L 179 -44.37 -1.11 -35.14
N MET L 180 -44.91 0.02 -35.57
CA MET L 180 -46.26 0.07 -36.10
C MET L 180 -46.27 -0.51 -37.51
N THR L 181 -47.03 -1.61 -37.66
CA THR L 181 -47.17 -2.34 -38.92
C THR L 181 -48.63 -2.33 -39.40
N VAL L 182 -48.88 -2.76 -40.63
CA VAL L 182 -50.24 -2.77 -41.17
C VAL L 182 -50.65 -4.18 -41.54
N VAL L 183 -51.70 -4.65 -40.87
CA VAL L 183 -52.30 -5.94 -41.16
C VAL L 183 -53.69 -5.77 -41.76
N SER L 184 -54.38 -6.88 -42.03
CA SER L 184 -55.78 -6.83 -42.43
C SER L 184 -56.69 -7.32 -41.33
N ARG L 185 -57.57 -6.43 -40.87
CA ARG L 185 -58.64 -6.73 -39.93
C ARG L 185 -59.96 -6.32 -40.57
N LYS L 186 -60.94 -7.23 -40.51
CA LYS L 186 -62.30 -7.03 -41.03
C LYS L 186 -62.32 -6.49 -42.47
N SER L 187 -61.41 -6.99 -43.30
CA SER L 187 -61.24 -6.55 -44.70
C SER L 187 -60.78 -5.12 -44.88
N TRP L 188 -60.30 -4.51 -43.80
CA TRP L 188 -59.75 -3.17 -43.83
C TRP L 188 -58.28 -3.20 -43.38
N PRO L 189 -57.45 -2.23 -43.83
CA PRO L 189 -56.11 -2.20 -43.27
C PRO L 189 -56.17 -1.65 -41.85
N ALA L 190 -55.61 -2.43 -40.92
CA ALA L 190 -55.58 -2.05 -39.51
C ALA L 190 -54.14 -1.93 -38.99
N ALA L 191 -53.97 -1.15 -37.92
CA ALA L 191 -52.66 -0.92 -37.32
C ALA L 191 -52.43 -1.88 -36.17
N THR L 192 -51.23 -2.43 -36.11
CA THR L 192 -50.80 -3.36 -35.06
C THR L 192 -49.25 -3.32 -34.88
N LEU L 193 -48.77 -3.73 -33.71
CA LEU L 193 -47.33 -3.79 -33.47
C LEU L 193 -46.65 -5.04 -34.04
N GLY L 194 -45.39 -4.91 -34.45
CA GLY L 194 -44.62 -6.02 -35.03
C GLY L 194 -43.14 -5.74 -35.18
N HIS L 195 -42.36 -6.76 -35.55
CA HIS L 195 -40.90 -6.60 -35.60
C HIS L 195 -40.40 -6.09 -36.93
N SER L 196 -41.27 -6.04 -37.93
CA SER L 196 -40.84 -5.70 -39.30
C SER L 196 -40.22 -4.30 -39.44
N LYS L 197 -39.05 -4.26 -40.07
CA LYS L 197 -38.39 -3.00 -40.36
C LYS L 197 -38.83 -2.36 -41.70
N LEU L 198 -39.77 -3.01 -42.40
CA LEU L 198 -40.16 -2.50 -43.72
C LEU L 198 -41.55 -1.87 -43.88
N PHE L 199 -42.27 -1.66 -42.78
CA PHE L 199 -43.50 -0.86 -42.75
C PHE L 199 -43.19 0.63 -42.55
N LYS L 200 -43.39 1.41 -43.61
CA LYS L 200 -42.98 2.81 -43.66
C LYS L 200 -44.18 3.77 -43.74
N PHE L 201 -43.95 5.01 -43.30
CA PHE L 201 -45.00 6.03 -43.21
C PHE L 201 -44.54 7.38 -43.70
N VAL L 202 -45.50 8.23 -44.07
CA VAL L 202 -45.27 9.63 -44.42
C VAL L 202 -46.20 10.50 -43.57
N LEU L 203 -45.66 11.58 -43.00
CA LEU L 203 -46.47 12.48 -42.19
C LEU L 203 -46.86 13.74 -42.93
N TYR L 204 -48.12 14.15 -42.73
CA TYR L 204 -48.69 15.34 -43.35
C TYR L 204 -49.32 16.26 -42.32
N GLU L 205 -49.28 17.57 -42.58
CA GLU L 205 -50.08 18.50 -41.78
C GLU L 205 -50.93 19.38 -42.70
N ASP L 206 -52.17 19.61 -42.30
CA ASP L 206 -53.02 20.64 -42.94
C ASP L 206 -53.83 21.45 -41.90
N TRP L 207 -54.86 22.16 -42.36
CA TRP L 207 -55.71 22.98 -41.51
C TRP L 207 -56.38 22.16 -40.38
N GLY L 208 -56.67 20.89 -40.66
CA GLY L 208 -57.37 20.03 -39.72
C GLY L 208 -56.52 19.30 -38.69
N GLY L 209 -55.20 19.28 -38.89
CA GLY L 209 -54.27 18.56 -38.01
C GLY L 209 -53.17 17.81 -38.74
N PHE L 210 -52.64 16.76 -38.09
CA PHE L 210 -51.60 15.90 -38.68
C PHE L 210 -52.19 14.58 -39.14
N ARG L 211 -51.61 14.05 -40.22
CA ARG L 211 -52.05 12.79 -40.81
C ARG L 211 -50.91 11.81 -40.92
N ILE L 212 -51.22 10.54 -40.62
CA ILE L 212 -50.27 9.44 -40.69
C ILE L 212 -50.66 8.55 -41.90
N LYS L 213 -49.84 8.60 -42.96
CA LYS L 213 -50.10 7.84 -44.19
C LYS L 213 -49.18 6.64 -44.29
N THR L 214 -49.76 5.45 -44.33
CA THR L 214 -48.98 4.24 -44.60
C THR L 214 -48.61 4.10 -46.07
N LEU L 215 -47.40 3.60 -46.30
CA LEU L 215 -46.96 3.28 -47.64
C LEU L 215 -47.07 1.77 -47.94
N ASN L 216 -47.76 1.05 -47.05
CA ASN L 216 -47.80 -0.42 -47.04
C ASN L 216 -49.20 -1.03 -46.93
N THR L 217 -50.17 -0.41 -47.59
CA THR L 217 -51.54 -0.87 -47.52
C THR L 217 -51.72 -2.01 -48.51
N MET L 218 -52.43 -3.07 -48.10
CA MET L 218 -52.86 -4.11 -49.04
C MET L 218 -54.14 -3.74 -49.79
N TYR L 219 -54.77 -2.63 -49.40
CA TYR L 219 -55.94 -2.10 -50.07
C TYR L 219 -55.73 -0.69 -50.63
N SER L 220 -55.45 -0.62 -51.92
CA SER L 220 -55.20 0.65 -52.65
C SER L 220 -56.01 1.86 -52.19
N GLY L 221 -55.29 2.93 -51.83
CA GLY L 221 -55.91 4.20 -51.40
C GLY L 221 -56.48 4.29 -49.99
N TYR L 222 -56.52 3.15 -49.29
CA TYR L 222 -56.92 3.08 -47.89
C TYR L 222 -55.67 3.21 -47.01
N GLU L 223 -55.27 4.45 -46.77
CA GLU L 223 -53.89 4.71 -46.37
C GLU L 223 -53.69 5.63 -45.15
N TYR L 224 -54.74 6.30 -44.69
CA TYR L 224 -54.63 7.28 -43.60
C TYR L 224 -55.20 6.74 -42.29
N ALA L 225 -54.40 6.79 -41.22
CA ALA L 225 -54.80 6.27 -39.91
C ALA L 225 -55.98 7.03 -39.32
N TYR L 226 -57.02 6.29 -38.93
CA TYR L 226 -58.18 6.85 -38.24
C TYR L 226 -58.75 5.96 -37.14
N SER L 227 -59.56 6.54 -36.28
CA SER L 227 -60.14 5.83 -35.16
C SER L 227 -61.57 5.39 -35.44
N SER L 228 -61.81 4.08 -35.30
CA SER L 228 -63.16 3.54 -35.29
C SER L 228 -63.89 4.01 -34.03
N ASP L 229 -65.22 3.96 -34.06
CA ASP L 229 -66.07 4.37 -32.95
C ASP L 229 -65.86 3.52 -31.70
N GLN L 230 -65.10 2.44 -31.82
CA GLN L 230 -64.77 1.57 -30.69
C GLN L 230 -63.30 1.64 -30.23
N GLY L 231 -62.50 2.45 -30.91
CA GLY L 231 -61.11 2.70 -30.51
C GLY L 231 -60.01 2.26 -31.47
N GLY L 232 -60.27 1.22 -32.26
CA GLY L 232 -59.25 0.62 -33.13
C GLY L 232 -58.77 1.53 -34.25
N ILE L 233 -57.50 1.37 -34.61
CA ILE L 233 -56.92 2.15 -35.70
C ILE L 233 -57.02 1.36 -37.00
N TYR L 234 -57.61 2.02 -37.99
CA TYR L 234 -57.64 1.52 -39.36
C TYR L 234 -57.03 2.56 -40.31
N PHE L 235 -56.96 2.23 -41.58
CA PHE L 235 -56.50 3.19 -42.58
C PHE L 235 -57.60 3.44 -43.61
N ASP L 236 -57.98 4.70 -43.74
CA ASP L 236 -59.09 5.11 -44.59
C ASP L 236 -58.56 5.83 -45.83
N GLN L 237 -59.47 6.12 -46.77
CA GLN L 237 -59.18 7.04 -47.85
C GLN L 237 -59.07 8.45 -47.31
N GLY L 238 -58.35 9.31 -48.04
CA GLY L 238 -58.22 10.71 -47.66
C GLY L 238 -59.53 11.48 -47.66
N THR L 239 -60.03 11.80 -46.47
CA THR L 239 -61.24 12.63 -46.31
C THR L 239 -60.92 13.90 -45.51
N ASP L 240 -61.94 14.71 -45.24
CA ASP L 240 -61.82 15.88 -44.35
C ASP L 240 -62.01 15.53 -42.89
N ASN L 241 -62.46 14.30 -42.64
CA ASN L 241 -62.88 13.88 -41.32
C ASN L 241 -61.79 14.10 -40.29
N PRO L 242 -62.12 14.80 -39.18
CA PRO L 242 -61.19 14.96 -38.07
C PRO L 242 -60.76 13.64 -37.40
N LYS L 243 -61.55 12.57 -37.56
CA LYS L 243 -61.20 11.27 -37.00
C LYS L 243 -59.89 10.68 -37.58
N GLN L 244 -59.48 11.17 -38.75
CA GLN L 244 -58.21 10.78 -39.38
C GLN L 244 -57.10 11.86 -39.25
N ARG L 245 -57.32 12.79 -38.33
CA ARG L 245 -56.36 13.82 -38.00
C ARG L 245 -55.89 13.71 -36.56
N TRP L 246 -54.67 14.21 -36.33
CA TRP L 246 -53.94 14.01 -35.06
C TRP L 246 -53.22 15.27 -34.62
N ALA L 247 -53.08 15.46 -33.30
CA ALA L 247 -52.32 16.59 -32.75
C ALA L 247 -51.06 16.06 -32.10
N ILE L 248 -49.92 16.64 -32.48
CA ILE L 248 -48.62 16.22 -31.91
C ILE L 248 -48.34 16.93 -30.59
N ASN L 249 -47.29 16.50 -29.89
CA ASN L 249 -46.92 17.07 -28.58
C ASN L 249 -45.91 18.19 -28.62
N LYS L 250 -45.22 18.36 -29.75
CA LYS L 250 -44.15 19.36 -29.83
C LYS L 250 -44.33 20.32 -30.99
N SER L 251 -43.48 21.33 -31.06
CA SER L 251 -43.46 22.27 -32.16
C SER L 251 -42.60 21.72 -33.27
N LEU L 252 -42.95 22.08 -34.51
CA LEU L 252 -42.17 21.72 -35.70
C LEU L 252 -40.81 22.42 -35.71
N PRO L 253 -39.78 21.84 -36.38
CA PRO L 253 -39.79 20.60 -37.15
C PRO L 253 -39.66 19.34 -36.29
N LEU L 254 -40.16 18.23 -36.82
CA LEU L 254 -39.90 16.92 -36.28
C LEU L 254 -38.59 16.41 -36.90
N ARG L 255 -37.82 15.66 -36.12
CA ARG L 255 -36.51 15.15 -36.52
C ARG L 255 -36.35 13.68 -36.14
N HIS L 256 -35.40 12.98 -36.78
CA HIS L 256 -35.08 11.58 -36.45
C HIS L 256 -34.89 11.42 -34.94
N GLY L 257 -35.49 10.35 -34.41
CA GLY L 257 -35.38 10.02 -32.99
C GLY L 257 -36.30 10.77 -32.03
N ASP L 258 -37.16 11.65 -32.57
CA ASP L 258 -38.10 12.40 -31.74
C ASP L 258 -39.15 11.51 -31.07
N VAL L 259 -39.26 11.66 -29.75
CA VAL L 259 -40.33 11.06 -28.96
C VAL L 259 -41.61 11.89 -29.14
N VAL L 260 -42.64 11.26 -29.68
CA VAL L 260 -43.89 11.96 -29.99
C VAL L 260 -45.15 11.29 -29.44
N THR L 261 -46.24 12.03 -29.54
CA THR L 261 -47.53 11.68 -29.00
C THR L 261 -48.57 12.01 -30.08
N PHE L 262 -49.52 11.10 -30.34
CA PHE L 262 -50.64 11.41 -31.25
C PHE L 262 -51.99 11.35 -30.53
N MET L 263 -52.59 12.52 -30.35
CA MET L 263 -53.93 12.67 -29.80
C MET L 263 -54.93 12.87 -30.94
N ASN L 264 -56.06 12.16 -30.88
CA ASN L 264 -57.05 12.26 -31.97
C ASN L 264 -57.78 13.59 -31.98
N LYS L 265 -57.86 14.18 -33.16
CA LYS L 265 -58.49 15.48 -33.36
C LYS L 265 -60.00 15.47 -33.06
N TYR L 266 -60.70 14.43 -33.44
CA TYR L 266 -62.14 14.32 -33.13
C TYR L 266 -62.36 13.76 -31.73
N PHE L 267 -61.78 12.60 -31.44
CA PHE L 267 -61.83 12.06 -30.10
C PHE L 267 -60.71 12.67 -29.24
N THR L 268 -60.94 13.91 -28.77
CA THR L 268 -59.91 14.75 -28.13
C THR L 268 -59.22 14.17 -26.89
N ARG L 269 -59.96 13.41 -26.10
CA ARG L 269 -59.44 12.88 -24.83
C ARG L 269 -58.58 11.64 -25.01
N SER L 270 -58.52 11.14 -26.25
CA SER L 270 -57.85 9.87 -26.53
C SER L 270 -56.63 10.01 -27.46
N GLY L 271 -55.63 9.19 -27.18
CA GLY L 271 -54.38 9.14 -27.94
C GLY L 271 -53.97 7.76 -28.39
N LEU L 272 -53.05 7.74 -29.35
CA LEU L 272 -52.51 6.52 -29.95
C LEU L 272 -51.70 5.72 -28.93
N CYS L 273 -52.09 4.46 -28.73
CA CYS L 273 -51.58 3.61 -27.64
C CYS L 273 -51.57 2.10 -27.96
N TYR L 274 -50.98 1.32 -27.04
CA TYR L 274 -50.96 -0.13 -27.10
C TYR L 274 -51.99 -0.69 -26.14
N ASP L 275 -52.76 -1.65 -26.63
CA ASP L 275 -53.66 -2.47 -25.82
C ASP L 275 -53.74 -3.85 -26.46
N ASP L 276 -53.78 -4.89 -25.62
CA ASP L 276 -54.01 -6.24 -26.13
C ASP L 276 -55.51 -6.52 -26.44
N GLY L 277 -55.98 -6.00 -27.57
CA GLY L 277 -57.35 -6.24 -28.05
C GLY L 277 -57.49 -7.52 -28.88
N PRO L 278 -58.72 -7.84 -29.31
CA PRO L 278 -59.07 -9.10 -30.00
C PRO L 278 -58.13 -9.59 -31.12
N ALA L 279 -57.71 -8.67 -32.00
CA ALA L 279 -57.00 -9.10 -33.21
C ALA L 279 -55.79 -8.25 -33.57
N THR L 280 -55.90 -6.96 -33.26
CA THR L 280 -54.80 -6.01 -33.44
C THR L 280 -54.53 -5.35 -32.10
N ASN L 281 -53.47 -4.54 -32.03
CA ASN L 281 -53.08 -3.93 -30.76
C ASN L 281 -52.64 -2.44 -30.75
N VAL L 282 -53.02 -1.70 -31.78
CA VAL L 282 -52.86 -0.24 -31.82
C VAL L 282 -54.26 0.40 -31.80
N TYR L 283 -54.50 1.23 -30.78
CA TYR L 283 -55.81 1.79 -30.45
C TYR L 283 -55.68 3.28 -30.15
N CYS L 284 -56.81 3.99 -30.07
CA CYS L 284 -56.89 5.29 -29.38
C CYS L 284 -58.03 5.26 -28.36
N LEU L 285 -57.61 5.37 -27.09
CA LEU L 285 -58.47 5.21 -25.91
C LEU L 285 -58.33 6.41 -24.99
N ASP L 286 -59.41 6.76 -24.29
CA ASP L 286 -59.44 7.87 -23.34
C ASP L 286 -58.37 7.77 -22.27
N LYS L 287 -57.65 8.88 -22.11
CA LYS L 287 -56.61 9.09 -21.09
C LYS L 287 -55.32 8.31 -21.33
N ARG L 288 -55.28 7.54 -22.41
CA ARG L 288 -54.09 6.81 -22.80
C ARG L 288 -53.37 7.55 -23.94
N GLU L 289 -52.05 7.58 -23.86
CA GLU L 289 -51.25 8.43 -24.73
C GLU L 289 -49.83 7.88 -24.71
N ASP L 290 -49.59 6.83 -25.48
CA ASP L 290 -48.26 6.24 -25.50
C ASP L 290 -47.27 7.13 -26.28
N LYS L 291 -46.00 7.04 -25.90
CA LYS L 291 -44.90 7.70 -26.59
C LYS L 291 -44.40 6.81 -27.73
N TRP L 292 -44.13 7.45 -28.87
CA TRP L 292 -43.65 6.79 -30.09
C TRP L 292 -42.38 7.48 -30.57
N ILE L 293 -41.44 6.72 -31.15
CA ILE L 293 -40.23 7.32 -31.77
C ILE L 293 -40.37 7.33 -33.28
N LEU L 294 -40.03 8.45 -33.88
CA LEU L 294 -40.03 8.55 -35.31
C LEU L 294 -38.61 8.37 -35.86
N GLU L 295 -38.41 7.40 -36.75
CA GLU L 295 -37.09 7.18 -37.38
C GLU L 295 -37.12 7.39 -38.88
N VAL L 296 -36.22 8.21 -39.39
CA VAL L 296 -36.06 8.43 -40.83
C VAL L 296 -35.38 7.20 -41.44
N VAL L 297 -35.95 6.67 -42.51
CA VAL L 297 -35.33 5.51 -43.17
C VAL L 297 -34.21 5.95 -44.11
N GLY L 298 -33.25 5.03 -44.28
CA GLY L 298 -32.04 5.20 -45.10
C GLY L 298 -31.77 6.54 -45.76
N TYR M 10 -13.93 -12.67 -47.30
CA TYR M 10 -15.15 -12.28 -46.54
C TYR M 10 -15.68 -10.90 -46.95
N GLU M 11 -17.00 -10.73 -46.85
CA GLU M 11 -17.71 -9.52 -47.26
C GLU M 11 -17.73 -8.40 -46.21
N GLN M 12 -17.61 -7.16 -46.66
CA GLN M 12 -17.60 -5.97 -45.81
C GLN M 12 -18.45 -4.88 -46.44
N ILE M 13 -19.54 -4.50 -45.79
CA ILE M 13 -20.38 -3.43 -46.31
C ILE M 13 -20.22 -2.18 -45.45
N GLU M 14 -20.09 -1.02 -46.09
CA GLU M 14 -20.01 0.26 -45.38
C GLU M 14 -21.41 0.80 -45.08
N VAL M 15 -21.60 1.36 -43.89
CA VAL M 15 -22.91 1.82 -43.44
C VAL M 15 -22.86 3.02 -42.47
N ASP M 16 -23.98 3.73 -42.28
CA ASP M 16 -24.11 4.73 -41.21
C ASP M 16 -24.64 4.11 -39.94
N VAL M 17 -23.98 4.45 -38.83
CA VAL M 17 -24.50 4.22 -37.50
C VAL M 17 -25.18 5.52 -37.07
N VAL M 18 -26.40 5.42 -36.56
CA VAL M 18 -27.13 6.59 -36.06
C VAL M 18 -27.47 6.37 -34.59
N ALA M 19 -26.91 7.24 -33.74
CA ALA M 19 -27.13 7.21 -32.29
C ALA M 19 -28.08 8.32 -31.83
N VAL M 20 -29.07 7.95 -31.02
CA VAL M 20 -30.09 8.87 -30.49
C VAL M 20 -29.92 9.00 -28.98
N TRP M 21 -29.91 10.26 -28.50
CA TRP M 21 -29.85 10.62 -27.07
C TRP M 21 -30.89 9.87 -26.26
N LYS M 22 -30.52 9.49 -25.05
CA LYS M 22 -31.39 8.65 -24.25
C LYS M 22 -31.45 9.14 -22.80
N GLU M 23 -30.38 9.77 -22.34
CA GLU M 23 -30.22 10.15 -20.93
C GLU M 23 -28.89 10.90 -20.78
N GLY M 24 -28.88 11.91 -19.90
CA GLY M 24 -27.69 12.72 -19.64
C GLY M 24 -27.43 12.99 -18.16
N TYR M 25 -26.23 13.50 -17.87
CA TYR M 25 -25.77 13.81 -16.51
C TYR M 25 -24.60 14.81 -16.57
N VAL M 26 -24.68 15.88 -15.79
CA VAL M 26 -23.65 16.93 -15.78
C VAL M 26 -23.28 17.21 -14.32
N TYR M 27 -21.98 17.29 -14.05
CA TYR M 27 -21.46 17.47 -12.70
C TYR M 27 -20.38 18.52 -12.71
N GLU M 28 -20.50 19.49 -11.81
CA GLU M 28 -19.51 20.56 -11.65
C GLU M 28 -18.88 20.48 -10.28
N ASN M 29 -17.54 20.52 -10.27
CA ASN M 29 -16.74 20.55 -9.05
C ASN M 29 -16.14 21.93 -9.02
N ARG M 30 -16.82 22.82 -8.27
CA ARG M 30 -16.46 24.23 -8.21
C ARG M 30 -15.36 24.47 -7.20
N GLY M 31 -15.16 23.52 -6.29
CA GLY M 31 -14.16 23.62 -5.22
C GLY M 31 -12.72 23.58 -5.71
N SER M 32 -11.77 23.77 -4.79
CA SER M 32 -10.34 23.69 -5.15
C SER M 32 -9.65 22.39 -4.72
N THR M 33 -10.43 21.41 -4.27
CA THR M 33 -9.96 20.03 -4.15
C THR M 33 -10.66 19.18 -5.18
N SER M 34 -9.96 18.19 -5.71
CA SER M 34 -10.53 17.29 -6.68
C SER M 34 -11.46 16.26 -6.02
N VAL M 35 -12.34 15.65 -6.83
CA VAL M 35 -13.30 14.65 -6.35
C VAL M 35 -13.14 13.33 -7.10
N ASP M 36 -13.48 12.25 -6.40
CA ASP M 36 -13.46 10.92 -6.98
C ASP M 36 -14.88 10.44 -7.21
N GLN M 37 -15.25 10.34 -8.49
CA GLN M 37 -16.58 9.98 -8.92
C GLN M 37 -16.63 8.57 -9.52
N LYS M 38 -17.63 7.80 -9.08
CA LYS M 38 -17.86 6.45 -9.56
C LYS M 38 -19.34 6.26 -9.97
N ILE M 39 -19.61 6.33 -11.28
CA ILE M 39 -20.93 6.00 -11.87
C ILE M 39 -20.96 4.50 -12.16
N THR M 40 -22.07 3.89 -11.78
CA THR M 40 -22.18 2.45 -11.82
C THR M 40 -23.60 2.04 -12.23
N ILE M 41 -23.72 1.55 -13.47
CA ILE M 41 -25.01 1.21 -14.12
C ILE M 41 -25.25 -0.30 -14.28
N THR M 42 -26.43 -0.77 -13.87
CA THR M 42 -26.78 -2.20 -13.88
C THR M 42 -28.06 -2.45 -14.70
N LYS M 43 -28.05 -3.51 -15.51
CA LYS M 43 -29.22 -4.02 -16.21
C LYS M 43 -29.21 -5.52 -16.00
N GLY M 44 -30.39 -6.12 -15.83
CA GLY M 44 -30.47 -7.56 -15.59
C GLY M 44 -31.84 -8.17 -15.73
N MET M 45 -31.88 -9.50 -15.85
CA MET M 45 -33.14 -10.23 -15.91
C MET M 45 -33.16 -11.49 -15.07
N LYS M 46 -34.35 -11.88 -14.61
CA LYS M 46 -34.56 -13.12 -13.86
C LYS M 46 -35.80 -13.79 -14.43
N ASN M 47 -35.70 -15.08 -14.75
CA ASN M 47 -36.84 -15.85 -15.33
C ASN M 47 -37.19 -17.09 -14.54
N VAL M 48 -38.44 -17.19 -14.08
CA VAL M 48 -38.85 -18.31 -13.23
C VAL M 48 -40.01 -19.14 -13.85
N ASN M 49 -39.89 -20.47 -13.78
CA ASN M 49 -40.95 -21.40 -14.23
C ASN M 49 -41.31 -22.44 -13.20
N SER M 50 -42.62 -22.53 -12.90
CA SER M 50 -43.19 -23.35 -11.83
C SER M 50 -44.16 -24.38 -12.38
N GLU M 51 -44.05 -25.61 -11.89
CA GLU M 51 -45.05 -26.65 -12.13
C GLU M 51 -45.43 -27.25 -10.80
N THR M 52 -46.71 -27.18 -10.46
CA THR M 52 -47.18 -27.75 -9.21
C THR M 52 -48.36 -28.71 -9.38
N ARG M 53 -48.07 -30.01 -9.19
CA ARG M 53 -49.06 -31.11 -9.19
C ARG M 53 -49.55 -31.43 -7.78
N THR M 54 -50.87 -31.28 -7.57
CA THR M 54 -51.51 -31.65 -6.32
C THR M 54 -52.54 -32.77 -6.56
N VAL M 55 -52.41 -33.84 -5.77
CA VAL M 55 -53.33 -34.98 -5.76
C VAL M 55 -53.86 -35.15 -4.33
N THR M 56 -55.18 -35.17 -4.20
CA THR M 56 -55.81 -35.12 -2.87
C THR M 56 -57.10 -35.97 -2.73
N ALA M 57 -57.05 -36.94 -1.81
CA ALA M 57 -58.12 -37.92 -1.61
C ALA M 57 -58.77 -37.85 -0.23
N THR M 58 -60.11 -37.89 -0.21
CA THR M 58 -60.89 -37.76 1.03
C THR M 58 -61.91 -38.91 1.17
N HIS M 59 -61.95 -39.52 2.36
CA HIS M 59 -63.01 -40.48 2.74
C HIS M 59 -63.80 -39.90 3.91
N SER M 60 -65.14 -39.89 3.79
CA SER M 60 -66.01 -39.45 4.88
C SER M 60 -67.04 -40.50 5.30
N ILE M 61 -67.25 -40.65 6.61
CA ILE M 61 -68.25 -41.57 7.11
C ILE M 61 -69.13 -40.78 8.07
N GLY M 62 -70.41 -40.61 7.71
CA GLY M 62 -71.43 -39.95 8.55
C GLY M 62 -72.47 -40.91 9.16
N SER M 63 -73.24 -40.40 10.13
CA SER M 63 -74.23 -41.18 10.90
C SER M 63 -75.10 -40.26 11.79
N THR M 64 -76.42 -40.49 11.77
CA THR M 64 -77.36 -39.82 12.71
C THR M 64 -78.39 -40.78 13.35
N ILE M 65 -78.42 -40.82 14.69
CA ILE M 65 -79.47 -41.51 15.46
C ILE M 65 -80.51 -40.46 15.84
N SER M 66 -81.78 -40.78 15.57
CA SER M 66 -82.90 -39.83 15.63
C SER M 66 -84.14 -40.37 16.39
N THR M 67 -85.02 -39.46 16.84
CA THR M 67 -86.31 -39.82 17.49
C THR M 67 -87.48 -39.62 16.51
N GLY M 68 -88.15 -40.72 16.13
CA GLY M 68 -89.41 -40.67 15.37
C GLY M 68 -90.56 -40.15 16.22
N ASP M 69 -91.80 -40.49 15.88
CA ASP M 69 -92.98 -39.94 16.60
C ASP M 69 -93.10 -40.36 18.09
N ALA M 70 -91.96 -40.69 18.71
CA ALA M 70 -91.88 -40.92 20.16
C ALA M 70 -91.83 -39.59 20.92
N PHE M 71 -92.50 -38.56 20.37
CA PHE M 71 -92.56 -37.22 20.97
C PHE M 71 -93.24 -37.20 22.34
N GLU M 72 -92.40 -37.35 23.36
CA GLU M 72 -92.75 -37.02 24.73
C GLU M 72 -92.37 -35.54 24.86
N ILE M 73 -93.23 -34.66 24.34
CA ILE M 73 -92.95 -33.20 24.21
C ILE M 73 -92.06 -32.87 22.99
N GLY M 74 -90.94 -33.59 22.82
CA GLY M 74 -89.94 -33.24 21.80
C GLY M 74 -89.18 -34.31 21.05
N SER M 75 -88.00 -33.93 20.56
CA SER M 75 -87.15 -34.76 19.69
C SER M 75 -85.66 -34.62 19.98
N VAL M 76 -84.91 -35.72 19.84
CA VAL M 76 -83.45 -35.75 20.10
C VAL M 76 -82.68 -36.40 18.95
N GLU M 77 -81.68 -35.68 18.43
CA GLU M 77 -80.72 -36.20 17.44
C GLU M 77 -79.29 -36.25 17.99
N VAL M 78 -78.54 -37.25 17.53
CA VAL M 78 -77.12 -37.39 17.83
C VAL M 78 -76.40 -37.73 16.51
N SER M 79 -75.45 -36.88 16.11
CA SER M 79 -74.62 -37.06 14.90
C SER M 79 -73.16 -37.41 15.20
N TYR M 80 -72.54 -38.17 14.30
CA TYR M 80 -71.13 -38.46 14.37
C TYR M 80 -70.58 -38.61 12.96
N SER M 81 -69.48 -37.91 12.68
CA SER M 81 -68.71 -38.11 11.43
C SER M 81 -67.19 -38.21 11.64
N HIS M 82 -66.54 -38.95 10.74
CA HIS M 82 -65.08 -39.04 10.65
C HIS M 82 -64.66 -38.80 9.20
N SER M 83 -63.71 -37.90 9.00
CA SER M 83 -63.09 -37.70 7.68
C SER M 83 -61.57 -37.81 7.71
N HIS M 84 -61.02 -38.27 6.58
CA HIS M 84 -59.60 -38.53 6.42
C HIS M 84 -59.19 -38.11 5.02
N GLN M 85 -58.36 -37.08 4.97
CA GLN M 85 -57.83 -36.53 3.72
C GLN M 85 -56.30 -36.70 3.64
N LYS M 86 -55.85 -37.19 2.49
CA LYS M 86 -54.43 -37.31 2.16
C LYS M 86 -54.15 -36.45 0.95
N SER M 87 -53.10 -35.63 1.07
CA SER M 87 -52.76 -34.63 0.06
C SER M 87 -51.28 -34.78 -0.31
N GLN M 88 -50.98 -34.74 -1.60
CA GLN M 88 -49.61 -34.93 -2.10
C GLN M 88 -49.27 -33.86 -3.15
N VAL M 89 -48.35 -32.96 -2.79
CA VAL M 89 -47.98 -31.80 -3.62
C VAL M 89 -46.54 -31.93 -4.13
N SER M 90 -46.37 -31.83 -5.44
CA SER M 90 -45.05 -31.91 -6.07
C SER M 90 -44.76 -30.67 -6.89
N MET M 91 -43.66 -30.00 -6.58
CA MET M 91 -43.29 -28.74 -7.25
C MET M 91 -41.92 -28.80 -7.90
N THR M 92 -41.83 -28.24 -9.12
CA THR M 92 -40.59 -28.04 -9.86
C THR M 92 -40.46 -26.56 -10.22
N GLN M 93 -39.34 -25.94 -9.82
CA GLN M 93 -39.05 -24.55 -10.13
C GLN M 93 -37.77 -24.43 -10.93
N THR M 94 -37.79 -23.52 -11.90
CA THR M 94 -36.63 -23.22 -12.73
C THR M 94 -36.43 -21.72 -12.75
N GLU M 95 -35.26 -21.25 -12.29
CA GLU M 95 -34.82 -19.88 -12.56
C GLU M 95 -33.53 -19.79 -13.32
N VAL M 96 -33.51 -18.88 -14.28
CA VAL M 96 -32.27 -18.42 -14.92
C VAL M 96 -32.21 -16.90 -14.81
N TYR M 97 -31.00 -16.39 -14.60
CA TYR M 97 -30.75 -14.95 -14.47
C TYR M 97 -29.46 -14.49 -15.14
N SER M 98 -29.46 -13.24 -15.60
CA SER M 98 -28.24 -12.55 -16.01
C SER M 98 -28.20 -11.09 -15.51
N SER M 99 -26.99 -10.51 -15.54
CA SER M 99 -26.72 -9.11 -15.19
C SER M 99 -25.54 -8.63 -15.99
N LYS M 100 -25.60 -7.37 -16.43
CA LYS M 100 -24.45 -6.62 -16.92
C LYS M 100 -24.30 -5.38 -16.05
N VAL M 101 -23.08 -5.14 -15.58
CA VAL M 101 -22.76 -4.02 -14.70
C VAL M 101 -21.55 -3.28 -15.30
N ILE M 102 -21.72 -1.99 -15.55
CA ILE M 102 -20.67 -1.12 -16.01
C ILE M 102 -20.32 -0.14 -14.87
N GLU M 103 -19.04 -0.11 -14.49
CA GLU M 103 -18.48 0.82 -13.50
C GLU M 103 -17.42 1.69 -14.15
N HIS M 104 -17.56 2.99 -14.00
CA HIS M 104 -16.52 3.94 -14.37
C HIS M 104 -16.11 4.73 -13.15
N THR M 105 -14.81 4.78 -12.89
CA THR M 105 -14.23 5.66 -11.86
C THR M 105 -13.27 6.66 -12.50
N ILE M 106 -13.47 7.93 -12.15
CA ILE M 106 -12.68 9.04 -12.68
C ILE M 106 -12.37 10.03 -11.55
N THR M 107 -11.24 10.72 -11.64
CA THR M 107 -10.96 11.82 -10.73
C THR M 107 -11.25 13.14 -11.44
N ILE M 108 -12.28 13.84 -10.98
CA ILE M 108 -12.58 15.15 -11.52
C ILE M 108 -11.74 16.18 -10.75
N PRO M 109 -10.80 16.86 -11.44
CA PRO M 109 -9.97 17.91 -10.83
C PRO M 109 -10.82 19.13 -10.45
N PRO M 110 -10.24 20.08 -9.66
CA PRO M 110 -10.95 21.30 -9.22
C PRO M 110 -11.38 22.18 -10.40
N THR M 111 -12.36 23.05 -10.15
CA THR M 111 -12.97 23.93 -11.18
C THR M 111 -13.23 23.24 -12.52
N SER M 112 -13.87 22.07 -12.47
CA SER M 112 -14.08 21.24 -13.66
C SER M 112 -15.49 20.71 -13.78
N LYS M 113 -15.92 20.52 -15.03
CA LYS M 113 -17.22 19.98 -15.38
C LYS M 113 -17.06 18.59 -15.95
N PHE M 114 -17.90 17.66 -15.51
CA PHE M 114 -17.96 16.33 -16.09
C PHE M 114 -19.35 16.10 -16.67
N THR M 115 -19.39 15.50 -17.87
CA THR M 115 -20.65 15.22 -18.56
C THR M 115 -20.68 13.78 -19.14
N ARG M 116 -21.77 13.05 -18.86
CA ARG M 116 -22.04 11.73 -19.44
C ARG M 116 -23.23 11.88 -20.38
N TRP M 117 -23.06 11.46 -21.63
CA TRP M 117 -24.17 11.33 -22.56
C TRP M 117 -24.33 9.86 -22.90
N GLN M 118 -25.54 9.34 -22.73
CA GLN M 118 -25.83 7.97 -23.11
C GLN M 118 -26.69 8.02 -24.35
N LEU M 119 -26.10 7.55 -25.44
CA LEU M 119 -26.79 7.43 -26.70
C LEU M 119 -27.16 5.96 -26.97
N ASN M 120 -27.90 5.75 -28.03
CA ASN M 120 -28.31 4.43 -28.47
C ASN M 120 -28.08 4.32 -29.96
N ALA M 121 -27.07 3.53 -30.35
CA ALA M 121 -26.62 3.49 -31.73
C ALA M 121 -27.32 2.40 -32.51
N ASP M 122 -27.90 2.80 -33.63
CA ASP M 122 -28.59 1.90 -34.54
C ASP M 122 -27.68 1.72 -35.75
N VAL M 123 -27.24 0.49 -36.01
CA VAL M 123 -26.40 0.20 -37.16
C VAL M 123 -27.34 -0.03 -38.35
N GLY M 124 -27.20 0.83 -39.35
CA GLY M 124 -28.11 0.87 -40.52
C GLY M 124 -28.06 -0.38 -41.36
N GLY M 125 -29.22 -0.95 -41.69
CA GLY M 125 -29.30 -2.16 -42.51
C GLY M 125 -28.98 -3.48 -41.80
N ALA M 126 -27.93 -3.48 -40.97
CA ALA M 126 -27.48 -4.67 -40.23
C ALA M 126 -28.48 -5.18 -39.20
N GLY M 127 -29.31 -4.29 -38.67
CA GLY M 127 -30.34 -4.65 -37.69
C GLY M 127 -29.76 -5.11 -36.37
N ILE M 128 -28.72 -4.41 -35.94
CA ILE M 128 -28.09 -4.61 -34.65
C ILE M 128 -27.92 -3.25 -34.01
N GLU M 129 -27.89 -3.22 -32.69
CA GLU M 129 -27.75 -1.96 -31.96
C GLU M 129 -26.88 -2.10 -30.73
N TYR M 130 -26.29 -0.98 -30.31
CA TYR M 130 -25.46 -0.97 -29.12
C TYR M 130 -25.57 0.31 -28.29
N MET M 131 -25.26 0.19 -27.00
CA MET M 131 -25.15 1.33 -26.10
C MET M 131 -23.87 2.12 -26.41
N TYR M 132 -24.03 3.43 -26.57
CA TYR M 132 -22.92 4.31 -26.89
C TYR M 132 -22.84 5.34 -25.78
N LEU M 133 -21.70 5.35 -25.11
CA LEU M 133 -21.50 6.14 -23.91
C LEU M 133 -20.39 7.15 -24.10
N ILE M 134 -20.65 8.41 -23.76
CA ILE M 134 -19.65 9.48 -23.93
C ILE M 134 -19.42 10.24 -22.62
N ASP M 135 -18.23 10.10 -22.06
CA ASP M 135 -17.77 10.89 -20.91
C ASP M 135 -16.76 11.93 -21.33
N GLU M 136 -16.79 13.07 -20.68
CA GLU M 136 -15.81 14.14 -20.90
C GLU M 136 -15.64 15.03 -19.69
N VAL M 137 -14.39 15.35 -19.37
CA VAL M 137 -14.04 16.33 -18.34
C VAL M 137 -13.37 17.52 -19.01
N THR M 138 -13.85 18.72 -18.69
CA THR M 138 -13.33 20.01 -19.19
C THR M 138 -13.38 21.06 -18.07
N PRO M 139 -12.69 22.21 -18.23
CA PRO M 139 -12.85 23.25 -17.21
C PRO M 139 -14.21 23.94 -17.33
N ILE M 140 -14.66 24.58 -16.25
CA ILE M 140 -15.97 25.24 -16.20
C ILE M 140 -15.94 26.47 -17.08
N GLY M 141 -17.04 26.70 -17.81
CA GLY M 141 -17.13 27.80 -18.78
C GLY M 141 -17.29 27.22 -20.17
N GLY M 142 -17.33 28.10 -21.17
CA GLY M 142 -17.66 27.71 -22.54
C GLY M 142 -19.15 27.44 -22.73
N THR M 143 -19.52 27.09 -23.96
CA THR M 143 -20.89 26.67 -24.28
C THR M 143 -20.95 25.15 -24.28
N GLN M 144 -21.94 24.60 -23.56
CA GLN M 144 -22.17 23.16 -23.56
C GLN M 144 -22.54 22.65 -24.96
N SER M 145 -21.96 21.52 -25.36
CA SER M 145 -22.36 20.86 -26.59
C SER M 145 -23.02 19.49 -26.34
N ILE M 146 -24.30 19.39 -26.70
CA ILE M 146 -25.11 18.20 -26.43
C ILE M 146 -25.44 17.48 -27.74
N PRO M 147 -25.04 16.20 -27.85
CA PRO M 147 -25.40 15.42 -29.04
C PRO M 147 -26.76 14.73 -28.86
N GLN M 148 -27.81 15.25 -29.49
CA GLN M 148 -29.13 14.61 -29.41
C GLN M 148 -29.17 13.43 -30.38
N VAL M 149 -28.62 13.67 -31.59
CA VAL M 149 -28.47 12.63 -32.61
C VAL M 149 -27.07 12.78 -33.23
N ILE M 150 -26.19 11.82 -32.95
CA ILE M 150 -24.88 11.74 -33.62
C ILE M 150 -24.90 10.58 -34.60
N THR M 151 -24.38 10.83 -35.79
CA THR M 151 -24.54 9.93 -36.92
C THR M 151 -23.17 9.81 -37.62
N SER M 152 -22.71 8.58 -37.85
CA SER M 152 -21.28 8.30 -38.12
C SER M 152 -21.04 7.09 -39.03
N ARG M 153 -19.84 6.99 -39.63
CA ARG M 153 -19.49 5.88 -40.55
C ARG M 153 -18.99 4.60 -39.87
N ALA M 154 -19.29 3.45 -40.47
CA ALA M 154 -18.78 2.14 -40.03
C ALA M 154 -18.73 1.09 -41.13
N LYS M 155 -17.73 0.22 -41.08
CA LYS M 155 -17.70 -0.99 -41.91
C LYS M 155 -18.10 -2.24 -41.09
N ILE M 156 -19.07 -3.00 -41.62
CA ILE M 156 -19.51 -4.23 -40.95
C ILE M 156 -19.04 -5.44 -41.75
N ILE M 157 -18.37 -6.35 -41.05
CA ILE M 157 -18.08 -7.68 -41.58
C ILE M 157 -19.34 -8.53 -41.40
N VAL M 158 -19.96 -8.89 -42.52
CA VAL M 158 -21.26 -9.56 -42.55
C VAL M 158 -21.17 -11.05 -42.89
N GLY M 159 -22.25 -11.77 -42.59
CA GLY M 159 -22.35 -13.20 -42.86
C GLY M 159 -22.42 -13.61 -44.32
N ARG M 160 -22.17 -14.90 -44.56
CA ARG M 160 -22.27 -15.52 -45.89
C ARG M 160 -23.70 -15.34 -46.35
N GLN M 161 -23.86 -14.95 -47.61
CA GLN M 161 -25.17 -14.60 -48.15
C GLN M 161 -26.05 -15.82 -48.41
N ILE M 162 -27.31 -15.73 -47.98
CA ILE M 162 -28.31 -16.75 -48.31
C ILE M 162 -28.88 -16.41 -49.68
N ILE M 163 -28.35 -17.08 -50.71
CA ILE M 163 -28.84 -16.96 -52.08
C ILE M 163 -30.17 -17.69 -52.20
N LEU M 164 -31.20 -16.93 -52.58
CA LEU M 164 -32.57 -17.44 -52.63
C LEU M 164 -32.72 -18.50 -53.71
N GLY M 165 -33.27 -19.64 -53.31
CA GLY M 165 -33.42 -20.77 -54.21
C GLY M 165 -32.23 -21.71 -54.32
N LYS M 166 -31.06 -21.28 -53.83
CA LYS M 166 -29.82 -22.08 -53.96
C LYS M 166 -29.27 -22.59 -52.60
N THR M 167 -28.91 -21.66 -51.70
CA THR M 167 -28.15 -22.00 -50.49
C THR M 167 -29.04 -22.62 -49.41
N GLU M 168 -28.59 -23.75 -48.89
CA GLU M 168 -29.36 -24.53 -47.92
C GLU M 168 -29.11 -23.95 -46.52
N ILE M 169 -30.20 -23.80 -45.76
CA ILE M 169 -30.13 -23.22 -44.41
C ILE M 169 -30.82 -24.08 -43.37
N ARG M 170 -30.42 -23.88 -42.11
CA ARG M 170 -31.16 -24.37 -40.95
C ARG M 170 -31.97 -23.23 -40.36
N ILE M 171 -33.08 -23.58 -39.70
CA ILE M 171 -33.89 -22.59 -39.01
C ILE M 171 -33.95 -22.93 -37.52
N LYS M 172 -33.37 -22.05 -36.71
CA LYS M 172 -33.35 -22.20 -35.26
C LYS M 172 -34.27 -21.18 -34.65
N HIS M 173 -35.09 -21.65 -33.70
CA HIS M 173 -35.87 -20.80 -32.82
C HIS M 173 -34.92 -20.05 -31.89
N ALA M 174 -35.02 -18.72 -31.88
CA ALA M 174 -34.06 -17.85 -31.16
C ALA M 174 -34.04 -18.05 -29.64
N GLU M 175 -35.23 -17.98 -29.03
CA GLU M 175 -35.36 -18.13 -27.59
C GLU M 175 -35.09 -19.55 -27.11
N ARG M 176 -35.65 -20.54 -27.79
CA ARG M 176 -35.57 -21.93 -27.36
C ARG M 176 -34.27 -22.63 -27.74
N LYS M 177 -33.53 -22.03 -28.69
CA LYS M 177 -32.28 -22.60 -29.23
C LYS M 177 -32.44 -24.04 -29.74
N GLU M 178 -33.55 -24.28 -30.42
CA GLU M 178 -33.90 -25.58 -31.00
C GLU M 178 -34.21 -25.38 -32.49
N TYR M 179 -34.10 -26.46 -33.26
CA TYR M 179 -34.26 -26.37 -34.71
C TYR M 179 -35.65 -26.76 -35.19
N MET M 180 -36.02 -26.18 -36.33
CA MET M 180 -37.24 -26.53 -37.04
C MET M 180 -36.97 -27.82 -37.78
N THR M 181 -37.77 -28.83 -37.45
CA THR M 181 -37.65 -30.16 -37.99
C THR M 181 -38.99 -30.52 -38.62
N VAL M 182 -38.98 -31.59 -39.43
CA VAL M 182 -40.18 -32.08 -40.07
C VAL M 182 -40.54 -33.44 -39.48
N VAL M 183 -41.76 -33.52 -38.94
CA VAL M 183 -42.34 -34.79 -38.51
C VAL M 183 -43.69 -35.03 -39.21
N SER M 184 -44.42 -36.04 -38.74
CA SER M 184 -45.68 -36.41 -39.37
C SER M 184 -46.80 -36.34 -38.34
N ARG M 185 -47.73 -35.42 -38.55
CA ARG M 185 -49.00 -35.41 -37.83
C ARG M 185 -50.15 -35.70 -38.81
N LYS M 186 -51.07 -36.56 -38.36
CA LYS M 186 -52.22 -37.05 -39.14
C LYS M 186 -51.76 -37.40 -40.57
N SER M 187 -50.68 -38.18 -40.62
CA SER M 187 -49.92 -38.56 -41.83
C SER M 187 -49.70 -37.45 -42.91
N TRP M 188 -49.39 -36.25 -42.43
CA TRP M 188 -48.94 -35.16 -43.30
C TRP M 188 -47.64 -34.65 -42.75
N PRO M 189 -46.75 -34.12 -43.61
CA PRO M 189 -45.52 -33.54 -43.05
C PRO M 189 -45.85 -32.27 -42.26
N ALA M 190 -45.47 -32.28 -40.99
CA ALA M 190 -45.74 -31.20 -40.03
C ALA M 190 -44.45 -30.62 -39.43
N ALA M 191 -44.46 -29.31 -39.18
CA ALA M 191 -43.32 -28.64 -38.54
C ALA M 191 -43.40 -28.76 -37.02
N THR M 192 -42.26 -29.11 -36.43
CA THR M 192 -42.09 -29.15 -34.98
C THR M 192 -40.64 -28.76 -34.60
N LEU M 193 -40.40 -28.49 -33.32
CA LEU M 193 -39.04 -28.16 -32.85
C LEU M 193 -38.30 -29.39 -32.34
N GLY M 194 -36.99 -29.42 -32.59
CA GLY M 194 -36.13 -30.52 -32.10
C GLY M 194 -34.64 -30.19 -32.05
N HIS M 195 -33.84 -31.17 -31.62
CA HIS M 195 -32.39 -30.97 -31.46
C HIS M 195 -31.54 -31.29 -32.68
N SER M 196 -32.11 -32.02 -33.63
CA SER M 196 -31.40 -32.46 -34.83
C SER M 196 -30.87 -31.31 -35.71
N LYS M 197 -29.57 -31.34 -35.98
CA LYS M 197 -28.96 -30.38 -36.90
C LYS M 197 -29.10 -30.85 -38.36
N LEU M 198 -30.03 -31.77 -38.62
CA LEU M 198 -30.10 -32.49 -39.91
C LEU M 198 -31.19 -32.05 -40.88
N PHE M 199 -32.14 -31.26 -40.39
CA PHE M 199 -33.23 -30.78 -41.21
C PHE M 199 -32.84 -29.44 -41.84
N LYS M 200 -32.62 -29.47 -43.15
CA LYS M 200 -32.25 -28.31 -43.96
C LYS M 200 -33.48 -27.75 -44.67
N PHE M 201 -33.40 -26.48 -45.08
CA PHE M 201 -34.46 -25.79 -45.80
C PHE M 201 -33.86 -24.94 -46.92
N VAL M 202 -34.71 -24.51 -47.86
CA VAL M 202 -34.31 -23.53 -48.87
C VAL M 202 -35.38 -22.44 -48.95
N LEU M 203 -34.95 -21.18 -48.98
CA LEU M 203 -35.86 -20.04 -49.08
C LEU M 203 -36.04 -19.57 -50.52
N TYR M 204 -37.30 -19.33 -50.90
CA TYR M 204 -37.67 -18.82 -52.23
C TYR M 204 -38.46 -17.54 -52.09
N GLU M 205 -38.33 -16.65 -53.07
CA GLU M 205 -39.22 -15.50 -53.19
C GLU M 205 -39.78 -15.40 -54.63
N ASP M 206 -41.10 -15.19 -54.71
CA ASP M 206 -41.78 -14.81 -55.95
C ASP M 206 -42.71 -13.62 -55.72
N TRP M 207 -43.58 -13.34 -56.68
CA TRP M 207 -44.47 -12.17 -56.63
C TRP M 207 -45.49 -12.17 -55.48
N GLY M 208 -45.77 -13.33 -54.90
CA GLY M 208 -46.73 -13.43 -53.80
C GLY M 208 -46.14 -13.47 -52.39
N GLY M 209 -44.81 -13.46 -52.29
CA GLY M 209 -44.10 -13.55 -50.99
C GLY M 209 -42.95 -14.55 -50.96
N PHE M 210 -42.59 -14.98 -49.75
CA PHE M 210 -41.47 -15.91 -49.50
C PHE M 210 -41.98 -17.30 -49.15
N ARG M 211 -41.25 -18.34 -49.54
CA ARG M 211 -41.61 -19.71 -49.12
C ARG M 211 -40.46 -20.43 -48.44
N ILE M 212 -40.84 -21.21 -47.42
CA ILE M 212 -39.94 -22.10 -46.70
C ILE M 212 -40.14 -23.49 -47.31
N LYS M 213 -39.10 -24.03 -47.92
CA LYS M 213 -39.16 -25.36 -48.53
C LYS M 213 -38.26 -26.33 -47.77
N THR M 214 -38.86 -27.39 -47.24
CA THR M 214 -38.08 -28.44 -46.58
C THR M 214 -37.43 -29.38 -47.59
N LEU M 215 -36.29 -29.91 -47.20
CA LEU M 215 -35.59 -30.90 -47.99
C LEU M 215 -35.63 -32.25 -47.30
N ASN M 216 -36.54 -32.40 -46.34
CA ASN M 216 -36.58 -33.56 -45.45
C ASN M 216 -38.00 -34.07 -45.26
N THR M 217 -38.80 -33.97 -46.32
CA THR M 217 -40.19 -34.43 -46.28
C THR M 217 -40.29 -35.93 -46.51
N MET M 218 -41.31 -36.54 -45.89
CA MET M 218 -41.49 -38.00 -46.02
C MET M 218 -42.54 -38.42 -47.05
N TYR M 219 -43.24 -37.45 -47.63
CA TYR M 219 -44.09 -37.67 -48.81
C TYR M 219 -43.63 -36.68 -49.88
N SER M 220 -43.04 -37.22 -50.94
CA SER M 220 -42.47 -36.44 -52.04
C SER M 220 -43.38 -35.35 -52.54
N GLY M 221 -42.78 -34.20 -52.84
CA GLY M 221 -43.48 -33.03 -53.40
C GLY M 221 -44.20 -32.14 -52.40
N TYR M 222 -44.46 -32.67 -51.20
CA TYR M 222 -45.10 -31.93 -50.10
C TYR M 222 -44.03 -31.26 -49.24
N GLU M 223 -43.56 -30.10 -49.69
CA GLU M 223 -42.30 -29.53 -49.21
C GLU M 223 -42.36 -28.05 -48.77
N TYR M 224 -43.41 -27.33 -49.16
CA TYR M 224 -43.55 -25.91 -48.84
C TYR M 224 -44.39 -25.71 -47.59
N ALA M 225 -43.86 -24.92 -46.65
CA ALA M 225 -44.53 -24.65 -45.36
C ALA M 225 -45.75 -23.74 -45.49
N TYR M 226 -46.84 -24.15 -44.83
CA TYR M 226 -48.12 -23.44 -44.90
C TYR M 226 -48.93 -23.53 -43.61
N SER M 227 -49.86 -22.60 -43.45
CA SER M 227 -50.67 -22.53 -42.27
C SER M 227 -52.02 -23.18 -42.50
N SER M 228 -52.36 -24.13 -41.65
CA SER M 228 -53.66 -24.78 -41.67
C SER M 228 -54.74 -23.82 -41.14
N ASP M 229 -56.01 -24.19 -41.33
CA ASP M 229 -57.13 -23.35 -40.90
C ASP M 229 -57.28 -23.24 -39.38
N GLN M 230 -56.66 -24.17 -38.66
CA GLN M 230 -56.58 -24.12 -37.20
C GLN M 230 -55.21 -23.65 -36.65
N GLY M 231 -54.24 -23.48 -37.55
CA GLY M 231 -52.98 -22.80 -37.21
C GLY M 231 -51.68 -23.55 -37.38
N GLY M 232 -51.75 -24.88 -37.30
CA GLY M 232 -50.59 -25.76 -37.45
C GLY M 232 -49.86 -25.57 -38.76
N ILE M 233 -48.54 -25.74 -38.73
CA ILE M 233 -47.71 -25.64 -39.93
C ILE M 233 -47.52 -27.02 -40.53
N TYR M 234 -47.92 -27.16 -41.79
CA TYR M 234 -47.69 -28.37 -42.58
C TYR M 234 -46.91 -28.06 -43.84
N PHE M 235 -46.56 -29.10 -44.58
CA PHE M 235 -45.86 -28.95 -45.84
C PHE M 235 -46.70 -29.48 -47.00
N ASP M 236 -46.87 -28.63 -48.01
CA ASP M 236 -47.78 -28.88 -49.12
C ASP M 236 -46.99 -28.81 -50.44
N GLN M 237 -47.63 -29.22 -51.54
CA GLN M 237 -47.08 -29.02 -52.87
C GLN M 237 -47.18 -27.56 -53.28
N GLY M 238 -46.29 -27.16 -54.19
CA GLY M 238 -46.19 -25.77 -54.64
C GLY M 238 -47.38 -25.27 -55.42
N THR M 239 -48.19 -24.44 -54.77
CA THR M 239 -49.38 -23.83 -55.37
C THR M 239 -49.16 -22.33 -55.44
N ASP M 240 -50.21 -21.57 -55.81
CA ASP M 240 -50.18 -20.10 -55.83
C ASP M 240 -50.80 -19.51 -54.58
N ASN M 241 -51.69 -20.28 -53.96
CA ASN M 241 -52.28 -19.99 -52.65
C ASN M 241 -51.31 -19.24 -51.68
N PRO M 242 -51.71 -18.03 -51.21
CA PRO M 242 -50.85 -17.28 -50.28
C PRO M 242 -50.74 -17.85 -48.86
N LYS M 243 -51.56 -18.84 -48.51
CA LYS M 243 -51.41 -19.54 -47.22
C LYS M 243 -50.05 -20.25 -47.07
N GLN M 244 -49.35 -20.47 -48.20
CA GLN M 244 -47.97 -21.01 -48.22
C GLN M 244 -46.89 -19.96 -48.51
N ARG M 245 -47.30 -18.70 -48.45
CA ARG M 245 -46.38 -17.58 -48.56
C ARG M 245 -46.25 -16.73 -47.29
N TRP M 246 -45.08 -16.11 -47.12
CA TRP M 246 -44.74 -15.39 -45.90
C TRP M 246 -44.03 -14.09 -46.22
N ALA M 247 -44.21 -13.10 -45.34
CA ALA M 247 -43.48 -11.84 -45.35
C ALA M 247 -42.44 -11.79 -44.21
N ILE M 248 -41.23 -11.36 -44.56
CA ILE M 248 -40.14 -11.29 -43.59
C ILE M 248 -40.02 -9.87 -43.04
N ASN M 249 -39.15 -9.71 -42.05
CA ASN M 249 -38.96 -8.42 -41.36
C ASN M 249 -37.86 -7.54 -41.94
N LYS M 250 -36.92 -8.17 -42.65
CA LYS M 250 -35.67 -7.55 -43.09
C LYS M 250 -35.73 -7.23 -44.59
N SER M 251 -34.90 -6.29 -45.04
CA SER M 251 -34.65 -6.10 -46.47
C SER M 251 -33.61 -7.11 -46.96
N LEU M 252 -33.70 -7.51 -48.23
CA LEU M 252 -32.70 -8.43 -48.79
C LEU M 252 -31.34 -7.71 -48.99
N PRO M 253 -30.21 -8.45 -48.92
CA PRO M 253 -30.07 -9.91 -48.86
C PRO M 253 -30.16 -10.46 -47.43
N LEU M 254 -30.59 -11.71 -47.34
CA LEU M 254 -30.50 -12.44 -46.09
C LEU M 254 -29.09 -13.03 -45.97
N ARG M 255 -28.60 -13.12 -44.73
CA ARG M 255 -27.22 -13.51 -44.43
C ARG M 255 -27.17 -14.49 -43.26
N HIS M 256 -26.10 -15.28 -43.14
CA HIS M 256 -25.96 -16.22 -42.02
C HIS M 256 -26.12 -15.48 -40.70
N GLY M 257 -26.91 -16.06 -39.81
CA GLY M 257 -27.10 -15.51 -38.46
C GLY M 257 -28.19 -14.48 -38.31
N ASP M 258 -28.80 -14.05 -39.43
CA ASP M 258 -29.87 -13.06 -39.40
C ASP M 258 -31.04 -13.49 -38.54
N VAL M 259 -31.45 -12.59 -37.64
CA VAL M 259 -32.72 -12.75 -36.91
C VAL M 259 -33.85 -12.28 -37.81
N VAL M 260 -34.76 -13.22 -38.08
CA VAL M 260 -35.88 -12.96 -38.96
C VAL M 260 -37.19 -13.38 -38.30
N THR M 261 -38.30 -12.86 -38.82
CA THR M 261 -39.61 -13.40 -38.49
C THR M 261 -40.42 -13.62 -39.76
N PHE M 262 -41.37 -14.55 -39.67
CA PHE M 262 -42.23 -14.92 -40.80
C PHE M 262 -43.69 -14.62 -40.48
N MET M 263 -44.22 -13.58 -41.14
CA MET M 263 -45.65 -13.25 -41.06
C MET M 263 -46.36 -13.90 -42.25
N ASN M 264 -47.52 -14.53 -42.01
CA ASN M 264 -48.25 -15.23 -43.07
C ASN M 264 -48.93 -14.27 -44.05
N LYS M 265 -48.75 -14.49 -45.35
CA LYS M 265 -49.34 -13.60 -46.36
C LYS M 265 -50.87 -13.62 -46.43
N TYR M 266 -51.49 -14.77 -46.11
CA TYR M 266 -52.94 -14.86 -46.13
C TYR M 266 -53.51 -14.41 -44.80
N PHE M 267 -53.22 -15.12 -43.72
CA PHE M 267 -53.62 -14.68 -42.38
C PHE M 267 -52.60 -13.65 -41.89
N THR M 268 -52.80 -12.39 -42.31
CA THR M 268 -51.82 -11.31 -42.13
C THR M 268 -51.52 -10.94 -40.67
N ARG M 269 -52.48 -11.20 -39.77
CA ARG M 269 -52.35 -10.95 -38.34
C ARG M 269 -51.43 -11.93 -37.59
N SER M 270 -51.14 -13.06 -38.25
CA SER M 270 -50.44 -14.17 -37.63
C SER M 270 -49.04 -14.44 -38.19
N GLY M 271 -48.17 -14.94 -37.31
CA GLY M 271 -46.78 -15.21 -37.62
C GLY M 271 -46.26 -16.50 -37.02
N LEU M 272 -45.15 -16.99 -37.59
CA LEU M 272 -44.52 -18.24 -37.21
C LEU M 272 -43.97 -18.15 -35.80
N CYS M 273 -44.38 -19.09 -34.94
CA CYS M 273 -44.11 -19.05 -33.50
C CYS M 273 -44.10 -20.44 -32.87
N TYR M 274 -43.67 -20.50 -31.61
CA TYR M 274 -43.75 -21.70 -30.78
C TYR M 274 -44.98 -21.65 -29.88
N ASP M 275 -45.63 -22.81 -29.71
CA ASP M 275 -46.70 -23.01 -28.73
C ASP M 275 -46.72 -24.50 -28.46
N ASP M 276 -46.91 -24.90 -27.21
CA ASP M 276 -47.04 -26.31 -26.90
C ASP M 276 -48.42 -26.90 -27.35
N GLY M 277 -48.50 -27.25 -28.63
CA GLY M 277 -49.72 -27.79 -29.23
C GLY M 277 -49.89 -29.27 -28.90
N PRO M 278 -51.00 -29.89 -29.34
CA PRO M 278 -51.32 -31.28 -28.99
C PRO M 278 -50.28 -32.34 -29.43
N ALA M 279 -49.58 -32.11 -30.54
CA ALA M 279 -48.64 -33.09 -31.09
C ALA M 279 -47.38 -32.48 -31.68
N THR M 280 -47.53 -31.29 -32.25
CA THR M 280 -46.39 -30.53 -32.77
C THR M 280 -46.42 -29.16 -32.10
N ASN M 281 -45.38 -28.36 -32.30
CA ASN M 281 -45.26 -27.07 -31.62
C ASN M 281 -44.79 -25.84 -32.43
N VAL M 282 -44.81 -25.94 -33.76
CA VAL M 282 -44.60 -24.76 -34.62
C VAL M 282 -45.97 -24.37 -35.21
N TYR M 283 -46.44 -23.19 -34.83
CA TYR M 283 -47.74 -22.70 -35.28
C TYR M 283 -47.65 -21.38 -36.01
N CYS M 284 -48.82 -20.92 -36.46
CA CYS M 284 -49.04 -19.60 -37.04
C CYS M 284 -50.33 -19.08 -36.40
N LEU M 285 -50.12 -18.23 -35.39
CA LEU M 285 -51.16 -17.73 -34.51
C LEU M 285 -51.22 -16.21 -34.46
N ASP M 286 -52.44 -15.69 -34.26
CA ASP M 286 -52.73 -14.26 -34.22
C ASP M 286 -51.93 -13.54 -33.15
N LYS M 287 -51.29 -12.45 -33.58
CA LYS M 287 -50.52 -11.54 -32.72
C LYS M 287 -49.18 -12.09 -32.23
N ARG M 288 -48.93 -13.38 -32.49
CA ARG M 288 -47.67 -14.03 -32.11
C ARG M 288 -46.69 -13.96 -33.29
N GLU M 289 -45.41 -13.76 -32.97
CA GLU M 289 -44.36 -13.46 -33.97
C GLU M 289 -42.97 -13.74 -33.38
N ASP M 290 -42.63 -15.01 -33.19
CA ASP M 290 -41.33 -15.41 -32.61
C ASP M 290 -40.17 -15.17 -33.56
N LYS M 291 -39.00 -14.91 -32.96
CA LYS M 291 -37.78 -14.60 -33.69
C LYS M 291 -37.07 -15.90 -34.04
N TRP M 292 -36.66 -16.02 -35.30
CA TRP M 292 -35.92 -17.19 -35.78
C TRP M 292 -34.55 -16.80 -36.33
N ILE M 293 -33.55 -17.64 -36.03
CA ILE M 293 -32.22 -17.50 -36.61
C ILE M 293 -32.00 -18.40 -37.84
N LEU M 294 -31.59 -17.80 -38.96
CA LEU M 294 -31.20 -18.54 -40.14
C LEU M 294 -29.71 -18.80 -40.16
N GLU M 295 -29.34 -20.08 -40.30
CA GLU M 295 -27.92 -20.45 -40.45
C GLU M 295 -27.61 -21.23 -41.74
N VAL M 296 -26.65 -20.71 -42.50
CA VAL M 296 -26.06 -21.38 -43.67
C VAL M 296 -25.35 -22.68 -43.25
N VAL M 297 -25.69 -23.81 -43.88
CA VAL M 297 -24.93 -25.05 -43.62
C VAL M 297 -23.61 -25.00 -44.37
N GLY M 298 -22.55 -25.48 -43.71
CA GLY M 298 -21.15 -25.36 -44.15
C GLY M 298 -20.83 -25.24 -45.64
N TYR N 10 -3.86 -40.36 -31.65
CA TYR N 10 -5.10 -39.52 -31.53
C TYR N 10 -5.30 -38.60 -32.74
N GLU N 11 -6.52 -38.58 -33.27
CA GLU N 11 -6.83 -37.77 -34.45
C GLU N 11 -7.32 -36.36 -34.10
N GLN N 12 -7.11 -35.45 -35.04
CA GLN N 12 -7.66 -34.09 -34.98
C GLN N 12 -8.15 -33.66 -36.35
N ILE N 13 -9.32 -33.02 -36.36
CA ILE N 13 -9.92 -32.52 -37.61
C ILE N 13 -9.87 -31.00 -37.71
N GLU N 14 -9.57 -30.51 -38.91
CA GLU N 14 -9.61 -29.09 -39.22
C GLU N 14 -11.00 -28.68 -39.57
N VAL N 15 -11.50 -27.67 -38.88
CA VAL N 15 -12.83 -27.18 -39.12
C VAL N 15 -12.85 -25.66 -39.04
N ASP N 16 -13.88 -25.01 -39.61
CA ASP N 16 -14.11 -23.59 -39.31
C ASP N 16 -15.17 -23.37 -38.26
N VAL N 17 -14.87 -22.41 -37.39
CA VAL N 17 -15.76 -21.89 -36.36
C VAL N 17 -16.33 -20.56 -36.86
N VAL N 18 -17.66 -20.44 -36.82
CA VAL N 18 -18.36 -19.24 -37.25
C VAL N 18 -18.94 -18.54 -36.02
N ALA N 19 -18.48 -17.32 -35.74
CA ALA N 19 -19.02 -16.51 -34.63
C ALA N 19 -20.03 -15.47 -35.11
N VAL N 20 -21.13 -15.34 -34.38
CA VAL N 20 -22.23 -14.41 -34.72
C VAL N 20 -22.41 -13.37 -33.60
N TRP N 21 -22.32 -12.08 -33.96
CA TRP N 21 -22.53 -10.92 -33.06
C TRP N 21 -23.82 -11.05 -32.28
N LYS N 22 -23.78 -10.79 -30.99
CA LYS N 22 -25.01 -10.84 -30.21
C LYS N 22 -25.23 -9.62 -29.31
N GLU N 23 -24.16 -8.87 -29.04
CA GLU N 23 -24.18 -7.73 -28.13
C GLU N 23 -22.99 -6.82 -28.36
N GLY N 24 -23.21 -5.52 -28.18
CA GLY N 24 -22.16 -4.51 -28.32
C GLY N 24 -22.27 -3.38 -27.33
N TYR N 25 -21.16 -2.66 -27.15
CA TYR N 25 -21.07 -1.52 -26.24
C TYR N 25 -19.85 -0.71 -26.62
N VAL N 26 -20.04 0.61 -26.76
CA VAL N 26 -18.93 1.51 -27.13
C VAL N 26 -18.85 2.65 -26.12
N TYR N 27 -17.63 2.95 -25.66
CA TYR N 27 -17.40 3.98 -24.67
C TYR N 27 -16.29 4.94 -25.12
N GLU N 28 -16.58 6.23 -25.14
CA GLU N 28 -15.60 7.25 -25.46
C GLU N 28 -15.28 8.07 -24.23
N ASN N 29 -14.00 8.16 -23.91
CA ASN N 29 -13.50 9.05 -22.88
C ASN N 29 -12.82 10.21 -23.58
N ARG N 30 -13.57 11.31 -23.71
CA ARG N 30 -13.16 12.50 -24.46
C ARG N 30 -12.29 13.47 -23.66
N GLY N 31 -12.37 13.37 -22.32
CA GLY N 31 -11.61 14.22 -21.40
C GLY N 31 -10.11 14.02 -21.46
N SER N 32 -9.37 14.79 -20.67
CA SER N 32 -7.91 14.64 -20.63
C SER N 32 -7.38 13.98 -19.32
N THR N 33 -8.27 13.30 -18.59
CA THR N 33 -7.86 12.36 -17.55
C THR N 33 -8.31 10.96 -17.95
N SER N 34 -7.63 9.94 -17.44
CA SER N 34 -7.97 8.56 -17.76
C SER N 34 -9.07 8.02 -16.83
N VAL N 35 -9.75 6.96 -17.25
CA VAL N 35 -10.84 6.40 -16.45
C VAL N 35 -10.64 4.91 -16.25
N ASP N 36 -11.09 4.42 -15.10
CA ASP N 36 -11.04 3.02 -14.73
C ASP N 36 -12.40 2.38 -14.93
N GLN N 37 -12.50 1.59 -15.99
CA GLN N 37 -13.74 0.90 -16.36
C GLN N 37 -13.74 -0.56 -15.93
N LYS N 38 -14.87 -1.00 -15.38
CA LYS N 38 -15.05 -2.36 -14.96
C LYS N 38 -16.40 -2.91 -15.44
N ILE N 39 -16.35 -3.73 -16.49
CA ILE N 39 -17.55 -4.44 -17.01
C ILE N 39 -17.65 -5.77 -16.28
N THR N 40 -18.87 -6.13 -15.86
CA THR N 40 -19.04 -7.34 -15.05
C THR N 40 -20.33 -8.14 -15.36
N ILE N 41 -20.17 -9.31 -15.98
CA ILE N 41 -21.30 -10.10 -16.51
C ILE N 41 -21.52 -11.42 -15.79
N THR N 42 -22.79 -11.70 -15.51
CA THR N 42 -23.21 -12.80 -14.65
C THR N 42 -24.31 -13.58 -15.36
N LYS N 43 -24.13 -14.90 -15.42
CA LYS N 43 -25.15 -15.84 -15.87
C LYS N 43 -25.26 -16.87 -14.76
N GLY N 44 -26.49 -17.20 -14.39
CA GLY N 44 -26.75 -18.16 -13.32
C GLY N 44 -28.08 -18.85 -13.44
N MET N 45 -28.28 -19.86 -12.58
CA MET N 45 -29.51 -20.66 -12.55
C MET N 45 -29.71 -21.33 -11.20
N LYS N 46 -30.98 -21.54 -10.85
CA LYS N 46 -31.35 -22.23 -9.61
C LYS N 46 -32.51 -23.19 -9.91
N ASN N 47 -32.42 -24.42 -9.36
CA ASN N 47 -33.42 -25.48 -9.55
C ASN N 47 -33.95 -25.98 -8.22
N VAL N 48 -35.28 -25.88 -8.03
CA VAL N 48 -35.94 -26.25 -6.76
C VAL N 48 -36.97 -27.35 -6.98
N ASN N 49 -36.92 -28.39 -6.14
CA ASN N 49 -37.96 -29.45 -6.14
C ASN N 49 -38.56 -29.69 -4.77
N SER N 50 -39.89 -29.69 -4.73
CA SER N 50 -40.68 -29.80 -3.51
C SER N 50 -41.51 -31.07 -3.48
N GLU N 51 -41.58 -31.66 -2.28
CA GLU N 51 -42.46 -32.77 -2.02
C GLU N 51 -43.14 -32.51 -0.69
N THR N 52 -44.43 -32.19 -0.75
CA THR N 52 -45.22 -31.90 0.45
C THR N 52 -46.39 -32.88 0.57
N ARG N 53 -46.37 -33.71 1.61
CA ARG N 53 -47.51 -34.62 1.90
C ARG N 53 -48.21 -34.34 3.20
N THR N 54 -49.53 -34.16 3.08
CA THR N 54 -50.40 -33.87 4.20
C THR N 54 -51.33 -35.05 4.51
N VAL N 55 -51.35 -35.45 5.78
CA VAL N 55 -52.29 -36.43 6.30
C VAL N 55 -53.16 -35.68 7.31
N THR N 56 -54.46 -35.68 7.06
CA THR N 56 -55.38 -34.88 7.89
C THR N 56 -56.70 -35.61 8.27
N ALA N 57 -56.94 -35.71 9.59
CA ALA N 57 -58.00 -36.54 10.16
C ALA N 57 -58.95 -35.74 11.05
N THR N 58 -60.25 -35.92 10.84
CA THR N 58 -61.29 -35.18 11.59
C THR N 58 -62.36 -36.10 12.23
N HIS N 59 -62.66 -35.86 13.52
CA HIS N 59 -63.79 -36.47 14.24
C HIS N 59 -64.83 -35.38 14.51
N SER N 60 -66.10 -35.61 14.18
CA SER N 60 -67.20 -34.72 14.61
C SER N 60 -68.33 -35.44 15.40
N ILE N 61 -68.76 -34.83 16.50
CA ILE N 61 -69.90 -35.30 17.30
C ILE N 61 -70.91 -34.15 17.32
N GLY N 62 -72.02 -34.31 16.61
CA GLY N 62 -73.15 -33.35 16.61
C GLY N 62 -74.38 -33.84 17.37
N SER N 63 -75.33 -32.93 17.62
CA SER N 63 -76.51 -33.21 18.45
C SER N 63 -77.54 -32.08 18.40
N THR N 64 -78.82 -32.40 18.26
CA THR N 64 -79.92 -31.40 18.31
C THR N 64 -81.13 -31.83 19.18
N ILE N 65 -81.48 -30.99 20.14
CA ILE N 65 -82.66 -31.18 21.00
C ILE N 65 -83.72 -30.18 20.54
N SER N 66 -84.92 -30.69 20.19
CA SER N 66 -86.01 -29.82 19.71
C SER N 66 -87.43 -30.17 20.22
N THR N 67 -88.39 -29.27 19.91
CA THR N 67 -89.81 -29.38 20.31
C THR N 67 -90.66 -30.03 19.22
N GLY N 68 -91.24 -31.18 19.55
CA GLY N 68 -92.26 -31.82 18.71
C GLY N 68 -93.61 -31.12 18.80
N ASP N 69 -94.69 -31.88 18.64
CA ASP N 69 -96.06 -31.34 18.60
C ASP N 69 -96.52 -30.55 19.85
N ALA N 70 -95.66 -30.49 20.88
CA ALA N 70 -95.93 -29.70 22.09
C ALA N 70 -95.78 -28.19 21.86
N PHE N 71 -96.06 -27.76 20.64
CA PHE N 71 -96.06 -26.34 20.31
C PHE N 71 -97.16 -25.58 21.05
N GLU N 72 -96.74 -24.78 22.03
CA GLU N 72 -97.57 -23.74 22.59
C GLU N 72 -97.32 -22.52 21.71
N ILE N 73 -97.93 -22.52 20.52
CA ILE N 73 -97.71 -21.50 19.46
C ILE N 73 -96.29 -21.52 18.85
N GLY N 74 -95.27 -21.93 19.62
CA GLY N 74 -93.86 -21.89 19.19
C GLY N 74 -93.03 -23.16 19.22
N SER N 75 -91.76 -23.04 18.84
CA SER N 75 -90.82 -24.17 18.80
C SER N 75 -89.40 -23.76 19.23
N VAL N 76 -88.79 -24.58 20.09
CA VAL N 76 -87.45 -24.34 20.65
C VAL N 76 -86.49 -25.44 20.17
N GLU N 77 -85.38 -25.02 19.54
CA GLU N 77 -84.30 -25.94 19.13
C GLU N 77 -82.97 -25.55 19.77
N VAL N 78 -82.17 -26.54 20.16
CA VAL N 78 -80.85 -26.32 20.76
C VAL N 78 -79.88 -27.34 20.16
N SER N 79 -78.78 -26.80 19.59
CA SER N 79 -77.71 -27.59 18.95
C SER N 79 -76.37 -27.51 19.71
N TYR N 80 -75.62 -28.60 19.68
CA TYR N 80 -74.25 -28.60 20.18
C TYR N 80 -73.41 -29.56 19.37
N SER N 81 -72.27 -29.04 18.89
CA SER N 81 -71.29 -29.86 18.17
C SER N 81 -69.85 -29.69 18.68
N HIS N 82 -69.04 -30.71 18.44
CA HIS N 82 -67.62 -30.67 18.77
C HIS N 82 -66.80 -31.46 17.73
N SER N 83 -65.77 -30.82 17.19
CA SER N 83 -64.88 -31.47 16.24
C SER N 83 -63.42 -31.41 16.66
N HIS N 84 -62.70 -32.48 16.33
CA HIS N 84 -61.28 -32.60 16.65
C HIS N 84 -60.52 -32.93 15.37
N GLN N 85 -59.63 -32.01 14.99
CA GLN N 85 -58.87 -32.11 13.75
C GLN N 85 -57.36 -32.28 14.01
N LYS N 86 -56.79 -33.36 13.49
CA LYS N 86 -55.34 -33.58 13.52
C LYS N 86 -54.76 -33.58 12.11
N SER N 87 -53.71 -32.77 11.92
CA SER N 87 -53.06 -32.58 10.63
C SER N 87 -51.53 -32.70 10.72
N GLN N 88 -50.93 -33.31 9.71
CA GLN N 88 -49.47 -33.56 9.69
C GLN N 88 -48.88 -33.36 8.28
N VAL N 89 -48.14 -32.25 8.14
CA VAL N 89 -47.51 -31.84 6.89
C VAL N 89 -46.03 -32.18 6.93
N SER N 90 -45.57 -32.94 5.94
CA SER N 90 -44.17 -33.30 5.78
C SER N 90 -43.62 -32.78 4.47
N MET N 91 -42.59 -31.93 4.57
CA MET N 91 -42.00 -31.28 3.40
C MET N 91 -40.53 -31.65 3.17
N THR N 92 -40.20 -31.84 1.88
CA THR N 92 -38.82 -32.05 1.42
C THR N 92 -38.56 -31.12 0.27
N GLN N 93 -37.62 -30.20 0.48
CA GLN N 93 -37.17 -29.27 -0.56
C GLN N 93 -35.72 -29.49 -0.92
N THR N 94 -35.45 -29.31 -2.20
CA THR N 94 -34.18 -29.66 -2.77
C THR N 94 -33.76 -28.60 -3.80
N GLU N 95 -32.65 -27.93 -3.53
CA GLU N 95 -32.17 -26.77 -4.30
C GLU N 95 -30.77 -27.05 -4.85
N VAL N 96 -30.56 -26.80 -6.14
CA VAL N 96 -29.20 -26.71 -6.72
C VAL N 96 -29.05 -25.45 -7.59
N TYR N 97 -27.90 -24.81 -7.46
CA TYR N 97 -27.61 -23.56 -8.14
C TYR N 97 -26.17 -23.47 -8.64
N SER N 98 -26.00 -22.76 -9.75
CA SER N 98 -24.71 -22.42 -10.28
C SER N 98 -24.72 -21.02 -10.89
N SER N 99 -23.53 -20.44 -11.00
CA SER N 99 -23.34 -19.14 -11.63
C SER N 99 -21.91 -19.01 -12.13
N LYS N 100 -21.75 -18.17 -13.15
CA LYS N 100 -20.47 -17.83 -13.73
C LYS N 100 -20.42 -16.30 -13.82
N VAL N 101 -19.42 -15.70 -13.20
CA VAL N 101 -19.20 -14.25 -13.23
C VAL N 101 -17.87 -13.94 -13.87
N ILE N 102 -17.88 -12.97 -14.79
CA ILE N 102 -16.68 -12.51 -15.49
C ILE N 102 -16.50 -10.99 -15.33
N GLU N 103 -15.38 -10.57 -14.73
CA GLU N 103 -15.00 -9.16 -14.56
C GLU N 103 -13.80 -8.83 -15.43
N HIS N 104 -13.91 -7.73 -16.17
CA HIS N 104 -12.79 -7.15 -16.88
C HIS N 104 -12.58 -5.72 -16.39
N THR N 105 -11.37 -5.46 -15.88
CA THR N 105 -10.95 -4.12 -15.41
C THR N 105 -9.87 -3.57 -16.33
N ILE N 106 -10.04 -2.32 -16.74
CA ILE N 106 -9.15 -1.70 -17.72
C ILE N 106 -9.04 -0.19 -17.43
N THR N 107 -7.90 0.40 -17.75
CA THR N 107 -7.79 1.86 -17.68
C THR N 107 -7.80 2.49 -19.08
N ILE N 108 -8.88 3.19 -19.38
CA ILE N 108 -9.01 3.84 -20.67
C ILE N 108 -8.28 5.18 -20.58
N PRO N 109 -7.23 5.38 -21.42
CA PRO N 109 -6.48 6.63 -21.43
C PRO N 109 -7.33 7.75 -21.97
N PRO N 110 -6.90 9.02 -21.76
CA PRO N 110 -7.60 10.20 -22.31
C PRO N 110 -7.78 10.11 -23.82
N THR N 111 -8.78 10.80 -24.35
CA THR N 111 -9.12 10.77 -25.79
C THR N 111 -9.00 9.39 -26.47
N SER N 112 -9.50 8.35 -25.79
CA SER N 112 -9.58 7.00 -26.32
C SER N 112 -11.00 6.45 -26.34
N LYS N 113 -11.25 5.53 -27.29
CA LYS N 113 -12.51 4.82 -27.45
C LYS N 113 -12.34 3.34 -27.10
N PHE N 114 -13.26 2.84 -26.28
CA PHE N 114 -13.31 1.43 -25.87
C PHE N 114 -14.50 0.75 -26.56
N THR N 115 -14.28 -0.41 -27.16
CA THR N 115 -15.38 -1.15 -27.77
C THR N 115 -15.36 -2.62 -27.33
N ARG N 116 -16.55 -3.16 -27.05
CA ARG N 116 -16.77 -4.56 -26.66
C ARG N 116 -17.73 -5.15 -27.69
N TRP N 117 -17.26 -6.18 -28.41
CA TRP N 117 -18.13 -7.01 -29.23
C TRP N 117 -18.18 -8.39 -28.60
N GLN N 118 -19.38 -8.90 -28.45
CA GLN N 118 -19.60 -10.18 -27.82
C GLN N 118 -20.36 -11.03 -28.81
N LEU N 119 -19.73 -12.09 -29.27
CA LEU N 119 -20.32 -12.93 -30.29
C LEU N 119 -20.50 -14.33 -29.76
N ASN N 120 -21.33 -15.12 -30.44
CA ASN N 120 -21.44 -16.54 -30.13
C ASN N 120 -20.78 -17.41 -31.20
N ALA N 121 -19.81 -18.23 -30.77
CA ALA N 121 -19.01 -19.01 -31.71
C ALA N 121 -19.53 -20.43 -31.81
N ASP N 122 -19.89 -20.84 -33.04
CA ASP N 122 -20.34 -22.20 -33.33
C ASP N 122 -19.19 -22.97 -34.00
N VAL N 123 -18.72 -24.03 -33.35
CA VAL N 123 -17.63 -24.84 -33.92
C VAL N 123 -18.23 -25.88 -34.87
N GLY N 124 -17.92 -25.77 -36.15
CA GLY N 124 -18.61 -26.51 -37.20
C GLY N 124 -18.45 -28.02 -37.09
N GLY N 125 -19.57 -28.75 -37.16
CA GLY N 125 -19.55 -30.21 -37.15
C GLY N 125 -19.30 -30.89 -35.81
N ALA N 126 -18.49 -30.27 -34.96
CA ALA N 126 -18.23 -30.80 -33.61
C ALA N 126 -19.45 -30.65 -32.71
N GLY N 127 -20.37 -29.76 -33.07
CA GLY N 127 -21.60 -29.53 -32.31
C GLY N 127 -21.38 -28.97 -30.91
N ILE N 128 -20.47 -28.01 -30.80
CA ILE N 128 -20.20 -27.31 -29.54
C ILE N 128 -20.05 -25.82 -29.83
N GLU N 129 -20.33 -25.00 -28.83
CA GLU N 129 -20.23 -23.54 -28.97
C GLU N 129 -19.60 -22.88 -27.75
N TYR N 130 -19.06 -21.68 -27.95
CA TYR N 130 -18.50 -20.90 -26.86
C TYR N 130 -18.74 -19.41 -27.00
N MET N 131 -18.71 -18.72 -25.85
CA MET N 131 -18.82 -17.27 -25.80
C MET N 131 -17.50 -16.65 -26.27
N TYR N 132 -17.60 -15.62 -27.12
CA TYR N 132 -16.43 -14.99 -27.73
C TYR N 132 -16.48 -13.47 -27.55
N LEU N 133 -15.52 -12.95 -26.79
CA LEU N 133 -15.44 -11.53 -26.42
C LEU N 133 -14.25 -10.82 -27.04
N ILE N 134 -14.49 -9.66 -27.65
CA ILE N 134 -13.43 -8.88 -28.25
C ILE N 134 -13.47 -7.45 -27.69
N ASP N 135 -12.54 -7.15 -26.78
CA ASP N 135 -12.29 -5.80 -26.27
C ASP N 135 -11.16 -5.13 -27.01
N GLU N 136 -11.28 -3.82 -27.24
CA GLU N 136 -10.22 -3.00 -27.85
C GLU N 136 -10.32 -1.54 -27.40
N VAL N 137 -9.16 -0.96 -27.05
CA VAL N 137 -9.04 0.49 -26.87
C VAL N 137 -8.24 1.09 -28.03
N THR N 138 -8.79 2.15 -28.62
CA THR N 138 -8.13 2.91 -29.70
C THR N 138 -8.35 4.42 -29.50
N PRO N 139 -7.45 5.27 -30.05
CA PRO N 139 -7.75 6.68 -30.23
C PRO N 139 -9.09 6.97 -30.92
N ILE N 140 -9.72 8.06 -30.51
CA ILE N 140 -10.99 8.51 -31.06
C ILE N 140 -10.75 9.06 -32.46
N GLY N 141 -11.66 8.76 -33.37
CA GLY N 141 -11.45 9.01 -34.79
C GLY N 141 -11.27 7.68 -35.47
N GLY N 142 -10.73 7.71 -36.69
CA GLY N 142 -10.79 6.55 -37.57
C GLY N 142 -12.24 6.16 -37.90
N THR N 143 -12.39 4.98 -38.47
CA THR N 143 -13.69 4.56 -38.97
C THR N 143 -14.01 3.17 -38.36
N GLN N 144 -15.13 3.08 -37.64
CA GLN N 144 -15.43 1.93 -36.77
C GLN N 144 -15.59 0.63 -37.54
N SER N 145 -14.99 -0.45 -37.04
CA SER N 145 -15.16 -1.78 -37.64
C SER N 145 -15.89 -2.75 -36.72
N ILE N 146 -17.12 -3.07 -37.12
CA ILE N 146 -18.02 -3.94 -36.36
C ILE N 146 -18.07 -5.34 -36.98
N PRO N 147 -17.72 -6.37 -36.20
CA PRO N 147 -17.82 -7.74 -36.70
C PRO N 147 -19.19 -8.36 -36.46
N GLN N 148 -20.01 -8.53 -37.51
CA GLN N 148 -21.31 -9.19 -37.32
C GLN N 148 -21.18 -10.70 -37.40
N VAL N 149 -20.39 -11.17 -38.37
CA VAL N 149 -20.04 -12.59 -38.52
C VAL N 149 -18.53 -12.73 -38.81
N ILE N 150 -17.86 -13.54 -37.98
CA ILE N 150 -16.44 -13.89 -38.19
C ILE N 150 -16.29 -15.41 -38.34
N THR N 151 -15.65 -15.85 -39.43
CA THR N 151 -15.19 -17.24 -39.52
C THR N 151 -13.69 -17.27 -39.36
N SER N 152 -13.22 -18.33 -38.72
CA SER N 152 -11.80 -18.56 -38.52
C SER N 152 -11.59 -20.08 -38.47
N ARG N 153 -10.35 -20.53 -38.61
CA ARG N 153 -10.05 -21.96 -38.57
C ARG N 153 -9.70 -22.43 -37.15
N ALA N 154 -10.05 -23.67 -36.86
CA ALA N 154 -9.62 -24.35 -35.64
C ALA N 154 -9.25 -25.80 -35.93
N LYS N 155 -8.26 -26.31 -35.20
CA LYS N 155 -7.96 -27.73 -35.19
C LYS N 155 -8.60 -28.29 -33.92
N ILE N 156 -9.37 -29.37 -34.07
CA ILE N 156 -10.07 -29.97 -32.93
C ILE N 156 -9.58 -31.37 -32.61
N ILE N 157 -9.09 -31.56 -31.38
CA ILE N 157 -8.77 -32.88 -30.85
C ILE N 157 -10.07 -33.61 -30.46
N VAL N 158 -10.45 -34.58 -31.28
CA VAL N 158 -11.74 -35.29 -31.18
C VAL N 158 -11.61 -36.68 -30.54
N GLY N 159 -12.74 -37.26 -30.13
CA GLY N 159 -12.76 -38.54 -29.43
C GLY N 159 -12.56 -39.77 -30.31
N ARG N 160 -12.27 -40.89 -29.65
CA ARG N 160 -12.22 -42.21 -30.28
C ARG N 160 -13.52 -42.41 -31.03
N GLN N 161 -13.42 -42.84 -32.28
CA GLN N 161 -14.58 -42.96 -33.15
C GLN N 161 -15.38 -44.22 -32.85
N ILE N 162 -16.70 -44.08 -32.78
CA ILE N 162 -17.60 -45.23 -32.64
C ILE N 162 -17.82 -45.83 -34.03
N ILE N 163 -17.10 -46.93 -34.30
CA ILE N 163 -17.27 -47.70 -35.54
C ILE N 163 -18.58 -48.49 -35.42
N LEU N 164 -19.48 -48.25 -36.37
CA LEU N 164 -20.79 -48.90 -36.40
C LEU N 164 -20.68 -50.43 -36.59
N GLY N 165 -21.41 -51.17 -35.77
CA GLY N 165 -21.35 -52.63 -35.77
C GLY N 165 -20.23 -53.25 -34.96
N LYS N 166 -19.16 -52.49 -34.72
CA LYS N 166 -17.98 -52.95 -33.98
C LYS N 166 -17.92 -52.50 -32.53
N THR N 167 -17.72 -51.19 -32.31
CA THR N 167 -17.30 -50.68 -31.01
C THR N 167 -18.41 -50.65 -29.97
N GLU N 168 -18.06 -51.16 -28.79
CA GLU N 168 -18.97 -51.27 -27.66
C GLU N 168 -19.04 -49.95 -26.87
N ILE N 169 -20.26 -49.47 -26.65
CA ILE N 169 -20.50 -48.19 -25.99
C ILE N 169 -21.44 -48.33 -24.80
N ARG N 170 -21.34 -47.40 -23.85
CA ARG N 170 -22.38 -47.19 -22.85
C ARG N 170 -23.28 -46.05 -23.30
N ILE N 171 -24.54 -46.07 -22.88
CA ILE N 171 -25.45 -44.98 -23.17
C ILE N 171 -25.89 -44.31 -21.86
N LYS N 172 -25.51 -43.03 -21.73
CA LYS N 172 -25.72 -42.24 -20.50
C LYS N 172 -26.73 -41.12 -20.69
N HIS N 173 -27.67 -41.03 -19.75
CA HIS N 173 -28.58 -39.91 -19.69
C HIS N 173 -27.82 -38.64 -19.32
N ALA N 174 -27.84 -37.65 -20.21
CA ALA N 174 -27.02 -36.46 -20.02
C ALA N 174 -27.40 -35.68 -18.77
N GLU N 175 -28.71 -35.45 -18.58
CA GLU N 175 -29.17 -34.63 -17.47
C GLU N 175 -29.12 -35.39 -16.16
N ARG N 176 -29.46 -36.67 -16.21
CA ARG N 176 -29.61 -37.51 -15.01
C ARG N 176 -28.33 -38.17 -14.52
N LYS N 177 -27.31 -38.27 -15.39
CA LYS N 177 -26.02 -38.88 -15.06
C LYS N 177 -26.11 -40.36 -14.62
N GLU N 178 -27.15 -41.06 -15.11
CA GLU N 178 -27.31 -42.51 -14.94
C GLU N 178 -27.27 -43.15 -16.33
N TYR N 179 -26.96 -44.46 -16.37
CA TYR N 179 -26.87 -45.23 -17.63
C TYR N 179 -28.15 -45.99 -18.02
N MET N 180 -28.25 -46.31 -19.30
CA MET N 180 -29.30 -47.18 -19.84
C MET N 180 -28.91 -48.63 -19.50
N THR N 181 -29.76 -49.30 -18.72
CA THR N 181 -29.60 -50.72 -18.36
C THR N 181 -30.79 -51.49 -18.91
N VAL N 182 -30.65 -52.83 -18.98
CA VAL N 182 -31.75 -53.74 -19.36
C VAL N 182 -32.22 -54.60 -18.19
N VAL N 183 -33.53 -54.60 -17.99
CA VAL N 183 -34.18 -55.43 -16.97
C VAL N 183 -35.39 -56.14 -17.58
N SER N 184 -36.03 -57.02 -16.81
CA SER N 184 -37.24 -57.68 -17.26
C SER N 184 -38.53 -56.96 -16.82
N ARG N 185 -39.34 -56.59 -17.81
CA ARG N 185 -40.69 -56.08 -17.55
C ARG N 185 -41.68 -56.84 -18.42
N LYS N 186 -42.76 -57.31 -17.79
CA LYS N 186 -43.81 -58.09 -18.46
C LYS N 186 -43.19 -59.21 -19.31
N SER N 187 -42.17 -59.86 -18.72
CA SER N 187 -41.36 -60.96 -19.30
C SER N 187 -40.63 -60.65 -20.62
N TRP N 188 -40.35 -59.37 -20.85
CA TRP N 188 -39.55 -58.95 -21.99
C TRP N 188 -38.34 -58.17 -21.49
N PRO N 189 -37.25 -58.09 -22.30
CA PRO N 189 -36.16 -57.18 -21.93
C PRO N 189 -36.56 -55.73 -22.19
N ALA N 190 -36.31 -54.87 -21.20
CA ALA N 190 -36.79 -53.49 -21.22
C ALA N 190 -35.73 -52.52 -20.72
N ALA N 191 -35.77 -51.31 -21.26
CA ALA N 191 -34.82 -50.28 -20.89
C ALA N 191 -35.25 -49.54 -19.64
N THR N 192 -34.33 -49.48 -18.67
CA THR N 192 -34.48 -48.61 -17.51
C THR N 192 -33.13 -47.91 -17.18
N LEU N 193 -33.20 -46.85 -16.39
CA LEU N 193 -32.00 -46.14 -15.94
C LEU N 193 -31.39 -46.77 -14.70
N GLY N 194 -30.06 -46.79 -14.64
CA GLY N 194 -29.31 -47.31 -13.51
C GLY N 194 -27.87 -46.82 -13.39
N HIS N 195 -27.25 -47.14 -12.26
CA HIS N 195 -25.87 -46.73 -11.98
C HIS N 195 -24.82 -47.69 -12.53
N SER N 196 -25.22 -48.91 -12.89
CA SER N 196 -24.31 -49.98 -13.33
C SER N 196 -23.50 -49.58 -14.56
N LYS N 197 -22.22 -49.89 -14.51
CA LYS N 197 -21.30 -49.53 -15.58
C LYS N 197 -21.04 -50.71 -16.53
N LEU N 198 -21.78 -51.80 -16.30
CA LEU N 198 -21.61 -53.08 -16.98
C LEU N 198 -22.55 -53.28 -18.18
N PHE N 199 -23.45 -52.34 -18.42
CA PHE N 199 -24.40 -52.51 -19.51
C PHE N 199 -23.90 -51.80 -20.76
N LYS N 200 -23.34 -52.60 -21.67
CA LYS N 200 -22.80 -52.14 -22.96
C LYS N 200 -23.79 -52.33 -24.12
N PHE N 201 -23.52 -51.64 -25.22
CA PHE N 201 -24.40 -51.55 -26.40
C PHE N 201 -23.58 -51.47 -27.69
N VAL N 202 -24.19 -51.84 -28.81
CA VAL N 202 -23.55 -51.65 -30.12
C VAL N 202 -24.52 -50.95 -31.07
N LEU N 203 -23.99 -50.00 -31.83
CA LEU N 203 -24.79 -49.18 -32.73
C LEU N 203 -24.67 -49.65 -34.16
N TYR N 204 -25.82 -49.82 -34.82
CA TYR N 204 -25.89 -50.22 -36.23
C TYR N 204 -26.69 -49.21 -37.02
N GLU N 205 -26.31 -49.03 -38.27
CA GLU N 205 -27.14 -48.32 -39.23
C GLU N 205 -27.34 -49.17 -40.48
N ASP N 206 -28.59 -49.26 -40.92
CA ASP N 206 -28.94 -49.74 -42.24
C ASP N 206 -29.73 -48.65 -42.98
N TRP N 207 -30.29 -48.97 -44.13
CA TRP N 207 -31.01 -47.95 -44.89
C TRP N 207 -32.41 -47.58 -44.32
N GLY N 208 -32.79 -48.23 -43.22
CA GLY N 208 -34.03 -47.90 -42.52
C GLY N 208 -33.83 -47.02 -41.30
N GLY N 209 -32.56 -46.74 -40.98
CA GLY N 209 -32.19 -45.93 -39.79
C GLY N 209 -31.16 -46.56 -38.86
N PHE N 210 -31.11 -46.05 -37.63
CA PHE N 210 -30.15 -46.53 -36.63
C PHE N 210 -30.82 -47.50 -35.68
N ARG N 211 -30.04 -48.43 -35.17
CA ARG N 211 -30.56 -49.43 -34.28
C ARG N 211 -29.69 -49.51 -33.04
N ILE N 212 -30.34 -49.60 -31.88
CA ILE N 212 -29.61 -49.75 -30.62
C ILE N 212 -29.69 -51.22 -30.20
N LYS N 213 -28.55 -51.90 -30.15
CA LYS N 213 -28.48 -53.31 -29.73
C LYS N 213 -27.78 -53.50 -28.39
N THR N 214 -28.49 -54.10 -27.43
CA THR N 214 -27.90 -54.46 -26.14
C THR N 214 -27.07 -55.73 -26.25
N LEU N 215 -26.06 -55.84 -25.39
CA LEU N 215 -25.30 -57.07 -25.22
C LEU N 215 -25.57 -57.68 -23.84
N ASN N 216 -26.68 -57.27 -23.22
CA ASN N 216 -26.99 -57.67 -21.85
C ASN N 216 -28.43 -58.12 -21.68
N THR N 217 -28.97 -58.70 -22.75
CA THR N 217 -30.33 -59.25 -22.74
C THR N 217 -30.41 -60.54 -21.91
N MET N 218 -31.49 -60.71 -21.17
CA MET N 218 -31.67 -61.94 -20.38
C MET N 218 -32.51 -62.99 -21.12
N TYR N 219 -32.97 -62.63 -22.32
CA TYR N 219 -33.70 -63.52 -23.22
C TYR N 219 -33.05 -63.41 -24.61
N SER N 220 -32.30 -64.45 -24.99
CA SER N 220 -31.51 -64.50 -26.25
C SER N 220 -32.30 -64.12 -27.49
N GLY N 221 -31.64 -63.36 -28.37
CA GLY N 221 -32.24 -62.89 -29.62
C GLY N 221 -32.98 -61.58 -29.50
N TYR N 222 -33.52 -61.31 -28.31
CA TYR N 222 -34.29 -60.08 -28.05
C TYR N 222 -33.38 -58.95 -27.57
N GLU N 223 -32.86 -58.20 -28.54
CA GLU N 223 -31.71 -57.32 -28.32
C GLU N 223 -31.75 -55.90 -28.94
N TYR N 224 -32.68 -55.65 -29.87
CA TYR N 224 -32.79 -54.35 -30.54
C TYR N 224 -33.87 -53.46 -29.91
N ALA N 225 -33.51 -52.22 -29.61
CA ALA N 225 -34.41 -51.31 -28.91
C ALA N 225 -35.56 -50.86 -29.79
N TYR N 226 -36.77 -50.95 -29.23
CA TYR N 226 -38.00 -50.56 -29.92
C TYR N 226 -39.04 -50.01 -28.93
N SER N 227 -40.08 -49.39 -29.46
CA SER N 227 -41.09 -48.81 -28.59
C SER N 227 -42.45 -49.47 -28.78
N SER N 228 -43.02 -49.92 -27.65
CA SER N 228 -44.38 -50.44 -27.58
C SER N 228 -45.39 -49.37 -28.02
N ASP N 229 -46.61 -49.81 -28.32
CA ASP N 229 -47.70 -48.89 -28.73
C ASP N 229 -48.16 -47.94 -27.61
N GLN N 230 -47.66 -48.18 -26.40
CA GLN N 230 -47.83 -47.28 -25.25
C GLN N 230 -46.63 -46.40 -24.90
N GLY N 231 -45.47 -46.65 -25.53
CA GLY N 231 -44.33 -45.75 -25.43
C GLY N 231 -43.08 -46.32 -24.78
N GLY N 232 -43.27 -47.29 -23.88
CA GLY N 232 -42.18 -47.98 -23.16
C GLY N 232 -41.16 -48.63 -24.07
N ILE N 233 -39.91 -48.67 -23.61
CA ILE N 233 -38.82 -49.22 -24.42
C ILE N 233 -38.54 -50.67 -24.03
N TYR N 234 -38.64 -51.55 -25.04
CA TYR N 234 -38.25 -52.95 -24.93
C TYR N 234 -37.20 -53.29 -26.00
N PHE N 235 -36.71 -54.52 -25.94
CA PHE N 235 -35.77 -55.07 -26.92
C PHE N 235 -36.40 -56.26 -27.64
N ASP N 236 -36.42 -56.19 -28.98
CA ASP N 236 -37.02 -57.19 -29.87
C ASP N 236 -35.96 -57.98 -30.62
N GLN N 237 -36.38 -58.97 -31.40
CA GLN N 237 -35.53 -59.62 -32.39
C GLN N 237 -35.33 -58.67 -33.54
N GLY N 238 -34.20 -58.81 -34.24
CA GLY N 238 -33.89 -58.05 -35.45
C GLY N 238 -34.92 -58.22 -36.55
N THR N 239 -35.78 -57.22 -36.71
CA THR N 239 -36.81 -57.24 -37.75
C THR N 239 -36.61 -56.07 -38.73
N ASP N 240 -37.57 -55.89 -39.63
CA ASP N 240 -37.59 -54.79 -40.59
C ASP N 240 -38.41 -53.63 -40.07
N ASN N 241 -39.24 -53.91 -39.07
CA ASN N 241 -40.11 -52.94 -38.38
C ASN N 241 -39.41 -51.61 -38.06
N PRO N 242 -39.92 -50.49 -38.62
CA PRO N 242 -39.31 -49.18 -38.32
C PRO N 242 -39.45 -48.76 -36.86
N LYS N 243 -40.29 -49.44 -36.09
CA LYS N 243 -40.43 -49.22 -34.64
C LYS N 243 -39.14 -49.52 -33.85
N GLN N 244 -38.21 -50.25 -34.45
CA GLN N 244 -36.91 -50.53 -33.83
C GLN N 244 -35.74 -49.77 -34.49
N ARG N 245 -36.10 -48.82 -35.34
CA ARG N 245 -35.13 -47.89 -35.94
C ARG N 245 -35.27 -46.47 -35.39
N TRP N 246 -34.14 -45.77 -35.37
CA TRP N 246 -34.04 -44.44 -34.78
C TRP N 246 -33.28 -43.48 -35.69
N ALA N 247 -33.72 -42.23 -35.73
CA ALA N 247 -33.03 -41.15 -36.44
C ALA N 247 -32.19 -40.31 -35.47
N ILE N 248 -30.95 -40.04 -35.88
CA ILE N 248 -30.00 -39.39 -34.99
C ILE N 248 -29.95 -37.87 -35.24
N ASN N 249 -29.32 -37.11 -34.35
CA ASN N 249 -29.19 -35.63 -34.49
C ASN N 249 -27.96 -35.16 -35.26
N LYS N 250 -26.88 -35.94 -35.19
CA LYS N 250 -25.60 -35.64 -35.80
C LYS N 250 -25.40 -36.25 -37.20
N SER N 251 -24.44 -35.69 -37.93
CA SER N 251 -23.86 -36.36 -39.08
C SER N 251 -22.78 -37.32 -38.60
N LEU N 252 -22.56 -38.39 -39.37
CA LEU N 252 -21.54 -39.37 -39.01
C LEU N 252 -20.13 -38.83 -39.25
N PRO N 253 -19.13 -39.29 -38.46
CA PRO N 253 -19.19 -40.37 -37.48
C PRO N 253 -19.61 -39.90 -36.11
N LEU N 254 -20.10 -40.84 -35.31
CA LEU N 254 -20.23 -40.63 -33.88
C LEU N 254 -18.90 -40.96 -33.23
N ARG N 255 -18.60 -40.26 -32.14
CA ARG N 255 -17.33 -40.36 -31.40
C ARG N 255 -17.58 -40.40 -29.90
N HIS N 256 -16.56 -40.75 -29.12
CA HIS N 256 -16.67 -40.76 -27.65
C HIS N 256 -17.12 -39.40 -27.10
N GLY N 257 -18.06 -39.46 -26.17
CA GLY N 257 -18.58 -38.25 -25.54
C GLY N 257 -19.53 -37.40 -26.37
N ASP N 258 -20.02 -37.93 -27.48
CA ASP N 258 -20.97 -37.19 -28.30
C ASP N 258 -22.32 -37.12 -27.61
N VAL N 259 -22.91 -35.92 -27.67
CA VAL N 259 -24.27 -35.68 -27.18
C VAL N 259 -25.21 -35.98 -28.33
N VAL N 260 -26.11 -36.94 -28.10
CA VAL N 260 -27.00 -37.43 -29.16
C VAL N 260 -28.48 -37.42 -28.78
N THR N 261 -29.28 -37.43 -29.84
CA THR N 261 -30.72 -37.50 -29.80
C THR N 261 -31.21 -38.79 -30.50
N PHE N 262 -32.16 -39.50 -29.88
CA PHE N 262 -32.77 -40.70 -30.50
C PHE N 262 -34.25 -40.56 -30.78
N MET N 263 -34.57 -40.35 -32.06
CA MET N 263 -35.95 -40.14 -32.51
C MET N 263 -36.47 -41.35 -33.27
N ASN N 264 -37.67 -41.81 -32.90
CA ASN N 264 -38.26 -43.00 -33.51
C ASN N 264 -38.63 -42.83 -34.98
N LYS N 265 -38.28 -43.82 -35.79
CA LYS N 265 -38.59 -43.81 -37.23
C LYS N 265 -40.07 -44.03 -37.57
N TYR N 266 -40.80 -44.73 -36.69
CA TYR N 266 -42.24 -44.96 -36.86
C TYR N 266 -43.07 -43.84 -36.24
N PHE N 267 -43.02 -43.70 -34.91
CA PHE N 267 -43.64 -42.57 -34.19
C PHE N 267 -42.73 -41.36 -34.36
N THR N 268 -42.84 -40.66 -35.50
CA THR N 268 -41.87 -39.62 -35.88
C THR N 268 -41.72 -38.48 -34.88
N ARG N 269 -42.82 -38.17 -34.18
CA ARG N 269 -42.88 -37.07 -33.20
C ARG N 269 -42.22 -37.39 -31.87
N SER N 270 -41.98 -38.67 -31.63
CA SER N 270 -41.47 -39.13 -30.34
C SER N 270 -39.99 -39.51 -30.36
N GLY N 271 -39.35 -39.32 -29.21
CA GLY N 271 -37.93 -39.54 -29.04
C GLY N 271 -37.61 -40.19 -27.71
N LEU N 272 -36.43 -40.79 -27.63
CA LEU N 272 -35.98 -41.53 -26.46
C LEU N 272 -35.73 -40.55 -25.32
N CYS N 273 -36.36 -40.82 -24.19
CA CYS N 273 -36.38 -39.91 -23.02
C CYS N 273 -36.60 -40.63 -21.69
N TYR N 274 -36.45 -39.88 -20.60
CA TYR N 274 -36.83 -40.35 -19.25
C TYR N 274 -38.23 -39.87 -18.89
N ASP N 275 -38.94 -40.73 -18.17
CA ASP N 275 -40.21 -40.41 -17.54
C ASP N 275 -40.39 -41.45 -16.46
N ASP N 276 -40.82 -41.03 -15.27
CA ASP N 276 -41.05 -41.96 -14.17
C ASP N 276 -42.32 -42.82 -14.39
N GLY N 277 -42.14 -43.92 -15.12
CA GLY N 277 -43.23 -44.81 -15.51
C GLY N 277 -43.57 -45.85 -14.45
N PRO N 278 -44.53 -46.76 -14.75
CA PRO N 278 -44.98 -47.84 -13.86
C PRO N 278 -43.87 -48.70 -13.24
N ALA N 279 -42.99 -49.27 -14.07
CA ALA N 279 -41.95 -50.19 -13.61
C ALA N 279 -40.57 -49.88 -14.17
N THR N 280 -40.54 -49.27 -15.35
CA THR N 280 -39.29 -48.78 -15.95
C THR N 280 -39.38 -47.27 -16.20
N ASN N 281 -38.26 -46.65 -16.58
CA ASN N 281 -38.22 -45.20 -16.80
C ASN N 281 -37.58 -44.70 -18.11
N VAL N 282 -37.32 -45.59 -19.05
CA VAL N 282 -36.88 -45.21 -20.39
C VAL N 282 -38.02 -45.42 -21.38
N TYR N 283 -38.41 -44.34 -22.06
CA TYR N 283 -39.60 -44.32 -22.90
C TYR N 283 -39.38 -43.59 -24.23
N CYS N 284 -40.39 -43.64 -25.08
CA CYS N 284 -40.39 -42.96 -26.34
C CYS N 284 -41.74 -42.24 -26.39
N LEU N 285 -41.69 -40.92 -26.19
CA LEU N 285 -42.91 -40.13 -26.00
C LEU N 285 -42.97 -38.90 -26.90
N ASP N 286 -44.19 -38.51 -27.27
CA ASP N 286 -44.43 -37.36 -28.15
C ASP N 286 -43.83 -36.07 -27.60
N LYS N 287 -43.13 -35.34 -28.47
CA LYS N 287 -42.55 -34.01 -28.16
C LYS N 287 -41.34 -34.06 -27.22
N ARG N 288 -41.16 -35.21 -26.55
CA ARG N 288 -40.03 -35.43 -25.63
C ARG N 288 -38.78 -35.96 -26.36
N GLU N 289 -37.61 -35.49 -25.97
CA GLU N 289 -36.38 -35.71 -26.74
C GLU N 289 -35.17 -35.41 -25.87
N ASP N 290 -34.90 -36.29 -24.91
CA ASP N 290 -33.74 -36.15 -23.99
C ASP N 290 -32.39 -36.35 -24.67
N LYS N 291 -31.40 -35.63 -24.12
CA LYS N 291 -30.02 -35.71 -24.59
C LYS N 291 -29.34 -36.90 -23.91
N TRP N 292 -28.63 -37.70 -24.73
CA TRP N 292 -27.86 -38.86 -24.27
C TRP N 292 -26.39 -38.71 -24.64
N ILE N 293 -25.51 -39.18 -23.75
CA ILE N 293 -24.06 -39.24 -24.00
C ILE N 293 -23.65 -40.67 -24.32
N LEU N 294 -23.01 -40.86 -25.47
CA LEU N 294 -22.41 -42.14 -25.83
C LEU N 294 -20.94 -42.16 -25.41
N GLU N 295 -20.56 -43.15 -24.60
CA GLU N 295 -19.16 -43.31 -24.20
C GLU N 295 -18.58 -44.67 -24.58
N VAL N 296 -17.46 -44.62 -25.30
CA VAL N 296 -16.69 -45.78 -25.72
C VAL N 296 -16.09 -46.46 -24.49
N VAL N 297 -16.24 -47.77 -24.38
CA VAL N 297 -15.68 -48.53 -23.23
C VAL N 297 -14.18 -48.75 -23.38
N GLY N 298 -13.48 -48.68 -22.24
CA GLY N 298 -12.02 -48.90 -22.11
C GLY N 298 -11.20 -49.47 -23.26
N TYR O 10 1.04 -51.26 -0.44
CA TYR O 10 -0.11 -50.71 -1.22
C TYR O 10 0.10 -50.83 -2.74
N GLU O 11 -0.95 -51.19 -3.46
CA GLU O 11 -0.89 -51.29 -4.92
C GLU O 11 -1.32 -50.00 -5.65
N GLN O 12 -0.74 -49.81 -6.84
CA GLN O 12 -1.10 -48.75 -7.78
C GLN O 12 -1.46 -49.39 -9.09
N ILE O 13 -2.60 -49.02 -9.65
CA ILE O 13 -2.98 -49.47 -11.00
C ILE O 13 -2.83 -48.29 -11.95
N GLU O 14 -2.23 -48.54 -13.11
CA GLU O 14 -2.09 -47.52 -14.12
C GLU O 14 -3.31 -47.60 -15.00
N VAL O 15 -3.98 -46.46 -15.17
CA VAL O 15 -5.16 -46.36 -16.01
C VAL O 15 -5.12 -45.09 -16.87
N ASP O 16 -5.94 -45.04 -17.92
CA ASP O 16 -6.12 -43.78 -18.64
C ASP O 16 -7.40 -43.05 -18.27
N VAL O 17 -7.27 -41.72 -18.24
CA VAL O 17 -8.38 -40.80 -17.96
C VAL O 17 -8.82 -40.11 -19.25
N VAL O 18 -10.12 -40.02 -19.44
CA VAL O 18 -10.71 -39.43 -20.63
C VAL O 18 -11.50 -38.20 -20.19
N ALA O 19 -11.12 -37.01 -20.68
CA ALA O 19 -11.86 -35.79 -20.44
C ALA O 19 -12.62 -35.34 -21.68
N VAL O 20 -13.89 -34.99 -21.50
CA VAL O 20 -14.75 -34.53 -22.59
C VAL O 20 -15.14 -33.07 -22.34
N TRP O 21 -14.95 -32.25 -23.38
CA TRP O 21 -15.29 -30.82 -23.45
C TRP O 21 -16.72 -30.60 -23.00
N LYS O 22 -16.90 -29.61 -22.14
CA LYS O 22 -18.20 -29.30 -21.52
C LYS O 22 -18.59 -27.85 -21.77
N GLU O 23 -17.61 -26.94 -21.69
CA GLU O 23 -17.85 -25.52 -21.78
C GLU O 23 -16.58 -24.76 -22.15
N GLY O 24 -16.75 -23.65 -22.86
CA GLY O 24 -15.61 -22.85 -23.29
C GLY O 24 -15.84 -21.36 -23.37
N TYR O 25 -14.73 -20.62 -23.37
CA TYR O 25 -14.71 -19.16 -23.31
C TYR O 25 -13.44 -18.63 -23.98
N VAL O 26 -13.59 -17.63 -24.86
CA VAL O 26 -12.46 -17.03 -25.56
C VAL O 26 -12.60 -15.51 -25.51
N TYR O 27 -11.56 -14.87 -24.99
CA TYR O 27 -11.54 -13.45 -24.83
C TYR O 27 -10.34 -12.85 -25.53
N GLU O 28 -10.59 -11.80 -26.29
CA GLU O 28 -9.55 -11.17 -27.08
C GLU O 28 -9.34 -9.70 -26.68
N ASN O 29 -8.15 -9.39 -26.20
CA ASN O 29 -7.75 -8.02 -25.82
C ASN O 29 -6.91 -7.40 -26.92
N ARG O 30 -7.53 -6.56 -27.73
CA ARG O 30 -6.88 -6.05 -28.93
C ARG O 30 -6.16 -4.70 -28.73
N GLY O 31 -6.40 -4.05 -27.59
CA GLY O 31 -5.83 -2.72 -27.33
C GLY O 31 -4.36 -2.65 -26.93
N SER O 32 -3.89 -1.45 -26.59
CA SER O 32 -2.54 -1.20 -26.08
C SER O 32 -2.44 -1.35 -24.58
N THR O 33 -3.57 -1.37 -23.87
CA THR O 33 -3.61 -1.57 -22.42
C THR O 33 -3.77 -3.04 -22.20
N SER O 34 -3.20 -3.54 -21.10
CA SER O 34 -3.54 -4.85 -20.60
C SER O 34 -4.83 -4.79 -19.78
N VAL O 35 -5.52 -5.93 -19.64
CA VAL O 35 -6.75 -6.02 -18.85
C VAL O 35 -6.59 -7.04 -17.75
N ASP O 36 -7.28 -6.77 -16.64
CA ASP O 36 -7.32 -7.68 -15.52
C ASP O 36 -8.66 -8.37 -15.62
N GLN O 37 -8.62 -9.69 -15.78
CA GLN O 37 -9.83 -10.51 -15.87
C GLN O 37 -9.98 -11.40 -14.64
N LYS O 38 -11.21 -11.48 -14.13
CA LYS O 38 -11.55 -12.33 -13.00
C LYS O 38 -12.79 -13.15 -13.33
N ILE O 39 -12.57 -14.45 -13.58
CA ILE O 39 -13.66 -15.40 -13.81
C ILE O 39 -13.93 -16.10 -12.50
N THR O 40 -15.20 -16.22 -12.17
CA THR O 40 -15.58 -16.73 -10.87
C THR O 40 -16.83 -17.63 -10.97
N ILE O 41 -16.66 -18.92 -10.66
CA ILE O 41 -17.69 -19.95 -10.89
C ILE O 41 -18.10 -20.60 -9.57
N THR O 42 -19.40 -20.84 -9.43
CA THR O 42 -20.04 -21.28 -8.17
C THR O 42 -21.02 -22.40 -8.46
N LYS O 43 -20.94 -23.47 -7.65
CA LYS O 43 -21.90 -24.58 -7.60
C LYS O 43 -22.36 -24.64 -6.15
N GLY O 44 -23.64 -24.88 -5.92
CA GLY O 44 -24.12 -25.05 -4.55
C GLY O 44 -25.39 -25.86 -4.42
N MET O 45 -25.69 -26.29 -3.18
CA MET O 45 -26.94 -27.00 -2.86
C MET O 45 -27.49 -26.69 -1.48
N LYS O 46 -28.82 -26.72 -1.38
CA LYS O 46 -29.55 -26.50 -0.14
C LYS O 46 -30.60 -27.58 -0.01
N ASN O 47 -30.62 -28.27 1.13
CA ASN O 47 -31.65 -29.28 1.47
C ASN O 47 -32.51 -28.83 2.63
N VAL O 48 -33.81 -28.71 2.42
CA VAL O 48 -34.73 -28.27 3.48
C VAL O 48 -35.73 -29.36 3.80
N ASN O 49 -35.94 -29.64 5.08
CA ASN O 49 -36.97 -30.59 5.53
C ASN O 49 -37.82 -30.04 6.66
N SER O 50 -39.14 -29.95 6.47
CA SER O 50 -40.05 -29.58 7.57
C SER O 50 -41.15 -30.58 7.92
N GLU O 51 -41.55 -30.53 9.20
CA GLU O 51 -42.66 -31.29 9.77
C GLU O 51 -43.60 -30.30 10.45
N THR O 52 -44.82 -30.16 9.93
CA THR O 52 -45.83 -29.26 10.52
C THR O 52 -47.03 -30.05 11.04
N ARG O 53 -47.25 -29.92 12.35
CA ARG O 53 -48.28 -30.66 13.09
C ARG O 53 -49.34 -29.68 13.58
N THR O 54 -50.55 -29.77 13.04
CA THR O 54 -51.66 -28.94 13.48
C THR O 54 -52.69 -29.78 14.26
N VAL O 55 -53.06 -29.31 15.45
CA VAL O 55 -54.07 -29.94 16.29
C VAL O 55 -55.12 -28.88 16.58
N THR O 56 -56.36 -29.14 16.19
CA THR O 56 -57.37 -28.09 16.20
C THR O 56 -58.79 -28.54 16.62
N ALA O 57 -59.24 -27.99 17.76
CA ALA O 57 -60.50 -28.35 18.43
C ALA O 57 -61.57 -27.25 18.31
N THR O 58 -62.79 -27.64 17.95
CA THR O 58 -63.92 -26.69 17.77
C THR O 58 -65.16 -27.09 18.60
N HIS O 59 -65.80 -26.10 19.22
CA HIS O 59 -67.08 -26.26 19.93
C HIS O 59 -68.12 -25.27 19.41
N SER O 60 -69.31 -25.78 19.07
CA SER O 60 -70.43 -24.92 18.63
C SER O 60 -71.71 -25.17 19.44
N ILE O 61 -72.29 -24.09 19.98
CA ILE O 61 -73.57 -24.09 20.67
C ILE O 61 -74.53 -23.20 19.85
N GLY O 62 -75.61 -23.78 19.32
CA GLY O 62 -76.59 -23.02 18.54
C GLY O 62 -78.03 -23.26 18.98
N SER O 63 -78.93 -22.36 18.59
CA SER O 63 -80.38 -22.54 18.85
C SER O 63 -81.25 -21.70 17.92
N THR O 64 -82.50 -22.13 17.73
CA THR O 64 -83.52 -21.40 16.93
C THR O 64 -84.90 -21.37 17.61
N ILE O 65 -85.51 -20.18 17.64
CA ILE O 65 -86.84 -19.95 18.20
C ILE O 65 -87.73 -19.48 17.07
N SER O 66 -88.88 -20.13 16.88
CA SER O 66 -89.80 -19.78 15.79
C SER O 66 -91.29 -19.91 16.12
N THR O 67 -92.13 -19.38 15.24
CA THR O 67 -93.59 -19.48 15.32
C THR O 67 -94.11 -20.69 14.52
N GLY O 68 -94.77 -21.62 15.22
CA GLY O 68 -95.58 -22.65 14.56
C GLY O 68 -96.90 -22.02 14.08
N ASP O 69 -97.83 -22.92 13.69
CA ASP O 69 -99.25 -22.57 13.35
C ASP O 69 -99.97 -21.26 13.81
N ALA O 70 -99.27 -20.29 14.41
CA ALA O 70 -99.89 -19.00 14.78
C ALA O 70 -99.85 -17.93 13.67
N PHE O 71 -100.19 -18.36 12.44
CA PHE O 71 -100.20 -17.53 11.21
C PHE O 71 -101.19 -16.38 11.29
N GLU O 72 -100.92 -15.34 10.49
CA GLU O 72 -101.58 -14.04 10.47
C GLU O 72 -100.42 -13.22 9.95
N ILE O 73 -100.48 -12.86 8.67
CA ILE O 73 -99.27 -12.59 7.85
C ILE O 73 -98.49 -13.94 7.78
N GLY O 74 -97.50 -14.14 8.66
CA GLY O 74 -96.67 -15.35 8.56
C GLY O 74 -95.94 -15.89 9.78
N SER O 75 -94.62 -15.77 9.74
CA SER O 75 -93.75 -16.55 10.62
C SER O 75 -92.50 -15.76 11.00
N VAL O 76 -92.11 -15.85 12.28
CA VAL O 76 -90.90 -15.21 12.82
C VAL O 76 -89.90 -16.26 13.36
N GLU O 77 -88.65 -16.17 12.91
CA GLU O 77 -87.56 -17.05 13.37
C GLU O 77 -86.39 -16.20 13.89
N VAL O 78 -85.85 -16.57 15.05
CA VAL O 78 -84.66 -15.89 15.66
C VAL O 78 -83.58 -16.93 16.04
N SER O 79 -82.37 -16.72 15.53
CA SER O 79 -81.24 -17.64 15.68
C SER O 79 -80.10 -17.04 16.50
N TYR O 80 -79.48 -17.85 17.36
CA TYR O 80 -78.22 -17.51 17.99
C TYR O 80 -77.26 -18.69 17.98
N SER O 81 -76.00 -18.42 17.62
CA SER O 81 -74.91 -19.40 17.71
C SER O 81 -73.58 -18.80 18.18
N HIS O 82 -72.77 -19.64 18.82
CA HIS O 82 -71.48 -19.26 19.37
C HIS O 82 -70.52 -20.42 19.21
N SER O 83 -69.37 -20.15 18.58
CA SER O 83 -68.33 -21.17 18.41
C SER O 83 -66.98 -20.74 18.96
N HIS O 84 -66.27 -21.70 19.53
CA HIS O 84 -64.95 -21.48 20.08
C HIS O 84 -63.95 -22.49 19.49
N GLN O 85 -62.95 -21.97 18.78
CA GLN O 85 -61.94 -22.77 18.09
C GLN O 85 -60.53 -22.50 18.63
N LYS O 86 -59.82 -23.58 18.94
CA LYS O 86 -58.48 -23.53 19.49
C LYS O 86 -57.55 -24.35 18.60
N SER O 87 -56.48 -23.71 18.15
CA SER O 87 -55.57 -24.27 17.16
C SER O 87 -54.13 -24.23 17.66
N GLN O 88 -53.40 -25.31 17.45
CA GLN O 88 -52.01 -25.42 17.91
C GLN O 88 -51.14 -25.99 16.79
N VAL O 89 -50.23 -25.14 16.28
CA VAL O 89 -49.35 -25.47 15.14
C VAL O 89 -47.90 -25.63 15.61
N SER O 90 -47.31 -26.82 15.41
CA SER O 90 -45.90 -27.07 15.75
C SER O 90 -45.04 -27.40 14.52
N MET O 91 -44.00 -26.59 14.32
CA MET O 91 -43.18 -26.66 13.12
C MET O 91 -41.73 -26.98 13.44
N THR O 92 -41.13 -27.91 12.69
CA THR O 92 -39.68 -28.14 12.72
C THR O 92 -39.11 -28.13 11.32
N GLN O 93 -38.24 -27.15 11.05
CA GLN O 93 -37.52 -27.03 9.80
C GLN O 93 -36.06 -27.43 9.97
N THR O 94 -35.49 -28.04 8.94
CA THR O 94 -34.11 -28.49 8.94
C THR O 94 -33.46 -28.07 7.64
N GLU O 95 -32.33 -27.38 7.76
CA GLU O 95 -31.64 -26.82 6.60
C GLU O 95 -30.17 -27.24 6.63
N VAL O 96 -29.70 -27.86 5.55
CA VAL O 96 -28.25 -28.08 5.32
C VAL O 96 -27.87 -27.57 3.93
N TYR O 97 -26.73 -26.91 3.84
CA TYR O 97 -26.31 -26.30 2.58
C TYR O 97 -24.80 -26.29 2.38
N SER O 98 -24.38 -26.26 1.11
CA SER O 98 -22.98 -26.14 0.74
C SER O 98 -22.78 -25.39 -0.57
N SER O 99 -21.56 -24.90 -0.77
CA SER O 99 -21.10 -24.33 -2.03
C SER O 99 -19.59 -24.45 -2.16
N LYS O 100 -19.14 -24.54 -3.41
CA LYS O 100 -17.73 -24.50 -3.79
C LYS O 100 -17.64 -23.33 -4.78
N VAL O 101 -16.75 -22.37 -4.48
CA VAL O 101 -16.47 -21.22 -5.38
C VAL O 101 -15.00 -21.22 -5.82
N ILE O 102 -14.79 -21.14 -7.13
CA ILE O 102 -13.46 -21.10 -7.74
C ILE O 102 -13.30 -19.75 -8.47
N GLU O 103 -12.27 -19.01 -8.09
CA GLU O 103 -12.04 -17.64 -8.54
C GLU O 103 -10.67 -17.61 -9.16
N HIS O 104 -10.57 -17.02 -10.34
CA HIS O 104 -9.30 -16.95 -11.06
C HIS O 104 -9.04 -15.56 -11.57
N THR O 105 -7.95 -14.94 -11.09
CA THR O 105 -7.54 -13.61 -11.58
C THR O 105 -6.25 -13.67 -12.40
N ILE O 106 -6.26 -12.98 -13.54
CA ILE O 106 -5.16 -13.01 -14.48
C ILE O 106 -4.99 -11.62 -15.10
N THR O 107 -3.75 -11.23 -15.41
CA THR O 107 -3.58 -10.06 -16.26
C THR O 107 -3.32 -10.46 -17.71
N ILE O 108 -4.28 -10.17 -18.56
CA ILE O 108 -4.16 -10.42 -19.99
C ILE O 108 -3.45 -9.23 -20.60
N PRO O 109 -2.25 -9.45 -21.16
CA PRO O 109 -1.47 -8.41 -21.83
C PRO O 109 -2.14 -7.93 -23.11
N PRO O 110 -1.75 -6.75 -23.61
CA PRO O 110 -2.31 -6.26 -24.88
C PRO O 110 -2.00 -7.19 -26.08
N THR O 111 -2.81 -7.09 -27.13
CA THR O 111 -2.78 -8.00 -28.30
C THR O 111 -2.60 -9.48 -27.93
N SER O 112 -3.42 -9.93 -26.98
CA SER O 112 -3.39 -11.30 -26.50
C SER O 112 -4.79 -11.93 -26.42
N LYS O 113 -4.83 -13.25 -26.51
CA LYS O 113 -6.05 -14.00 -26.44
C LYS O 113 -5.99 -14.93 -25.23
N PHE O 114 -7.10 -14.96 -24.48
CA PHE O 114 -7.28 -15.83 -23.34
C PHE O 114 -8.30 -16.88 -23.72
N THR O 115 -8.03 -18.15 -23.42
CA THR O 115 -9.00 -19.23 -23.62
C THR O 115 -9.15 -20.12 -22.38
N ARG O 116 -10.40 -20.34 -21.98
CA ARG O 116 -10.79 -21.29 -20.95
C ARG O 116 -11.53 -22.45 -21.62
N TRP O 117 -11.02 -23.67 -21.43
CA TRP O 117 -11.75 -24.88 -21.81
C TRP O 117 -11.99 -25.63 -20.54
N GLN O 118 -13.22 -26.06 -20.34
CA GLN O 118 -13.48 -26.88 -19.19
C GLN O 118 -14.10 -28.22 -19.55
N LEU O 119 -13.52 -29.26 -18.97
CA LEU O 119 -13.72 -30.61 -19.42
C LEU O 119 -14.10 -31.41 -18.22
N ASN O 120 -14.77 -32.53 -18.47
CA ASN O 120 -15.12 -33.44 -17.42
C ASN O 120 -14.32 -34.72 -17.54
N ALA O 121 -13.45 -34.95 -16.57
CA ALA O 121 -12.48 -36.04 -16.65
C ALA O 121 -12.98 -37.30 -15.98
N ASP O 122 -13.03 -38.39 -16.73
CA ASP O 122 -13.46 -39.70 -16.25
C ASP O 122 -12.23 -40.59 -16.03
N VAL O 123 -12.02 -41.02 -14.80
CA VAL O 123 -10.95 -41.95 -14.44
C VAL O 123 -11.48 -43.39 -14.67
N GLY O 124 -10.92 -44.08 -15.66
CA GLY O 124 -11.39 -45.42 -16.06
C GLY O 124 -11.10 -46.48 -15.01
N GLY O 125 -12.03 -47.41 -14.82
CA GLY O 125 -11.84 -48.48 -13.82
C GLY O 125 -12.15 -48.09 -12.38
N ALA O 126 -11.46 -47.05 -11.88
CA ALA O 126 -11.68 -46.53 -10.51
C ALA O 126 -13.09 -45.95 -10.23
N GLY O 127 -13.79 -45.52 -11.28
CA GLY O 127 -15.16 -45.00 -11.17
C GLY O 127 -15.28 -43.69 -10.39
N ILE O 128 -14.39 -42.75 -10.71
CA ILE O 128 -14.39 -41.41 -10.11
C ILE O 128 -14.16 -40.38 -11.19
N GLU O 129 -14.63 -39.16 -10.97
CA GLU O 129 -14.46 -38.08 -11.94
C GLU O 129 -14.07 -36.75 -11.30
N TYR O 130 -13.49 -35.87 -12.12
CA TYR O 130 -13.13 -34.55 -11.65
C TYR O 130 -13.24 -33.51 -12.75
N MET O 131 -13.41 -32.26 -12.33
CA MET O 131 -13.45 -31.12 -13.23
C MET O 131 -12.03 -30.82 -13.66
N TYR O 132 -11.86 -30.57 -14.95
CA TYR O 132 -10.56 -30.30 -15.53
C TYR O 132 -10.60 -28.97 -16.33
N LEU O 133 -9.93 -27.94 -15.80
CA LEU O 133 -9.92 -26.59 -16.38
C LEU O 133 -8.59 -26.27 -17.03
N ILE O 134 -8.65 -25.80 -18.28
CA ILE O 134 -7.44 -25.42 -19.03
C ILE O 134 -7.48 -23.95 -19.47
N ASP O 135 -6.59 -23.16 -18.89
CA ASP O 135 -6.48 -21.72 -19.14
C ASP O 135 -5.22 -21.45 -19.93
N GLU O 136 -5.30 -20.56 -20.91
CA GLU O 136 -4.10 -20.16 -21.66
C GLU O 136 -4.19 -18.74 -22.21
N VAL O 137 -3.12 -17.97 -21.99
CA VAL O 137 -2.92 -16.69 -22.64
C VAL O 137 -1.87 -16.85 -23.74
N THR O 138 -2.21 -16.48 -24.98
CA THR O 138 -1.26 -16.48 -26.11
C THR O 138 -1.41 -15.22 -26.96
N PRO O 139 -0.39 -14.88 -27.78
CA PRO O 139 -0.61 -13.83 -28.77
C PRO O 139 -1.71 -14.13 -29.79
N ILE O 140 -2.35 -13.06 -30.27
CA ILE O 140 -3.46 -13.15 -31.21
C ILE O 140 -2.93 -13.63 -32.56
N GLY O 141 -3.61 -14.61 -33.14
CA GLY O 141 -3.15 -15.25 -34.38
C GLY O 141 -2.94 -16.74 -34.19
N GLY O 142 -2.37 -17.39 -35.21
CA GLY O 142 -2.26 -18.86 -35.25
C GLY O 142 -3.60 -19.53 -35.51
N THR O 143 -3.63 -20.85 -35.46
CA THR O 143 -4.88 -21.63 -35.48
C THR O 143 -5.21 -22.02 -34.04
N GLN O 144 -6.46 -21.73 -33.64
CA GLN O 144 -7.01 -22.18 -32.37
C GLN O 144 -7.02 -23.70 -32.26
N SER O 145 -6.61 -24.21 -31.10
CA SER O 145 -6.63 -25.64 -30.83
C SER O 145 -7.60 -25.95 -29.70
N ILE O 146 -8.74 -26.57 -30.06
CA ILE O 146 -9.80 -26.86 -29.09
C ILE O 146 -9.77 -28.33 -28.69
N PRO O 147 -9.62 -28.61 -27.39
CA PRO O 147 -9.66 -29.99 -26.93
C PRO O 147 -11.09 -30.47 -26.70
N GLN O 148 -11.69 -31.18 -27.66
CA GLN O 148 -13.02 -31.75 -27.43
C GLN O 148 -12.94 -33.01 -26.58
N VAL O 149 -11.98 -33.89 -26.88
CA VAL O 149 -11.71 -35.08 -26.05
C VAL O 149 -10.20 -35.28 -25.82
N ILE O 150 -9.82 -35.36 -24.55
CA ILE O 150 -8.42 -35.55 -24.16
C ILE O 150 -8.29 -36.82 -23.32
N THR O 151 -7.49 -37.77 -23.79
CA THR O 151 -7.15 -38.92 -22.95
C THR O 151 -5.68 -38.89 -22.57
N SER O 152 -5.39 -39.30 -21.35
CA SER O 152 -4.05 -39.19 -20.76
C SER O 152 -3.88 -40.26 -19.70
N ARG O 153 -2.65 -40.56 -19.32
CA ARG O 153 -2.37 -41.66 -18.38
C ARG O 153 -2.36 -41.17 -16.94
N ALA O 154 -2.73 -42.07 -16.03
CA ALA O 154 -2.71 -41.78 -14.60
C ALA O 154 -2.44 -43.03 -13.76
N LYS O 155 -1.77 -42.83 -12.63
CA LYS O 155 -1.47 -43.90 -11.69
C LYS O 155 -2.34 -43.68 -10.45
N ILE O 156 -3.08 -44.69 -10.03
CA ILE O 156 -4.04 -44.54 -8.93
C ILE O 156 -3.67 -45.40 -7.72
N ILE O 157 -3.53 -44.74 -6.56
CA ILE O 157 -3.35 -45.40 -5.27
C ILE O 157 -4.70 -45.91 -4.77
N VAL O 158 -4.89 -47.22 -4.89
CA VAL O 158 -6.18 -47.91 -4.61
C VAL O 158 -6.25 -48.59 -3.23
N GLY O 159 -7.47 -48.86 -2.78
CA GLY O 159 -7.68 -49.50 -1.47
C GLY O 159 -7.41 -50.98 -1.50
N ARG O 160 -7.23 -51.57 -0.32
CA ARG O 160 -7.06 -53.03 -0.18
C ARG O 160 -8.25 -53.77 -0.76
N GLN O 161 -7.94 -54.88 -1.43
CA GLN O 161 -8.95 -55.66 -2.16
C GLN O 161 -9.89 -56.39 -1.20
N ILE O 162 -11.18 -56.25 -1.44
CA ILE O 162 -12.15 -57.12 -0.81
C ILE O 162 -12.07 -58.43 -1.58
N ILE O 163 -11.35 -59.40 -1.01
CA ILE O 163 -11.25 -60.74 -1.61
C ILE O 163 -12.53 -61.55 -1.29
N LEU O 164 -13.23 -61.97 -2.34
CA LEU O 164 -14.57 -62.55 -2.19
C LEU O 164 -14.53 -63.86 -1.43
N GLY O 165 -15.45 -64.03 -0.49
CA GLY O 165 -15.47 -65.21 0.36
C GLY O 165 -14.60 -65.15 1.60
N LYS O 166 -13.57 -64.31 1.59
CA LYS O 166 -12.62 -64.20 2.70
C LYS O 166 -12.78 -62.93 3.56
N THR O 167 -12.54 -61.74 2.99
CA THR O 167 -12.45 -60.47 3.75
C THR O 167 -13.79 -59.93 4.27
N GLU O 168 -13.78 -59.58 5.56
CA GLU O 168 -14.93 -59.03 6.31
C GLU O 168 -15.07 -57.52 6.12
N ILE O 169 -16.29 -57.11 5.82
CA ILE O 169 -16.57 -55.72 5.47
C ILE O 169 -17.85 -55.24 6.14
N ARG O 170 -17.95 -53.94 6.39
CA ARG O 170 -19.26 -53.34 6.71
C ARG O 170 -19.83 -52.62 5.49
N ILE O 171 -21.14 -52.43 5.48
CA ILE O 171 -21.82 -51.74 4.38
C ILE O 171 -22.54 -50.49 4.88
N LYS O 172 -22.14 -49.35 4.33
CA LYS O 172 -22.65 -48.03 4.71
C LYS O 172 -23.53 -47.48 3.59
N HIS O 173 -24.71 -46.99 3.97
CA HIS O 173 -25.52 -46.15 3.08
C HIS O 173 -24.73 -44.88 2.76
N ALA O 174 -24.50 -44.63 1.47
CA ALA O 174 -23.75 -43.45 1.01
C ALA O 174 -24.37 -42.14 1.49
N GLU O 175 -25.64 -41.91 1.13
CA GLU O 175 -26.31 -40.65 1.45
C GLU O 175 -26.57 -40.46 2.93
N ARG O 176 -26.97 -41.53 3.63
CA ARG O 176 -27.37 -41.38 5.03
C ARG O 176 -26.25 -41.63 6.04
N LYS O 177 -25.08 -42.06 5.56
CA LYS O 177 -23.92 -42.34 6.42
C LYS O 177 -24.22 -43.17 7.68
N GLU O 178 -25.11 -44.14 7.51
CA GLU O 178 -25.42 -45.15 8.54
C GLU O 178 -25.08 -46.53 7.97
N TYR O 179 -24.84 -47.50 8.85
CA TYR O 179 -24.51 -48.89 8.46
C TYR O 179 -25.72 -49.84 8.31
N MET O 180 -25.58 -50.84 7.45
CA MET O 180 -26.54 -51.93 7.38
C MET O 180 -26.35 -52.86 8.55
N THR O 181 -27.43 -53.03 9.31
CA THR O 181 -27.45 -53.84 10.53
C THR O 181 -28.57 -54.89 10.42
N VAL O 182 -28.46 -55.93 11.24
CA VAL O 182 -29.42 -57.03 11.24
C VAL O 182 -30.23 -57.01 12.55
N VAL O 183 -31.55 -56.88 12.39
CA VAL O 183 -32.48 -56.98 13.52
C VAL O 183 -33.50 -58.11 13.28
N SER O 184 -34.41 -58.32 14.23
CA SER O 184 -35.47 -59.32 14.06
C SER O 184 -36.82 -58.67 13.75
N ARG O 185 -37.27 -58.87 12.52
CA ARG O 185 -38.63 -58.54 12.11
C ARG O 185 -39.34 -59.86 11.82
N LYS O 186 -40.51 -60.05 12.44
CA LYS O 186 -41.35 -61.25 12.26
C LYS O 186 -40.63 -62.58 12.56
N SER O 187 -39.76 -62.57 13.58
CA SER O 187 -38.81 -63.66 13.91
C SER O 187 -37.99 -64.26 12.73
N TRP O 188 -37.82 -63.47 11.68
CA TRP O 188 -36.79 -63.67 10.65
C TRP O 188 -35.69 -62.62 10.93
N PRO O 189 -34.43 -62.88 10.50
CA PRO O 189 -33.47 -61.78 10.54
C PRO O 189 -33.69 -60.83 9.37
N ALA O 190 -33.77 -59.53 9.66
CA ALA O 190 -34.03 -58.49 8.66
C ALA O 190 -32.99 -57.37 8.66
N ALA O 191 -32.85 -56.75 7.49
CA ALA O 191 -31.93 -55.63 7.26
C ALA O 191 -32.56 -54.28 7.59
N THR O 192 -31.78 -53.44 8.26
CA THR O 192 -32.18 -52.08 8.66
C THR O 192 -30.92 -51.23 8.83
N LEU O 193 -31.07 -49.91 8.76
CA LEU O 193 -29.96 -48.98 9.04
C LEU O 193 -29.78 -48.64 10.52
N GLY O 194 -28.52 -48.50 10.93
CA GLY O 194 -28.14 -48.23 12.31
C GLY O 194 -26.76 -47.62 12.45
N HIS O 195 -26.38 -47.25 13.66
CA HIS O 195 -25.12 -46.57 13.88
C HIS O 195 -24.00 -47.51 14.29
N SER O 196 -24.33 -48.78 14.52
CA SER O 196 -23.38 -49.77 15.03
C SER O 196 -22.28 -50.12 14.02
N LYS O 197 -21.03 -50.04 14.49
CA LYS O 197 -19.86 -50.40 13.70
C LYS O 197 -19.57 -51.90 13.81
N LEU O 198 -20.54 -52.64 14.35
CA LEU O 198 -20.35 -54.04 14.72
C LEU O 198 -20.91 -55.04 13.71
N PHE O 199 -21.77 -54.56 12.81
CA PHE O 199 -22.43 -55.42 11.84
C PHE O 199 -21.60 -55.59 10.57
N LYS O 200 -20.95 -56.74 10.46
CA LYS O 200 -20.11 -57.06 9.31
C LYS O 200 -20.69 -58.15 8.43
N PHE O 201 -20.20 -58.17 7.19
CA PHE O 201 -20.68 -59.03 6.12
C PHE O 201 -19.48 -59.62 5.35
N VAL O 202 -19.73 -60.71 4.62
CA VAL O 202 -18.76 -61.24 3.64
C VAL O 202 -19.47 -61.44 2.30
N LEU O 203 -18.76 -61.13 1.21
CA LEU O 203 -19.36 -61.16 -0.11
C LEU O 203 -18.93 -62.38 -0.93
N TYR O 204 -19.90 -63.00 -1.60
CA TYR O 204 -19.66 -64.19 -2.43
C TYR O 204 -20.18 -63.98 -3.84
N GLU O 205 -19.45 -64.56 -4.81
CA GLU O 205 -19.94 -64.69 -6.20
C GLU O 205 -19.97 -66.15 -6.62
N ASP O 206 -21.10 -66.54 -7.19
CA ASP O 206 -21.23 -67.81 -7.91
C ASP O 206 -21.94 -67.58 -9.23
N TRP O 207 -22.37 -68.67 -9.86
CA TRP O 207 -22.94 -68.65 -11.19
C TRP O 207 -24.31 -67.96 -11.24
N GLY O 208 -25.01 -67.92 -10.10
CA GLY O 208 -26.28 -67.19 -9.95
C GLY O 208 -26.17 -65.70 -9.66
N GLY O 209 -25.01 -65.28 -9.17
CA GLY O 209 -24.73 -63.86 -8.86
C GLY O 209 -23.90 -63.61 -7.61
N PHE O 210 -24.13 -62.46 -6.98
CA PHE O 210 -23.46 -62.09 -5.74
C PHE O 210 -24.37 -62.28 -4.53
N ARG O 211 -23.77 -62.70 -3.43
CA ARG O 211 -24.50 -62.95 -2.18
C ARG O 211 -23.93 -62.12 -1.05
N ILE O 212 -24.82 -61.50 -0.27
CA ILE O 212 -24.41 -60.71 0.91
C ILE O 212 -24.71 -61.53 2.17
N LYS O 213 -23.65 -61.98 2.83
CA LYS O 213 -23.78 -62.87 3.96
C LYS O 213 -23.47 -62.13 5.24
N THR O 214 -24.48 -61.98 6.11
CA THR O 214 -24.25 -61.42 7.45
C THR O 214 -23.52 -62.38 8.36
N LEU O 215 -22.72 -61.80 9.24
CA LEU O 215 -21.94 -62.54 10.21
C LEU O 215 -22.54 -62.28 11.60
N ASN O 216 -23.74 -61.68 11.61
CA ASN O 216 -24.41 -61.22 12.84
C ASN O 216 -25.88 -61.61 12.92
N THR O 217 -26.20 -62.85 12.55
CA THR O 217 -27.59 -63.33 12.61
C THR O 217 -27.91 -63.90 13.99
N MET O 218 -29.13 -63.66 14.46
CA MET O 218 -29.58 -64.19 15.76
C MET O 218 -30.25 -65.58 15.64
N TYR O 219 -30.49 -66.02 14.41
CA TYR O 219 -31.02 -67.35 14.11
C TYR O 219 -30.05 -68.09 13.18
N SER O 220 -29.41 -69.13 13.71
CA SER O 220 -28.37 -69.90 12.99
C SER O 220 -28.72 -70.32 11.55
N GLY O 221 -27.82 -69.99 10.63
CA GLY O 221 -27.94 -70.38 9.23
C GLY O 221 -28.78 -69.48 8.33
N TYR O 222 -29.52 -68.54 8.93
CA TYR O 222 -30.32 -67.56 8.18
C TYR O 222 -29.50 -66.28 8.01
N GLU O 223 -28.71 -66.25 6.95
CA GLU O 223 -27.55 -65.35 6.83
C GLU O 223 -27.38 -64.66 5.45
N TYR O 224 -28.11 -65.10 4.44
CA TYR O 224 -27.99 -64.56 3.07
C TYR O 224 -29.10 -63.57 2.74
N ALA O 225 -28.73 -62.38 2.25
CA ALA O 225 -29.70 -61.31 2.04
C ALA O 225 -30.64 -61.61 0.88
N TYR O 226 -31.95 -61.52 1.12
CA TYR O 226 -32.96 -61.73 0.08
C TYR O 226 -34.16 -60.79 0.16
N SER O 227 -34.90 -60.69 -0.96
CA SER O 227 -36.07 -59.84 -1.08
C SER O 227 -37.37 -60.63 -0.93
N SER O 228 -38.18 -60.30 0.08
CA SER O 228 -39.56 -60.80 0.19
C SER O 228 -40.40 -60.28 -0.97
N ASP O 229 -41.52 -60.96 -1.24
CA ASP O 229 -42.40 -60.60 -2.36
C ASP O 229 -43.05 -59.22 -2.20
N GLN O 230 -42.81 -58.60 -1.04
CA GLN O 230 -43.31 -57.27 -0.77
C GLN O 230 -42.20 -56.21 -0.66
N GLY O 231 -40.94 -56.63 -0.79
CA GLY O 231 -39.80 -55.71 -0.88
C GLY O 231 -38.79 -55.73 0.25
N GLY O 232 -39.25 -56.04 1.47
CA GLY O 232 -38.39 -56.06 2.66
C GLY O 232 -37.22 -57.02 2.57
N ILE O 233 -36.08 -56.64 3.16
CA ILE O 233 -34.87 -57.46 3.10
C ILE O 233 -34.75 -58.27 4.38
N TYR O 234 -34.69 -59.58 4.19
CA TYR O 234 -34.45 -60.54 5.25
C TYR O 234 -33.19 -61.36 4.94
N PHE O 235 -32.80 -62.24 5.87
CA PHE O 235 -31.71 -63.17 5.67
C PHE O 235 -32.16 -64.63 5.74
N ASP O 236 -31.85 -65.38 4.68
CA ASP O 236 -32.26 -66.77 4.48
C ASP O 236 -31.07 -67.73 4.57
N GLN O 237 -31.34 -69.03 4.57
CA GLN O 237 -30.31 -70.07 4.40
C GLN O 237 -29.84 -70.15 2.94
N GLY O 238 -28.66 -70.73 2.74
CA GLY O 238 -28.03 -70.85 1.43
C GLY O 238 -28.79 -71.73 0.45
N THR O 239 -29.48 -71.10 -0.50
CA THR O 239 -30.26 -71.80 -1.54
C THR O 239 -29.78 -71.35 -2.93
N ASP O 240 -30.40 -71.89 -3.99
CA ASP O 240 -30.12 -71.47 -5.36
C ASP O 240 -30.97 -70.28 -5.77
N ASN O 241 -32.01 -70.00 -4.98
CA ASN O 241 -32.98 -68.93 -5.25
C ASN O 241 -32.29 -67.64 -5.73
N PRO O 242 -32.59 -67.20 -6.97
CA PRO O 242 -32.04 -65.93 -7.41
C PRO O 242 -32.57 -64.71 -6.60
N LYS O 243 -33.58 -64.94 -5.76
CA LYS O 243 -34.08 -63.96 -4.79
C LYS O 243 -33.02 -63.51 -3.77
N GLN O 244 -32.04 -64.37 -3.52
CA GLN O 244 -30.91 -64.03 -2.65
C GLN O 244 -29.59 -63.74 -3.40
N ARG O 245 -29.70 -63.52 -4.70
CA ARG O 245 -28.56 -63.08 -5.51
C ARG O 245 -28.72 -61.65 -6.02
N TRP O 246 -27.57 -61.03 -6.24
CA TRP O 246 -27.48 -59.60 -6.48
C TRP O 246 -26.48 -59.31 -7.60
N ALA O 247 -26.81 -58.33 -8.44
CA ALA O 247 -25.91 -57.84 -9.48
C ALA O 247 -25.25 -56.52 -9.06
N ILE O 248 -23.92 -56.46 -9.17
CA ILE O 248 -23.16 -55.25 -8.84
C ILE O 248 -23.04 -54.28 -10.03
N ASN O 249 -22.41 -53.12 -9.80
CA ASN O 249 -22.31 -52.04 -10.80
C ASN O 249 -20.92 -51.91 -11.43
N LYS O 250 -19.93 -52.51 -10.75
CA LYS O 250 -18.52 -52.48 -11.12
C LYS O 250 -18.06 -53.83 -11.65
N SER O 251 -16.91 -53.84 -12.30
CA SER O 251 -16.15 -55.07 -12.55
C SER O 251 -15.27 -55.31 -11.34
N LEU O 252 -15.00 -56.58 -11.10
CA LEU O 252 -14.10 -57.02 -10.03
C LEU O 252 -12.67 -56.54 -10.33
N PRO O 253 -11.82 -56.41 -9.29
CA PRO O 253 -12.08 -56.64 -7.88
C PRO O 253 -12.83 -55.50 -7.20
N LEU O 254 -13.45 -55.79 -6.07
CA LEU O 254 -13.99 -54.75 -5.21
C LEU O 254 -12.90 -54.34 -4.24
N ARG O 255 -12.84 -53.04 -3.93
CA ARG O 255 -11.84 -52.48 -3.01
C ARG O 255 -12.48 -51.68 -1.89
N HIS O 256 -11.74 -51.44 -0.80
CA HIS O 256 -12.18 -50.57 0.29
C HIS O 256 -12.66 -49.21 -0.22
N GLY O 257 -13.79 -48.77 0.31
CA GLY O 257 -14.36 -47.48 -0.08
C GLY O 257 -15.11 -47.41 -1.41
N ASP O 258 -15.21 -48.53 -2.13
CA ASP O 258 -15.95 -48.56 -3.40
C ASP O 258 -17.43 -48.27 -3.20
N VAL O 259 -17.95 -47.41 -4.04
CA VAL O 259 -19.36 -47.11 -4.10
C VAL O 259 -20.00 -48.20 -4.95
N VAL O 260 -20.81 -49.05 -4.34
CA VAL O 260 -21.51 -50.10 -5.08
C VAL O 260 -23.02 -49.97 -5.00
N THR O 261 -23.72 -50.58 -5.96
CA THR O 261 -25.15 -50.81 -5.82
C THR O 261 -25.49 -52.25 -6.17
N PHE O 262 -26.40 -52.83 -5.39
CA PHE O 262 -26.87 -54.21 -5.54
C PHE O 262 -28.27 -54.21 -6.18
N MET O 263 -28.35 -54.77 -7.39
CA MET O 263 -29.64 -55.04 -8.05
C MET O 263 -30.05 -56.50 -7.80
N ASN O 264 -31.30 -56.74 -7.43
CA ASN O 264 -31.80 -58.11 -7.23
C ASN O 264 -31.88 -58.92 -8.52
N LYS O 265 -31.36 -60.15 -8.44
CA LYS O 265 -31.21 -61.03 -9.59
C LYS O 265 -32.54 -61.62 -10.09
N TYR O 266 -33.45 -61.96 -9.17
CA TYR O 266 -34.80 -62.36 -9.56
C TYR O 266 -35.72 -61.15 -9.89
N PHE O 267 -35.72 -60.16 -8.98
CA PHE O 267 -36.54 -58.96 -9.15
C PHE O 267 -35.73 -57.87 -9.88
N THR O 268 -35.49 -58.10 -11.17
CA THR O 268 -34.50 -57.38 -12.00
C THR O 268 -34.56 -55.84 -11.96
N ARG O 269 -35.76 -55.28 -11.99
CA ARG O 269 -35.91 -53.82 -12.03
C ARG O 269 -35.78 -53.13 -10.65
N SER O 270 -35.55 -53.92 -9.61
CA SER O 270 -35.44 -53.39 -8.25
C SER O 270 -34.04 -53.56 -7.65
N GLY O 271 -33.64 -52.61 -6.81
CA GLY O 271 -32.35 -52.62 -6.13
C GLY O 271 -32.42 -52.30 -4.65
N LEU O 272 -31.33 -52.62 -3.96
CA LEU O 272 -31.17 -52.42 -2.54
C LEU O 272 -31.14 -50.92 -2.23
N CYS O 273 -32.06 -50.49 -1.36
CA CYS O 273 -32.34 -49.06 -1.10
C CYS O 273 -32.88 -48.77 0.31
N TYR O 274 -33.02 -47.48 0.62
CA TYR O 274 -33.61 -47.03 1.87
C TYR O 274 -35.06 -46.63 1.62
N ASP O 275 -35.93 -46.99 2.56
CA ASP O 275 -37.30 -46.46 2.65
C ASP O 275 -37.77 -46.54 4.12
N ASP O 276 -38.59 -45.59 4.56
CA ASP O 276 -39.18 -45.66 5.90
C ASP O 276 -40.43 -46.57 5.99
N GLY O 277 -40.18 -47.87 6.06
CA GLY O 277 -41.23 -48.88 6.22
C GLY O 277 -41.68 -49.07 7.67
N PRO O 278 -42.64 -49.98 7.89
CA PRO O 278 -43.30 -50.25 9.19
C PRO O 278 -42.38 -50.52 10.40
N ALA O 279 -41.36 -51.34 10.23
CA ALA O 279 -40.52 -51.78 11.36
C ALA O 279 -39.02 -51.74 11.06
N THR O 280 -38.66 -52.00 9.80
CA THR O 280 -37.28 -51.86 9.31
C THR O 280 -37.25 -50.86 8.17
N ASN O 281 -36.05 -50.47 7.72
CA ASN O 281 -35.90 -49.45 6.67
C ASN O 281 -34.96 -49.73 5.48
N VAL O 282 -34.45 -50.97 5.40
CA VAL O 282 -33.70 -51.46 4.23
C VAL O 282 -34.59 -52.37 3.38
N TYR O 283 -34.81 -51.96 2.14
CA TYR O 283 -35.76 -52.61 1.23
C TYR O 283 -35.14 -52.83 -0.16
N CYS O 284 -35.94 -53.38 -1.07
CA CYS O 284 -35.56 -53.68 -2.43
C CYS O 284 -36.76 -53.28 -3.26
N LEU O 285 -36.65 -52.18 -4.00
CA LEU O 285 -37.82 -51.57 -4.63
C LEU O 285 -37.64 -51.16 -6.06
N ASP O 286 -38.72 -51.29 -6.83
CA ASP O 286 -38.78 -50.92 -8.25
C ASP O 286 -38.31 -49.49 -8.56
N LYS O 287 -37.49 -49.40 -9.62
CA LYS O 287 -36.78 -48.18 -10.09
C LYS O 287 -35.83 -47.55 -9.06
N ARG O 288 -35.50 -48.27 -8.00
CA ARG O 288 -34.71 -47.69 -6.93
C ARG O 288 -33.40 -48.45 -6.71
N GLU O 289 -32.28 -47.73 -6.69
CA GLU O 289 -30.98 -48.28 -6.24
C GLU O 289 -30.11 -47.22 -5.55
N ASP O 290 -30.06 -47.30 -4.23
CA ASP O 290 -29.21 -46.39 -3.45
C ASP O 290 -27.76 -46.86 -3.52
N LYS O 291 -26.84 -45.91 -3.42
CA LYS O 291 -25.40 -46.18 -3.38
C LYS O 291 -24.93 -46.59 -1.98
N TRP O 292 -24.01 -47.55 -1.94
CA TRP O 292 -23.48 -48.13 -0.71
C TRP O 292 -21.96 -48.11 -0.75
N ILE O 293 -21.34 -47.81 0.38
CA ILE O 293 -19.88 -47.85 0.50
C ILE O 293 -19.50 -49.11 1.28
N LEU O 294 -18.62 -49.91 0.67
CA LEU O 294 -18.09 -51.11 1.31
C LEU O 294 -16.78 -50.71 1.94
N GLU O 295 -16.65 -51.00 3.24
CA GLU O 295 -15.40 -50.75 3.96
C GLU O 295 -14.86 -51.99 4.65
N VAL O 296 -13.60 -52.31 4.34
CA VAL O 296 -12.85 -53.44 4.91
C VAL O 296 -12.63 -53.17 6.38
N VAL O 297 -12.93 -54.13 7.26
CA VAL O 297 -12.71 -53.96 8.72
C VAL O 297 -11.24 -54.15 9.12
N GLY O 298 -10.88 -53.54 10.25
CA GLY O 298 -9.53 -53.56 10.84
C GLY O 298 -8.43 -54.37 10.18
N TYR P 10 -1.26 -40.79 31.28
CA TYR P 10 -2.24 -40.70 30.15
C TYR P 10 -1.87 -41.62 28.98
N GLU P 11 -2.83 -42.39 28.50
CA GLU P 11 -2.55 -43.39 27.46
C GLU P 11 -2.79 -42.88 26.03
N GLN P 12 -1.96 -43.38 25.12
CA GLN P 12 -2.17 -43.19 23.68
C GLN P 12 -1.98 -44.49 22.91
N ILE P 13 -2.89 -44.71 21.96
CA ILE P 13 -2.89 -45.93 21.17
C ILE P 13 -2.54 -45.60 19.73
N GLU P 14 -1.70 -46.44 19.13
CA GLU P 14 -1.37 -46.28 17.73
C GLU P 14 -2.40 -46.97 16.85
N VAL P 15 -2.95 -46.25 15.90
CA VAL P 15 -3.84 -46.85 14.90
C VAL P 15 -3.56 -46.32 13.49
N ASP P 16 -4.12 -46.96 12.47
CA ASP P 16 -4.08 -46.39 11.14
C ASP P 16 -5.39 -45.72 10.72
N VAL P 17 -5.22 -44.68 9.91
CA VAL P 17 -6.33 -43.86 9.41
C VAL P 17 -6.42 -44.08 7.90
N VAL P 18 -7.60 -44.49 7.48
CA VAL P 18 -7.88 -44.79 6.08
C VAL P 18 -8.73 -43.66 5.49
N ALA P 19 -8.21 -43.02 4.46
CA ALA P 19 -8.89 -41.91 3.82
C ALA P 19 -9.37 -42.32 2.42
N VAL P 20 -10.63 -41.98 2.07
CA VAL P 20 -11.19 -42.32 0.75
C VAL P 20 -11.55 -41.07 -0.03
N TRP P 21 -11.00 -40.98 -1.24
CA TRP P 21 -11.30 -39.95 -2.25
C TRP P 21 -12.79 -39.67 -2.39
N LYS P 22 -13.15 -38.41 -2.50
CA LYS P 22 -14.53 -37.99 -2.47
C LYS P 22 -14.83 -37.04 -3.61
N GLU P 23 -13.86 -36.19 -3.94
CA GLU P 23 -14.03 -35.13 -4.92
C GLU P 23 -12.66 -34.70 -5.37
N GLY P 24 -12.57 -34.23 -6.61
CA GLY P 24 -11.29 -33.78 -7.18
C GLY P 24 -11.39 -32.61 -8.13
N TYR P 25 -10.25 -31.96 -8.39
CA TYR P 25 -10.19 -30.77 -9.23
C TYR P 25 -8.79 -30.58 -9.82
N VAL P 26 -8.73 -30.29 -11.12
CA VAL P 26 -7.45 -30.10 -11.80
C VAL P 26 -7.51 -28.86 -12.68
N TYR P 27 -6.51 -28.00 -12.49
CA TYR P 27 -6.40 -26.73 -13.20
C TYR P 27 -5.03 -26.60 -13.83
N GLU P 28 -5.03 -26.24 -15.11
CA GLU P 28 -3.79 -26.15 -15.86
C GLU P 28 -3.67 -24.72 -16.38
N ASN P 29 -2.58 -24.04 -16.01
CA ASN P 29 -2.28 -22.74 -16.57
C ASN P 29 -1.19 -22.85 -17.62
N ARG P 30 -1.60 -22.81 -18.88
CA ARG P 30 -0.71 -23.05 -20.02
C ARG P 30 0.01 -21.80 -20.51
N GLY P 31 -0.48 -20.63 -20.12
CA GLY P 31 0.09 -19.35 -20.55
C GLY P 31 1.46 -19.01 -19.97
N SER P 32 1.97 -17.83 -20.32
CA SER P 32 3.24 -17.39 -19.75
C SER P 32 3.08 -16.23 -18.73
N THR P 33 1.84 -15.96 -18.32
CA THR P 33 1.58 -15.11 -17.16
C THR P 33 0.99 -15.99 -16.08
N SER P 34 1.19 -15.64 -14.82
CA SER P 34 0.69 -16.45 -13.70
C SER P 34 -0.72 -16.06 -13.27
N VAL P 35 -1.36 -16.91 -12.45
CA VAL P 35 -2.76 -16.73 -12.01
C VAL P 35 -2.93 -16.80 -10.52
N ASP P 36 -3.85 -15.98 -10.03
CA ASP P 36 -4.24 -15.99 -8.64
C ASP P 36 -5.57 -16.74 -8.51
N GLN P 37 -5.48 -17.91 -7.89
CA GLN P 37 -6.62 -18.81 -7.73
C GLN P 37 -7.08 -18.80 -6.28
N LYS P 38 -8.39 -18.66 -6.09
CA LYS P 38 -9.00 -18.65 -4.78
C LYS P 38 -10.15 -19.64 -4.81
N ILE P 39 -9.94 -20.78 -4.14
CA ILE P 39 -10.96 -21.83 -3.95
C ILE P 39 -11.56 -21.66 -2.57
N THR P 40 -12.87 -21.60 -2.55
CA THR P 40 -13.58 -21.22 -1.35
C THR P 40 -14.84 -22.08 -1.11
N ILE P 41 -14.77 -22.88 -0.03
CA ILE P 41 -15.77 -23.94 0.25
C ILE P 41 -16.54 -23.73 1.57
N THR P 42 -17.86 -23.82 1.47
CA THR P 42 -18.77 -23.46 2.54
C THR P 42 -19.67 -24.65 2.84
N LYS P 43 -19.79 -24.98 4.12
CA LYS P 43 -20.87 -25.84 4.57
C LYS P 43 -21.56 -25.22 5.79
N GLY P 44 -22.88 -25.33 5.86
CA GLY P 44 -23.63 -24.79 6.99
C GLY P 44 -25.01 -25.38 7.20
N MET P 45 -25.57 -25.12 8.38
CA MET P 45 -26.91 -25.56 8.74
C MET P 45 -27.73 -24.48 9.46
N LYS P 46 -29.05 -24.53 9.26
CA LYS P 46 -29.99 -23.65 9.92
C LYS P 46 -31.15 -24.50 10.47
N ASN P 47 -31.53 -24.29 11.73
CA ASN P 47 -32.65 -25.03 12.35
C ASN P 47 -33.72 -24.11 12.92
N VAL P 48 -34.97 -24.29 12.50
CA VAL P 48 -36.08 -23.39 12.87
C VAL P 48 -37.17 -24.16 13.58
N ASN P 49 -37.71 -23.61 14.68
CA ASN P 49 -38.85 -24.18 15.42
C ASN P 49 -39.96 -23.18 15.68
N SER P 50 -41.19 -23.50 15.29
CA SER P 50 -42.36 -22.65 15.53
C SER P 50 -43.37 -23.30 16.45
N GLU P 51 -43.94 -22.48 17.33
CA GLU P 51 -45.17 -22.78 18.05
C GLU P 51 -46.17 -21.68 17.71
N THR P 52 -47.22 -22.01 16.96
CA THR P 52 -48.27 -21.03 16.63
C THR P 52 -49.61 -21.46 17.26
N ARG P 53 -50.13 -20.58 18.11
CA ARG P 53 -51.31 -20.87 18.91
C ARG P 53 -52.42 -19.87 18.58
N THR P 54 -53.54 -20.40 18.06
CA THR P 54 -54.66 -19.57 17.64
C THR P 54 -55.94 -19.83 18.48
N VAL P 55 -56.51 -18.76 19.01
CA VAL P 55 -57.76 -18.81 19.76
C VAL P 55 -58.78 -17.89 19.10
N THR P 56 -59.95 -18.44 18.77
CA THR P 56 -60.87 -17.72 17.90
C THR P 56 -62.38 -17.90 18.24
N ALA P 57 -63.03 -16.81 18.66
CA ALA P 57 -64.41 -16.83 19.16
C ALA P 57 -65.40 -16.06 18.27
N THR P 58 -66.55 -16.68 18.02
CA THR P 58 -67.55 -16.10 17.13
C THR P 58 -68.97 -16.10 17.75
N HIS P 59 -69.64 -14.95 17.66
CA HIS P 59 -71.06 -14.82 18.03
C HIS P 59 -71.90 -14.49 16.78
N SER P 60 -73.06 -15.13 16.66
CA SER P 60 -73.96 -14.93 15.50
C SER P 60 -75.42 -14.73 15.93
N ILE P 61 -76.03 -13.66 15.44
CA ILE P 61 -77.47 -13.43 15.64
C ILE P 61 -78.18 -13.34 14.28
N GLY P 62 -79.16 -14.22 14.07
CA GLY P 62 -79.91 -14.28 12.82
C GLY P 62 -81.43 -14.18 13.01
N SER P 63 -82.15 -13.82 11.94
CA SER P 63 -83.61 -13.81 11.93
C SER P 63 -84.21 -13.76 10.51
N THR P 64 -85.41 -14.36 10.36
CA THR P 64 -86.20 -14.30 9.12
C THR P 64 -87.68 -13.98 9.36
N ILE P 65 -88.20 -13.04 8.57
CA ILE P 65 -89.63 -12.71 8.54
C ILE P 65 -90.18 -13.11 7.17
N SER P 66 -91.23 -13.95 7.17
CA SER P 66 -91.87 -14.42 5.92
C SER P 66 -93.40 -14.42 5.93
N THR P 67 -93.98 -14.71 4.75
CA THR P 67 -95.41 -14.78 4.53
C THR P 67 -95.90 -16.22 4.62
N GLY P 68 -96.78 -16.48 5.59
CA GLY P 68 -97.48 -17.74 5.69
C GLY P 68 -98.63 -17.78 4.71
N ASP P 69 -99.77 -18.31 5.17
CA ASP P 69 -100.92 -18.55 4.30
C ASP P 69 -101.57 -17.30 3.70
N ALA P 70 -101.07 -16.12 4.07
CA ALA P 70 -101.46 -14.83 3.48
C ALA P 70 -101.10 -14.68 1.98
N PHE P 71 -100.88 -15.82 1.31
CA PHE P 71 -100.46 -15.83 -0.09
C PHE P 71 -101.51 -15.24 -1.05
N GLU P 72 -101.30 -13.98 -1.41
CA GLU P 72 -101.96 -13.36 -2.56
C GLU P 72 -101.18 -13.82 -3.79
N ILE P 73 -101.37 -15.11 -4.13
CA ILE P 73 -100.62 -15.83 -5.19
C ILE P 73 -99.07 -15.89 -4.97
N GLY P 74 -98.55 -15.12 -4.00
CA GLY P 74 -97.09 -15.02 -3.77
C GLY P 74 -96.56 -15.15 -2.35
N SER P 75 -95.24 -15.08 -2.21
CA SER P 75 -94.55 -15.17 -0.91
C SER P 75 -93.29 -14.29 -0.84
N VAL P 76 -93.17 -13.51 0.24
CA VAL P 76 -92.02 -12.61 0.45
C VAL P 76 -91.29 -13.00 1.73
N GLU P 77 -89.96 -13.16 1.63
CA GLU P 77 -89.10 -13.43 2.79
C GLU P 77 -88.06 -12.31 2.98
N VAL P 78 -87.77 -11.97 4.25
CA VAL P 78 -86.76 -10.96 4.60
C VAL P 78 -85.83 -11.50 5.71
N SER P 79 -84.52 -11.53 5.42
CA SER P 79 -83.48 -12.06 6.32
C SER P 79 -82.53 -10.96 6.81
N TYR P 80 -82.10 -11.09 8.07
CA TYR P 80 -81.04 -10.27 8.63
C TYR P 80 -80.18 -11.12 9.56
N SER P 81 -78.85 -10.97 9.43
CA SER P 81 -77.90 -11.59 10.36
C SER P 81 -76.70 -10.69 10.65
N HIS P 82 -76.17 -10.85 11.86
CA HIS P 82 -74.95 -10.17 12.30
C HIS P 82 -74.00 -11.17 12.97
N SER P 83 -72.72 -11.10 12.63
CA SER P 83 -71.69 -11.95 13.23
C SER P 83 -70.41 -11.20 13.61
N HIS P 84 -69.91 -11.53 14.81
CA HIS P 84 -68.76 -10.86 15.41
C HIS P 84 -67.71 -11.88 15.80
N GLN P 85 -66.52 -11.75 15.20
CA GLN P 85 -65.45 -12.70 15.39
C GLN P 85 -64.20 -12.02 15.94
N LYS P 86 -63.70 -12.57 17.05
CA LYS P 86 -62.48 -12.12 17.70
C LYS P 86 -61.44 -13.25 17.66
N SER P 87 -60.24 -12.91 17.20
CA SER P 87 -59.18 -13.89 16.93
C SER P 87 -57.84 -13.41 17.47
N GLN P 88 -57.13 -14.28 18.18
CA GLN P 88 -55.84 -13.97 18.82
C GLN P 88 -54.76 -15.05 18.50
N VAL P 89 -53.75 -14.66 17.71
CA VAL P 89 -52.69 -15.58 17.27
C VAL P 89 -51.36 -15.27 17.94
N SER P 90 -50.83 -16.25 18.67
CA SER P 90 -49.53 -16.16 19.37
C SER P 90 -48.46 -17.08 18.80
N MET P 91 -47.35 -16.49 18.35
CA MET P 91 -46.27 -17.26 17.73
C MET P 91 -44.93 -17.07 18.42
N THR P 92 -44.22 -18.18 18.55
CA THR P 92 -42.85 -18.22 19.02
C THR P 92 -42.04 -18.95 17.98
N GLN P 93 -41.14 -18.23 17.34
CA GLN P 93 -40.20 -18.84 16.41
C GLN P 93 -38.79 -18.72 16.97
N THR P 94 -38.02 -19.79 16.82
CA THR P 94 -36.64 -19.78 17.28
C THR P 94 -35.70 -20.45 16.22
N GLU P 95 -34.61 -19.75 15.87
CA GLU P 95 -33.60 -20.21 14.89
C GLU P 95 -32.25 -20.44 15.54
N VAL P 96 -31.53 -21.45 15.06
CA VAL P 96 -30.08 -21.65 15.35
C VAL P 96 -29.31 -21.99 14.06
N TYR P 97 -28.16 -21.35 13.85
CA TYR P 97 -27.39 -21.59 12.62
C TYR P 97 -25.87 -21.72 12.77
N SER P 98 -25.26 -22.59 11.94
CA SER P 98 -23.80 -22.77 11.81
C SER P 98 -23.34 -22.54 10.39
N SER P 99 -22.06 -22.22 10.25
CA SER P 99 -21.30 -22.40 9.02
C SER P 99 -19.82 -22.45 9.31
N LYS P 100 -19.12 -23.29 8.55
CA LYS P 100 -17.67 -23.26 8.44
C LYS P 100 -17.38 -22.91 6.98
N VAL P 101 -16.57 -21.87 6.77
CA VAL P 101 -16.10 -21.53 5.43
C VAL P 101 -14.57 -21.69 5.41
N ILE P 102 -14.06 -22.30 4.34
CA ILE P 102 -12.61 -22.45 4.14
C ILE P 102 -12.18 -21.84 2.80
N GLU P 103 -11.26 -20.86 2.88
CA GLU P 103 -10.67 -20.18 1.71
C GLU P 103 -9.19 -20.51 1.54
N HIS P 104 -8.80 -20.81 0.32
CA HIS P 104 -7.40 -21.02 -0.03
C HIS P 104 -7.05 -20.16 -1.23
N THR P 105 -6.04 -19.31 -1.07
CA THR P 105 -5.54 -18.52 -2.19
C THR P 105 -4.12 -18.96 -2.56
N ILE P 106 -3.89 -19.17 -3.85
CA ILE P 106 -2.61 -19.61 -4.35
C ILE P 106 -2.25 -18.86 -5.64
N THR P 107 -0.95 -18.63 -5.85
CA THR P 107 -0.47 -18.15 -7.14
C THR P 107 0.06 -19.33 -7.97
N ILE P 108 -0.68 -19.71 -9.01
CA ILE P 108 -0.23 -20.76 -9.90
C ILE P 108 0.66 -20.11 -10.95
N PRO P 109 1.97 -20.47 -10.94
CA PRO P 109 3.00 -19.99 -11.86
C PRO P 109 2.67 -20.38 -13.29
N PRO P 110 3.25 -19.69 -14.29
CA PRO P 110 3.01 -20.10 -15.69
C PRO P 110 3.44 -21.55 -15.96
N THR P 111 2.85 -22.16 -16.98
CA THR P 111 3.05 -23.59 -17.32
C THR P 111 3.09 -24.54 -16.10
N SER P 112 2.09 -24.38 -15.25
CA SER P 112 1.92 -25.17 -14.05
C SER P 112 0.53 -25.76 -13.97
N LYS P 113 0.44 -26.90 -13.30
CA LYS P 113 -0.80 -27.63 -13.06
C LYS P 113 -1.06 -27.62 -11.57
N PHE P 114 -2.28 -27.24 -11.18
CA PHE P 114 -2.70 -27.31 -9.80
C PHE P 114 -3.71 -28.44 -9.64
N THR P 115 -3.56 -29.22 -8.57
CA THR P 115 -4.48 -30.32 -8.29
C THR P 115 -4.95 -30.33 -6.83
N ARG P 116 -6.26 -30.52 -6.63
CA ARG P 116 -6.92 -30.58 -5.32
C ARG P 116 -7.61 -31.94 -5.21
N TRP P 117 -7.19 -32.72 -4.20
CA TRP P 117 -7.85 -33.98 -3.86
C TRP P 117 -8.48 -33.87 -2.49
N GLN P 118 -9.76 -34.24 -2.41
CA GLN P 118 -10.54 -34.09 -1.20
C GLN P 118 -11.02 -35.45 -0.77
N LEU P 119 -10.57 -35.86 0.41
CA LEU P 119 -10.91 -37.17 0.91
C LEU P 119 -11.43 -37.11 2.33
N ASN P 120 -12.08 -38.20 2.72
CA ASN P 120 -12.65 -38.36 4.04
C ASN P 120 -11.82 -39.38 4.79
N ALA P 121 -11.21 -38.94 5.89
CA ALA P 121 -10.33 -39.80 6.67
C ALA P 121 -11.07 -40.40 7.84
N ASP P 122 -10.94 -41.70 8.00
CA ASP P 122 -11.58 -42.43 9.06
C ASP P 122 -10.48 -42.94 9.97
N VAL P 123 -10.45 -42.47 11.21
CA VAL P 123 -9.53 -43.01 12.22
C VAL P 123 -10.12 -44.29 12.80
N GLY P 124 -9.35 -45.38 12.68
CA GLY P 124 -9.80 -46.73 13.06
C GLY P 124 -9.89 -46.90 14.56
N GLY P 125 -10.97 -47.54 15.02
CA GLY P 125 -11.18 -47.79 16.45
C GLY P 125 -11.79 -46.62 17.19
N ALA P 126 -11.13 -45.45 17.06
CA ALA P 126 -11.55 -44.18 17.67
C ALA P 126 -12.97 -43.72 17.32
N GLY P 127 -13.46 -44.10 16.15
CA GLY P 127 -14.75 -43.64 15.64
C GLY P 127 -14.83 -42.13 15.50
N ILE P 128 -13.74 -41.54 14.99
CA ILE P 128 -13.66 -40.10 14.62
C ILE P 128 -13.22 -39.94 13.16
N GLU P 129 -13.69 -38.90 12.51
CA GLU P 129 -13.32 -38.65 11.12
C GLU P 129 -13.10 -37.17 10.81
N TYR P 130 -12.27 -36.89 9.81
CA TYR P 130 -11.96 -35.52 9.45
C TYR P 130 -11.79 -35.36 7.95
N MET P 131 -11.97 -34.11 7.49
CA MET P 131 -11.77 -33.74 6.09
C MET P 131 -10.28 -33.63 5.83
N TYR P 132 -9.83 -34.20 4.72
CA TYR P 132 -8.42 -34.24 4.37
C TYR P 132 -8.23 -33.69 2.97
N LEU P 133 -7.54 -32.56 2.87
CA LEU P 133 -7.37 -31.88 1.59
C LEU P 133 -5.92 -31.83 1.19
N ILE P 134 -5.64 -32.20 -0.05
CA ILE P 134 -4.28 -32.20 -0.60
C ILE P 134 -4.21 -31.34 -1.86
N ASP P 135 -3.45 -30.27 -1.74
CA ASP P 135 -3.21 -29.31 -2.81
C ASP P 135 -1.79 -29.44 -3.32
N GLU P 136 -1.61 -29.39 -4.64
CA GLU P 136 -0.29 -29.43 -5.23
C GLU P 136 -0.18 -28.63 -6.51
N VAL P 137 0.87 -27.81 -6.61
CA VAL P 137 1.31 -27.23 -7.89
C VAL P 137 2.59 -27.91 -8.39
N THR P 138 2.59 -28.31 -9.66
CA THR P 138 3.73 -28.94 -10.34
C THR P 138 3.78 -28.44 -11.79
N PRO P 139 4.93 -28.60 -12.48
CA PRO P 139 5.03 -28.47 -13.94
C PRO P 139 4.05 -29.35 -14.70
N ILE P 140 3.48 -28.82 -15.79
CA ILE P 140 2.62 -29.58 -16.71
C ILE P 140 3.48 -30.63 -17.40
N GLY P 141 2.92 -31.83 -17.54
CA GLY P 141 3.65 -33.00 -17.99
C GLY P 141 3.82 -33.98 -16.85
N GLY P 142 4.61 -35.02 -17.09
CA GLY P 142 4.72 -36.13 -16.14
C GLY P 142 3.44 -36.96 -16.14
N THR P 143 3.35 -37.87 -15.17
CA THR P 143 2.24 -38.80 -15.07
C THR P 143 1.40 -38.50 -13.82
N GLN P 144 0.10 -38.33 -14.02
CA GLN P 144 -0.84 -37.96 -12.95
C GLN P 144 -0.96 -39.02 -11.86
N SER P 145 -0.91 -38.61 -10.59
CA SER P 145 -1.04 -39.55 -9.49
C SER P 145 -2.23 -39.20 -8.60
N ILE P 146 -3.30 -40.00 -8.69
CA ILE P 146 -4.53 -39.76 -7.94
C ILE P 146 -4.64 -40.71 -6.74
N PRO P 147 -4.81 -40.16 -5.51
CA PRO P 147 -4.98 -41.04 -4.36
C PRO P 147 -6.47 -41.37 -4.11
N GLN P 148 -6.88 -42.60 -4.45
CA GLN P 148 -8.26 -43.07 -4.17
C GLN P 148 -8.44 -43.42 -2.72
N VAL P 149 -7.43 -44.06 -2.15
CA VAL P 149 -7.39 -44.42 -0.76
C VAL P 149 -5.94 -44.33 -0.34
N ILE P 150 -5.65 -43.47 0.62
CA ILE P 150 -4.36 -43.49 1.29
C ILE P 150 -4.64 -43.85 2.72
N THR P 151 -3.75 -44.68 3.26
CA THR P 151 -3.86 -45.09 4.64
C THR P 151 -2.50 -44.78 5.30
N SER P 152 -2.55 -44.29 6.55
CA SER P 152 -1.37 -43.78 7.26
C SER P 152 -1.48 -44.03 8.77
N ARG P 153 -0.37 -43.90 9.48
CA ARG P 153 -0.34 -44.14 10.92
C ARG P 153 -0.65 -42.88 11.73
N ALA P 154 -1.15 -43.08 12.95
CA ALA P 154 -1.44 -42.00 13.88
C ALA P 154 -1.44 -42.50 15.32
N LYS P 155 -0.96 -41.67 16.24
CA LYS P 155 -1.12 -41.90 17.67
C LYS P 155 -2.30 -41.05 18.15
N ILE P 156 -3.19 -41.64 18.94
CA ILE P 156 -4.37 -40.93 19.44
C ILE P 156 -4.31 -40.81 20.95
N ILE P 157 -4.24 -39.58 21.46
CA ILE P 157 -4.39 -39.31 22.89
C ILE P 157 -5.85 -39.55 23.26
N VAL P 158 -6.09 -40.62 24.01
CA VAL P 158 -7.45 -41.16 24.25
C VAL P 158 -7.93 -40.96 25.68
N GLY P 159 -9.25 -40.99 25.84
CA GLY P 159 -9.91 -40.81 27.13
C GLY P 159 -9.61 -41.89 28.15
N ARG P 160 -9.81 -41.55 29.42
CA ARG P 160 -9.67 -42.52 30.50
C ARG P 160 -10.75 -43.61 30.36
N GLN P 161 -10.37 -44.85 30.68
CA GLN P 161 -11.22 -46.01 30.42
C GLN P 161 -12.41 -46.11 31.38
N ILE P 162 -13.59 -46.32 30.82
CA ILE P 162 -14.78 -46.73 31.58
C ILE P 162 -14.62 -48.23 31.85
N ILE P 163 -14.20 -48.56 33.08
CA ILE P 163 -14.05 -49.94 33.54
C ILE P 163 -15.45 -50.45 33.86
N LEU P 164 -15.88 -51.50 33.15
CA LEU P 164 -17.21 -52.07 33.29
C LEU P 164 -17.43 -52.64 34.67
N GLY P 165 -18.53 -52.21 35.30
CA GLY P 165 -18.83 -52.58 36.68
C GLY P 165 -18.15 -51.79 37.77
N LYS P 166 -17.18 -50.92 37.42
CA LYS P 166 -16.44 -50.15 38.43
C LYS P 166 -16.63 -48.63 38.35
N THR P 167 -16.27 -48.00 37.23
CA THR P 167 -16.28 -46.54 37.12
C THR P 167 -17.67 -45.94 36.91
N GLU P 168 -17.98 -44.93 37.73
CA GLU P 168 -19.24 -44.19 37.68
C GLU P 168 -19.22 -43.14 36.57
N ILE P 169 -20.34 -43.04 35.84
CA ILE P 169 -20.44 -42.19 34.65
C ILE P 169 -21.75 -41.40 34.56
N ARG P 170 -21.72 -40.29 33.83
CA ARG P 170 -22.96 -39.62 33.44
C ARG P 170 -23.27 -39.95 31.99
N ILE P 171 -24.55 -39.92 31.65
CA ILE P 171 -24.95 -40.12 30.28
C ILE P 171 -25.63 -38.86 29.84
N LYS P 172 -24.97 -38.15 28.93
CA LYS P 172 -25.50 -36.94 28.33
C LYS P 172 -26.07 -37.31 26.97
N HIS P 173 -27.25 -36.78 26.70
CA HIS P 173 -27.86 -36.89 25.39
C HIS P 173 -27.12 -35.92 24.48
N ALA P 174 -26.54 -36.46 23.41
CA ALA P 174 -25.64 -35.71 22.53
C ALA P 174 -26.27 -34.46 21.93
N GLU P 175 -27.40 -34.63 21.27
CA GLU P 175 -28.01 -33.53 20.53
C GLU P 175 -28.58 -32.45 21.42
N ARG P 176 -29.08 -32.82 22.60
CA ARG P 176 -29.79 -31.85 23.44
C ARG P 176 -29.06 -31.40 24.71
N LYS P 177 -27.84 -31.91 24.90
CA LYS P 177 -26.92 -31.50 25.98
C LYS P 177 -27.51 -31.56 27.41
N GLU P 178 -28.48 -32.44 27.63
CA GLU P 178 -29.05 -32.68 28.96
C GLU P 178 -28.70 -34.10 29.42
N TYR P 179 -28.74 -34.34 30.72
CA TYR P 179 -28.38 -35.64 31.28
C TYR P 179 -29.57 -36.58 31.47
N MET P 180 -29.27 -37.88 31.61
CA MET P 180 -30.27 -38.86 31.98
C MET P 180 -30.47 -38.83 33.51
N THR P 181 -31.72 -38.53 33.90
CA THR P 181 -32.20 -38.42 35.29
C THR P 181 -32.99 -39.68 35.64
N VAL P 182 -33.01 -40.01 36.94
CA VAL P 182 -33.95 -40.98 37.47
C VAL P 182 -35.06 -40.24 38.23
N VAL P 183 -36.29 -40.41 37.77
CA VAL P 183 -37.48 -39.82 38.41
C VAL P 183 -38.49 -40.92 38.79
N SER P 184 -39.66 -40.55 39.34
CA SER P 184 -40.73 -41.52 39.64
C SER P 184 -41.97 -41.34 38.76
N ARG P 185 -42.16 -42.27 37.84
CA ARG P 185 -43.42 -42.39 37.14
C ARG P 185 -44.09 -43.64 37.65
N LYS P 186 -45.36 -43.47 38.08
CA LYS P 186 -46.24 -44.58 38.49
C LYS P 186 -45.61 -45.52 39.54
N SER P 187 -44.93 -44.91 40.52
CA SER P 187 -44.25 -45.60 41.64
C SER P 187 -43.18 -46.61 41.21
N TRP P 188 -42.73 -46.48 39.97
CA TRP P 188 -41.56 -47.14 39.41
C TRP P 188 -40.47 -46.05 39.19
N PRO P 189 -39.16 -46.39 39.33
CA PRO P 189 -38.19 -45.39 38.89
C PRO P 189 -38.06 -45.37 37.36
N ALA P 190 -38.21 -44.19 36.76
CA ALA P 190 -38.15 -44.00 35.31
C ALA P 190 -37.05 -43.02 34.89
N ALA P 191 -36.59 -43.16 33.66
CA ALA P 191 -35.58 -42.27 33.09
C ALA P 191 -36.24 -41.07 32.41
N THR P 192 -35.67 -39.88 32.68
CA THR P 192 -36.02 -38.64 32.00
C THR P 192 -34.77 -37.77 31.74
N LEU P 193 -34.92 -36.75 30.89
CA LEU P 193 -33.83 -35.81 30.56
C LEU P 193 -33.88 -34.56 31.44
N GLY P 194 -32.72 -33.92 31.63
CA GLY P 194 -32.62 -32.73 32.49
C GLY P 194 -31.20 -32.32 32.87
N HIS P 195 -31.09 -31.22 33.62
CA HIS P 195 -29.81 -30.53 33.81
C HIS P 195 -28.93 -31.00 34.97
N SER P 196 -29.47 -31.82 35.87
CA SER P 196 -28.73 -32.26 37.05
C SER P 196 -27.43 -32.98 36.69
N LYS P 197 -26.33 -32.55 37.32
CA LYS P 197 -25.02 -33.18 37.09
C LYS P 197 -24.81 -34.35 38.07
N LEU P 198 -25.90 -34.72 38.75
CA LEU P 198 -25.85 -35.54 39.96
C LEU P 198 -26.24 -37.01 39.78
N PHE P 199 -26.90 -37.30 38.66
CA PHE P 199 -27.34 -38.65 38.33
C PHE P 199 -26.23 -39.48 37.68
N LYS P 200 -25.65 -40.37 38.48
CA LYS P 200 -24.58 -41.26 38.04
C LYS P 200 -25.14 -42.64 37.64
N PHE P 201 -24.35 -43.35 36.84
CA PHE P 201 -24.65 -44.71 36.36
C PHE P 201 -23.38 -45.57 36.37
N VAL P 202 -23.55 -46.88 36.42
CA VAL P 202 -22.43 -47.82 36.24
C VAL P 202 -22.83 -48.77 35.12
N LEU P 203 -21.86 -49.07 34.24
CA LEU P 203 -22.10 -49.99 33.11
C LEU P 203 -21.60 -51.41 33.34
N TYR P 204 -22.43 -52.38 32.92
CA TYR P 204 -22.14 -53.81 33.07
C TYR P 204 -22.34 -54.58 31.77
N GLU P 205 -21.50 -55.59 31.56
CA GLU P 205 -21.66 -56.56 30.47
C GLU P 205 -21.62 -57.99 30.99
N ASP P 206 -22.56 -58.79 30.51
CA ASP P 206 -22.55 -60.24 30.68
C ASP P 206 -22.93 -60.95 29.36
N TRP P 207 -23.23 -62.25 29.44
CA TRP P 207 -23.60 -63.06 28.26
C TRP P 207 -24.78 -62.50 27.47
N GLY P 208 -25.68 -61.78 28.15
CA GLY P 208 -26.92 -61.27 27.56
C GLY P 208 -26.87 -59.90 26.91
N GLY P 209 -25.73 -59.21 27.06
CA GLY P 209 -25.52 -57.85 26.56
C GLY P 209 -25.06 -56.90 27.65
N PHE P 210 -25.41 -55.62 27.50
CA PHE P 210 -25.04 -54.55 28.44
C PHE P 210 -26.19 -54.09 29.30
N ARG P 211 -25.88 -53.68 30.53
CA ARG P 211 -26.89 -53.11 31.43
C ARG P 211 -26.45 -51.76 31.99
N ILE P 212 -27.37 -50.80 31.97
CA ILE P 212 -27.16 -49.49 32.58
C ILE P 212 -27.75 -49.53 33.98
N LYS P 213 -26.89 -49.36 34.98
CA LYS P 213 -27.35 -49.37 36.37
C LYS P 213 -27.29 -47.98 36.98
N THR P 214 -28.42 -47.47 37.49
CA THR P 214 -28.44 -46.21 38.24
C THR P 214 -28.03 -46.35 39.71
N LEU P 215 -27.29 -45.35 40.21
CA LEU P 215 -26.91 -45.27 41.63
C LEU P 215 -27.81 -44.27 42.37
N ASN P 216 -28.93 -43.91 41.74
CA ASN P 216 -29.79 -42.81 42.16
C ASN P 216 -31.26 -43.19 42.12
N THR P 217 -31.58 -44.44 42.45
CA THR P 217 -32.96 -44.91 42.53
C THR P 217 -33.62 -44.56 43.88
N MET P 218 -34.90 -44.19 43.82
CA MET P 218 -35.66 -43.90 45.04
C MET P 218 -36.35 -45.15 45.62
N TYR P 219 -36.32 -46.24 44.83
CA TYR P 219 -36.87 -47.53 45.26
C TYR P 219 -35.77 -48.58 45.27
N SER P 220 -35.19 -48.83 46.45
CA SER P 220 -34.10 -49.78 46.63
C SER P 220 -34.16 -51.02 45.74
N GLY P 221 -33.06 -51.27 45.01
CA GLY P 221 -32.90 -52.47 44.20
C GLY P 221 -33.50 -52.43 42.80
N TYR P 222 -34.36 -51.44 42.56
CA TYR P 222 -34.95 -51.19 41.23
C TYR P 222 -34.02 -50.25 40.46
N GLU P 223 -33.02 -50.83 39.78
CA GLU P 223 -31.81 -50.10 39.37
C GLU P 223 -31.31 -50.26 37.92
N TYR P 224 -31.74 -51.33 37.22
CA TYR P 224 -31.26 -51.59 35.86
C TYR P 224 -32.26 -51.14 34.81
N ALA P 225 -31.77 -50.49 33.76
CA ALA P 225 -32.66 -49.86 32.79
C ALA P 225 -33.35 -50.90 31.91
N TYR P 226 -34.67 -50.77 31.76
CA TYR P 226 -35.46 -51.65 30.90
C TYR P 226 -36.57 -50.94 30.14
N SER P 227 -37.03 -51.59 29.06
CA SER P 227 -38.12 -51.06 28.25
C SER P 227 -39.45 -51.71 28.63
N SER P 228 -40.44 -50.87 28.96
CA SER P 228 -41.82 -51.30 29.17
C SER P 228 -42.42 -51.68 27.83
N ASP P 229 -43.51 -52.43 27.86
CA ASP P 229 -44.15 -52.93 26.64
C ASP P 229 -44.70 -51.83 25.73
N GLN P 230 -44.69 -50.59 26.20
CA GLN P 230 -45.10 -49.43 25.39
C GLN P 230 -43.97 -48.45 25.08
N GLY P 231 -42.76 -48.76 25.53
CA GLY P 231 -41.57 -47.99 25.13
C GLY P 231 -40.79 -47.24 26.19
N GLY P 232 -41.48 -46.76 27.23
CA GLY P 232 -40.87 -46.00 28.32
C GLY P 232 -39.74 -46.74 29.04
N ILE P 233 -38.72 -46.01 29.44
CA ILE P 233 -37.61 -46.57 30.20
C ILE P 233 -37.93 -46.46 31.69
N TYR P 234 -37.83 -47.61 32.36
CA TYR P 234 -37.87 -47.69 33.81
C TYR P 234 -36.66 -48.47 34.33
N PHE P 235 -36.58 -48.61 35.64
CA PHE P 235 -35.49 -49.33 36.28
C PHE P 235 -36.01 -50.47 37.12
N ASP P 236 -35.60 -51.68 36.75
CA ASP P 236 -36.06 -52.92 37.38
C ASP P 236 -35.00 -53.54 38.30
N GLN P 237 -35.39 -54.60 38.99
CA GLN P 237 -34.47 -55.46 39.72
C GLN P 237 -33.70 -56.32 38.73
N GLY P 238 -32.51 -56.77 39.14
CA GLY P 238 -31.63 -57.59 38.29
C GLY P 238 -32.16 -58.97 37.99
N THR P 239 -32.81 -59.11 36.84
CA THR P 239 -33.30 -60.41 36.32
C THR P 239 -32.42 -60.86 35.15
N ASP P 240 -32.85 -61.90 34.43
CA ASP P 240 -32.17 -62.35 33.21
C ASP P 240 -32.86 -61.76 31.98
N ASN P 241 -33.97 -61.06 32.21
CA ASN P 241 -34.82 -60.50 31.16
C ASN P 241 -34.02 -59.79 30.07
N PRO P 242 -34.21 -60.20 28.79
CA PRO P 242 -33.64 -59.51 27.63
C PRO P 242 -34.01 -58.02 27.56
N LYS P 243 -35.19 -57.65 28.08
CA LYS P 243 -35.68 -56.27 28.05
C LYS P 243 -34.80 -55.29 28.85
N GLN P 244 -33.97 -55.80 29.75
CA GLN P 244 -33.05 -54.94 30.50
C GLN P 244 -31.58 -55.00 30.02
N ARG P 245 -31.39 -55.64 28.86
CA ARG P 245 -30.08 -55.69 28.19
C ARG P 245 -30.06 -54.89 26.89
N TRP P 246 -28.88 -54.39 26.57
CA TRP P 246 -28.68 -53.41 25.53
C TRP P 246 -27.44 -53.73 24.68
N ALA P 247 -27.56 -53.48 23.37
CA ALA P 247 -26.45 -53.64 22.43
C ALA P 247 -25.80 -52.29 22.15
N ILE P 248 -24.49 -52.26 22.31
CA ILE P 248 -23.66 -51.08 22.10
C ILE P 248 -23.27 -50.95 20.62
N ASN P 249 -22.83 -49.77 20.20
CA ASN P 249 -22.45 -49.53 18.79
C ASN P 249 -20.94 -49.70 18.48
N LYS P 250 -20.09 -49.62 19.50
CA LYS P 250 -18.64 -49.76 19.31
C LYS P 250 -18.03 -50.97 20.00
N SER P 251 -16.78 -51.26 19.69
CA SER P 251 -16.04 -52.28 20.39
C SER P 251 -15.47 -51.71 21.67
N LEU P 252 -15.29 -52.57 22.66
CA LEU P 252 -14.60 -52.23 23.90
C LEU P 252 -13.11 -51.97 23.66
N PRO P 253 -12.45 -51.14 24.51
CA PRO P 253 -12.91 -50.46 25.73
C PRO P 253 -13.80 -49.25 25.49
N LEU P 254 -14.68 -48.97 26.44
CA LEU P 254 -15.40 -47.71 26.45
C LEU P 254 -14.53 -46.70 27.18
N ARG P 255 -14.57 -45.46 26.70
CA ARG P 255 -13.73 -44.38 27.18
C ARG P 255 -14.53 -43.10 27.40
N HIS P 256 -14.02 -42.21 28.26
CA HIS P 256 -14.62 -40.88 28.48
C HIS P 256 -14.93 -40.20 27.15
N GLY P 257 -16.10 -39.61 27.06
CA GLY P 257 -16.50 -38.87 25.87
C GLY P 257 -16.83 -39.67 24.62
N ASP P 258 -16.91 -41.00 24.76
CA ASP P 258 -17.32 -41.85 23.64
C ASP P 258 -18.78 -41.60 23.28
N VAL P 259 -19.03 -41.30 22.01
CA VAL P 259 -20.39 -41.25 21.46
C VAL P 259 -20.88 -42.69 21.36
N VAL P 260 -21.96 -43.03 22.06
CA VAL P 260 -22.55 -44.38 21.98
C VAL P 260 -24.05 -44.37 21.68
N THR P 261 -24.55 -45.50 21.17
CA THR P 261 -26.00 -45.71 21.14
C THR P 261 -26.37 -47.06 21.75
N PHE P 262 -27.59 -47.14 22.29
CA PHE P 262 -28.08 -48.34 22.97
C PHE P 262 -29.31 -48.99 22.32
N MET P 263 -29.09 -50.17 21.73
CA MET P 263 -30.15 -50.97 21.13
C MET P 263 -30.64 -52.01 22.13
N ASN P 264 -31.96 -52.18 22.21
CA ASN P 264 -32.60 -53.15 23.12
C ASN P 264 -32.38 -54.57 22.64
N LYS P 265 -31.87 -55.42 23.54
CA LYS P 265 -31.66 -56.85 23.27
C LYS P 265 -32.96 -57.64 22.98
N TYR P 266 -34.05 -57.26 23.64
CA TYR P 266 -35.36 -57.85 23.38
C TYR P 266 -36.04 -57.24 22.15
N PHE P 267 -36.48 -55.98 22.22
CA PHE P 267 -37.04 -55.31 21.04
C PHE P 267 -35.90 -54.80 20.18
N THR P 268 -35.40 -55.67 19.31
CA THR P 268 -34.18 -55.43 18.53
C THR P 268 -34.23 -54.21 17.60
N ARG P 269 -35.41 -53.93 17.05
CA ARG P 269 -35.64 -52.78 16.16
C ARG P 269 -35.60 -51.41 16.85
N SER P 270 -35.72 -51.40 18.18
CA SER P 270 -35.83 -50.16 18.93
C SER P 270 -34.58 -49.84 19.74
N GLY P 271 -34.28 -48.55 19.84
CA GLY P 271 -33.11 -48.04 20.55
C GLY P 271 -33.39 -46.90 21.52
N LEU P 272 -32.44 -46.68 22.43
CA LEU P 272 -32.54 -45.69 23.49
C LEU P 272 -32.58 -44.28 22.90
N CYS P 273 -33.66 -43.54 23.18
CA CYS P 273 -33.93 -42.28 22.48
C CYS P 273 -34.69 -41.21 23.29
N TYR P 274 -34.89 -40.05 22.66
CA TYR P 274 -35.68 -38.96 23.23
C TYR P 274 -37.01 -38.88 22.51
N ASP P 275 -38.09 -38.76 23.28
CA ASP P 275 -39.40 -38.39 22.77
C ASP P 275 -40.15 -37.64 23.86
N ASP P 276 -40.92 -36.62 23.47
CA ASP P 276 -41.77 -35.91 24.44
C ASP P 276 -43.06 -36.69 24.81
N GLY P 277 -42.93 -37.62 25.77
CA GLY P 277 -44.06 -38.43 26.24
C GLY P 277 -44.89 -37.72 27.31
N PRO P 278 -45.92 -38.40 27.87
CA PRO P 278 -46.83 -37.76 28.83
C PRO P 278 -46.20 -37.27 30.14
N ALA P 279 -45.16 -37.95 30.62
CA ALA P 279 -44.56 -37.63 31.92
C ALA P 279 -43.05 -37.72 31.96
N THR P 280 -42.49 -38.65 31.19
CA THR P 280 -41.05 -38.74 30.98
C THR P 280 -40.74 -38.57 29.51
N ASN P 281 -39.46 -38.33 29.19
CA ASN P 281 -39.00 -38.14 27.81
C ASN P 281 -37.84 -39.02 27.32
N VAL P 282 -37.48 -40.06 28.09
CA VAL P 282 -36.53 -41.10 27.63
C VAL P 282 -37.31 -42.37 27.28
N TYR P 283 -37.28 -42.74 25.99
CA TYR P 283 -38.01 -43.89 25.47
C TYR P 283 -37.12 -44.86 24.69
N CYS P 284 -37.76 -45.87 24.12
CA CYS P 284 -37.14 -46.96 23.38
C CYS P 284 -38.18 -47.29 22.31
N LEU P 285 -38.01 -46.65 21.16
CA LEU P 285 -38.97 -46.72 20.04
C LEU P 285 -38.38 -47.26 18.74
N ASP P 286 -39.24 -47.86 17.92
CA ASP P 286 -38.84 -48.49 16.65
C ASP P 286 -38.27 -47.47 15.68
N LYS P 287 -37.22 -47.87 14.94
CA LYS P 287 -36.46 -47.01 14.00
C LYS P 287 -35.56 -45.96 14.67
N ARG P 288 -35.75 -45.71 15.96
CA ARG P 288 -35.09 -44.56 16.61
C ARG P 288 -33.88 -45.00 17.40
N GLU P 289 -32.86 -44.16 17.38
CA GLU P 289 -31.54 -44.50 17.90
C GLU P 289 -30.72 -43.22 18.14
N ASP P 290 -31.02 -42.51 19.23
CA ASP P 290 -30.29 -41.27 19.53
C ASP P 290 -28.86 -41.55 20.04
N LYS P 291 -27.98 -40.58 19.79
CA LYS P 291 -26.57 -40.61 20.25
C LYS P 291 -26.43 -40.09 21.69
N TRP P 292 -25.60 -40.78 22.48
CA TRP P 292 -25.38 -40.45 23.89
C TRP P 292 -23.88 -40.40 24.17
N ILE P 293 -23.44 -39.45 25.01
CA ILE P 293 -22.02 -39.34 25.34
C ILE P 293 -21.84 -39.72 26.81
N LEU P 294 -20.82 -40.53 27.08
CA LEU P 294 -20.60 -41.04 28.42
C LEU P 294 -19.45 -40.29 29.03
N GLU P 295 -19.66 -39.75 30.23
CA GLU P 295 -18.66 -38.95 30.93
C GLU P 295 -18.24 -39.60 32.22
N VAL P 296 -16.94 -39.84 32.36
CA VAL P 296 -16.33 -40.34 33.60
C VAL P 296 -16.42 -39.26 34.67
N VAL P 297 -16.99 -39.58 35.83
CA VAL P 297 -17.10 -38.58 36.92
C VAL P 297 -15.76 -38.35 37.61
N GLY P 298 -15.58 -37.12 38.10
CA GLY P 298 -14.38 -36.67 38.79
C GLY P 298 -14.24 -37.23 40.20
N GLY Q 9 -8.43 -10.27 49.49
CA GLY Q 9 -8.27 -11.74 49.25
C GLY Q 9 -9.53 -12.41 48.72
N TYR Q 10 -9.34 -13.37 47.82
CA TYR Q 10 -10.42 -14.12 47.18
C TYR Q 10 -10.18 -15.63 47.17
N GLU Q 11 -11.25 -16.40 47.08
CA GLU Q 11 -11.20 -17.86 46.97
C GLU Q 11 -10.75 -18.40 45.61
N GLN Q 12 -9.92 -19.44 45.64
CA GLN Q 12 -9.33 -19.97 44.43
C GLN Q 12 -9.19 -21.49 44.47
N ILE Q 13 -9.91 -22.21 43.59
CA ILE Q 13 -9.86 -23.69 43.60
C ILE Q 13 -9.18 -24.31 42.38
N GLU Q 14 -8.33 -25.31 42.64
CA GLU Q 14 -7.63 -26.04 41.58
C GLU Q 14 -8.43 -27.26 41.12
N VAL Q 15 -8.46 -27.45 39.80
CA VAL Q 15 -9.42 -28.32 39.13
C VAL Q 15 -8.79 -28.83 37.84
N ASP Q 16 -9.20 -30.00 37.36
CA ASP Q 16 -8.84 -30.36 35.98
C ASP Q 16 -9.93 -30.10 34.94
N VAL Q 17 -9.49 -29.58 33.80
CA VAL Q 17 -10.36 -29.38 32.65
C VAL Q 17 -10.18 -30.56 31.70
N VAL Q 18 -11.29 -31.08 31.19
CA VAL Q 18 -11.29 -32.28 30.37
C VAL Q 18 -11.90 -31.93 29.03
N ALA Q 19 -11.12 -32.06 27.97
CA ALA Q 19 -11.56 -31.65 26.65
C ALA Q 19 -11.79 -32.85 25.72
N VAL Q 20 -12.87 -32.80 24.94
CA VAL Q 20 -13.27 -33.93 24.10
C VAL Q 20 -13.39 -33.51 22.63
N TRP Q 21 -12.73 -34.26 21.74
CA TRP Q 21 -12.68 -34.01 20.30
C TRP Q 21 -14.07 -33.91 19.71
N LYS Q 22 -14.31 -32.84 18.97
CA LYS Q 22 -15.62 -32.55 18.39
C LYS Q 22 -15.63 -32.60 16.85
N GLU Q 23 -14.65 -31.91 16.22
CA GLU Q 23 -14.40 -32.05 14.78
C GLU Q 23 -12.91 -31.79 14.45
N GLY Q 24 -12.51 -32.16 13.25
CA GLY Q 24 -11.12 -31.97 12.81
C GLY Q 24 -10.96 -31.64 11.33
N TYR Q 25 -9.80 -31.10 10.98
CA TYR Q 25 -9.49 -30.77 9.59
C TYR Q 25 -7.98 -30.85 9.36
N VAL Q 26 -7.60 -31.45 8.22
CA VAL Q 26 -6.19 -31.63 7.84
C VAL Q 26 -6.01 -31.17 6.38
N TYR Q 27 -4.95 -30.39 6.16
CA TYR Q 27 -4.64 -29.81 4.87
C TYR Q 27 -3.16 -29.92 4.59
N GLU Q 28 -2.83 -30.49 3.43
CA GLU Q 28 -1.45 -30.58 2.97
C GLU Q 28 -1.29 -29.73 1.72
N ASN Q 29 -0.27 -28.88 1.75
CA ASN Q 29 0.16 -28.11 0.61
C ASN Q 29 1.48 -28.75 0.22
N ARG Q 30 1.43 -29.63 -0.77
CA ARG Q 30 2.66 -30.32 -1.21
C ARG Q 30 3.38 -29.70 -2.41
N GLY Q 31 2.77 -28.66 -3.00
CA GLY Q 31 3.44 -27.83 -4.01
C GLY Q 31 4.60 -27.00 -3.45
N SER Q 32 5.22 -26.19 -4.31
CA SER Q 32 6.39 -25.43 -3.88
C SER Q 32 6.19 -23.92 -3.79
N THR Q 33 4.94 -23.46 -3.91
CA THR Q 33 4.55 -22.10 -3.52
C THR Q 33 3.69 -22.22 -2.27
N SER Q 34 3.72 -21.21 -1.42
CA SER Q 34 2.89 -21.23 -0.20
C SER Q 34 1.43 -20.90 -0.52
N VAL Q 35 0.52 -21.20 0.43
CA VAL Q 35 -0.91 -20.85 0.32
C VAL Q 35 -1.38 -19.98 1.48
N ASP Q 36 -2.37 -19.15 1.20
CA ASP Q 36 -3.00 -18.33 2.19
C ASP Q 36 -4.35 -18.96 2.48
N GLN Q 37 -4.46 -19.50 3.70
CA GLN Q 37 -5.67 -20.15 4.15
C GLN Q 37 -6.43 -19.32 5.16
N LYS Q 38 -7.73 -19.15 4.91
CA LYS Q 38 -8.64 -18.49 5.82
C LYS Q 38 -9.79 -19.43 6.22
N ILE Q 39 -9.77 -19.91 7.48
CA ILE Q 39 -10.93 -20.61 8.05
C ILE Q 39 -11.77 -19.60 8.82
N THR Q 40 -13.09 -19.75 8.74
CA THR Q 40 -14.00 -18.78 9.31
C THR Q 40 -15.31 -19.46 9.77
N ILE Q 41 -15.49 -19.49 11.09
CA ILE Q 41 -16.60 -20.24 11.75
C ILE Q 41 -17.67 -19.36 12.45
N THR Q 42 -18.94 -19.64 12.13
CA THR Q 42 -20.11 -18.86 12.54
C THR Q 42 -21.12 -19.71 13.31
N LYS Q 43 -21.50 -19.19 14.47
CA LYS Q 43 -22.54 -19.71 15.34
C LYS Q 43 -23.52 -18.54 15.56
N GLY Q 44 -24.83 -18.78 15.48
CA GLY Q 44 -25.82 -17.69 15.64
C GLY Q 44 -27.23 -18.12 15.99
N MET Q 45 -28.01 -17.20 16.58
CA MET Q 45 -29.45 -17.41 16.90
C MET Q 45 -30.37 -16.21 16.64
N LYS Q 46 -31.62 -16.48 16.23
CA LYS Q 46 -32.69 -15.49 16.04
C LYS Q 46 -33.93 -15.95 16.81
N ASN Q 47 -34.55 -15.05 17.58
CA ASN Q 47 -35.83 -15.33 18.30
C ASN Q 47 -36.91 -14.34 17.90
N VAL Q 48 -38.04 -14.85 17.44
CA VAL Q 48 -39.14 -14.02 16.95
C VAL Q 48 -40.42 -14.34 17.70
N ASN Q 49 -41.09 -13.29 18.20
CA ASN Q 49 -42.41 -13.39 18.84
C ASN Q 49 -43.47 -12.55 18.13
N SER Q 50 -44.61 -13.20 17.82
CA SER Q 50 -45.74 -12.57 17.14
C SER Q 50 -46.99 -12.52 18.03
N GLU Q 51 -47.73 -11.40 17.95
CA GLU Q 51 -49.07 -11.30 18.51
C GLU Q 51 -49.97 -10.66 17.47
N THR Q 52 -50.90 -11.44 16.93
CA THR Q 52 -51.79 -10.95 15.90
C THR Q 52 -53.26 -11.02 16.33
N ARG Q 53 -53.85 -9.85 16.54
CA ARG Q 53 -55.22 -9.72 17.02
C ARG Q 53 -56.16 -9.27 15.89
N THR Q 54 -57.14 -10.11 15.59
CA THR Q 54 -58.13 -9.86 14.52
C THR Q 54 -59.53 -9.70 15.11
N VAL Q 55 -60.20 -8.61 14.75
CA VAL Q 55 -61.58 -8.34 15.14
C VAL Q 55 -62.36 -8.11 13.85
N THR Q 56 -63.48 -8.83 13.69
CA THR Q 56 -64.16 -8.85 12.40
C THR Q 56 -65.71 -8.95 12.44
N ALA Q 57 -66.37 -7.91 11.93
CA ALA Q 57 -67.83 -7.77 12.00
C ALA Q 57 -68.53 -7.79 10.63
N THR Q 58 -69.65 -8.50 10.57
CA THR Q 58 -70.42 -8.66 9.34
C THR Q 58 -71.91 -8.40 9.53
N HIS Q 59 -72.49 -7.64 8.60
CA HIS Q 59 -73.93 -7.40 8.51
C HIS Q 59 -74.46 -7.97 7.18
N SER Q 60 -75.62 -8.63 7.22
CA SER Q 60 -76.27 -9.18 6.01
C SER Q 60 -77.77 -8.90 5.96
N ILE Q 61 -78.23 -8.39 4.82
CA ILE Q 61 -79.66 -8.19 4.55
C ILE Q 61 -80.03 -9.07 3.35
N GLY Q 62 -80.82 -10.11 3.60
CA GLY Q 62 -81.32 -11.02 2.57
C GLY Q 62 -82.82 -10.88 2.31
N SER Q 63 -83.28 -11.46 1.20
CA SER Q 63 -84.68 -11.32 0.75
C SER Q 63 -84.98 -12.24 -0.44
N THR Q 64 -86.14 -12.92 -0.39
CA THR Q 64 -86.64 -13.69 -1.53
C THR Q 64 -88.12 -13.40 -1.84
N ILE Q 65 -88.42 -13.10 -3.11
CA ILE Q 65 -89.80 -12.97 -3.59
C ILE Q 65 -90.10 -14.15 -4.50
N SER Q 66 -91.19 -14.85 -4.18
CA SER Q 66 -91.54 -16.15 -4.79
C SER Q 66 -93.05 -16.35 -5.12
N THR Q 67 -93.36 -17.33 -5.98
CA THR Q 67 -94.75 -17.69 -6.35
C THR Q 67 -94.88 -19.19 -6.60
N SER Q 75 -93.28 -21.83 -11.52
CA SER Q 75 -92.81 -21.09 -10.35
C SER Q 75 -91.58 -20.22 -10.62
N VAL Q 76 -91.65 -18.95 -10.21
CA VAL Q 76 -90.57 -17.95 -10.36
C VAL Q 76 -90.14 -17.51 -8.97
N GLU Q 77 -88.83 -17.52 -8.72
CA GLU Q 77 -88.23 -17.00 -7.48
C GLU Q 77 -87.16 -15.94 -7.81
N VAL Q 78 -87.11 -14.87 -7.01
CA VAL Q 78 -86.04 -13.85 -7.11
C VAL Q 78 -85.45 -13.53 -5.74
N SER Q 79 -84.12 -13.58 -5.65
CA SER Q 79 -83.36 -13.32 -4.42
C SER Q 79 -82.49 -12.08 -4.56
N TYR Q 80 -82.36 -11.35 -3.46
CA TYR Q 80 -81.40 -10.26 -3.33
C TYR Q 80 -80.78 -10.30 -1.93
N SER Q 81 -79.46 -10.35 -1.85
CA SER Q 81 -78.73 -10.19 -0.59
C SER Q 81 -77.61 -9.17 -0.69
N HIS Q 82 -77.33 -8.51 0.44
CA HIS Q 82 -76.27 -7.52 0.56
C HIS Q 82 -75.54 -7.76 1.89
N SER Q 83 -74.20 -7.75 1.86
CA SER Q 83 -73.39 -7.90 3.07
C SER Q 83 -72.24 -6.90 3.14
N HIS Q 84 -72.02 -6.36 4.33
CA HIS Q 84 -70.92 -5.45 4.62
C HIS Q 84 -70.04 -6.01 5.76
N GLN Q 85 -68.78 -6.33 5.43
CA GLN Q 85 -67.81 -6.87 6.40
C GLN Q 85 -66.65 -5.92 6.65
N LYS Q 86 -66.38 -5.68 7.93
CA LYS Q 86 -65.36 -4.74 8.37
C LYS Q 86 -64.42 -5.51 9.28
N SER Q 87 -63.12 -5.46 9.01
CA SER Q 87 -62.15 -6.11 9.91
C SER Q 87 -60.87 -5.31 10.15
N GLN Q 88 -60.38 -5.39 11.39
CA GLN Q 88 -59.18 -4.71 11.90
C GLN Q 88 -58.15 -5.70 12.45
N VAL Q 89 -56.95 -5.69 11.86
CA VAL Q 89 -55.86 -6.60 12.24
C VAL Q 89 -54.70 -5.80 12.82
N SER Q 90 -54.35 -6.09 14.07
CA SER Q 90 -53.23 -5.46 14.75
C SER Q 90 -52.17 -6.48 15.05
N MET Q 91 -50.96 -6.23 14.55
CA MET Q 91 -49.87 -7.17 14.73
C MET Q 91 -48.65 -6.55 15.45
N THR Q 92 -48.07 -7.34 16.34
CA THR Q 92 -46.86 -6.98 17.08
C THR Q 92 -45.80 -8.08 16.97
N GLN Q 93 -44.66 -7.72 16.37
CA GLN Q 93 -43.56 -8.64 16.15
C GLN Q 93 -42.33 -8.08 16.80
N THR Q 94 -41.70 -8.90 17.63
CA THR Q 94 -40.38 -8.54 18.16
C THR Q 94 -39.33 -9.67 17.92
N GLU Q 95 -38.13 -9.24 17.55
CA GLU Q 95 -37.07 -10.09 17.04
C GLU Q 95 -35.81 -9.79 17.84
N VAL Q 96 -35.13 -10.80 18.37
CA VAL Q 96 -33.74 -10.64 18.87
C VAL Q 96 -32.76 -11.61 18.22
N TYR Q 97 -31.58 -11.12 17.84
CA TYR Q 97 -30.58 -11.97 17.21
C TYR Q 97 -29.17 -11.75 17.76
N SER Q 98 -28.36 -12.81 17.74
CA SER Q 98 -26.91 -12.71 17.97
C SER Q 98 -26.06 -13.62 17.06
N SER Q 99 -24.79 -13.27 16.86
CA SER Q 99 -23.83 -14.07 16.08
C SER Q 99 -22.48 -13.97 16.75
N LYS Q 100 -21.73 -15.07 16.69
CA LYS Q 100 -20.31 -15.14 17.03
C LYS Q 100 -19.56 -15.60 15.78
N VAL Q 101 -18.60 -14.80 15.33
CA VAL Q 101 -17.82 -15.17 14.15
C VAL Q 101 -16.33 -15.19 14.49
N ILE Q 102 -15.71 -16.36 14.38
CA ILE Q 102 -14.27 -16.52 14.60
C ILE Q 102 -13.57 -16.77 13.25
N GLU Q 103 -12.52 -16.00 12.98
CA GLU Q 103 -11.85 -15.97 11.67
C GLU Q 103 -10.34 -16.09 11.85
N HIS Q 104 -9.73 -17.11 11.26
CA HIS Q 104 -8.27 -17.30 11.33
C HIS Q 104 -7.62 -17.30 9.95
N THR Q 105 -6.60 -16.44 9.79
CA THR Q 105 -5.79 -16.43 8.56
C THR Q 105 -4.34 -16.81 8.83
N ILE Q 106 -3.87 -17.81 8.09
CA ILE Q 106 -2.51 -18.34 8.20
C ILE Q 106 -1.88 -18.45 6.82
N THR Q 107 -0.56 -18.32 6.75
CA THR Q 107 0.20 -18.66 5.55
C THR Q 107 0.88 -20.00 5.76
N ILE Q 108 0.42 -21.00 5.01
CA ILE Q 108 0.97 -22.33 5.06
C ILE Q 108 2.06 -22.43 4.02
N PRO Q 109 3.33 -22.60 4.46
CA PRO Q 109 4.54 -22.75 3.63
C PRO Q 109 4.48 -23.95 2.71
N PRO Q 110 5.31 -23.98 1.64
CA PRO Q 110 5.36 -25.17 0.77
C PRO Q 110 5.79 -26.44 1.52
N THR Q 111 5.39 -27.60 0.98
CA THR Q 111 5.55 -28.91 1.64
C THR Q 111 5.29 -28.90 3.16
N SER Q 112 4.13 -28.34 3.51
CA SER Q 112 3.66 -28.26 4.89
C SER Q 112 2.24 -28.79 5.05
N LYS Q 113 1.94 -29.20 6.28
CA LYS Q 113 0.69 -29.81 6.65
C LYS Q 113 0.05 -28.90 7.72
N PHE Q 114 -1.20 -28.53 7.50
CA PHE Q 114 -1.95 -27.80 8.50
C PHE Q 114 -3.02 -28.69 9.10
N THR Q 115 -3.14 -28.65 10.43
CA THR Q 115 -4.15 -29.45 11.13
C THR Q 115 -4.87 -28.62 12.18
N ARG Q 116 -6.20 -28.70 12.20
CA ARG Q 116 -7.06 -28.03 13.18
C ARG Q 116 -7.85 -29.08 13.97
N TRP Q 117 -7.66 -29.12 15.29
CA TRP Q 117 -8.52 -29.91 16.17
C TRP Q 117 -9.44 -29.01 16.97
N GLN Q 118 -10.75 -29.30 16.94
CA GLN Q 118 -11.73 -28.61 17.75
C GLN Q 118 -12.17 -29.54 18.87
N LEU Q 119 -11.80 -29.18 20.09
CA LEU Q 119 -12.27 -29.89 21.27
C LEU Q 119 -13.30 -29.05 22.03
N ASN Q 120 -13.97 -29.71 22.98
CA ASN Q 120 -14.96 -29.08 23.82
C ASN Q 120 -14.53 -29.34 25.24
N ALA Q 121 -14.04 -28.30 25.88
CA ALA Q 121 -13.45 -28.43 27.20
C ALA Q 121 -14.49 -28.21 28.27
N ASP Q 122 -14.46 -29.07 29.28
CA ASP Q 122 -15.38 -29.04 30.39
C ASP Q 122 -14.54 -28.78 31.63
N VAL Q 123 -14.75 -27.62 32.26
CA VAL Q 123 -14.07 -27.32 33.53
C VAL Q 123 -14.77 -28.10 34.66
N GLY Q 124 -13.98 -28.92 35.36
CA GLY Q 124 -14.50 -29.87 36.36
C GLY Q 124 -15.10 -29.22 37.58
N GLY Q 125 -16.37 -29.52 37.85
CA GLY Q 125 -17.06 -29.01 39.06
C GLY Q 125 -17.59 -27.58 39.01
N ALA Q 126 -16.91 -26.71 38.26
CA ALA Q 126 -17.35 -25.33 38.03
C ALA Q 126 -18.66 -25.27 37.23
N GLY Q 127 -18.89 -26.28 36.39
CA GLY Q 127 -20.08 -26.33 35.56
C GLY Q 127 -20.05 -25.28 34.48
N ILE Q 128 -18.85 -25.02 33.97
CA ILE Q 128 -18.65 -24.12 32.83
C ILE Q 128 -17.84 -24.86 31.75
N GLU Q 129 -18.08 -24.49 30.51
CA GLU Q 129 -17.38 -25.10 29.39
C GLU Q 129 -17.00 -24.08 28.31
N TYR Q 130 -16.01 -24.42 27.49
CA TYR Q 130 -15.61 -23.53 26.41
C TYR Q 130 -15.08 -24.28 25.20
N MET Q 131 -15.13 -23.62 24.04
CA MET Q 131 -14.53 -24.14 22.82
C MET Q 131 -13.01 -24.06 22.89
N TYR Q 132 -12.35 -25.15 22.53
CA TYR Q 132 -10.91 -25.28 22.63
C TYR Q 132 -10.39 -25.71 21.27
N LEU Q 133 -9.56 -24.85 20.67
CA LEU Q 133 -9.17 -24.97 19.27
C LEU Q 133 -7.65 -25.06 19.13
N ILE Q 134 -7.15 -26.09 18.45
CA ILE Q 134 -5.70 -26.26 18.27
C ILE Q 134 -5.30 -26.30 16.78
N ASP Q 135 -4.63 -25.23 16.34
CA ASP Q 135 -4.03 -25.16 15.02
C ASP Q 135 -2.55 -25.46 15.09
N GLU Q 136 -2.04 -26.14 14.06
CA GLU Q 136 -0.61 -26.44 13.92
C GLU Q 136 -0.16 -26.63 12.47
N VAL Q 137 0.96 -25.99 12.14
CA VAL Q 137 1.67 -26.18 10.86
C VAL Q 137 2.98 -26.89 11.14
N THR Q 138 3.19 -28.00 10.45
CA THR Q 138 4.43 -28.81 10.52
C THR Q 138 4.81 -29.33 9.13
N PRO Q 139 6.12 -29.61 8.90
CA PRO Q 139 6.58 -30.32 7.70
C PRO Q 139 5.82 -31.64 7.46
N ILE Q 140 5.54 -31.94 6.18
CA ILE Q 140 4.85 -33.17 5.78
C ILE Q 140 5.75 -34.37 6.08
N GLY Q 141 5.20 -35.38 6.74
CA GLY Q 141 5.99 -36.49 7.26
C GLY Q 141 5.69 -36.65 8.74
N GLY Q 142 6.46 -37.50 9.41
CA GLY Q 142 6.15 -37.93 10.79
C GLY Q 142 4.86 -38.74 10.79
N THR Q 143 4.37 -39.14 11.97
CA THR Q 143 2.99 -39.62 12.03
C THR Q 143 2.15 -38.74 12.97
N GLN Q 144 0.95 -38.44 12.47
CA GLN Q 144 -0.02 -37.56 13.10
C GLN Q 144 -0.28 -37.90 14.56
N SER Q 145 -0.30 -36.88 15.41
CA SER Q 145 -0.78 -37.06 16.77
C SER Q 145 -2.16 -36.40 16.91
N ILE Q 146 -3.15 -37.20 17.29
CA ILE Q 146 -4.56 -36.77 17.33
C ILE Q 146 -5.09 -36.80 18.76
N PRO Q 147 -5.53 -35.65 19.32
CA PRO Q 147 -6.08 -35.69 20.67
C PRO Q 147 -7.61 -35.87 20.75
N GLN Q 148 -8.04 -37.07 21.14
CA GLN Q 148 -9.46 -37.36 21.37
C GLN Q 148 -9.93 -36.75 22.67
N VAL Q 149 -9.09 -36.88 23.70
CA VAL Q 149 -9.37 -36.34 25.00
C VAL Q 149 -8.05 -35.86 25.61
N ILE Q 150 -7.96 -34.56 25.85
CA ILE Q 150 -6.90 -33.99 26.67
C ILE Q 150 -7.52 -33.52 27.95
N THR Q 151 -6.82 -33.79 29.04
CA THR Q 151 -7.19 -33.25 30.33
C THR Q 151 -5.97 -32.50 30.90
N SER Q 152 -6.25 -31.42 31.63
CA SER Q 152 -5.21 -30.47 32.10
C SER Q 152 -5.66 -29.74 33.35
N ARG Q 153 -4.69 -29.21 34.08
CA ARG Q 153 -4.92 -28.47 35.33
C ARG Q 153 -5.32 -27.02 35.09
N ALA Q 154 -6.09 -26.46 36.03
CA ALA Q 154 -6.57 -25.08 35.96
C ALA Q 154 -6.96 -24.53 37.33
N LYS Q 155 -6.64 -23.27 37.59
CA LYS Q 155 -7.08 -22.57 38.81
C LYS Q 155 -8.28 -21.69 38.49
N ILE Q 156 -9.36 -21.89 39.25
CA ILE Q 156 -10.60 -21.15 39.05
C ILE Q 156 -10.79 -20.14 40.19
N ILE Q 157 -10.93 -18.87 39.81
CA ILE Q 157 -11.31 -17.80 40.73
C ILE Q 157 -12.85 -17.85 40.89
N VAL Q 158 -13.28 -18.33 42.05
CA VAL Q 158 -14.71 -18.63 42.34
C VAL Q 158 -15.42 -17.55 43.13
N GLY Q 159 -16.76 -17.53 43.04
CA GLY Q 159 -17.59 -16.62 43.84
C GLY Q 159 -17.59 -16.93 45.33
N ARG Q 160 -17.95 -15.92 46.11
CA ARG Q 160 -18.21 -16.06 47.55
C ARG Q 160 -19.21 -17.19 47.76
N GLN Q 161 -18.92 -18.05 48.73
CA GLN Q 161 -19.79 -19.18 49.08
C GLN Q 161 -21.18 -18.74 49.58
N ILE Q 162 -22.21 -19.40 49.06
CA ILE Q 162 -23.56 -19.35 49.65
C ILE Q 162 -23.60 -20.33 50.82
N ILE Q 163 -23.48 -19.79 52.04
CA ILE Q 163 -23.54 -20.56 53.28
C ILE Q 163 -25.00 -20.89 53.58
N LEU Q 164 -25.30 -22.18 53.67
CA LEU Q 164 -26.65 -22.66 53.92
C LEU Q 164 -27.17 -22.26 55.30
N GLY Q 165 -28.35 -21.65 55.30
CA GLY Q 165 -28.94 -21.13 56.54
C GLY Q 165 -28.56 -19.71 56.94
N LYS Q 166 -27.46 -19.18 56.39
CA LYS Q 166 -27.00 -17.84 56.76
C LYS Q 166 -27.12 -16.80 55.65
N THR Q 167 -26.41 -17.00 54.54
CA THR Q 167 -26.22 -15.92 53.57
C THR Q 167 -27.49 -15.63 52.77
N GLU Q 168 -27.85 -14.35 52.78
CA GLU Q 168 -29.03 -13.84 52.07
C GLU Q 168 -28.75 -13.69 50.58
N ILE Q 169 -29.67 -14.18 49.74
CA ILE Q 169 -29.49 -14.21 48.29
C ILE Q 169 -30.72 -13.75 47.52
N ARG Q 170 -30.51 -13.34 46.27
CA ARG Q 170 -31.59 -13.13 45.31
C ARG Q 170 -31.65 -14.29 44.32
N ILE Q 171 -32.84 -14.54 43.77
CA ILE Q 171 -32.98 -15.57 42.77
C ILE Q 171 -33.49 -14.94 41.50
N LYS Q 172 -32.64 -15.00 40.48
CA LYS Q 172 -32.94 -14.45 39.16
C LYS Q 172 -33.21 -15.59 38.20
N HIS Q 173 -34.25 -15.40 37.40
CA HIS Q 173 -34.53 -16.27 36.28
C HIS Q 173 -33.52 -15.95 35.20
N ALA Q 174 -32.68 -16.92 34.85
CA ALA Q 174 -31.58 -16.68 33.92
C ALA Q 174 -32.04 -16.15 32.57
N GLU Q 175 -33.03 -16.80 31.96
CA GLU Q 175 -33.45 -16.47 30.59
C GLU Q 175 -34.22 -15.14 30.50
N ARG Q 176 -35.09 -14.87 31.47
CA ARG Q 176 -35.97 -13.70 31.41
C ARG Q 176 -35.38 -12.50 32.14
N LYS Q 177 -34.24 -12.71 32.80
CA LYS Q 177 -33.49 -11.66 33.54
C LYS Q 177 -34.36 -10.89 34.55
N GLU Q 178 -35.33 -11.58 35.15
CA GLU Q 178 -36.19 -11.01 36.19
C GLU Q 178 -36.01 -11.80 37.48
N TYR Q 179 -36.42 -11.22 38.60
CA TYR Q 179 -36.23 -11.84 39.91
C TYR Q 179 -37.47 -12.58 40.43
N MET Q 180 -37.22 -13.59 41.27
CA MET Q 180 -38.29 -14.23 42.03
C MET Q 180 -38.70 -13.31 43.18
N THR Q 181 -39.98 -12.96 43.18
CA THR Q 181 -40.56 -12.02 44.14
C THR Q 181 -41.76 -12.71 44.79
N VAL Q 182 -42.20 -12.18 45.93
CA VAL Q 182 -43.35 -12.72 46.68
C VAL Q 182 -44.57 -11.77 46.64
N VAL Q 183 -45.70 -12.28 46.16
CA VAL Q 183 -46.97 -11.54 46.16
C VAL Q 183 -48.06 -12.34 46.89
N SER Q 184 -49.29 -11.82 46.85
CA SER Q 184 -50.44 -12.51 47.41
C SER Q 184 -51.44 -12.97 46.33
N ARG Q 185 -51.57 -14.29 46.19
CA ARG Q 185 -52.67 -14.91 45.46
C ARG Q 185 -53.47 -15.75 46.45
N LYS Q 186 -54.79 -15.57 46.42
CA LYS Q 186 -55.76 -16.34 47.24
C LYS Q 186 -55.39 -16.37 48.75
N SER Q 187 -55.04 -15.19 49.27
CA SER Q 187 -54.63 -14.97 50.68
C SER Q 187 -53.46 -15.85 51.14
N TRP Q 188 -52.71 -16.36 50.18
CA TRP Q 188 -51.47 -17.09 50.45
C TRP Q 188 -50.30 -16.29 49.88
N PRO Q 189 -49.10 -16.43 50.48
CA PRO Q 189 -47.94 -15.84 49.80
C PRO Q 189 -47.46 -16.73 48.64
N ALA Q 190 -47.31 -16.13 47.46
CA ALA Q 190 -46.98 -16.85 46.23
C ALA Q 190 -45.80 -16.22 45.49
N ALA Q 191 -45.06 -17.07 44.76
CA ALA Q 191 -43.92 -16.65 43.95
C ALA Q 191 -44.38 -16.12 42.59
N THR Q 192 -43.89 -14.94 42.26
CA THR Q 192 -44.04 -14.36 40.92
C THR Q 192 -42.75 -13.65 40.46
N LEU Q 193 -42.62 -13.43 39.15
CA LEU Q 193 -41.46 -12.76 38.59
C LEU Q 193 -41.67 -11.26 38.54
N GLY Q 194 -40.58 -10.53 38.77
CA GLY Q 194 -40.58 -9.06 38.79
C GLY Q 194 -39.20 -8.43 38.80
N HIS Q 195 -39.17 -7.10 38.68
CA HIS Q 195 -37.92 -6.34 38.55
C HIS Q 195 -37.27 -5.96 39.87
N SER Q 196 -37.96 -6.19 40.99
CA SER Q 196 -37.53 -5.71 42.31
C SER Q 196 -36.27 -6.41 42.79
N LYS Q 197 -35.35 -5.59 43.27
CA LYS Q 197 -34.05 -6.04 43.78
C LYS Q 197 -34.13 -6.26 45.29
N LEU Q 198 -35.35 -6.19 45.83
CA LEU Q 198 -35.61 -6.13 47.29
C LEU Q 198 -36.03 -7.44 47.97
N PHE Q 199 -36.38 -8.44 47.18
CA PHE Q 199 -36.79 -9.75 47.68
C PHE Q 199 -35.60 -10.69 47.87
N LYS Q 200 -35.29 -10.91 49.15
CA LYS Q 200 -34.19 -11.77 49.57
C LYS Q 200 -34.73 -13.16 49.98
N PHE Q 201 -33.83 -14.16 49.93
CA PHE Q 201 -34.12 -15.57 50.26
C PHE Q 201 -32.94 -16.16 51.06
N VAL Q 202 -33.19 -17.28 51.73
CA VAL Q 202 -32.12 -18.06 52.39
C VAL Q 202 -32.34 -19.54 52.10
N LEU Q 203 -31.26 -20.25 51.79
CA LEU Q 203 -31.31 -21.67 51.42
C LEU Q 203 -30.91 -22.61 52.55
N TYR Q 204 -31.70 -23.67 52.70
CA TYR Q 204 -31.49 -24.67 53.75
C TYR Q 204 -31.43 -26.07 53.16
N GLU Q 205 -30.58 -26.91 53.75
CA GLU Q 205 -30.58 -28.33 53.46
C GLU Q 205 -30.69 -29.13 54.75
N ASP Q 206 -31.60 -30.09 54.74
CA ASP Q 206 -31.71 -31.10 55.79
C ASP Q 206 -31.84 -32.46 55.09
N TRP Q 207 -32.09 -33.53 55.86
CA TRP Q 207 -32.29 -34.89 55.33
C TRP Q 207 -33.32 -35.05 54.19
N GLY Q 208 -34.29 -34.13 54.12
CA GLY Q 208 -35.36 -34.20 53.14
C GLY Q 208 -35.10 -33.51 51.81
N GLY Q 209 -34.08 -32.67 51.74
CA GLY Q 209 -33.80 -31.87 50.54
C GLY Q 209 -33.49 -30.41 50.83
N PHE Q 210 -33.69 -29.56 49.82
CA PHE Q 210 -33.39 -28.12 49.91
C PHE Q 210 -34.65 -27.30 50.02
N ARG Q 211 -34.58 -26.25 50.84
CA ARG Q 211 -35.72 -25.34 51.04
C ARG Q 211 -35.32 -23.93 50.67
N ILE Q 212 -36.19 -23.28 49.90
CA ILE Q 212 -36.10 -21.86 49.59
C ILE Q 212 -36.97 -21.14 50.61
N LYS Q 213 -36.34 -20.37 51.50
CA LYS Q 213 -37.06 -19.57 52.49
C LYS Q 213 -37.05 -18.09 52.11
N THR Q 214 -38.24 -17.50 51.89
CA THR Q 214 -38.33 -16.05 51.67
C THR Q 214 -38.23 -15.23 52.97
N LEU Q 215 -37.59 -14.08 52.87
CA LEU Q 215 -37.54 -13.14 53.99
C LEU Q 215 -38.50 -11.96 53.73
N ASN Q 216 -39.49 -12.20 52.87
CA ASN Q 216 -40.37 -11.14 52.37
C ASN Q 216 -41.85 -11.48 52.33
N THR Q 217 -42.27 -12.39 53.20
CA THR Q 217 -43.66 -12.83 53.26
C THR Q 217 -44.54 -11.78 53.94
N MET Q 218 -45.80 -11.73 53.52
CA MET Q 218 -46.77 -10.83 54.14
C MET Q 218 -47.67 -11.51 55.18
N TYR Q 219 -47.59 -12.83 55.25
CA TYR Q 219 -48.28 -13.64 56.27
C TYR Q 219 -47.26 -14.38 57.11
N SER Q 220 -47.13 -13.94 58.36
CA SER Q 220 -46.07 -14.44 59.23
C SER Q 220 -45.96 -15.96 59.27
N GLY Q 221 -44.76 -16.45 58.97
CA GLY Q 221 -44.45 -17.87 59.10
C GLY Q 221 -44.65 -18.70 57.86
N TYR Q 222 -45.41 -18.17 56.91
CA TYR Q 222 -45.63 -18.75 55.60
C TYR Q 222 -44.47 -18.30 54.70
N GLU Q 223 -43.37 -19.03 54.78
CA GLU Q 223 -42.09 -18.57 54.24
C GLU Q 223 -41.35 -19.52 53.30
N TYR Q 224 -41.77 -20.78 53.24
CA TYR Q 224 -41.04 -21.82 52.50
C TYR Q 224 -41.71 -22.15 51.18
N ALA Q 225 -40.91 -22.14 50.11
CA ALA Q 225 -41.40 -22.39 48.76
C ALA Q 225 -41.87 -23.82 48.62
N TYR Q 226 -43.08 -23.95 48.09
CA TYR Q 226 -43.77 -25.24 47.94
C TYR Q 226 -44.72 -25.29 46.74
N SER Q 227 -44.98 -26.50 46.27
CA SER Q 227 -45.87 -26.71 45.13
C SER Q 227 -47.28 -27.09 45.54
N SER Q 228 -48.23 -26.31 45.05
CA SER Q 228 -49.65 -26.65 45.14
C SER Q 228 -49.93 -27.88 44.28
N ASP Q 229 -51.05 -28.55 44.56
CA ASP Q 229 -51.47 -29.72 43.79
C ASP Q 229 -51.80 -29.41 42.33
N GLN Q 230 -51.81 -28.12 41.99
CA GLN Q 230 -52.11 -27.67 40.62
C GLN Q 230 -50.95 -26.98 39.88
N GLY Q 231 -49.81 -26.81 40.54
CA GLY Q 231 -48.60 -26.31 39.89
C GLY Q 231 -47.96 -25.09 40.52
N GLY Q 232 -48.79 -24.08 40.82
CA GLY Q 232 -48.35 -22.79 41.37
C GLY Q 232 -47.46 -22.88 42.60
N ILE Q 233 -46.49 -21.98 42.66
CA ILE Q 233 -45.57 -21.92 43.80
C ILE Q 233 -46.15 -20.98 44.84
N TYR Q 234 -46.18 -21.48 46.08
CA TYR Q 234 -46.63 -20.71 47.23
C TYR Q 234 -45.62 -20.86 48.36
N PHE Q 235 -45.78 -20.05 49.40
CA PHE Q 235 -44.91 -20.13 50.56
C PHE Q 235 -45.67 -20.64 51.78
N ASP Q 236 -45.19 -21.76 52.32
CA ASP Q 236 -45.86 -22.45 53.41
C ASP Q 236 -45.08 -22.29 54.70
N GLN Q 237 -45.63 -22.81 55.78
CA GLN Q 237 -44.98 -22.78 57.06
C GLN Q 237 -44.20 -24.06 57.22
N GLY Q 238 -43.20 -24.04 58.09
CA GLY Q 238 -42.20 -25.12 58.19
C GLY Q 238 -42.69 -26.47 58.66
N THR Q 239 -42.83 -27.41 57.73
CA THR Q 239 -43.28 -28.78 58.04
C THR Q 239 -42.24 -29.81 57.56
N ASP Q 240 -42.57 -31.10 57.63
CA ASP Q 240 -41.75 -32.18 57.05
C ASP Q 240 -42.11 -32.52 55.59
N ASN Q 241 -43.23 -31.97 55.13
CA ASN Q 241 -43.79 -32.17 53.79
C ASN Q 241 -42.72 -32.12 52.69
N PRO Q 242 -42.60 -33.20 51.87
CA PRO Q 242 -41.60 -33.15 50.79
C PRO Q 242 -41.96 -32.18 49.66
N LYS Q 243 -43.21 -31.69 49.64
CA LYS Q 243 -43.65 -30.69 48.65
C LYS Q 243 -42.97 -29.31 48.81
N GLN Q 244 -42.39 -29.05 49.98
CA GLN Q 244 -41.67 -27.81 50.23
C GLN Q 244 -40.14 -27.97 50.24
N ARG Q 245 -39.71 -29.15 49.77
CA ARG Q 245 -38.31 -29.49 49.60
C ARG Q 245 -37.96 -29.72 48.13
N TRP Q 246 -36.72 -29.39 47.76
CA TRP Q 246 -36.28 -29.49 46.37
C TRP Q 246 -34.90 -30.13 46.22
N ALA Q 247 -34.68 -30.67 45.02
CA ALA Q 247 -33.39 -31.23 44.62
C ALA Q 247 -32.68 -30.25 43.69
N ILE Q 248 -31.43 -29.93 44.01
CA ILE Q 248 -30.60 -29.07 43.15
C ILE Q 248 -29.86 -29.89 42.08
N ASN Q 249 -29.18 -29.20 41.17
CA ASN Q 249 -28.46 -29.83 40.04
C ASN Q 249 -26.96 -30.04 40.25
N LYS Q 250 -26.36 -29.32 41.18
CA LYS Q 250 -24.92 -29.42 41.42
C LYS Q 250 -24.56 -29.87 42.85
N SER Q 251 -23.29 -30.18 43.09
CA SER Q 251 -22.78 -30.50 44.42
C SER Q 251 -22.44 -29.21 45.15
N LEU Q 252 -22.45 -29.26 46.48
CA LEU Q 252 -22.08 -28.11 47.32
C LEU Q 252 -20.58 -27.85 47.25
N PRO Q 253 -20.13 -26.58 47.49
CA PRO Q 253 -20.83 -25.35 47.87
C PRO Q 253 -21.58 -24.72 46.73
N LEU Q 254 -22.68 -24.05 47.05
CA LEU Q 254 -23.24 -23.07 46.12
C LEU Q 254 -22.45 -21.78 46.29
N ARG Q 255 -22.20 -21.08 45.19
CA ARG Q 255 -21.47 -19.82 45.22
C ARG Q 255 -22.23 -18.74 44.46
N HIS Q 256 -21.84 -17.48 44.65
CA HIS Q 256 -22.42 -16.38 43.89
C HIS Q 256 -22.37 -16.69 42.40
N GLY Q 257 -23.49 -16.48 41.74
CA GLY Q 257 -23.55 -16.57 40.29
C GLY Q 257 -23.76 -17.95 39.73
N ASP Q 258 -23.91 -18.95 40.59
CA ASP Q 258 -24.19 -20.32 40.17
C ASP Q 258 -25.54 -20.45 39.45
N VAL Q 259 -25.51 -21.13 38.30
CA VAL Q 259 -26.73 -21.49 37.58
C VAL Q 259 -27.25 -22.79 38.20
N VAL Q 260 -28.44 -22.70 38.81
CA VAL Q 260 -29.10 -23.86 39.41
C VAL Q 260 -30.50 -24.11 38.84
N THR Q 261 -30.95 -25.36 38.94
CA THR Q 261 -32.35 -25.69 38.75
C THR Q 261 -32.88 -26.45 39.97
N PHE Q 262 -34.19 -26.30 40.20
CA PHE Q 262 -34.88 -26.94 41.33
C PHE Q 262 -35.96 -27.93 40.88
N MET Q 263 -35.68 -29.21 41.11
CA MET Q 263 -36.65 -30.30 40.94
C MET Q 263 -37.39 -30.51 42.26
N ASN Q 264 -38.71 -30.70 42.17
CA ASN Q 264 -39.55 -30.95 43.36
C ASN Q 264 -39.29 -32.34 43.93
N LYS Q 265 -39.02 -32.42 45.23
CA LYS Q 265 -38.75 -33.72 45.84
C LYS Q 265 -40.00 -34.62 46.06
N TYR Q 266 -41.19 -34.03 46.07
CA TYR Q 266 -42.42 -34.82 46.04
C TYR Q 266 -42.84 -35.10 44.62
N PHE Q 267 -43.08 -34.03 43.85
CA PHE Q 267 -43.38 -34.10 42.42
C PHE Q 267 -42.10 -34.28 41.59
N THR Q 268 -41.51 -35.49 41.58
CA THR Q 268 -40.14 -35.71 41.04
C THR Q 268 -39.90 -35.30 39.57
N ARG Q 269 -40.95 -35.38 38.75
CA ARG Q 269 -40.89 -35.06 37.30
C ARG Q 269 -40.99 -33.56 36.98
N SER Q 270 -41.41 -32.78 37.97
CA SER Q 270 -41.63 -31.36 37.80
C SER Q 270 -40.54 -30.53 38.47
N GLY Q 271 -40.23 -29.41 37.84
CA GLY Q 271 -39.23 -28.47 38.30
C GLY Q 271 -39.70 -27.03 38.31
N LEU Q 272 -39.00 -26.22 39.10
CA LEU Q 272 -39.30 -24.81 39.29
C LEU Q 272 -39.04 -24.07 37.97
N CYS Q 273 -40.06 -23.37 37.47
CA CYS Q 273 -40.05 -22.75 36.12
C CYS Q 273 -40.93 -21.51 35.96
N TYR Q 274 -40.83 -20.85 34.81
CA TYR Q 274 -41.72 -19.77 34.39
C TYR Q 274 -42.88 -20.33 33.55
N ASP Q 275 -44.09 -19.80 33.77
CA ASP Q 275 -45.25 -20.02 32.90
C ASP Q 275 -46.24 -18.89 33.15
N ASP Q 276 -46.85 -18.36 32.09
CA ASP Q 276 -47.84 -17.31 32.27
C ASP Q 276 -49.21 -17.85 32.73
N GLY Q 277 -49.36 -17.97 34.05
CA GLY Q 277 -50.61 -18.42 34.69
C GLY Q 277 -51.58 -17.25 34.87
N PRO Q 278 -52.75 -17.49 35.51
CA PRO Q 278 -53.78 -16.45 35.51
C PRO Q 278 -53.48 -15.24 36.39
N ALA Q 279 -52.63 -15.41 37.41
CA ALA Q 279 -52.30 -14.31 38.32
C ALA Q 279 -50.81 -14.18 38.69
N THR Q 280 -50.14 -15.32 38.88
CA THR Q 280 -48.69 -15.33 39.09
C THR Q 280 -48.05 -16.10 37.92
N ASN Q 281 -46.73 -16.02 37.82
CA ASN Q 281 -46.01 -16.71 36.74
C ASN Q 281 -44.82 -17.61 37.13
N VAL Q 282 -44.73 -17.99 38.39
CA VAL Q 282 -43.76 -19.00 38.81
C VAL Q 282 -44.50 -20.26 39.18
N TYR Q 283 -44.14 -21.37 38.53
CA TYR Q 283 -44.83 -22.65 38.71
C TYR Q 283 -43.86 -23.83 38.92
N CYS Q 284 -44.43 -25.01 39.16
CA CYS Q 284 -43.71 -26.27 39.23
C CYS Q 284 -44.49 -27.22 38.31
N LEU Q 285 -44.08 -27.27 37.04
CA LEU Q 285 -44.77 -28.05 36.01
C LEU Q 285 -43.96 -29.25 35.49
N ASP Q 286 -44.69 -30.27 35.02
CA ASP Q 286 -44.10 -31.54 34.58
C ASP Q 286 -43.20 -31.36 33.35
N LYS Q 287 -41.97 -31.89 33.44
CA LYS Q 287 -40.95 -31.84 32.36
C LYS Q 287 -40.25 -30.49 32.08
N ARG Q 288 -40.64 -29.45 32.82
CA ARG Q 288 -39.98 -28.14 32.78
C ARG Q 288 -38.98 -28.04 33.93
N GLU Q 289 -37.84 -27.41 33.66
CA GLU Q 289 -36.89 -26.96 34.69
C GLU Q 289 -36.05 -25.81 34.13
N ASP Q 290 -36.52 -24.59 34.36
CA ASP Q 290 -35.78 -23.37 34.01
C ASP Q 290 -34.55 -23.18 34.88
N LYS Q 291 -33.55 -22.53 34.28
CA LYS Q 291 -32.28 -22.23 34.95
C LYS Q 291 -32.45 -20.93 35.74
N TRP Q 292 -31.96 -20.94 36.98
CA TRP Q 292 -32.00 -19.78 37.89
C TRP Q 292 -30.59 -19.41 38.36
N ILE Q 293 -30.32 -18.11 38.37
CA ILE Q 293 -29.05 -17.58 38.88
C ILE Q 293 -29.20 -17.14 40.35
N LEU Q 294 -28.34 -17.69 41.20
CA LEU Q 294 -28.30 -17.29 42.61
C LEU Q 294 -27.28 -16.18 42.78
N GLU Q 295 -27.72 -15.02 43.29
CA GLU Q 295 -26.83 -13.90 43.60
C GLU Q 295 -26.79 -13.56 45.09
N VAL Q 296 -25.61 -13.58 45.70
CA VAL Q 296 -25.40 -13.12 47.08
C VAL Q 296 -25.61 -11.61 47.18
N VAL Q 297 -26.36 -11.14 48.19
CA VAL Q 297 -26.58 -9.68 48.37
C VAL Q 297 -25.41 -9.00 49.07
N GLY Q 298 -25.17 -7.74 48.69
CA GLY Q 298 -24.05 -6.93 49.20
C GLY Q 298 -24.20 -6.51 50.65
N TYR R 10 -20.51 17.69 42.85
CA TYR R 10 -21.24 16.41 42.56
C TYR R 10 -20.87 15.28 43.52
N GLU R 11 -21.85 14.41 43.78
CA GLU R 11 -21.72 13.25 44.66
C GLU R 11 -21.06 12.05 43.99
N GLN R 12 -20.17 11.39 44.71
CA GLN R 12 -19.48 10.20 44.24
C GLN R 12 -19.47 9.13 45.33
N ILE R 13 -20.01 7.95 45.03
CA ILE R 13 -19.99 6.84 46.01
C ILE R 13 -19.18 5.62 45.54
N GLU R 14 -18.54 4.94 46.49
CA GLU R 14 -17.66 3.82 46.20
C GLU R 14 -18.38 2.49 46.38
N VAL R 15 -18.30 1.61 45.37
CA VAL R 15 -18.97 0.29 45.41
C VAL R 15 -18.12 -0.84 44.84
N ASP R 16 -18.55 -2.10 45.08
CA ASP R 16 -17.99 -3.26 44.38
C ASP R 16 -18.78 -3.53 43.12
N VAL R 17 -18.05 -3.79 42.05
CA VAL R 17 -18.60 -4.41 40.85
C VAL R 17 -18.23 -5.89 40.92
N VAL R 18 -19.24 -6.74 40.73
CA VAL R 18 -19.08 -8.20 40.75
C VAL R 18 -19.40 -8.72 39.35
N ALA R 19 -18.39 -9.34 38.72
CA ALA R 19 -18.55 -9.90 37.37
C ALA R 19 -18.63 -11.43 37.41
N VAL R 20 -19.57 -11.98 36.63
CA VAL R 20 -19.77 -13.42 36.57
C VAL R 20 -19.51 -13.92 35.14
N TRP R 21 -18.65 -14.94 35.04
CA TRP R 21 -18.38 -15.71 33.81
C TRP R 21 -19.64 -16.09 33.04
N LYS R 22 -19.65 -15.84 31.74
CA LYS R 22 -20.79 -16.19 30.88
C LYS R 22 -20.40 -17.08 29.69
N GLU R 23 -19.15 -16.97 29.24
CA GLU R 23 -18.71 -17.62 28.02
C GLU R 23 -17.19 -17.56 27.90
N GLY R 24 -16.58 -18.59 27.31
CA GLY R 24 -15.13 -18.62 27.14
C GLY R 24 -14.67 -19.23 25.83
N TYR R 25 -13.39 -19.03 25.51
CA TYR R 25 -12.78 -19.52 24.28
C TYR R 25 -11.25 -19.59 24.44
N VAL R 26 -10.66 -20.69 24.00
CA VAL R 26 -9.19 -20.88 24.04
C VAL R 26 -8.68 -21.41 22.70
N TYR R 27 -7.62 -20.79 22.21
CA TYR R 27 -7.06 -21.07 20.91
C TYR R 27 -5.55 -21.19 21.04
N GLU R 28 -5.00 -22.35 20.67
CA GLU R 28 -3.54 -22.55 20.63
C GLU R 28 -3.03 -22.56 19.18
N ASN R 29 -1.96 -21.80 18.95
CA ASN R 29 -1.23 -21.82 17.70
C ASN R 29 0.10 -22.49 17.97
N ARG R 30 0.16 -23.80 17.70
CA ARG R 30 1.31 -24.63 18.01
C ARG R 30 2.35 -24.57 16.92
N GLY R 31 1.97 -24.05 15.75
CA GLY R 31 2.89 -23.91 14.62
C GLY R 31 4.02 -22.91 14.85
N SER R 32 4.93 -22.82 13.89
CA SER R 32 5.99 -21.83 13.95
C SER R 32 5.77 -20.64 13.00
N THR R 33 4.55 -20.51 12.46
CA THR R 33 4.14 -19.23 11.84
C THR R 33 2.99 -18.64 12.65
N SER R 34 2.85 -17.32 12.59
CA SER R 34 1.82 -16.66 13.36
C SER R 34 0.48 -16.65 12.61
N VAL R 35 -0.61 -16.43 13.34
CA VAL R 35 -1.99 -16.36 12.78
C VAL R 35 -2.66 -15.03 13.08
N ASP R 36 -3.48 -14.60 12.12
CA ASP R 36 -4.33 -13.43 12.28
C ASP R 36 -5.75 -13.88 12.62
N GLN R 37 -6.13 -13.65 13.87
CA GLN R 37 -7.46 -13.95 14.40
C GLN R 37 -8.36 -12.70 14.42
N LYS R 38 -9.64 -12.90 14.13
CA LYS R 38 -10.64 -11.86 14.07
C LYS R 38 -11.95 -12.40 14.68
N ILE R 39 -12.14 -12.22 15.99
CA ILE R 39 -13.43 -12.51 16.64
C ILE R 39 -14.37 -11.33 16.41
N THR R 40 -15.60 -11.63 16.04
CA THR R 40 -16.59 -10.62 15.75
C THR R 40 -17.98 -11.01 16.30
N ILE R 41 -18.46 -10.25 17.29
CA ILE R 41 -19.73 -10.55 17.99
C ILE R 41 -20.83 -9.52 17.71
N THR R 42 -22.03 -10.01 17.39
CA THR R 42 -23.16 -9.17 16.96
C THR R 42 -24.35 -9.40 17.90
N LYS R 43 -24.94 -8.30 18.39
CA LYS R 43 -26.22 -8.33 19.11
C LYS R 43 -27.21 -7.37 18.43
N GLY R 44 -28.47 -7.77 18.28
CA GLY R 44 -29.45 -6.94 17.57
C GLY R 44 -30.92 -7.26 17.80
N MET R 45 -31.79 -6.29 17.47
CA MET R 45 -33.26 -6.39 17.61
C MET R 45 -34.05 -5.59 16.57
N LYS R 46 -35.18 -6.13 16.12
CA LYS R 46 -36.12 -5.46 15.20
C LYS R 46 -37.50 -5.57 15.79
N ASN R 47 -38.29 -4.49 15.70
CA ASN R 47 -39.68 -4.48 16.18
C ASN R 47 -40.64 -4.03 15.08
N VAL R 48 -41.61 -4.88 14.76
CA VAL R 48 -42.60 -4.59 13.72
C VAL R 48 -43.96 -4.41 14.34
N ASN R 49 -44.63 -3.31 14.00
CA ASN R 49 -46.01 -3.04 14.35
C ASN R 49 -46.86 -2.79 13.12
N SER R 50 -48.05 -3.36 13.10
CA SER R 50 -48.80 -3.55 11.87
C SER R 50 -50.30 -3.37 12.08
N GLU R 51 -50.94 -2.60 11.20
CA GLU R 51 -52.37 -2.30 11.26
C GLU R 51 -53.03 -2.49 9.89
N THR R 52 -53.87 -3.51 9.77
CA THR R 52 -54.54 -3.80 8.51
C THR R 52 -56.04 -3.67 8.68
N ARG R 53 -56.62 -2.71 7.96
CA ARG R 53 -58.05 -2.44 7.98
C ARG R 53 -58.71 -2.91 6.67
N THR R 54 -59.56 -3.93 6.77
CA THR R 54 -60.29 -4.47 5.61
C THR R 54 -61.78 -4.10 5.64
N VAL R 55 -62.26 -3.55 4.54
CA VAL R 55 -63.67 -3.18 4.33
C VAL R 55 -64.16 -3.85 3.04
N THR R 56 -65.22 -4.66 3.16
CA THR R 56 -65.63 -5.54 2.07
C THR R 56 -67.17 -5.72 1.90
N ALA R 57 -67.68 -5.22 0.78
CA ALA R 57 -69.13 -5.17 0.48
C ALA R 57 -69.54 -6.09 -0.67
N THR R 58 -70.61 -6.87 -0.45
CA THR R 58 -71.11 -7.85 -1.42
C THR R 58 -72.60 -7.64 -1.78
N HIS R 59 -72.89 -7.63 -3.09
CA HIS R 59 -74.25 -7.61 -3.62
C HIS R 59 -74.53 -8.95 -4.31
N SER R 60 -75.65 -9.59 -3.97
CA SER R 60 -76.08 -10.86 -4.60
C SER R 60 -77.51 -10.85 -5.15
N ILE R 61 -77.68 -11.27 -6.39
CA ILE R 61 -79.01 -11.41 -7.00
C ILE R 61 -79.15 -12.82 -7.58
N GLY R 62 -79.90 -13.67 -6.87
CA GLY R 62 -80.26 -15.03 -7.34
C GLY R 62 -81.66 -15.12 -7.94
N SER R 63 -82.01 -16.31 -8.44
CA SER R 63 -83.29 -16.57 -9.14
C SER R 63 -83.45 -18.02 -9.56
N THR R 64 -84.64 -18.60 -9.33
CA THR R 64 -84.93 -19.96 -9.80
C THR R 64 -86.30 -20.08 -10.50
N ILE R 65 -86.31 -20.80 -11.61
CA ILE R 65 -87.52 -21.08 -12.38
C ILE R 65 -87.70 -22.59 -12.43
N SER R 66 -88.88 -23.07 -12.01
CA SER R 66 -89.22 -24.52 -12.03
C SER R 66 -90.67 -24.86 -12.45
N THR R 67 -90.97 -26.16 -12.52
CA THR R 67 -92.31 -26.67 -12.85
C THR R 67 -93.04 -27.08 -11.56
N GLY R 74 -91.85 -35.79 -14.93
CA GLY R 74 -90.93 -35.23 -13.93
C GLY R 74 -90.88 -33.70 -13.82
N SER R 75 -89.67 -33.17 -13.61
CA SER R 75 -89.44 -31.75 -13.26
C SER R 75 -88.13 -31.10 -13.78
N VAL R 76 -88.24 -29.89 -14.33
CA VAL R 76 -87.06 -29.10 -14.76
C VAL R 76 -86.94 -27.82 -13.91
N GLU R 77 -85.73 -27.58 -13.40
CA GLU R 77 -85.41 -26.35 -12.69
C GLU R 77 -84.24 -25.62 -13.38
N VAL R 78 -84.24 -24.29 -13.31
CA VAL R 78 -83.18 -23.45 -13.89
C VAL R 78 -82.85 -22.30 -12.94
N SER R 79 -81.57 -22.18 -12.59
CA SER R 79 -81.05 -21.17 -11.65
C SER R 79 -80.12 -20.17 -12.32
N TYR R 80 -80.09 -18.95 -11.77
CA TYR R 80 -79.14 -17.91 -12.16
C TYR R 80 -78.87 -17.01 -10.97
N SER R 81 -77.59 -16.85 -10.64
CA SER R 81 -77.14 -15.83 -9.68
C SER R 81 -76.01 -14.95 -10.22
N HIS R 82 -75.91 -13.75 -9.68
CA HIS R 82 -74.90 -12.79 -10.05
C HIS R 82 -74.49 -12.06 -8.80
N SER R 83 -73.18 -11.98 -8.56
CA SER R 83 -72.66 -11.31 -7.37
C SER R 83 -71.50 -10.40 -7.69
N HIS R 84 -71.47 -9.27 -6.99
CA HIS R 84 -70.44 -8.24 -7.13
C HIS R 84 -69.86 -7.96 -5.74
N GLN R 85 -68.58 -8.29 -5.57
CA GLN R 85 -67.86 -7.99 -4.33
C GLN R 85 -66.79 -6.91 -4.55
N LYS R 86 -66.82 -5.88 -3.68
CA LYS R 86 -65.79 -4.85 -3.66
C LYS R 86 -65.13 -4.85 -2.28
N SER R 87 -63.79 -4.81 -2.28
CA SER R 87 -62.99 -4.98 -1.06
C SER R 87 -61.83 -4.00 -1.04
N GLN R 88 -61.50 -3.50 0.15
CA GLN R 88 -60.49 -2.45 0.30
C GLN R 88 -59.64 -2.71 1.55
N VAL R 89 -58.38 -3.07 1.32
CA VAL R 89 -57.43 -3.38 2.41
C VAL R 89 -56.40 -2.27 2.57
N SER R 90 -56.32 -1.74 3.78
CA SER R 90 -55.43 -0.61 4.10
C SER R 90 -54.47 -0.96 5.22
N MET R 91 -53.18 -0.99 4.89
CA MET R 91 -52.14 -1.45 5.80
C MET R 91 -51.12 -0.39 6.17
N THR R 92 -50.73 -0.42 7.44
CA THR R 92 -49.75 0.49 8.01
C THR R 92 -48.75 -0.33 8.80
N GLN R 93 -47.48 -0.17 8.46
CA GLN R 93 -46.41 -0.92 9.10
C GLN R 93 -45.28 -0.04 9.57
N THR R 94 -44.88 -0.30 10.83
CA THR R 94 -43.77 0.35 11.54
C THR R 94 -42.71 -0.69 11.85
N GLU R 95 -41.48 -0.40 11.43
CA GLU R 95 -40.34 -1.27 11.71
C GLU R 95 -39.28 -0.39 12.36
N VAL R 96 -38.73 -0.82 13.49
CA VAL R 96 -37.55 -0.14 14.05
C VAL R 96 -36.53 -1.15 14.53
N TYR R 97 -35.26 -0.88 14.27
CA TYR R 97 -34.19 -1.81 14.55
C TYR R 97 -32.87 -1.19 15.07
N SER R 98 -32.18 -1.92 15.92
CA SER R 98 -30.84 -1.55 16.29
C SER R 98 -29.89 -2.77 16.28
N SER R 99 -28.58 -2.49 16.25
CA SER R 99 -27.54 -3.51 16.45
C SER R 99 -26.23 -2.92 17.00
N LYS R 100 -25.53 -3.74 17.79
CA LYS R 100 -24.18 -3.47 18.26
C LYS R 100 -23.28 -4.61 17.77
N VAL R 101 -22.17 -4.25 17.12
CA VAL R 101 -21.23 -5.20 16.55
C VAL R 101 -19.84 -4.87 17.08
N ILE R 102 -19.17 -5.85 17.67
CA ILE R 102 -17.83 -5.67 18.23
C ILE R 102 -16.86 -6.61 17.50
N GLU R 103 -15.79 -6.04 16.97
CA GLU R 103 -14.82 -6.72 16.13
C GLU R 103 -13.42 -6.53 16.74
N HIS R 104 -12.74 -7.63 17.08
CA HIS R 104 -11.36 -7.58 17.57
C HIS R 104 -10.42 -8.39 16.67
N THR R 105 -9.35 -7.74 16.21
CA THR R 105 -8.33 -8.40 15.39
C THR R 105 -6.98 -8.42 16.10
N ILE R 106 -6.38 -9.60 16.15
CA ILE R 106 -5.10 -9.84 16.82
C ILE R 106 -4.16 -10.72 15.97
N THR R 107 -2.85 -10.52 16.15
CA THR R 107 -1.85 -11.44 15.62
C THR R 107 -1.33 -12.32 16.76
N ILE R 108 -1.71 -13.60 16.71
CA ILE R 108 -1.20 -14.58 17.66
C ILE R 108 0.14 -15.09 17.11
N PRO R 109 1.25 -14.80 17.81
CA PRO R 109 2.59 -15.30 17.50
C PRO R 109 2.66 -16.83 17.58
N PRO R 110 3.74 -17.45 17.03
CA PRO R 110 3.96 -18.92 17.14
C PRO R 110 4.06 -19.37 18.59
N THR R 111 3.83 -20.66 18.86
CA THR R 111 3.82 -21.22 20.25
C THR R 111 3.05 -20.36 21.26
N SER R 112 1.87 -19.88 20.87
CA SER R 112 1.08 -19.01 21.73
C SER R 112 -0.36 -19.46 21.89
N LYS R 113 -0.89 -19.18 23.08
CA LYS R 113 -2.27 -19.45 23.44
C LYS R 113 -3.01 -18.14 23.69
N PHE R 114 -4.17 -18.03 23.04
CA PHE R 114 -5.09 -16.91 23.18
C PHE R 114 -6.27 -17.38 24.00
N THR R 115 -6.69 -16.57 24.98
CA THR R 115 -7.92 -16.85 25.73
C THR R 115 -8.83 -15.62 25.79
N ARG R 116 -10.14 -15.87 25.66
CA ARG R 116 -11.21 -14.85 25.73
C ARG R 116 -12.16 -15.28 26.84
N TRP R 117 -12.25 -14.50 27.90
CA TRP R 117 -13.30 -14.69 28.92
C TRP R 117 -14.32 -13.56 28.84
N GLN R 118 -15.59 -13.92 28.76
CA GLN R 118 -16.69 -12.95 28.67
C GLN R 118 -17.47 -12.98 29.95
N LEU R 119 -17.41 -11.86 30.67
CA LEU R 119 -18.03 -11.74 31.97
C LEU R 119 -19.23 -10.79 31.91
N ASN R 120 -20.13 -10.94 32.88
CA ASN R 120 -21.25 -10.00 33.06
C ASN R 120 -21.12 -9.27 34.39
N ALA R 121 -20.87 -7.96 34.30
CA ALA R 121 -20.44 -7.16 35.43
C ALA R 121 -21.62 -6.41 36.03
N ASP R 122 -21.86 -6.62 37.32
CA ASP R 122 -22.99 -6.01 38.03
C ASP R 122 -22.45 -4.99 39.05
N VAL R 123 -22.73 -3.71 38.80
CA VAL R 123 -22.27 -2.60 39.67
C VAL R 123 -23.18 -2.53 40.89
N GLY R 124 -22.59 -2.72 42.08
CA GLY R 124 -23.33 -2.85 43.34
C GLY R 124 -24.13 -1.60 43.67
N GLY R 125 -25.42 -1.76 43.96
CA GLY R 125 -26.26 -0.64 44.41
C GLY R 125 -26.75 0.34 43.35
N ALA R 126 -25.90 0.63 42.35
CA ALA R 126 -26.28 1.52 41.24
C ALA R 126 -27.36 0.92 40.33
N GLY R 127 -27.45 -0.41 40.30
CA GLY R 127 -28.44 -1.11 39.51
C GLY R 127 -28.22 -0.93 38.03
N ILE R 128 -26.95 -0.98 37.62
CA ILE R 128 -26.55 -0.99 36.21
C ILE R 128 -25.51 -2.08 35.96
N GLU R 129 -25.41 -2.53 34.72
CA GLU R 129 -24.48 -3.59 34.33
C GLU R 129 -23.82 -3.35 33.00
N TYR R 130 -22.65 -3.97 32.80
CA TYR R 130 -21.94 -3.90 31.52
C TYR R 130 -21.27 -5.22 31.15
N MET R 131 -21.12 -5.44 29.84
CA MET R 131 -20.33 -6.56 29.30
C MET R 131 -18.84 -6.36 29.58
N TYR R 132 -18.15 -7.45 29.90
CA TYR R 132 -16.75 -7.41 30.35
C TYR R 132 -15.93 -8.50 29.68
N LEU R 133 -14.94 -8.09 28.90
CA LEU R 133 -14.17 -9.00 28.06
C LEU R 133 -12.71 -8.98 28.43
N ILE R 134 -12.13 -10.16 28.66
CA ILE R 134 -10.70 -10.29 28.95
C ILE R 134 -10.02 -11.16 27.89
N ASP R 135 -9.19 -10.52 27.07
CA ASP R 135 -8.36 -11.17 26.08
C ASP R 135 -6.95 -11.25 26.59
N GLU R 136 -6.24 -12.31 26.21
CA GLU R 136 -4.85 -12.53 26.62
C GLU R 136 -4.16 -13.51 25.69
N VAL R 137 -2.98 -13.12 25.20
CA VAL R 137 -2.07 -14.01 24.52
C VAL R 137 -0.89 -14.30 25.43
N THR R 138 -0.59 -15.59 25.62
CA THR R 138 0.56 -16.03 26.42
C THR R 138 1.29 -17.16 25.70
N PRO R 139 2.55 -17.44 26.09
CA PRO R 139 3.22 -18.69 25.69
C PRO R 139 2.46 -19.95 26.13
N ILE R 140 2.56 -21.03 25.35
CA ILE R 140 1.85 -22.30 25.66
C ILE R 140 2.60 -23.00 26.78
N GLY R 141 1.84 -23.64 27.68
CA GLY R 141 2.37 -24.11 28.94
C GLY R 141 1.86 -23.19 30.04
N GLY R 142 2.55 -23.20 31.17
CA GLY R 142 2.07 -22.48 32.35
C GLY R 142 0.79 -23.10 32.87
N THR R 143 0.09 -22.35 33.72
CA THR R 143 -1.00 -22.99 34.43
C THR R 143 -2.41 -22.39 34.34
N GLN R 144 -2.75 -21.67 33.26
CA GLN R 144 -4.18 -21.27 33.03
C GLN R 144 -5.10 -20.90 34.21
N SER R 145 -5.42 -19.62 34.32
CA SER R 145 -6.28 -19.13 35.37
C SER R 145 -7.63 -18.69 34.81
N ILE R 146 -8.71 -19.27 35.34
CA ILE R 146 -10.07 -18.95 34.86
C ILE R 146 -10.87 -18.14 35.89
N PRO R 147 -11.29 -16.91 35.55
CA PRO R 147 -12.10 -16.12 36.46
C PRO R 147 -13.62 -16.40 36.32
N GLN R 148 -14.18 -17.15 37.27
CA GLN R 148 -15.62 -17.41 37.25
C GLN R 148 -16.35 -16.19 37.82
N VAL R 149 -15.85 -15.67 38.94
CA VAL R 149 -16.37 -14.45 39.56
C VAL R 149 -15.21 -13.55 40.02
N ILE R 150 -15.21 -12.31 39.53
CA ILE R 150 -14.27 -11.30 40.01
C ILE R 150 -15.04 -10.13 40.61
N THR R 151 -14.61 -9.70 41.79
CA THR R 151 -15.10 -8.45 42.35
C THR R 151 -13.98 -7.46 42.28
N SER R 152 -14.34 -6.22 41.96
CA SER R 152 -13.41 -5.11 41.98
C SER R 152 -14.13 -3.89 42.54
N ARG R 153 -13.36 -2.86 42.89
CA ARG R 153 -13.91 -1.58 43.36
C ARG R 153 -14.09 -0.57 42.21
N ALA R 154 -15.04 0.34 42.41
CA ALA R 154 -15.35 1.38 41.45
C ALA R 154 -16.00 2.57 42.15
N LYS R 155 -15.69 3.76 41.65
CA LYS R 155 -16.34 5.00 42.09
C LYS R 155 -17.41 5.40 41.07
N ILE R 156 -18.63 5.66 41.56
CA ILE R 156 -19.73 6.05 40.67
C ILE R 156 -20.13 7.48 40.89
N ILE R 157 -20.05 8.28 39.83
CA ILE R 157 -20.61 9.63 39.79
C ILE R 157 -22.15 9.51 39.64
N VAL R 158 -22.87 9.82 40.73
CA VAL R 158 -24.31 9.57 40.82
C VAL R 158 -25.20 10.80 40.63
N GLY R 159 -26.48 10.53 40.36
CA GLY R 159 -27.49 11.58 40.23
C GLY R 159 -27.73 12.37 41.49
N ARG R 160 -28.20 13.61 41.31
CA ARG R 160 -28.64 14.47 42.41
C ARG R 160 -29.79 13.75 43.10
N GLN R 161 -29.77 13.75 44.44
CA GLN R 161 -30.68 12.93 45.25
C GLN R 161 -32.13 13.42 45.27
N ILE R 162 -33.07 12.48 45.12
CA ILE R 162 -34.49 12.77 45.28
C ILE R 162 -34.80 12.70 46.77
N ILE R 163 -34.96 13.87 47.38
CA ILE R 163 -35.32 13.98 48.79
C ILE R 163 -36.82 13.80 48.91
N LEU R 164 -37.21 12.76 49.66
CA LEU R 164 -38.63 12.41 49.91
C LEU R 164 -39.35 13.51 50.69
N GLY R 165 -40.53 13.88 50.20
CA GLY R 165 -41.27 15.00 50.77
C GLY R 165 -40.91 16.35 50.18
N LYS R 166 -39.71 16.48 49.61
CA LYS R 166 -39.20 17.78 49.16
C LYS R 166 -39.07 17.98 47.64
N THR R 167 -38.19 17.20 46.99
CA THR R 167 -37.80 17.47 45.60
C THR R 167 -38.86 17.07 44.56
N GLU R 168 -39.18 18.02 43.70
CA GLU R 168 -40.13 17.84 42.61
C GLU R 168 -39.50 17.06 41.43
N ILE R 169 -40.23 16.04 40.99
CA ILE R 169 -39.82 15.17 39.87
C ILE R 169 -40.86 15.04 38.76
N ARG R 170 -40.42 14.60 37.57
CA ARG R 170 -41.29 14.07 36.52
C ARG R 170 -41.20 12.55 36.54
N ILE R 171 -42.26 11.89 36.08
CA ILE R 171 -42.19 10.44 35.88
C ILE R 171 -42.38 10.18 34.39
N LYS R 172 -41.33 9.61 33.80
CA LYS R 172 -41.27 9.30 32.37
C LYS R 172 -41.44 7.79 32.21
N HIS R 173 -42.25 7.41 31.23
CA HIS R 173 -42.39 6.03 30.83
C HIS R 173 -41.13 5.67 30.06
N ALA R 174 -40.39 4.67 30.56
CA ALA R 174 -39.11 4.27 29.97
C ALA R 174 -39.24 3.89 28.49
N GLU R 175 -40.15 2.97 28.18
CA GLU R 175 -40.24 2.43 26.84
C GLU R 175 -40.83 3.42 25.83
N ARG R 176 -41.96 4.04 26.15
CA ARG R 176 -42.68 4.92 25.22
C ARG R 176 -42.19 6.38 25.24
N LYS R 177 -41.35 6.71 26.23
CA LYS R 177 -40.70 8.03 26.34
C LYS R 177 -41.69 9.21 26.33
N GLU R 178 -42.80 9.00 27.04
CA GLU R 178 -43.79 10.05 27.32
C GLU R 178 -43.88 10.17 28.83
N TYR R 179 -44.45 11.28 29.30
CA TYR R 179 -44.57 11.56 30.74
C TYR R 179 -45.92 11.14 31.33
N MET R 180 -45.91 10.83 32.63
CA MET R 180 -47.13 10.74 33.44
C MET R 180 -47.73 12.13 33.64
N THR R 181 -48.93 12.31 33.10
CA THR R 181 -49.66 13.58 33.15
C THR R 181 -51.01 13.32 33.85
N VAL R 182 -51.69 14.41 34.23
CA VAL R 182 -53.00 14.32 34.91
C VAL R 182 -54.12 14.95 34.05
N VAL R 183 -55.09 14.12 33.69
CA VAL R 183 -56.31 14.58 33.01
C VAL R 183 -57.55 14.29 33.87
N SER R 184 -58.73 14.70 33.37
CA SER R 184 -60.01 14.40 34.02
C SER R 184 -60.77 13.26 33.33
N ARG R 185 -60.99 12.17 34.08
CA ARG R 185 -61.85 11.06 33.64
C ARG R 185 -62.91 10.86 34.72
N LYS R 186 -64.17 10.87 34.30
CA LYS R 186 -65.35 10.71 35.18
C LYS R 186 -65.35 11.70 36.38
N SER R 187 -65.08 12.98 36.06
CA SER R 187 -64.88 14.08 37.04
C SER R 187 -63.93 13.82 38.21
N TRP R 188 -62.93 12.99 37.96
CA TRP R 188 -61.85 12.69 38.91
C TRP R 188 -60.52 12.91 38.20
N PRO R 189 -59.45 13.26 38.95
CA PRO R 189 -58.18 13.35 38.24
C PRO R 189 -57.60 11.95 38.03
N ALA R 190 -57.20 11.68 36.80
CA ALA R 190 -56.63 10.38 36.41
C ALA R 190 -55.29 10.55 35.72
N ALA R 191 -54.46 9.52 35.82
CA ALA R 191 -53.15 9.54 35.18
C ALA R 191 -53.24 8.99 33.76
N THR R 192 -52.48 9.64 32.88
CA THR R 192 -52.37 9.24 31.47
C THR R 192 -51.00 9.69 30.95
N LEU R 193 -50.54 9.09 29.86
CA LEU R 193 -49.28 9.51 29.26
C LEU R 193 -49.45 10.71 28.35
N GLY R 194 -48.43 11.56 28.30
CA GLY R 194 -48.43 12.73 27.43
C GLY R 194 -47.05 13.33 27.20
N HIS R 195 -46.98 14.26 26.26
CA HIS R 195 -45.71 14.92 25.88
C HIS R 195 -45.31 16.10 26.76
N SER R 196 -46.25 16.59 27.57
CA SER R 196 -46.05 17.77 28.42
C SER R 196 -44.94 17.61 29.46
N LYS R 197 -44.06 18.60 29.51
CA LYS R 197 -42.98 18.62 30.47
C LYS R 197 -43.38 19.33 31.77
N LEU R 198 -44.64 19.77 31.85
CA LEU R 198 -45.14 20.58 32.97
C LEU R 198 -45.72 19.81 34.16
N PHE R 199 -45.99 18.53 34.00
CA PHE R 199 -46.63 17.77 35.07
C PHE R 199 -45.60 17.28 36.09
N LYS R 200 -45.59 17.94 37.24
CA LYS R 200 -44.64 17.64 38.33
C LYS R 200 -45.26 16.79 39.45
N PHE R 201 -44.39 16.13 40.22
CA PHE R 201 -44.79 15.17 41.27
C PHE R 201 -43.83 15.23 42.44
N VAL R 202 -44.28 14.73 43.60
CA VAL R 202 -43.42 14.61 44.80
C VAL R 202 -43.65 13.24 45.41
N LEU R 203 -42.55 12.59 45.83
CA LEU R 203 -42.60 11.26 46.43
C LEU R 203 -42.55 11.28 47.94
N TYR R 204 -43.44 10.49 48.56
CA TYR R 204 -43.49 10.34 50.02
C TYR R 204 -43.37 8.88 50.42
N GLU R 205 -42.73 8.63 51.57
CA GLU R 205 -42.76 7.31 52.16
C GLU R 205 -43.16 7.44 53.62
N ASP R 206 -44.09 6.59 54.04
CA ASP R 206 -44.42 6.39 55.45
C ASP R 206 -44.41 4.89 55.75
N TRP R 207 -44.94 4.50 56.91
CA TRP R 207 -44.91 3.09 57.31
C TRP R 207 -45.84 2.19 56.50
N GLY R 208 -46.78 2.81 55.77
CA GLY R 208 -47.68 2.11 54.83
C GLY R 208 -47.13 1.85 53.44
N GLY R 209 -46.07 2.57 53.07
CA GLY R 209 -45.43 2.43 51.75
C GLY R 209 -45.04 3.75 51.09
N PHE R 210 -45.03 3.76 49.76
CA PHE R 210 -44.62 4.94 48.99
C PHE R 210 -45.83 5.62 48.37
N ARG R 211 -45.78 6.96 48.31
CA ARG R 211 -46.89 7.74 47.80
C ARG R 211 -46.50 8.70 46.68
N ILE R 212 -47.30 8.70 45.62
CA ILE R 212 -47.04 9.54 44.45
C ILE R 212 -48.06 10.67 44.49
N LYS R 213 -47.58 11.88 44.76
CA LYS R 213 -48.45 13.06 44.82
C LYS R 213 -48.23 13.98 43.62
N THR R 214 -49.31 14.27 42.89
CA THR R 214 -49.23 15.24 41.79
C THR R 214 -49.40 16.66 42.30
N LEU R 215 -48.75 17.60 41.64
CA LEU R 215 -48.93 19.02 41.95
C LEU R 215 -49.65 19.67 40.79
N ASN R 216 -50.38 18.83 40.04
CA ASN R 216 -51.09 19.25 38.83
C ASN R 216 -52.54 18.78 38.76
N THR R 217 -53.18 18.66 39.93
CA THR R 217 -54.59 18.27 40.03
C THR R 217 -55.54 19.43 39.71
N MET R 218 -56.65 19.14 39.03
CA MET R 218 -57.69 20.15 38.77
C MET R 218 -58.83 20.13 39.80
N TYR R 219 -58.80 19.15 40.71
CA TYR R 219 -59.73 19.10 41.85
C TYR R 219 -58.92 19.09 43.15
N SER R 220 -58.92 20.23 43.84
CA SER R 220 -58.11 20.44 45.07
C SER R 220 -58.11 19.30 46.06
N GLY R 221 -56.92 18.99 46.57
CA GLY R 221 -56.72 17.91 47.52
C GLY R 221 -56.88 16.49 47.02
N TYR R 222 -57.28 16.32 45.75
CA TYR R 222 -57.33 15.00 45.08
C TYR R 222 -55.98 14.74 44.40
N GLU R 223 -55.09 14.08 45.13
CA GLU R 223 -53.63 14.25 45.00
C GLU R 223 -52.76 13.00 44.85
N TYR R 224 -53.17 11.93 45.51
CA TYR R 224 -52.35 10.72 45.66
C TYR R 224 -52.82 9.64 44.71
N ALA R 225 -51.87 9.10 43.96
CA ALA R 225 -52.18 8.11 42.97
C ALA R 225 -52.69 6.85 43.67
N TYR R 226 -53.87 6.39 43.26
CA TYR R 226 -54.40 5.09 43.71
C TYR R 226 -54.99 4.25 42.58
N SER R 227 -55.15 2.96 42.84
CA SER R 227 -55.73 2.03 41.88
C SER R 227 -57.20 1.79 42.18
N SER R 228 -58.05 2.01 41.17
CA SER R 228 -59.46 1.64 41.28
C SER R 228 -59.62 0.12 41.22
N ASP R 229 -60.80 -0.38 41.62
CA ASP R 229 -61.10 -1.81 41.64
C ASP R 229 -61.09 -2.47 40.26
N GLN R 230 -61.08 -1.65 39.21
CA GLN R 230 -60.96 -2.15 37.85
C GLN R 230 -59.58 -1.92 37.21
N GLY R 231 -58.67 -1.27 37.96
CA GLY R 231 -57.26 -1.11 37.54
C GLY R 231 -56.72 0.26 37.16
N GLY R 232 -57.60 1.17 36.75
CA GLY R 232 -57.22 2.53 36.35
C GLY R 232 -56.63 3.39 37.45
N ILE R 233 -55.72 4.30 37.08
CA ILE R 233 -55.08 5.16 38.08
C ILE R 233 -55.74 6.53 38.14
N TYR R 234 -56.23 6.83 39.34
CA TYR R 234 -56.85 8.10 39.68
C TYR R 234 -56.06 8.75 40.80
N PHE R 235 -56.38 10.01 41.07
CA PHE R 235 -55.75 10.76 42.14
C PHE R 235 -56.76 11.07 43.22
N ASP R 236 -56.46 10.58 44.43
CA ASP R 236 -57.37 10.62 45.57
C ASP R 236 -56.87 11.57 46.67
N GLN R 237 -57.74 11.86 47.63
CA GLN R 237 -57.35 12.57 48.85
C GLN R 237 -56.56 11.65 49.76
N GLY R 238 -55.58 12.21 50.46
CA GLY R 238 -54.68 11.44 51.33
C GLY R 238 -55.39 10.67 52.42
N THR R 239 -55.43 9.34 52.27
CA THR R 239 -56.03 8.44 53.27
C THR R 239 -54.99 7.50 53.89
N ASP R 240 -55.44 6.48 54.61
CA ASP R 240 -54.58 5.39 55.09
C ASP R 240 -54.62 4.16 54.18
N ASN R 241 -55.57 4.16 53.25
CA ASN R 241 -55.78 3.09 52.27
C ASN R 241 -54.48 2.62 51.62
N PRO R 242 -54.16 1.30 51.75
CA PRO R 242 -53.06 0.68 51.00
C PRO R 242 -53.18 0.78 49.48
N LYS R 243 -54.39 1.03 48.96
CA LYS R 243 -54.65 1.25 47.54
C LYS R 243 -53.92 2.46 46.92
N GLN R 244 -53.56 3.45 47.75
CA GLN R 244 -52.78 4.61 47.31
C GLN R 244 -51.30 4.58 47.74
N ARG R 245 -50.90 3.42 48.28
CA ARG R 245 -49.49 3.13 48.54
C ARG R 245 -48.86 2.21 47.50
N TRP R 246 -47.57 2.41 47.27
CA TRP R 246 -46.82 1.61 46.31
C TRP R 246 -45.51 1.11 46.88
N ALA R 247 -45.04 -0.02 46.38
CA ALA R 247 -43.71 -0.54 46.70
C ALA R 247 -42.75 -0.36 45.52
N ILE R 248 -41.56 0.14 45.81
CA ILE R 248 -40.53 0.36 44.78
C ILE R 248 -39.55 -0.83 44.66
N ASN R 249 -38.70 -0.78 43.64
CA ASN R 249 -37.74 -1.83 43.29
C ASN R 249 -36.33 -1.63 43.87
N LYS R 250 -35.97 -0.37 44.13
CA LYS R 250 -34.65 0.04 44.64
C LYS R 250 -34.61 0.13 46.16
N SER R 251 -33.40 0.04 46.72
CA SER R 251 -33.15 0.54 48.07
C SER R 251 -32.95 2.06 47.98
N LEU R 252 -33.33 2.76 49.04
CA LEU R 252 -33.11 4.20 49.13
C LEU R 252 -31.60 4.55 49.20
N PRO R 253 -31.19 5.74 48.71
CA PRO R 253 -31.96 6.87 48.16
C PRO R 253 -32.29 6.73 46.67
N LEU R 254 -33.36 7.40 46.26
CA LEU R 254 -33.69 7.54 44.85
C LEU R 254 -32.94 8.76 44.30
N ARG R 255 -32.43 8.64 43.06
CA ARG R 255 -31.62 9.69 42.39
C ARG R 255 -32.12 9.97 40.99
N HIS R 256 -31.80 11.14 40.44
CA HIS R 256 -32.14 11.50 39.07
C HIS R 256 -31.75 10.38 38.13
N GLY R 257 -32.65 10.05 37.21
CA GLY R 257 -32.40 9.02 36.20
C GLY R 257 -32.56 7.57 36.63
N ASP R 258 -33.03 7.34 37.85
CA ASP R 258 -33.28 5.99 38.35
C ASP R 258 -34.44 5.33 37.64
N VAL R 259 -34.20 4.10 37.20
CA VAL R 259 -35.22 3.24 36.64
C VAL R 259 -35.90 2.55 37.80
N VAL R 260 -37.19 2.85 37.95
CA VAL R 260 -38.02 2.33 39.03
C VAL R 260 -39.31 1.67 38.53
N THR R 261 -39.82 0.73 39.32
CA THR R 261 -41.17 0.21 39.12
C THR R 261 -42.00 0.34 40.41
N PHE R 262 -43.31 0.52 40.22
CA PHE R 262 -44.26 0.71 41.31
C PHE R 262 -45.26 -0.45 41.41
N MET R 263 -45.04 -1.34 42.38
CA MET R 263 -45.99 -2.39 42.73
C MET R 263 -46.99 -1.84 43.75
N ASN R 264 -48.28 -2.06 43.52
CA ASN R 264 -49.35 -1.60 44.43
C ASN R 264 -49.33 -2.36 45.77
N LYS R 265 -49.47 -1.62 46.87
CA LYS R 265 -49.44 -2.23 48.18
C LYS R 265 -50.71 -3.02 48.51
N TYR R 266 -51.84 -2.66 47.90
CA TYR R 266 -53.08 -3.43 48.07
C TYR R 266 -53.19 -4.63 47.11
N PHE R 267 -53.34 -4.37 45.80
CA PHE R 267 -53.26 -5.41 44.76
C PHE R 267 -51.79 -5.77 44.54
N THR R 268 -51.27 -6.71 45.33
CA THR R 268 -49.84 -7.01 45.33
C THR R 268 -49.33 -7.55 43.98
N ARG R 269 -50.20 -8.29 43.27
CA ARG R 269 -49.91 -8.85 41.94
C ARG R 269 -49.72 -7.79 40.85
N SER R 270 -50.21 -6.57 41.10
CA SER R 270 -50.27 -5.52 40.07
C SER R 270 -49.28 -4.40 40.27
N GLY R 271 -48.86 -3.82 39.16
CA GLY R 271 -47.90 -2.74 39.15
C GLY R 271 -48.25 -1.70 38.11
N LEU R 272 -47.75 -0.49 38.33
CA LEU R 272 -48.04 0.67 37.48
C LEU R 272 -47.44 0.47 36.08
N CYS R 273 -48.29 0.63 35.07
CA CYS R 273 -47.97 0.23 33.68
C CYS R 273 -48.78 0.98 32.61
N TYR R 274 -48.37 0.82 31.36
CA TYR R 274 -49.10 1.33 30.19
C TYR R 274 -50.08 0.28 29.64
N ASP R 275 -51.28 0.72 29.32
CA ASP R 275 -52.24 -0.08 28.57
C ASP R 275 -53.17 0.89 27.86
N ASP R 276 -53.50 0.61 26.60
CA ASP R 276 -54.42 1.46 25.86
C ASP R 276 -55.90 1.26 26.31
N GLY R 277 -56.26 1.93 27.40
CA GLY R 277 -57.60 1.81 28.00
C GLY R 277 -58.64 2.71 27.34
N PRO R 278 -59.89 2.69 27.84
CA PRO R 278 -61.00 3.42 27.19
C PRO R 278 -60.80 4.93 27.05
N ALA R 279 -60.25 5.55 28.09
CA ALA R 279 -60.10 7.00 28.12
C ALA R 279 -58.70 7.44 28.52
N THR R 280 -58.11 6.73 29.49
CA THR R 280 -56.74 6.98 29.92
C THR R 280 -55.89 5.76 29.57
N ASN R 281 -54.58 5.90 29.71
CA ASN R 281 -53.65 4.81 29.39
C ASN R 281 -52.65 4.39 30.51
N VAL R 282 -52.83 4.93 31.71
CA VAL R 282 -52.02 4.56 32.86
C VAL R 282 -52.87 3.71 33.80
N TYR R 283 -52.43 2.48 34.02
CA TYR R 283 -53.16 1.49 34.82
C TYR R 283 -52.25 0.76 35.80
N CYS R 284 -52.83 -0.15 36.56
CA CYS R 284 -52.06 -1.17 37.27
C CYS R 284 -52.83 -2.49 37.19
N LEU R 285 -52.25 -3.43 36.44
CA LEU R 285 -52.82 -4.77 36.24
C LEU R 285 -51.88 -5.88 36.70
N ASP R 286 -52.45 -7.06 36.96
CA ASP R 286 -51.72 -8.25 37.41
C ASP R 286 -50.63 -8.64 36.42
N LYS R 287 -49.46 -8.96 36.95
CA LYS R 287 -48.29 -9.43 36.17
C LYS R 287 -47.55 -8.34 35.39
N ARG R 288 -48.16 -7.17 35.24
CA ARG R 288 -47.56 -6.05 34.51
C ARG R 288 -46.79 -5.16 35.50
N GLU R 289 -45.56 -4.81 35.15
CA GLU R 289 -44.84 -3.76 35.84
C GLU R 289 -43.85 -3.07 34.89
N ASP R 290 -44.34 -2.02 34.23
CA ASP R 290 -43.50 -1.19 33.37
C ASP R 290 -42.50 -0.40 34.21
N LYS R 291 -41.31 -0.19 33.64
CA LYS R 291 -40.30 0.66 34.25
C LYS R 291 -40.47 2.13 33.89
N TRP R 292 -40.22 2.97 34.90
CA TRP R 292 -40.34 4.41 34.78
C TRP R 292 -39.03 5.07 35.17
N ILE R 293 -38.74 6.22 34.56
CA ILE R 293 -37.57 7.03 34.91
C ILE R 293 -38.01 8.25 35.70
N LEU R 294 -37.39 8.46 36.85
CA LEU R 294 -37.62 9.63 37.68
C LEU R 294 -36.61 10.71 37.34
N GLU R 295 -37.10 11.93 37.07
CA GLU R 295 -36.21 13.03 36.68
C GLU R 295 -36.44 14.22 37.57
N VAL R 296 -35.39 14.68 38.24
CA VAL R 296 -35.43 15.89 39.05
C VAL R 296 -35.57 17.12 38.15
N VAL R 297 -36.59 17.95 38.40
CA VAL R 297 -36.71 19.23 37.68
C VAL R 297 -35.55 20.19 38.03
N GLY R 298 -35.02 20.87 37.02
CA GLY R 298 -33.87 21.78 37.20
C GLY R 298 -34.24 23.12 37.81
HG MBO S . 44.47 34.15 -38.93
CE1 MBO S . 46.71 33.73 -39.07
CE2 MBO S . 47.60 34.80 -39.24
CE3 MBO S . 48.98 34.58 -39.34
CE4 MBO S . 49.47 33.26 -39.25
CE5 MBO S . 48.58 32.19 -39.07
CE6 MBO S . 47.20 32.42 -38.98
CZ MBO S . 50.94 33.02 -39.35
OZ1 MBO S . 51.62 33.67 -40.17
OZ2 MBO S . 51.48 32.15 -38.61
HG MBO T . 41.80 30.73 -29.87
CE1 MBO T . 43.02 30.00 -28.06
CE2 MBO T . 44.42 29.91 -28.22
CE3 MBO T . 45.22 29.47 -27.16
CE4 MBO T . 44.62 29.14 -25.94
CE5 MBO T . 43.22 29.23 -25.78
CE6 MBO T . 42.41 29.66 -26.85
CZ MBO T . 45.52 28.69 -24.82
OZ1 MBO T . 46.14 29.54 -24.14
OZ2 MBO T . 45.63 27.47 -24.59
HG MBO U . 48.70 10.07 -33.33
CE1 MBO U . 49.40 10.68 -31.24
CE2 MBO U . 50.72 10.40 -30.89
CE3 MBO U . 51.21 10.75 -29.64
CE4 MBO U . 50.38 11.36 -28.72
CE5 MBO U . 49.04 11.66 -29.05
CE6 MBO U . 48.55 11.31 -30.32
CZ MBO U . 50.96 11.71 -27.38
OZ1 MBO U . 51.96 12.46 -27.31
OZ2 MBO U . 50.43 11.22 -26.35
HG MBO V . 53.53 7.43 -41.74
CE1 MBO V . 55.71 7.41 -41.05
CE2 MBO V . 56.63 8.28 -41.64
CE3 MBO V . 57.96 8.25 -41.22
CE4 MBO V . 58.36 7.38 -40.20
CE5 MBO V . 57.43 6.52 -39.60
CE6 MBO V . 56.10 6.53 -40.03
CZ MBO V . 59.79 7.36 -39.75
OZ1 MBO V . 60.27 8.40 -39.24
OZ2 MBO V . 60.46 6.31 -39.90
HG MBO W . 61.43 -14.91 -26.14
CE1 MBO W . 63.53 -14.75 -25.23
CE2 MBO W . 64.61 -14.29 -26.01
CE3 MBO W . 65.89 -14.21 -25.45
CE4 MBO W . 66.09 -14.58 -24.12
CE5 MBO W . 65.02 -15.04 -23.34
CE6 MBO W . 63.74 -15.12 -23.89
CZ MBO W . 67.46 -14.49 -23.50
OZ1 MBO W . 67.89 -13.40 -23.09
OZ2 MBO W . 68.14 -15.55 -23.44
HG HG X . 55.23 -8.28 -21.94
HG MBO Y . 64.88 -21.99 0.65
CE1 MBO Y . 66.68 -20.97 1.60
CE2 MBO Y . 67.87 -20.91 0.89
CE3 MBO Y . 68.98 -20.30 1.46
CE4 MBO Y . 68.88 -19.77 2.75
CE5 MBO Y . 67.68 -19.83 3.47
CE6 MBO Y . 66.56 -20.45 2.89
CZ MBO Y . 70.07 -19.10 3.35
OZ1 MBO Y . 71.08 -19.77 3.62
OZ2 MBO Y . 69.99 -17.87 3.57
HG HG Z . 58.31 -14.90 -1.54
HG MBO AA . 62.34 -10.10 26.02
CE1 MBO AA . 63.92 -8.55 26.49
CE2 MBO AA . 65.21 -8.81 26.03
CE3 MBO AA . 66.22 -7.89 26.30
CE4 MBO AA . 65.93 -6.74 27.04
CE5 MBO AA . 64.62 -6.51 27.50
CE6 MBO AA . 63.61 -7.42 27.22
CZ MBO AA . 67.01 -5.75 27.33
OZ1 MBO AA . 68.21 -6.01 27.05
OZ2 MBO AA . 66.70 -4.68 27.88
HG HG BA . 56.57 -6.68 18.65
HG HG CA . 50.70 11.89 28.78
HG MBO DA . 54.72 14.56 37.47
CE1 MBO DA . 56.51 15.86 36.92
CE2 MBO DA . 57.72 15.21 36.77
CE3 MBO DA . 58.85 15.93 36.42
CE4 MBO DA . 58.76 17.31 36.23
CE5 MBO DA . 57.53 17.98 36.39
CE6 MBO DA . 56.38 17.24 36.73
CZ MBO DA . 60.01 18.05 35.86
OZ1 MBO DA . 60.52 18.80 36.72
OZ2 MBO DA . 60.53 17.87 34.73
HG MBO EA . 44.81 40.70 31.83
CE1 MBO EA . 46.55 41.90 30.98
CE2 MBO EA . 47.81 41.83 31.57
CE3 MBO EA . 48.84 42.60 31.04
CE4 MBO EA . 48.61 43.44 29.93
CE5 MBO EA . 47.33 43.50 29.37
CE6 MBO EA . 46.30 42.73 29.89
CZ MBO EA . 49.71 44.28 29.35
OZ1 MBO EA . 50.77 44.42 30.00
OZ2 MBO EA . 49.54 44.85 28.24
HG HG FA . 42.92 33.39 25.21
HG MBO GA . 37.51 46.18 8.72
CE1 MBO GA . 38.91 44.61 7.85
CE2 MBO GA . 38.53 43.27 7.78
CE3 MBO GA . 39.42 42.34 7.23
CE4 MBO GA . 40.68 42.76 6.76
CE5 MBO GA . 41.05 44.10 6.83
CE6 MBO GA . 40.15 45.02 7.37
CZ MBO GA . 41.65 41.77 6.18
OZ1 MBO GA . 42.36 42.12 5.21
OZ2 MBO GA . 41.73 40.64 6.67
HG MBO HA . 38.06 56.16 9.51
CE1 MBO HA . 40.08 56.37 8.48
CE2 MBO HA . 40.65 55.34 7.74
CE3 MBO HA . 41.89 55.54 7.13
CE4 MBO HA . 42.54 56.78 7.28
CE5 MBO HA . 41.97 57.80 8.03
CE6 MBO HA . 40.74 57.59 8.64
CZ MBO HA . 43.87 57.04 6.65
OZ1 MBO HA . 44.89 56.47 7.12
OZ2 MBO HA . 43.91 57.85 5.69
HG HG IA . 37.31 45.08 -12.68
HG MBO JA . 38.45 53.26 -18.43
CE1 MBO JA . 40.62 53.24 -19.16
CE2 MBO JA . 40.98 52.29 -20.11
CE3 MBO JA . 42.29 52.27 -20.58
CE4 MBO JA . 43.23 53.19 -20.09
CE5 MBO JA . 42.84 54.14 -19.12
CE6 MBO JA . 41.52 54.17 -18.66
CZ MBO JA . 44.65 53.17 -20.61
OZ1 MBO JA . 45.27 54.25 -20.75
OZ2 MBO JA . 45.17 52.08 -20.92
HG HG KA . -61.80 17.55 21.63
HG HG LA . -55.98 12.20 15.34
HG MBO MA . -63.91 21.70 -6.16
CE1 MBO MA . -65.68 20.75 -5.09
CE2 MBO MA . -65.53 20.21 -3.81
CE3 MBO MA . -66.66 19.63 -3.20
CE4 MBO MA . -67.89 19.63 -3.88
CE5 MBO MA . -68.00 20.19 -5.17
CE6 MBO MA . -66.88 20.75 -5.78
CZ MBO MA . -69.12 19.04 -3.28
OZ1 MBO MA . -69.49 19.44 -2.15
OZ2 MBO MA . -69.76 18.17 -3.93
HG MBO NA . -57.28 14.12 -6.08
CE1 MBO NA . -57.32 12.00 -5.23
CE2 MBO NA . -56.11 11.33 -5.02
CE3 MBO NA . -56.14 10.03 -4.50
CE4 MBO NA . -57.36 9.42 -4.21
CE5 MBO NA . -58.56 10.10 -4.43
CE6 MBO NA . -58.54 11.40 -4.93
CZ MBO NA . -57.38 8.02 -3.66
OZ1 MBO NA . -56.41 7.61 -2.98
OZ2 MBO NA . -58.39 7.32 -3.89
HG MBO OA . -60.23 7.04 -30.02
CE1 MBO OA . -62.32 6.91 -29.12
CE2 MBO OA . -62.52 7.41 -27.84
CE3 MBO OA . -63.80 7.35 -27.28
CE4 MBO OA . -64.86 6.80 -28.00
CE5 MBO OA . -64.64 6.30 -29.29
CE6 MBO OA . -63.36 6.36 -29.85
CZ MBO OA . -66.24 6.76 -27.39
OZ1 MBO OA . -66.37 6.87 -26.14
OZ2 MBO OA . -67.23 6.66 -28.15
HG MBO PA . -53.95 1.83 -24.23
CE1 MBO PA . -54.42 0.52 -22.41
CE2 MBO PA . -53.44 -0.33 -21.89
CE3 MBO PA . -53.75 -1.13 -20.79
CE4 MBO PA . -55.03 -1.07 -20.20
CE5 MBO PA . -56.00 -0.22 -20.73
CE6 MBO PA . -55.70 0.58 -21.84
CZ MBO PA . -55.36 -1.94 -19.01
OZ1 MBO PA . -55.10 -1.53 -17.86
OZ2 MBO PA . -55.89 -3.05 -19.23
HG MBO QA . -52.06 -18.72 -38.96
CE1 MBO QA . -54.29 -18.71 -38.44
CE2 MBO QA . -54.86 -19.87 -37.91
CE3 MBO QA . -56.21 -19.90 -37.58
CE4 MBO QA . -57.01 -18.77 -37.78
CE5 MBO QA . -56.45 -17.59 -38.31
CE6 MBO QA . -55.09 -17.58 -38.62
CZ MBO QA . -58.46 -18.84 -37.41
OZ1 MBO QA . -58.78 -18.68 -36.22
OZ2 MBO QA . -59.32 -19.08 -38.29
HG MBO RA . -47.33 -19.13 -30.08
CE1 MBO RA . -48.09 -19.20 -27.93
CE2 MBO RA . -47.32 -19.66 -26.85
CE3 MBO RA . -47.90 -19.64 -25.58
CE4 MBO RA . -49.22 -19.17 -25.42
CE5 MBO RA . -49.95 -18.72 -26.51
CE6 MBO RA . -49.39 -18.73 -27.77
CZ MBO RA . -49.91 -19.12 -24.09
OZ1 MBO RA . -50.38 -18.01 -23.73
OZ2 MBO RA . -50.04 -20.16 -23.41
HG HG SA . -42.96 -43.76 -28.89
HG HG TA . -40.30 -38.20 -21.06
HG MBO UA . -37.37 -56.46 -4.63
CE1 MBO UA . -39.38 -56.62 -5.72
CE2 MBO UA . -40.46 -57.33 -5.16
CE3 MBO UA . -41.67 -57.40 -5.88
CE4 MBO UA . -41.76 -56.77 -7.14
CE5 MBO UA . -40.67 -56.08 -7.67
CE6 MBO UA . -39.49 -56.00 -6.96
CZ MBO UA . -43.02 -56.81 -7.95
OZ1 MBO UA . -43.61 -55.74 -8.26
OZ2 MBO UA . -43.41 -57.92 -8.36
HG HG VA . -36.51 -46.82 -1.83
HG HG WA . -37.77 -40.96 19.63
HG MBO XA . -38.57 -50.48 23.07
CE1 MBO XA . -40.61 -51.04 22.14
CE2 MBO XA . -41.79 -50.61 22.75
CE3 MBO XA . -43.02 -50.96 22.20
CE4 MBO XA . -43.09 -51.74 21.04
CE5 MBO XA . -41.90 -52.19 20.43
CE6 MBO XA . -40.67 -51.82 20.98
CZ MBO XA . -44.42 -52.10 20.46
OZ1 MBO XA . -44.48 -52.56 19.28
OZ2 MBO XA . -45.47 -51.94 21.13
HG MBO YA . -45.24 -29.31 40.51
CE1 MBO YA . -47.15 -30.26 39.64
CE2 MBO YA . -48.37 -29.89 40.19
CE3 MBO YA . -49.55 -30.44 39.69
CE4 MBO YA . -49.50 -31.36 38.65
CE5 MBO YA . -48.27 -31.74 38.09
CE6 MBO YA . -47.09 -31.18 38.59
CZ MBO YA . -50.79 -31.93 38.15
OZ1 MBO YA . -51.44 -31.30 37.27
OZ2 MBO YA . -51.19 -33.00 38.64
HG HG ZA . -43.07 -23.73 32.59
HG MBO AB . -54.27 -2.61 40.16
CE1 MBO AB . -55.81 -4.31 40.14
CE2 MBO AB . -57.17 -3.97 40.09
CE3 MBO AB . -58.12 -4.98 40.08
CE4 MBO AB . -57.72 -6.32 40.13
CE5 MBO AB . -56.36 -6.65 40.18
CE6 MBO AB . -55.39 -5.64 40.19
CZ MBO AB . -58.77 -7.39 40.13
OZ1 MBO AB . -58.80 -8.18 41.10
OZ2 MBO AB . -59.57 -7.45 39.17
HG HG BB . -50.42 -2.87 31.00
#